data_7T3L
#
_entry.id   7T3L
#
_cell.length_a   1.00
_cell.length_b   1.00
_cell.length_c   1.00
_cell.angle_alpha   90.00
_cell.angle_beta   90.00
_cell.angle_gamma   90.00
#
_symmetry.space_group_name_H-M   'P 1'
#
loop_
_entity.id
_entity.type
_entity.pdbx_description
1 polymer 'CRISPR-associated protein Csy1'
2 polymer 'CRISPR type I-F/YPEST-associated protein Csy2'
3 polymer 'CRISPR-associated endonuclease Cas6/Csy4'
4 polymer 'CRISPR type I-F/YPEST-associated protein Csy3'
5 polymer AcrIF24
6 polymer 'RNA (61-MER)'
7 polymer "DNA (5'-D(P*GP*GP*GP*GP*GP*GP*GP*GP*GP*GP*GP*GP*GP*GP*GP*GP*GP*GP*GP*GP*G)-3')"
8 polymer "DNA (5'-D(P*CP*CP*CP*CP*CP*CP*CP*CP*CP*CP*CP*CP*CP*CP*CP*CP*CP*CP*CP*CP*C)-3')"
#
loop_
_entity_poly.entity_id
_entity_poly.type
_entity_poly.pdbx_seq_one_letter_code
_entity_poly.pdbx_strand_id
1 'polypeptide(L)'
;MTSPLPTPTWQELRQFIESFIQERLQGKLDKLQPDEDDKRQTLLATHRREAWLADAARRVGQLQLVTHTLKPIHPDARGS
NLHSLPQAPGQPGLAGSHELGDRLVSDVVGNAAALDVFKFLSLQYQGKNLLNWLTEDSAEALQALSDNAEQAREWRQAFI
GITTVKGAPASHSLAKQLYFPLPGSGYHLLAPLFPTSLVHHVHALLREARFGDAAKAAREARSRQESWPHGFSEYPNLAI
QKFGGTKPQNISQLNNERRGENWLLPSLPPNWQRQNVNAPMRHSSVFEHDFGRTPEVSRLTRTLQRFLAKTVHNNLAIRQ
RRAQLVAQICDEALQYAARLRELEPGWSATPGCQLHDAEQLWLDPLRAQTDETFLQRRLRGDWPAEVGNRFANWLNRAVS
SDSQILGSPEAAQWSQELSKELTMFKEILEDERD
;
A,a
2 'polypeptide(L)'
;MSVTDPEALLLLPRLSIQNANAISSPLTWGFPSPGAFTGFVHALQRRVGISLDIELDGVGIVCHRFEAQISQPAGKRTKV
FNLTRNPLNRDGSTAAIVEEGRAHLEVSLLLGVHGDGLDDHPAQEIARQVQEQAGAMRLAGGSILPWCNERFPAPNAELL
MLGGSDEQRRKNQRRLTRRLLPGFALVSREALLQQHLETLRTTLPEATTLDALLDLCRINFEPPATSSEEEASPPDAAWQ
VRDKPGWLVPIPAGYNALSPLYLPGEVRNARDRETPLRFVENLFGLGEWLSPHRVAALSDLLWYHHAEPDKGLYRWSTPR
FVEHAIA
;
B,b
3 'polypeptide(L)'
;MDHYLDIRLRPDPEFPPAQLMSVLFGKLHQALVAQGGDRIGVSFPDLDESRSRLGERLRIHASADDLRALLARPWLEGLR
DHLQFGEPAVVPHPTPYRQVSRVQAKSNPERLRRRLMRRHDLSEEEARKRIPDTVARALDLPFVTLRSQSTGQHFRLFIR
HGPLQVTAEEGGFTCYGLSKGGFVPWF
;
C,c
4 'polypeptide(L)'
;MKSSHHHHHHENLYFQSNASKPILSTASVLAFERKLDPSDALMSAGAWAQRDASQEWPAVTVREKSVRGTISNRLKTKDR
DPAKLDASIQSPNLQTVDVANLPSDADTLKVRFTLRVLGGAGTPSACNDAAYRDKLLQTVATYVNDQGFAELARRYAHNL
ANARFLWRNRVGAEAVEVRINHIRQGEVARAWRFDALAIGLRDFKADAELDALAELIASGLSGSGHVLLEVVAFARIGDG
QEVFPSQELILDKGDKKGQKSKTLYSVRDAAAIHSQKIGNALRTIDTWYPDEDGLGPIAVEPYGSVTSQGKAYRQPKQKL
DFYTLLDNWVLRDEAPAVEQQHYVIANLIRGGVFGEAEEK
;
D,E,F,G,H,I,d,e,f,g,h,i
5 'polypeptide(L)'
;MNAIHIGPFSITPAARGLHYGGLPHHQWTLYYGPREMAIKTLPDSYTSSEVRDEFSDIIAEFVIDARHRYAPDVLELVNS
DGDAVLARVAVSRLPEALSGCIPDDRFPYWLLTASRPRLGLPVTLNEYTALAVELSAPPLAWITGLLPGEVLTHDAEEWR
PPTSWELRHVVGEGSFTGVSGAAAAALLGMSATNFRKYTAGDSAANRQKISFAAWHYLLDRLGVKRAS
;
J,K
6 'polyribonucleotide' CUAAGAAAUUCACGGCGGGCUUGAUGUCCGCGUCUACCUGAUUCACUGCCGUAUAGGCAGC M,m
7 'polydeoxyribonucleotide'
;(DG)(DG)(DG)(DG)(DG)(DG)(DG)(DG)(DG)(DG)(DG)(DG)(DG)(DG)(DG)(DG)(DG)(DG)(DG)(DG)
(DG)
;
O,R,S
8 'polydeoxyribonucleotide'
;(DC)(DC)(DC)(DC)(DC)(DC)(DC)(DC)(DC)(DC)(DC)(DC)(DC)(DC)(DC)(DC)(DC)(DC)(DC)(DC)
(DC)
;
P,Q,T
#
loop_
_chem_comp.id
_chem_comp.type
_chem_comp.name
_chem_comp.formula
A RNA linking ADENOSINE-5'-MONOPHOSPHATE 'C10 H14 N5 O7 P'
C RNA linking CYTIDINE-5'-MONOPHOSPHATE 'C9 H14 N3 O8 P'
DC DNA linking 2'-DEOXYCYTIDINE-5'-MONOPHOSPHATE 'C9 H14 N3 O7 P'
DG DNA linking 2'-DEOXYGUANOSINE-5'-MONOPHOSPHATE 'C10 H14 N5 O7 P'
G RNA linking GUANOSINE-5'-MONOPHOSPHATE 'C10 H14 N5 O8 P'
U RNA linking URIDINE-5'-MONOPHOSPHATE 'C9 H13 N2 O9 P'
#
# COMPACT_ATOMS: atom_id res chain seq x y z
N PRO A 8 -56.16 -23.60 25.99
CA PRO A 8 -56.29 -24.37 27.23
C PRO A 8 -57.64 -24.18 27.91
N THR A 9 -57.91 -22.95 28.34
CA THR A 9 -59.18 -22.64 28.98
C THR A 9 -60.23 -22.29 27.93
N TRP A 10 -61.48 -22.66 28.22
CA TRP A 10 -62.58 -22.29 27.33
C TRP A 10 -62.96 -20.82 27.45
N GLN A 11 -62.60 -20.18 28.57
CA GLN A 11 -62.99 -18.79 28.81
C GLN A 11 -62.28 -17.83 27.87
N GLU A 12 -61.00 -18.08 27.57
CA GLU A 12 -60.29 -17.21 26.65
C GLU A 12 -60.78 -17.38 25.21
N LEU A 13 -61.19 -18.60 24.84
CA LEU A 13 -61.79 -18.81 23.53
C LEU A 13 -63.14 -18.11 23.43
N ARG A 14 -63.93 -18.15 24.51
CA ARG A 14 -65.20 -17.42 24.56
C ARG A 14 -64.97 -15.91 24.47
N GLN A 15 -63.95 -15.41 25.16
CA GLN A 15 -63.59 -14.00 25.08
C GLN A 15 -63.17 -13.60 23.68
N PHE A 16 -62.40 -14.47 23.00
CA PHE A 16 -61.93 -14.15 21.66
C PHE A 16 -63.08 -14.17 20.64
N ILE A 17 -64.00 -15.13 20.75
CA ILE A 17 -65.10 -15.15 19.79
C ILE A 17 -66.10 -14.02 20.07
N GLU A 18 -66.28 -13.64 21.35
CA GLU A 18 -67.12 -12.48 21.65
C GLU A 18 -66.48 -11.19 21.19
N SER A 19 -65.15 -11.09 21.27
CA SER A 19 -64.44 -9.93 20.73
C SER A 19 -64.55 -9.87 19.22
N PHE A 20 -64.52 -11.04 18.56
CA PHE A 20 -64.66 -11.10 17.10
C PHE A 20 -66.05 -10.65 16.67
N ILE A 21 -67.10 -11.14 17.35
CA ILE A 21 -68.45 -10.74 16.95
C ILE A 21 -68.73 -9.29 17.35
N GLN A 22 -68.09 -8.78 18.41
CA GLN A 22 -68.24 -7.37 18.75
C GLN A 22 -67.52 -6.48 17.75
N GLU A 23 -66.35 -6.92 17.26
CA GLU A 23 -65.64 -6.18 16.22
C GLU A 23 -66.44 -6.17 14.92
N ARG A 24 -67.07 -7.29 14.57
CA ARG A 24 -67.93 -7.32 13.39
C ARG A 24 -69.17 -6.44 13.57
N LEU A 25 -69.72 -6.40 14.79
CA LEU A 25 -70.88 -5.57 15.08
C LEU A 25 -70.54 -4.08 14.95
N GLN A 26 -69.40 -3.66 15.51
CA GLN A 26 -69.04 -2.25 15.41
C GLN A 26 -68.58 -1.90 13.99
N GLY A 27 -68.02 -2.87 13.26
CA GLY A 27 -67.68 -2.62 11.87
C GLY A 27 -68.89 -2.41 10.99
N LYS A 28 -69.92 -3.26 11.16
CA LYS A 28 -71.13 -3.07 10.37
C LYS A 28 -71.95 -1.87 10.87
N LEU A 29 -71.78 -1.48 12.14
CA LEU A 29 -72.41 -0.25 12.62
C LEU A 29 -71.74 0.99 12.01
N ASP A 30 -70.42 0.96 11.87
CA ASP A 30 -69.72 2.07 11.23
C ASP A 30 -69.99 2.08 9.73
N LYS A 31 -70.16 0.92 9.12
CA LYS A 31 -70.45 0.85 7.69
C LYS A 31 -71.87 1.32 7.40
N LEU A 32 -72.84 0.94 8.24
CA LEU A 32 -74.22 1.36 8.01
C LEU A 32 -74.43 2.83 8.37
N GLN A 33 -73.72 3.30 9.42
CA GLN A 33 -73.86 4.65 9.95
C GLN A 33 -75.30 5.01 10.31
N PRO A 34 -76.03 4.13 10.98
CA PRO A 34 -77.44 4.40 11.28
C PRO A 34 -77.63 5.15 12.59
N ASP A 35 -78.43 6.21 12.55
CA ASP A 35 -78.76 7.00 13.74
C ASP A 35 -80.22 6.92 14.13
N GLU A 36 -81.05 6.24 13.33
CA GLU A 36 -82.47 6.13 13.61
C GLU A 36 -83.00 4.85 12.96
N ASP A 37 -84.33 4.73 12.90
CA ASP A 37 -85.07 3.65 12.25
C ASP A 37 -84.82 2.27 12.86
N ASP A 38 -84.33 2.24 14.10
CA ASP A 38 -84.12 1.02 14.90
C ASP A 38 -83.21 0.01 14.22
N LYS A 39 -82.23 0.48 13.45
CA LYS A 39 -81.31 -0.43 12.76
C LYS A 39 -80.29 -1.03 13.71
N ARG A 40 -79.93 -0.32 14.79
CA ARG A 40 -78.96 -0.83 15.75
C ARG A 40 -79.52 -2.02 16.52
N GLN A 41 -80.81 -1.97 16.88
CA GLN A 41 -81.43 -3.08 17.59
C GLN A 41 -81.55 -4.32 16.71
N THR A 42 -81.89 -4.13 15.43
CA THR A 42 -81.96 -5.26 14.50
C THR A 42 -80.57 -5.80 14.17
N LEU A 43 -79.55 -4.93 14.21
CA LEU A 43 -78.18 -5.41 13.96
C LEU A 43 -77.64 -6.18 15.16
N LEU A 44 -77.95 -5.73 16.38
CA LEU A 44 -77.48 -6.40 17.58
C LEU A 44 -78.38 -7.57 17.98
N ALA A 45 -79.54 -7.73 17.35
CA ALA A 45 -80.42 -8.86 17.65
C ALA A 45 -80.04 -10.12 16.90
N THR A 46 -79.06 -10.07 16.00
CA THR A 46 -78.67 -11.23 15.22
C THR A 46 -77.16 -11.45 15.11
N HIS A 47 -76.34 -10.52 15.59
CA HIS A 47 -74.88 -10.67 15.51
C HIS A 47 -74.21 -10.23 16.80
N ARG A 48 -74.81 -10.57 17.94
CA ARG A 48 -74.21 -10.24 19.23
C ARG A 48 -74.27 -11.37 20.24
N ARG A 49 -74.98 -12.46 19.96
CA ARG A 49 -75.14 -13.55 20.93
C ARG A 49 -74.78 -14.90 20.30
N GLU A 50 -75.11 -15.99 21.00
CA GLU A 50 -74.86 -17.32 20.49
C GLU A 50 -75.74 -17.67 19.29
N ALA A 51 -76.87 -16.98 19.12
CA ALA A 51 -77.76 -17.24 18.00
C ALA A 51 -77.12 -16.90 16.67
N TRP A 52 -76.19 -15.94 16.66
CA TRP A 52 -75.36 -15.69 15.47
C TRP A 52 -74.56 -16.92 15.09
N LEU A 53 -74.02 -17.63 16.09
CA LEU A 53 -73.42 -18.94 15.84
C LEU A 53 -74.45 -19.91 15.27
N ALA A 54 -75.68 -19.87 15.79
CA ALA A 54 -76.77 -20.61 15.17
C ALA A 54 -77.04 -20.11 13.76
N ASP A 55 -76.96 -18.78 13.57
CA ASP A 55 -77.03 -18.22 12.22
C ASP A 55 -75.82 -18.67 11.41
N ALA A 56 -74.66 -18.81 12.07
CA ALA A 56 -73.49 -19.38 11.40
C ALA A 56 -73.73 -20.84 11.03
N ALA A 57 -74.60 -21.54 11.76
CA ALA A 57 -74.98 -22.89 11.38
C ALA A 57 -75.78 -22.90 10.09
N ARG A 58 -76.46 -21.78 9.78
CA ARG A 58 -77.11 -21.65 8.48
C ARG A 58 -76.13 -21.22 7.39
N ARG A 59 -74.91 -20.82 7.76
CA ARG A 59 -73.95 -20.32 6.79
C ARG A 59 -72.82 -21.29 6.49
N VAL A 60 -72.52 -22.23 7.40
CA VAL A 60 -71.43 -23.16 7.15
C VAL A 60 -71.85 -24.26 6.18
N GLY A 61 -73.15 -24.54 6.06
CA GLY A 61 -73.61 -25.51 5.09
C GLY A 61 -73.62 -25.03 3.66
N GLN A 62 -73.61 -23.71 3.46
CA GLN A 62 -73.55 -23.13 2.12
C GLN A 62 -72.12 -23.03 1.61
N LEU A 63 -71.16 -22.70 2.47
CA LEU A 63 -69.76 -22.57 2.09
C LEU A 63 -69.10 -23.93 1.97
N GLN A 64 -67.97 -23.95 1.29
CA GLN A 64 -67.19 -25.17 1.17
C GLN A 64 -65.71 -24.83 1.07
N LEU A 65 -64.90 -25.49 1.89
CA LEU A 65 -63.45 -25.34 1.87
C LEU A 65 -62.85 -26.38 0.94
N VAL A 66 -62.23 -25.92 -0.15
CA VAL A 66 -61.75 -26.81 -1.20
C VAL A 66 -60.31 -26.44 -1.56
N THR A 67 -59.61 -27.42 -2.14
CA THR A 67 -58.30 -27.19 -2.73
C THR A 67 -58.30 -27.26 -4.25
N HIS A 68 -59.30 -27.92 -4.84
CA HIS A 68 -59.43 -28.02 -6.30
C HIS A 68 -60.89 -27.80 -6.66
N THR A 69 -61.15 -26.83 -7.52
CA THR A 69 -62.51 -26.44 -7.87
C THR A 69 -62.72 -26.50 -9.38
N LEU A 70 -64.00 -26.51 -9.76
CA LEU A 70 -64.43 -26.63 -11.14
C LEU A 70 -64.86 -25.30 -11.75
N LYS A 71 -65.13 -24.31 -10.94
CA LYS A 71 -65.69 -23.02 -11.32
C LYS A 71 -64.76 -22.16 -12.19
N PRO A 72 -63.41 -22.30 -12.13
CA PRO A 72 -62.58 -21.76 -13.23
C PRO A 72 -62.95 -22.29 -14.62
N ILE A 73 -63.28 -23.57 -14.76
CA ILE A 73 -63.97 -24.00 -15.98
C ILE A 73 -65.39 -23.43 -15.94
N HIS A 74 -66.01 -23.29 -17.14
CA HIS A 74 -67.12 -22.40 -17.55
C HIS A 74 -68.13 -22.13 -16.44
N PRO A 75 -68.31 -20.87 -16.03
CA PRO A 75 -69.00 -20.60 -14.74
C PRO A 75 -70.48 -20.95 -14.69
N ASP A 76 -71.09 -21.40 -15.79
CA ASP A 76 -72.43 -21.97 -15.72
C ASP A 76 -72.42 -23.47 -15.46
N ALA A 77 -71.31 -24.02 -14.96
CA ALA A 77 -71.20 -25.44 -14.65
C ALA A 77 -71.26 -25.64 -13.15
N ARG A 78 -72.10 -26.59 -12.71
CA ARG A 78 -72.28 -26.90 -11.30
C ARG A 78 -71.80 -28.33 -11.07
N GLY A 79 -70.58 -28.47 -10.57
CA GLY A 79 -70.02 -29.78 -10.27
C GLY A 79 -69.71 -29.94 -8.80
N SER A 80 -68.94 -30.96 -8.46
CA SER A 80 -68.57 -31.24 -7.07
C SER A 80 -67.13 -30.80 -6.85
N ASN A 81 -66.96 -29.66 -6.17
CA ASN A 81 -65.63 -29.19 -5.81
C ASN A 81 -65.17 -29.95 -4.58
N LEU A 82 -63.97 -30.53 -4.64
CA LEU A 82 -63.52 -31.44 -3.59
C LEU A 82 -62.19 -31.00 -3.02
N HIS A 83 -62.05 -31.19 -1.70
CA HIS A 83 -60.83 -30.91 -0.94
C HIS A 83 -60.13 -32.23 -0.74
N SER A 84 -59.08 -32.47 -1.52
CA SER A 84 -58.29 -33.68 -1.36
C SER A 84 -56.82 -33.39 -1.67
N LEU A 85 -55.94 -33.90 -0.82
CA LEU A 85 -54.51 -33.83 -1.06
C LEU A 85 -54.09 -35.07 -1.83
N PRO A 86 -53.55 -34.93 -3.05
CA PRO A 86 -53.16 -36.11 -3.81
C PRO A 86 -51.94 -36.81 -3.20
N GLN A 87 -51.86 -38.11 -3.43
CA GLN A 87 -50.76 -38.90 -2.92
C GLN A 87 -49.47 -38.55 -3.66
N ALA A 88 -48.35 -38.63 -2.94
CA ALA A 88 -47.06 -38.34 -3.54
C ALA A 88 -46.67 -39.45 -4.51
N PRO A 89 -46.37 -39.14 -5.76
CA PRO A 89 -46.04 -40.20 -6.73
C PRO A 89 -44.69 -40.82 -6.46
N GLY A 90 -44.60 -42.14 -6.71
CA GLY A 90 -43.34 -42.83 -6.55
C GLY A 90 -42.35 -42.59 -7.69
N GLN A 91 -42.84 -42.20 -8.85
CA GLN A 91 -41.97 -41.91 -9.98
C GLN A 91 -41.26 -40.58 -9.76
N PRO A 92 -39.99 -40.47 -10.16
CA PRO A 92 -39.24 -39.24 -9.90
C PRO A 92 -39.49 -38.16 -10.94
N GLY A 93 -39.11 -36.94 -10.57
CA GLY A 93 -39.04 -35.83 -11.50
C GLY A 93 -40.35 -35.28 -12.02
N LEU A 94 -41.35 -35.14 -11.16
CA LEU A 94 -42.59 -34.47 -11.53
C LEU A 94 -43.25 -33.93 -10.26
N ALA A 95 -43.93 -32.79 -10.42
CA ALA A 95 -44.48 -32.04 -9.30
C ALA A 95 -46.01 -32.03 -9.36
N GLY A 96 -46.62 -31.28 -8.43
CA GLY A 96 -48.06 -31.18 -8.38
C GLY A 96 -48.49 -30.50 -7.10
N SER A 97 -49.78 -30.64 -6.79
CA SER A 97 -50.32 -30.12 -5.53
C SER A 97 -50.03 -31.03 -4.35
N HIS A 98 -49.49 -32.23 -4.60
CA HIS A 98 -49.02 -33.10 -3.52
C HIS A 98 -47.79 -32.51 -2.83
N GLU A 99 -47.03 -31.66 -3.52
CA GLU A 99 -45.88 -31.00 -2.91
C GLU A 99 -46.28 -29.96 -1.87
N LEU A 100 -47.52 -29.46 -1.92
CA LEU A 100 -48.00 -28.53 -0.92
C LEU A 100 -48.28 -29.27 0.38
N GLY A 101 -47.42 -29.09 1.37
CA GLY A 101 -47.61 -29.69 2.67
C GLY A 101 -48.22 -28.72 3.65
N ASP A 102 -47.40 -28.17 4.54
CA ASP A 102 -47.88 -27.15 5.47
C ASP A 102 -48.09 -25.80 4.81
N ARG A 103 -47.54 -25.60 3.60
CA ARG A 103 -47.72 -24.37 2.84
C ARG A 103 -48.95 -24.48 1.94
N LEU A 104 -50.09 -24.75 2.56
CA LEU A 104 -51.34 -24.99 1.85
C LEU A 104 -52.36 -23.94 2.28
N VAL A 105 -52.95 -23.27 1.29
CA VAL A 105 -54.06 -22.34 1.52
C VAL A 105 -55.30 -22.94 0.89
N SER A 106 -56.35 -23.11 1.69
CA SER A 106 -57.56 -23.78 1.24
C SER A 106 -58.55 -22.75 0.71
N ASP A 107 -59.00 -22.94 -0.52
CA ASP A 107 -59.93 -22.01 -1.14
C ASP A 107 -61.33 -22.18 -0.58
N VAL A 108 -62.12 -21.12 -0.68
CA VAL A 108 -63.49 -21.08 -0.18
C VAL A 108 -64.41 -20.84 -1.38
N VAL A 109 -65.45 -21.66 -1.50
CA VAL A 109 -66.45 -21.47 -2.55
C VAL A 109 -67.82 -21.39 -1.91
N GLY A 110 -68.72 -20.63 -2.54
CA GLY A 110 -70.05 -20.46 -2.03
C GLY A 110 -70.55 -19.04 -2.16
N ASN A 111 -71.33 -18.60 -1.18
CA ASN A 111 -71.86 -17.24 -1.20
C ASN A 111 -70.84 -16.20 -0.81
N ALA A 112 -71.04 -14.98 -1.26
CA ALA A 112 -70.14 -13.88 -0.95
C ALA A 112 -70.50 -13.17 0.35
N ALA A 113 -71.49 -13.68 1.08
CA ALA A 113 -71.90 -13.10 2.35
C ALA A 113 -71.66 -13.99 3.54
N ALA A 114 -71.63 -15.31 3.37
CA ALA A 114 -71.34 -16.22 4.46
C ALA A 114 -69.86 -16.30 4.80
N LEU A 115 -69.00 -15.73 3.95
CA LEU A 115 -67.56 -15.90 4.03
C LEU A 115 -66.94 -15.34 5.31
N ASP A 116 -67.70 -14.50 6.05
CA ASP A 116 -67.28 -14.02 7.37
C ASP A 116 -67.01 -15.18 8.31
N VAL A 117 -67.84 -16.24 8.25
CA VAL A 117 -67.66 -17.37 9.14
C VAL A 117 -66.39 -18.16 8.81
N PHE A 118 -65.82 -17.92 7.61
CA PHE A 118 -64.51 -18.49 7.27
C PHE A 118 -63.44 -18.01 8.24
N LYS A 119 -63.43 -16.70 8.56
CA LYS A 119 -62.49 -16.26 9.60
C LYS A 119 -62.90 -16.77 10.97
N PHE A 120 -64.20 -17.07 11.16
CA PHE A 120 -64.63 -17.72 12.40
C PHE A 120 -64.15 -19.16 12.46
N LEU A 121 -63.68 -19.72 11.34
CA LEU A 121 -62.98 -21.00 11.34
C LEU A 121 -61.49 -20.85 11.09
N SER A 122 -60.97 -19.62 11.05
CA SER A 122 -59.56 -19.42 10.73
C SER A 122 -58.85 -18.53 11.74
N LEU A 123 -59.42 -18.33 12.93
CA LEU A 123 -58.73 -17.56 13.94
C LEU A 123 -57.65 -18.40 14.62
N GLN A 124 -56.81 -17.74 15.42
CA GLN A 124 -55.78 -18.39 16.22
C GLN A 124 -56.00 -17.94 17.66
N TYR A 125 -56.86 -18.67 18.38
CA TYR A 125 -57.17 -18.31 19.76
C TYR A 125 -56.17 -18.89 20.73
N GLN A 126 -55.97 -20.21 20.69
CA GLN A 126 -54.98 -20.88 21.52
C GLN A 126 -53.63 -21.03 20.83
N GLY A 127 -53.48 -20.47 19.62
CA GLY A 127 -52.26 -20.59 18.86
C GLY A 127 -52.34 -21.51 17.66
N LYS A 128 -53.51 -22.07 17.37
CA LYS A 128 -53.68 -22.97 16.25
C LYS A 128 -55.01 -22.69 15.57
N ASN A 129 -55.14 -23.21 14.35
CA ASN A 129 -56.34 -23.02 13.55
C ASN A 129 -57.51 -23.81 14.14
N LEU A 130 -58.69 -23.19 14.17
CA LEU A 130 -59.83 -23.77 14.88
C LEU A 130 -60.48 -24.94 14.16
N LEU A 131 -60.22 -25.14 12.87
CA LEU A 131 -60.72 -26.33 12.20
C LEU A 131 -59.99 -27.58 12.70
N ASN A 132 -58.67 -27.48 12.90
CA ASN A 132 -57.93 -28.57 13.53
C ASN A 132 -58.20 -28.66 15.02
N TRP A 133 -58.71 -27.59 15.63
CA TRP A 133 -59.16 -27.68 17.01
C TRP A 133 -60.49 -28.41 17.11
N LEU A 134 -61.36 -28.23 16.12
CA LEU A 134 -62.66 -28.88 16.09
C LEU A 134 -62.63 -30.26 15.45
N THR A 135 -61.51 -30.65 14.83
CA THR A 135 -61.39 -32.03 14.37
C THR A 135 -61.03 -33.00 15.48
N GLU A 136 -60.66 -32.49 16.65
CA GLU A 136 -60.36 -33.31 17.82
C GLU A 136 -61.34 -33.00 18.93
N ASP A 137 -61.63 -34.01 19.76
CA ASP A 137 -62.56 -33.84 20.88
C ASP A 137 -61.77 -33.35 22.09
N SER A 138 -61.42 -32.06 22.05
CA SER A 138 -60.64 -31.45 23.11
C SER A 138 -61.52 -31.08 24.29
N ALA A 139 -60.87 -30.87 25.44
CA ALA A 139 -61.60 -30.49 26.65
C ALA A 139 -62.11 -29.07 26.56
N GLU A 140 -61.31 -28.15 26.01
CA GLU A 140 -61.76 -26.78 25.84
C GLU A 140 -62.78 -26.66 24.70
N ALA A 141 -62.75 -27.60 23.76
CA ALA A 141 -63.76 -27.64 22.71
C ALA A 141 -65.10 -28.10 23.29
N LEU A 142 -66.17 -27.74 22.56
CA LEU A 142 -67.57 -28.08 22.83
C LEU A 142 -68.10 -27.49 24.14
N GLN A 143 -67.36 -26.57 24.78
CA GLN A 143 -67.82 -25.87 25.96
C GLN A 143 -67.63 -24.36 25.78
N ALA A 144 -66.63 -23.99 24.98
CA ALA A 144 -66.34 -22.58 24.74
C ALA A 144 -67.35 -21.91 23.81
N LEU A 145 -68.11 -22.70 23.05
CA LEU A 145 -69.09 -22.15 22.12
C LEU A 145 -70.53 -22.48 22.46
N SER A 146 -70.78 -23.49 23.29
CA SER A 146 -72.14 -23.89 23.64
C SER A 146 -72.20 -24.40 25.06
N ASP A 147 -73.23 -23.99 25.79
CA ASP A 147 -73.46 -24.52 27.14
C ASP A 147 -74.04 -25.92 27.10
N ASN A 148 -74.91 -26.20 26.12
CA ASN A 148 -75.51 -27.51 25.97
C ASN A 148 -74.61 -28.43 25.15
N ALA A 149 -74.68 -29.73 25.46
CA ALA A 149 -73.81 -30.70 24.80
C ALA A 149 -74.26 -30.96 23.36
N GLU A 150 -75.55 -31.15 23.15
CA GLU A 150 -76.07 -31.53 21.83
C GLU A 150 -75.94 -30.39 20.83
N GLN A 151 -76.16 -29.15 21.29
CA GLN A 151 -75.94 -27.99 20.44
C GLN A 151 -74.47 -27.86 20.05
N ALA A 152 -73.56 -28.18 20.98
CA ALA A 152 -72.14 -28.19 20.67
C ALA A 152 -71.80 -29.26 19.65
N ARG A 153 -72.42 -30.45 19.77
CA ARG A 153 -72.15 -31.53 18.81
C ARG A 153 -72.64 -31.18 17.41
N GLU A 154 -73.85 -30.63 17.30
CA GLU A 154 -74.37 -30.29 15.97
C GLU A 154 -73.65 -29.08 15.38
N TRP A 155 -73.22 -28.12 16.22
CA TRP A 155 -72.43 -27.00 15.72
C TRP A 155 -71.06 -27.45 15.26
N ARG A 156 -70.44 -28.39 15.99
CA ARG A 156 -69.14 -28.94 15.58
C ARG A 156 -69.26 -29.71 14.28
N GLN A 157 -70.32 -30.50 14.12
CA GLN A 157 -70.53 -31.26 12.88
C GLN A 157 -70.78 -30.33 11.69
N ALA A 158 -71.61 -29.30 11.87
CA ALA A 158 -71.88 -28.35 10.80
C ALA A 158 -70.65 -27.51 10.46
N PHE A 159 -69.86 -27.15 11.47
CA PHE A 159 -68.67 -26.33 11.24
C PHE A 159 -67.54 -27.13 10.63
N ILE A 160 -67.47 -28.45 10.91
CA ILE A 160 -66.46 -29.31 10.31
C ILE A 160 -66.91 -29.86 8.95
N GLY A 161 -68.19 -29.73 8.60
CA GLY A 161 -68.64 -30.13 7.28
C GLY A 161 -68.26 -29.20 6.15
N ILE A 162 -67.57 -28.09 6.44
CA ILE A 162 -67.13 -27.20 5.38
C ILE A 162 -65.95 -27.78 4.60
N THR A 163 -65.27 -28.79 5.15
CA THR A 163 -64.14 -29.44 4.48
C THR A 163 -64.61 -30.60 3.60
N THR A 164 -65.50 -31.43 4.11
CA THR A 164 -66.03 -32.56 3.36
C THR A 164 -66.89 -32.08 2.20
N VAL A 165 -66.79 -32.80 1.08
CA VAL A 165 -67.54 -32.43 -0.13
C VAL A 165 -69.03 -32.70 0.08
N LYS A 166 -69.86 -31.77 -0.38
CA LYS A 166 -71.30 -31.92 -0.29
C LYS A 166 -71.86 -32.48 -1.60
N GLY A 167 -73.02 -33.13 -1.49
CA GLY A 167 -73.69 -33.67 -2.66
C GLY A 167 -73.04 -34.92 -3.20
N ALA A 168 -73.59 -35.39 -4.31
CA ALA A 168 -73.05 -36.56 -4.99
C ALA A 168 -71.75 -36.18 -5.71
N PRO A 169 -70.86 -37.16 -5.93
CA PRO A 169 -69.69 -36.90 -6.80
C PRO A 169 -70.14 -36.66 -8.24
N ALA A 170 -69.84 -35.47 -8.75
CA ALA A 170 -70.38 -35.06 -10.04
C ALA A 170 -69.43 -34.08 -10.71
N SER A 171 -69.36 -34.17 -12.03
CA SER A 171 -68.69 -33.19 -12.87
C SER A 171 -69.65 -32.79 -13.98
N HIS A 172 -69.79 -31.49 -14.19
CA HIS A 172 -70.79 -30.98 -15.12
C HIS A 172 -70.37 -31.23 -16.56
N SER A 173 -71.33 -31.03 -17.48
CA SER A 173 -71.07 -31.18 -18.91
C SER A 173 -70.06 -30.16 -19.41
N LEU A 174 -70.12 -28.93 -18.90
CA LEU A 174 -69.17 -27.90 -19.31
C LEU A 174 -67.77 -28.13 -18.74
N ALA A 175 -67.64 -28.99 -17.74
CA ALA A 175 -66.32 -29.38 -17.26
C ALA A 175 -65.63 -30.30 -18.27
N LYS A 176 -64.31 -30.36 -18.14
CA LYS A 176 -63.51 -31.20 -19.03
C LYS A 176 -63.51 -32.63 -18.54
N GLN A 177 -63.66 -33.59 -19.47
CA GLN A 177 -63.51 -35.02 -19.19
C GLN A 177 -62.71 -35.62 -20.34
N LEU A 178 -61.64 -36.35 -20.02
CA LEU A 178 -60.67 -36.79 -21.02
C LEU A 178 -60.32 -38.26 -20.82
N TYR A 179 -60.62 -39.09 -21.82
CA TYR A 179 -60.33 -40.51 -21.75
C TYR A 179 -58.83 -40.78 -21.73
N PHE A 180 -58.43 -41.76 -20.95
CA PHE A 180 -57.03 -42.19 -20.86
C PHE A 180 -56.95 -43.68 -21.14
N PRO A 181 -56.16 -44.11 -22.12
CA PRO A 181 -56.07 -45.55 -22.42
C PRO A 181 -55.34 -46.31 -21.33
N LEU A 182 -56.00 -47.34 -20.80
CA LEU A 182 -55.37 -48.27 -19.89
C LEU A 182 -54.37 -49.14 -20.64
N PRO A 183 -53.42 -49.78 -19.93
CA PRO A 183 -52.53 -50.73 -20.63
C PRO A 183 -53.25 -51.91 -21.26
N GLY A 184 -54.06 -52.63 -20.49
CA GLY A 184 -54.88 -53.65 -21.10
C GLY A 184 -56.36 -53.35 -21.16
N SER A 185 -56.84 -52.89 -22.33
CA SER A 185 -58.24 -52.87 -22.75
C SER A 185 -59.15 -52.12 -21.77
N GLY A 186 -58.91 -50.82 -21.65
CA GLY A 186 -59.76 -50.03 -20.77
C GLY A 186 -59.54 -48.54 -20.96
N TYR A 187 -60.44 -47.78 -20.34
CA TYR A 187 -60.34 -46.32 -20.31
C TYR A 187 -60.82 -45.81 -18.95
N HIS A 188 -60.26 -44.67 -18.54
CA HIS A 188 -60.75 -43.91 -17.39
C HIS A 188 -61.07 -42.50 -17.84
N LEU A 189 -62.13 -41.92 -17.27
CA LEU A 189 -62.71 -40.70 -17.81
C LEU A 189 -62.00 -39.43 -17.35
N LEU A 190 -61.52 -39.40 -16.11
CA LEU A 190 -60.48 -38.50 -15.59
C LEU A 190 -60.82 -37.01 -15.78
N ALA A 191 -61.85 -36.57 -15.08
CA ALA A 191 -62.22 -35.15 -15.11
C ALA A 191 -61.24 -34.34 -14.27
N PRO A 192 -60.54 -33.36 -14.84
CA PRO A 192 -59.63 -32.54 -14.03
C PRO A 192 -60.30 -31.34 -13.40
N LEU A 193 -59.78 -30.96 -12.24
CA LEU A 193 -60.22 -29.80 -11.50
C LEU A 193 -59.08 -28.80 -11.41
N PHE A 194 -59.43 -27.53 -11.27
CA PHE A 194 -58.44 -26.47 -11.24
C PHE A 194 -57.75 -26.43 -9.88
N PRO A 195 -56.43 -26.63 -9.81
CA PRO A 195 -55.72 -26.59 -8.51
C PRO A 195 -55.49 -25.17 -8.02
N THR A 196 -56.55 -24.60 -7.42
CA THR A 196 -56.51 -23.20 -7.01
C THR A 196 -55.56 -22.97 -5.84
N SER A 197 -55.36 -23.99 -4.98
CA SER A 197 -54.35 -23.88 -3.94
C SER A 197 -52.95 -23.86 -4.54
N LEU A 198 -52.70 -24.76 -5.51
CA LEU A 198 -51.40 -24.79 -6.18
C LEU A 198 -51.16 -23.55 -7.01
N VAL A 199 -52.22 -23.05 -7.68
CA VAL A 199 -52.11 -21.83 -8.48
C VAL A 199 -51.87 -20.63 -7.58
N HIS A 200 -52.51 -20.59 -6.41
CA HIS A 200 -52.28 -19.53 -5.45
C HIS A 200 -50.86 -19.57 -4.89
N HIS A 201 -50.33 -20.78 -4.64
CA HIS A 201 -48.94 -20.92 -4.18
C HIS A 201 -47.94 -20.46 -5.24
N VAL A 202 -48.17 -20.85 -6.50
CA VAL A 202 -47.28 -20.43 -7.59
C VAL A 202 -47.38 -18.94 -7.82
N HIS A 203 -48.57 -18.37 -7.70
CA HIS A 203 -48.76 -16.93 -7.87
C HIS A 203 -48.12 -16.16 -6.73
N ALA A 204 -48.15 -16.71 -5.52
CA ALA A 204 -47.46 -16.09 -4.39
C ALA A 204 -45.95 -16.12 -4.57
N LEU A 205 -45.42 -17.25 -5.05
CA LEU A 205 -43.99 -17.35 -5.32
C LEU A 205 -43.55 -16.39 -6.42
N LEU A 206 -44.39 -16.24 -7.46
CA LEU A 206 -44.09 -15.29 -8.51
C LEU A 206 -44.22 -13.85 -8.02
N ARG A 207 -45.13 -13.59 -7.07
CA ARG A 207 -45.22 -12.27 -6.46
C ARG A 207 -43.95 -11.92 -5.68
N GLU A 208 -43.42 -12.88 -4.92
CA GLU A 208 -42.15 -12.65 -4.23
C GLU A 208 -41.00 -12.51 -5.22
N ALA A 209 -41.06 -13.23 -6.35
CA ALA A 209 -39.98 -13.18 -7.32
C ALA A 209 -39.97 -11.89 -8.14
N ARG A 210 -41.14 -11.30 -8.40
CA ARG A 210 -41.22 -10.14 -9.29
C ARG A 210 -41.47 -8.83 -8.58
N PHE A 211 -42.17 -8.83 -7.43
CA PHE A 211 -42.49 -7.59 -6.73
C PHE A 211 -42.08 -7.62 -5.27
N GLY A 212 -41.27 -8.59 -4.85
CA GLY A 212 -40.80 -8.63 -3.48
C GLY A 212 -39.78 -7.55 -3.19
N ASP A 213 -39.57 -7.29 -1.90
CA ASP A 213 -38.61 -6.27 -1.49
C ASP A 213 -37.17 -6.70 -1.76
N ALA A 214 -36.85 -7.97 -1.46
CA ALA A 214 -35.52 -8.48 -1.74
C ALA A 214 -35.27 -8.59 -3.23
N ALA A 215 -36.28 -8.99 -4.00
CA ALA A 215 -36.14 -9.07 -5.45
C ALA A 215 -35.97 -7.69 -6.08
N LYS A 216 -36.70 -6.69 -5.58
CA LYS A 216 -36.54 -5.33 -6.07
C LYS A 216 -35.19 -4.73 -5.68
N ALA A 217 -34.70 -5.09 -4.48
CA ALA A 217 -33.37 -4.66 -4.06
C ALA A 217 -32.28 -5.28 -4.93
N ALA A 218 -32.44 -6.55 -5.30
CA ALA A 218 -31.49 -7.20 -6.19
C ALA A 218 -31.58 -6.62 -7.60
N ARG A 219 -32.79 -6.24 -8.04
CA ARG A 219 -32.94 -5.57 -9.33
C ARG A 219 -32.26 -4.21 -9.33
N GLU A 220 -32.36 -3.47 -8.23
CA GLU A 220 -31.68 -2.19 -8.11
C GLU A 220 -30.16 -2.38 -8.06
N ALA A 221 -29.70 -3.45 -7.41
CA ALA A 221 -28.27 -3.75 -7.38
C ALA A 221 -27.74 -4.12 -8.75
N ARG A 222 -28.55 -4.83 -9.55
CA ARG A 222 -28.22 -5.07 -10.94
C ARG A 222 -28.20 -3.78 -11.74
N SER A 223 -29.14 -2.88 -11.46
CA SER A 223 -29.17 -1.60 -12.16
C SER A 223 -28.02 -0.70 -11.74
N ARG A 224 -27.55 -0.84 -10.50
CA ARG A 224 -26.38 -0.11 -10.04
C ARG A 224 -25.06 -0.81 -10.37
N GLN A 225 -25.15 -2.03 -10.93
CA GLN A 225 -24.00 -2.87 -11.28
C GLN A 225 -23.09 -3.14 -10.09
N GLU A 226 -23.70 -3.35 -8.92
CA GLU A 226 -22.99 -3.63 -7.68
C GLU A 226 -23.30 -5.05 -7.22
N SER A 227 -22.57 -5.49 -6.20
CA SER A 227 -22.76 -6.82 -5.64
C SER A 227 -23.94 -6.84 -4.68
N TRP A 228 -24.45 -8.05 -4.43
CA TRP A 228 -25.59 -8.26 -3.56
C TRP A 228 -25.49 -9.67 -3.01
N PRO A 229 -25.93 -9.91 -1.77
CA PRO A 229 -25.84 -11.27 -1.20
C PRO A 229 -26.74 -12.30 -1.88
N HIS A 230 -27.78 -11.88 -2.60
CA HIS A 230 -28.68 -12.80 -3.27
C HIS A 230 -29.02 -12.27 -4.65
N GLY A 231 -29.45 -13.18 -5.52
CA GLY A 231 -29.84 -12.84 -6.87
C GLY A 231 -31.33 -12.59 -7.01
N PHE A 232 -31.79 -12.62 -8.26
CA PHE A 232 -33.19 -12.40 -8.57
C PHE A 232 -33.53 -13.12 -9.86
N SER A 233 -34.77 -12.93 -10.32
CA SER A 233 -35.27 -13.55 -11.54
C SER A 233 -36.11 -12.53 -12.31
N GLU A 234 -36.55 -12.93 -13.49
CA GLU A 234 -37.33 -12.01 -14.31
C GLU A 234 -38.69 -12.57 -14.72
N TYR A 235 -38.77 -13.88 -15.01
CA TYR A 235 -39.96 -14.60 -15.50
C TYR A 235 -40.55 -13.93 -16.74
N PRO A 236 -39.91 -13.99 -17.89
CA PRO A 236 -40.45 -13.33 -19.08
C PRO A 236 -41.56 -14.15 -19.71
N ASN A 237 -42.29 -13.49 -20.63
CA ASN A 237 -43.33 -14.09 -21.47
C ASN A 237 -44.45 -14.73 -20.65
N LEU A 238 -44.81 -14.11 -19.53
CA LEU A 238 -45.93 -14.60 -18.74
C LEU A 238 -47.24 -14.23 -19.42
N ALA A 239 -48.27 -15.05 -19.17
CA ALA A 239 -49.58 -14.83 -19.75
C ALA A 239 -50.61 -14.66 -18.64
N ILE A 240 -51.59 -13.80 -18.88
CA ILE A 240 -52.63 -13.48 -17.91
C ILE A 240 -53.94 -14.09 -18.39
N GLN A 241 -54.59 -14.87 -17.52
CA GLN A 241 -55.85 -15.53 -17.85
C GLN A 241 -56.84 -15.20 -16.73
N LYS A 242 -57.69 -14.20 -16.98
CA LYS A 242 -58.68 -13.79 -15.99
C LYS A 242 -59.90 -14.69 -16.09
N PHE A 243 -60.29 -15.29 -14.97
CA PHE A 243 -61.43 -16.21 -14.96
C PHE A 243 -62.74 -15.46 -14.84
N GLY A 244 -62.93 -14.73 -13.74
CA GLY A 244 -64.09 -13.86 -13.63
C GLY A 244 -63.94 -12.67 -14.56
N GLY A 245 -64.99 -12.38 -15.32
CA GLY A 245 -64.96 -11.24 -16.22
C GLY A 245 -65.40 -9.98 -15.51
N THR A 246 -66.50 -10.06 -14.76
CA THR A 246 -67.01 -8.90 -14.05
C THR A 246 -66.80 -9.02 -12.55
N LYS A 247 -67.01 -10.22 -12.01
CA LYS A 247 -66.86 -10.42 -10.58
C LYS A 247 -65.91 -11.57 -10.24
N PRO A 248 -64.61 -11.27 -10.14
CA PRO A 248 -63.70 -12.35 -9.71
C PRO A 248 -64.09 -12.96 -8.37
N GLN A 249 -64.89 -12.27 -7.56
CA GLN A 249 -65.36 -12.84 -6.29
C GLN A 249 -66.35 -13.97 -6.51
N ASN A 250 -67.03 -13.99 -7.65
CA ASN A 250 -67.96 -15.07 -7.96
C ASN A 250 -67.25 -16.37 -8.29
N ILE A 251 -65.95 -16.33 -8.58
CA ILE A 251 -65.24 -17.55 -8.93
C ILE A 251 -64.87 -18.31 -7.66
N SER A 252 -64.10 -17.67 -6.78
CA SER A 252 -63.73 -18.19 -5.46
C SER A 252 -63.16 -17.05 -4.65
N GLN A 253 -62.83 -17.35 -3.39
CA GLN A 253 -62.21 -16.34 -2.53
C GLN A 253 -60.74 -16.11 -2.87
N LEU A 254 -60.02 -17.17 -3.23
CA LEU A 254 -58.63 -17.01 -3.64
C LEU A 254 -58.53 -16.28 -4.97
N ASN A 255 -59.51 -16.50 -5.85
CA ASN A 255 -59.58 -15.70 -7.07
C ASN A 255 -60.09 -14.29 -6.83
N ASN A 256 -60.62 -14.01 -5.63
CA ASN A 256 -60.85 -12.63 -5.25
C ASN A 256 -59.58 -12.01 -4.65
N GLU A 257 -58.70 -12.83 -4.08
CA GLU A 257 -57.41 -12.33 -3.61
C GLU A 257 -56.53 -11.91 -4.78
N ARG A 258 -56.37 -12.77 -5.78
CA ARG A 258 -55.73 -12.44 -7.04
C ARG A 258 -56.83 -12.33 -8.09
N ARG A 259 -57.20 -11.10 -8.44
CA ARG A 259 -58.35 -10.82 -9.29
C ARG A 259 -58.05 -11.29 -10.71
N GLY A 260 -58.60 -12.44 -11.08
CA GLY A 260 -58.19 -13.09 -12.32
C GLY A 260 -56.74 -13.52 -12.22
N GLU A 261 -55.98 -13.26 -13.28
CA GLU A 261 -54.51 -13.28 -13.29
C GLU A 261 -53.96 -14.67 -12.92
N ASN A 262 -54.22 -15.62 -13.81
CA ASN A 262 -53.80 -17.00 -13.59
C ASN A 262 -52.28 -17.16 -13.64
N TRP A 263 -51.58 -16.27 -14.34
CA TRP A 263 -50.11 -16.16 -14.37
C TRP A 263 -49.46 -17.45 -14.89
N LEU A 264 -49.74 -17.74 -16.16
CA LEU A 264 -49.28 -18.98 -16.79
C LEU A 264 -47.83 -18.87 -17.25
N LEU A 265 -47.07 -19.96 -17.03
CA LEU A 265 -45.64 -20.03 -17.35
C LEU A 265 -45.43 -20.30 -18.83
N PRO A 266 -44.40 -19.70 -19.44
CA PRO A 266 -44.21 -19.83 -20.89
C PRO A 266 -43.64 -21.17 -21.35
N SER A 267 -44.51 -22.16 -21.56
CA SER A 267 -44.11 -23.44 -22.13
C SER A 267 -44.12 -23.32 -23.65
N LEU A 268 -43.07 -22.70 -24.18
CA LEU A 268 -43.06 -22.37 -25.60
C LEU A 268 -41.94 -23.10 -26.33
N PRO A 269 -42.17 -23.54 -27.56
CA PRO A 269 -41.09 -24.09 -28.38
C PRO A 269 -40.14 -22.98 -28.83
N PRO A 270 -38.90 -23.33 -29.22
CA PRO A 270 -37.95 -22.28 -29.60
C PRO A 270 -38.29 -21.55 -30.90
N ASN A 271 -39.15 -22.12 -31.74
CA ASN A 271 -39.59 -21.46 -32.96
C ASN A 271 -40.93 -20.77 -32.78
N TRP A 272 -41.24 -20.32 -31.55
CA TRP A 272 -42.47 -19.60 -31.28
C TRP A 272 -42.40 -18.14 -31.68
N GLN A 273 -41.22 -17.64 -32.04
CA GLN A 273 -41.01 -16.26 -32.46
C GLN A 273 -40.18 -16.22 -33.73
N ARG A 274 -40.59 -17.03 -34.72
CA ARG A 274 -39.95 -17.07 -36.04
C ARG A 274 -40.11 -15.72 -36.73
N GLN A 275 -38.99 -15.00 -36.93
CA GLN A 275 -39.07 -13.63 -37.42
C GLN A 275 -39.42 -13.60 -38.92
N ASN A 276 -38.53 -14.15 -39.75
CA ASN A 276 -38.70 -14.18 -41.20
C ASN A 276 -37.65 -15.13 -41.75
N VAL A 277 -37.74 -15.38 -43.05
CA VAL A 277 -36.71 -16.08 -43.81
C VAL A 277 -36.15 -15.11 -44.84
N ASN A 278 -34.83 -14.95 -44.84
CA ASN A 278 -34.17 -13.99 -45.71
C ASN A 278 -33.04 -14.67 -46.46
N ALA A 279 -32.84 -14.22 -47.70
CA ALA A 279 -31.82 -14.78 -48.56
C ALA A 279 -30.60 -13.88 -48.58
N PRO A 280 -29.43 -14.36 -48.15
CA PRO A 280 -28.23 -13.51 -48.13
C PRO A 280 -27.62 -13.30 -49.52
N MET A 281 -28.09 -12.28 -50.24
CA MET A 281 -27.68 -12.10 -51.63
C MET A 281 -26.30 -11.45 -51.74
N ARG A 282 -26.18 -10.20 -51.36
CA ARG A 282 -24.96 -9.43 -51.62
C ARG A 282 -24.00 -9.44 -50.42
N HIS A 283 -23.71 -10.61 -49.88
CA HIS A 283 -22.85 -10.72 -48.71
C HIS A 283 -21.83 -11.84 -48.94
N SER A 284 -20.75 -11.80 -48.15
CA SER A 284 -19.58 -12.61 -48.42
C SER A 284 -19.58 -13.96 -47.71
N SER A 285 -20.09 -14.05 -46.49
CA SER A 285 -20.10 -15.31 -45.75
C SER A 285 -21.36 -15.38 -44.92
N VAL A 286 -22.03 -16.54 -44.94
CA VAL A 286 -23.32 -16.66 -44.27
C VAL A 286 -23.18 -16.69 -42.75
N PHE A 287 -22.11 -17.32 -42.24
CA PHE A 287 -22.00 -17.53 -40.80
C PHE A 287 -21.63 -16.25 -40.05
N GLU A 288 -20.93 -15.33 -40.70
CA GLU A 288 -20.46 -14.11 -40.05
C GLU A 288 -21.30 -12.89 -40.38
N HIS A 289 -22.33 -13.02 -41.21
CA HIS A 289 -23.06 -11.84 -41.63
C HIS A 289 -24.56 -11.95 -41.40
N ASP A 290 -25.16 -13.11 -41.65
CA ASP A 290 -26.61 -13.28 -41.52
C ASP A 290 -26.99 -14.34 -40.50
N PHE A 291 -26.34 -15.50 -40.54
CA PHE A 291 -26.64 -16.56 -39.58
C PHE A 291 -26.14 -16.20 -38.18
N GLY A 292 -25.00 -15.51 -38.09
CA GLY A 292 -24.43 -15.17 -36.80
C GLY A 292 -25.15 -14.05 -36.07
N ARG A 293 -25.97 -13.27 -36.77
CA ARG A 293 -26.70 -12.16 -36.16
C ARG A 293 -28.03 -12.58 -35.57
N THR A 294 -28.41 -13.84 -35.69
CA THR A 294 -29.61 -14.32 -35.01
C THR A 294 -29.34 -14.37 -33.50
N PRO A 295 -30.35 -14.08 -32.67
CA PRO A 295 -30.08 -13.95 -31.22
C PRO A 295 -29.72 -15.25 -30.53
N GLU A 296 -30.16 -16.40 -31.04
CA GLU A 296 -29.85 -17.68 -30.39
C GLU A 296 -28.37 -18.00 -30.46
N VAL A 297 -27.79 -17.93 -31.65
CA VAL A 297 -26.35 -18.15 -31.77
C VAL A 297 -25.57 -16.99 -31.20
N SER A 298 -26.18 -15.81 -31.06
CA SER A 298 -25.54 -14.71 -30.36
C SER A 298 -25.34 -15.05 -28.89
N ARG A 299 -26.41 -15.52 -28.22
CA ARG A 299 -26.28 -15.93 -26.82
C ARG A 299 -25.37 -17.14 -26.67
N LEU A 300 -25.35 -18.03 -27.68
CA LEU A 300 -24.44 -19.17 -27.65
C LEU A 300 -22.98 -18.73 -27.77
N THR A 301 -22.69 -17.73 -28.61
CA THR A 301 -21.32 -17.26 -28.77
C THR A 301 -20.84 -16.47 -27.55
N ARG A 302 -21.73 -15.65 -26.95
CA ARG A 302 -21.38 -15.02 -25.68
C ARG A 302 -21.18 -16.05 -24.56
N THR A 303 -21.95 -17.15 -24.59
CA THR A 303 -21.75 -18.22 -23.62
C THR A 303 -20.41 -18.92 -23.82
N LEU A 304 -20.02 -19.15 -25.08
CA LEU A 304 -18.70 -19.72 -25.35
C LEU A 304 -17.57 -18.77 -24.96
N GLN A 305 -17.78 -17.46 -25.16
CA GLN A 305 -16.79 -16.48 -24.75
C GLN A 305 -16.64 -16.44 -23.23
N ARG A 306 -17.75 -16.61 -22.51
CA ARG A 306 -17.67 -16.65 -21.04
C ARG A 306 -17.05 -17.96 -20.55
N PHE A 307 -17.34 -19.07 -21.22
CA PHE A 307 -16.84 -20.37 -20.77
C PHE A 307 -15.42 -20.66 -21.23
N LEU A 308 -14.91 -19.93 -22.22
CA LEU A 308 -13.56 -20.19 -22.72
C LEU A 308 -12.51 -19.69 -21.74
N ALA A 309 -12.70 -18.49 -21.18
CA ALA A 309 -11.78 -17.92 -20.20
C ALA A 309 -12.35 -18.18 -18.81
N LYS A 310 -12.03 -19.37 -18.29
CA LYS A 310 -12.54 -19.79 -16.99
C LYS A 310 -11.56 -20.77 -16.37
N THR A 311 -11.76 -21.01 -15.08
CA THR A 311 -10.92 -21.96 -14.34
C THR A 311 -11.22 -23.40 -14.78
N VAL A 312 -10.31 -24.30 -14.43
CA VAL A 312 -10.37 -25.68 -14.90
C VAL A 312 -10.76 -26.64 -13.77
N HIS A 313 -11.26 -26.13 -12.65
CA HIS A 313 -11.50 -26.95 -11.46
C HIS A 313 -12.61 -27.97 -11.70
N ASN A 314 -13.66 -27.58 -12.43
CA ASN A 314 -14.69 -28.50 -12.87
C ASN A 314 -14.52 -28.89 -14.34
N ASN A 315 -13.28 -28.79 -14.84
CA ASN A 315 -12.93 -28.63 -16.26
C ASN A 315 -13.68 -29.55 -17.21
N LEU A 316 -13.46 -30.86 -17.05
CA LEU A 316 -14.03 -31.86 -17.96
C LEU A 316 -15.55 -31.83 -17.93
N ALA A 317 -16.13 -31.68 -16.73
CA ALA A 317 -17.58 -31.53 -16.61
C ALA A 317 -18.04 -30.27 -17.33
N ILE A 318 -17.31 -29.16 -17.11
CA ILE A 318 -17.56 -27.93 -17.83
C ILE A 318 -17.32 -28.15 -19.32
N ARG A 319 -16.28 -28.93 -19.65
CA ARG A 319 -16.00 -29.26 -21.05
C ARG A 319 -17.14 -30.07 -21.66
N GLN A 320 -17.73 -30.97 -20.85
CA GLN A 320 -18.91 -31.70 -21.29
C GLN A 320 -20.04 -30.74 -21.62
N ARG A 321 -20.28 -29.79 -20.71
CA ARG A 321 -21.25 -28.72 -20.96
C ARG A 321 -20.82 -27.91 -22.18
N ARG A 322 -19.51 -27.62 -22.28
CA ARG A 322 -18.98 -26.88 -23.42
C ARG A 322 -19.20 -27.67 -24.71
N ALA A 323 -19.00 -29.00 -24.64
CA ALA A 323 -19.25 -29.83 -25.81
C ALA A 323 -20.72 -29.77 -26.20
N GLN A 324 -21.60 -29.86 -25.18
CA GLN A 324 -23.04 -29.73 -25.40
C GLN A 324 -23.35 -28.34 -25.94
N LEU A 325 -22.67 -27.32 -25.39
CA LEU A 325 -22.86 -25.95 -25.84
C LEU A 325 -22.48 -25.81 -27.30
N VAL A 326 -21.35 -26.40 -27.69
CA VAL A 326 -20.90 -26.19 -29.06
C VAL A 326 -21.76 -26.98 -30.02
N ALA A 327 -22.36 -28.07 -29.51
CA ALA A 327 -23.27 -28.88 -30.32
C ALA A 327 -24.49 -28.07 -30.71
N GLN A 328 -24.97 -27.25 -29.75
CA GLN A 328 -26.15 -26.43 -29.98
C GLN A 328 -25.94 -25.48 -31.15
N ILE A 329 -24.72 -24.94 -31.28
CA ILE A 329 -24.46 -23.96 -32.33
C ILE A 329 -24.55 -24.61 -33.70
N CYS A 330 -23.98 -25.83 -33.85
CA CYS A 330 -24.04 -26.44 -35.17
C CYS A 330 -25.45 -26.93 -35.45
N ASP A 331 -26.20 -27.20 -34.37
CA ASP A 331 -27.61 -27.53 -34.48
C ASP A 331 -28.36 -26.39 -35.13
N GLU A 332 -28.08 -25.16 -34.66
CA GLU A 332 -28.73 -23.99 -35.19
C GLU A 332 -28.33 -23.75 -36.64
N ALA A 333 -27.09 -24.13 -36.99
CA ALA A 333 -26.64 -24.03 -38.37
C ALA A 333 -27.50 -24.91 -39.27
N LEU A 334 -27.76 -26.14 -38.81
CA LEU A 334 -28.67 -27.02 -39.53
C LEU A 334 -30.07 -26.44 -39.53
N GLN A 335 -30.48 -25.84 -38.40
CA GLN A 335 -31.77 -25.18 -38.31
C GLN A 335 -31.85 -24.02 -39.29
N TYR A 336 -30.73 -23.30 -39.45
CA TYR A 336 -30.68 -22.22 -40.43
C TYR A 336 -30.86 -22.79 -41.84
N ALA A 337 -30.15 -23.90 -42.13
CA ALA A 337 -30.32 -24.58 -43.41
C ALA A 337 -31.72 -25.12 -43.55
N ALA A 338 -32.34 -25.48 -42.41
CA ALA A 338 -33.71 -25.94 -42.40
C ALA A 338 -34.67 -24.86 -42.87
N ARG A 339 -34.49 -23.63 -42.37
CA ARG A 339 -35.37 -22.58 -42.89
C ARG A 339 -34.93 -22.11 -44.26
N LEU A 340 -33.71 -22.45 -44.68
CA LEU A 340 -33.33 -22.25 -46.07
C LEU A 340 -34.00 -23.26 -47.00
N ARG A 341 -34.64 -24.30 -46.44
CA ARG A 341 -35.54 -25.12 -47.24
C ARG A 341 -36.89 -24.45 -47.44
N GLU A 342 -37.19 -23.38 -46.72
CA GLU A 342 -38.47 -22.68 -46.86
C GLU A 342 -38.41 -21.53 -47.84
N LEU A 343 -37.27 -21.29 -48.47
CA LEU A 343 -37.08 -20.14 -49.36
C LEU A 343 -37.40 -20.53 -50.80
N GLU A 344 -37.01 -19.68 -51.75
CA GLU A 344 -37.21 -19.95 -53.16
C GLU A 344 -36.35 -21.12 -53.62
N PRO A 345 -36.80 -21.89 -54.61
CA PRO A 345 -35.97 -22.99 -55.13
C PRO A 345 -34.68 -22.54 -55.81
N GLY A 346 -34.66 -21.36 -56.41
CA GLY A 346 -33.52 -20.96 -57.21
C GLY A 346 -32.93 -19.60 -56.87
N TRP A 347 -32.86 -19.28 -55.57
CA TRP A 347 -32.30 -17.99 -55.18
C TRP A 347 -30.78 -17.95 -55.36
N SER A 348 -30.12 -19.12 -55.33
CA SER A 348 -28.67 -19.15 -55.46
C SER A 348 -28.19 -18.91 -56.88
N ALA A 349 -29.07 -18.99 -57.88
CA ALA A 349 -28.71 -18.77 -59.27
C ALA A 349 -28.89 -17.32 -59.70
N THR A 350 -29.25 -16.43 -58.78
CA THR A 350 -29.42 -15.03 -59.12
C THR A 350 -28.07 -14.36 -59.38
N PRO A 351 -28.05 -13.27 -60.15
CA PRO A 351 -26.78 -12.61 -60.44
C PRO A 351 -26.24 -11.86 -59.23
N GLY A 352 -24.91 -11.82 -59.13
CA GLY A 352 -24.25 -11.13 -58.03
C GLY A 352 -22.74 -11.22 -58.11
N CYS A 353 -22.05 -10.18 -57.66
CA CYS A 353 -20.59 -10.20 -57.66
C CYS A 353 -20.05 -11.12 -56.58
N GLN A 354 -20.65 -11.08 -55.39
CA GLN A 354 -20.23 -11.93 -54.27
C GLN A 354 -21.47 -12.42 -53.56
N LEU A 355 -21.68 -13.74 -53.55
CA LEU A 355 -22.86 -14.31 -52.90
C LEU A 355 -22.54 -15.59 -52.14
N HIS A 356 -21.27 -15.79 -51.75
CA HIS A 356 -20.77 -16.96 -51.02
C HIS A 356 -21.07 -18.26 -51.78
N ASP A 357 -20.45 -18.38 -52.96
CA ASP A 357 -20.69 -19.53 -53.82
C ASP A 357 -20.07 -20.81 -53.28
N ALA A 358 -19.13 -20.72 -52.35
CA ALA A 358 -18.58 -21.92 -51.72
C ALA A 358 -19.61 -22.60 -50.84
N GLU A 359 -20.45 -21.82 -50.16
CA GLU A 359 -21.51 -22.36 -49.33
C GLU A 359 -22.80 -22.59 -50.09
N GLN A 360 -22.89 -22.14 -51.34
CA GLN A 360 -24.15 -22.16 -52.08
C GLN A 360 -24.59 -23.57 -52.50
N LEU A 361 -23.69 -24.55 -52.44
CA LEU A 361 -24.09 -25.92 -52.71
C LEU A 361 -24.94 -26.49 -51.58
N TRP A 362 -24.74 -25.99 -50.36
CA TRP A 362 -25.52 -26.41 -49.21
C TRP A 362 -26.61 -25.40 -48.84
N LEU A 363 -26.45 -24.13 -49.23
CA LEU A 363 -27.45 -23.10 -48.94
C LEU A 363 -28.76 -23.38 -49.67
N ASP A 364 -28.69 -23.77 -50.94
CA ASP A 364 -29.87 -24.03 -51.76
C ASP A 364 -29.80 -25.46 -52.29
N PRO A 365 -30.43 -26.42 -51.60
CA PRO A 365 -30.46 -27.78 -52.14
C PRO A 365 -31.45 -27.97 -53.28
N LEU A 366 -32.38 -27.05 -53.48
CA LEU A 366 -33.44 -27.21 -54.47
C LEU A 366 -33.04 -26.75 -55.86
N ARG A 367 -31.88 -26.10 -56.02
CA ARG A 367 -31.43 -25.68 -57.35
C ARG A 367 -31.05 -26.87 -58.22
N ALA A 368 -30.79 -28.03 -57.63
CA ALA A 368 -30.64 -29.27 -58.39
C ALA A 368 -31.93 -29.66 -59.10
N GLN A 369 -33.08 -29.23 -58.59
CA GLN A 369 -34.31 -29.35 -59.36
C GLN A 369 -34.39 -28.30 -60.46
N THR A 370 -33.80 -27.11 -60.23
CA THR A 370 -33.88 -26.04 -61.22
C THR A 370 -32.99 -26.32 -62.42
N ASP A 371 -31.76 -26.77 -62.17
CA ASP A 371 -30.81 -27.08 -63.23
C ASP A 371 -30.70 -28.60 -63.35
N GLU A 372 -30.90 -29.11 -64.57
CA GLU A 372 -30.86 -30.55 -64.77
C GLU A 372 -29.44 -31.09 -64.68
N THR A 373 -28.48 -30.42 -65.31
CA THR A 373 -27.10 -30.85 -65.27
C THR A 373 -26.10 -29.73 -65.05
N PHE A 374 -26.54 -28.47 -64.95
CA PHE A 374 -25.62 -27.36 -64.75
C PHE A 374 -25.04 -27.36 -63.35
N LEU A 375 -25.88 -27.65 -62.34
CA LEU A 375 -25.41 -27.69 -60.97
C LEU A 375 -25.95 -28.85 -60.15
N GLN A 376 -26.80 -29.70 -60.72
CA GLN A 376 -27.35 -30.84 -59.97
C GLN A 376 -26.28 -31.89 -59.71
N ARG A 377 -25.44 -32.17 -60.71
CA ARG A 377 -24.38 -33.15 -60.55
C ARG A 377 -23.20 -32.61 -59.76
N ARG A 378 -23.09 -31.27 -59.64
CA ARG A 378 -21.96 -30.67 -58.94
C ARG A 378 -21.99 -30.97 -57.44
N LEU A 379 -23.17 -30.89 -56.83
CA LEU A 379 -23.28 -31.21 -55.41
C LEU A 379 -23.14 -32.70 -55.14
N ARG A 380 -23.54 -33.55 -56.10
CA ARG A 380 -23.39 -34.98 -55.94
C ARG A 380 -21.93 -35.41 -56.07
N GLY A 381 -21.22 -34.86 -57.06
CA GLY A 381 -19.83 -35.22 -57.25
C GLY A 381 -18.91 -34.60 -56.21
N ASP A 382 -19.19 -33.35 -55.83
CA ASP A 382 -18.32 -32.67 -54.86
C ASP A 382 -18.53 -33.19 -53.45
N TRP A 383 -19.80 -33.44 -53.06
CA TRP A 383 -20.27 -33.79 -51.72
C TRP A 383 -19.77 -32.77 -50.72
N PRO A 384 -20.32 -31.55 -50.72
CA PRO A 384 -19.73 -30.45 -49.93
C PRO A 384 -19.90 -30.62 -48.43
N ALA A 385 -18.80 -30.95 -47.76
CA ALA A 385 -18.78 -31.06 -46.30
C ALA A 385 -17.71 -30.20 -45.66
N GLU A 386 -16.90 -29.50 -46.45
CA GLU A 386 -15.87 -28.61 -45.93
C GLU A 386 -16.42 -27.27 -45.46
N VAL A 387 -17.68 -26.96 -45.77
CA VAL A 387 -18.28 -25.67 -45.46
C VAL A 387 -18.35 -25.45 -43.97
N GLY A 388 -18.63 -26.53 -43.21
CA GLY A 388 -18.61 -26.46 -41.76
C GLY A 388 -17.24 -26.11 -41.21
N ASN A 389 -16.17 -26.52 -41.92
CA ASN A 389 -14.83 -26.09 -41.58
C ASN A 389 -14.71 -24.57 -41.67
N ARG A 390 -15.30 -23.97 -42.72
CA ARG A 390 -15.44 -22.53 -42.79
C ARG A 390 -16.24 -22.00 -41.61
N PHE A 391 -17.33 -22.69 -41.27
CA PHE A 391 -18.11 -22.36 -40.08
C PHE A 391 -17.28 -22.57 -38.83
N ALA A 392 -16.38 -23.57 -38.84
CA ALA A 392 -15.45 -23.77 -37.74
C ALA A 392 -14.51 -22.58 -37.60
N ASN A 393 -14.12 -21.98 -38.73
CA ASN A 393 -13.34 -20.75 -38.71
C ASN A 393 -14.13 -19.64 -38.02
N TRP A 394 -15.43 -19.55 -38.32
CA TRP A 394 -16.30 -18.62 -37.60
C TRP A 394 -16.43 -19.04 -36.14
N LEU A 395 -16.45 -20.36 -35.90
CA LEU A 395 -16.43 -20.85 -34.53
C LEU A 395 -15.09 -20.59 -33.85
N ASN A 396 -14.02 -20.46 -34.64
CA ASN A 396 -12.75 -20.03 -34.06
C ASN A 396 -12.76 -18.56 -33.68
N ARG A 397 -13.72 -17.78 -34.17
CA ARG A 397 -13.94 -16.44 -33.65
C ARG A 397 -14.83 -16.45 -32.42
N ALA A 398 -15.34 -17.60 -32.00
CA ALA A 398 -16.15 -17.71 -30.80
C ALA A 398 -15.33 -18.05 -29.57
N VAL A 399 -14.03 -18.29 -29.73
CA VAL A 399 -13.16 -18.64 -28.60
C VAL A 399 -12.50 -17.37 -28.08
N SER A 400 -12.08 -17.42 -26.82
CA SER A 400 -11.41 -16.27 -26.20
C SER A 400 -9.96 -16.18 -26.66
N SER A 401 -9.46 -14.95 -26.75
CA SER A 401 -8.07 -14.70 -27.14
C SER A 401 -7.19 -14.65 -25.88
N ASP A 402 -7.08 -15.80 -25.23
CA ASP A 402 -6.29 -15.96 -24.01
C ASP A 402 -5.14 -16.91 -24.27
N SER A 403 -3.93 -16.47 -23.93
CA SER A 403 -2.75 -17.30 -24.11
C SER A 403 -2.65 -18.40 -23.06
N GLN A 404 -3.35 -18.25 -21.93
CA GLN A 404 -3.32 -19.27 -20.88
C GLN A 404 -4.04 -20.54 -21.33
N ILE A 405 -5.08 -20.41 -22.15
CA ILE A 405 -5.75 -21.59 -22.71
C ILE A 405 -4.85 -22.27 -23.73
N LEU A 406 -4.13 -21.50 -24.54
CA LEU A 406 -3.27 -22.07 -25.57
C LEU A 406 -2.05 -22.74 -24.96
N GLY A 407 -1.51 -22.19 -23.87
CA GLY A 407 -0.39 -22.83 -23.20
C GLY A 407 -0.76 -24.14 -22.53
N SER A 408 -1.94 -24.19 -21.92
CA SER A 408 -2.41 -25.39 -21.23
C SER A 408 -3.14 -26.31 -22.19
N PRO A 409 -3.64 -27.45 -21.72
CA PRO A 409 -4.39 -28.36 -22.60
C PRO A 409 -5.85 -27.99 -22.80
N GLU A 410 -6.28 -26.80 -22.35
CA GLU A 410 -7.64 -26.34 -22.59
C GLU A 410 -7.88 -26.11 -24.08
N ALA A 411 -6.89 -25.56 -24.78
CA ALA A 411 -6.99 -25.43 -26.23
C ALA A 411 -6.99 -26.78 -26.92
N ALA A 412 -6.27 -27.76 -26.37
CA ALA A 412 -6.30 -29.11 -26.92
C ALA A 412 -7.67 -29.76 -26.78
N GLN A 413 -8.32 -29.60 -25.61
CA GLN A 413 -9.66 -30.12 -25.42
C GLN A 413 -10.68 -29.38 -26.29
N TRP A 414 -10.50 -28.07 -26.44
CA TRP A 414 -11.37 -27.27 -27.31
C TRP A 414 -11.25 -27.71 -28.75
N SER A 415 -10.02 -27.94 -29.23
CA SER A 415 -9.80 -28.42 -30.59
C SER A 415 -10.33 -29.84 -30.77
N GLN A 416 -10.24 -30.68 -29.74
CA GLN A 416 -10.75 -32.05 -29.83
C GLN A 416 -12.27 -32.07 -29.96
N GLU A 417 -12.97 -31.32 -29.09
CA GLU A 417 -14.43 -31.31 -29.18
C GLU A 417 -14.91 -30.56 -30.41
N LEU A 418 -14.15 -29.55 -30.88
CA LEU A 418 -14.47 -28.87 -32.12
C LEU A 418 -14.31 -29.81 -33.31
N SER A 419 -13.24 -30.61 -33.33
CA SER A 419 -13.02 -31.55 -34.42
C SER A 419 -14.08 -32.64 -34.43
N LYS A 420 -14.51 -33.10 -33.26
CA LYS A 420 -15.55 -34.13 -33.18
C LYS A 420 -16.89 -33.57 -33.67
N GLU A 421 -17.24 -32.35 -33.24
CA GLU A 421 -18.55 -31.82 -33.60
C GLU A 421 -18.61 -31.39 -35.07
N LEU A 422 -17.52 -30.84 -35.61
CA LEU A 422 -17.52 -30.59 -37.05
C LEU A 422 -17.31 -31.86 -37.87
N THR A 423 -16.78 -32.93 -37.29
CA THR A 423 -16.83 -34.22 -37.97
C THR A 423 -18.28 -34.71 -38.10
N MET A 424 -19.07 -34.55 -37.04
CA MET A 424 -20.50 -34.87 -37.10
C MET A 424 -21.23 -33.95 -38.07
N PHE A 425 -20.88 -32.67 -38.08
CA PHE A 425 -21.50 -31.70 -39.00
C PHE A 425 -21.16 -32.01 -40.45
N LYS A 426 -19.91 -32.39 -40.73
CA LYS A 426 -19.51 -32.75 -42.09
C LYS A 426 -20.14 -34.06 -42.54
N GLU A 427 -20.32 -35.00 -41.60
CA GLU A 427 -21.03 -36.23 -41.94
C GLU A 427 -22.51 -35.98 -42.19
N ILE A 428 -23.10 -35.02 -41.49
CA ILE A 428 -24.48 -34.62 -41.74
C ILE A 428 -24.59 -33.98 -43.13
N LEU A 429 -23.64 -33.09 -43.46
CA LEU A 429 -23.66 -32.42 -44.75
C LEU A 429 -23.26 -33.33 -45.90
N GLU A 430 -22.65 -34.49 -45.62
CA GLU A 430 -22.23 -35.39 -46.68
C GLU A 430 -23.42 -36.07 -47.33
N ASP A 431 -24.34 -36.63 -46.54
CA ASP A 431 -25.48 -37.36 -47.10
C ASP A 431 -26.71 -36.47 -47.24
N GLU A 432 -26.53 -35.32 -47.89
CA GLU A 432 -27.64 -34.45 -48.24
C GLU A 432 -28.33 -34.88 -49.53
N ARG A 433 -27.71 -35.77 -50.30
CA ARG A 433 -28.20 -36.17 -51.60
C ARG A 433 -29.30 -37.22 -51.53
N ASP A 434 -29.49 -37.86 -50.39
CA ASP A 434 -30.49 -38.92 -50.25
C ASP A 434 -31.89 -38.34 -50.11
N VAL B 3 -43.67 -48.64 -24.12
CA VAL B 3 -43.72 -49.93 -23.45
C VAL B 3 -43.23 -51.04 -24.39
N THR B 4 -43.05 -50.69 -25.66
CA THR B 4 -42.55 -51.64 -26.64
C THR B 4 -41.77 -50.90 -27.72
N ASP B 5 -40.87 -51.62 -28.36
CA ASP B 5 -40.10 -51.04 -29.46
C ASP B 5 -40.93 -51.07 -30.73
N PRO B 6 -41.07 -49.95 -31.44
CA PRO B 6 -41.87 -49.94 -32.66
C PRO B 6 -41.18 -50.68 -33.80
N GLU B 7 -41.97 -51.47 -34.54
CA GLU B 7 -41.45 -52.13 -35.72
C GLU B 7 -41.30 -51.17 -36.89
N ALA B 8 -42.05 -50.07 -36.90
CA ALA B 8 -41.96 -49.09 -37.98
C ALA B 8 -42.26 -47.71 -37.42
N LEU B 9 -41.83 -46.69 -38.15
CA LEU B 9 -42.09 -45.30 -37.81
C LEU B 9 -42.79 -44.63 -38.97
N LEU B 10 -43.98 -44.09 -38.72
CA LEU B 10 -44.78 -43.42 -39.73
C LEU B 10 -44.66 -41.91 -39.50
N LEU B 11 -44.25 -41.18 -40.53
CA LEU B 11 -44.06 -39.73 -40.42
C LEU B 11 -45.28 -39.05 -41.01
N LEU B 12 -46.19 -38.63 -40.15
CA LEU B 12 -47.22 -37.68 -40.56
C LEU B 12 -46.54 -36.34 -40.79
N PRO B 13 -46.74 -35.70 -41.94
CA PRO B 13 -45.97 -34.52 -42.31
C PRO B 13 -46.43 -33.26 -41.61
N ARG B 14 -46.00 -32.11 -42.13
CA ARG B 14 -46.44 -30.81 -41.66
C ARG B 14 -47.95 -30.70 -41.61
N LEU B 15 -48.48 -30.64 -40.40
CA LEU B 15 -49.91 -30.53 -40.12
C LEU B 15 -50.14 -29.17 -39.50
N SER B 16 -51.01 -28.38 -40.13
CA SER B 16 -51.33 -27.03 -39.68
C SER B 16 -52.59 -27.13 -38.84
N ILE B 17 -52.41 -27.10 -37.53
CA ILE B 17 -53.51 -27.09 -36.57
C ILE B 17 -53.90 -25.64 -36.36
N GLN B 18 -55.19 -25.34 -36.52
CA GLN B 18 -55.61 -23.95 -36.67
C GLN B 18 -55.69 -23.23 -35.33
N ASN B 19 -56.57 -23.69 -34.44
CA ASN B 19 -56.78 -23.02 -33.16
C ASN B 19 -56.61 -24.05 -32.05
N ALA B 20 -55.37 -24.33 -31.70
CA ALA B 20 -55.06 -25.29 -30.66
C ALA B 20 -55.14 -24.63 -29.29
N ASN B 21 -55.32 -25.45 -28.26
CA ASN B 21 -55.46 -24.94 -26.90
C ASN B 21 -54.09 -24.47 -26.41
N ALA B 22 -53.89 -23.15 -26.40
CA ALA B 22 -52.62 -22.58 -25.99
C ALA B 22 -52.38 -22.71 -24.49
N ILE B 23 -53.43 -22.70 -23.68
CA ILE B 23 -53.30 -22.96 -22.24
C ILE B 23 -53.15 -24.46 -22.08
N SER B 24 -51.91 -24.92 -21.94
CA SER B 24 -51.64 -26.35 -21.84
C SER B 24 -52.03 -26.90 -20.48
N SER B 25 -51.97 -26.08 -19.45
CA SER B 25 -52.07 -26.54 -18.07
C SER B 25 -52.57 -25.38 -17.23
N PRO B 26 -53.04 -25.64 -16.01
CA PRO B 26 -53.38 -24.53 -15.10
C PRO B 26 -52.20 -23.64 -14.71
N LEU B 27 -50.97 -24.09 -14.89
CA LEU B 27 -49.80 -23.29 -14.58
C LEU B 27 -49.00 -22.84 -15.80
N THR B 28 -49.18 -23.49 -16.96
CA THR B 28 -48.38 -23.20 -18.14
C THR B 28 -49.27 -22.85 -19.33
N TRP B 29 -48.73 -22.05 -20.23
CA TRP B 29 -49.36 -21.72 -21.50
C TRP B 29 -48.35 -21.95 -22.62
N GLY B 30 -48.86 -21.94 -23.85
CA GLY B 30 -47.99 -22.03 -25.00
C GLY B 30 -48.25 -23.22 -25.89
N PHE B 31 -47.23 -24.07 -26.06
CA PHE B 31 -47.40 -25.31 -26.79
C PHE B 31 -48.34 -26.23 -26.02
N PRO B 32 -49.24 -26.94 -26.72
CA PRO B 32 -50.23 -27.77 -26.01
C PRO B 32 -49.61 -28.97 -25.33
N SER B 33 -50.46 -29.69 -24.62
CA SER B 33 -50.01 -30.83 -23.83
C SER B 33 -49.56 -31.97 -24.73
N PRO B 34 -48.52 -32.72 -24.34
CA PRO B 34 -48.21 -33.97 -25.05
C PRO B 34 -49.30 -35.03 -24.90
N GLY B 35 -50.12 -34.93 -23.84
CA GLY B 35 -51.27 -35.80 -23.71
C GLY B 35 -52.28 -35.63 -24.81
N ALA B 36 -52.40 -34.41 -25.36
CA ALA B 36 -53.24 -34.20 -26.54
C ALA B 36 -52.72 -34.96 -27.74
N PHE B 37 -51.40 -35.00 -27.92
CA PHE B 37 -50.81 -35.70 -29.06
C PHE B 37 -50.95 -37.20 -28.90
N THR B 38 -50.70 -37.72 -27.69
CA THR B 38 -50.87 -39.15 -27.44
C THR B 38 -52.34 -39.57 -27.56
N GLY B 39 -53.27 -38.73 -27.09
CA GLY B 39 -54.68 -39.01 -27.28
C GLY B 39 -55.13 -38.95 -28.72
N PHE B 40 -54.52 -38.05 -29.52
CA PHE B 40 -54.80 -38.01 -30.95
C PHE B 40 -54.33 -39.27 -31.65
N VAL B 41 -53.15 -39.76 -31.29
CA VAL B 41 -52.64 -40.99 -31.90
C VAL B 41 -53.47 -42.19 -31.46
N HIS B 42 -53.93 -42.21 -30.21
CA HIS B 42 -54.81 -43.29 -29.78
C HIS B 42 -56.18 -43.19 -30.45
N ALA B 43 -56.67 -41.99 -30.74
CA ALA B 43 -57.91 -41.85 -31.49
C ALA B 43 -57.74 -42.29 -32.94
N LEU B 44 -56.55 -42.04 -33.51
CA LEU B 44 -56.23 -42.53 -34.85
C LEU B 44 -56.19 -44.06 -34.88
N GLN B 45 -55.63 -44.67 -33.83
CA GLN B 45 -55.63 -46.13 -33.75
C GLN B 45 -57.04 -46.66 -33.49
N ARG B 46 -57.86 -45.91 -32.76
CA ARG B 46 -59.24 -46.30 -32.50
C ARG B 46 -60.09 -46.22 -33.76
N ARG B 47 -59.79 -45.27 -34.64
CA ARG B 47 -60.64 -45.03 -35.80
C ARG B 47 -60.20 -45.82 -37.04
N VAL B 48 -58.90 -45.89 -37.30
CA VAL B 48 -58.43 -46.48 -38.55
C VAL B 48 -57.31 -47.49 -38.28
N GLY B 49 -56.78 -47.50 -37.05
CA GLY B 49 -55.72 -48.42 -36.73
C GLY B 49 -56.17 -49.87 -36.66
N ILE B 50 -57.38 -50.11 -36.13
CA ILE B 50 -57.88 -51.46 -35.96
C ILE B 50 -58.21 -52.09 -37.31
N SER B 51 -58.78 -51.30 -38.23
CA SER B 51 -59.11 -51.81 -39.56
C SER B 51 -57.88 -52.14 -40.40
N LEU B 52 -56.73 -51.54 -40.10
CA LEU B 52 -55.49 -51.82 -40.81
C LEU B 52 -54.66 -52.91 -40.14
N ASP B 53 -55.18 -53.52 -39.06
CA ASP B 53 -54.51 -54.58 -38.30
C ASP B 53 -53.16 -54.15 -37.75
N ILE B 54 -53.03 -52.88 -37.37
CA ILE B 54 -51.81 -52.33 -36.81
C ILE B 54 -52.14 -51.63 -35.50
N GLU B 55 -51.10 -51.35 -34.73
CA GLU B 55 -51.22 -50.58 -33.50
C GLU B 55 -50.40 -49.30 -33.61
N LEU B 56 -50.95 -48.21 -33.09
CA LEU B 56 -50.31 -46.90 -33.16
C LEU B 56 -50.07 -46.41 -31.74
N ASP B 57 -48.85 -46.63 -31.25
CA ASP B 57 -48.46 -46.20 -29.91
C ASP B 57 -47.14 -45.46 -29.99
N GLY B 58 -47.06 -44.31 -29.35
CA GLY B 58 -45.86 -43.51 -29.36
C GLY B 58 -45.87 -42.43 -30.42
N VAL B 59 -45.70 -41.17 -30.02
CA VAL B 59 -45.72 -40.04 -30.93
C VAL B 59 -44.53 -39.13 -30.63
N GLY B 60 -43.79 -38.79 -31.67
CA GLY B 60 -42.73 -37.81 -31.58
C GLY B 60 -43.13 -36.51 -32.24
N ILE B 61 -43.09 -35.42 -31.49
CA ILE B 61 -43.53 -34.10 -31.95
C ILE B 61 -42.33 -33.30 -32.40
N VAL B 62 -42.47 -32.58 -33.52
CA VAL B 62 -41.36 -31.81 -34.08
C VAL B 62 -41.63 -30.32 -34.00
N CYS B 63 -42.89 -29.90 -34.18
CA CYS B 63 -43.36 -28.52 -34.03
C CYS B 63 -42.60 -27.56 -34.96
N HIS B 64 -42.90 -27.70 -36.25
CA HIS B 64 -42.22 -26.90 -37.26
C HIS B 64 -42.55 -25.41 -37.16
N ARG B 65 -43.73 -25.06 -36.66
CA ARG B 65 -44.07 -23.64 -36.53
C ARG B 65 -45.05 -23.47 -35.37
N PHE B 66 -44.88 -22.38 -34.62
CA PHE B 66 -45.81 -22.01 -33.56
C PHE B 66 -46.12 -20.53 -33.66
N GLU B 67 -47.40 -20.19 -33.58
CA GLU B 67 -47.85 -18.81 -33.48
C GLU B 67 -48.93 -18.75 -32.40
N ALA B 68 -48.77 -17.83 -31.47
CA ALA B 68 -49.73 -17.69 -30.37
C ALA B 68 -50.63 -16.49 -30.63
N GLN B 69 -51.94 -16.70 -30.51
CA GLN B 69 -52.91 -15.60 -30.63
C GLN B 69 -52.95 -14.82 -29.33
N ILE B 70 -51.90 -14.03 -29.12
CA ILE B 70 -51.68 -13.26 -27.91
C ILE B 70 -51.36 -11.84 -28.30
N SER B 71 -51.34 -10.96 -27.30
CA SER B 71 -50.91 -9.58 -27.48
C SER B 71 -50.27 -9.10 -26.20
N GLN B 72 -49.37 -8.13 -26.34
CA GLN B 72 -48.73 -7.52 -25.18
C GLN B 72 -49.33 -6.14 -24.95
N PRO B 73 -50.08 -5.94 -23.86
CA PRO B 73 -50.61 -4.60 -23.58
C PRO B 73 -49.50 -3.63 -23.18
N ALA B 74 -49.72 -2.36 -23.49
CA ALA B 74 -48.73 -1.34 -23.22
C ALA B 74 -48.59 -1.09 -21.72
N GLY B 75 -47.35 -0.99 -21.26
CA GLY B 75 -47.05 -0.79 -19.86
C GLY B 75 -46.88 -2.06 -19.05
N LYS B 76 -47.09 -3.23 -19.66
CA LYS B 76 -46.92 -4.50 -18.98
C LYS B 76 -45.96 -5.38 -19.75
N ARG B 77 -45.14 -6.14 -19.03
CA ARG B 77 -44.23 -7.11 -19.64
C ARG B 77 -44.87 -8.48 -19.82
N THR B 78 -46.06 -8.70 -19.27
CA THR B 78 -46.77 -9.95 -19.45
C THR B 78 -47.59 -9.89 -20.73
N LYS B 79 -48.41 -10.91 -20.98
CA LYS B 79 -49.21 -11.00 -22.19
C LYS B 79 -50.62 -11.42 -21.84
N VAL B 80 -51.54 -11.16 -22.77
CA VAL B 80 -52.95 -11.52 -22.62
C VAL B 80 -53.36 -12.32 -23.84
N PHE B 81 -54.45 -13.07 -23.68
CA PHE B 81 -54.96 -13.92 -24.75
C PHE B 81 -56.04 -13.20 -25.54
N ASN B 82 -55.89 -13.20 -26.86
CA ASN B 82 -56.96 -12.70 -27.72
C ASN B 82 -58.14 -13.66 -27.69
N LEU B 83 -59.34 -13.10 -27.63
CA LEU B 83 -60.55 -13.88 -27.37
C LEU B 83 -61.44 -13.92 -28.61
N THR B 84 -62.48 -14.74 -28.51
CA THR B 84 -63.51 -14.87 -29.52
C THR B 84 -64.82 -14.36 -28.96
N ARG B 85 -65.59 -13.67 -29.79
CA ARG B 85 -66.89 -13.16 -29.36
C ARG B 85 -67.90 -14.30 -29.38
N ASN B 86 -68.26 -14.79 -28.20
CA ASN B 86 -69.30 -15.80 -28.07
C ASN B 86 -70.65 -15.20 -28.42
N PRO B 87 -71.61 -16.03 -28.84
CA PRO B 87 -72.95 -15.51 -29.13
C PRO B 87 -73.66 -15.01 -27.88
N LEU B 88 -74.60 -14.10 -28.10
CA LEU B 88 -75.35 -13.49 -27.00
C LEU B 88 -76.28 -14.50 -26.36
N ASN B 89 -76.75 -14.16 -25.16
CA ASN B 89 -77.70 -15.01 -24.45
C ASN B 89 -79.10 -14.82 -25.04
N ARG B 90 -80.07 -15.51 -24.44
CA ARG B 90 -81.44 -15.43 -24.93
C ARG B 90 -82.11 -14.10 -24.61
N ASP B 91 -81.55 -13.29 -23.71
CA ASP B 91 -82.08 -11.97 -23.42
C ASP B 91 -81.32 -10.87 -24.15
N GLY B 92 -80.42 -11.22 -25.07
CA GLY B 92 -79.69 -10.25 -25.85
C GLY B 92 -78.47 -9.66 -25.20
N SER B 93 -78.07 -10.17 -24.03
CA SER B 93 -76.91 -9.65 -23.32
C SER B 93 -75.67 -10.48 -23.61
N THR B 94 -74.51 -9.87 -23.38
CA THR B 94 -73.25 -10.57 -23.58
C THR B 94 -73.03 -11.59 -22.47
N ALA B 95 -72.64 -12.80 -22.85
CA ALA B 95 -72.42 -13.87 -21.88
C ALA B 95 -71.11 -13.64 -21.13
N ALA B 96 -70.95 -14.38 -20.03
CA ALA B 96 -69.73 -14.32 -19.25
C ALA B 96 -68.57 -14.91 -20.04
N ILE B 97 -67.43 -14.23 -20.04
CA ILE B 97 -66.31 -14.58 -20.89
C ILE B 97 -65.39 -15.54 -20.15
N VAL B 98 -65.12 -16.68 -20.77
CA VAL B 98 -64.11 -17.62 -20.30
C VAL B 98 -62.87 -17.41 -21.15
N GLU B 99 -61.77 -17.01 -20.52
CA GLU B 99 -60.55 -16.65 -21.24
C GLU B 99 -59.89 -17.89 -21.80
N GLU B 100 -60.07 -18.13 -23.09
CA GLU B 100 -59.50 -19.27 -23.78
C GLU B 100 -58.56 -18.78 -24.88
N GLY B 101 -57.33 -19.27 -24.86
CA GLY B 101 -56.32 -18.85 -25.80
C GLY B 101 -56.15 -19.85 -26.92
N ARG B 102 -55.70 -19.36 -28.07
CA ARG B 102 -55.59 -20.15 -29.28
C ARG B 102 -54.19 -20.04 -29.86
N ALA B 103 -53.79 -21.05 -30.61
CA ALA B 103 -52.46 -21.07 -31.21
C ALA B 103 -52.52 -21.82 -32.53
N HIS B 104 -51.82 -21.28 -33.52
CA HIS B 104 -51.66 -21.91 -34.82
C HIS B 104 -50.36 -22.72 -34.81
N LEU B 105 -50.49 -24.03 -34.91
CA LEU B 105 -49.36 -24.95 -34.85
C LEU B 105 -49.11 -25.54 -36.23
N GLU B 106 -47.87 -25.98 -36.44
CA GLU B 106 -47.49 -26.75 -37.62
C GLU B 106 -46.52 -27.80 -37.13
N VAL B 107 -47.03 -29.01 -36.90
CA VAL B 107 -46.24 -30.09 -36.30
C VAL B 107 -46.23 -31.28 -37.24
N SER B 108 -45.19 -32.11 -37.10
CA SER B 108 -45.10 -33.38 -37.80
C SER B 108 -44.88 -34.48 -36.77
N LEU B 109 -45.52 -35.62 -36.98
CA LEU B 109 -45.63 -36.64 -35.93
C LEU B 109 -44.98 -37.93 -36.37
N LEU B 110 -44.11 -38.48 -35.51
CA LEU B 110 -43.56 -39.81 -35.70
C LEU B 110 -44.40 -40.80 -34.90
N LEU B 111 -44.97 -41.80 -35.58
CA LEU B 111 -45.89 -42.74 -34.97
C LEU B 111 -45.26 -44.13 -34.95
N GLY B 112 -45.27 -44.76 -33.79
CA GLY B 112 -44.76 -46.10 -33.66
C GLY B 112 -45.77 -47.14 -34.07
N VAL B 113 -45.46 -47.92 -35.11
CA VAL B 113 -46.38 -48.89 -35.69
C VAL B 113 -45.83 -50.29 -35.43
N HIS B 114 -46.66 -51.14 -34.81
CA HIS B 114 -46.33 -52.54 -34.62
C HIS B 114 -47.59 -53.37 -34.80
N GLY B 115 -47.44 -54.53 -35.42
CA GLY B 115 -48.55 -55.40 -35.70
C GLY B 115 -48.33 -56.17 -36.98
N ASP B 116 -49.14 -57.22 -37.17
CA ASP B 116 -49.01 -58.07 -38.35
C ASP B 116 -49.51 -57.41 -39.62
N GLY B 117 -50.34 -56.36 -39.50
CA GLY B 117 -50.87 -55.68 -40.67
C GLY B 117 -49.82 -54.95 -41.48
N LEU B 118 -48.66 -54.64 -40.88
CA LEU B 118 -47.52 -54.12 -41.62
C LEU B 118 -47.02 -55.11 -42.67
N ASP B 119 -47.21 -56.41 -42.43
CA ASP B 119 -46.90 -57.43 -43.43
C ASP B 119 -48.08 -57.70 -44.36
N ASP B 120 -49.25 -57.13 -44.09
CA ASP B 120 -50.44 -57.43 -44.87
C ASP B 120 -50.78 -56.35 -45.89
N HIS B 121 -50.22 -55.16 -45.75
CA HIS B 121 -50.51 -54.03 -46.62
C HIS B 121 -49.21 -53.38 -47.06
N PRO B 122 -49.20 -52.66 -48.18
CA PRO B 122 -48.07 -51.80 -48.50
C PRO B 122 -47.93 -50.68 -47.49
N ALA B 123 -46.70 -50.21 -47.30
CA ALA B 123 -46.42 -49.17 -46.33
C ALA B 123 -47.09 -47.85 -46.70
N GLN B 124 -47.07 -47.52 -48.00
CA GLN B 124 -47.71 -46.29 -48.45
C GLN B 124 -49.23 -46.38 -48.34
N GLU B 125 -49.80 -47.59 -48.43
CA GLU B 125 -51.25 -47.74 -48.31
C GLU B 125 -51.73 -47.43 -46.90
N ILE B 126 -51.10 -48.04 -45.88
CA ILE B 126 -51.48 -47.76 -44.50
C ILE B 126 -51.11 -46.35 -44.10
N ALA B 127 -50.00 -45.83 -44.65
CA ALA B 127 -49.61 -44.44 -44.41
C ALA B 127 -50.64 -43.46 -44.97
N ARG B 128 -51.11 -43.71 -46.19
CA ARG B 128 -52.12 -42.83 -46.79
C ARG B 128 -53.46 -42.97 -46.08
N GLN B 129 -53.79 -44.17 -45.60
CA GLN B 129 -55.03 -44.37 -44.86
C GLN B 129 -55.03 -43.62 -43.53
N VAL B 130 -53.93 -43.70 -42.77
CA VAL B 130 -53.89 -42.96 -41.51
C VAL B 130 -53.76 -41.47 -41.75
N GLN B 131 -53.16 -41.04 -42.87
CA GLN B 131 -53.10 -39.61 -43.17
C GLN B 131 -54.46 -39.05 -43.54
N GLU B 132 -55.22 -39.76 -44.39
CA GLU B 132 -56.55 -39.29 -44.73
C GLU B 132 -57.55 -39.46 -43.58
N GLN B 133 -57.26 -40.33 -42.62
CA GLN B 133 -58.06 -40.32 -41.40
C GLN B 133 -57.71 -39.13 -40.52
N ALA B 134 -56.42 -38.82 -40.39
CA ALA B 134 -55.97 -37.72 -39.54
C ALA B 134 -56.29 -36.35 -40.14
N GLY B 135 -56.55 -36.28 -41.44
CA GLY B 135 -56.88 -35.01 -42.07
C GLY B 135 -58.28 -34.50 -41.77
N ALA B 136 -59.10 -35.28 -41.08
CA ALA B 136 -60.44 -34.87 -40.68
C ALA B 136 -60.63 -34.96 -39.17
N MET B 137 -59.54 -34.76 -38.41
CA MET B 137 -59.59 -34.85 -36.96
C MET B 137 -59.06 -33.58 -36.31
N ARG B 138 -58.91 -33.61 -34.99
CA ARG B 138 -58.37 -32.50 -34.22
C ARG B 138 -57.21 -33.00 -33.37
N LEU B 139 -56.26 -32.10 -33.10
CA LEU B 139 -55.02 -32.47 -32.43
C LEU B 139 -54.89 -31.85 -31.04
N ALA B 140 -55.30 -30.60 -30.85
CA ALA B 140 -55.31 -30.02 -29.52
C ALA B 140 -56.53 -29.14 -29.31
N GLY B 141 -57.61 -29.41 -30.02
CA GLY B 141 -58.74 -28.52 -30.06
C GLY B 141 -58.84 -27.68 -31.31
N GLY B 142 -57.97 -27.89 -32.28
CA GLY B 142 -57.96 -27.10 -33.49
C GLY B 142 -58.14 -27.97 -34.72
N SER B 143 -58.74 -27.37 -35.75
CA SER B 143 -58.92 -28.07 -37.02
C SER B 143 -57.58 -28.19 -37.74
N ILE B 144 -57.41 -29.30 -38.46
CA ILE B 144 -56.19 -29.60 -39.18
C ILE B 144 -56.35 -29.15 -40.62
N LEU B 145 -55.47 -28.27 -41.07
CA LEU B 145 -55.52 -27.79 -42.45
C LEU B 145 -54.92 -28.84 -43.37
N PRO B 146 -55.68 -29.43 -44.27
CA PRO B 146 -55.20 -30.60 -45.01
C PRO B 146 -54.47 -30.29 -46.31
N TRP B 147 -53.96 -29.05 -46.45
CA TRP B 147 -53.04 -28.65 -47.52
C TRP B 147 -53.71 -28.78 -48.90
N CYS B 148 -54.62 -27.85 -49.16
CA CYS B 148 -55.30 -27.77 -50.43
C CYS B 148 -54.71 -26.66 -51.31
N ASN B 149 -54.45 -27.01 -52.58
CA ASN B 149 -54.09 -26.08 -53.66
C ASN B 149 -52.81 -25.27 -53.38
N GLU B 150 -51.86 -25.89 -52.71
CA GLU B 150 -50.52 -25.33 -52.62
C GLU B 150 -49.65 -25.95 -53.71
N ARG B 151 -48.33 -25.76 -53.61
CA ARG B 151 -47.41 -26.22 -54.65
C ARG B 151 -47.22 -27.73 -54.61
N PHE B 152 -46.67 -28.24 -53.53
CA PHE B 152 -46.25 -29.64 -53.48
C PHE B 152 -46.68 -30.26 -52.17
N PRO B 153 -47.71 -31.10 -52.17
CA PRO B 153 -48.15 -31.73 -50.91
C PRO B 153 -47.20 -32.83 -50.48
N ALA B 154 -47.22 -33.12 -49.18
CA ALA B 154 -46.27 -34.05 -48.59
C ALA B 154 -46.98 -35.33 -48.15
N PRO B 155 -46.77 -36.46 -48.83
CA PRO B 155 -47.24 -37.74 -48.30
C PRO B 155 -46.39 -38.21 -47.13
N ASN B 156 -46.78 -39.31 -46.50
CA ASN B 156 -46.00 -39.86 -45.41
C ASN B 156 -44.78 -40.61 -45.93
N ALA B 157 -43.99 -41.14 -44.99
CA ALA B 157 -42.90 -42.05 -45.31
C ALA B 157 -42.79 -43.01 -44.13
N GLU B 158 -43.46 -44.15 -44.24
CA GLU B 158 -43.39 -45.17 -43.20
C GLU B 158 -42.10 -45.95 -43.38
N LEU B 159 -41.24 -45.89 -42.37
CA LEU B 159 -39.92 -46.52 -42.43
C LEU B 159 -39.89 -47.65 -41.42
N LEU B 160 -39.56 -48.85 -41.90
CA LEU B 160 -39.55 -50.03 -41.03
C LEU B 160 -38.31 -49.98 -40.14
N MET B 161 -38.52 -50.09 -38.84
CA MET B 161 -37.41 -50.03 -37.90
C MET B 161 -36.63 -51.33 -37.80
N LEU B 162 -37.14 -52.42 -38.39
CA LEU B 162 -36.39 -53.68 -38.48
C LEU B 162 -35.47 -53.60 -39.69
N GLY B 163 -34.34 -52.91 -39.49
CA GLY B 163 -33.38 -52.74 -40.56
C GLY B 163 -32.56 -54.00 -40.79
N GLY B 164 -32.27 -54.27 -42.06
CA GLY B 164 -31.43 -55.42 -42.40
C GLY B 164 -30.00 -55.25 -41.94
N SER B 165 -29.50 -54.02 -41.99
CA SER B 165 -28.14 -53.70 -41.53
C SER B 165 -28.19 -52.47 -40.64
N ASP B 166 -27.16 -52.32 -39.81
CA ASP B 166 -27.07 -51.17 -38.93
C ASP B 166 -26.84 -49.88 -39.70
N GLU B 167 -26.06 -49.96 -40.78
CA GLU B 167 -25.79 -48.77 -41.58
C GLU B 167 -27.02 -48.33 -42.36
N GLN B 168 -27.80 -49.29 -42.86
CA GLN B 168 -29.04 -48.94 -43.57
C GLN B 168 -30.08 -48.36 -42.62
N ARG B 169 -30.16 -48.91 -41.41
CA ARG B 169 -31.05 -48.35 -40.38
C ARG B 169 -30.62 -46.95 -39.98
N ARG B 170 -29.30 -46.73 -39.86
CA ARG B 170 -28.76 -45.41 -39.55
C ARG B 170 -29.06 -44.41 -40.65
N LYS B 171 -28.90 -44.82 -41.92
CA LYS B 171 -29.20 -43.94 -43.04
C LYS B 171 -30.68 -43.63 -43.13
N ASN B 172 -31.54 -44.61 -42.83
CA ASN B 172 -32.98 -44.38 -42.79
C ASN B 172 -33.36 -43.39 -41.70
N GLN B 173 -32.77 -43.53 -40.50
CA GLN B 173 -33.08 -42.62 -39.41
C GLN B 173 -32.56 -41.21 -39.69
N ARG B 174 -31.41 -41.10 -40.35
CA ARG B 174 -30.89 -39.77 -40.69
C ARG B 174 -31.71 -39.10 -41.79
N ARG B 175 -32.21 -39.88 -42.76
CA ARG B 175 -33.10 -39.31 -43.76
C ARG B 175 -34.43 -38.88 -43.17
N LEU B 176 -34.97 -39.68 -42.24
CA LEU B 176 -36.22 -39.31 -41.57
C LEU B 176 -36.02 -38.10 -40.66
N THR B 177 -34.83 -37.93 -40.09
CA THR B 177 -34.53 -36.72 -39.33
C THR B 177 -34.37 -35.52 -40.26
N ARG B 178 -33.83 -35.74 -41.46
CA ARG B 178 -33.69 -34.66 -42.43
C ARG B 178 -35.04 -34.21 -42.96
N ARG B 179 -36.03 -35.11 -42.99
CA ARG B 179 -37.38 -34.72 -43.40
C ARG B 179 -38.01 -33.74 -42.41
N LEU B 180 -37.92 -34.05 -41.12
CA LEU B 180 -38.49 -33.20 -40.06
C LEU B 180 -37.47 -32.22 -39.48
N LEU B 181 -36.79 -31.50 -40.36
CA LEU B 181 -35.66 -30.67 -39.95
C LEU B 181 -36.01 -29.33 -39.29
N PRO B 182 -36.94 -28.46 -39.82
CA PRO B 182 -37.12 -27.16 -39.15
C PRO B 182 -38.02 -27.21 -37.92
N GLY B 183 -37.63 -28.00 -36.93
CA GLY B 183 -38.43 -28.15 -35.74
C GLY B 183 -37.60 -28.67 -34.59
N PHE B 184 -38.27 -28.91 -33.47
CA PHE B 184 -37.59 -29.32 -32.23
C PHE B 184 -38.36 -30.46 -31.60
N ALA B 185 -37.69 -31.58 -31.37
CA ALA B 185 -38.29 -32.69 -30.65
C ALA B 185 -38.51 -32.31 -29.19
N LEU B 186 -39.73 -32.52 -28.71
CA LEU B 186 -40.09 -32.25 -27.32
C LEU B 186 -40.05 -33.58 -26.56
N VAL B 187 -39.18 -33.66 -25.56
CA VAL B 187 -38.94 -34.88 -24.81
C VAL B 187 -39.18 -34.61 -23.33
N SER B 188 -39.29 -35.70 -22.57
CA SER B 188 -39.53 -35.63 -21.13
C SER B 188 -38.22 -35.80 -20.38
N ARG B 189 -38.07 -35.05 -19.29
CA ARG B 189 -36.82 -34.91 -18.55
C ARG B 189 -37.05 -35.14 -17.06
N GLU B 190 -37.66 -36.27 -16.71
CA GLU B 190 -37.87 -36.62 -15.31
C GLU B 190 -36.55 -36.82 -14.58
N ALA B 191 -35.56 -37.43 -15.23
CA ALA B 191 -34.26 -37.64 -14.60
C ALA B 191 -33.53 -36.33 -14.36
N LEU B 192 -33.57 -35.41 -15.34
CA LEU B 192 -32.92 -34.12 -15.18
C LEU B 192 -33.60 -33.27 -14.11
N LEU B 193 -34.94 -33.29 -14.07
CA LEU B 193 -35.66 -32.54 -13.05
C LEU B 193 -35.42 -33.12 -11.66
N GLN B 194 -35.35 -34.47 -11.55
CA GLN B 194 -35.07 -35.09 -10.27
C GLN B 194 -33.64 -34.79 -9.78
N GLN B 195 -32.66 -34.82 -10.69
CA GLN B 195 -31.30 -34.53 -10.26
C GLN B 195 -31.11 -33.03 -9.97
N HIS B 196 -31.88 -32.16 -10.63
CA HIS B 196 -31.84 -30.74 -10.28
C HIS B 196 -32.54 -30.49 -8.95
N LEU B 197 -33.57 -31.29 -8.63
CA LEU B 197 -34.19 -31.24 -7.32
C LEU B 197 -33.22 -31.68 -6.22
N GLU B 198 -32.44 -32.73 -6.49
CA GLU B 198 -31.41 -33.15 -5.54
C GLU B 198 -30.32 -32.10 -5.38
N THR B 199 -29.95 -31.43 -6.48
CA THR B 199 -28.96 -30.36 -6.42
C THR B 199 -29.46 -29.18 -5.59
N LEU B 200 -30.74 -28.81 -5.76
CA LEU B 200 -31.31 -27.76 -4.94
C LEU B 200 -31.47 -28.18 -3.48
N ARG B 201 -31.77 -29.47 -3.23
CA ARG B 201 -31.88 -29.95 -1.85
C ARG B 201 -30.52 -29.95 -1.16
N THR B 202 -29.45 -30.21 -1.90
CA THR B 202 -28.11 -30.00 -1.34
C THR B 202 -27.84 -28.50 -1.16
N THR B 203 -28.37 -27.66 -2.05
CA THR B 203 -28.21 -26.22 -1.89
C THR B 203 -29.06 -25.70 -0.72
N LEU B 204 -30.33 -26.11 -0.66
CA LEU B 204 -31.21 -25.71 0.43
C LEU B 204 -32.25 -26.80 0.69
N PRO B 205 -32.40 -27.28 1.94
CA PRO B 205 -33.34 -28.38 2.21
C PRO B 205 -34.80 -27.97 2.10
N GLU B 206 -35.69 -28.94 2.34
CA GLU B 206 -37.16 -28.91 2.21
C GLU B 206 -37.65 -28.18 0.96
N ALA B 207 -36.96 -28.36 -0.16
CA ALA B 207 -37.35 -27.77 -1.43
C ALA B 207 -38.17 -28.77 -2.22
N THR B 208 -39.35 -28.33 -2.65
CA THR B 208 -40.26 -29.21 -3.38
C THR B 208 -39.83 -29.34 -4.84
N THR B 209 -40.47 -30.28 -5.54
CA THR B 209 -40.22 -30.46 -6.97
C THR B 209 -40.77 -29.29 -7.78
N LEU B 210 -41.77 -28.60 -7.25
CA LEU B 210 -42.31 -27.41 -7.91
C LEU B 210 -41.26 -26.30 -7.98
N ASP B 211 -40.50 -26.11 -6.91
CA ASP B 211 -39.48 -25.06 -6.90
C ASP B 211 -38.32 -25.42 -7.82
N ALA B 212 -37.98 -26.70 -7.91
CA ALA B 212 -36.94 -27.14 -8.85
C ALA B 212 -37.42 -27.01 -10.29
N LEU B 213 -38.71 -27.23 -10.53
CA LEU B 213 -39.27 -27.00 -11.86
C LEU B 213 -39.28 -25.52 -12.21
N LEU B 214 -39.61 -24.67 -11.24
CA LEU B 214 -39.62 -23.23 -11.46
C LEU B 214 -38.21 -22.69 -11.72
N ASP B 215 -37.22 -23.20 -10.99
CA ASP B 215 -35.84 -22.74 -11.14
C ASP B 215 -35.28 -23.12 -12.51
N LEU B 216 -35.77 -24.19 -13.12
CA LEU B 216 -35.34 -24.62 -14.43
C LEU B 216 -36.05 -23.90 -15.56
N CYS B 217 -36.84 -22.88 -15.26
CA CYS B 217 -37.56 -22.12 -16.28
C CYS B 217 -37.31 -20.63 -16.21
N ARG B 218 -37.18 -20.07 -15.01
CA ARG B 218 -36.85 -18.66 -14.87
C ARG B 218 -35.38 -18.43 -15.21
N ILE B 219 -35.07 -17.21 -15.62
CA ILE B 219 -33.69 -16.80 -15.85
C ILE B 219 -33.12 -16.32 -14.52
N ASN B 220 -32.19 -17.10 -13.97
CA ASN B 220 -31.57 -16.75 -12.70
C ASN B 220 -30.41 -15.79 -12.94
N PHE B 221 -30.42 -14.67 -12.23
CA PHE B 221 -29.36 -13.69 -12.31
C PHE B 221 -28.48 -13.83 -11.07
N GLU B 222 -27.19 -14.06 -11.29
CA GLU B 222 -26.26 -14.27 -10.19
C GLU B 222 -25.37 -13.05 -9.99
N PRO B 223 -25.15 -12.63 -8.75
CA PRO B 223 -24.27 -11.49 -8.50
C PRO B 223 -22.81 -11.88 -8.71
N PRO B 224 -21.94 -10.91 -9.04
CA PRO B 224 -20.51 -11.20 -9.21
C PRO B 224 -19.83 -11.56 -7.89
N TRP B 239 -22.89 -9.27 -13.22
CA TRP B 239 -24.19 -9.92 -13.09
C TRP B 239 -24.47 -10.81 -14.30
N GLN B 240 -24.22 -12.11 -14.14
CA GLN B 240 -24.36 -13.08 -15.21
C GLN B 240 -25.67 -13.85 -15.02
N VAL B 241 -25.98 -14.70 -16.00
CA VAL B 241 -27.19 -15.51 -16.01
C VAL B 241 -26.81 -16.96 -15.80
N ARG B 242 -27.49 -17.63 -14.88
CA ARG B 242 -27.26 -19.05 -14.64
C ARG B 242 -27.80 -19.85 -15.82
N ASP B 243 -26.92 -20.63 -16.46
CA ASP B 243 -27.25 -21.29 -17.71
C ASP B 243 -28.13 -22.51 -17.49
N LYS B 244 -28.70 -23.01 -18.58
CA LYS B 244 -29.54 -24.19 -18.58
C LYS B 244 -29.03 -25.17 -19.63
N PRO B 245 -29.21 -26.48 -19.39
CA PRO B 245 -28.80 -27.47 -20.40
C PRO B 245 -29.55 -27.39 -21.72
N GLY B 246 -30.83 -27.02 -21.70
CA GLY B 246 -31.63 -26.97 -22.91
C GLY B 246 -32.69 -25.89 -22.82
N TRP B 247 -33.80 -26.10 -23.53
CA TRP B 247 -34.88 -25.13 -23.49
C TRP B 247 -35.62 -25.18 -22.16
N LEU B 248 -35.93 -26.40 -21.69
CA LEU B 248 -36.43 -26.70 -20.34
C LEU B 248 -37.74 -25.98 -20.04
N VAL B 249 -38.76 -26.37 -20.79
CA VAL B 249 -40.12 -25.86 -20.62
C VAL B 249 -40.81 -26.58 -19.47
N PRO B 250 -41.79 -25.96 -18.81
CA PRO B 250 -42.64 -26.74 -17.90
C PRO B 250 -43.81 -27.37 -18.63
N ILE B 251 -43.89 -28.70 -18.64
CA ILE B 251 -44.95 -29.37 -19.38
C ILE B 251 -45.94 -29.98 -18.41
N PRO B 252 -47.20 -30.19 -18.81
CA PRO B 252 -48.08 -31.08 -18.05
C PRO B 252 -47.64 -32.53 -18.21
N ALA B 253 -47.23 -33.14 -17.11
CA ALA B 253 -46.64 -34.47 -17.15
C ALA B 253 -47.66 -35.58 -16.91
N GLY B 254 -48.94 -35.24 -16.77
CA GLY B 254 -49.95 -36.25 -16.60
C GLY B 254 -50.98 -35.83 -15.58
N TYR B 255 -51.67 -36.82 -15.01
CA TYR B 255 -52.75 -36.58 -14.06
C TYR B 255 -52.60 -37.51 -12.88
N ASN B 256 -52.68 -36.93 -11.67
CA ASN B 256 -52.61 -37.68 -10.42
C ASN B 256 -54.00 -37.79 -9.81
N ALA B 257 -54.19 -38.84 -9.02
CA ALA B 257 -55.49 -39.13 -8.43
C ALA B 257 -55.88 -38.08 -7.39
N LEU B 258 -57.12 -37.61 -7.49
CA LEU B 258 -57.70 -36.70 -6.51
C LEU B 258 -58.93 -37.30 -5.86
N SER B 259 -59.35 -38.49 -6.28
CA SER B 259 -60.54 -39.15 -5.80
C SER B 259 -60.42 -40.63 -6.08
N PRO B 260 -61.15 -41.48 -5.37
CA PRO B 260 -61.19 -42.90 -5.75
C PRO B 260 -61.89 -43.10 -7.08
N LEU B 261 -61.51 -44.17 -7.77
CA LEU B 261 -62.07 -44.50 -9.08
C LEU B 261 -63.50 -44.96 -8.91
N TYR B 262 -64.45 -44.07 -9.20
CA TYR B 262 -65.86 -44.37 -9.02
C TYR B 262 -66.36 -45.30 -10.12
N LEU B 263 -67.56 -45.83 -9.91
CA LEU B 263 -68.19 -46.74 -10.86
C LEU B 263 -68.59 -45.97 -12.12
N PRO B 264 -68.73 -46.68 -13.26
CA PRO B 264 -69.12 -45.99 -14.52
C PRO B 264 -70.46 -45.27 -14.46
N GLY B 265 -71.44 -45.80 -13.74
CA GLY B 265 -72.68 -45.09 -13.56
C GLY B 265 -72.75 -44.25 -12.32
N GLU B 266 -71.69 -44.21 -11.52
CA GLU B 266 -71.73 -43.51 -10.25
C GLU B 266 -71.65 -42.00 -10.43
N VAL B 267 -70.78 -41.52 -11.31
CA VAL B 267 -70.52 -40.09 -11.43
C VAL B 267 -71.62 -39.44 -12.26
N ARG B 268 -72.25 -38.43 -11.68
CA ARG B 268 -73.32 -37.71 -12.37
C ARG B 268 -72.75 -36.82 -13.46
N ASN B 269 -73.45 -36.80 -14.61
CA ASN B 269 -73.10 -36.01 -15.81
C ASN B 269 -71.71 -36.35 -16.34
N ALA B 270 -71.37 -37.64 -16.35
CA ALA B 270 -70.12 -38.08 -16.96
C ALA B 270 -70.27 -38.07 -18.49
N ARG B 271 -69.13 -38.18 -19.18
CA ARG B 271 -69.14 -38.22 -20.65
C ARG B 271 -69.83 -39.47 -21.17
N ASP B 272 -69.56 -40.61 -20.56
CA ASP B 272 -70.31 -41.84 -20.84
C ASP B 272 -70.46 -42.61 -19.55
N ARG B 273 -71.55 -43.37 -19.46
CA ARG B 273 -71.86 -44.15 -18.26
C ARG B 273 -71.29 -45.57 -18.33
N GLU B 274 -70.32 -45.81 -19.21
CA GLU B 274 -69.64 -47.09 -19.30
C GLU B 274 -68.17 -47.03 -18.93
N THR B 275 -67.57 -45.84 -18.93
CA THR B 275 -66.18 -45.59 -18.56
C THR B 275 -66.11 -45.08 -17.12
N PRO B 276 -65.28 -45.67 -16.26
CA PRO B 276 -65.16 -45.16 -14.89
C PRO B 276 -64.51 -43.78 -14.85
N LEU B 277 -64.95 -42.96 -13.91
CA LEU B 277 -64.47 -41.61 -13.76
C LEU B 277 -63.74 -41.46 -12.42
N ARG B 278 -62.66 -40.70 -12.44
CA ARG B 278 -61.90 -40.37 -11.24
C ARG B 278 -61.44 -38.93 -11.37
N PHE B 279 -61.74 -38.11 -10.37
CA PHE B 279 -61.27 -36.72 -10.40
C PHE B 279 -59.76 -36.68 -10.23
N VAL B 280 -59.10 -35.84 -11.03
CA VAL B 280 -57.64 -35.79 -11.11
C VAL B 280 -57.15 -34.36 -10.88
N GLU B 281 -55.84 -34.27 -10.68
CA GLU B 281 -55.10 -33.02 -10.60
C GLU B 281 -53.96 -33.09 -11.62
N ASN B 282 -53.62 -31.95 -12.20
CA ASN B 282 -52.56 -31.92 -13.20
C ASN B 282 -51.19 -32.20 -12.59
N LEU B 283 -50.40 -33.01 -13.28
CA LEU B 283 -49.02 -33.28 -12.90
C LEU B 283 -48.11 -32.46 -13.80
N PHE B 284 -47.14 -31.78 -13.21
CA PHE B 284 -46.25 -30.89 -13.93
C PHE B 284 -44.83 -31.44 -13.89
N GLY B 285 -44.23 -31.56 -15.07
CA GLY B 285 -42.86 -32.02 -15.19
C GLY B 285 -42.06 -31.07 -16.06
N LEU B 286 -40.82 -31.48 -16.31
CA LEU B 286 -39.89 -30.69 -17.11
C LEU B 286 -39.75 -31.33 -18.49
N GLY B 287 -40.00 -30.56 -19.53
CA GLY B 287 -39.77 -31.02 -20.89
C GLY B 287 -38.62 -30.27 -21.52
N GLU B 288 -38.05 -30.82 -22.58
CA GLU B 288 -36.94 -30.18 -23.27
C GLU B 288 -37.17 -30.22 -24.77
N TRP B 289 -36.91 -29.10 -25.42
CA TRP B 289 -36.94 -29.00 -26.88
C TRP B 289 -35.51 -29.10 -27.39
N LEU B 290 -35.26 -30.09 -28.23
CA LEU B 290 -33.94 -30.32 -28.78
C LEU B 290 -34.01 -30.35 -30.30
N SER B 291 -32.89 -30.06 -30.95
CA SER B 291 -32.79 -30.33 -32.37
C SER B 291 -32.75 -31.85 -32.58
N PRO B 292 -33.56 -32.38 -33.50
CA PRO B 292 -33.75 -33.84 -33.58
C PRO B 292 -32.53 -34.61 -34.08
N HIS B 293 -31.47 -33.94 -34.52
CA HIS B 293 -30.22 -34.60 -34.85
C HIS B 293 -29.41 -34.98 -33.62
N ARG B 294 -29.82 -34.58 -32.43
CA ARG B 294 -29.12 -34.87 -31.18
C ARG B 294 -29.70 -36.07 -30.46
N VAL B 295 -30.22 -37.05 -31.19
CA VAL B 295 -30.78 -38.24 -30.60
C VAL B 295 -30.16 -39.45 -31.28
N ALA B 296 -30.07 -40.57 -30.55
CA ALA B 296 -29.52 -41.78 -31.11
C ALA B 296 -30.44 -42.39 -32.15
N ALA B 297 -31.73 -42.50 -31.81
CA ALA B 297 -32.73 -42.99 -32.74
C ALA B 297 -33.99 -42.16 -32.59
N LEU B 298 -34.77 -42.06 -33.67
CA LEU B 298 -35.99 -41.27 -33.64
C LEU B 298 -37.13 -41.96 -32.90
N SER B 299 -36.97 -43.25 -32.54
CA SER B 299 -37.94 -43.91 -31.69
C SER B 299 -37.81 -43.49 -30.23
N ASP B 300 -36.74 -42.79 -29.86
CA ASP B 300 -36.60 -42.29 -28.51
C ASP B 300 -37.53 -41.11 -28.25
N LEU B 301 -37.92 -40.39 -29.29
CA LEU B 301 -38.77 -39.21 -29.18
C LEU B 301 -40.24 -39.53 -29.00
N LEU B 302 -40.62 -40.81 -29.05
CA LEU B 302 -42.02 -41.19 -29.01
C LEU B 302 -42.59 -40.98 -27.61
N TRP B 303 -43.75 -40.32 -27.54
CA TRP B 303 -44.44 -40.09 -26.28
C TRP B 303 -45.42 -41.23 -26.04
N TYR B 304 -45.22 -41.96 -24.95
CA TYR B 304 -46.04 -43.11 -24.60
C TYR B 304 -46.91 -42.79 -23.39
N HIS B 305 -48.11 -43.35 -23.40
CA HIS B 305 -48.96 -43.37 -22.21
C HIS B 305 -48.35 -44.28 -21.15
N HIS B 306 -48.68 -44.01 -19.89
CA HIS B 306 -48.30 -44.88 -18.79
C HIS B 306 -49.33 -44.63 -17.68
N ALA B 307 -50.27 -45.55 -17.53
CA ALA B 307 -51.42 -45.28 -16.67
C ALA B 307 -51.09 -45.51 -15.20
N GLU B 308 -50.70 -46.73 -14.85
CA GLU B 308 -50.61 -47.20 -13.46
C GLU B 308 -51.88 -46.90 -12.66
N PRO B 309 -53.02 -47.47 -13.05
CA PRO B 309 -54.32 -46.95 -12.58
C PRO B 309 -54.64 -47.24 -11.13
N ASP B 310 -53.86 -48.09 -10.44
CA ASP B 310 -54.12 -48.34 -9.03
C ASP B 310 -53.67 -47.19 -8.15
N LYS B 311 -52.75 -46.34 -8.65
CA LYS B 311 -52.18 -45.25 -7.87
C LYS B 311 -52.36 -43.90 -8.53
N GLY B 312 -53.37 -43.76 -9.40
CA GLY B 312 -53.51 -42.55 -10.18
C GLY B 312 -52.46 -42.49 -11.26
N LEU B 313 -51.67 -41.41 -11.28
CA LEU B 313 -50.39 -41.34 -12.02
C LEU B 313 -50.54 -41.54 -13.53
N TYR B 314 -51.64 -41.04 -14.08
CA TYR B 314 -51.93 -41.21 -15.51
C TYR B 314 -51.01 -40.29 -16.30
N ARG B 315 -49.81 -40.77 -16.58
CA ARG B 315 -48.74 -39.97 -17.15
C ARG B 315 -48.58 -40.22 -18.65
N TRP B 316 -47.92 -39.27 -19.30
CA TRP B 316 -47.35 -39.46 -20.62
C TRP B 316 -45.89 -39.06 -20.56
N SER B 317 -45.03 -39.81 -21.23
CA SER B 317 -43.60 -39.58 -21.10
C SER B 317 -42.93 -39.92 -22.43
N THR B 318 -41.59 -39.93 -22.43
CA THR B 318 -40.79 -40.47 -23.52
C THR B 318 -39.87 -41.53 -22.91
N PRO B 319 -40.34 -42.76 -22.77
CA PRO B 319 -39.44 -43.84 -22.36
C PRO B 319 -38.49 -44.21 -23.49
N ARG B 320 -37.42 -44.91 -23.10
CA ARG B 320 -36.31 -45.28 -23.99
C ARG B 320 -35.69 -44.06 -24.67
N PHE B 321 -35.60 -42.96 -23.94
CA PHE B 321 -34.99 -41.75 -24.50
C PHE B 321 -33.47 -41.79 -24.38
N VAL B 322 -32.96 -41.84 -23.16
CA VAL B 322 -31.52 -41.92 -22.93
C VAL B 322 -31.23 -43.03 -21.94
N MET C 1 -13.39 -64.48 -95.24
CA MET C 1 -14.44 -64.49 -94.24
C MET C 1 -14.20 -65.59 -93.20
N ASP C 2 -13.31 -66.51 -93.54
CA ASP C 2 -13.03 -67.65 -92.66
C ASP C 2 -12.14 -67.29 -91.48
N HIS C 3 -11.25 -66.31 -91.64
CA HIS C 3 -10.31 -65.96 -90.58
C HIS C 3 -10.81 -64.78 -89.76
N TYR C 4 -10.37 -64.72 -88.51
CA TYR C 4 -10.70 -63.62 -87.62
C TYR C 4 -9.47 -63.20 -86.84
N LEU C 5 -9.45 -61.92 -86.45
CA LEU C 5 -8.37 -61.33 -85.67
C LEU C 5 -8.99 -60.51 -84.54
N ASP C 6 -8.54 -60.77 -83.32
CA ASP C 6 -9.04 -60.07 -82.15
C ASP C 6 -8.01 -59.03 -81.72
N ILE C 7 -8.40 -57.76 -81.73
CA ILE C 7 -7.58 -56.66 -81.26
C ILE C 7 -8.18 -56.19 -79.95
N ARG C 8 -7.44 -56.37 -78.86
CA ARG C 8 -7.90 -55.96 -77.54
C ARG C 8 -7.14 -54.70 -77.12
N LEU C 9 -7.88 -53.70 -76.66
CA LEU C 9 -7.28 -52.46 -76.21
C LEU C 9 -6.58 -52.72 -74.87
N ARG C 10 -5.26 -52.61 -74.87
CA ARG C 10 -4.54 -52.61 -73.60
C ARG C 10 -4.91 -51.37 -72.81
N PRO C 11 -5.21 -51.49 -71.52
CA PRO C 11 -5.69 -50.34 -70.74
C PRO C 11 -4.61 -49.26 -70.60
N ASP C 12 -5.08 -48.01 -70.56
CA ASP C 12 -4.22 -46.85 -70.58
C ASP C 12 -4.50 -45.99 -69.36
N PRO C 13 -3.47 -45.56 -68.63
CA PRO C 13 -3.69 -44.60 -67.54
C PRO C 13 -4.02 -43.19 -68.00
N GLU C 14 -3.95 -42.91 -69.31
CA GLU C 14 -4.24 -41.60 -69.85
C GLU C 14 -5.64 -41.49 -70.44
N PHE C 15 -6.14 -42.54 -71.09
CA PHE C 15 -7.42 -42.46 -71.80
C PHE C 15 -8.35 -43.58 -71.35
N PRO C 16 -9.62 -43.28 -71.09
CA PRO C 16 -10.65 -44.33 -71.08
C PRO C 16 -10.76 -45.00 -72.44
N PRO C 17 -11.19 -46.26 -72.50
CA PRO C 17 -11.08 -47.04 -73.75
C PRO C 17 -12.00 -46.59 -74.88
N ALA C 18 -12.95 -45.66 -74.64
CA ALA C 18 -13.83 -45.20 -75.71
C ALA C 18 -13.05 -44.44 -76.78
N GLN C 19 -12.11 -43.59 -76.37
CA GLN C 19 -11.30 -42.87 -77.35
C GLN C 19 -10.32 -43.80 -78.06
N LEU C 20 -9.84 -44.84 -77.39
CA LEU C 20 -9.02 -45.85 -78.05
C LEU C 20 -9.82 -46.60 -79.11
N MET C 21 -11.08 -46.92 -78.80
CA MET C 21 -11.98 -47.53 -79.78
C MET C 21 -12.21 -46.60 -80.96
N SER C 22 -12.40 -45.30 -80.70
CA SER C 22 -12.61 -44.33 -81.75
C SER C 22 -11.39 -44.18 -82.66
N VAL C 23 -10.19 -44.11 -82.06
CA VAL C 23 -8.96 -43.97 -82.83
C VAL C 23 -8.69 -45.22 -83.66
N LEU C 24 -8.90 -46.41 -83.07
CA LEU C 24 -8.73 -47.66 -83.80
C LEU C 24 -9.75 -47.80 -84.93
N PHE C 25 -10.98 -47.34 -84.71
CA PHE C 25 -12.00 -47.38 -85.74
C PHE C 25 -11.68 -46.44 -86.90
N GLY C 26 -11.18 -45.24 -86.59
CA GLY C 26 -10.77 -44.33 -87.64
C GLY C 26 -9.56 -44.83 -88.41
N LYS C 27 -8.61 -45.46 -87.72
CA LYS C 27 -7.43 -46.00 -88.39
C LYS C 27 -7.77 -47.19 -89.29
N LEU C 28 -8.67 -48.07 -88.83
CA LEU C 28 -9.10 -49.17 -89.69
C LEU C 28 -9.98 -48.68 -90.84
N HIS C 29 -10.72 -47.58 -90.64
CA HIS C 29 -11.46 -46.96 -91.73
C HIS C 29 -10.51 -46.42 -92.80
N GLN C 30 -9.43 -45.75 -92.38
CA GLN C 30 -8.45 -45.26 -93.34
C GLN C 30 -7.73 -46.42 -94.05
N ALA C 31 -7.45 -47.50 -93.31
CA ALA C 31 -6.84 -48.68 -93.92
C ALA C 31 -7.76 -49.34 -94.94
N LEU C 32 -9.06 -49.38 -94.64
CA LEU C 32 -10.00 -49.99 -95.57
C LEU C 32 -10.28 -49.10 -96.78
N VAL C 33 -10.17 -47.78 -96.60
CA VAL C 33 -10.24 -46.86 -97.74
C VAL C 33 -9.03 -47.05 -98.64
N ALA C 34 -7.84 -47.16 -98.05
CA ALA C 34 -6.62 -47.28 -98.85
C ALA C 34 -6.51 -48.65 -99.52
N GLN C 35 -6.97 -49.72 -98.85
CA GLN C 35 -6.78 -51.05 -99.38
C GLN C 35 -7.83 -51.40 -100.42
N GLY C 36 -9.11 -51.23 -100.08
CA GLY C 36 -10.19 -51.63 -100.96
C GLY C 36 -10.66 -53.04 -100.66
N GLY C 37 -11.90 -53.32 -101.07
CA GLY C 37 -12.55 -54.57 -100.73
C GLY C 37 -13.72 -54.40 -99.78
N ASP C 38 -14.54 -55.44 -99.68
CA ASP C 38 -15.79 -55.37 -98.93
C ASP C 38 -16.12 -56.72 -98.30
N ARG C 39 -15.10 -57.54 -98.14
CA ARG C 39 -15.22 -58.81 -97.43
C ARG C 39 -14.52 -58.76 -96.08
N ILE C 40 -14.54 -57.60 -95.43
CA ILE C 40 -13.87 -57.38 -94.16
C ILE C 40 -14.92 -57.04 -93.12
N GLY C 41 -15.11 -57.94 -92.14
CA GLY C 41 -16.13 -57.75 -91.14
C GLY C 41 -15.62 -57.09 -89.87
N VAL C 42 -16.58 -56.59 -89.07
CA VAL C 42 -16.29 -55.95 -87.80
C VAL C 42 -17.32 -56.42 -86.78
N SER C 43 -16.86 -56.84 -85.61
CA SER C 43 -17.73 -57.27 -84.53
C SER C 43 -17.23 -56.66 -83.21
N PHE C 44 -17.99 -56.89 -82.15
CA PHE C 44 -17.61 -56.48 -80.80
C PHE C 44 -17.86 -57.67 -79.87
N PRO C 45 -16.80 -58.37 -79.45
CA PRO C 45 -16.99 -59.67 -78.77
C PRO C 45 -17.61 -59.56 -77.38
N ASP C 46 -17.26 -58.55 -76.59
CA ASP C 46 -17.83 -58.35 -75.26
C ASP C 46 -18.86 -57.22 -75.26
N LEU C 47 -19.68 -57.16 -76.30
CA LEU C 47 -20.72 -56.13 -76.42
C LEU C 47 -21.83 -56.43 -75.42
N ASP C 48 -21.88 -55.64 -74.34
CA ASP C 48 -22.96 -55.74 -73.36
C ASP C 48 -24.09 -54.81 -73.76
N GLU C 49 -25.30 -55.35 -73.85
CA GLU C 49 -26.48 -54.59 -74.23
C GLU C 49 -27.19 -53.96 -73.03
N SER C 50 -26.64 -54.10 -71.83
CA SER C 50 -27.28 -53.55 -70.64
C SER C 50 -27.18 -52.02 -70.62
N ARG C 51 -25.99 -51.49 -70.90
CA ARG C 51 -25.78 -50.05 -70.92
C ARG C 51 -25.29 -49.56 -72.27
N SER C 52 -25.51 -50.35 -73.33
CA SER C 52 -25.06 -50.08 -74.70
C SER C 52 -23.55 -49.85 -74.77
N ARG C 53 -22.80 -50.68 -74.05
CA ARG C 53 -21.34 -50.55 -73.98
C ARG C 53 -20.70 -51.30 -75.13
N LEU C 54 -19.65 -50.70 -75.70
CA LEU C 54 -18.93 -51.34 -76.80
C LEU C 54 -18.12 -52.53 -76.30
N GLY C 55 -17.54 -52.42 -75.10
CA GLY C 55 -16.70 -53.48 -74.57
C GLY C 55 -15.25 -53.05 -74.47
N GLU C 56 -14.32 -54.00 -74.59
CA GLU C 56 -12.90 -53.69 -74.59
C GLU C 56 -12.12 -54.44 -75.65
N ARG C 57 -12.78 -55.21 -76.51
CA ARG C 57 -12.13 -55.93 -77.60
C ARG C 57 -12.87 -55.63 -78.90
N LEU C 58 -12.19 -55.90 -80.01
CA LEU C 58 -12.74 -55.73 -81.34
C LEU C 58 -12.37 -56.94 -82.19
N ARG C 59 -13.30 -57.38 -83.03
CA ARG C 59 -13.12 -58.58 -83.83
C ARG C 59 -13.23 -58.22 -85.30
N ILE C 60 -12.26 -58.67 -86.11
CA ILE C 60 -12.22 -58.43 -87.55
C ILE C 60 -12.31 -59.78 -88.25
N HIS C 61 -13.28 -59.93 -89.14
CA HIS C 61 -13.48 -61.16 -89.89
C HIS C 61 -13.18 -60.91 -91.36
N ALA C 62 -12.24 -61.67 -91.92
CA ALA C 62 -11.84 -61.51 -93.32
C ALA C 62 -11.13 -62.78 -93.77
N SER C 63 -10.62 -62.75 -95.00
CA SER C 63 -9.90 -63.86 -95.58
C SER C 63 -8.44 -63.83 -95.14
N ALA C 64 -7.66 -64.82 -95.61
CA ALA C 64 -6.24 -64.88 -95.26
C ALA C 64 -5.45 -63.79 -95.95
N ASP C 65 -5.64 -63.64 -97.27
CA ASP C 65 -4.85 -62.67 -98.04
C ASP C 65 -5.23 -61.24 -97.70
N ASP C 66 -6.52 -61.00 -97.46
CA ASP C 66 -6.98 -59.67 -97.08
C ASP C 66 -6.46 -59.25 -95.71
N LEU C 67 -6.45 -60.17 -94.75
CA LEU C 67 -5.91 -59.85 -93.43
C LEU C 67 -4.38 -59.72 -93.47
N ARG C 68 -3.72 -60.49 -94.33
CA ARG C 68 -2.27 -60.34 -94.50
C ARG C 68 -1.94 -58.98 -95.12
N ALA C 69 -2.74 -58.52 -96.08
CA ALA C 69 -2.54 -57.19 -96.63
C ALA C 69 -2.92 -56.10 -95.64
N LEU C 70 -3.85 -56.38 -94.73
CA LEU C 70 -4.22 -55.41 -93.70
C LEU C 70 -3.10 -55.26 -92.67
N LEU C 71 -2.47 -56.36 -92.26
CA LEU C 71 -1.33 -56.27 -91.37
C LEU C 71 -0.09 -55.72 -92.08
N ALA C 72 0.01 -55.94 -93.39
CA ALA C 72 1.11 -55.35 -94.15
C ALA C 72 0.92 -53.87 -94.41
N ARG C 73 -0.32 -53.37 -94.27
CA ARG C 73 -0.58 -51.95 -94.42
C ARG C 73 0.03 -51.19 -93.24
N PRO C 74 0.63 -50.02 -93.49
CA PRO C 74 1.28 -49.27 -92.39
C PRO C 74 0.33 -48.45 -91.51
N TRP C 75 -0.97 -48.75 -91.56
CA TRP C 75 -1.94 -48.11 -90.68
C TRP C 75 -1.74 -48.44 -89.20
N LEU C 76 -1.06 -49.54 -88.89
CA LEU C 76 -0.94 -50.02 -87.53
C LEU C 76 0.18 -49.32 -86.76
N GLU C 77 0.94 -48.45 -87.41
CA GLU C 77 2.00 -47.71 -86.74
C GLU C 77 1.41 -46.68 -85.78
N GLY C 78 2.00 -46.57 -84.60
CA GLY C 78 1.51 -45.66 -83.57
C GLY C 78 0.42 -46.21 -82.70
N LEU C 79 -0.06 -47.43 -82.97
CA LEU C 79 -1.11 -48.05 -82.17
C LEU C 79 -0.65 -49.28 -81.41
N ARG C 80 0.65 -49.61 -81.46
CA ARG C 80 1.13 -50.83 -80.81
C ARG C 80 1.15 -50.70 -79.29
N ASP C 81 1.21 -49.49 -78.76
CA ASP C 81 1.23 -49.32 -77.31
C ASP C 81 -0.14 -49.57 -76.70
N HIS C 82 -1.20 -49.10 -77.36
CA HIS C 82 -2.54 -49.15 -76.80
C HIS C 82 -3.30 -50.43 -77.13
N LEU C 83 -2.87 -51.17 -78.14
CA LEU C 83 -3.57 -52.36 -78.59
C LEU C 83 -2.63 -53.56 -78.55
N GLN C 84 -3.22 -54.74 -78.42
CA GLN C 84 -2.49 -55.98 -78.65
C GLN C 84 -3.41 -56.99 -79.32
N PHE C 85 -2.81 -57.83 -80.16
CA PHE C 85 -3.55 -58.72 -81.03
C PHE C 85 -2.77 -60.01 -81.20
N GLY C 86 -3.47 -61.07 -81.60
CA GLY C 86 -2.82 -62.34 -81.85
C GLY C 86 -2.48 -62.54 -83.30
N GLU C 87 -3.09 -63.55 -83.92
CA GLU C 87 -2.86 -63.89 -85.33
C GLU C 87 -4.19 -64.04 -86.05
N PRO C 88 -4.24 -63.86 -87.37
CA PRO C 88 -5.48 -64.13 -88.10
C PRO C 88 -5.83 -65.61 -88.16
N ALA C 89 -6.36 -66.14 -87.06
CA ALA C 89 -6.75 -67.54 -87.01
C ALA C 89 -8.17 -67.71 -87.53
N VAL C 90 -8.52 -68.96 -87.85
CA VAL C 90 -9.83 -69.28 -88.40
C VAL C 90 -10.90 -69.18 -87.33
N VAL C 91 -12.14 -68.96 -87.74
CA VAL C 91 -13.28 -68.92 -86.82
C VAL C 91 -13.65 -70.36 -86.45
N PRO C 92 -14.30 -70.59 -85.31
CA PRO C 92 -14.84 -71.93 -85.04
C PRO C 92 -15.96 -72.27 -86.01
N HIS C 93 -16.13 -73.58 -86.25
CA HIS C 93 -17.14 -74.03 -87.21
C HIS C 93 -18.58 -73.84 -86.71
N PRO C 94 -19.00 -74.35 -85.51
CA PRO C 94 -20.43 -74.11 -85.18
C PRO C 94 -20.68 -72.75 -84.54
N THR C 95 -20.66 -71.71 -85.37
CA THR C 95 -20.82 -70.35 -84.92
C THR C 95 -22.03 -69.71 -85.60
N PRO C 96 -23.03 -69.24 -84.86
CA PRO C 96 -24.15 -68.53 -85.47
C PRO C 96 -23.72 -67.18 -86.01
N TYR C 97 -24.39 -66.75 -87.08
CA TYR C 97 -24.02 -65.53 -87.79
C TYR C 97 -25.01 -64.42 -87.47
N ARG C 98 -24.49 -63.21 -87.28
CA ARG C 98 -25.31 -62.02 -87.06
C ARG C 98 -24.77 -60.89 -87.92
N GLN C 99 -25.62 -59.90 -88.16
CA GLN C 99 -25.25 -58.76 -89.00
C GLN C 99 -24.88 -57.55 -88.15
N VAL C 100 -24.13 -56.65 -88.76
CA VAL C 100 -23.72 -55.40 -88.12
C VAL C 100 -24.15 -54.24 -89.01
N SER C 101 -24.77 -53.23 -88.41
CA SER C 101 -25.38 -52.14 -89.17
C SER C 101 -25.03 -50.79 -88.55
N ARG C 102 -24.89 -49.79 -89.40
CA ARG C 102 -24.72 -48.40 -88.97
C ARG C 102 -26.07 -47.72 -89.03
N VAL C 103 -26.63 -47.40 -87.87
CA VAL C 103 -27.95 -46.78 -87.77
C VAL C 103 -27.73 -45.30 -87.48
N GLN C 104 -27.85 -44.46 -88.50
CA GLN C 104 -27.74 -43.02 -88.31
C GLN C 104 -29.04 -42.47 -87.76
N ALA C 105 -29.06 -41.17 -87.47
CA ALA C 105 -30.24 -40.54 -86.91
C ALA C 105 -30.37 -39.12 -87.44
N LYS C 106 -31.61 -38.63 -87.47
CA LYS C 106 -31.90 -37.24 -87.82
C LYS C 106 -32.01 -36.40 -86.55
N SER C 107 -30.87 -36.27 -85.87
CA SER C 107 -30.84 -35.59 -84.58
C SER C 107 -30.96 -34.07 -84.70
N ASN C 108 -30.61 -33.50 -85.85
CA ASN C 108 -30.74 -32.07 -86.04
C ASN C 108 -31.94 -31.76 -86.93
N PRO C 109 -33.00 -31.15 -86.41
CA PRO C 109 -34.06 -30.65 -87.30
C PRO C 109 -33.60 -29.56 -88.24
N GLU C 110 -32.63 -28.73 -87.81
CA GLU C 110 -32.17 -27.61 -88.63
C GLU C 110 -31.44 -28.09 -89.87
N ARG C 111 -30.75 -29.23 -89.80
CA ARG C 111 -30.09 -29.79 -90.97
C ARG C 111 -31.10 -30.22 -92.04
N LEU C 112 -32.20 -30.84 -91.62
CA LEU C 112 -33.25 -31.21 -92.56
C LEU C 112 -34.01 -29.99 -93.07
N ARG C 113 -34.14 -28.96 -92.25
CA ARG C 113 -34.72 -27.70 -92.72
C ARG C 113 -33.86 -27.05 -93.79
N ARG C 114 -32.54 -27.03 -93.58
CA ARG C 114 -31.62 -26.52 -94.60
C ARG C 114 -31.59 -27.39 -95.84
N ARG C 115 -31.86 -28.70 -95.67
CA ARG C 115 -32.05 -29.57 -96.83
C ARG C 115 -33.29 -29.17 -97.62
N LEU C 116 -34.37 -28.87 -96.92
CA LEU C 116 -35.63 -28.53 -97.58
C LEU C 116 -35.62 -27.12 -98.19
N MET C 117 -34.69 -26.27 -97.77
CA MET C 117 -34.42 -25.05 -98.53
C MET C 117 -33.88 -25.37 -99.92
N ARG C 118 -33.07 -26.43 -100.02
CA ARG C 118 -32.41 -26.79 -101.27
C ARG C 118 -33.24 -27.71 -102.15
N ARG C 119 -34.46 -28.04 -101.75
CA ARG C 119 -35.31 -28.92 -102.53
C ARG C 119 -36.65 -28.31 -102.90
N HIS C 120 -37.26 -27.49 -102.05
CA HIS C 120 -38.54 -26.87 -102.35
C HIS C 120 -38.52 -25.34 -102.22
N ASP C 121 -37.39 -24.76 -101.79
CA ASP C 121 -37.19 -23.31 -101.63
C ASP C 121 -38.23 -22.68 -100.71
N LEU C 122 -38.58 -23.38 -99.64
CA LEU C 122 -39.54 -22.87 -98.68
C LEU C 122 -38.89 -21.87 -97.73
N SER C 123 -39.72 -21.16 -96.98
CA SER C 123 -39.24 -20.17 -96.04
C SER C 123 -38.84 -20.82 -94.72
N GLU C 124 -38.31 -20.01 -93.81
CA GLU C 124 -37.89 -20.50 -92.49
C GLU C 124 -39.10 -20.88 -91.64
N GLU C 125 -40.16 -20.06 -91.67
CA GLU C 125 -41.36 -20.36 -90.90
C GLU C 125 -42.11 -21.56 -91.47
N GLU C 126 -42.06 -21.73 -92.80
CA GLU C 126 -42.62 -22.93 -93.41
C GLU C 126 -41.86 -24.18 -92.99
N ALA C 127 -40.54 -24.06 -92.84
CA ALA C 127 -39.73 -25.16 -92.34
C ALA C 127 -40.03 -25.47 -90.88
N ARG C 128 -40.26 -24.43 -90.08
CA ARG C 128 -40.55 -24.65 -88.66
C ARG C 128 -41.95 -25.23 -88.45
N LYS C 129 -42.92 -24.81 -89.27
CA LYS C 129 -44.27 -25.34 -89.15
C LYS C 129 -44.36 -26.75 -89.73
N ARG C 130 -43.64 -27.02 -90.83
CA ARG C 130 -43.65 -28.34 -91.41
C ARG C 130 -42.86 -29.34 -90.57
N ILE C 131 -41.68 -28.94 -90.10
CA ILE C 131 -40.86 -29.80 -89.26
C ILE C 131 -40.67 -29.14 -87.90
N PRO C 132 -41.25 -29.69 -86.83
CA PRO C 132 -41.06 -29.13 -85.49
C PRO C 132 -39.73 -29.57 -84.90
N ASP C 133 -39.47 -29.14 -83.67
CA ASP C 133 -38.23 -29.46 -82.98
C ASP C 133 -38.25 -30.81 -82.29
N THR C 134 -39.38 -31.51 -82.31
CA THR C 134 -39.51 -32.81 -81.65
C THR C 134 -39.15 -33.97 -82.57
N VAL C 135 -38.67 -33.69 -83.79
CA VAL C 135 -38.32 -34.76 -84.74
C VAL C 135 -36.94 -35.34 -84.48
N ALA C 136 -36.21 -34.85 -83.49
CA ALA C 136 -34.87 -35.36 -83.19
C ALA C 136 -34.95 -36.79 -82.66
N ARG C 137 -34.05 -37.63 -83.15
CA ARG C 137 -34.06 -39.06 -82.82
C ARG C 137 -33.00 -39.34 -81.77
N ALA C 138 -33.42 -39.95 -80.67
CA ALA C 138 -32.51 -40.41 -79.62
C ALA C 138 -32.32 -41.91 -79.79
N LEU C 139 -31.07 -42.33 -79.97
CA LEU C 139 -30.74 -43.72 -80.30
C LEU C 139 -29.94 -44.32 -79.16
N ASP C 140 -30.48 -45.37 -78.55
CA ASP C 140 -29.81 -46.05 -77.44
C ASP C 140 -29.04 -47.26 -77.93
N LEU C 141 -28.02 -46.98 -78.74
CA LEU C 141 -27.15 -47.99 -79.32
C LEU C 141 -25.70 -47.64 -79.01
N PRO C 142 -24.81 -48.63 -78.95
CA PRO C 142 -23.38 -48.34 -78.83
C PRO C 142 -22.85 -47.59 -80.04
N PHE C 143 -21.92 -46.68 -79.79
CA PHE C 143 -21.47 -45.75 -80.82
C PHE C 143 -20.01 -45.39 -80.60
N VAL C 144 -19.35 -45.02 -81.68
CA VAL C 144 -18.01 -44.42 -81.65
C VAL C 144 -18.09 -43.05 -82.32
N THR C 145 -17.16 -42.17 -81.96
CA THR C 145 -17.17 -40.78 -82.42
C THR C 145 -15.94 -40.53 -83.29
N LEU C 146 -16.14 -39.90 -84.44
CA LEU C 146 -15.10 -39.77 -85.47
C LEU C 146 -15.16 -38.42 -86.20
N ARG C 147 -14.04 -38.03 -86.81
CA ARG C 147 -13.98 -36.84 -87.64
C ARG C 147 -13.35 -37.23 -88.97
N SER C 148 -13.73 -36.53 -90.02
CA SER C 148 -13.33 -36.91 -91.38
C SER C 148 -12.44 -35.83 -92.00
N GLN C 149 -11.55 -36.27 -92.89
CA GLN C 149 -10.70 -35.33 -93.62
C GLN C 149 -11.50 -34.61 -94.70
N SER C 150 -12.44 -35.31 -95.34
CA SER C 150 -13.28 -34.68 -96.36
C SER C 150 -14.27 -33.71 -95.74
N THR C 151 -14.93 -34.12 -94.67
CA THR C 151 -15.91 -33.30 -93.96
C THR C 151 -15.41 -33.10 -92.54
N GLY C 152 -15.01 -31.86 -92.21
CA GLY C 152 -14.36 -31.57 -90.95
C GLY C 152 -15.24 -31.64 -89.72
N GLN C 153 -16.55 -31.81 -89.89
CA GLN C 153 -17.46 -31.94 -88.75
C GLN C 153 -17.24 -33.28 -88.05
N HIS C 154 -17.41 -33.27 -86.73
CA HIS C 154 -17.25 -34.47 -85.93
C HIS C 154 -18.57 -35.23 -85.88
N PHE C 155 -18.55 -36.49 -86.33
CA PHE C 155 -19.76 -37.28 -86.47
C PHE C 155 -19.71 -38.49 -85.55
N ARG C 156 -20.89 -38.93 -85.12
CA ARG C 156 -21.05 -40.13 -84.31
C ARG C 156 -21.52 -41.28 -85.18
N LEU C 157 -20.88 -42.44 -85.03
CA LEU C 157 -21.21 -43.63 -85.81
C LEU C 157 -21.77 -44.69 -84.87
N PHE C 158 -23.09 -44.89 -84.93
CA PHE C 158 -23.74 -45.91 -84.13
C PHE C 158 -23.56 -47.27 -84.79
N ILE C 159 -23.28 -48.28 -83.96
CA ILE C 159 -23.07 -49.65 -84.41
C ILE C 159 -24.10 -50.53 -83.71
N ARG C 160 -24.83 -51.33 -84.48
CA ARG C 160 -25.81 -52.25 -83.91
C ARG C 160 -25.58 -53.65 -84.45
N HIS C 161 -25.51 -54.63 -83.56
CA HIS C 161 -25.39 -56.03 -83.93
C HIS C 161 -26.77 -56.65 -84.07
N GLY C 162 -26.97 -57.38 -85.17
CA GLY C 162 -28.28 -57.92 -85.48
C GLY C 162 -28.61 -59.15 -84.69
N PRO C 163 -29.83 -59.65 -84.90
CA PRO C 163 -30.23 -60.94 -84.30
C PRO C 163 -29.37 -62.09 -84.78
N LEU C 164 -29.23 -63.08 -83.91
CA LEU C 164 -28.37 -64.23 -84.16
C LEU C 164 -29.10 -65.23 -85.04
N GLN C 165 -28.71 -65.27 -86.32
CA GLN C 165 -29.27 -66.23 -87.26
C GLN C 165 -28.51 -67.55 -87.21
N VAL C 166 -28.74 -68.42 -88.19
CA VAL C 166 -28.11 -69.73 -88.24
C VAL C 166 -27.19 -69.91 -89.44
N THR C 167 -27.16 -68.94 -90.36
CA THR C 167 -26.34 -69.07 -91.55
C THR C 167 -25.92 -67.68 -92.02
N ALA C 168 -24.92 -67.65 -92.88
CA ALA C 168 -24.40 -66.42 -93.44
C ALA C 168 -25.05 -66.10 -94.78
N GLU C 169 -25.06 -64.82 -95.12
CA GLU C 169 -25.61 -64.33 -96.37
C GLU C 169 -24.53 -63.60 -97.15
N GLU C 170 -24.51 -63.81 -98.47
CA GLU C 170 -23.50 -63.21 -99.33
C GLU C 170 -23.78 -61.73 -99.49
N GLY C 171 -23.01 -60.90 -98.79
CA GLY C 171 -23.18 -59.46 -98.87
C GLY C 171 -21.86 -58.75 -98.64
N GLY C 172 -21.82 -57.50 -99.09
CA GLY C 172 -20.61 -56.71 -98.96
C GLY C 172 -20.47 -56.05 -97.61
N PHE C 173 -19.34 -55.38 -97.44
CA PHE C 173 -19.02 -54.64 -96.22
C PHE C 173 -18.64 -53.22 -96.59
N THR C 174 -18.96 -52.27 -95.73
CA THR C 174 -18.61 -50.87 -95.96
C THR C 174 -17.15 -50.63 -95.58
N CYS C 175 -16.70 -49.39 -95.77
CA CYS C 175 -15.32 -49.03 -95.42
CA CYS C 175 -15.32 -49.02 -95.42
C CYS C 175 -15.11 -48.96 -93.91
N TYR C 176 -16.19 -48.85 -93.13
CA TYR C 176 -16.09 -48.87 -91.68
C TYR C 176 -16.09 -50.29 -91.12
N GLY C 177 -16.24 -51.30 -91.98
CA GLY C 177 -16.43 -52.66 -91.54
C GLY C 177 -17.87 -53.04 -91.28
N LEU C 178 -18.80 -52.07 -91.36
CA LEU C 178 -20.21 -52.36 -91.22
C LEU C 178 -20.72 -53.02 -92.50
N SER C 179 -21.83 -53.74 -92.36
CA SER C 179 -22.34 -54.57 -93.44
C SER C 179 -23.45 -53.85 -94.19
N LYS C 180 -23.33 -53.83 -95.53
CA LYS C 180 -24.41 -53.44 -96.41
C LYS C 180 -25.26 -54.63 -96.84
N GLY C 181 -25.24 -55.71 -96.06
CA GLY C 181 -25.91 -56.95 -96.42
C GLY C 181 -25.12 -58.16 -95.98
N GLY C 182 -23.88 -57.94 -95.51
CA GLY C 182 -23.04 -59.03 -95.07
C GLY C 182 -23.36 -59.51 -93.67
N PHE C 183 -22.72 -60.61 -93.29
CA PHE C 183 -22.90 -61.22 -91.97
C PHE C 183 -21.54 -61.62 -91.43
N VAL C 184 -21.44 -61.69 -90.10
CA VAL C 184 -20.21 -62.10 -89.42
C VAL C 184 -20.52 -63.16 -88.38
N PRO C 185 -19.62 -64.11 -88.14
CA PRO C 185 -19.86 -65.11 -87.09
C PRO C 185 -19.75 -64.51 -85.70
N TRP C 186 -20.36 -65.21 -84.74
CA TRP C 186 -20.40 -64.78 -83.36
C TRP C 186 -19.92 -65.91 -82.46
N PHE C 187 -18.91 -65.64 -81.64
CA PHE C 187 -18.39 -66.64 -80.72
C PHE C 187 -17.71 -65.98 -79.52
N ILE D 23 12.55 -39.54 -30.69
CA ILE D 23 11.23 -39.88 -31.23
C ILE D 23 11.30 -39.91 -32.75
N LEU D 24 11.81 -38.83 -33.33
CA LEU D 24 11.99 -38.63 -34.77
C LEU D 24 10.65 -38.77 -35.52
N SER D 25 9.77 -37.82 -35.23
CA SER D 25 8.48 -37.76 -35.89
C SER D 25 8.59 -37.01 -37.21
N THR D 26 7.55 -37.11 -38.04
CA THR D 26 7.50 -36.39 -39.29
C THR D 26 7.23 -34.91 -39.04
N ALA D 27 7.84 -34.05 -39.86
CA ALA D 27 7.66 -32.62 -39.71
C ALA D 27 6.24 -32.21 -40.09
N SER D 28 5.73 -31.19 -39.39
CA SER D 28 4.36 -30.71 -39.65
C SER D 28 4.25 -30.04 -41.00
N VAL D 29 5.28 -29.29 -41.40
CA VAL D 29 5.36 -28.76 -42.76
C VAL D 29 6.54 -29.44 -43.46
N LEU D 30 6.26 -30.02 -44.63
CA LEU D 30 7.24 -30.72 -45.45
C LEU D 30 6.95 -30.39 -46.92
N ALA D 31 6.96 -29.11 -47.23
CA ALA D 31 6.84 -28.69 -48.62
C ALA D 31 8.11 -29.03 -49.38
N PHE D 32 7.94 -29.67 -50.54
CA PHE D 32 9.03 -29.98 -51.47
C PHE D 32 8.76 -29.31 -52.80
N GLU D 33 9.75 -28.58 -53.29
CA GLU D 33 9.65 -27.94 -54.59
C GLU D 33 9.68 -28.98 -55.71
N ARG D 34 9.11 -28.60 -56.85
CA ARG D 34 9.16 -29.47 -58.03
C ARG D 34 10.56 -29.43 -58.62
N LYS D 35 11.16 -30.59 -58.80
CA LYS D 35 12.32 -30.72 -59.68
C LYS D 35 11.82 -31.11 -61.07
N LEU D 36 12.68 -30.92 -62.06
CA LEU D 36 12.37 -31.00 -63.50
C LEU D 36 11.22 -30.05 -63.83
N ASP D 37 11.52 -28.76 -63.72
CA ASP D 37 10.56 -27.71 -64.01
C ASP D 37 10.25 -27.66 -65.50
N PRO D 38 9.01 -27.86 -65.93
CA PRO D 38 8.68 -27.72 -67.36
C PRO D 38 8.17 -26.34 -67.72
N SER D 39 8.60 -25.85 -68.87
CA SER D 39 8.03 -24.63 -69.40
C SER D 39 6.65 -24.89 -69.96
N ASP D 40 5.94 -23.81 -70.28
CA ASP D 40 4.57 -23.92 -70.78
C ASP D 40 4.64 -24.30 -72.26
N ALA D 41 4.24 -25.54 -72.56
CA ALA D 41 4.44 -26.10 -73.89
C ALA D 41 3.45 -25.49 -74.88
N LEU D 42 3.97 -24.89 -75.93
CA LEU D 42 3.15 -24.35 -77.00
C LEU D 42 2.78 -25.47 -77.97
N MET D 43 2.05 -25.13 -79.03
CA MET D 43 2.07 -25.96 -80.23
C MET D 43 2.14 -25.05 -81.45
N SER D 44 2.54 -25.66 -82.57
CA SER D 44 2.63 -24.98 -83.85
C SER D 44 2.49 -26.03 -84.95
N ALA D 45 2.26 -25.56 -86.17
CA ALA D 45 1.96 -26.44 -87.30
C ALA D 45 2.99 -26.30 -88.39
N GLY D 46 3.19 -27.39 -89.13
CA GLY D 46 4.14 -27.37 -90.23
C GLY D 46 4.12 -28.70 -90.96
N ALA D 47 5.02 -28.81 -91.93
CA ALA D 47 5.10 -29.96 -92.82
C ALA D 47 6.27 -30.85 -92.46
N TRP D 48 6.09 -32.16 -92.59
CA TRP D 48 7.19 -33.10 -92.46
C TRP D 48 8.19 -32.91 -93.60
N ALA D 49 9.45 -33.24 -93.30
CA ALA D 49 10.66 -33.00 -94.10
C ALA D 49 10.93 -31.51 -94.31
N GLN D 50 10.27 -30.64 -93.54
CA GLN D 50 10.64 -29.23 -93.43
C GLN D 50 10.93 -28.87 -91.98
N ARG D 51 10.96 -29.87 -91.09
CA ARG D 51 11.24 -29.68 -89.67
C ARG D 51 12.68 -29.28 -89.40
N ASP D 52 13.58 -29.43 -90.36
CA ASP D 52 14.91 -28.84 -90.24
C ASP D 52 14.85 -27.32 -90.31
N ALA D 53 13.85 -26.77 -91.00
CA ALA D 53 13.62 -25.33 -91.07
C ALA D 53 12.45 -24.90 -90.20
N SER D 54 12.26 -25.57 -89.06
CA SER D 54 11.13 -25.28 -88.17
C SER D 54 11.52 -24.17 -87.20
N GLN D 55 11.55 -22.95 -87.74
CA GLN D 55 11.84 -21.75 -86.94
C GLN D 55 10.68 -20.78 -86.93
N GLU D 56 10.15 -20.42 -88.11
CA GLU D 56 9.05 -19.47 -88.23
C GLU D 56 7.74 -20.20 -88.56
N TRP D 57 7.54 -21.37 -87.96
CA TRP D 57 6.32 -22.13 -88.20
C TRP D 57 5.12 -21.44 -87.55
N PRO D 58 4.00 -21.33 -88.25
CA PRO D 58 2.85 -20.59 -87.69
C PRO D 58 2.12 -21.44 -86.65
N ALA D 59 1.94 -20.86 -85.47
CA ALA D 59 1.30 -21.55 -84.37
C ALA D 59 -0.21 -21.65 -84.59
N VAL D 60 -0.78 -22.78 -84.17
CA VAL D 60 -2.22 -22.95 -84.26
C VAL D 60 -2.90 -22.09 -83.20
N THR D 61 -4.17 -21.74 -83.45
CA THR D 61 -4.90 -20.81 -82.62
C THR D 61 -6.22 -21.42 -82.18
N VAL D 62 -6.64 -21.08 -80.96
CA VAL D 62 -7.93 -21.52 -80.46
C VAL D 62 -9.03 -20.70 -81.12
N ARG D 63 -9.99 -21.39 -81.75
CA ARG D 63 -11.07 -20.73 -82.48
C ARG D 63 -12.42 -21.11 -81.90
N GLU D 64 -13.30 -20.11 -81.80
CA GLU D 64 -14.67 -20.35 -81.36
C GLU D 64 -15.54 -20.72 -82.55
N LYS D 65 -16.20 -21.87 -82.46
CA LYS D 65 -17.04 -22.38 -83.53
C LYS D 65 -18.41 -22.70 -82.97
N SER D 66 -19.46 -22.36 -83.71
CA SER D 66 -20.84 -22.57 -83.29
C SER D 66 -21.30 -23.94 -83.75
N VAL D 67 -21.69 -24.78 -82.79
CA VAL D 67 -22.18 -26.12 -83.10
C VAL D 67 -23.66 -26.23 -82.76
N GLN D 95 -24.98 -23.30 -79.42
CA GLN D 95 -23.87 -23.38 -78.48
C GLN D 95 -22.54 -23.29 -79.23
N THR D 96 -21.60 -22.51 -78.68
CA THR D 96 -20.29 -22.31 -79.27
C THR D 96 -19.23 -22.95 -78.39
N VAL D 97 -18.32 -23.70 -79.01
CA VAL D 97 -17.23 -24.37 -78.32
C VAL D 97 -15.92 -24.00 -78.98
N ASP D 98 -14.83 -24.23 -78.25
CA ASP D 98 -13.50 -23.88 -78.72
C ASP D 98 -12.81 -25.11 -79.33
N VAL D 99 -12.24 -24.93 -80.52
CA VAL D 99 -11.58 -25.99 -81.25
C VAL D 99 -10.21 -25.49 -81.69
N ALA D 100 -9.24 -26.41 -81.73
CA ALA D 100 -7.90 -26.13 -82.23
C ALA D 100 -7.51 -27.22 -83.22
N ASN D 101 -7.07 -26.81 -84.41
CA ASN D 101 -6.71 -27.76 -85.45
C ASN D 101 -5.63 -27.16 -86.35
N LEU D 102 -4.97 -28.05 -87.09
CA LEU D 102 -3.95 -27.64 -88.03
C LEU D 102 -4.58 -26.98 -89.25
N PRO D 103 -3.83 -26.10 -89.94
CA PRO D 103 -4.29 -25.62 -91.26
C PRO D 103 -4.18 -26.67 -92.34
N SER D 104 -4.52 -26.29 -93.58
CA SER D 104 -4.53 -27.24 -94.68
C SER D 104 -3.12 -27.64 -95.09
N ASP D 105 -2.18 -26.70 -95.11
CA ASP D 105 -0.82 -26.96 -95.58
C ASP D 105 0.12 -27.31 -94.43
N ALA D 106 -0.28 -28.29 -93.61
CA ALA D 106 0.55 -28.76 -92.50
C ALA D 106 0.07 -30.14 -92.10
N ASP D 107 1.01 -30.96 -91.61
CA ASP D 107 0.66 -32.26 -91.04
C ASP D 107 1.46 -32.61 -89.78
N THR D 108 2.28 -31.71 -89.25
CA THR D 108 3.17 -32.00 -88.14
C THR D 108 2.97 -30.98 -87.02
N LEU D 109 2.96 -31.46 -85.78
CA LEU D 109 2.88 -30.60 -84.62
C LEU D 109 4.26 -30.17 -84.16
N LYS D 110 4.32 -29.04 -83.45
CA LYS D 110 5.58 -28.37 -83.07
C LYS D 110 5.48 -27.95 -81.59
N VAL D 111 5.19 -28.94 -80.74
CA VAL D 111 5.11 -28.68 -79.31
C VAL D 111 6.51 -28.44 -78.74
N ARG D 112 6.73 -27.27 -78.16
CA ARG D 112 8.04 -26.86 -77.67
C ARG D 112 7.95 -26.45 -76.21
N PHE D 113 8.84 -27.00 -75.39
CA PHE D 113 8.94 -26.60 -73.99
C PHE D 113 10.37 -26.79 -73.52
N THR D 114 10.75 -26.06 -72.49
CA THR D 114 12.07 -26.20 -71.89
C THR D 114 11.95 -26.83 -70.50
N LEU D 115 12.84 -27.77 -70.22
CA LEU D 115 12.88 -28.49 -68.96
C LEU D 115 14.20 -28.19 -68.26
N ARG D 116 14.11 -27.80 -66.98
CA ARG D 116 15.27 -27.47 -66.17
C ARG D 116 15.44 -28.51 -65.08
N VAL D 117 16.61 -29.13 -65.02
CA VAL D 117 16.91 -30.10 -63.98
C VAL D 117 17.68 -29.38 -62.88
N LEU D 118 17.13 -29.38 -61.67
CA LEU D 118 17.63 -28.51 -60.60
C LEU D 118 18.64 -29.22 -59.71
N GLY D 119 18.24 -30.32 -59.09
CA GLY D 119 19.04 -30.98 -58.08
C GLY D 119 18.61 -30.62 -56.67
N GLY D 120 19.21 -31.32 -55.71
CA GLY D 120 18.79 -31.19 -54.32
C GLY D 120 17.40 -31.75 -54.10
N ALA D 121 17.18 -32.98 -54.58
CA ALA D 121 15.86 -33.59 -54.54
C ALA D 121 15.41 -33.90 -53.12
N GLY D 122 16.34 -34.33 -52.26
CA GLY D 122 15.97 -34.63 -50.89
C GLY D 122 15.81 -33.44 -49.98
N THR D 123 16.25 -32.26 -50.41
CA THR D 123 16.16 -31.06 -49.57
C THR D 123 14.74 -30.50 -49.62
N PRO D 124 14.03 -30.39 -48.50
CA PRO D 124 12.74 -29.73 -48.51
C PRO D 124 12.89 -28.22 -48.56
N SER D 125 11.85 -27.56 -49.09
CA SER D 125 11.83 -26.10 -49.10
C SER D 125 11.54 -25.54 -47.72
N ALA D 126 10.59 -26.15 -47.01
CA ALA D 126 10.18 -25.69 -45.68
C ALA D 126 9.95 -26.91 -44.81
N CYS D 127 10.87 -27.20 -43.91
CA CYS D 127 10.77 -28.32 -42.99
C CYS D 127 10.61 -27.80 -41.57
N ASN D 128 9.61 -28.34 -40.86
CA ASN D 128 9.37 -27.92 -39.48
C ASN D 128 10.49 -28.41 -38.56
N ASP D 129 10.95 -29.63 -38.73
CA ASP D 129 11.92 -30.24 -37.83
C ASP D 129 13.28 -30.33 -38.51
N ALA D 130 14.31 -29.85 -37.83
CA ALA D 130 15.67 -29.90 -38.36
C ALA D 130 16.27 -31.30 -38.24
N ALA D 131 15.92 -32.04 -37.18
CA ALA D 131 16.41 -33.41 -37.04
C ALA D 131 15.83 -34.33 -38.10
N TYR D 132 14.54 -34.17 -38.41
CA TYR D 132 13.91 -34.92 -39.48
C TYR D 132 14.51 -34.55 -40.84
N ARG D 133 14.82 -33.27 -41.04
CA ARG D 133 15.44 -32.82 -42.29
C ARG D 133 16.83 -33.42 -42.45
N ASP D 134 17.61 -33.46 -41.35
CA ASP D 134 18.94 -34.06 -41.40
C ASP D 134 18.88 -35.56 -41.65
N LYS D 135 17.94 -36.26 -41.00
CA LYS D 135 17.79 -37.70 -41.20
C LYS D 135 17.33 -38.02 -42.61
N LEU D 136 16.40 -37.22 -43.16
CA LEU D 136 15.92 -37.44 -44.51
C LEU D 136 17.00 -37.13 -45.54
N LEU D 137 17.81 -36.10 -45.29
CA LEU D 137 18.93 -35.79 -46.17
C LEU D 137 19.99 -36.90 -46.13
N GLN D 138 20.22 -37.47 -44.94
CA GLN D 138 21.11 -38.62 -44.82
C GLN D 138 20.57 -39.83 -45.58
N THR D 139 19.26 -40.05 -45.53
CA THR D 139 18.65 -41.17 -46.24
C THR D 139 18.72 -40.98 -47.75
N VAL D 140 18.47 -39.76 -48.24
CA VAL D 140 18.54 -39.48 -49.66
C VAL D 140 19.99 -39.56 -50.16
N ALA D 141 20.94 -39.10 -49.35
CA ALA D 141 22.35 -39.23 -49.72
C ALA D 141 22.79 -40.69 -49.72
N THR D 142 22.25 -41.50 -48.80
CA THR D 142 22.52 -42.93 -48.81
C THR D 142 21.95 -43.58 -50.06
N TYR D 143 20.78 -43.13 -50.52
CA TYR D 143 20.23 -43.58 -51.79
C TYR D 143 21.15 -43.19 -52.95
N VAL D 144 21.73 -41.99 -52.90
CA VAL D 144 22.62 -41.52 -53.97
C VAL D 144 23.89 -42.36 -54.02
N ASN D 145 24.46 -42.71 -52.86
CA ASN D 145 25.60 -43.62 -52.85
C ASN D 145 25.21 -45.03 -53.27
N ASP D 146 23.97 -45.45 -53.03
CA ASP D 146 23.51 -46.75 -53.53
C ASP D 146 23.34 -46.73 -55.04
N GLN D 147 22.67 -45.71 -55.57
CA GLN D 147 22.66 -45.49 -57.03
C GLN D 147 22.55 -44.00 -57.30
N GLY D 148 23.37 -43.50 -58.21
CA GLY D 148 23.46 -42.07 -58.44
C GLY D 148 22.44 -41.52 -59.41
N PHE D 149 21.16 -41.65 -59.06
CA PHE D 149 20.01 -41.26 -59.90
C PHE D 149 20.08 -41.93 -61.28
N ALA D 150 20.35 -43.24 -61.27
CA ALA D 150 20.57 -43.96 -62.52
C ALA D 150 19.25 -44.28 -63.22
N GLU D 151 18.37 -45.01 -62.54
CA GLU D 151 17.15 -45.51 -63.16
C GLU D 151 16.12 -44.39 -63.35
N LEU D 152 16.02 -43.48 -62.37
CA LEU D 152 15.06 -42.39 -62.45
C LEU D 152 15.36 -41.46 -63.61
N ALA D 153 16.64 -41.11 -63.81
CA ALA D 153 17.01 -40.25 -64.93
C ALA D 153 16.83 -40.96 -66.26
N ARG D 154 17.04 -42.27 -66.30
CA ARG D 154 16.80 -43.04 -67.52
C ARG D 154 15.32 -43.08 -67.88
N ARG D 155 14.45 -43.25 -66.89
CA ARG D 155 13.02 -43.28 -67.17
C ARG D 155 12.47 -41.88 -67.48
N TYR D 156 13.04 -40.85 -66.86
CA TYR D 156 12.67 -39.48 -67.22
C TYR D 156 13.16 -39.14 -68.62
N ALA D 157 14.33 -39.68 -69.01
CA ALA D 157 14.81 -39.52 -70.37
C ALA D 157 13.96 -40.31 -71.36
N HIS D 158 13.34 -41.39 -70.91
CA HIS D 158 12.32 -42.06 -71.73
C HIS D 158 11.10 -41.19 -71.93
N ASN D 159 10.56 -40.64 -70.85
CA ASN D 159 9.38 -39.78 -70.97
C ASN D 159 9.66 -38.48 -71.72
N LEU D 160 10.92 -38.07 -71.79
CA LEU D 160 11.31 -37.07 -72.77
C LEU D 160 11.38 -37.67 -74.17
N ALA D 161 11.91 -38.89 -74.28
CA ALA D 161 12.24 -39.49 -75.57
C ALA D 161 10.98 -39.90 -76.34
N ASN D 162 10.05 -40.56 -75.67
CA ASN D 162 8.73 -40.72 -76.26
C ASN D 162 7.89 -39.49 -75.92
N ALA D 163 7.01 -39.12 -76.83
CA ALA D 163 6.19 -37.92 -76.65
C ALA D 163 4.96 -38.24 -75.81
N ARG D 164 5.21 -38.58 -74.54
CA ARG D 164 4.11 -38.77 -73.60
C ARG D 164 3.54 -37.42 -73.18
N PHE D 165 4.33 -36.36 -73.30
CA PHE D 165 3.81 -35.00 -73.15
C PHE D 165 2.88 -34.62 -74.29
N LEU D 166 2.96 -35.34 -75.41
CA LEU D 166 1.92 -35.30 -76.44
C LEU D 166 0.90 -36.36 -76.06
N TRP D 167 -0.05 -35.96 -75.21
CA TRP D 167 -1.02 -36.89 -74.65
C TRP D 167 -1.94 -37.48 -75.72
N ARG D 168 -2.79 -36.64 -76.31
CA ARG D 168 -3.70 -37.10 -77.34
C ARG D 168 -3.25 -36.72 -78.74
N ASN D 169 -2.06 -36.13 -78.87
CA ASN D 169 -1.47 -35.81 -80.16
C ASN D 169 -0.51 -36.89 -80.64
N ARG D 170 -0.46 -38.03 -79.95
CA ARG D 170 0.40 -39.15 -80.31
C ARG D 170 -0.37 -40.39 -80.72
N VAL D 171 -1.65 -40.50 -80.36
CA VAL D 171 -2.41 -41.72 -80.63
C VAL D 171 -2.69 -41.88 -82.11
N GLY D 172 -3.01 -40.79 -82.80
CA GLY D 172 -3.34 -40.87 -84.21
C GLY D 172 -2.19 -40.53 -85.12
N ALA D 173 -0.97 -40.57 -84.60
CA ALA D 173 0.22 -40.18 -85.33
C ALA D 173 0.98 -41.42 -85.81
N GLU D 174 1.29 -41.45 -87.09
CA GLU D 174 2.05 -42.55 -87.68
C GLU D 174 3.56 -42.33 -87.61
N ALA D 175 4.00 -41.14 -87.20
CA ALA D 175 5.43 -40.85 -87.10
C ALA D 175 5.60 -39.76 -86.06
N VAL D 176 6.26 -40.09 -84.95
CA VAL D 176 6.48 -39.17 -83.84
C VAL D 176 7.98 -39.00 -83.64
N GLU D 177 8.42 -37.75 -83.53
CA GLU D 177 9.84 -37.44 -83.40
C GLU D 177 10.03 -36.40 -82.30
N VAL D 178 11.07 -36.60 -81.49
CA VAL D 178 11.41 -35.70 -80.39
C VAL D 178 12.83 -35.18 -80.58
N ARG D 179 12.99 -33.86 -80.58
CA ARG D 179 14.29 -33.21 -80.67
C ARG D 179 14.58 -32.51 -79.35
N ILE D 180 15.74 -32.80 -78.76
CA ILE D 180 16.12 -32.23 -77.47
C ILE D 180 17.47 -31.54 -77.61
N ASN D 181 17.49 -30.23 -77.42
CA ASN D 181 18.72 -29.46 -77.44
C ASN D 181 19.14 -29.10 -76.02
N HIS D 182 20.44 -29.18 -75.75
CA HIS D 182 20.99 -28.85 -74.43
C HIS D 182 21.53 -27.43 -74.50
N ILE D 183 20.72 -26.47 -74.05
CA ILE D 183 21.12 -25.07 -74.07
C ILE D 183 22.00 -24.80 -72.85
N ARG D 184 23.23 -24.34 -73.10
CA ARG D 184 24.15 -23.95 -72.04
C ARG D 184 24.85 -22.68 -72.51
N GLN D 185 24.67 -21.60 -71.75
CA GLN D 185 25.13 -20.23 -72.07
C GLN D 185 24.60 -19.78 -73.43
N GLY D 186 23.35 -20.13 -73.67
CA GLY D 186 22.63 -19.67 -74.86
C GLY D 186 22.92 -20.42 -76.13
N GLU D 187 23.76 -21.46 -76.06
CA GLU D 187 24.16 -22.20 -77.25
C GLU D 187 23.86 -23.68 -77.04
N VAL D 188 23.71 -24.39 -78.17
CA VAL D 188 23.38 -25.81 -78.16
C VAL D 188 24.66 -26.57 -77.82
N ALA D 189 24.74 -27.08 -76.60
CA ALA D 189 25.91 -27.85 -76.19
C ALA D 189 25.91 -29.24 -76.82
N ARG D 190 24.75 -29.89 -76.86
CA ARG D 190 24.66 -31.27 -77.34
C ARG D 190 23.23 -31.54 -77.77
N ALA D 191 23.04 -31.96 -79.01
CA ALA D 191 21.72 -32.18 -79.57
C ALA D 191 21.36 -33.66 -79.55
N TRP D 192 20.05 -33.92 -79.54
CA TRP D 192 19.51 -35.27 -79.58
C TRP D 192 18.27 -35.26 -80.46
N ARG D 193 18.03 -36.38 -81.15
CA ARG D 193 16.88 -36.50 -82.03
C ARG D 193 16.35 -37.93 -81.91
N PHE D 194 15.34 -38.12 -81.07
CA PHE D 194 14.84 -39.43 -80.75
C PHE D 194 13.73 -39.85 -81.73
N ASP D 195 13.11 -40.99 -81.45
CA ASP D 195 11.96 -41.47 -82.21
C ASP D 195 11.03 -42.18 -81.24
N ALA D 196 9.81 -41.68 -81.10
CA ALA D 196 8.84 -42.27 -80.18
C ALA D 196 8.17 -43.51 -80.74
N LEU D 197 8.38 -43.83 -82.01
CA LEU D 197 7.82 -45.07 -82.55
C LEU D 197 8.60 -46.28 -82.07
N ALA D 198 9.93 -46.19 -82.07
CA ALA D 198 10.75 -47.30 -81.57
C ALA D 198 10.71 -47.38 -80.06
N ILE D 199 10.82 -46.24 -79.38
CA ILE D 199 10.81 -46.18 -77.92
C ILE D 199 9.34 -46.28 -77.49
N GLY D 200 8.95 -47.47 -77.01
CA GLY D 200 7.56 -47.67 -76.65
C GLY D 200 7.18 -46.97 -75.36
N LEU D 201 5.87 -46.85 -75.17
CA LEU D 201 5.30 -46.21 -73.99
C LEU D 201 5.11 -47.19 -72.83
N ARG D 202 5.47 -48.46 -73.01
CA ARG D 202 5.26 -49.48 -71.99
C ARG D 202 6.57 -50.09 -71.49
N ASP D 203 7.46 -50.49 -72.39
CA ASP D 203 8.72 -51.11 -72.01
C ASP D 203 9.76 -50.05 -71.67
N PHE D 204 10.83 -50.50 -71.03
CA PHE D 204 11.86 -49.59 -70.50
C PHE D 204 13.22 -50.12 -70.95
N LYS D 205 13.62 -49.75 -72.16
CA LYS D 205 14.79 -50.27 -72.86
C LYS D 205 15.99 -49.34 -72.70
N ALA D 206 17.04 -49.55 -73.50
CA ALA D 206 18.23 -48.71 -73.48
C ALA D 206 18.69 -48.40 -74.90
N ASP D 207 19.36 -47.25 -75.05
CA ASP D 207 19.92 -46.80 -76.32
C ASP D 207 21.02 -45.81 -75.99
N ALA D 208 22.01 -45.69 -76.89
CA ALA D 208 23.27 -45.00 -76.57
C ALA D 208 23.07 -43.51 -76.35
N GLU D 209 22.37 -42.84 -77.28
CA GLU D 209 22.02 -41.43 -77.09
C GLU D 209 21.08 -41.26 -75.91
N LEU D 210 20.23 -42.27 -75.72
CA LEU D 210 19.39 -42.34 -74.54
C LEU D 210 20.24 -42.29 -73.28
N ASP D 211 21.22 -43.18 -73.17
CA ASP D 211 22.04 -43.16 -71.96
C ASP D 211 22.80 -41.85 -71.81
N ALA D 212 23.15 -41.20 -72.93
CA ALA D 212 23.77 -39.88 -72.84
C ALA D 212 22.83 -38.86 -72.21
N LEU D 213 21.56 -38.88 -72.64
CA LEU D 213 20.54 -38.06 -72.00
C LEU D 213 20.31 -38.48 -70.55
N ALA D 214 20.45 -39.77 -70.25
CA ALA D 214 20.29 -40.26 -68.88
C ALA D 214 21.38 -39.74 -67.97
N GLU D 215 22.65 -39.75 -68.42
CA GLU D 215 23.72 -39.18 -67.60
C GLU D 215 23.59 -37.67 -67.48
N LEU D 216 23.06 -36.99 -68.52
CA LEU D 216 22.83 -35.56 -68.40
C LEU D 216 21.77 -35.23 -67.35
N ILE D 217 20.65 -35.95 -67.38
CA ILE D 217 19.59 -35.73 -66.41
C ILE D 217 20.03 -36.15 -65.01
N ALA D 218 20.84 -37.21 -64.91
CA ALA D 218 21.35 -37.65 -63.62
C ALA D 218 22.34 -36.65 -63.03
N SER D 219 23.17 -36.04 -63.88
CA SER D 219 24.07 -34.98 -63.42
C SER D 219 23.30 -33.74 -62.99
N GLY D 220 22.19 -33.46 -63.67
CA GLY D 220 21.32 -32.38 -63.22
C GLY D 220 20.66 -32.67 -61.88
N LEU D 221 20.18 -33.90 -61.69
CA LEU D 221 19.50 -34.27 -60.45
C LEU D 221 20.45 -34.39 -59.28
N SER D 222 21.71 -34.79 -59.54
CA SER D 222 22.68 -34.90 -58.46
C SER D 222 23.11 -33.53 -57.94
N GLY D 223 23.26 -32.57 -58.84
CA GLY D 223 23.72 -31.25 -58.49
C GLY D 223 25.10 -30.89 -59.00
N SER D 224 25.64 -31.63 -59.96
CA SER D 224 26.96 -31.36 -60.52
C SER D 224 26.94 -30.38 -61.68
N GLY D 225 25.77 -29.85 -62.03
CA GLY D 225 25.68 -28.89 -63.11
C GLY D 225 24.24 -28.47 -63.30
N HIS D 226 24.05 -27.58 -64.26
CA HIS D 226 22.72 -27.09 -64.60
C HIS D 226 22.34 -27.57 -65.99
N VAL D 227 21.18 -28.20 -66.11
CA VAL D 227 20.69 -28.80 -67.35
C VAL D 227 19.42 -28.07 -67.77
N LEU D 228 19.45 -27.48 -68.96
CA LEU D 228 18.30 -26.83 -69.57
C LEU D 228 18.11 -27.42 -70.96
N LEU D 229 16.98 -28.06 -71.19
CA LEU D 229 16.71 -28.81 -72.41
C LEU D 229 15.52 -28.20 -73.13
N GLU D 230 15.72 -27.76 -74.37
CA GLU D 230 14.63 -27.35 -75.24
C GLU D 230 14.14 -28.57 -76.01
N VAL D 231 12.91 -29.00 -75.73
CA VAL D 231 12.33 -30.19 -76.32
C VAL D 231 11.25 -29.74 -77.30
N VAL D 232 11.41 -30.14 -78.55
CA VAL D 232 10.49 -29.85 -79.64
C VAL D 232 9.97 -31.18 -80.18
N ALA D 233 8.65 -31.35 -80.17
CA ALA D 233 8.04 -32.57 -80.67
C ALA D 233 7.65 -32.42 -82.13
N PHE D 234 7.51 -33.57 -82.80
CA PHE D 234 7.13 -33.61 -84.21
C PHE D 234 6.31 -34.87 -84.44
N ALA D 235 4.98 -34.73 -84.39
CA ALA D 235 4.06 -35.85 -84.60
C ALA D 235 3.27 -35.62 -85.88
N ARG D 236 3.24 -36.64 -86.74
CA ARG D 236 2.49 -36.58 -88.00
C ARG D 236 1.05 -36.95 -87.70
N ILE D 237 0.30 -35.98 -87.18
CA ILE D 237 -1.09 -36.22 -86.80
C ILE D 237 -2.01 -36.20 -88.01
N GLY D 238 -1.57 -35.66 -89.14
CA GLY D 238 -2.37 -35.61 -90.35
C GLY D 238 -2.63 -34.20 -90.82
N ASP D 239 -3.13 -34.11 -92.05
CA ASP D 239 -3.40 -32.83 -92.68
C ASP D 239 -4.65 -32.20 -92.08
N GLY D 240 -4.46 -31.16 -91.28
CA GLY D 240 -5.58 -30.41 -90.75
C GLY D 240 -6.37 -31.08 -89.64
N GLN D 241 -5.83 -32.14 -89.04
CA GLN D 241 -6.56 -32.86 -88.01
C GLN D 241 -6.60 -32.07 -86.71
N GLU D 242 -7.61 -32.35 -85.90
CA GLU D 242 -7.83 -31.62 -84.66
C GLU D 242 -6.85 -32.07 -83.59
N VAL D 243 -6.22 -31.10 -82.94
CA VAL D 243 -5.25 -31.38 -81.90
C VAL D 243 -5.90 -31.15 -80.53
N PHE D 244 -5.21 -31.57 -79.48
CA PHE D 244 -5.76 -31.56 -78.12
C PHE D 244 -4.86 -30.74 -77.20
N PRO D 245 -5.02 -29.42 -77.16
CA PRO D 245 -4.39 -28.64 -76.09
C PRO D 245 -5.04 -28.91 -74.75
N SER D 246 -4.34 -28.53 -73.69
CA SER D 246 -4.92 -28.60 -72.36
C SER D 246 -6.04 -27.58 -72.23
N GLN D 247 -7.13 -27.99 -71.60
CA GLN D 247 -8.38 -27.25 -71.67
C GLN D 247 -8.60 -26.42 -70.41
N GLU D 248 -8.85 -25.14 -70.61
CA GLU D 248 -9.20 -24.18 -69.57
C GLU D 248 -10.70 -24.27 -69.26
N LEU D 249 -11.08 -23.77 -68.08
CA LEU D 249 -12.49 -23.55 -67.80
C LEU D 249 -12.72 -22.11 -67.36
N LYS D 260 -19.69 -20.06 -74.67
CA LYS D 260 -18.41 -20.72 -74.46
C LYS D 260 -18.48 -21.69 -73.29
N SER D 261 -18.99 -22.90 -73.55
CA SER D 261 -19.06 -23.91 -72.50
C SER D 261 -17.68 -24.46 -72.15
N LYS D 262 -16.89 -24.78 -73.17
CA LYS D 262 -15.54 -25.32 -72.99
C LYS D 262 -14.56 -24.50 -73.82
N THR D 263 -13.48 -24.07 -73.19
CA THR D 263 -12.45 -23.29 -73.85
C THR D 263 -11.11 -24.02 -73.77
N LEU D 264 -10.24 -23.71 -74.73
CA LEU D 264 -8.91 -24.30 -74.81
C LEU D 264 -7.88 -23.25 -74.42
N TYR D 265 -6.94 -23.64 -73.55
CA TYR D 265 -6.02 -22.68 -72.96
C TYR D 265 -4.96 -22.27 -73.97
N SER D 266 -4.60 -20.99 -73.95
CA SER D 266 -3.56 -20.44 -74.81
C SER D 266 -2.73 -19.45 -73.99
N VAL D 267 -1.73 -18.85 -74.63
CA VAL D 267 -0.90 -17.87 -73.94
C VAL D 267 -0.98 -16.49 -74.59
N ARG D 268 -0.55 -16.35 -75.85
CA ARG D 268 -0.58 -15.07 -76.54
C ARG D 268 -0.73 -15.34 -78.04
N ASP D 269 -1.98 -15.30 -78.52
CA ASP D 269 -2.35 -15.51 -79.93
C ASP D 269 -1.85 -16.86 -80.47
N ALA D 270 -1.71 -17.85 -79.59
CA ALA D 270 -1.08 -19.12 -79.93
C ALA D 270 -1.46 -20.13 -78.85
N ALA D 271 -2.02 -21.26 -79.27
CA ALA D 271 -2.51 -22.24 -78.32
C ALA D 271 -1.35 -22.99 -77.67
N ALA D 272 -1.57 -23.44 -76.43
CA ALA D 272 -0.50 -24.00 -75.63
C ALA D 272 -1.03 -25.15 -74.78
N ILE D 273 -0.10 -25.97 -74.30
CA ILE D 273 -0.37 -27.03 -73.33
C ILE D 273 0.20 -26.58 -71.99
N HIS D 274 -0.50 -26.94 -70.92
CA HIS D 274 -0.11 -26.53 -69.58
C HIS D 274 1.20 -27.18 -69.15
N SER D 275 1.92 -26.50 -68.26
CA SER D 275 3.18 -27.03 -67.72
C SER D 275 2.93 -28.27 -66.88
N GLN D 276 1.86 -28.28 -66.11
CA GLN D 276 1.61 -29.40 -65.19
C GLN D 276 1.18 -30.65 -65.93
N LYS D 277 0.63 -30.50 -67.15
CA LYS D 277 0.36 -31.67 -67.98
C LYS D 277 1.66 -32.32 -68.44
N ILE D 278 2.66 -31.50 -68.82
CA ILE D 278 3.96 -32.01 -69.20
C ILE D 278 4.66 -32.65 -68.00
N GLY D 279 4.48 -32.06 -66.82
CA GLY D 279 5.04 -32.64 -65.61
C GLY D 279 4.42 -33.98 -65.24
N ASN D 280 3.10 -34.09 -65.35
CA ASN D 280 2.42 -35.36 -65.08
C ASN D 280 2.77 -36.42 -66.12
N ALA D 281 3.03 -36.00 -67.36
CA ALA D 281 3.49 -36.95 -68.36
C ALA D 281 4.91 -37.42 -68.06
N LEU D 282 5.77 -36.52 -67.56
CA LEU D 282 7.14 -36.89 -67.25
C LEU D 282 7.22 -37.80 -66.02
N ARG D 283 6.26 -37.71 -65.11
CA ARG D 283 6.27 -38.54 -63.91
C ARG D 283 5.86 -39.98 -64.18
N THR D 284 5.40 -40.31 -65.38
CA THR D 284 4.88 -41.65 -65.69
C THR D 284 6.05 -42.60 -65.88
N ILE D 285 6.63 -43.03 -64.75
CA ILE D 285 7.73 -43.99 -64.73
C ILE D 285 7.36 -45.16 -63.83
N ASP D 286 6.28 -45.01 -63.06
CA ASP D 286 5.97 -45.96 -61.99
C ASP D 286 5.43 -47.25 -62.59
N THR D 287 6.24 -48.31 -62.56
CA THR D 287 5.81 -49.66 -62.88
C THR D 287 5.93 -50.62 -61.72
N TRP D 288 6.36 -50.14 -60.55
CA TRP D 288 6.59 -50.99 -59.40
C TRP D 288 5.36 -51.12 -58.51
N TYR D 289 4.24 -50.54 -58.92
CA TYR D 289 2.97 -50.77 -58.27
C TYR D 289 2.49 -52.19 -58.55
N PRO D 290 1.61 -52.76 -57.69
CA PRO D 290 1.10 -54.12 -57.95
C PRO D 290 0.20 -54.19 -59.17
N ASP D 291 0.84 -54.23 -60.34
CA ASP D 291 0.13 -54.10 -61.62
C ASP D 291 -0.66 -55.36 -61.94
N GLU D 292 -1.91 -55.16 -62.36
CA GLU D 292 -2.75 -56.21 -62.90
C GLU D 292 -3.40 -55.69 -64.18
N ASP D 293 -4.02 -56.61 -64.92
CA ASP D 293 -4.76 -56.38 -66.16
C ASP D 293 -3.90 -55.78 -67.27
N GLY D 294 -2.58 -55.91 -67.20
CA GLY D 294 -1.72 -55.45 -68.27
C GLY D 294 -1.54 -53.96 -68.39
N LEU D 295 -1.75 -53.21 -67.31
CA LEU D 295 -1.54 -51.76 -67.35
C LEU D 295 -0.06 -51.44 -67.37
N GLY D 296 0.30 -50.41 -68.12
CA GLY D 296 1.68 -49.99 -68.24
C GLY D 296 2.11 -49.09 -67.10
N PRO D 297 3.02 -48.16 -67.38
CA PRO D 297 3.46 -47.22 -66.35
C PRO D 297 2.38 -46.22 -65.98
N ILE D 298 2.34 -45.85 -64.71
CA ILE D 298 1.45 -44.80 -64.22
C ILE D 298 2.32 -43.65 -63.70
N ALA D 299 1.67 -42.50 -63.50
CA ALA D 299 2.37 -41.34 -62.96
C ALA D 299 2.73 -41.55 -61.51
N VAL D 300 3.94 -41.12 -61.13
CA VAL D 300 4.37 -41.20 -59.74
C VAL D 300 3.58 -40.16 -58.94
N GLU D 301 2.59 -40.64 -58.21
CA GLU D 301 1.71 -39.84 -57.38
C GLU D 301 1.68 -40.47 -55.99
N PRO D 302 1.37 -39.69 -54.97
CA PRO D 302 1.03 -40.29 -53.67
C PRO D 302 -0.23 -41.13 -53.80
N TYR D 303 -0.17 -42.35 -53.27
CA TYR D 303 -1.19 -43.39 -53.38
C TYR D 303 -1.56 -43.70 -54.83
N GLY D 304 -0.57 -43.63 -55.73
CA GLY D 304 -0.57 -44.16 -57.09
C GLY D 304 -1.83 -44.09 -57.93
N SER D 305 -2.48 -42.94 -57.93
CA SER D 305 -3.83 -42.82 -58.47
C SER D 305 -3.81 -42.39 -59.93
N VAL D 306 -4.76 -42.93 -60.69
CA VAL D 306 -4.95 -42.58 -62.10
C VAL D 306 -6.40 -42.17 -62.31
N THR D 307 -6.61 -41.12 -63.10
CA THR D 307 -7.96 -40.61 -63.33
C THR D 307 -8.69 -41.39 -64.41
N SER D 308 -7.95 -42.00 -65.35
CA SER D 308 -8.59 -42.71 -66.45
C SER D 308 -9.26 -44.00 -65.98
N GLN D 309 -8.59 -44.76 -65.13
CA GLN D 309 -9.19 -45.99 -64.58
C GLN D 309 -10.12 -45.70 -63.41
N GLY D 310 -10.06 -44.49 -62.84
CA GLY D 310 -10.88 -44.18 -61.69
C GLY D 310 -10.51 -44.92 -60.43
N LYS D 311 -9.27 -45.43 -60.36
CA LYS D 311 -8.84 -46.24 -59.23
C LYS D 311 -7.43 -45.81 -58.83
N ALA D 312 -7.04 -46.20 -57.62
CA ALA D 312 -5.75 -45.79 -57.04
C ALA D 312 -4.95 -47.04 -56.70
N TYR D 313 -3.91 -47.31 -57.49
CA TYR D 313 -2.94 -48.33 -57.15
C TYR D 313 -2.05 -47.85 -56.01
N ARG D 314 -1.26 -48.77 -55.46
CA ARG D 314 -0.49 -48.58 -54.22
C ARG D 314 -1.42 -48.12 -53.09
N GLN D 315 -2.38 -48.98 -52.79
CA GLN D 315 -3.42 -48.66 -51.81
C GLN D 315 -2.81 -48.55 -50.41
N PRO D 316 -3.30 -47.62 -49.59
CA PRO D 316 -2.75 -47.50 -48.22
C PRO D 316 -3.06 -48.68 -47.31
N LYS D 317 -4.06 -49.51 -47.65
CA LYS D 317 -4.25 -50.76 -46.92
C LYS D 317 -3.12 -51.75 -47.20
N GLN D 318 -2.43 -51.61 -48.33
CA GLN D 318 -1.15 -52.25 -48.56
C GLN D 318 -0.03 -51.34 -48.08
N LYS D 319 1.14 -51.93 -47.86
CA LYS D 319 2.30 -51.14 -47.41
C LYS D 319 3.14 -50.70 -48.60
N LEU D 320 2.51 -50.09 -49.60
CA LEU D 320 3.17 -49.70 -50.83
C LEU D 320 2.90 -48.28 -51.27
N ASP D 321 2.13 -47.50 -50.52
CA ASP D 321 1.98 -46.09 -50.81
C ASP D 321 3.22 -45.32 -50.38
N PHE D 322 3.31 -44.07 -50.87
CA PHE D 322 4.55 -43.30 -50.74
C PHE D 322 4.81 -42.89 -49.29
N TYR D 323 3.76 -42.59 -48.54
CA TYR D 323 3.94 -42.06 -47.19
C TYR D 323 4.35 -43.15 -46.21
N THR D 324 3.77 -44.35 -46.32
CA THR D 324 4.20 -45.46 -45.48
C THR D 324 5.63 -45.88 -45.80
N LEU D 325 6.02 -45.79 -47.08
CA LEU D 325 7.38 -46.09 -47.45
C LEU D 325 8.36 -45.04 -46.91
N LEU D 326 7.95 -43.77 -46.88
CA LEU D 326 8.77 -42.73 -46.24
C LEU D 326 8.93 -42.98 -44.73
N ASP D 327 7.82 -43.23 -44.03
CA ASP D 327 7.92 -43.45 -42.59
C ASP D 327 8.62 -44.76 -42.24
N ASN D 328 8.61 -45.73 -43.16
CA ASN D 328 9.47 -46.89 -42.94
C ASN D 328 10.94 -46.56 -43.21
N TRP D 329 11.22 -45.76 -44.25
CA TRP D 329 12.59 -45.54 -44.66
C TRP D 329 13.35 -44.63 -43.70
N VAL D 330 12.73 -43.53 -43.27
CA VAL D 330 13.47 -42.46 -42.59
C VAL D 330 13.13 -42.34 -41.11
N LEU D 331 12.16 -43.11 -40.61
CA LEU D 331 11.81 -43.01 -39.19
C LEU D 331 12.15 -44.28 -38.42
N ARG D 332 11.63 -45.44 -38.83
CA ARG D 332 11.90 -46.69 -38.15
C ARG D 332 13.06 -47.47 -38.75
N ASP D 333 13.77 -46.88 -39.72
CA ASP D 333 14.92 -47.46 -40.43
C ASP D 333 14.58 -48.77 -41.13
N GLU D 334 13.32 -48.95 -41.53
CA GLU D 334 12.89 -50.12 -42.29
C GLU D 334 13.08 -49.78 -43.76
N ALA D 335 14.26 -50.09 -44.27
CA ALA D 335 14.61 -49.74 -45.65
C ALA D 335 13.80 -50.59 -46.63
N PRO D 336 13.04 -49.98 -47.54
CA PRO D 336 12.23 -50.76 -48.48
C PRO D 336 13.05 -51.35 -49.60
N ALA D 337 12.37 -51.91 -50.59
CA ALA D 337 13.04 -52.46 -51.77
C ALA D 337 13.64 -51.33 -52.62
N VAL D 338 14.46 -51.74 -53.58
CA VAL D 338 15.12 -50.79 -54.47
C VAL D 338 14.10 -50.09 -55.36
N GLU D 339 13.07 -50.82 -55.78
CA GLU D 339 12.01 -50.24 -56.61
C GLU D 339 11.15 -49.27 -55.81
N GLN D 340 10.85 -49.61 -54.55
CA GLN D 340 10.04 -48.73 -53.72
C GLN D 340 10.78 -47.45 -53.37
N GLN D 341 12.09 -47.54 -53.12
CA GLN D 341 12.85 -46.32 -52.87
C GLN D 341 13.08 -45.53 -54.16
N HIS D 342 13.09 -46.19 -55.32
CA HIS D 342 13.08 -45.47 -56.59
C HIS D 342 11.81 -44.64 -56.73
N TYR D 343 10.66 -45.25 -56.40
CA TYR D 343 9.38 -44.55 -56.45
C TYR D 343 9.32 -43.41 -55.42
N VAL D 344 9.90 -43.63 -54.23
CA VAL D 344 9.93 -42.61 -53.19
C VAL D 344 10.77 -41.41 -53.63
N ILE D 345 11.95 -41.65 -54.22
CA ILE D 345 12.78 -40.54 -54.66
C ILE D 345 12.15 -39.84 -55.87
N ALA D 346 11.41 -40.57 -56.71
CA ALA D 346 10.67 -39.93 -57.80
C ALA D 346 9.57 -39.01 -57.27
N ASN D 347 8.86 -39.44 -56.23
CA ASN D 347 7.85 -38.58 -55.60
C ASN D 347 8.49 -37.40 -54.87
N LEU D 348 9.70 -37.57 -54.36
CA LEU D 348 10.41 -36.42 -53.78
C LEU D 348 10.89 -35.46 -54.85
N ILE D 349 11.22 -35.98 -56.04
CA ILE D 349 11.60 -35.15 -57.17
C ILE D 349 10.43 -34.31 -57.64
N ARG D 350 9.23 -34.91 -57.73
CA ARG D 350 8.07 -34.17 -58.20
C ARG D 350 7.57 -33.11 -57.22
N GLY D 351 8.02 -33.14 -55.95
CA GLY D 351 7.57 -32.18 -54.97
C GLY D 351 6.33 -32.63 -54.25
N GLY D 352 5.91 -31.84 -53.27
CA GLY D 352 4.69 -32.17 -52.56
C GLY D 352 4.49 -31.31 -51.34
N VAL D 353 3.39 -31.57 -50.63
CA VAL D 353 3.03 -30.77 -49.47
C VAL D 353 3.07 -31.66 -48.24
N PHE D 354 3.98 -32.62 -48.28
CA PHE D 354 3.98 -33.75 -47.35
C PHE D 354 4.10 -33.27 -45.90
N GLY D 355 3.57 -34.06 -44.98
CA GLY D 355 3.66 -33.77 -43.56
C GLY D 355 2.33 -34.00 -42.87
N GLU D 356 2.41 -34.13 -41.54
CA GLU D 356 1.25 -34.46 -40.73
C GLU D 356 0.41 -33.21 -40.45
N ALA D 357 -0.55 -33.33 -39.54
CA ALA D 357 -1.39 -32.20 -39.17
C ALA D 357 -1.77 -32.28 -37.70
N ILE E 23 15.54 7.28 -13.56
CA ILE E 23 15.49 5.94 -13.01
C ILE E 23 15.61 4.93 -14.15
N LEU E 24 15.37 5.41 -15.37
CA LEU E 24 15.73 4.76 -16.64
C LEU E 24 15.05 3.38 -16.80
N SER E 25 13.74 3.42 -16.98
CA SER E 25 13.01 2.26 -17.45
C SER E 25 12.86 2.31 -18.97
N THR E 26 12.63 1.16 -19.57
CA THR E 26 12.36 1.09 -21.00
C THR E 26 11.03 1.75 -21.33
N ALA E 27 11.00 2.48 -22.44
CA ALA E 27 9.80 3.20 -22.84
C ALA E 27 8.69 2.25 -23.26
N SER E 28 7.45 2.64 -22.97
CA SER E 28 6.30 1.79 -23.29
C SER E 28 6.07 1.71 -24.79
N VAL E 29 6.29 2.81 -25.51
CA VAL E 29 6.34 2.78 -26.97
C VAL E 29 7.76 3.12 -27.40
N LEU E 30 8.27 2.33 -28.34
CA LEU E 30 9.61 2.53 -28.91
C LEU E 30 9.52 2.28 -30.41
N ALA E 31 8.54 2.90 -31.04
CA ALA E 31 8.33 2.73 -32.48
C ALA E 31 9.50 3.30 -33.27
N PHE E 32 10.02 2.48 -34.18
CA PHE E 32 11.17 2.84 -35.00
C PHE E 32 10.77 2.81 -36.46
N GLU E 33 11.03 3.89 -37.18
CA GLU E 33 10.91 3.87 -38.62
C GLU E 33 11.99 2.98 -39.22
N ARG E 34 11.61 2.19 -40.21
CA ARG E 34 12.57 1.29 -40.84
C ARG E 34 13.55 2.08 -41.70
N LYS E 35 14.81 1.69 -41.65
CA LYS E 35 15.80 2.14 -42.60
C LYS E 35 15.95 1.06 -43.67
N LEU E 36 16.73 1.39 -44.70
CA LEU E 36 16.83 0.62 -45.95
C LEU E 36 15.45 0.38 -46.55
N ASP E 37 14.79 1.47 -46.93
CA ASP E 37 13.44 1.40 -47.47
C ASP E 37 13.48 0.97 -48.92
N PRO E 38 12.91 -0.21 -49.25
CA PRO E 38 12.96 -0.68 -50.63
C PRO E 38 11.72 -0.34 -51.45
N SER E 39 11.88 -0.10 -52.74
CA SER E 39 10.71 0.03 -53.61
C SER E 39 10.25 -1.35 -54.05
N ASP E 40 9.08 -1.38 -54.70
CA ASP E 40 8.53 -2.64 -55.16
C ASP E 40 9.23 -3.09 -56.43
N ALA E 41 9.70 -4.34 -56.45
CA ALA E 41 10.62 -4.83 -57.46
C ALA E 41 9.84 -5.36 -58.66
N LEU E 42 9.83 -4.59 -59.74
CA LEU E 42 9.10 -4.97 -60.95
C LEU E 42 9.87 -6.03 -61.73
N MET E 43 9.11 -6.92 -62.36
CA MET E 43 9.66 -8.06 -63.07
C MET E 43 9.33 -7.94 -64.56
N SER E 44 10.37 -7.98 -65.38
CA SER E 44 10.25 -8.04 -66.83
C SER E 44 11.07 -9.22 -67.32
N ALA E 45 10.98 -9.52 -68.62
CA ALA E 45 11.67 -10.68 -69.17
C ALA E 45 12.32 -10.31 -70.50
N GLY E 46 13.41 -11.01 -70.80
CA GLY E 46 14.17 -10.76 -72.01
C GLY E 46 15.24 -11.82 -72.17
N ALA E 47 16.18 -11.53 -73.07
CA ALA E 47 17.28 -12.44 -73.35
C ALA E 47 18.56 -11.95 -72.69
N TRP E 48 19.44 -12.90 -72.37
CA TRP E 48 20.75 -12.58 -71.81
C TRP E 48 21.60 -11.89 -72.87
N ALA E 49 22.52 -11.04 -72.39
CA ALA E 49 23.41 -10.12 -73.12
C ALA E 49 22.66 -9.01 -73.85
N GLN E 50 21.34 -8.94 -73.73
CA GLN E 50 20.57 -7.77 -74.13
C GLN E 50 20.24 -6.90 -72.92
N ARG E 51 20.85 -7.21 -71.76
CA ARG E 51 20.56 -6.51 -70.52
C ARG E 51 20.95 -5.04 -70.57
N ASP E 52 22.02 -4.72 -71.31
CA ASP E 52 22.43 -3.33 -71.51
C ASP E 52 21.40 -2.55 -72.33
N ALA E 53 20.54 -3.25 -73.07
CA ALA E 53 19.39 -2.64 -73.73
C ALA E 53 18.09 -3.12 -73.09
N SER E 54 18.11 -3.33 -71.78
CA SER E 54 16.95 -3.81 -71.04
C SER E 54 16.05 -2.69 -70.54
N GLN E 55 16.09 -1.52 -71.18
CA GLN E 55 15.28 -0.39 -70.71
C GLN E 55 13.80 -0.59 -71.03
N GLU E 56 13.50 -1.07 -72.23
CA GLU E 56 12.12 -1.23 -72.70
C GLU E 56 11.75 -2.69 -72.83
N TRP E 57 12.19 -3.52 -71.89
CA TRP E 57 11.83 -4.93 -71.89
C TRP E 57 10.35 -5.10 -71.53
N PRO E 58 9.66 -6.07 -72.13
CA PRO E 58 8.25 -6.29 -71.80
C PRO E 58 8.12 -6.87 -70.39
N ALA E 59 7.20 -6.30 -69.62
CA ALA E 59 7.03 -6.72 -68.23
C ALA E 59 6.37 -8.09 -68.15
N VAL E 60 6.72 -8.82 -67.09
CA VAL E 60 6.11 -10.12 -66.84
C VAL E 60 4.66 -9.91 -66.42
N THR E 61 3.74 -10.55 -67.12
CA THR E 61 2.31 -10.39 -66.88
C THR E 61 1.77 -11.64 -66.19
N VAL E 62 1.02 -11.42 -65.11
CA VAL E 62 0.39 -12.51 -64.40
C VAL E 62 -0.79 -13.04 -65.22
N ARG E 63 -0.80 -14.35 -65.47
CA ARG E 63 -1.84 -14.95 -66.31
C ARG E 63 -2.54 -16.07 -65.55
N GLU E 64 -3.67 -16.50 -66.09
CA GLU E 64 -4.49 -17.55 -65.49
C GLU E 64 -4.24 -18.87 -66.20
N LYS E 65 -4.21 -19.96 -65.44
CA LYS E 65 -4.19 -21.29 -66.04
C LYS E 65 -4.97 -22.23 -65.13
N SER E 66 -5.63 -23.21 -65.75
CA SER E 66 -6.51 -24.12 -65.02
C SER E 66 -5.77 -25.39 -64.65
N VAL E 67 -5.99 -25.86 -63.42
CA VAL E 67 -5.36 -27.07 -62.90
C VAL E 67 -6.45 -27.99 -62.37
N ARG E 68 -6.36 -29.27 -62.70
CA ARG E 68 -7.10 -30.30 -61.98
C ARG E 68 -6.08 -31.22 -61.32
N GLY E 69 -6.41 -31.69 -60.13
CA GLY E 69 -5.47 -32.41 -59.31
C GLY E 69 -6.05 -33.65 -58.69
N THR E 70 -5.19 -34.64 -58.50
CA THR E 70 -5.53 -35.81 -57.73
C THR E 70 -5.40 -35.52 -56.24
N ILE E 71 -6.01 -36.37 -55.43
CA ILE E 71 -5.95 -36.21 -53.98
C ILE E 71 -4.60 -36.75 -53.50
N SER E 72 -3.74 -35.86 -53.00
CA SER E 72 -2.35 -36.20 -52.76
C SER E 72 -1.84 -35.79 -51.38
N ASN E 73 -2.71 -35.36 -50.48
CA ASN E 73 -2.25 -35.09 -49.12
C ASN E 73 -2.27 -36.37 -48.30
N ARG E 74 -1.70 -36.29 -47.10
CA ARG E 74 -1.70 -37.43 -46.20
C ARG E 74 -3.08 -37.62 -45.60
N LEU E 75 -3.57 -38.85 -45.63
CA LEU E 75 -4.88 -39.17 -45.09
C LEU E 75 -4.78 -39.46 -43.59
N LYS E 76 -5.93 -39.36 -42.91
CA LYS E 76 -6.00 -39.43 -41.46
C LYS E 76 -6.53 -40.77 -40.97
N THR E 77 -6.12 -41.87 -41.63
CA THR E 77 -6.42 -43.27 -41.37
C THR E 77 -7.90 -43.65 -41.54
N LYS E 78 -8.76 -42.70 -41.91
CA LYS E 78 -10.15 -43.00 -42.25
C LYS E 78 -10.48 -42.76 -43.71
N ASP E 79 -9.64 -42.00 -44.41
CA ASP E 79 -9.73 -41.83 -45.86
C ASP E 79 -8.97 -42.93 -46.61
N ARG E 80 -8.35 -43.86 -45.88
CA ARG E 80 -7.51 -44.89 -46.47
C ARG E 80 -8.27 -46.11 -46.95
N ASP E 81 -9.61 -46.11 -46.85
CA ASP E 81 -10.40 -47.17 -47.43
C ASP E 81 -10.30 -47.14 -48.95
N PRO E 82 -10.31 -48.31 -49.61
CA PRO E 82 -10.12 -48.34 -51.07
C PRO E 82 -11.24 -47.72 -51.87
N ALA E 83 -12.49 -48.04 -51.51
CA ALA E 83 -13.64 -47.52 -52.27
C ALA E 83 -13.81 -46.02 -52.04
N LYS E 84 -13.56 -45.54 -50.83
CA LYS E 84 -13.73 -44.13 -50.53
C LYS E 84 -12.62 -43.30 -51.18
N LEU E 85 -11.39 -43.81 -51.18
CA LEU E 85 -10.31 -43.17 -51.93
C LEU E 85 -10.56 -43.23 -53.44
N ASP E 86 -11.23 -44.30 -53.91
CA ASP E 86 -11.57 -44.40 -55.33
C ASP E 86 -12.60 -43.34 -55.72
N ALA E 87 -13.60 -43.13 -54.85
CA ALA E 87 -14.55 -42.05 -55.08
C ALA E 87 -13.88 -40.68 -54.95
N SER E 88 -12.80 -40.60 -54.16
CA SER E 88 -12.04 -39.36 -54.07
C SER E 88 -11.27 -39.05 -55.34
N ILE E 89 -10.61 -40.05 -55.93
CA ILE E 89 -9.81 -39.78 -57.13
C ILE E 89 -10.74 -39.60 -58.34
N GLN E 90 -11.93 -40.22 -58.33
CA GLN E 90 -12.90 -40.04 -59.41
C GLN E 90 -13.44 -38.62 -59.53
N SER E 91 -13.23 -37.78 -58.51
CA SER E 91 -13.58 -36.35 -58.56
C SER E 91 -12.33 -35.53 -58.29
N PRO E 92 -11.52 -35.23 -59.32
CA PRO E 92 -10.34 -34.40 -59.11
C PRO E 92 -10.69 -32.97 -58.77
N ASN E 93 -9.84 -32.31 -57.98
CA ASN E 93 -10.19 -30.96 -57.53
C ASN E 93 -9.70 -29.94 -58.55
N LEU E 94 -10.49 -28.89 -58.73
CA LEU E 94 -10.30 -27.93 -59.81
C LEU E 94 -9.97 -26.56 -59.24
N GLN E 95 -8.94 -25.94 -59.79
CA GLN E 95 -8.59 -24.57 -59.44
C GLN E 95 -8.17 -23.82 -60.68
N THR E 96 -8.19 -22.50 -60.59
CA THR E 96 -7.54 -21.62 -61.56
C THR E 96 -6.42 -20.87 -60.84
N VAL E 97 -5.19 -21.20 -61.18
CA VAL E 97 -4.02 -20.64 -60.53
C VAL E 97 -3.45 -19.54 -61.40
N ASP E 98 -3.04 -18.45 -60.76
CA ASP E 98 -2.30 -17.41 -61.46
C ASP E 98 -0.85 -17.84 -61.53
N VAL E 99 -0.30 -17.86 -62.73
CA VAL E 99 1.08 -18.25 -62.96
C VAL E 99 1.77 -17.09 -63.66
N ALA E 100 3.07 -16.99 -63.41
CA ALA E 100 3.93 -16.00 -64.06
C ALA E 100 4.99 -16.75 -64.84
N ASN E 101 4.95 -16.62 -66.16
CA ASN E 101 5.87 -17.31 -67.05
C ASN E 101 6.56 -16.30 -67.95
N LEU E 102 7.80 -16.62 -68.31
CA LEU E 102 8.50 -15.82 -69.29
C LEU E 102 7.89 -16.04 -70.67
N PRO E 103 8.08 -15.08 -71.58
CA PRO E 103 7.88 -15.39 -73.00
C PRO E 103 8.88 -16.44 -73.47
N SER E 104 8.48 -17.20 -74.48
CA SER E 104 9.31 -18.30 -74.96
C SER E 104 10.60 -17.82 -75.62
N ASP E 105 10.61 -16.59 -76.13
CA ASP E 105 11.85 -15.97 -76.61
C ASP E 105 12.51 -15.12 -75.52
N ALA E 106 12.67 -15.71 -74.33
CA ALA E 106 13.25 -15.02 -73.19
C ALA E 106 13.69 -16.04 -72.16
N ASP E 107 15.00 -16.13 -71.93
CA ASP E 107 15.54 -17.00 -70.89
C ASP E 107 15.99 -16.26 -69.65
N THR E 108 15.89 -14.93 -69.65
CA THR E 108 16.42 -14.08 -68.59
C THR E 108 15.30 -13.26 -67.99
N LEU E 109 15.25 -13.22 -66.66
CA LEU E 109 14.31 -12.41 -65.93
C LEU E 109 15.02 -11.20 -65.32
N LYS E 110 14.48 -10.01 -65.57
CA LYS E 110 14.99 -8.75 -65.03
C LYS E 110 14.07 -8.31 -63.89
N VAL E 111 14.67 -7.91 -62.77
CA VAL E 111 13.94 -7.46 -61.60
C VAL E 111 14.55 -6.15 -61.13
N ARG E 112 13.74 -5.10 -60.99
CA ARG E 112 14.22 -3.77 -60.69
C ARG E 112 13.56 -3.21 -59.45
N PHE E 113 14.38 -2.67 -58.53
CA PHE E 113 13.84 -1.93 -57.39
C PHE E 113 14.82 -0.82 -57.03
N THR E 114 14.38 0.06 -56.12
CA THR E 114 15.24 1.09 -55.56
C THR E 114 15.23 0.98 -54.03
N LEU E 115 16.38 1.29 -53.43
CA LEU E 115 16.56 1.21 -51.99
C LEU E 115 17.02 2.58 -51.49
N ARG E 116 16.38 3.05 -50.43
CA ARG E 116 16.69 4.33 -49.80
C ARG E 116 17.36 4.10 -48.46
N VAL E 117 18.56 4.64 -48.30
CA VAL E 117 19.27 4.56 -47.02
C VAL E 117 19.12 5.91 -46.33
N LEU E 118 18.48 5.92 -45.17
CA LEU E 118 18.04 7.15 -44.53
C LEU E 118 19.04 7.67 -43.50
N GLY E 119 19.33 6.86 -42.48
CA GLY E 119 20.11 7.31 -41.34
C GLY E 119 19.24 7.66 -40.17
N GLY E 120 19.89 8.00 -39.06
CA GLY E 120 19.20 8.23 -37.81
C GLY E 120 18.56 6.96 -37.28
N ALA E 121 19.34 5.87 -37.27
CA ALA E 121 18.79 4.55 -36.94
C ALA E 121 18.43 4.42 -35.46
N GLY E 122 19.13 5.14 -34.59
CA GLY E 122 18.84 5.04 -33.17
C GLY E 122 17.75 5.95 -32.66
N THR E 123 17.25 6.86 -33.49
CA THR E 123 16.21 7.79 -33.05
C THR E 123 14.83 7.18 -33.32
N PRO E 124 14.04 6.93 -32.28
CA PRO E 124 12.69 6.40 -32.52
C PRO E 124 11.76 7.46 -33.10
N SER E 125 10.81 7.01 -33.93
CA SER E 125 9.79 7.91 -34.44
C SER E 125 8.79 8.27 -33.34
N ALA E 126 8.41 7.30 -32.53
CA ALA E 126 7.53 7.53 -31.38
C ALA E 126 8.18 6.95 -30.14
N CYS E 127 8.11 7.70 -29.04
CA CYS E 127 8.70 7.27 -27.79
C CYS E 127 7.90 7.89 -26.64
N ASN E 128 8.01 7.29 -25.47
CA ASN E 128 7.31 7.78 -24.28
C ASN E 128 8.26 8.48 -23.31
N ASP E 129 9.32 7.79 -22.89
CA ASP E 129 10.25 8.32 -21.90
C ASP E 129 11.37 9.06 -22.64
N ALA E 130 11.52 10.35 -22.34
CA ALA E 130 12.58 11.13 -22.96
C ALA E 130 13.95 10.78 -22.38
N ALA E 131 14.00 10.37 -21.11
CA ALA E 131 15.25 9.92 -20.52
C ALA E 131 15.74 8.62 -21.16
N TYR E 132 14.83 7.67 -21.36
CA TYR E 132 15.19 6.42 -22.04
C TYR E 132 15.55 6.68 -23.50
N ARG E 133 14.85 7.62 -24.15
CA ARG E 133 15.17 7.99 -25.52
C ARG E 133 16.56 8.60 -25.62
N ASP E 134 16.92 9.47 -24.67
CA ASP E 134 18.24 10.07 -24.67
C ASP E 134 19.33 9.05 -24.36
N LYS E 135 19.06 8.11 -23.45
CA LYS E 135 20.03 7.06 -23.16
C LYS E 135 20.22 6.11 -24.34
N LEU E 136 19.14 5.77 -25.03
CA LEU E 136 19.25 4.93 -26.23
C LEU E 136 19.97 5.66 -27.35
N LEU E 137 19.71 6.97 -27.50
CA LEU E 137 20.43 7.77 -28.48
C LEU E 137 21.92 7.84 -28.16
N GLN E 138 22.27 7.99 -26.89
CA GLN E 138 23.68 8.01 -26.50
C GLN E 138 24.33 6.65 -26.67
N THR E 139 23.58 5.56 -26.45
CA THR E 139 24.12 4.22 -26.67
C THR E 139 24.39 3.97 -28.15
N VAL E 140 23.46 4.38 -29.01
CA VAL E 140 23.64 4.22 -30.46
C VAL E 140 24.78 5.11 -30.95
N ALA E 141 24.90 6.33 -30.41
CA ALA E 141 25.99 7.22 -30.79
C ALA E 141 27.34 6.70 -30.30
N THR E 142 27.36 6.06 -29.13
CA THR E 142 28.57 5.40 -28.64
C THR E 142 28.98 4.26 -29.57
N TYR E 143 28.00 3.45 -30.00
CA TYR E 143 28.25 2.37 -30.95
C TYR E 143 28.80 2.90 -32.27
N VAL E 144 28.24 4.01 -32.75
CA VAL E 144 28.74 4.64 -33.97
C VAL E 144 30.14 5.18 -33.75
N ASN E 145 30.43 5.64 -32.53
CA ASN E 145 31.74 6.21 -32.22
C ASN E 145 32.85 5.17 -32.28
N ASP E 146 32.66 3.98 -31.68
CA ASP E 146 33.79 3.04 -31.76
C ASP E 146 33.76 2.26 -33.07
N GLN E 147 32.60 1.74 -33.45
CA GLN E 147 32.47 0.87 -34.63
C GLN E 147 31.25 1.32 -35.44
N GLY E 148 31.49 2.22 -36.39
CA GLY E 148 30.42 2.77 -37.20
C GLY E 148 29.80 1.75 -38.15
N PHE E 149 28.88 2.26 -38.98
CA PHE E 149 28.06 1.39 -39.83
C PHE E 149 28.88 0.79 -40.97
N ALA E 150 29.78 -0.13 -40.65
CA ALA E 150 30.68 -0.72 -41.64
C ALA E 150 30.42 -2.20 -41.86
N GLU E 151 30.36 -2.99 -40.78
CA GLU E 151 30.09 -4.42 -40.90
C GLU E 151 28.66 -4.67 -41.37
N LEU E 152 27.69 -3.94 -40.79
CA LEU E 152 26.31 -4.06 -41.21
C LEU E 152 26.13 -3.59 -42.65
N ALA E 153 26.78 -2.49 -43.03
CA ALA E 153 26.68 -2.00 -44.40
C ALA E 153 27.37 -2.93 -45.38
N ARG E 154 28.46 -3.58 -44.97
CA ARG E 154 29.09 -4.58 -45.82
C ARG E 154 28.20 -5.80 -46.01
N ARG E 155 27.50 -6.21 -44.96
CA ARG E 155 26.60 -7.36 -45.08
C ARG E 155 25.36 -7.01 -45.90
N TYR E 156 24.85 -5.79 -45.76
CA TYR E 156 23.75 -5.32 -46.61
C TYR E 156 24.20 -5.18 -48.06
N ALA E 157 25.47 -4.79 -48.27
CA ALA E 157 26.03 -4.74 -49.61
C ALA E 157 26.14 -6.13 -50.23
N HIS E 158 26.48 -7.12 -49.41
CA HIS E 158 26.51 -8.50 -49.89
C HIS E 158 25.11 -9.00 -50.22
N ASN E 159 24.12 -8.66 -49.40
CA ASN E 159 22.74 -9.04 -49.70
C ASN E 159 22.18 -8.30 -50.90
N LEU E 160 22.72 -7.13 -51.24
CA LEU E 160 22.43 -6.54 -52.53
C LEU E 160 23.20 -7.23 -53.65
N ALA E 161 24.41 -7.73 -53.36
CA ALA E 161 25.27 -8.28 -54.40
C ALA E 161 24.74 -9.61 -54.92
N ASN E 162 24.37 -10.51 -54.03
CA ASN E 162 23.65 -11.70 -54.44
C ASN E 162 22.16 -11.41 -54.48
N ALA E 163 21.47 -12.04 -55.43
CA ALA E 163 20.03 -11.80 -55.60
C ALA E 163 19.25 -12.67 -54.63
N ARG E 164 19.35 -12.31 -53.35
CA ARG E 164 18.56 -12.98 -52.33
C ARG E 164 17.10 -12.54 -52.40
N PHE E 165 16.84 -11.39 -53.02
CA PHE E 165 15.48 -10.95 -53.29
C PHE E 165 14.86 -11.69 -54.47
N LEU E 166 15.64 -12.49 -55.19
CA LEU E 166 15.13 -13.48 -56.12
C LEU E 166 15.09 -14.81 -55.36
N TRP E 167 14.07 -14.97 -54.52
CA TRP E 167 14.02 -15.98 -53.47
C TRP E 167 14.01 -17.43 -53.96
N ARG E 168 12.92 -17.86 -54.57
CA ARG E 168 12.91 -19.09 -55.34
C ARG E 168 13.30 -18.84 -56.78
N ASN E 169 13.81 -17.64 -57.06
CA ASN E 169 13.86 -17.05 -58.38
C ASN E 169 15.29 -16.93 -58.89
N ARG E 170 16.27 -17.35 -58.09
CA ARG E 170 17.63 -17.64 -58.54
C ARG E 170 18.09 -19.02 -58.10
N VAL E 171 17.16 -19.83 -57.57
CA VAL E 171 17.50 -21.16 -57.04
C VAL E 171 17.97 -22.07 -58.17
N GLY E 172 17.23 -22.11 -59.27
CA GLY E 172 17.63 -22.90 -60.40
C GLY E 172 18.11 -22.04 -61.56
N ALA E 173 18.91 -21.03 -61.27
CA ALA E 173 19.40 -20.10 -62.28
C ALA E 173 20.80 -20.50 -62.71
N GLU E 174 21.02 -20.54 -64.03
CA GLU E 174 22.35 -20.84 -64.55
C GLU E 174 23.33 -19.72 -64.28
N ALA E 175 22.87 -18.48 -64.38
CA ALA E 175 23.72 -17.32 -64.11
C ALA E 175 22.88 -16.19 -63.57
N VAL E 176 23.35 -15.55 -62.50
CA VAL E 176 22.69 -14.41 -61.90
C VAL E 176 23.64 -13.23 -61.92
N GLU E 177 23.15 -12.06 -62.35
CA GLU E 177 23.92 -10.83 -62.43
C GLU E 177 23.15 -9.72 -61.75
N VAL E 178 23.86 -8.84 -61.04
CA VAL E 178 23.24 -7.75 -60.28
C VAL E 178 23.95 -6.45 -60.62
N ARG E 179 23.18 -5.44 -61.02
CA ARG E 179 23.70 -4.09 -61.26
C ARG E 179 23.08 -3.14 -60.25
N ILE E 180 23.92 -2.43 -59.50
CA ILE E 180 23.47 -1.47 -58.50
C ILE E 180 23.99 -0.10 -58.90
N ASN E 181 23.09 0.77 -59.33
CA ASN E 181 23.43 2.12 -59.75
C ASN E 181 23.11 3.11 -58.64
N HIS E 182 23.88 4.19 -58.59
CA HIS E 182 23.72 5.24 -57.59
C HIS E 182 23.22 6.50 -58.30
N ILE E 183 22.02 6.93 -57.93
CA ILE E 183 21.39 8.10 -58.54
C ILE E 183 21.61 9.30 -57.63
N ARG E 184 22.10 10.40 -58.21
CA ARG E 184 22.43 11.59 -57.44
C ARG E 184 21.47 12.74 -57.71
N GLN E 185 21.35 13.19 -58.97
CA GLN E 185 20.44 14.25 -59.36
C GLN E 185 19.59 13.83 -60.55
N GLY E 186 19.10 12.59 -60.52
CA GLY E 186 18.43 12.00 -61.66
C GLY E 186 19.36 11.34 -62.65
N GLU E 187 20.66 11.43 -62.45
CA GLU E 187 21.66 10.81 -63.30
C GLU E 187 22.49 9.84 -62.46
N VAL E 188 23.10 8.87 -63.12
CA VAL E 188 23.86 7.84 -62.42
C VAL E 188 25.17 8.44 -61.92
N ALA E 189 25.60 8.00 -60.74
CA ALA E 189 26.83 8.50 -60.13
C ALA E 189 27.90 7.41 -60.06
N ARG E 190 27.55 6.27 -59.48
CA ARG E 190 28.47 5.14 -59.37
C ARG E 190 27.73 3.86 -59.68
N ALA E 191 28.18 3.15 -60.72
CA ALA E 191 27.58 1.89 -61.14
C ALA E 191 28.38 0.72 -60.61
N TRP E 192 27.67 -0.28 -60.10
CA TRP E 192 28.26 -1.45 -59.45
C TRP E 192 27.75 -2.71 -60.13
N ARG E 193 28.41 -3.11 -61.21
CA ARG E 193 28.08 -4.35 -61.90
C ARG E 193 28.72 -5.52 -61.16
N PHE E 194 27.90 -6.50 -60.80
CA PHE E 194 28.33 -7.61 -59.95
C PHE E 194 28.12 -8.94 -60.67
N ASP E 195 28.38 -10.02 -59.93
CA ASP E 195 28.17 -11.38 -60.40
C ASP E 195 27.72 -12.20 -59.19
N ALA E 196 26.40 -12.43 -59.09
CA ALA E 196 25.82 -13.02 -57.90
C ALA E 196 26.16 -14.49 -57.71
N LEU E 197 26.72 -15.16 -58.71
CA LEU E 197 27.22 -16.52 -58.51
C LEU E 197 28.47 -16.52 -57.64
N ALA E 198 29.35 -15.53 -57.84
CA ALA E 198 30.58 -15.46 -57.07
C ALA E 198 30.32 -15.07 -55.61
N ILE E 199 29.49 -14.05 -55.41
CA ILE E 199 29.12 -13.63 -54.06
C ILE E 199 28.11 -14.64 -53.52
N GLY E 200 28.55 -15.47 -52.59
CA GLY E 200 27.71 -16.55 -52.09
C GLY E 200 26.62 -16.06 -51.15
N LEU E 201 25.68 -16.95 -50.87
CA LEU E 201 24.59 -16.69 -49.95
C LEU E 201 24.95 -17.08 -48.52
N ARG E 202 26.19 -17.48 -48.27
CA ARG E 202 26.60 -17.91 -46.93
C ARG E 202 27.88 -17.22 -46.47
N ASP E 203 28.72 -16.81 -47.41
CA ASP E 203 30.04 -16.27 -47.11
C ASP E 203 30.01 -14.75 -47.20
N PHE E 204 30.39 -14.10 -46.10
CA PHE E 204 30.51 -12.63 -46.06
C PHE E 204 31.99 -12.26 -46.17
N LYS E 205 32.49 -12.33 -47.41
CA LYS E 205 33.88 -12.04 -47.71
C LYS E 205 34.07 -10.54 -47.95
N ALA E 206 35.22 -10.16 -48.50
CA ALA E 206 35.52 -8.76 -48.77
C ALA E 206 35.88 -8.58 -50.23
N ASP E 207 35.36 -7.50 -50.82
CA ASP E 207 35.65 -7.14 -52.21
C ASP E 207 35.68 -5.62 -52.32
N ALA E 208 36.53 -5.11 -53.22
CA ALA E 208 36.76 -3.67 -53.33
C ALA E 208 35.50 -2.93 -53.76
N GLU E 209 34.77 -3.47 -54.73
CA GLU E 209 33.48 -2.88 -55.10
C GLU E 209 32.47 -3.05 -53.99
N LEU E 210 32.51 -4.18 -53.28
CA LEU E 210 31.65 -4.38 -52.12
C LEU E 210 32.03 -3.44 -50.98
N ASP E 211 33.32 -3.15 -50.80
CA ASP E 211 33.73 -2.14 -49.83
C ASP E 211 33.28 -0.74 -50.23
N ALA E 212 33.28 -0.43 -51.53
CA ALA E 212 32.78 0.87 -51.97
C ALA E 212 31.29 1.01 -51.74
N LEU E 213 30.52 -0.04 -52.03
CA LEU E 213 29.09 -0.04 -51.73
C LEU E 213 28.83 -0.01 -50.24
N ALA E 214 29.70 -0.67 -49.46
CA ALA E 214 29.62 -0.61 -48.00
C ALA E 214 29.88 0.79 -47.49
N GLU E 215 30.82 1.51 -48.09
CA GLU E 215 31.08 2.88 -47.70
C GLU E 215 29.93 3.80 -48.07
N LEU E 216 29.25 3.53 -49.19
CA LEU E 216 28.08 4.34 -49.55
C LEU E 216 26.92 4.10 -48.59
N ILE E 217 26.65 2.83 -48.25
CA ILE E 217 25.60 2.53 -47.26
C ILE E 217 26.03 3.01 -45.86
N ALA E 218 27.34 3.08 -45.60
CA ALA E 218 27.85 3.68 -44.37
C ALA E 218 27.54 5.17 -44.31
N SER E 219 27.74 5.89 -45.42
CA SER E 219 27.42 7.31 -45.46
C SER E 219 25.92 7.54 -45.35
N GLY E 220 25.12 6.65 -45.93
CA GLY E 220 23.67 6.76 -45.80
C GLY E 220 23.18 6.49 -44.39
N LEU E 221 23.74 5.48 -43.74
CA LEU E 221 23.28 5.06 -42.41
C LEU E 221 23.76 6.01 -41.32
N SER E 222 24.89 6.67 -41.51
CA SER E 222 25.40 7.62 -40.53
C SER E 222 24.85 9.02 -40.71
N GLY E 223 23.96 9.23 -41.68
CA GLY E 223 23.41 10.55 -41.94
C GLY E 223 24.33 11.48 -42.68
N SER E 224 25.42 10.97 -43.27
CA SER E 224 26.36 11.83 -43.98
C SER E 224 25.78 12.34 -45.29
N GLY E 225 24.99 11.52 -45.98
CA GLY E 225 24.38 11.93 -47.23
C GLY E 225 23.17 11.09 -47.52
N HIS E 226 22.54 11.40 -48.66
CA HIS E 226 21.37 10.66 -49.13
C HIS E 226 21.79 9.61 -50.14
N VAL E 227 21.32 8.38 -49.94
CA VAL E 227 21.70 7.24 -50.77
C VAL E 227 20.45 6.60 -51.34
N LEU E 228 20.34 6.59 -52.67
CA LEU E 228 19.27 5.92 -53.39
C LEU E 228 19.91 5.03 -54.44
N LEU E 229 19.64 3.72 -54.36
CA LEU E 229 20.29 2.73 -55.20
C LEU E 229 19.27 2.00 -56.05
N GLU E 230 19.50 1.97 -57.36
CA GLU E 230 18.65 1.21 -58.28
C GLU E 230 19.32 -0.13 -58.54
N VAL E 231 18.68 -1.20 -58.07
CA VAL E 231 19.22 -2.55 -58.17
C VAL E 231 18.40 -3.33 -59.18
N VAL E 232 19.08 -3.85 -60.21
CA VAL E 232 18.48 -4.65 -61.26
C VAL E 232 19.19 -6.00 -61.29
N ALA E 233 18.41 -7.07 -61.18
CA ALA E 233 18.94 -8.43 -61.18
C ALA E 233 18.45 -9.17 -62.41
N PHE E 234 19.37 -9.77 -63.15
CA PHE E 234 19.06 -10.60 -64.30
C PHE E 234 19.41 -12.05 -63.95
N ALA E 235 18.41 -12.93 -64.02
CA ALA E 235 18.58 -14.34 -63.72
C ALA E 235 18.26 -15.18 -64.93
N ARG E 236 19.17 -16.08 -65.29
CA ARG E 236 18.97 -16.97 -66.44
C ARG E 236 18.26 -18.22 -65.95
N ILE E 237 16.94 -18.23 -66.05
CA ILE E 237 16.17 -19.39 -65.64
C ILE E 237 16.00 -20.32 -66.84
N GLY E 238 15.28 -19.85 -67.84
CA GLY E 238 15.02 -20.68 -69.01
C GLY E 238 13.98 -20.03 -69.90
N ASP E 239 13.88 -20.55 -71.12
CA ASP E 239 12.97 -20.01 -72.11
C ASP E 239 11.53 -20.40 -71.77
N GLY E 240 10.70 -19.39 -71.47
CA GLY E 240 9.31 -19.65 -71.16
C GLY E 240 9.08 -20.34 -69.84
N GLN E 241 10.05 -20.29 -68.93
CA GLN E 241 9.96 -21.02 -67.68
C GLN E 241 9.13 -20.25 -66.67
N GLU E 242 9.01 -20.79 -65.46
CA GLU E 242 8.19 -20.17 -64.43
C GLU E 242 9.03 -19.28 -63.53
N VAL E 243 8.61 -18.04 -63.36
CA VAL E 243 9.18 -17.14 -62.39
C VAL E 243 8.23 -17.05 -61.21
N PHE E 244 8.75 -16.60 -60.08
CA PHE E 244 8.04 -16.70 -58.80
C PHE E 244 7.94 -15.33 -58.16
N PRO E 245 6.90 -14.57 -58.46
CA PRO E 245 6.67 -13.28 -57.80
C PRO E 245 6.04 -13.48 -56.43
N SER E 246 5.70 -12.36 -55.80
CA SER E 246 5.02 -12.39 -54.52
C SER E 246 3.59 -12.88 -54.68
N GLN E 247 3.17 -13.76 -53.77
CA GLN E 247 1.83 -14.32 -53.78
C GLN E 247 0.94 -13.52 -52.85
N GLU E 248 -0.25 -13.17 -53.31
CA GLU E 248 -1.18 -12.35 -52.56
C GLU E 248 -2.09 -13.21 -51.67
N LEU E 249 -3.15 -12.60 -51.17
CA LEU E 249 -4.14 -13.23 -50.33
C LEU E 249 -5.46 -13.33 -51.07
N ILE E 250 -6.14 -14.47 -50.95
CA ILE E 250 -7.40 -14.72 -51.63
C ILE E 250 -8.51 -14.74 -50.59
N LEU E 251 -9.57 -13.96 -50.84
CA LEU E 251 -10.71 -13.93 -49.93
C LEU E 251 -11.62 -15.15 -50.10
N ASP E 252 -11.48 -15.88 -51.22
CA ASP E 252 -12.25 -17.09 -51.55
C ASP E 252 -13.76 -16.81 -51.56
N LYS E 253 -14.15 -15.86 -52.42
CA LYS E 253 -15.55 -15.49 -52.57
C LYS E 253 -16.17 -16.03 -53.85
N GLY E 254 -15.46 -16.90 -54.57
CA GLY E 254 -15.95 -17.45 -55.82
C GLY E 254 -16.49 -18.85 -55.67
N ASP E 255 -16.54 -19.57 -56.80
CA ASP E 255 -17.05 -20.93 -56.83
C ASP E 255 -15.95 -21.91 -56.42
N LYS E 256 -16.19 -23.20 -56.62
CA LYS E 256 -15.23 -24.24 -56.28
C LYS E 256 -14.46 -24.76 -57.48
N LYS E 257 -15.04 -24.69 -58.68
CA LYS E 257 -14.32 -25.11 -59.88
C LYS E 257 -13.25 -24.10 -60.25
N GLY E 258 -13.66 -22.85 -60.46
CA GLY E 258 -12.71 -21.75 -60.61
C GLY E 258 -12.45 -21.11 -59.27
N GLN E 259 -11.82 -21.86 -58.36
CA GLN E 259 -11.72 -21.45 -56.96
C GLN E 259 -10.73 -20.31 -56.74
N LYS E 260 -9.83 -20.08 -57.70
CA LYS E 260 -8.76 -19.07 -57.63
C LYS E 260 -7.89 -19.26 -56.39
N SER E 261 -7.24 -20.42 -56.34
CA SER E 261 -6.47 -20.81 -55.15
C SER E 261 -5.14 -20.08 -55.03
N LYS E 262 -4.69 -19.37 -56.06
CA LYS E 262 -3.39 -18.74 -56.04
C LYS E 262 -3.39 -17.54 -56.97
N THR E 263 -3.06 -16.37 -56.44
CA THR E 263 -2.87 -15.16 -57.23
C THR E 263 -1.50 -14.57 -56.91
N LEU E 264 -0.91 -13.92 -57.90
CA LEU E 264 0.43 -13.34 -57.80
C LEU E 264 0.35 -11.83 -57.92
N TYR E 265 1.28 -11.15 -57.27
CA TYR E 265 1.12 -9.73 -57.04
C TYR E 265 1.64 -8.96 -58.25
N SER E 266 0.94 -7.89 -58.60
CA SER E 266 1.33 -7.04 -59.71
C SER E 266 0.88 -5.62 -59.41
N VAL E 267 1.47 -4.66 -60.09
CA VAL E 267 1.08 -3.26 -59.86
C VAL E 267 0.17 -2.72 -60.97
N ARG E 268 0.65 -2.65 -62.24
CA ARG E 268 -0.15 -2.20 -63.38
C ARG E 268 0.20 -3.12 -64.54
N ASP E 269 -0.50 -4.26 -64.62
CA ASP E 269 -0.31 -5.29 -65.64
C ASP E 269 1.15 -5.75 -65.74
N ALA E 270 1.80 -5.87 -64.58
CA ALA E 270 3.24 -6.10 -64.52
C ALA E 270 3.55 -6.78 -63.20
N ALA E 271 3.94 -8.06 -63.25
CA ALA E 271 4.20 -8.84 -62.05
C ALA E 271 5.40 -8.27 -61.29
N ALA E 272 5.35 -8.41 -59.97
CA ALA E 272 6.34 -7.75 -59.14
C ALA E 272 6.47 -8.50 -57.81
N ILE E 273 7.51 -8.12 -57.07
CA ILE E 273 7.77 -8.66 -55.74
C ILE E 273 7.43 -7.58 -54.72
N HIS E 274 6.92 -8.01 -53.56
CA HIS E 274 6.60 -7.10 -52.47
C HIS E 274 7.87 -6.45 -51.93
N SER E 275 7.73 -5.20 -51.48
CA SER E 275 8.88 -4.46 -50.96
C SER E 275 9.38 -5.06 -49.65
N GLN E 276 8.47 -5.54 -48.79
CA GLN E 276 8.89 -6.16 -47.55
C GLN E 276 9.61 -7.49 -47.77
N LYS E 277 9.34 -8.17 -48.88
CA LYS E 277 10.10 -9.37 -49.22
C LYS E 277 11.54 -9.02 -49.59
N ILE E 278 11.72 -7.93 -50.34
CA ILE E 278 13.07 -7.44 -50.65
C ILE E 278 13.77 -7.02 -49.37
N GLY E 279 13.04 -6.36 -48.46
CA GLY E 279 13.63 -5.92 -47.21
C GLY E 279 14.05 -7.08 -46.32
N ASN E 280 13.24 -8.15 -46.29
CA ASN E 280 13.63 -9.35 -45.56
C ASN E 280 14.81 -10.05 -46.22
N ALA E 281 14.94 -9.91 -47.54
CA ALA E 281 16.12 -10.45 -48.23
C ALA E 281 17.38 -9.68 -47.85
N LEU E 282 17.30 -8.34 -47.81
CA LEU E 282 18.47 -7.56 -47.38
C LEU E 282 18.77 -7.74 -45.90
N ARG E 283 17.76 -8.07 -45.08
CA ARG E 283 18.02 -8.27 -43.65
C ARG E 283 18.67 -9.61 -43.34
N THR E 284 18.86 -10.50 -44.31
CA THR E 284 19.42 -11.82 -44.01
C THR E 284 20.93 -11.63 -43.94
N ILE E 285 21.39 -11.20 -42.77
CA ILE E 285 22.80 -10.95 -42.50
C ILE E 285 23.17 -11.58 -41.17
N ASP E 286 22.17 -12.01 -40.41
CA ASP E 286 22.37 -12.45 -39.03
C ASP E 286 23.05 -13.82 -38.97
N THR E 287 24.38 -13.82 -38.84
CA THR E 287 25.16 -15.04 -38.68
C THR E 287 25.57 -15.26 -37.24
N TRP E 288 24.99 -14.53 -36.28
CA TRP E 288 25.45 -14.56 -34.90
C TRP E 288 24.42 -15.17 -33.96
N TYR E 289 23.50 -15.95 -34.48
CA TYR E 289 22.54 -16.64 -33.63
C TYR E 289 23.25 -17.76 -32.86
N PRO E 290 22.80 -18.04 -31.62
CA PRO E 290 23.55 -18.98 -30.76
C PRO E 290 23.61 -20.42 -31.24
N ASP E 291 22.74 -20.83 -32.17
CA ASP E 291 22.83 -22.17 -32.73
C ASP E 291 23.93 -22.23 -33.79
N GLU E 292 24.02 -23.38 -34.46
CA GLU E 292 25.08 -23.58 -35.44
C GLU E 292 24.83 -22.75 -36.70
N ASP E 293 25.87 -22.08 -37.17
CA ASP E 293 25.78 -21.19 -38.33
C ASP E 293 26.24 -21.87 -39.62
N GLY E 294 26.32 -23.20 -39.63
CA GLY E 294 26.60 -23.92 -40.85
C GLY E 294 25.48 -23.89 -41.86
N LEU E 295 24.25 -23.63 -41.40
CA LEU E 295 23.13 -23.42 -42.32
C LEU E 295 23.32 -22.16 -43.14
N GLY E 296 23.77 -21.08 -42.50
CA GLY E 296 23.95 -19.82 -43.18
C GLY E 296 23.33 -18.67 -42.41
N PRO E 297 23.32 -17.49 -43.02
CA PRO E 297 22.69 -16.34 -42.37
C PRO E 297 21.18 -16.45 -42.33
N ILE E 298 20.60 -15.89 -41.26
CA ILE E 298 19.15 -15.75 -41.14
C ILE E 298 18.83 -14.27 -41.16
N ALA E 299 17.53 -13.98 -41.17
CA ALA E 299 17.08 -12.59 -41.28
C ALA E 299 17.27 -11.85 -39.96
N VAL E 300 17.51 -10.54 -40.09
CA VAL E 300 17.48 -9.65 -38.93
C VAL E 300 16.04 -9.51 -38.45
N GLU E 301 15.79 -9.89 -37.20
CA GLU E 301 14.48 -9.95 -36.58
C GLU E 301 14.64 -10.24 -35.09
N PRO E 302 13.71 -9.80 -34.24
CA PRO E 302 13.70 -10.30 -32.87
C PRO E 302 13.35 -11.78 -32.83
N TYR E 303 13.98 -12.49 -31.89
CA TYR E 303 13.87 -13.94 -31.70
C TYR E 303 14.17 -14.74 -32.96
N GLY E 304 15.06 -14.22 -33.83
CA GLY E 304 15.68 -14.88 -34.97
C GLY E 304 14.86 -15.85 -35.81
N SER E 305 13.61 -15.48 -36.08
CA SER E 305 12.58 -16.42 -36.49
C SER E 305 12.50 -16.50 -38.01
N VAL E 306 12.98 -17.60 -38.58
CA VAL E 306 12.82 -17.90 -40.00
C VAL E 306 11.56 -18.75 -40.17
N THR E 307 10.69 -18.35 -41.10
CA THR E 307 9.41 -19.03 -41.27
C THR E 307 9.53 -20.32 -42.08
N SER E 308 10.62 -20.51 -42.83
CA SER E 308 10.79 -21.75 -43.58
C SER E 308 11.15 -22.89 -42.64
N GLN E 309 12.07 -22.66 -41.71
CA GLN E 309 12.44 -23.68 -40.73
C GLN E 309 11.41 -23.86 -39.64
N GLY E 310 10.63 -22.82 -39.33
CA GLY E 310 9.67 -22.91 -38.23
C GLY E 310 10.29 -22.97 -36.85
N LYS E 311 11.59 -22.72 -36.74
CA LYS E 311 12.33 -22.81 -35.49
C LYS E 311 13.01 -21.47 -35.24
N ALA E 312 12.88 -20.97 -34.02
CA ALA E 312 13.47 -19.69 -33.64
C ALA E 312 14.85 -19.92 -33.05
N TYR E 313 15.88 -19.51 -33.77
CA TYR E 313 17.15 -19.23 -33.13
C TYR E 313 17.06 -17.89 -32.40
N ARG E 314 18.05 -17.61 -31.55
CA ARG E 314 18.03 -16.49 -30.60
C ARG E 314 16.77 -16.53 -29.73
N GLN E 315 16.57 -17.66 -29.07
CA GLN E 315 15.45 -17.80 -28.15
C GLN E 315 15.67 -16.91 -26.92
N PRO E 316 14.58 -16.40 -26.32
CA PRO E 316 14.72 -15.63 -25.07
C PRO E 316 15.21 -16.46 -23.90
N LYS E 317 15.12 -17.80 -23.96
CA LYS E 317 15.73 -18.64 -22.94
C LYS E 317 17.26 -18.50 -22.93
N GLN E 318 17.86 -18.46 -24.12
CA GLN E 318 19.30 -18.31 -24.23
C GLN E 318 19.78 -16.88 -24.03
N LYS E 319 18.86 -15.92 -23.91
CA LYS E 319 19.15 -14.48 -23.72
C LYS E 319 20.02 -13.92 -24.83
N LEU E 320 19.76 -14.35 -26.07
CA LEU E 320 20.44 -13.82 -27.25
C LEU E 320 19.48 -13.16 -28.22
N ASP E 321 18.27 -12.82 -27.78
CA ASP E 321 17.31 -12.13 -28.64
C ASP E 321 17.62 -10.62 -28.64
N PHE E 322 16.80 -9.87 -29.38
CA PHE E 322 17.05 -8.44 -29.49
C PHE E 322 16.67 -7.69 -28.22
N TYR E 323 15.57 -8.09 -27.58
CA TYR E 323 15.02 -7.30 -26.49
C TYR E 323 15.87 -7.40 -25.22
N THR E 324 16.31 -8.62 -24.89
CA THR E 324 17.16 -8.81 -23.72
C THR E 324 18.51 -8.13 -23.90
N LEU E 325 19.09 -8.24 -25.09
CA LEU E 325 20.37 -7.60 -25.36
C LEU E 325 20.25 -6.08 -25.35
N LEU E 326 19.16 -5.53 -25.90
CA LEU E 326 18.95 -4.10 -25.90
C LEU E 326 18.72 -3.55 -24.49
N ASP E 327 17.94 -4.28 -23.67
CA ASP E 327 17.71 -3.84 -22.29
C ASP E 327 18.98 -3.93 -21.46
N ASN E 328 19.78 -4.98 -21.66
CA ASN E 328 21.05 -5.10 -20.95
C ASN E 328 22.04 -4.02 -21.41
N TRP E 329 21.99 -3.65 -22.69
CA TRP E 329 22.89 -2.64 -23.22
C TRP E 329 22.53 -1.25 -22.70
N VAL E 330 21.24 -0.93 -22.65
CA VAL E 330 20.82 0.44 -22.34
C VAL E 330 20.64 0.64 -20.84
N LEU E 331 19.86 -0.21 -20.18
CA LEU E 331 19.55 0.01 -18.78
C LEU E 331 20.70 -0.37 -17.87
N ARG E 332 21.09 -1.65 -17.90
CA ARG E 332 22.13 -2.16 -17.01
C ARG E 332 23.54 -1.84 -17.50
N ASP E 333 23.66 -1.24 -18.70
CA ASP E 333 24.93 -0.91 -19.35
C ASP E 333 25.83 -2.13 -19.53
N GLU E 334 25.22 -3.30 -19.75
CA GLU E 334 25.95 -4.53 -20.02
C GLU E 334 26.07 -4.64 -21.54
N ALA E 335 27.15 -4.09 -22.07
CA ALA E 335 27.36 -4.12 -23.51
C ALA E 335 27.67 -5.54 -23.96
N PRO E 336 26.93 -6.09 -24.92
CA PRO E 336 27.14 -7.48 -25.32
C PRO E 336 28.38 -7.66 -26.19
N ALA E 337 28.51 -8.85 -26.78
CA ALA E 337 29.55 -9.07 -27.77
C ALA E 337 29.33 -8.18 -28.98
N VAL E 338 30.42 -7.88 -29.69
CA VAL E 338 30.42 -6.86 -30.73
C VAL E 338 29.54 -7.27 -31.90
N GLU E 339 29.48 -8.56 -32.20
CA GLU E 339 28.56 -9.07 -33.20
C GLU E 339 27.12 -8.95 -32.74
N GLN E 340 26.89 -9.09 -31.43
CA GLN E 340 25.53 -8.98 -30.92
C GLN E 340 25.04 -7.55 -30.91
N GLN E 341 25.92 -6.57 -30.67
CA GLN E 341 25.49 -5.19 -30.78
C GLN E 341 25.37 -4.76 -32.24
N HIS E 342 26.12 -5.41 -33.14
CA HIS E 342 25.86 -5.30 -34.57
C HIS E 342 24.45 -5.77 -34.91
N TYR E 343 24.04 -6.91 -34.33
CA TYR E 343 22.70 -7.44 -34.54
C TYR E 343 21.62 -6.52 -33.95
N VAL E 344 21.87 -5.95 -32.78
CA VAL E 344 20.91 -5.05 -32.13
C VAL E 344 20.71 -3.78 -32.95
N ILE E 345 21.80 -3.20 -33.45
CA ILE E 345 21.68 -1.99 -34.25
C ILE E 345 21.08 -2.32 -35.62
N ALA E 346 21.31 -3.53 -36.14
CA ALA E 346 20.65 -3.94 -37.37
C ALA E 346 19.14 -4.11 -37.17
N ASN E 347 18.73 -4.56 -35.97
CA ASN E 347 17.30 -4.59 -35.64
C ASN E 347 16.73 -3.19 -35.55
N LEU E 348 17.50 -2.24 -35.03
CA LEU E 348 17.05 -0.85 -35.02
C LEU E 348 16.99 -0.26 -36.43
N ILE E 349 17.86 -0.74 -37.33
CA ILE E 349 17.83 -0.31 -38.72
C ILE E 349 16.58 -0.85 -39.41
N ARG E 350 16.24 -2.11 -39.16
CA ARG E 350 15.04 -2.70 -39.76
C ARG E 350 13.74 -2.11 -39.19
N GLY E 351 13.79 -1.43 -38.05
CA GLY E 351 12.61 -0.80 -37.49
C GLY E 351 11.76 -1.79 -36.72
N GLY E 352 10.77 -1.26 -36.02
CA GLY E 352 9.85 -2.11 -35.31
C GLY E 352 8.89 -1.33 -34.43
N VAL E 353 8.08 -2.09 -33.72
CA VAL E 353 7.09 -1.62 -32.75
C VAL E 353 7.56 -2.12 -31.40
N PHE E 354 8.87 -2.05 -31.18
CA PHE E 354 9.47 -2.41 -29.90
C PHE E 354 8.86 -1.60 -28.76
N GLY E 355 8.93 -2.16 -27.57
CA GLY E 355 8.14 -1.66 -26.47
C GLY E 355 7.02 -2.62 -26.15
N GLU E 356 6.11 -2.15 -25.30
CA GLU E 356 5.05 -3.01 -24.79
C GLU E 356 4.03 -3.32 -25.87
N ALA E 357 3.74 -4.61 -26.06
CA ALA E 357 2.70 -5.03 -26.98
C ALA E 357 2.04 -6.32 -26.50
N ILE F 23 -16.31 41.22 -11.22
CA ILE F 23 -15.01 40.69 -10.82
C ILE F 23 -14.23 40.26 -12.06
N LEU F 24 -14.93 40.27 -13.21
CA LEU F 24 -14.40 39.94 -14.53
C LEU F 24 -13.81 38.52 -14.55
N SER F 25 -14.71 37.56 -14.40
CA SER F 25 -14.34 36.15 -14.50
C SER F 25 -14.26 35.73 -15.96
N THR F 26 -13.74 34.52 -16.17
CA THR F 26 -13.65 33.97 -17.52
C THR F 26 -15.03 33.52 -18.00
N ALA F 27 -15.27 33.68 -19.30
CA ALA F 27 -16.50 33.19 -19.90
C ALA F 27 -16.52 31.67 -19.91
N SER F 28 -17.69 31.09 -19.65
CA SER F 28 -17.83 29.65 -19.63
C SER F 28 -17.70 29.06 -21.02
N VAL F 29 -18.26 29.72 -22.03
CA VAL F 29 -18.16 29.29 -23.42
C VAL F 29 -17.24 30.27 -24.14
N LEU F 30 -16.12 29.76 -24.63
CA LEU F 30 -15.13 30.58 -25.33
C LEU F 30 -14.63 29.84 -26.58
N ALA F 31 -15.56 29.36 -27.38
CA ALA F 31 -15.20 28.70 -28.63
C ALA F 31 -14.65 29.72 -29.63
N PHE F 32 -13.60 29.32 -30.32
CA PHE F 32 -12.94 30.14 -31.32
C PHE F 32 -12.90 29.40 -32.65
N GLU F 33 -13.17 30.10 -33.73
CA GLU F 33 -12.96 29.54 -35.06
C GLU F 33 -11.48 29.55 -35.40
N ARG F 34 -11.06 28.58 -36.20
CA ARG F 34 -9.67 28.51 -36.61
C ARG F 34 -9.39 29.49 -37.74
N LYS F 35 -8.27 30.19 -37.64
CA LYS F 35 -7.72 30.85 -38.80
C LYS F 35 -6.73 29.91 -39.47
N LEU F 36 -6.29 30.29 -40.68
CA LEU F 36 -5.40 29.50 -41.53
C LEU F 36 -5.97 28.12 -41.82
N ASP F 37 -7.09 28.11 -42.53
CA ASP F 37 -7.78 26.86 -42.84
C ASP F 37 -7.14 26.18 -44.05
N PRO F 38 -6.57 24.99 -43.90
CA PRO F 38 -6.00 24.31 -45.07
C PRO F 38 -6.96 23.32 -45.73
N SER F 39 -6.88 23.21 -47.05
CA SER F 39 -7.64 22.19 -47.75
C SER F 39 -6.95 20.83 -47.62
N ASP F 40 -7.63 19.79 -48.09
CA ASP F 40 -7.04 18.46 -48.11
C ASP F 40 -5.92 18.41 -49.15
N ALA F 41 -4.79 17.84 -48.75
CA ALA F 41 -3.55 17.92 -49.53
C ALA F 41 -3.49 16.74 -50.48
N LEU F 42 -3.80 16.97 -51.75
CA LEU F 42 -3.89 15.91 -52.74
C LEU F 42 -2.49 15.46 -53.17
N MET F 43 -2.26 14.14 -53.16
CA MET F 43 -0.99 13.57 -53.57
C MET F 43 -1.09 13.10 -55.03
N SER F 44 -0.10 13.49 -55.83
CA SER F 44 0.05 12.99 -57.18
C SER F 44 1.48 12.46 -57.34
N ALA F 45 1.78 11.95 -58.53
CA ALA F 45 3.06 11.34 -58.81
C ALA F 45 3.64 11.90 -60.10
N GLY F 46 4.96 12.09 -60.12
CA GLY F 46 5.59 12.67 -61.28
C GLY F 46 7.09 12.58 -61.19
N ALA F 47 7.76 13.32 -62.08
CA ALA F 47 9.21 13.31 -62.20
C ALA F 47 9.76 14.70 -61.94
N TRP F 48 11.00 14.73 -61.45
CA TRP F 48 11.71 15.98 -61.25
C TRP F 48 12.00 16.66 -62.58
N ALA F 49 12.10 18.00 -62.54
CA ALA F 49 12.27 18.95 -63.64
C ALA F 49 11.08 19.04 -64.57
N GLN F 50 10.03 18.25 -64.35
CA GLN F 50 8.74 18.42 -64.99
C GLN F 50 7.74 19.09 -64.07
N ARG F 51 8.21 19.64 -62.94
CA ARG F 51 7.34 20.26 -61.95
C ARG F 51 6.83 21.63 -62.38
N ASP F 52 7.41 22.23 -63.43
CA ASP F 52 6.86 23.47 -63.97
C ASP F 52 5.60 23.23 -64.80
N ALA F 53 5.30 21.98 -65.14
CA ALA F 53 4.10 21.59 -65.87
C ALA F 53 3.47 20.38 -65.21
N SER F 54 3.25 20.46 -63.89
CA SER F 54 2.72 19.35 -63.12
C SER F 54 1.20 19.43 -62.93
N GLN F 55 0.50 20.02 -63.89
CA GLN F 55 -0.95 20.19 -63.80
C GLN F 55 -1.72 19.03 -64.39
N GLU F 56 -1.03 18.03 -64.96
CA GLU F 56 -1.69 16.87 -65.55
C GLU F 56 -1.26 15.56 -64.89
N TRP F 57 -0.45 15.65 -63.82
CA TRP F 57 0.23 14.50 -63.22
C TRP F 57 -0.77 13.49 -62.67
N PRO F 58 -0.57 12.20 -62.91
CA PRO F 58 -1.49 11.18 -62.37
C PRO F 58 -1.39 11.11 -60.86
N ALA F 59 -2.55 10.92 -60.22
CA ALA F 59 -2.62 10.94 -58.77
C ALA F 59 -2.07 9.64 -58.20
N VAL F 60 -1.54 9.74 -56.98
CA VAL F 60 -1.09 8.55 -56.26
C VAL F 60 -2.32 7.79 -55.80
N THR F 61 -2.41 6.52 -56.21
CA THR F 61 -3.57 5.69 -55.93
C THR F 61 -3.27 4.77 -54.76
N VAL F 62 -4.19 4.72 -53.79
CA VAL F 62 -4.04 3.87 -52.62
C VAL F 62 -4.33 2.43 -53.06
N ARG F 63 -3.28 1.66 -53.30
CA ARG F 63 -3.44 0.28 -53.72
C ARG F 63 -3.34 -0.63 -52.50
N GLU F 64 -3.34 -1.94 -52.74
CA GLU F 64 -3.34 -2.94 -51.68
C GLU F 64 -2.21 -3.92 -51.90
N LYS F 65 -1.59 -4.37 -50.81
CA LYS F 65 -0.59 -5.43 -50.92
C LYS F 65 -0.68 -6.33 -49.70
N SER F 66 -0.28 -7.58 -49.87
CA SER F 66 -0.36 -8.57 -48.80
C SER F 66 0.95 -8.65 -48.05
N VAL F 67 0.86 -8.74 -46.72
CA VAL F 67 2.01 -8.82 -45.85
C VAL F 67 1.89 -10.08 -44.99
N ARG F 68 2.98 -10.83 -44.91
CA ARG F 68 3.09 -11.97 -44.01
C ARG F 68 4.12 -11.65 -42.94
N GLY F 69 3.75 -11.83 -41.68
CA GLY F 69 4.61 -11.45 -40.59
C GLY F 69 4.79 -12.59 -39.60
N THR F 70 5.97 -12.60 -38.98
CA THR F 70 6.28 -13.46 -37.86
C THR F 70 6.21 -12.64 -36.58
N ILE F 71 6.61 -13.24 -35.46
CA ILE F 71 6.52 -12.59 -34.16
C ILE F 71 7.67 -11.60 -34.02
N SER F 72 7.34 -10.33 -33.76
CA SER F 72 8.35 -9.29 -33.60
C SER F 72 8.07 -8.36 -32.43
N ASN F 73 7.10 -8.69 -31.58
CA ASN F 73 6.77 -7.87 -30.43
C ASN F 73 7.33 -8.49 -29.15
N ARG F 74 7.33 -7.70 -28.08
CA ARG F 74 7.81 -8.19 -26.79
C ARG F 74 6.81 -9.19 -26.22
N LEU F 75 7.32 -10.35 -25.81
CA LEU F 75 6.49 -11.40 -25.25
C LEU F 75 6.37 -11.22 -23.75
N LYS F 76 5.18 -11.48 -23.22
CA LYS F 76 4.89 -11.24 -21.81
C LYS F 76 5.21 -12.46 -20.94
N THR F 77 6.42 -12.99 -21.09
CA THR F 77 7.08 -14.00 -20.24
C THR F 77 6.40 -15.37 -20.28
N LYS F 78 5.27 -15.48 -20.97
CA LYS F 78 4.58 -16.76 -21.15
C LYS F 78 4.64 -17.26 -22.58
N ASP F 79 4.82 -16.36 -23.55
CA ASP F 79 5.06 -16.74 -24.94
C ASP F 79 6.54 -16.96 -25.23
N ARG F 80 7.41 -16.80 -24.23
CA ARG F 80 8.85 -16.93 -24.41
C ARG F 80 9.34 -18.37 -24.39
N ASP F 81 8.45 -19.34 -24.18
CA ASP F 81 8.82 -20.74 -24.29
C ASP F 81 9.13 -21.07 -25.75
N PRO F 82 10.17 -21.88 -26.00
CA PRO F 82 10.51 -22.26 -27.39
C PRO F 82 9.39 -22.90 -28.19
N ALA F 83 8.61 -23.79 -27.58
CA ALA F 83 7.55 -24.48 -28.30
C ALA F 83 6.40 -23.54 -28.62
N LYS F 84 6.02 -22.69 -27.65
CA LYS F 84 4.95 -21.72 -27.88
C LYS F 84 5.35 -20.67 -28.89
N LEU F 85 6.61 -20.23 -28.84
CA LEU F 85 7.11 -19.26 -29.82
C LEU F 85 7.16 -19.86 -31.21
N ASP F 86 7.60 -21.12 -31.33
CA ASP F 86 7.64 -21.77 -32.64
C ASP F 86 6.25 -22.05 -33.18
N ALA F 87 5.29 -22.36 -32.30
CA ALA F 87 3.90 -22.51 -32.73
C ALA F 87 3.33 -21.17 -33.21
N SER F 88 3.73 -20.08 -32.56
CA SER F 88 3.31 -18.76 -33.04
C SER F 88 3.99 -18.39 -34.36
N ILE F 89 5.21 -18.90 -34.59
CA ILE F 89 5.89 -18.67 -35.86
C ILE F 89 5.18 -19.42 -36.98
N GLN F 90 4.78 -20.66 -36.73
CA GLN F 90 4.11 -21.48 -37.73
C GLN F 90 2.70 -20.99 -38.06
N SER F 91 2.14 -20.05 -37.30
CA SER F 91 0.90 -19.36 -37.63
C SER F 91 1.24 -17.89 -37.84
N PRO F 92 1.68 -17.52 -39.04
CA PRO F 92 2.04 -16.11 -39.29
C PRO F 92 0.80 -15.23 -39.37
N ASN F 93 0.97 -13.95 -39.07
CA ASN F 93 -0.21 -13.07 -39.14
C ASN F 93 -0.25 -12.45 -40.53
N LEU F 94 -1.13 -12.98 -41.35
CA LEU F 94 -1.32 -12.47 -42.70
C LEU F 94 -2.27 -11.29 -42.68
N GLN F 95 -1.88 -10.20 -43.34
CA GLN F 95 -2.70 -9.01 -43.43
C GLN F 95 -2.67 -8.48 -44.85
N THR F 96 -3.62 -7.60 -45.15
CA THR F 96 -3.59 -6.77 -46.34
C THR F 96 -3.44 -5.33 -45.89
N VAL F 97 -2.50 -4.61 -46.49
CA VAL F 97 -2.22 -3.24 -46.10
C VAL F 97 -2.45 -2.33 -47.30
N ASP F 98 -3.15 -1.22 -47.06
CA ASP F 98 -3.22 -0.15 -48.04
C ASP F 98 -1.85 0.50 -48.16
N VAL F 99 -1.34 0.59 -49.38
CA VAL F 99 0.00 1.08 -49.63
C VAL F 99 -0.08 2.17 -50.69
N ALA F 100 0.78 3.18 -50.58
CA ALA F 100 0.85 4.28 -51.52
C ALA F 100 2.28 4.34 -52.04
N ASN F 101 2.47 3.96 -53.30
CA ASN F 101 3.78 3.97 -53.93
C ASN F 101 3.71 4.75 -55.22
N LEU F 102 4.82 5.39 -55.56
CA LEU F 102 4.94 6.02 -56.85
C LEU F 102 5.11 4.95 -57.94
N PRO F 103 4.78 5.28 -59.18
CA PRO F 103 5.15 4.40 -60.30
C PRO F 103 6.66 4.36 -60.47
N SER F 104 7.12 3.33 -61.19
CA SER F 104 8.55 3.08 -61.33
C SER F 104 9.26 4.13 -62.18
N ASP F 105 8.53 4.92 -62.96
CA ASP F 105 9.11 6.03 -63.70
C ASP F 105 8.89 7.37 -63.00
N ALA F 106 8.31 7.37 -61.81
CA ALA F 106 8.01 8.59 -61.08
C ALA F 106 8.76 8.59 -59.75
N ASP F 107 9.54 9.65 -59.52
CA ASP F 107 10.25 9.81 -58.26
C ASP F 107 9.76 10.99 -57.43
N THR F 108 9.04 11.93 -58.04
CA THR F 108 8.61 13.15 -57.37
C THR F 108 7.18 12.99 -56.88
N LEU F 109 6.96 13.35 -55.61
CA LEU F 109 5.63 13.38 -55.02
C LEU F 109 5.16 14.83 -54.92
N LYS F 110 4.03 15.14 -55.55
CA LYS F 110 3.45 16.48 -55.53
C LYS F 110 2.32 16.52 -54.52
N VAL F 111 2.29 17.56 -53.69
CA VAL F 111 1.24 17.76 -52.71
C VAL F 111 0.70 19.18 -52.88
N ARG F 112 -0.60 19.30 -53.11
CA ARG F 112 -1.22 20.60 -53.36
C ARG F 112 -2.34 20.84 -52.35
N PHE F 113 -2.28 21.99 -51.68
CA PHE F 113 -3.37 22.38 -50.81
C PHE F 113 -3.53 23.90 -50.83
N THR F 114 -4.73 24.36 -50.55
CA THR F 114 -5.01 25.78 -50.45
C THR F 114 -5.19 26.17 -48.99
N LEU F 115 -4.64 27.31 -48.61
CA LEU F 115 -4.70 27.83 -47.26
C LEU F 115 -5.41 29.18 -47.29
N ARG F 116 -6.44 29.32 -46.46
CA ARG F 116 -7.26 30.52 -46.41
C ARG F 116 -7.02 31.21 -45.07
N VAL F 117 -6.46 32.42 -45.13
CA VAL F 117 -6.21 33.20 -43.92
C VAL F 117 -7.39 34.14 -43.72
N LEU F 118 -8.03 34.04 -42.56
CA LEU F 118 -9.32 34.70 -42.32
C LEU F 118 -9.17 36.04 -41.62
N GLY F 119 -8.58 36.05 -40.43
CA GLY F 119 -8.53 37.25 -39.61
C GLY F 119 -9.64 37.28 -38.58
N GLY F 120 -9.59 38.32 -37.76
CA GLY F 120 -10.51 38.43 -36.63
C GLY F 120 -10.26 37.36 -35.58
N ALA F 121 -8.99 37.09 -35.27
CA ALA F 121 -8.66 36.05 -34.31
C ALA F 121 -8.96 36.46 -32.88
N GLY F 122 -9.08 37.77 -32.61
CA GLY F 122 -9.46 38.21 -31.28
C GLY F 122 -10.91 37.87 -30.94
N THR F 123 -11.81 37.99 -31.91
CA THR F 123 -13.23 37.83 -31.66
C THR F 123 -13.58 36.35 -31.49
N PRO F 124 -14.16 35.94 -30.36
CA PRO F 124 -14.58 34.54 -30.23
C PRO F 124 -15.85 34.28 -31.03
N SER F 125 -16.02 33.00 -31.41
CA SER F 125 -17.27 32.60 -32.03
C SER F 125 -18.42 32.62 -31.03
N ALA F 126 -18.15 32.20 -29.79
CA ALA F 126 -19.13 32.18 -28.73
C ALA F 126 -18.51 32.75 -27.46
N CYS F 127 -19.26 33.62 -26.78
CA CYS F 127 -18.78 34.21 -25.53
C CYS F 127 -19.97 34.52 -24.64
N ASN F 128 -20.00 33.88 -23.46
CA ASN F 128 -21.11 34.08 -22.52
C ASN F 128 -21.09 35.48 -21.92
N ASP F 129 -19.91 35.91 -21.51
CA ASP F 129 -19.72 37.19 -20.84
C ASP F 129 -19.35 38.28 -21.83
N ALA F 130 -20.26 39.22 -22.04
CA ALA F 130 -19.97 40.42 -22.81
C ALA F 130 -18.70 41.10 -22.32
N ALA F 131 -18.68 41.49 -21.05
CA ALA F 131 -17.57 42.29 -20.53
C ALA F 131 -16.25 41.55 -20.71
N TYR F 132 -16.28 40.22 -20.56
CA TYR F 132 -15.10 39.41 -20.85
C TYR F 132 -14.74 39.45 -22.33
N ARG F 133 -15.75 39.48 -23.21
CA ARG F 133 -15.49 39.61 -24.64
C ARG F 133 -14.85 40.95 -24.97
N ASP F 134 -15.35 42.02 -24.34
CA ASP F 134 -14.76 43.35 -24.54
C ASP F 134 -13.33 43.41 -24.00
N LYS F 135 -13.08 42.77 -22.85
CA LYS F 135 -11.75 42.77 -22.27
C LYS F 135 -10.77 41.95 -23.10
N LEU F 136 -11.22 40.81 -23.64
CA LEU F 136 -10.34 40.00 -24.48
C LEU F 136 -10.07 40.69 -25.81
N LEU F 137 -11.08 41.39 -26.35
CA LEU F 137 -10.87 42.17 -27.57
C LEU F 137 -9.90 43.32 -27.32
N GLN F 138 -10.00 43.97 -26.16
CA GLN F 138 -9.07 45.04 -25.82
C GLN F 138 -7.66 44.49 -25.60
N THR F 139 -7.55 43.27 -25.04
CA THR F 139 -6.24 42.64 -24.86
C THR F 139 -5.59 42.30 -26.18
N VAL F 140 -6.35 41.74 -27.13
CA VAL F 140 -5.82 41.45 -28.46
C VAL F 140 -5.50 42.75 -29.21
N ALA F 141 -6.32 43.79 -29.02
CA ALA F 141 -6.07 45.07 -29.67
C ALA F 141 -4.80 45.73 -29.13
N THR F 142 -4.58 45.66 -27.82
CA THR F 142 -3.36 46.21 -27.24
C THR F 142 -2.14 45.36 -27.61
N TYR F 143 -2.34 44.06 -27.82
CA TYR F 143 -1.28 43.23 -28.40
C TYR F 143 -0.88 43.72 -29.77
N VAL F 144 -1.86 43.88 -30.67
CA VAL F 144 -1.60 44.27 -32.06
C VAL F 144 -1.03 45.69 -32.12
N ASN F 145 -1.48 46.58 -31.22
CA ASN F 145 -0.89 47.90 -31.11
C ASN F 145 0.54 47.84 -30.60
N ASP F 146 0.84 46.88 -29.73
CA ASP F 146 2.23 46.68 -29.31
C ASP F 146 3.04 46.03 -30.42
N GLN F 147 2.68 44.81 -30.81
CA GLN F 147 3.28 44.14 -31.95
C GLN F 147 2.20 43.41 -32.72
N GLY F 148 2.10 43.67 -34.02
CA GLY F 148 1.05 43.09 -34.82
C GLY F 148 1.27 41.61 -35.08
N PHE F 149 0.45 41.07 -35.96
CA PHE F 149 0.62 39.67 -36.36
C PHE F 149 1.83 39.53 -37.26
N ALA F 150 3.04 39.68 -36.72
CA ALA F 150 4.25 39.76 -37.50
C ALA F 150 5.25 38.66 -37.17
N GLU F 151 5.45 38.35 -35.89
CA GLU F 151 6.28 37.22 -35.53
C GLU F 151 5.56 35.90 -35.81
N LEU F 152 4.27 35.84 -35.46
CA LEU F 152 3.47 34.66 -35.73
C LEU F 152 3.31 34.41 -37.23
N ALA F 153 3.07 35.47 -38.00
CA ALA F 153 2.96 35.31 -39.44
C ALA F 153 4.29 34.94 -40.07
N ARG F 154 5.41 35.42 -39.53
CA ARG F 154 6.72 35.02 -40.01
C ARG F 154 6.98 33.55 -39.74
N ARG F 155 6.59 33.07 -38.55
CA ARG F 155 6.82 31.66 -38.23
C ARG F 155 5.87 30.75 -39.01
N TYR F 156 4.62 31.19 -39.21
CA TYR F 156 3.69 30.45 -40.04
C TYR F 156 4.14 30.43 -41.50
N ALA F 157 4.73 31.54 -41.97
CA ALA F 157 5.29 31.58 -43.32
C ALA F 157 6.51 30.69 -43.46
N HIS F 158 7.30 30.56 -42.38
CA HIS F 158 8.41 29.61 -42.38
C HIS F 158 7.90 28.18 -42.47
N ASN F 159 6.83 27.87 -41.74
CA ASN F 159 6.21 26.55 -41.85
C ASN F 159 5.52 26.34 -43.20
N LEU F 160 5.15 27.42 -43.88
CA LEU F 160 4.71 27.32 -45.26
C LEU F 160 5.88 27.02 -46.19
N ALA F 161 7.03 27.66 -45.95
CA ALA F 161 8.16 27.58 -46.87
C ALA F 161 8.82 26.20 -46.83
N ASN F 162 9.11 25.70 -45.63
CA ASN F 162 9.53 24.32 -45.52
C ASN F 162 8.31 23.41 -45.58
N ALA F 163 8.51 22.20 -46.11
CA ALA F 163 7.40 21.27 -46.30
C ALA F 163 7.24 20.40 -45.05
N ARG F 164 6.92 21.08 -43.94
CA ARG F 164 6.59 20.35 -42.72
C ARG F 164 5.26 19.61 -42.84
N PHE F 165 4.39 20.06 -43.76
CA PHE F 165 3.17 19.32 -44.08
C PHE F 165 3.47 18.01 -44.80
N LEU F 166 4.67 17.87 -45.36
CA LEU F 166 5.16 16.59 -45.86
C LEU F 166 5.86 15.90 -44.70
N TRP F 167 5.06 15.20 -43.90
CA TRP F 167 5.51 14.66 -42.61
C TRP F 167 6.58 13.58 -42.73
N ARG F 168 6.24 12.43 -43.31
CA ARG F 168 7.22 11.38 -43.53
C ARG F 168 7.73 11.35 -44.97
N ASN F 169 7.22 12.24 -45.82
CA ASN F 169 7.74 12.40 -47.17
C ASN F 169 8.83 13.46 -47.24
N ARG F 170 9.49 13.74 -46.12
CA ARG F 170 10.62 14.65 -46.06
C ARG F 170 11.79 14.10 -45.26
N VAL F 171 11.59 13.03 -44.48
CA VAL F 171 12.65 12.47 -43.66
C VAL F 171 13.67 11.71 -44.49
N GLY F 172 13.34 11.36 -45.73
CA GLY F 172 14.29 10.70 -46.60
C GLY F 172 14.28 11.29 -48.00
N ALA F 173 13.74 12.49 -48.13
CA ALA F 173 13.68 13.14 -49.42
C ALA F 173 15.02 13.78 -49.76
N GLU F 174 15.45 13.62 -51.01
CA GLU F 174 16.72 14.17 -51.44
C GLU F 174 16.63 15.69 -51.63
N ALA F 175 15.55 16.17 -52.23
CA ALA F 175 15.37 17.59 -52.45
C ALA F 175 13.88 17.91 -52.44
N VAL F 176 13.49 18.92 -51.66
CA VAL F 176 12.10 19.34 -51.52
C VAL F 176 11.97 20.79 -51.97
N GLU F 177 10.91 21.09 -52.71
CA GLU F 177 10.64 22.43 -53.22
C GLU F 177 9.19 22.80 -52.99
N VAL F 178 8.94 24.04 -52.57
CA VAL F 178 7.60 24.51 -52.24
C VAL F 178 7.32 25.78 -53.05
N ARG F 179 6.22 25.79 -53.79
CA ARG F 179 5.76 26.95 -54.55
C ARG F 179 4.43 27.41 -53.98
N ILE F 180 4.36 28.70 -53.61
CA ILE F 180 3.17 29.29 -53.00
C ILE F 180 2.69 30.43 -53.87
N ASN F 181 1.44 30.37 -54.30
CA ASN F 181 0.84 31.38 -55.15
C ASN F 181 -0.29 32.09 -54.41
N HIS F 182 -0.36 33.41 -54.58
CA HIS F 182 -1.43 34.21 -53.98
C HIS F 182 -2.57 34.30 -54.99
N ILE F 183 -3.66 33.57 -54.73
CA ILE F 183 -4.77 33.46 -55.68
C ILE F 183 -5.77 34.54 -55.27
N ARG F 184 -5.70 35.70 -55.91
CA ARG F 184 -6.57 36.81 -55.52
C ARG F 184 -7.94 36.70 -56.17
N GLN F 185 -8.02 36.96 -57.47
CA GLN F 185 -9.26 36.78 -58.23
C GLN F 185 -9.21 35.53 -59.10
N GLY F 186 -8.92 34.38 -58.51
CA GLY F 186 -8.78 33.17 -59.29
C GLY F 186 -7.53 33.11 -60.14
N GLU F 187 -6.57 34.01 -59.90
CA GLU F 187 -5.34 34.09 -60.69
C GLU F 187 -4.20 34.40 -59.75
N VAL F 188 -2.98 34.10 -60.20
CA VAL F 188 -1.80 34.25 -59.37
C VAL F 188 -1.47 35.74 -59.26
N ALA F 189 -1.62 36.29 -58.05
CA ALA F 189 -1.25 37.69 -57.83
C ALA F 189 0.22 37.84 -57.48
N ARG F 190 0.80 36.83 -56.83
CA ARG F 190 2.21 36.87 -56.46
C ARG F 190 2.70 35.44 -56.28
N ALA F 191 3.84 35.12 -56.88
CA ALA F 191 4.40 33.78 -56.82
C ALA F 191 5.65 33.76 -55.95
N TRP F 192 5.81 32.68 -55.19
CA TRP F 192 6.99 32.46 -54.37
C TRP F 192 7.47 31.03 -54.59
N ARG F 193 8.78 30.87 -54.76
CA ARG F 193 9.40 29.55 -54.84
C ARG F 193 10.46 29.47 -53.76
N PHE F 194 10.53 28.32 -53.09
CA PHE F 194 11.39 28.16 -51.92
C PHE F 194 12.18 26.86 -52.04
N ASP F 195 13.07 26.66 -51.08
CA ASP F 195 13.78 25.40 -50.89
C ASP F 195 13.47 24.92 -49.48
N ALA F 196 12.73 23.81 -49.38
CA ALA F 196 12.27 23.34 -48.07
C ALA F 196 13.36 22.68 -47.25
N LEU F 197 14.49 22.33 -47.88
CA LEU F 197 15.61 21.75 -47.14
C LEU F 197 16.59 22.81 -46.65
N ALA F 198 16.74 23.91 -47.38
CA ALA F 198 17.57 25.01 -46.90
C ALA F 198 16.93 25.70 -45.70
N ILE F 199 15.64 26.00 -45.79
CA ILE F 199 14.87 26.53 -44.67
C ILE F 199 14.51 25.33 -43.79
N GLY F 200 15.27 25.14 -42.71
CA GLY F 200 15.14 23.95 -41.91
C GLY F 200 13.91 23.97 -41.02
N LEU F 201 13.72 22.86 -40.30
CA LEU F 201 12.63 22.70 -39.35
C LEU F 201 13.03 23.14 -37.95
N ARG F 202 14.11 23.90 -37.80
CA ARG F 202 14.62 24.25 -36.48
C ARG F 202 14.79 25.75 -36.30
N ASP F 203 15.20 26.45 -37.35
CA ASP F 203 15.59 27.86 -37.26
C ASP F 203 14.57 28.75 -37.92
N PHE F 204 14.15 29.80 -37.22
CA PHE F 204 13.28 30.83 -37.77
C PHE F 204 14.14 32.04 -38.14
N LYS F 205 14.76 31.96 -39.32
CA LYS F 205 15.66 33.01 -39.79
C LYS F 205 14.87 34.08 -40.54
N ALA F 206 15.57 34.94 -41.26
CA ALA F 206 14.95 36.02 -42.02
C ALA F 206 15.31 35.90 -43.49
N ASP F 207 14.30 36.10 -44.36
CA ASP F 207 14.51 36.10 -45.80
C ASP F 207 13.49 37.06 -46.41
N ALA F 208 13.84 37.62 -47.57
CA ALA F 208 13.03 38.67 -48.19
C ALA F 208 11.70 38.12 -48.70
N GLU F 209 11.74 37.00 -49.42
CA GLU F 209 10.52 36.36 -49.88
C GLU F 209 9.71 35.81 -48.70
N LEU F 210 10.41 35.29 -47.70
CA LEU F 210 9.75 34.85 -46.48
C LEU F 210 9.11 36.01 -45.74
N ASP F 211 9.76 37.18 -45.76
CA ASP F 211 9.16 38.37 -45.14
C ASP F 211 7.95 38.86 -45.93
N ALA F 212 7.99 38.77 -47.26
CA ALA F 212 6.84 39.17 -48.08
C ALA F 212 5.65 38.26 -47.84
N LEU F 213 5.89 36.96 -47.74
CA LEU F 213 4.85 36.02 -47.35
C LEU F 213 4.38 36.28 -45.93
N ALA F 214 5.28 36.73 -45.05
CA ALA F 214 4.90 37.08 -43.70
C ALA F 214 3.98 38.30 -43.66
N GLU F 215 4.24 39.32 -44.48
CA GLU F 215 3.31 40.45 -44.52
C GLU F 215 2.00 40.08 -45.20
N LEU F 216 2.01 39.13 -46.13
CA LEU F 216 0.74 38.67 -46.71
C LEU F 216 -0.12 37.94 -45.67
N ILE F 217 0.49 37.04 -44.90
CA ILE F 217 -0.22 36.36 -43.80
C ILE F 217 -0.59 37.37 -42.71
N ALA F 218 0.22 38.42 -42.53
CA ALA F 218 -0.10 39.47 -41.57
C ALA F 218 -1.34 40.26 -41.97
N SER F 219 -1.44 40.61 -43.24
CA SER F 219 -2.63 41.29 -43.74
C SER F 219 -3.85 40.38 -43.71
N GLY F 220 -3.66 39.08 -43.92
CA GLY F 220 -4.76 38.15 -43.76
C GLY F 220 -5.24 38.02 -42.32
N LEU F 221 -4.30 37.94 -41.37
CA LEU F 221 -4.64 37.71 -39.97
C LEU F 221 -5.16 38.98 -39.29
N SER F 222 -4.71 40.15 -39.72
CA SER F 222 -5.22 41.38 -39.13
C SER F 222 -6.63 41.68 -39.60
N GLY F 223 -6.90 41.48 -40.89
CA GLY F 223 -8.18 41.82 -41.46
C GLY F 223 -8.06 42.84 -42.56
N SER F 224 -6.83 43.07 -43.03
CA SER F 224 -6.59 44.04 -44.07
C SER F 224 -7.13 43.56 -45.42
N GLY F 225 -7.00 42.27 -45.70
CA GLY F 225 -7.47 41.74 -46.97
C GLY F 225 -7.73 40.26 -46.88
N HIS F 226 -8.18 39.71 -48.00
CA HIS F 226 -8.44 38.28 -48.11
C HIS F 226 -7.23 37.58 -48.71
N VAL F 227 -6.78 36.50 -48.06
CA VAL F 227 -5.57 35.79 -48.46
C VAL F 227 -5.92 34.33 -48.71
N LEU F 228 -5.70 33.90 -49.95
CA LEU F 228 -5.78 32.49 -50.33
C LEU F 228 -4.47 32.11 -51.00
N LEU F 229 -3.83 31.05 -50.50
CA LEU F 229 -2.54 30.61 -50.98
C LEU F 229 -2.62 29.19 -51.51
N GLU F 230 -2.18 28.99 -52.74
CA GLU F 230 -2.06 27.65 -53.31
C GLU F 230 -0.63 27.17 -53.12
N VAL F 231 -0.47 26.06 -52.39
CA VAL F 231 0.84 25.56 -51.96
C VAL F 231 1.05 24.22 -52.64
N VAL F 232 2.14 24.12 -53.40
CA VAL F 232 2.51 22.92 -54.15
C VAL F 232 3.88 22.48 -53.66
N ALA F 233 4.03 21.18 -53.39
CA ALA F 233 5.25 20.63 -52.83
C ALA F 233 5.74 19.48 -53.71
N PHE F 234 7.06 19.44 -53.91
CA PHE F 234 7.71 18.40 -54.70
C PHE F 234 8.85 17.81 -53.89
N ALA F 235 8.88 16.48 -53.79
CA ALA F 235 9.86 15.79 -52.97
C ALA F 235 10.60 14.73 -53.78
N ARG F 236 11.93 14.76 -53.72
CA ARG F 236 12.76 13.75 -54.36
C ARG F 236 12.87 12.54 -53.43
N ILE F 237 11.82 11.72 -53.44
CA ILE F 237 11.85 10.49 -52.65
C ILE F 237 12.64 9.41 -53.38
N GLY F 238 12.16 9.00 -54.54
CA GLY F 238 12.79 7.94 -55.30
C GLY F 238 11.80 7.27 -56.21
N ASP F 239 12.33 6.60 -57.23
CA ASP F 239 11.51 5.98 -58.27
C ASP F 239 10.81 4.75 -57.70
N GLY F 240 9.49 4.80 -57.59
CA GLY F 240 8.73 3.69 -57.08
C GLY F 240 8.70 3.58 -55.57
N GLN F 241 9.23 4.57 -54.86
CA GLN F 241 9.30 4.50 -53.40
C GLN F 241 7.92 4.70 -52.77
N GLU F 242 7.82 4.32 -51.51
CA GLU F 242 6.56 4.43 -50.78
C GLU F 242 6.38 5.86 -50.28
N VAL F 243 5.28 6.49 -50.68
CA VAL F 243 4.88 7.79 -50.14
C VAL F 243 3.87 7.54 -49.04
N PHE F 244 3.82 8.46 -48.08
CA PHE F 244 3.08 8.26 -46.83
C PHE F 244 1.97 9.29 -46.71
N PRO F 245 0.74 8.94 -47.07
CA PRO F 245 -0.40 9.82 -46.81
C PRO F 245 -0.86 9.67 -45.37
N SER F 246 -1.89 10.43 -45.02
CA SER F 246 -2.50 10.27 -43.71
C SER F 246 -3.25 8.94 -43.66
N GLN F 247 -3.29 8.36 -42.47
CA GLN F 247 -3.80 7.03 -42.26
C GLN F 247 -5.14 7.09 -41.55
N GLU F 248 -6.10 6.29 -42.01
CA GLU F 248 -7.46 6.36 -41.50
C GLU F 248 -7.61 5.44 -40.28
N LEU F 249 -8.85 5.22 -39.87
CA LEU F 249 -9.17 4.43 -38.69
C LEU F 249 -9.89 3.17 -39.12
N ILE F 250 -9.56 2.05 -38.48
CA ILE F 250 -9.96 0.73 -38.95
C ILE F 250 -11.12 0.24 -38.08
N LEU F 251 -12.20 -0.20 -38.73
CA LEU F 251 -13.39 -0.61 -38.00
C LEU F 251 -13.20 -1.98 -37.33
N ASP F 252 -12.32 -2.82 -37.89
CA ASP F 252 -11.94 -4.14 -37.35
C ASP F 252 -13.16 -5.06 -37.22
N LYS F 253 -13.76 -5.38 -38.36
CA LYS F 253 -14.93 -6.23 -38.42
C LYS F 253 -14.73 -7.50 -39.24
N GLY F 254 -13.84 -7.49 -40.22
CA GLY F 254 -13.66 -8.62 -41.11
C GLY F 254 -12.86 -9.75 -40.48
N ASP F 255 -12.52 -10.72 -41.33
CA ASP F 255 -11.77 -11.88 -40.89
C ASP F 255 -10.32 -11.51 -40.59
N LYS F 256 -9.65 -12.38 -39.82
CA LYS F 256 -8.26 -12.13 -39.45
C LYS F 256 -7.29 -12.38 -40.60
N LYS F 257 -7.73 -13.08 -41.65
CA LYS F 257 -6.88 -13.28 -42.83
C LYS F 257 -6.76 -11.99 -43.62
N GLY F 258 -7.88 -11.49 -44.14
CA GLY F 258 -7.91 -10.17 -44.75
C GLY F 258 -8.24 -9.12 -43.72
N GLN F 259 -7.28 -8.84 -42.84
CA GLN F 259 -7.56 -8.04 -41.65
C GLN F 259 -7.75 -6.56 -41.96
N LYS F 260 -7.04 -6.05 -42.98
CA LYS F 260 -6.94 -4.62 -43.29
C LYS F 260 -6.45 -3.85 -42.07
N SER F 261 -5.18 -4.10 -41.74
CA SER F 261 -4.57 -3.46 -40.58
C SER F 261 -4.33 -1.97 -40.81
N LYS F 262 -4.03 -1.57 -42.04
CA LYS F 262 -3.71 -0.18 -42.35
C LYS F 262 -4.58 0.31 -43.51
N THR F 263 -5.18 1.47 -43.34
CA THR F 263 -5.99 2.10 -44.37
C THR F 263 -5.53 3.54 -44.55
N LEU F 264 -5.23 3.92 -45.79
CA LEU F 264 -4.78 5.27 -46.09
C LEU F 264 -5.95 6.13 -46.55
N TYR F 265 -5.72 7.44 -46.59
CA TYR F 265 -6.77 8.41 -46.85
C TYR F 265 -6.73 8.83 -48.31
N SER F 266 -7.88 8.71 -48.98
CA SER F 266 -8.05 9.17 -50.35
C SER F 266 -9.38 9.88 -50.46
N VAL F 267 -9.49 10.80 -51.42
CA VAL F 267 -10.70 11.59 -51.62
C VAL F 267 -11.51 11.14 -52.84
N ARG F 268 -10.87 11.00 -54.02
CA ARG F 268 -11.51 10.43 -55.21
C ARG F 268 -10.46 9.61 -55.95
N ASP F 269 -10.29 8.35 -55.53
CA ASP F 269 -9.29 7.41 -56.09
C ASP F 269 -7.89 8.02 -56.14
N ALA F 270 -7.54 8.76 -55.09
CA ALA F 270 -6.38 9.65 -55.13
C ALA F 270 -5.93 9.92 -53.70
N ALA F 271 -4.72 9.48 -53.37
CA ALA F 271 -4.22 9.57 -52.00
C ALA F 271 -4.06 11.02 -51.56
N ALA F 272 -4.26 11.26 -50.27
CA ALA F 272 -4.27 12.61 -49.75
C ALA F 272 -3.88 12.61 -48.28
N ILE F 273 -3.46 13.77 -47.81
CA ILE F 273 -3.20 14.01 -46.40
C ILE F 273 -4.40 14.74 -45.81
N HIS F 274 -4.70 14.46 -44.55
CA HIS F 274 -5.79 15.12 -43.86
C HIS F 274 -5.48 16.60 -43.68
N SER F 275 -6.55 17.42 -43.69
CA SER F 275 -6.38 18.86 -43.61
C SER F 275 -5.86 19.30 -42.25
N GLN F 276 -6.32 18.65 -41.17
CA GLN F 276 -5.87 19.03 -39.83
C GLN F 276 -4.42 18.63 -39.59
N LYS F 277 -3.92 17.63 -40.32
CA LYS F 277 -2.50 17.29 -40.26
C LYS F 277 -1.65 18.40 -40.88
N ILE F 278 -2.10 18.94 -42.01
CA ILE F 278 -1.44 20.08 -42.64
C ILE F 278 -1.50 21.29 -41.71
N GLY F 279 -2.65 21.51 -41.08
CA GLY F 279 -2.79 22.65 -40.18
C GLY F 279 -1.94 22.51 -38.93
N ASN F 280 -1.77 21.29 -38.42
CA ASN F 280 -0.87 21.05 -37.30
C ASN F 280 0.57 21.27 -37.68
N ALA F 281 0.94 20.89 -38.91
CA ALA F 281 2.32 21.07 -39.35
C ALA F 281 2.64 22.54 -39.59
N LEU F 282 1.66 23.32 -40.08
CA LEU F 282 1.85 24.76 -40.17
C LEU F 282 1.89 25.40 -38.79
N ARG F 283 1.19 24.81 -37.82
CA ARG F 283 1.13 25.29 -36.45
C ARG F 283 2.45 25.09 -35.69
N THR F 284 3.37 24.28 -36.21
CA THR F 284 4.58 23.89 -35.49
C THR F 284 5.57 25.06 -35.42
N ILE F 285 5.26 26.06 -34.59
CA ILE F 285 6.07 27.27 -34.51
C ILE F 285 6.44 27.58 -33.06
N ASP F 286 5.87 26.82 -32.12
CA ASP F 286 6.03 27.11 -30.69
C ASP F 286 7.43 26.70 -30.25
N THR F 287 8.31 27.68 -30.08
CA THR F 287 9.66 27.46 -29.57
C THR F 287 9.85 27.97 -28.14
N TRP F 288 8.85 28.64 -27.57
CA TRP F 288 9.00 29.31 -26.30
C TRP F 288 8.53 28.48 -25.12
N TYR F 289 8.41 27.16 -25.30
CA TYR F 289 8.07 26.28 -24.19
C TYR F 289 9.25 26.20 -23.22
N PRO F 290 8.98 25.97 -21.93
CA PRO F 290 10.06 26.03 -20.92
C PRO F 290 11.12 24.95 -21.04
N ASP F 291 10.88 23.89 -21.79
CA ASP F 291 11.93 22.90 -22.04
C ASP F 291 12.96 23.46 -23.02
N GLU F 292 14.05 22.73 -23.17
CA GLU F 292 15.18 23.19 -23.97
C GLU F 292 14.86 23.14 -25.47
N ASP F 293 15.75 23.72 -26.25
CA ASP F 293 15.62 23.79 -27.70
C ASP F 293 16.24 22.58 -28.41
N GLY F 294 16.39 21.46 -27.70
CA GLY F 294 16.91 20.26 -28.34
C GLY F 294 15.98 19.67 -29.37
N LEU F 295 14.67 19.78 -29.14
CA LEU F 295 13.70 19.27 -30.12
C LEU F 295 13.45 20.27 -31.22
N GLY F 296 13.23 21.53 -30.87
CA GLY F 296 12.89 22.55 -31.83
C GLY F 296 11.47 23.04 -31.64
N PRO F 297 10.85 23.57 -32.70
CA PRO F 297 9.46 24.04 -32.58
C PRO F 297 8.49 22.88 -32.44
N ILE F 298 7.45 23.12 -31.65
CA ILE F 298 6.34 22.19 -31.50
C ILE F 298 5.06 22.89 -31.95
N ALA F 299 3.99 22.12 -32.06
CA ALA F 299 2.70 22.68 -32.46
C ALA F 299 2.11 23.51 -31.33
N VAL F 300 1.43 24.60 -31.69
CA VAL F 300 0.84 25.47 -30.69
C VAL F 300 -0.46 24.86 -30.19
N GLU F 301 -0.37 24.06 -29.15
CA GLU F 301 -1.52 23.46 -28.54
C GLU F 301 -1.70 24.02 -27.14
N PRO F 302 -2.92 24.01 -26.60
CA PRO F 302 -3.07 24.17 -25.16
C PRO F 302 -2.37 23.03 -24.43
N TYR F 303 -1.59 23.40 -23.42
CA TYR F 303 -0.63 22.54 -22.72
C TYR F 303 0.37 21.86 -23.66
N GLY F 304 0.74 22.56 -24.74
CA GLY F 304 1.84 22.25 -25.66
C GLY F 304 2.12 20.81 -26.03
N SER F 305 1.08 20.05 -26.34
CA SER F 305 1.19 18.60 -26.44
C SER F 305 1.89 18.18 -27.74
N VAL F 306 2.70 17.13 -27.65
CA VAL F 306 3.34 16.50 -28.79
C VAL F 306 3.01 15.02 -28.76
N THR F 307 2.40 14.52 -29.83
CA THR F 307 1.93 13.14 -29.85
C THR F 307 3.09 12.16 -29.95
N SER F 308 4.12 12.49 -30.74
CA SER F 308 5.23 11.56 -30.94
C SER F 308 6.08 11.41 -29.68
N GLN F 309 6.34 12.51 -28.97
CA GLN F 309 7.10 12.44 -27.73
C GLN F 309 6.27 11.92 -26.56
N GLY F 310 4.95 11.93 -26.65
CA GLY F 310 4.10 11.41 -25.59
C GLY F 310 4.11 12.24 -24.32
N LYS F 311 4.51 13.50 -24.40
CA LYS F 311 4.63 14.37 -23.24
C LYS F 311 4.09 15.74 -23.57
N ALA F 312 3.86 16.52 -22.52
CA ALA F 312 3.33 17.88 -22.65
C ALA F 312 4.38 18.88 -22.20
N TYR F 313 4.95 19.60 -23.16
CA TYR F 313 5.61 20.86 -22.82
C TYR F 313 4.55 21.89 -22.46
N ARG F 314 4.98 22.93 -21.73
CA ARG F 314 4.10 23.94 -21.13
C ARG F 314 3.04 23.29 -20.25
N GLN F 315 3.51 22.66 -19.17
CA GLN F 315 2.63 22.10 -18.17
C GLN F 315 1.87 23.21 -17.44
N PRO F 316 0.66 22.93 -16.94
CA PRO F 316 0.01 23.87 -16.02
C PRO F 316 0.74 24.02 -14.68
N LYS F 317 1.57 23.05 -14.30
CA LYS F 317 2.32 23.16 -13.04
C LYS F 317 3.42 24.19 -13.14
N GLN F 318 4.06 24.33 -14.31
CA GLN F 318 5.10 25.31 -14.52
C GLN F 318 4.58 26.64 -15.02
N LYS F 319 3.24 26.79 -15.06
CA LYS F 319 2.55 28.08 -15.25
C LYS F 319 2.88 28.73 -16.60
N LEU F 320 2.97 27.92 -17.65
CA LEU F 320 3.19 28.45 -18.99
C LEU F 320 2.24 27.83 -20.02
N ASP F 321 1.14 27.23 -19.56
CA ASP F 321 0.11 26.79 -20.47
C ASP F 321 -0.70 27.98 -20.98
N PHE F 322 -1.53 27.73 -21.98
CA PHE F 322 -2.28 28.80 -22.63
C PHE F 322 -3.32 29.40 -21.69
N TYR F 323 -3.96 28.56 -20.86
CA TYR F 323 -5.06 29.03 -20.04
C TYR F 323 -4.60 29.92 -18.90
N THR F 324 -3.51 29.55 -18.23
CA THR F 324 -2.98 30.39 -17.15
C THR F 324 -2.45 31.72 -17.69
N LEU F 325 -1.76 31.68 -18.84
CA LEU F 325 -1.25 32.91 -19.46
C LEU F 325 -2.39 33.82 -19.90
N LEU F 326 -3.45 33.25 -20.49
CA LEU F 326 -4.59 34.04 -20.93
C LEU F 326 -5.36 34.62 -19.73
N ASP F 327 -5.50 33.84 -18.66
CA ASP F 327 -6.20 34.32 -17.48
C ASP F 327 -5.40 35.40 -16.76
N ASN F 328 -4.08 35.31 -16.78
CA ASN F 328 -3.29 36.40 -16.22
C ASN F 328 -3.33 37.63 -17.11
N TRP F 329 -3.35 37.43 -18.44
CA TRP F 329 -3.32 38.56 -19.37
C TRP F 329 -4.64 39.32 -19.37
N VAL F 330 -5.76 38.63 -19.23
CA VAL F 330 -7.08 39.22 -19.41
C VAL F 330 -7.73 39.61 -18.09
N LEU F 331 -7.82 38.67 -17.14
CA LEU F 331 -8.58 38.91 -15.92
C LEU F 331 -7.88 39.88 -14.99
N ARG F 332 -6.58 39.68 -14.75
CA ARG F 332 -5.87 40.46 -13.75
C ARG F 332 -4.75 41.31 -14.34
N ASP F 333 -4.75 41.48 -15.66
CA ASP F 333 -3.86 42.39 -16.41
C ASP F 333 -2.38 42.06 -16.26
N GLU F 334 -2.05 40.83 -15.86
CA GLU F 334 -0.65 40.41 -15.74
C GLU F 334 -0.20 39.95 -17.11
N ALA F 335 0.25 40.90 -17.91
CA ALA F 335 0.69 40.61 -19.27
C ALA F 335 2.00 39.84 -19.24
N PRO F 336 2.09 38.69 -19.92
CA PRO F 336 3.33 37.92 -19.90
C PRO F 336 4.39 38.48 -20.83
N ALA F 337 5.49 37.76 -21.00
CA ALA F 337 6.51 38.14 -21.96
C ALA F 337 5.96 38.04 -23.38
N VAL F 338 6.63 38.74 -24.30
CA VAL F 338 6.14 38.87 -25.67
C VAL F 338 6.16 37.53 -26.40
N GLU F 339 7.05 36.61 -26.00
CA GLU F 339 7.01 35.25 -26.54
C GLU F 339 5.76 34.50 -26.08
N GLN F 340 5.39 34.65 -24.80
CA GLN F 340 4.18 34.02 -24.30
C GLN F 340 2.94 34.71 -24.87
N GLN F 341 3.02 36.01 -25.13
CA GLN F 341 1.94 36.71 -25.83
C GLN F 341 1.77 36.19 -27.25
N HIS F 342 2.89 35.90 -27.92
CA HIS F 342 2.85 35.28 -29.24
C HIS F 342 2.22 33.89 -29.17
N TYR F 343 2.55 33.13 -28.12
CA TYR F 343 1.96 31.80 -27.94
C TYR F 343 0.45 31.87 -27.71
N VAL F 344 0.00 32.84 -26.92
CA VAL F 344 -1.42 33.00 -26.63
C VAL F 344 -2.19 33.41 -27.88
N ILE F 345 -1.65 34.38 -28.63
CA ILE F 345 -2.31 34.81 -29.86
C ILE F 345 -2.25 33.71 -30.93
N ALA F 346 -1.19 32.89 -30.93
CA ALA F 346 -1.13 31.76 -31.85
C ALA F 346 -2.16 30.69 -31.50
N ASN F 347 -2.46 30.51 -30.21
CA ASN F 347 -3.56 29.62 -29.83
C ASN F 347 -4.91 30.21 -30.23
N LEU F 348 -5.06 31.52 -30.14
CA LEU F 348 -6.29 32.16 -30.56
C LEU F 348 -6.49 32.05 -32.07
N ILE F 349 -5.40 32.13 -32.83
CA ILE F 349 -5.45 31.86 -34.26
C ILE F 349 -5.79 30.40 -34.52
N ARG F 350 -5.20 29.49 -33.73
CA ARG F 350 -5.49 28.07 -33.84
C ARG F 350 -6.94 27.76 -33.49
N GLY F 351 -7.45 28.37 -32.43
CA GLY F 351 -8.83 28.20 -32.05
C GLY F 351 -9.09 26.93 -31.27
N GLY F 352 -10.22 26.92 -30.58
CA GLY F 352 -10.59 25.75 -29.80
C GLY F 352 -11.76 26.05 -28.91
N VAL F 353 -12.26 25.01 -28.26
CA VAL F 353 -13.36 25.15 -27.30
C VAL F 353 -12.72 25.43 -25.96
N PHE F 354 -12.38 26.70 -25.75
CA PHE F 354 -11.88 27.15 -24.46
C PHE F 354 -13.04 27.46 -23.54
N GLY F 355 -12.75 27.52 -22.25
CA GLY F 355 -13.78 27.75 -21.26
C GLY F 355 -14.31 26.45 -20.67
N GLU F 356 -14.98 26.58 -19.54
CA GLU F 356 -15.47 25.43 -18.79
C GLU F 356 -16.70 24.84 -19.47
N ALA F 357 -16.70 23.53 -19.67
CA ALA F 357 -17.81 22.84 -20.34
C ALA F 357 -19.03 22.76 -19.43
N ILE G 23 -63.28 41.57 -20.36
CA ILE G 23 -62.05 41.67 -19.59
C ILE G 23 -60.87 41.32 -20.52
N LEU G 24 -61.14 40.48 -21.52
CA LEU G 24 -60.18 40.02 -22.53
C LEU G 24 -58.96 39.35 -21.88
N SER G 25 -59.23 38.19 -21.28
CA SER G 25 -58.16 37.38 -20.72
C SER G 25 -57.30 36.78 -21.82
N THR G 26 -56.10 36.32 -21.43
CA THR G 26 -55.15 35.79 -22.40
C THR G 26 -55.60 34.42 -22.89
N ALA G 27 -55.53 34.23 -24.22
CA ALA G 27 -55.92 32.98 -24.83
C ALA G 27 -54.93 31.89 -24.47
N SER G 28 -55.43 30.66 -24.35
CA SER G 28 -54.60 29.56 -23.86
C SER G 28 -53.61 29.09 -24.93
N VAL G 29 -54.12 28.70 -26.09
CA VAL G 29 -53.27 28.29 -27.21
C VAL G 29 -53.23 29.41 -28.23
N LEU G 30 -52.04 29.71 -28.73
CA LEU G 30 -51.83 30.79 -29.69
C LEU G 30 -50.83 30.35 -30.76
N ALA G 31 -51.03 29.15 -31.30
CA ALA G 31 -50.11 28.62 -32.30
C ALA G 31 -50.22 29.41 -33.60
N PHE G 32 -49.08 29.84 -34.11
CA PHE G 32 -48.99 30.62 -35.33
C PHE G 32 -48.18 29.87 -36.37
N GLU G 33 -48.68 29.82 -37.59
CA GLU G 33 -47.96 29.18 -38.68
C GLU G 33 -46.82 30.06 -39.15
N ARG G 34 -45.71 29.43 -39.50
CA ARG G 34 -44.52 30.16 -39.95
C ARG G 34 -44.75 30.72 -41.35
N LYS G 35 -44.45 32.01 -41.51
CA LYS G 35 -44.40 32.63 -42.83
C LYS G 35 -42.95 32.74 -43.28
N LEU G 36 -42.78 33.05 -44.56
CA LEU G 36 -41.49 33.00 -45.27
C LEU G 36 -40.84 31.63 -45.12
N ASP G 37 -41.52 30.62 -45.67
CA ASP G 37 -41.07 29.23 -45.56
C ASP G 37 -39.88 28.99 -46.47
N PRO G 38 -38.72 28.61 -45.94
CA PRO G 38 -37.60 28.26 -46.82
C PRO G 38 -37.51 26.76 -47.08
N SER G 39 -36.74 26.37 -48.09
CA SER G 39 -36.46 24.97 -48.33
C SER G 39 -35.08 24.63 -47.77
N ASP G 40 -34.78 23.32 -47.77
CA ASP G 40 -33.45 22.87 -47.39
C ASP G 40 -32.45 23.30 -48.45
N ALA G 41 -31.52 24.18 -48.07
CA ALA G 41 -30.65 24.83 -49.03
C ALA G 41 -29.54 23.87 -49.44
N LEU G 42 -29.67 23.30 -50.63
CA LEU G 42 -28.70 22.33 -51.12
C LEU G 42 -27.43 23.04 -51.56
N MET G 43 -26.28 22.41 -51.33
CA MET G 43 -25.03 22.96 -51.81
C MET G 43 -24.44 22.09 -52.92
N SER G 44 -23.74 22.77 -53.83
CA SER G 44 -23.01 22.15 -54.90
C SER G 44 -21.71 22.92 -55.09
N ALA G 45 -20.82 22.38 -55.92
CA ALA G 45 -19.51 22.97 -56.14
C ALA G 45 -19.35 23.39 -57.58
N GLY G 46 -18.56 24.42 -57.80
CA GLY G 46 -18.32 24.91 -59.15
C GLY G 46 -17.27 25.98 -59.17
N ALA G 47 -17.27 26.75 -60.24
CA ALA G 47 -16.28 27.80 -60.45
C ALA G 47 -16.96 29.14 -60.64
N TRP G 48 -16.27 30.20 -60.21
CA TRP G 48 -16.73 31.56 -60.47
C TRP G 48 -16.66 31.85 -61.96
N ALA G 49 -17.55 32.74 -62.40
CA ALA G 49 -17.89 33.12 -63.78
C ALA G 49 -18.56 32.00 -64.57
N GLN G 50 -18.81 30.84 -63.95
CA GLN G 50 -19.66 29.81 -64.50
C GLN G 50 -20.97 29.71 -63.73
N ARG G 51 -21.33 30.78 -63.00
CA ARG G 51 -22.55 30.78 -62.19
C ARG G 51 -23.81 30.85 -63.03
N ASP G 52 -23.71 31.29 -64.29
CA ASP G 52 -24.87 31.26 -65.17
C ASP G 52 -25.24 29.83 -65.55
N ALA G 53 -24.25 29.03 -65.91
CA ALA G 53 -24.45 27.61 -66.19
C ALA G 53 -24.19 26.76 -64.95
N SER G 54 -24.85 27.10 -63.84
CA SER G 54 -24.67 26.41 -62.58
C SER G 54 -25.78 25.41 -62.29
N GLN G 55 -26.66 25.18 -63.25
CA GLN G 55 -27.73 24.20 -63.06
C GLN G 55 -27.21 22.77 -63.13
N GLU G 56 -26.07 22.55 -63.79
CA GLU G 56 -25.50 21.23 -63.94
C GLU G 56 -24.24 21.04 -63.08
N TRP G 57 -24.10 21.83 -62.02
CA TRP G 57 -22.94 21.72 -61.15
C TRP G 57 -23.04 20.45 -60.30
N PRO G 58 -21.93 19.73 -60.12
CA PRO G 58 -21.95 18.56 -59.24
C PRO G 58 -22.11 18.96 -57.78
N ALA G 59 -22.85 18.15 -57.04
CA ALA G 59 -23.18 18.47 -55.66
C ALA G 59 -21.99 18.23 -54.75
N VAL G 60 -22.01 18.88 -53.60
CA VAL G 60 -21.01 18.67 -52.57
C VAL G 60 -21.37 17.41 -51.79
N THR G 61 -20.47 16.44 -51.78
CA THR G 61 -20.70 15.19 -51.08
C THR G 61 -20.11 15.25 -49.68
N VAL G 62 -20.74 14.52 -48.77
CA VAL G 62 -20.33 14.48 -47.37
C VAL G 62 -19.46 13.24 -47.19
N ARG G 63 -18.15 13.42 -47.17
CA ARG G 63 -17.24 12.29 -47.01
C ARG G 63 -16.92 12.10 -45.53
N GLU G 64 -16.15 11.05 -45.22
CA GLU G 64 -15.73 10.77 -43.88
C GLU G 64 -14.21 10.75 -43.81
N LYS G 65 -13.65 11.37 -42.76
CA LYS G 65 -12.21 11.36 -42.57
C LYS G 65 -11.90 11.14 -41.09
N SER G 66 -10.69 10.68 -40.82
CA SER G 66 -10.27 10.33 -39.47
C SER G 66 -9.50 11.49 -38.85
N VAL G 67 -9.82 11.81 -37.60
CA VAL G 67 -9.11 12.82 -36.82
C VAL G 67 -8.52 12.17 -35.59
N ARG G 68 -7.26 12.49 -35.30
CA ARG G 68 -6.60 12.12 -34.06
C ARG G 68 -6.21 13.42 -33.36
N GLY G 69 -6.58 13.54 -32.08
CA GLY G 69 -6.35 14.77 -31.36
C GLY G 69 -5.92 14.54 -29.95
N THR G 70 -5.21 15.53 -29.41
CA THR G 70 -4.90 15.59 -27.99
C THR G 70 -5.91 16.49 -27.30
N ILE G 71 -5.88 16.47 -25.96
CA ILE G 71 -6.83 17.26 -25.20
C ILE G 71 -6.40 18.72 -25.21
N SER G 72 -7.30 19.60 -25.65
CA SER G 72 -7.02 21.03 -25.71
C SER G 72 -8.00 21.86 -24.90
N ASN G 73 -9.02 21.26 -24.31
CA ASN G 73 -9.99 21.99 -23.50
C ASN G 73 -9.42 22.25 -22.11
N ARG G 74 -10.18 23.00 -21.32
CA ARG G 74 -9.77 23.29 -19.95
C ARG G 74 -9.90 22.06 -19.08
N LEU G 75 -8.93 21.88 -18.19
CA LEU G 75 -8.95 20.75 -17.27
C LEU G 75 -9.81 21.08 -16.05
N LYS G 76 -10.26 20.03 -15.36
CA LYS G 76 -11.16 20.17 -14.22
C LYS G 76 -10.39 20.27 -12.90
N THR G 77 -9.07 20.51 -12.97
CA THR G 77 -8.08 20.67 -11.89
C THR G 77 -7.78 19.33 -11.20
N LYS G 78 -8.55 18.29 -11.53
CA LYS G 78 -8.16 16.93 -11.19
C LYS G 78 -7.21 16.37 -12.24
N ASP G 79 -7.32 16.86 -13.48
CA ASP G 79 -6.52 16.43 -14.60
C ASP G 79 -5.35 17.36 -14.88
N ARG G 80 -5.08 18.32 -13.97
CA ARG G 80 -3.88 19.13 -14.06
C ARG G 80 -2.63 18.40 -13.57
N ASP G 81 -2.79 17.13 -13.20
CA ASP G 81 -1.65 16.26 -12.94
C ASP G 81 -0.87 15.97 -14.22
N PRO G 82 0.43 16.25 -14.21
CA PRO G 82 1.23 16.06 -15.44
C PRO G 82 1.11 14.68 -16.04
N ALA G 83 1.06 13.63 -15.21
CA ALA G 83 1.01 12.27 -15.72
C ALA G 83 -0.34 11.96 -16.35
N LYS G 84 -1.42 12.58 -15.85
CA LYS G 84 -2.71 12.48 -16.50
C LYS G 84 -2.69 13.08 -17.89
N LEU G 85 -2.01 14.22 -18.03
CA LEU G 85 -1.89 14.89 -19.33
C LEU G 85 -1.06 14.05 -20.30
N ASP G 86 0.06 13.48 -19.83
CA ASP G 86 0.86 12.63 -20.70
C ASP G 86 0.14 11.33 -21.05
N ALA G 87 -0.67 10.80 -20.12
CA ALA G 87 -1.48 9.63 -20.44
C ALA G 87 -2.57 9.95 -21.45
N SER G 88 -3.10 11.18 -21.41
CA SER G 88 -4.08 11.59 -22.40
C SER G 88 -3.44 11.78 -23.77
N ILE G 89 -2.19 12.25 -23.80
CA ILE G 89 -1.48 12.37 -25.07
C ILE G 89 -1.14 11.00 -25.63
N GLN G 90 -0.66 10.08 -24.78
CA GLN G 90 -0.29 8.74 -25.22
C GLN G 90 -1.48 7.90 -25.65
N SER G 91 -2.68 8.27 -25.23
CA SER G 91 -3.93 7.66 -25.72
C SER G 91 -4.79 8.79 -26.29
N PRO G 92 -4.44 9.29 -27.47
CA PRO G 92 -5.17 10.43 -28.03
C PRO G 92 -6.54 10.01 -28.54
N ASN G 93 -7.46 10.97 -28.61
CA ASN G 93 -8.80 10.62 -29.04
C ASN G 93 -8.87 10.48 -30.55
N LEU G 94 -9.51 9.40 -30.99
CA LEU G 94 -9.69 9.08 -32.39
C LEU G 94 -11.16 9.20 -32.73
N GLN G 95 -11.48 9.97 -33.77
CA GLN G 95 -12.86 10.10 -34.20
C GLN G 95 -12.92 10.02 -35.72
N THR G 96 -14.10 9.69 -36.22
CA THR G 96 -14.43 9.85 -37.62
C THR G 96 -15.36 11.05 -37.73
N VAL G 97 -15.10 11.93 -38.68
CA VAL G 97 -15.90 13.14 -38.85
C VAL G 97 -16.41 13.17 -40.29
N ASP G 98 -17.69 13.48 -40.44
CA ASP G 98 -18.23 13.83 -41.74
C ASP G 98 -17.74 15.23 -42.11
N VAL G 99 -17.12 15.34 -43.27
CA VAL G 99 -16.56 16.61 -43.73
C VAL G 99 -17.11 16.88 -45.13
N ALA G 100 -17.43 18.14 -45.38
CA ALA G 100 -17.91 18.59 -46.69
C ALA G 100 -16.87 19.52 -47.28
N ASN G 101 -16.31 19.13 -48.42
CA ASN G 101 -15.27 19.90 -49.08
C ASN G 101 -15.60 20.04 -50.55
N LEU G 102 -15.15 21.14 -51.14
CA LEU G 102 -15.17 21.28 -52.57
C LEU G 102 -14.06 20.43 -53.19
N PRO G 103 -14.19 20.06 -54.46
CA PRO G 103 -13.04 19.48 -55.16
C PRO G 103 -11.95 20.52 -55.38
N SER G 104 -10.75 20.01 -55.69
CA SER G 104 -9.58 20.87 -55.86
C SER G 104 -9.65 21.76 -57.10
N ASP G 105 -10.57 21.49 -58.02
CA ASP G 105 -10.76 22.34 -59.19
C ASP G 105 -11.95 23.28 -59.06
N ALA G 106 -12.60 23.30 -57.89
CA ALA G 106 -13.79 24.12 -57.67
C ALA G 106 -13.55 25.07 -56.51
N ASP G 107 -13.74 26.37 -56.75
CA ASP G 107 -13.58 27.37 -55.72
C ASP G 107 -14.88 28.00 -55.25
N THR G 108 -15.96 27.85 -55.99
CA THR G 108 -17.23 28.51 -55.70
C THR G 108 -18.21 27.49 -55.13
N LEU G 109 -18.83 27.86 -54.02
CA LEU G 109 -19.88 27.06 -53.39
C LEU G 109 -21.23 27.65 -53.75
N LYS G 110 -22.13 26.81 -54.27
CA LYS G 110 -23.47 27.23 -54.70
C LYS G 110 -24.49 26.69 -53.70
N VAL G 111 -25.26 27.59 -53.10
CA VAL G 111 -26.23 27.25 -52.08
C VAL G 111 -27.59 27.71 -52.56
N ARG G 112 -28.49 26.76 -52.80
CA ARG G 112 -29.77 27.05 -53.44
C ARG G 112 -30.92 26.68 -52.53
N PHE G 113 -31.90 27.57 -52.43
CA PHE G 113 -33.14 27.26 -51.73
C PHE G 113 -34.28 28.07 -52.35
N THR G 114 -35.50 27.78 -51.90
CA THR G 114 -36.69 28.49 -52.35
C THR G 114 -37.46 29.02 -51.15
N LEU G 115 -38.01 30.21 -51.28
CA LEU G 115 -38.71 30.90 -50.21
C LEU G 115 -40.16 31.13 -50.62
N ARG G 116 -41.09 30.80 -49.73
CA ARG G 116 -42.52 31.00 -49.94
C ARG G 116 -43.01 32.06 -48.97
N VAL G 117 -43.26 33.27 -49.47
CA VAL G 117 -43.79 34.34 -48.64
C VAL G 117 -45.31 34.25 -48.66
N LEU G 118 -45.91 34.12 -47.49
CA LEU G 118 -47.35 33.91 -47.36
C LEU G 118 -47.99 35.07 -46.61
N GLY G 119 -49.28 35.27 -46.88
CA GLY G 119 -50.06 36.27 -46.18
C GLY G 119 -50.78 35.71 -44.98
N GLY G 120 -51.60 36.56 -44.37
CA GLY G 120 -52.34 36.18 -43.18
C GLY G 120 -51.44 35.98 -41.96
N ALA G 121 -50.57 36.95 -41.71
CA ALA G 121 -49.61 36.84 -40.62
C ALA G 121 -50.28 36.93 -39.25
N GLY G 122 -51.30 37.77 -39.13
CA GLY G 122 -51.97 37.93 -37.85
C GLY G 122 -52.92 36.81 -37.49
N THR G 123 -53.33 36.00 -38.46
CA THR G 123 -54.29 34.94 -38.20
C THR G 123 -53.59 33.77 -37.53
N PRO G 124 -54.01 33.36 -36.32
CA PRO G 124 -53.40 32.20 -35.68
C PRO G 124 -53.94 30.90 -36.25
N SER G 125 -53.07 29.88 -36.28
CA SER G 125 -53.49 28.56 -36.70
C SER G 125 -54.42 27.93 -35.68
N ALA G 126 -54.17 28.15 -34.40
CA ALA G 126 -55.02 27.66 -33.33
C ALA G 126 -55.27 28.78 -32.32
N CYS G 127 -56.42 28.70 -31.67
CA CYS G 127 -56.80 29.69 -30.68
C CYS G 127 -57.79 29.05 -29.71
N ASN G 128 -57.98 29.71 -28.57
CA ASN G 128 -58.94 29.25 -27.57
C ASN G 128 -59.89 30.36 -27.14
N ASP G 129 -59.94 31.46 -27.90
CA ASP G 129 -60.82 32.57 -27.57
C ASP G 129 -61.13 33.34 -28.86
N ALA G 130 -62.42 33.44 -29.19
CA ALA G 130 -62.81 34.22 -30.35
C ALA G 130 -62.60 35.71 -30.12
N ALA G 131 -62.72 36.16 -28.86
CA ALA G 131 -62.46 37.56 -28.54
C ALA G 131 -60.99 37.91 -28.71
N TYR G 132 -60.09 37.03 -28.26
CA TYR G 132 -58.66 37.25 -28.45
C TYR G 132 -58.29 37.21 -29.93
N ARG G 133 -58.88 36.28 -30.69
CA ARG G 133 -58.59 36.19 -32.12
C ARG G 133 -59.08 37.43 -32.85
N ASP G 134 -60.27 37.92 -32.50
CA ASP G 134 -60.80 39.13 -33.11
C ASP G 134 -59.98 40.36 -32.74
N LYS G 135 -59.56 40.46 -31.48
CA LYS G 135 -58.76 41.61 -31.06
C LYS G 135 -57.36 41.59 -31.68
N LEU G 136 -56.76 40.40 -31.81
CA LEU G 136 -55.45 40.29 -32.43
C LEU G 136 -55.52 40.60 -33.92
N LEU G 137 -56.58 40.11 -34.59
CA LEU G 137 -56.78 40.43 -36.01
C LEU G 137 -57.02 41.91 -36.22
N GLN G 138 -57.79 42.54 -35.32
CA GLN G 138 -58.02 43.97 -35.40
C GLN G 138 -56.74 44.77 -35.15
N THR G 139 -55.92 44.31 -34.19
CA THR G 139 -54.66 45.00 -33.89
C THR G 139 -53.68 44.92 -35.05
N VAL G 140 -53.56 43.73 -35.66
CA VAL G 140 -52.73 43.58 -36.85
C VAL G 140 -53.29 44.40 -38.02
N ALA G 141 -54.62 44.48 -38.11
CA ALA G 141 -55.25 45.24 -39.19
C ALA G 141 -54.97 46.74 -39.08
N THR G 142 -55.13 47.32 -37.88
CA THR G 142 -54.79 48.72 -37.69
C THR G 142 -53.29 48.97 -37.81
N TYR G 143 -52.45 47.98 -37.46
CA TYR G 143 -51.02 48.09 -37.72
C TYR G 143 -50.74 48.23 -39.21
N VAL G 144 -51.34 47.35 -40.01
CA VAL G 144 -51.13 47.36 -41.46
C VAL G 144 -51.69 48.63 -42.08
N ASN G 145 -52.81 49.14 -41.55
CA ASN G 145 -53.36 50.40 -42.05
C ASN G 145 -52.46 51.59 -41.71
N ASP G 146 -51.86 51.62 -40.52
CA ASP G 146 -51.00 52.77 -40.26
C ASP G 146 -49.59 52.57 -40.84
N GLN G 147 -49.05 51.36 -40.76
CA GLN G 147 -47.71 51.08 -41.30
C GLN G 147 -47.64 49.59 -41.58
N GLY G 148 -47.78 49.21 -42.85
CA GLY G 148 -47.83 47.81 -43.22
C GLY G 148 -46.50 47.09 -43.14
N PHE G 149 -46.38 45.95 -43.83
CA PHE G 149 -45.14 45.18 -43.82
C PHE G 149 -44.11 45.81 -44.76
N ALA G 150 -43.67 47.02 -44.40
CA ALA G 150 -42.71 47.75 -45.22
C ALA G 150 -41.31 47.71 -44.62
N GLU G 151 -41.18 48.02 -43.33
CA GLU G 151 -39.88 47.93 -42.67
C GLU G 151 -39.46 46.47 -42.49
N LEU G 152 -40.41 45.61 -42.11
CA LEU G 152 -40.12 44.19 -41.92
C LEU G 152 -39.71 43.52 -43.22
N ALA G 153 -40.42 43.81 -44.31
CA ALA G 153 -40.05 43.23 -45.60
C ALA G 153 -38.76 43.85 -46.14
N ARG G 154 -38.47 45.11 -45.80
CA ARG G 154 -37.18 45.69 -46.17
C ARG G 154 -36.03 44.99 -45.47
N ARG G 155 -36.21 44.67 -44.19
CA ARG G 155 -35.17 43.96 -43.46
C ARG G 155 -35.05 42.51 -43.90
N TYR G 156 -36.18 41.87 -44.24
CA TYR G 156 -36.14 40.51 -44.77
C TYR G 156 -35.48 40.46 -46.15
N ALA G 157 -35.73 41.49 -46.97
CA ALA G 157 -35.05 41.60 -48.26
C ALA G 157 -33.57 41.90 -48.09
N HIS G 158 -33.20 42.63 -47.03
CA HIS G 158 -31.80 42.83 -46.71
C HIS G 158 -31.12 41.52 -46.33
N ASN G 159 -31.76 40.74 -45.47
CA ASN G 159 -31.20 39.45 -45.05
C ASN G 159 -31.25 38.40 -46.15
N LEU G 160 -32.09 38.60 -47.15
CA LEU G 160 -31.98 37.80 -48.36
C LEU G 160 -30.84 38.30 -49.25
N ALA G 161 -30.61 39.61 -49.25
CA ALA G 161 -29.60 40.20 -50.13
C ALA G 161 -28.18 39.84 -49.69
N ASN G 162 -27.86 40.08 -48.43
CA ASN G 162 -26.63 39.54 -47.88
C ASN G 162 -26.84 38.07 -47.58
N ALA G 163 -25.82 37.26 -47.83
CA ALA G 163 -25.95 35.82 -47.67
C ALA G 163 -25.69 35.42 -46.22
N ARG G 164 -26.62 35.85 -45.35
CA ARG G 164 -26.54 35.45 -43.96
C ARG G 164 -26.93 33.99 -43.76
N PHE G 165 -27.61 33.38 -44.73
CA PHE G 165 -27.84 31.95 -44.71
C PHE G 165 -26.56 31.16 -44.98
N LEU G 166 -25.52 31.84 -45.48
CA LEU G 166 -24.17 31.28 -45.54
C LEU G 166 -23.49 31.67 -44.24
N TRP G 167 -23.74 30.89 -43.19
CA TRP G 167 -23.28 31.22 -41.85
C TRP G 167 -21.76 31.22 -41.71
N ARG G 168 -21.13 30.06 -41.88
CA ARG G 168 -19.68 30.01 -41.93
C ARG G 168 -19.15 29.90 -43.35
N ASN G 169 -20.03 29.95 -44.34
CA ASN G 169 -19.65 30.02 -45.74
C ASN G 169 -19.58 31.46 -46.24
N ARG G 170 -19.44 32.43 -45.34
CA ARG G 170 -19.25 33.83 -45.68
C ARG G 170 -18.16 34.50 -44.86
N VAL G 171 -17.72 33.89 -43.75
CA VAL G 171 -16.72 34.52 -42.88
C VAL G 171 -15.34 34.52 -43.51
N GLY G 172 -15.10 33.69 -44.51
CA GLY G 172 -13.83 33.70 -45.20
C GLY G 172 -14.01 33.76 -46.70
N ALA G 173 -15.23 34.04 -47.14
CA ALA G 173 -15.54 34.07 -48.56
C ALA G 173 -14.98 35.32 -49.21
N GLU G 174 -14.31 35.15 -50.35
CA GLU G 174 -13.70 36.27 -51.03
C GLU G 174 -14.75 37.16 -51.71
N ALA G 175 -15.72 36.55 -52.39
CA ALA G 175 -16.77 37.30 -53.05
C ALA G 175 -18.05 36.48 -53.03
N VAL G 176 -19.14 37.09 -52.57
CA VAL G 176 -20.44 36.43 -52.45
C VAL G 176 -21.43 37.15 -53.36
N GLU G 177 -22.20 36.37 -54.13
CA GLU G 177 -23.25 36.89 -54.98
C GLU G 177 -24.54 36.15 -54.68
N VAL G 178 -25.65 36.89 -54.61
CA VAL G 178 -26.95 36.31 -54.31
C VAL G 178 -27.91 36.65 -55.45
N ARG G 179 -28.51 35.63 -56.05
CA ARG G 179 -29.48 35.78 -57.13
C ARG G 179 -30.83 35.31 -56.65
N ILE G 180 -31.83 36.20 -56.70
CA ILE G 180 -33.18 35.90 -56.23
C ILE G 180 -34.13 36.07 -57.41
N ASN G 181 -34.79 34.98 -57.79
CA ASN G 181 -35.70 34.97 -58.93
C ASN G 181 -37.13 34.82 -58.44
N HIS G 182 -38.03 35.65 -58.95
CA HIS G 182 -39.45 35.56 -58.61
C HIS G 182 -40.12 34.62 -59.60
N ILE G 183 -40.55 33.46 -59.10
CA ILE G 183 -41.10 32.42 -59.96
C ILE G 183 -42.61 32.60 -60.05
N ARG G 184 -43.10 32.98 -61.22
CA ARG G 184 -44.53 33.12 -61.50
C ARG G 184 -44.89 32.20 -62.65
N GLN G 185 -45.82 31.28 -62.39
CA GLN G 185 -46.29 30.26 -63.35
C GLN G 185 -45.14 29.42 -63.90
N GLY G 186 -44.19 29.09 -63.02
CA GLY G 186 -43.08 28.25 -63.40
C GLY G 186 -41.94 28.94 -64.12
N GLU G 187 -42.05 30.23 -64.38
CA GLU G 187 -41.00 30.99 -65.06
C GLU G 187 -40.66 32.22 -64.24
N VAL G 188 -39.53 32.83 -64.57
CA VAL G 188 -39.03 33.97 -63.80
C VAL G 188 -39.84 35.21 -64.13
N ALA G 189 -40.18 35.98 -63.09
CA ALA G 189 -40.87 37.25 -63.26
C ALA G 189 -39.93 38.44 -63.09
N ARG G 190 -39.04 38.38 -62.10
CA ARG G 190 -38.05 39.43 -61.87
C ARG G 190 -36.85 38.81 -61.17
N ALA G 191 -35.66 39.14 -61.65
CA ALA G 191 -34.41 38.64 -61.09
C ALA G 191 -33.66 39.78 -60.42
N TRP G 192 -33.26 39.57 -59.17
CA TRP G 192 -32.46 40.51 -58.41
C TRP G 192 -31.08 39.90 -58.15
N ARG G 193 -30.04 40.64 -58.51
CA ARG G 193 -28.66 40.23 -58.25
C ARG G 193 -28.05 41.17 -57.23
N PHE G 194 -27.47 40.61 -56.17
CA PHE G 194 -26.96 41.37 -55.05
C PHE G 194 -25.53 40.97 -54.75
N ASP G 195 -24.68 41.97 -54.54
CA ASP G 195 -23.35 41.75 -53.99
C ASP G 195 -23.51 41.64 -52.48
N ALA G 196 -23.41 40.41 -51.97
CA ALA G 196 -23.72 40.14 -50.57
C ALA G 196 -22.66 40.66 -49.61
N LEU G 197 -21.48 41.04 -50.12
CA LEU G 197 -20.46 41.60 -49.24
C LEU G 197 -20.56 43.13 -49.14
N ALA G 198 -21.05 43.79 -50.20
CA ALA G 198 -21.31 45.22 -50.11
C ALA G 198 -22.49 45.52 -49.18
N ILE G 199 -23.54 44.70 -49.27
CA ILE G 199 -24.67 44.79 -48.34
C ILE G 199 -24.22 44.08 -47.05
N GLY G 200 -23.88 44.86 -46.04
CA GLY G 200 -23.31 44.30 -44.83
C GLY G 200 -24.34 43.62 -43.96
N LEU G 201 -23.83 42.97 -42.92
CA LEU G 201 -24.65 42.31 -41.93
C LEU G 201 -25.03 43.24 -40.78
N ARG G 202 -24.74 44.52 -40.89
CA ARG G 202 -24.92 45.47 -39.79
C ARG G 202 -25.95 46.54 -40.09
N ASP G 203 -25.81 47.26 -41.20
CA ASP G 203 -26.65 48.42 -41.49
C ASP G 203 -27.75 48.06 -42.47
N PHE G 204 -28.95 48.56 -42.19
CA PHE G 204 -30.11 48.37 -43.06
C PHE G 204 -30.29 49.62 -43.92
N LYS G 205 -29.56 49.65 -45.03
CA LYS G 205 -29.60 50.77 -45.94
C LYS G 205 -30.75 50.59 -46.94
N ALA G 206 -30.81 51.44 -47.96
CA ALA G 206 -31.88 51.40 -48.95
C ALA G 206 -31.27 51.37 -50.35
N ASP G 207 -31.84 50.52 -51.20
CA ASP G 207 -31.47 50.44 -52.60
C ASP G 207 -32.72 50.15 -53.41
N ALA G 208 -32.66 50.49 -54.71
CA ALA G 208 -33.82 50.37 -55.58
C ALA G 208 -34.22 48.91 -55.80
N GLU G 209 -33.24 48.04 -56.03
CA GLU G 209 -33.54 46.61 -56.14
C GLU G 209 -33.97 46.03 -54.80
N LEU G 210 -33.36 46.51 -53.71
CA LEU G 210 -33.79 46.12 -52.37
C LEU G 210 -35.20 46.61 -52.08
N ASP G 211 -35.55 47.82 -52.55
CA ASP G 211 -36.90 48.32 -52.35
C ASP G 211 -37.92 47.55 -53.19
N ALA G 212 -37.53 47.12 -54.39
CA ALA G 212 -38.43 46.31 -55.22
C ALA G 212 -38.68 44.95 -54.58
N LEU G 213 -37.61 44.31 -54.07
CA LEU G 213 -37.78 43.05 -53.35
C LEU G 213 -38.56 43.24 -52.06
N ALA G 214 -38.40 44.38 -51.40
CA ALA G 214 -39.18 44.71 -50.21
C ALA G 214 -40.66 44.86 -50.53
N GLU G 215 -40.97 45.50 -51.66
CA GLU G 215 -42.37 45.63 -52.07
C GLU G 215 -42.96 44.28 -52.45
N LEU G 216 -42.15 43.40 -53.05
CA LEU G 216 -42.64 42.06 -53.38
C LEU G 216 -42.93 41.24 -52.13
N ILE G 217 -42.02 41.28 -51.14
CA ILE G 217 -42.26 40.58 -49.88
C ILE G 217 -43.40 41.23 -49.10
N ALA G 218 -43.59 42.54 -49.26
CA ALA G 218 -44.73 43.24 -48.66
C ALA G 218 -46.05 42.76 -49.25
N SER G 219 -46.10 42.60 -50.58
CA SER G 219 -47.30 42.08 -51.23
C SER G 219 -47.55 40.63 -50.87
N GLY G 220 -46.47 39.85 -50.67
CA GLY G 220 -46.65 38.48 -50.21
C GLY G 220 -47.17 38.40 -48.79
N LEU G 221 -46.65 39.24 -47.90
CA LEU G 221 -47.05 39.20 -46.49
C LEU G 221 -48.43 39.80 -46.27
N SER G 222 -48.84 40.75 -47.13
CA SER G 222 -50.15 41.36 -47.00
C SER G 222 -51.28 40.48 -47.50
N GLY G 223 -50.97 39.37 -48.17
CA GLY G 223 -51.99 38.52 -48.75
C GLY G 223 -52.50 38.98 -50.09
N SER G 224 -51.84 39.93 -50.73
CA SER G 224 -52.27 40.46 -52.02
C SER G 224 -51.62 39.76 -53.20
N GLY G 225 -50.84 38.72 -52.97
CA GLY G 225 -50.23 38.00 -54.06
C GLY G 225 -49.48 36.79 -53.54
N HIS G 226 -49.04 35.96 -54.48
CA HIS G 226 -48.25 34.78 -54.18
C HIS G 226 -46.80 35.06 -54.55
N VAL G 227 -45.90 34.89 -53.59
CA VAL G 227 -44.47 35.18 -53.78
C VAL G 227 -43.69 33.89 -53.53
N LEU G 228 -43.08 33.37 -54.58
CA LEU G 228 -42.13 32.27 -54.50
C LEU G 228 -40.82 32.74 -55.11
N LEU G 229 -39.73 32.55 -54.38
CA LEU G 229 -38.42 33.01 -54.79
C LEU G 229 -37.43 31.85 -54.83
N GLU G 230 -36.58 31.85 -55.85
CA GLU G 230 -35.44 30.94 -55.92
C GLU G 230 -34.20 31.75 -55.59
N VAL G 231 -33.56 31.45 -54.46
CA VAL G 231 -32.41 32.19 -53.98
C VAL G 231 -31.19 31.29 -54.08
N VAL G 232 -30.21 31.73 -54.87
CA VAL G 232 -28.98 31.00 -55.13
C VAL G 232 -27.81 31.88 -54.71
N ALA G 233 -26.94 31.35 -53.87
CA ALA G 233 -25.78 32.08 -53.36
C ALA G 233 -24.50 31.43 -53.86
N PHE G 234 -23.61 32.23 -54.44
CA PHE G 234 -22.31 31.78 -54.89
C PHE G 234 -21.24 32.42 -54.01
N ALA G 235 -20.45 31.60 -53.34
CA ALA G 235 -19.45 32.07 -52.39
C ALA G 235 -18.06 31.57 -52.79
N ARG G 236 -17.08 32.47 -52.75
CA ARG G 236 -15.70 32.12 -53.05
C ARG G 236 -15.02 31.63 -51.78
N ILE G 237 -15.34 30.39 -51.42
CA ILE G 237 -14.67 29.76 -50.28
C ILE G 237 -13.21 29.48 -50.60
N GLY G 238 -12.92 29.09 -51.83
CA GLY G 238 -11.59 28.71 -52.25
C GLY G 238 -11.55 27.30 -52.80
N ASP G 239 -10.44 27.00 -53.47
CA ASP G 239 -10.28 25.72 -54.15
C ASP G 239 -10.10 24.60 -53.13
N GLY G 240 -11.03 23.65 -53.13
CA GLY G 240 -10.92 22.49 -52.25
C GLY G 240 -11.21 22.75 -50.80
N GLN G 241 -11.75 23.92 -50.45
CA GLN G 241 -11.88 24.32 -49.07
C GLN G 241 -13.05 23.59 -48.39
N GLU G 242 -13.07 23.67 -47.07
CA GLU G 242 -14.12 23.05 -46.28
C GLU G 242 -15.35 23.94 -46.27
N VAL G 243 -16.49 23.40 -46.68
CA VAL G 243 -17.75 24.10 -46.60
C VAL G 243 -18.53 23.53 -45.43
N PHE G 244 -19.46 24.34 -44.91
CA PHE G 244 -20.10 24.07 -43.62
C PHE G 244 -21.61 23.93 -43.80
N PRO G 245 -22.12 22.72 -43.96
CA PRO G 245 -23.56 22.50 -43.89
C PRO G 245 -24.05 22.47 -42.44
N SER G 246 -25.34 22.20 -42.29
CA SER G 246 -25.92 21.99 -40.98
C SER G 246 -25.45 20.65 -40.42
N GLN G 247 -25.37 20.57 -39.10
CA GLN G 247 -24.83 19.40 -38.41
C GLN G 247 -25.94 18.71 -37.64
N GLU G 248 -25.97 17.38 -37.72
CA GLU G 248 -27.08 16.59 -37.22
C GLU G 248 -26.82 16.13 -35.78
N LEU G 249 -27.80 15.38 -35.26
CA LEU G 249 -27.68 14.75 -33.96
C LEU G 249 -26.59 13.69 -33.96
N ILE G 250 -26.03 13.45 -32.78
CA ILE G 250 -25.04 12.40 -32.59
C ILE G 250 -25.64 11.41 -31.60
N LEU G 251 -25.85 10.17 -32.04
CA LEU G 251 -26.51 9.19 -31.18
C LEU G 251 -25.56 8.61 -30.14
N ASP G 252 -24.28 8.43 -30.51
CA ASP G 252 -23.22 7.85 -29.67
C ASP G 252 -23.61 6.46 -29.15
N LYS G 253 -23.83 5.55 -30.10
CA LYS G 253 -24.21 4.17 -29.80
C LYS G 253 -23.12 3.17 -30.12
N GLY G 254 -21.89 3.63 -30.38
CA GLY G 254 -20.80 2.73 -30.70
C GLY G 254 -19.62 2.88 -29.77
N ASP G 255 -18.44 2.43 -30.22
CA ASP G 255 -17.24 2.54 -29.42
C ASP G 255 -16.69 3.97 -29.48
N LYS G 256 -15.69 4.23 -28.64
CA LYS G 256 -15.08 5.56 -28.60
C LYS G 256 -14.03 5.76 -29.68
N LYS G 257 -13.60 4.70 -30.37
CA LYS G 257 -12.69 4.87 -31.49
C LYS G 257 -13.45 5.25 -32.75
N GLY G 258 -14.34 4.38 -33.22
CA GLY G 258 -15.23 4.72 -34.31
C GLY G 258 -16.46 5.44 -33.80
N GLN G 259 -16.25 6.62 -33.20
CA GLN G 259 -17.33 7.30 -32.49
C GLN G 259 -18.30 7.98 -33.43
N LYS G 260 -17.83 8.39 -34.61
CA LYS G 260 -18.56 9.24 -35.56
C LYS G 260 -19.04 10.51 -34.87
N SER G 261 -18.05 11.34 -34.50
CA SER G 261 -18.32 12.49 -33.64
C SER G 261 -19.09 13.59 -34.35
N LYS G 262 -19.02 13.65 -35.68
CA LYS G 262 -19.73 14.67 -36.44
C LYS G 262 -20.35 14.08 -37.69
N THR G 263 -21.65 14.27 -37.86
CA THR G 263 -22.35 13.96 -39.11
C THR G 263 -23.02 15.22 -39.62
N LEU G 264 -22.91 15.46 -40.92
CA LEU G 264 -23.47 16.65 -41.56
C LEU G 264 -24.79 16.31 -42.24
N TYR G 265 -25.46 17.36 -42.73
CA TYR G 265 -26.79 17.24 -43.32
C TYR G 265 -26.69 17.07 -44.83
N SER G 266 -27.24 15.98 -45.34
CA SER G 266 -27.38 15.76 -46.77
C SER G 266 -28.72 15.09 -47.02
N VAL G 267 -29.27 15.28 -48.23
CA VAL G 267 -30.56 14.69 -48.53
C VAL G 267 -30.43 13.44 -49.40
N ARG G 268 -29.93 13.58 -50.64
CA ARG G 268 -29.64 12.45 -51.52
C ARG G 268 -28.23 12.68 -52.06
N ASP G 269 -27.23 12.31 -51.25
CA ASP G 269 -25.80 12.45 -51.57
C ASP G 269 -25.44 13.88 -51.98
N ALA G 270 -26.02 14.85 -51.28
CA ALA G 270 -25.84 16.26 -51.64
C ALA G 270 -25.93 17.07 -50.34
N ALA G 271 -24.81 17.69 -49.96
CA ALA G 271 -24.74 18.37 -48.67
C ALA G 271 -25.61 19.63 -48.68
N ALA G 272 -26.34 19.82 -47.58
CA ALA G 272 -27.39 20.83 -47.54
C ALA G 272 -27.44 21.47 -46.16
N ILE G 273 -28.04 22.66 -46.11
CA ILE G 273 -28.24 23.39 -44.87
C ILE G 273 -29.70 23.23 -44.48
N HIS G 274 -29.96 23.12 -43.17
CA HIS G 274 -31.31 22.99 -42.65
C HIS G 274 -32.13 24.25 -42.94
N SER G 275 -33.43 24.05 -43.17
CA SER G 275 -34.30 25.16 -43.50
C SER G 275 -34.51 26.11 -42.34
N GLN G 276 -34.48 25.60 -41.10
CA GLN G 276 -34.62 26.47 -39.94
C GLN G 276 -33.40 27.38 -39.76
N LYS G 277 -32.23 26.94 -40.23
CA LYS G 277 -31.06 27.81 -40.23
C LYS G 277 -31.23 28.97 -41.22
N ILE G 278 -31.80 28.69 -42.39
CA ILE G 278 -32.08 29.73 -43.37
C ILE G 278 -33.14 30.69 -42.86
N GLY G 279 -34.17 30.15 -42.20
CA GLY G 279 -35.19 31.01 -41.61
C GLY G 279 -34.66 31.86 -40.47
N ASN G 280 -33.75 31.31 -39.67
CA ASN G 280 -33.09 32.08 -38.62
C ASN G 280 -32.24 33.20 -39.19
N ALA G 281 -31.54 32.92 -40.30
CA ALA G 281 -30.75 33.95 -40.94
C ALA G 281 -31.62 35.04 -41.54
N LEU G 282 -32.78 34.66 -42.08
CA LEU G 282 -33.70 35.65 -42.63
C LEU G 282 -34.33 36.48 -41.52
N ARG G 283 -34.59 35.86 -40.35
CA ARG G 283 -35.22 36.54 -39.23
C ARG G 283 -34.30 37.46 -38.48
N THR G 284 -33.01 37.57 -38.85
CA THR G 284 -32.09 38.37 -38.04
C THR G 284 -32.30 39.83 -38.47
N ILE G 285 -33.36 40.43 -37.93
CA ILE G 285 -33.73 41.81 -38.24
C ILE G 285 -33.85 42.67 -37.00
N ASP G 286 -33.80 42.09 -35.81
CA ASP G 286 -34.09 42.80 -34.57
C ASP G 286 -32.94 43.74 -34.23
N THR G 287 -33.21 45.04 -34.25
CA THR G 287 -32.24 46.06 -33.87
C THR G 287 -32.80 47.00 -32.81
N TRP G 288 -33.80 46.56 -32.05
CA TRP G 288 -34.49 47.43 -31.11
C TRP G 288 -34.57 46.83 -29.71
N TYR G 289 -33.60 46.00 -29.36
CA TYR G 289 -33.54 45.42 -28.03
C TYR G 289 -33.10 46.50 -27.03
N PRO G 290 -33.40 46.33 -25.74
CA PRO G 290 -32.97 47.34 -24.75
C PRO G 290 -31.46 47.48 -24.60
N ASP G 291 -30.67 46.49 -24.99
CA ASP G 291 -29.22 46.62 -24.95
C ASP G 291 -28.73 47.43 -26.15
N GLU G 292 -27.42 47.60 -26.25
CA GLU G 292 -26.84 48.41 -27.31
C GLU G 292 -26.91 47.67 -28.65
N ASP G 293 -27.36 48.39 -29.68
CA ASP G 293 -27.53 47.83 -31.01
C ASP G 293 -26.27 47.94 -31.86
N GLY G 294 -25.17 48.44 -31.30
CA GLY G 294 -23.91 48.44 -32.02
C GLY G 294 -23.26 47.08 -32.13
N LEU G 295 -23.74 46.10 -31.35
CA LEU G 295 -23.30 44.72 -31.52
C LEU G 295 -23.72 44.15 -32.86
N GLY G 296 -24.93 44.49 -33.30
CA GLY G 296 -25.45 44.00 -34.56
C GLY G 296 -26.86 43.47 -34.42
N PRO G 297 -27.56 43.28 -35.54
CA PRO G 297 -28.90 42.71 -35.48
C PRO G 297 -28.90 41.27 -35.01
N ILE G 298 -29.96 40.91 -34.29
CA ILE G 298 -30.17 39.55 -33.81
C ILE G 298 -31.48 39.04 -34.39
N ALA G 299 -31.75 37.77 -34.12
CA ALA G 299 -32.95 37.14 -34.64
C ALA G 299 -34.20 37.62 -33.90
N VAL G 300 -35.25 37.90 -34.65
CA VAL G 300 -36.55 38.09 -34.03
C VAL G 300 -37.04 36.73 -33.54
N GLU G 301 -37.23 36.62 -32.23
CA GLU G 301 -37.57 35.41 -31.50
C GLU G 301 -37.91 35.90 -30.10
N PRO G 302 -38.88 35.26 -29.41
CA PRO G 302 -39.30 35.75 -28.10
C PRO G 302 -38.20 35.65 -27.05
N TYR G 303 -38.07 36.72 -26.25
CA TYR G 303 -36.94 36.98 -25.36
C TYR G 303 -35.60 37.02 -26.10
N GLY G 304 -35.63 37.49 -27.35
CA GLY G 304 -34.49 37.97 -28.13
C GLY G 304 -33.14 37.29 -28.01
N SER G 305 -33.12 35.97 -28.08
CA SER G 305 -31.93 35.22 -27.71
C SER G 305 -31.00 35.00 -28.89
N VAL G 306 -29.70 35.02 -28.60
CA VAL G 306 -28.69 34.43 -29.45
C VAL G 306 -27.95 33.38 -28.63
N THR G 307 -27.87 32.16 -29.16
CA THR G 307 -27.33 31.05 -28.38
C THR G 307 -25.82 31.02 -28.36
N SER G 308 -25.16 31.72 -29.28
CA SER G 308 -23.70 31.79 -29.25
C SER G 308 -23.24 32.70 -28.11
N GLN G 309 -23.87 33.86 -27.95
CA GLN G 309 -23.51 34.76 -26.88
C GLN G 309 -24.12 34.37 -25.54
N GLY G 310 -25.11 33.49 -25.54
CA GLY G 310 -25.61 32.91 -24.31
C GLY G 310 -26.49 33.80 -23.47
N LYS G 311 -26.72 35.05 -23.88
CA LYS G 311 -27.54 35.98 -23.15
C LYS G 311 -28.82 36.24 -23.92
N ALA G 312 -29.84 36.68 -23.19
CA ALA G 312 -31.15 36.99 -23.77
C ALA G 312 -31.35 38.49 -23.72
N TYR G 313 -31.24 39.14 -24.88
CA TYR G 313 -31.74 40.48 -25.02
C TYR G 313 -33.27 40.46 -24.96
N ARG G 314 -33.85 41.60 -24.58
CA ARG G 314 -35.28 41.73 -24.28
C ARG G 314 -35.70 40.74 -23.18
N GLN G 315 -35.16 40.96 -22.00
CA GLN G 315 -35.49 40.13 -20.84
C GLN G 315 -36.94 40.34 -20.43
N PRO G 316 -37.58 39.32 -19.84
CA PRO G 316 -38.98 39.49 -19.40
C PRO G 316 -39.16 40.49 -18.27
N LYS G 317 -38.12 40.74 -17.45
CA LYS G 317 -38.24 41.76 -16.42
C LYS G 317 -38.35 43.15 -17.02
N GLN G 318 -37.58 43.44 -18.05
CA GLN G 318 -37.81 44.65 -18.82
C GLN G 318 -39.08 44.49 -19.66
N LYS G 319 -39.71 45.61 -19.97
CA LYS G 319 -40.98 45.57 -20.69
C LYS G 319 -40.78 45.68 -22.20
N LEU G 320 -39.89 44.84 -22.75
CA LEU G 320 -39.58 44.91 -24.17
C LEU G 320 -39.49 43.53 -24.83
N ASP G 321 -39.83 42.45 -24.13
CA ASP G 321 -39.95 41.14 -24.77
C ASP G 321 -41.27 41.04 -25.52
N PHE G 322 -41.41 39.97 -26.30
CA PHE G 322 -42.55 39.84 -27.22
C PHE G 322 -43.86 39.63 -26.48
N TYR G 323 -43.84 38.83 -25.41
CA TYR G 323 -45.10 38.45 -24.76
C TYR G 323 -45.70 39.61 -23.97
N THR G 324 -44.87 40.36 -23.25
CA THR G 324 -45.39 41.50 -22.50
C THR G 324 -45.83 42.63 -23.43
N LEU G 325 -45.11 42.84 -24.54
CA LEU G 325 -45.52 43.83 -25.51
C LEU G 325 -46.82 43.42 -26.21
N LEU G 326 -47.00 42.12 -26.47
CA LEU G 326 -48.24 41.63 -27.04
C LEU G 326 -49.41 41.76 -26.07
N ASP G 327 -49.15 41.51 -24.78
CA ASP G 327 -50.19 41.67 -23.78
C ASP G 327 -50.57 43.13 -23.57
N ASN G 328 -49.60 44.04 -23.67
CA ASN G 328 -49.91 45.45 -23.56
C ASN G 328 -50.63 45.96 -24.82
N TRP G 329 -50.27 45.41 -25.98
CA TRP G 329 -50.84 45.89 -27.23
C TRP G 329 -52.27 45.41 -27.44
N VAL G 330 -52.62 44.24 -26.93
CA VAL G 330 -53.90 43.60 -27.23
C VAL G 330 -54.87 43.70 -26.06
N LEU G 331 -54.44 43.31 -24.86
CA LEU G 331 -55.37 43.20 -23.73
C LEU G 331 -55.80 44.57 -23.22
N ARG G 332 -54.84 45.47 -23.02
CA ARG G 332 -55.11 46.79 -22.45
C ARG G 332 -54.85 47.93 -23.42
N ASP G 333 -54.54 47.60 -24.68
CA ASP G 333 -54.44 48.55 -25.80
C ASP G 333 -53.38 49.62 -25.58
N GLU G 334 -52.33 49.30 -24.82
CA GLU G 334 -51.16 50.19 -24.73
C GLU G 334 -50.26 49.85 -25.91
N ALA G 335 -50.41 50.59 -26.99
CA ALA G 335 -49.62 50.37 -28.19
C ALA G 335 -48.18 50.79 -27.94
N PRO G 336 -47.20 49.91 -28.19
CA PRO G 336 -45.80 50.27 -27.96
C PRO G 336 -45.24 51.21 -29.03
N ALA G 337 -43.94 51.45 -28.98
CA ALA G 337 -43.27 52.19 -30.04
C ALA G 337 -43.33 51.41 -31.35
N VAL G 338 -43.12 52.14 -32.45
CA VAL G 338 -43.29 51.57 -33.78
C VAL G 338 -42.24 50.50 -34.06
N GLU G 339 -41.03 50.66 -33.53
CA GLU G 339 -40.00 49.64 -33.68
C GLU G 339 -40.35 48.37 -32.90
N GLN G 340 -40.84 48.53 -31.67
CA GLN G 340 -41.25 47.38 -30.88
C GLN G 340 -42.48 46.70 -31.46
N GLN G 341 -43.38 47.47 -32.08
CA GLN G 341 -44.52 46.85 -32.74
C GLN G 341 -44.11 46.16 -34.04
N HIS G 342 -43.04 46.65 -34.70
CA HIS G 342 -42.44 45.89 -35.79
C HIS G 342 -41.87 44.57 -35.30
N TYR G 343 -41.26 44.58 -34.11
CA TYR G 343 -40.74 43.35 -33.52
C TYR G 343 -41.87 42.35 -33.21
N VAL G 344 -42.99 42.86 -32.68
CA VAL G 344 -44.12 42.00 -32.36
C VAL G 344 -44.73 41.39 -33.62
N ILE G 345 -44.91 42.20 -34.67
CA ILE G 345 -45.44 41.68 -35.93
C ILE G 345 -44.45 40.74 -36.59
N ALA G 346 -43.14 40.96 -36.43
CA ALA G 346 -42.15 40.04 -36.98
C ALA G 346 -42.17 38.70 -36.24
N ASN G 347 -42.43 38.71 -34.93
CA ASN G 347 -42.65 37.46 -34.21
C ASN G 347 -43.90 36.75 -34.70
N LEU G 348 -44.95 37.52 -35.01
CA LEU G 348 -46.16 36.91 -35.56
C LEU G 348 -45.92 36.34 -36.96
N ILE G 349 -45.04 36.97 -37.74
CA ILE G 349 -44.70 36.46 -39.06
C ILE G 349 -43.89 35.17 -38.94
N ARG G 350 -42.91 35.14 -38.04
CA ARG G 350 -42.05 33.97 -37.92
C ARG G 350 -42.76 32.77 -37.31
N GLY G 351 -43.93 32.96 -36.70
CA GLY G 351 -44.66 31.86 -36.13
C GLY G 351 -44.09 31.41 -34.79
N GLY G 352 -44.71 30.39 -34.24
CA GLY G 352 -44.29 29.83 -32.98
C GLY G 352 -45.48 29.33 -32.20
N VAL G 353 -45.19 28.52 -31.19
CA VAL G 353 -46.23 28.05 -30.26
C VAL G 353 -46.29 29.10 -29.15
N PHE G 354 -47.05 30.15 -29.41
CA PHE G 354 -47.28 31.19 -28.41
C PHE G 354 -48.43 30.77 -27.51
N GLY G 355 -48.68 31.57 -26.48
CA GLY G 355 -49.73 31.19 -25.55
C GLY G 355 -49.20 30.31 -24.43
N GLU G 356 -49.89 30.37 -23.30
CA GLU G 356 -49.45 29.68 -22.09
C GLU G 356 -49.90 28.23 -22.13
N ALA G 357 -49.77 27.54 -20.98
CA ALA G 357 -50.18 26.15 -20.89
C ALA G 357 -50.85 25.87 -19.55
N ILE H 23 -93.49 4.66 -26.32
CA ILE H 23 -93.01 6.01 -26.09
C ILE H 23 -91.90 6.32 -27.09
N LEU H 24 -91.44 5.25 -27.76
CA LEU H 24 -90.42 5.29 -28.82
C LEU H 24 -89.11 5.90 -28.29
N SER H 25 -88.51 5.14 -27.37
CA SER H 25 -87.20 5.50 -26.86
C SER H 25 -86.12 5.22 -27.91
N THR H 26 -85.08 6.04 -27.90
CA THR H 26 -83.97 5.83 -28.81
C THR H 26 -83.16 4.61 -28.40
N ALA H 27 -82.54 3.97 -29.39
CA ALA H 27 -81.81 2.72 -29.16
C ALA H 27 -80.51 2.98 -28.41
N SER H 28 -80.08 1.96 -27.65
CA SER H 28 -78.82 2.07 -26.93
C SER H 28 -77.63 2.05 -27.88
N VAL H 29 -77.69 1.24 -28.93
CA VAL H 29 -76.68 1.23 -29.98
C VAL H 29 -77.32 1.69 -31.29
N LEU H 30 -76.72 2.69 -31.91
CA LEU H 30 -77.17 3.21 -33.20
C LEU H 30 -75.95 3.44 -34.08
N ALA H 31 -75.11 2.41 -34.18
CA ALA H 31 -73.87 2.52 -34.93
C ALA H 31 -74.15 2.64 -36.43
N PHE H 32 -73.52 3.63 -37.05
CA PHE H 32 -73.67 3.89 -38.47
C PHE H 32 -72.35 3.65 -39.17
N GLU H 33 -72.41 3.04 -40.36
CA GLU H 33 -71.22 2.88 -41.17
C GLU H 33 -70.80 4.22 -41.78
N ARG H 34 -69.58 4.26 -42.28
CA ARG H 34 -69.03 5.48 -42.88
C ARG H 34 -69.29 5.44 -44.38
N LYS H 35 -70.18 6.31 -44.84
CA LYS H 35 -70.30 6.55 -46.27
C LYS H 35 -69.26 7.58 -46.68
N LEU H 36 -69.03 7.65 -47.99
CA LEU H 36 -67.88 8.36 -48.61
C LEU H 36 -66.57 7.87 -47.98
N ASP H 37 -66.28 6.60 -48.22
CA ASP H 37 -65.09 5.98 -47.65
C ASP H 37 -63.84 6.44 -48.39
N PRO H 38 -62.91 7.11 -47.72
CA PRO H 38 -61.68 7.54 -48.40
C PRO H 38 -60.53 6.55 -48.22
N SER H 39 -59.44 6.77 -48.93
CA SER H 39 -58.22 6.00 -48.77
C SER H 39 -57.11 6.88 -48.23
N ASP H 40 -56.00 6.24 -47.87
CA ASP H 40 -54.81 6.98 -47.44
C ASP H 40 -54.22 7.69 -48.65
N ALA H 41 -54.27 9.01 -48.64
CA ALA H 41 -53.93 9.82 -49.81
C ALA H 41 -52.42 9.90 -49.93
N LEU H 42 -51.86 9.14 -50.87
CA LEU H 42 -50.41 9.13 -51.07
C LEU H 42 -49.98 10.39 -51.81
N MET H 43 -48.87 10.97 -51.38
CA MET H 43 -48.32 12.16 -52.02
C MET H 43 -47.01 11.81 -52.72
N SER H 44 -46.97 12.09 -54.01
CA SER H 44 -45.79 12.01 -54.85
C SER H 44 -45.40 13.42 -55.30
N ALA H 45 -44.32 13.50 -56.06
CA ALA H 45 -43.77 14.79 -56.47
C ALA H 45 -43.53 14.80 -57.97
N GLY H 46 -43.59 15.98 -58.55
CA GLY H 46 -43.36 16.11 -59.97
C GLY H 46 -43.32 17.56 -60.39
N ALA H 47 -43.52 17.77 -61.68
CA ALA H 47 -43.46 19.10 -62.27
C ALA H 47 -44.81 19.46 -62.88
N TRP H 48 -45.13 20.76 -62.84
CA TRP H 48 -46.29 21.28 -63.56
C TRP H 48 -46.07 21.14 -65.06
N ALA H 49 -47.18 20.98 -65.78
CA ALA H 49 -47.32 20.65 -67.20
C ALA H 49 -46.79 19.27 -67.56
N GLN H 50 -46.31 18.49 -66.59
CA GLN H 50 -46.08 17.06 -66.74
C GLN H 50 -47.01 16.26 -65.84
N ARG H 51 -48.06 16.90 -65.32
CA ARG H 51 -49.00 16.25 -64.40
C ARG H 51 -50.01 15.37 -65.11
N ASP H 52 -50.10 15.46 -66.44
CA ASP H 52 -50.96 14.55 -67.18
C ASP H 52 -50.40 13.13 -67.14
N ALA H 53 -49.08 12.98 -67.26
CA ALA H 53 -48.42 11.69 -67.10
C ALA H 53 -47.75 11.70 -65.73
N SER H 54 -48.55 11.37 -64.70
CA SER H 54 -48.09 11.45 -63.32
C SER H 54 -48.21 10.13 -62.57
N GLN H 55 -48.43 9.02 -63.28
CA GLN H 55 -48.52 7.72 -62.62
C GLN H 55 -47.16 7.13 -62.29
N GLU H 56 -46.10 7.67 -62.89
CA GLU H 56 -44.73 7.22 -62.65
C GLU H 56 -43.98 8.15 -61.71
N TRP H 57 -44.67 9.13 -61.12
CA TRP H 57 -44.02 10.15 -60.29
C TRP H 57 -43.48 9.54 -59.00
N PRO H 58 -42.26 9.87 -58.60
CA PRO H 58 -41.70 9.29 -57.38
C PRO H 58 -42.37 9.85 -56.14
N ALA H 59 -42.55 8.99 -55.15
CA ALA H 59 -43.24 9.37 -53.93
C ALA H 59 -42.36 10.26 -53.06
N VAL H 60 -43.02 11.13 -52.29
CA VAL H 60 -42.30 11.99 -51.35
C VAL H 60 -41.86 11.15 -50.17
N THR H 61 -40.57 11.19 -49.87
CA THR H 61 -40.00 10.39 -48.79
C THR H 61 -40.02 11.17 -47.48
N VAL H 62 -40.28 10.47 -46.38
CA VAL H 62 -40.31 11.07 -45.05
C VAL H 62 -38.90 10.91 -44.48
N ARG H 63 -38.07 11.93 -44.67
CA ARG H 63 -36.69 11.86 -44.21
C ARG H 63 -36.59 12.43 -42.79
N GLU H 64 -35.38 12.48 -42.26
CA GLU H 64 -35.13 12.96 -40.91
C GLU H 64 -34.19 14.15 -40.95
N LYS H 65 -34.39 15.08 -40.01
CA LYS H 65 -33.43 16.17 -39.83
C LYS H 65 -33.45 16.58 -38.36
N SER H 66 -32.49 17.43 -37.99
CA SER H 66 -32.33 17.84 -36.60
C SER H 66 -32.62 19.33 -36.46
N VAL H 67 -33.29 19.69 -35.37
CA VAL H 67 -33.62 21.07 -35.05
C VAL H 67 -33.04 21.40 -33.68
N ARG H 68 -32.58 22.64 -33.52
CA ARG H 68 -32.13 23.17 -32.24
C ARG H 68 -33.17 24.13 -31.72
N GLY H 69 -33.90 23.72 -30.67
CA GLY H 69 -35.00 24.51 -30.18
C GLY H 69 -34.62 25.53 -29.14
N THR H 70 -34.74 26.81 -29.48
CA THR H 70 -34.53 27.89 -28.53
C THR H 70 -35.77 28.09 -27.67
N ILE H 71 -35.61 28.89 -26.62
CA ILE H 71 -36.71 29.15 -25.69
C ILE H 71 -37.59 30.23 -26.30
N SER H 72 -38.83 29.87 -26.67
CA SER H 72 -39.73 30.83 -27.28
C SER H 72 -41.15 30.72 -26.73
N ASN H 73 -41.34 30.10 -25.58
CA ASN H 73 -42.65 29.91 -24.98
C ASN H 73 -42.83 30.84 -23.79
N ARG H 74 -44.07 30.95 -23.32
CA ARG H 74 -44.37 31.80 -22.17
C ARG H 74 -43.76 31.21 -20.90
N LEU H 75 -43.18 32.07 -20.08
CA LEU H 75 -42.57 31.61 -18.84
C LEU H 75 -43.60 31.64 -17.71
N LYS H 76 -43.33 30.85 -16.66
CA LYS H 76 -44.29 30.62 -15.60
C LYS H 76 -44.03 31.49 -14.37
N THR H 77 -43.44 32.68 -14.56
CA THR H 77 -43.19 33.72 -13.55
C THR H 77 -42.27 33.19 -12.44
N LYS H 78 -41.45 32.19 -12.74
CA LYS H 78 -40.44 31.70 -11.81
C LYS H 78 -39.06 31.63 -12.43
N ASP H 79 -38.98 31.30 -13.72
CA ASP H 79 -37.71 31.33 -14.45
C ASP H 79 -37.46 32.67 -15.16
N ARG H 80 -38.32 33.64 -14.91
CA ARG H 80 -38.24 34.94 -15.57
C ARG H 80 -37.03 35.74 -15.12
N ASP H 81 -36.27 35.22 -14.15
CA ASP H 81 -35.02 35.86 -13.76
C ASP H 81 -34.01 35.72 -14.90
N PRO H 82 -33.12 36.70 -15.09
CA PRO H 82 -32.19 36.63 -16.23
C PRO H 82 -31.14 35.53 -16.10
N ALA H 83 -30.77 35.15 -14.87
CA ALA H 83 -29.71 34.16 -14.69
C ALA H 83 -30.14 32.78 -15.15
N LYS H 84 -31.31 32.32 -14.71
CA LYS H 84 -31.76 30.98 -15.10
C LYS H 84 -32.23 30.95 -16.55
N LEU H 85 -32.78 32.06 -17.05
CA LEU H 85 -33.14 32.14 -18.46
C LEU H 85 -31.90 32.06 -19.35
N ASP H 86 -30.84 32.79 -18.99
CA ASP H 86 -29.61 32.73 -19.76
C ASP H 86 -28.91 31.39 -19.59
N ALA H 87 -29.09 30.72 -18.44
CA ALA H 87 -28.54 29.38 -18.27
C ALA H 87 -29.25 28.37 -19.14
N SER H 88 -30.57 28.48 -19.28
CA SER H 88 -31.31 27.58 -20.16
C SER H 88 -31.01 27.87 -21.63
N ILE H 89 -30.84 29.14 -21.97
CA ILE H 89 -30.55 29.54 -23.34
C ILE H 89 -29.12 29.13 -23.73
N GLN H 90 -28.20 29.14 -22.76
CA GLN H 90 -26.83 28.70 -23.00
C GLN H 90 -26.74 27.21 -23.35
N SER H 91 -27.65 26.41 -22.82
CA SER H 91 -27.68 24.96 -23.07
C SER H 91 -29.05 24.60 -23.62
N PRO H 92 -29.25 24.73 -24.94
CA PRO H 92 -30.56 24.44 -25.52
C PRO H 92 -30.79 22.96 -25.74
N ASN H 93 -31.92 22.62 -26.36
CA ASN H 93 -32.34 21.24 -26.53
C ASN H 93 -32.48 20.91 -28.00
N LEU H 94 -32.00 19.72 -28.38
CA LEU H 94 -32.01 19.27 -29.76
C LEU H 94 -33.07 18.21 -29.97
N GLN H 95 -33.66 18.20 -31.17
CA GLN H 95 -34.68 17.23 -31.52
C GLN H 95 -34.43 16.71 -32.93
N THR H 96 -34.98 15.53 -33.21
CA THR H 96 -35.01 14.99 -34.56
C THR H 96 -36.46 14.96 -35.03
N VAL H 97 -36.70 15.54 -36.20
CA VAL H 97 -38.04 15.64 -36.77
C VAL H 97 -38.08 14.87 -38.07
N ASP H 98 -39.16 14.12 -38.28
CA ASP H 98 -39.48 13.61 -39.59
C ASP H 98 -40.01 14.76 -40.44
N VAL H 99 -39.38 14.99 -41.58
CA VAL H 99 -39.75 16.07 -42.48
C VAL H 99 -39.99 15.49 -43.86
N ALA H 100 -41.05 15.97 -44.52
CA ALA H 100 -41.38 15.56 -45.88
C ALA H 100 -41.25 16.79 -46.77
N ASN H 101 -40.38 16.69 -47.77
CA ASN H 101 -40.14 17.78 -48.70
C ASN H 101 -40.26 17.28 -50.12
N LEU H 102 -40.53 18.19 -51.03
CA LEU H 102 -40.37 17.90 -52.44
C LEU H 102 -38.88 17.85 -52.77
N PRO H 103 -38.51 17.16 -53.86
CA PRO H 103 -37.14 17.29 -54.38
C PRO H 103 -36.90 18.69 -54.92
N SER H 104 -35.62 19.03 -55.04
CA SER H 104 -35.21 20.36 -55.48
C SER H 104 -35.52 20.63 -56.95
N ASP H 105 -35.89 19.62 -57.73
CA ASP H 105 -36.30 19.80 -59.11
C ASP H 105 -37.79 19.50 -59.33
N ALA H 106 -38.57 19.42 -58.25
CA ALA H 106 -40.00 19.13 -58.35
C ALA H 106 -40.76 20.18 -57.57
N ASP H 107 -41.63 20.92 -58.27
CA ASP H 107 -42.41 21.99 -57.64
C ASP H 107 -43.85 21.58 -57.34
N THR H 108 -44.35 20.52 -57.96
CA THR H 108 -45.75 20.14 -57.86
C THR H 108 -45.90 18.94 -56.94
N LEU H 109 -46.78 19.05 -55.96
CA LEU H 109 -47.16 17.94 -55.10
C LEU H 109 -48.42 17.29 -55.63
N LYS H 110 -48.38 15.97 -55.81
CA LYS H 110 -49.54 15.20 -56.24
C LYS H 110 -50.04 14.38 -55.07
N VAL H 111 -51.34 14.47 -54.80
CA VAL H 111 -51.97 13.73 -53.70
C VAL H 111 -53.11 12.91 -54.30
N ARG H 112 -53.06 11.61 -54.11
CA ARG H 112 -53.97 10.67 -54.77
C ARG H 112 -54.70 9.85 -53.73
N PHE H 113 -56.02 9.75 -53.88
CA PHE H 113 -56.82 8.88 -53.03
C PHE H 113 -58.09 8.48 -53.78
N THR H 114 -58.69 7.39 -53.33
CA THR H 114 -59.96 6.91 -53.90
C THR H 114 -61.07 7.05 -52.87
N LEU H 115 -62.15 7.69 -53.28
CA LEU H 115 -63.35 7.84 -52.47
C LEU H 115 -64.40 6.84 -52.94
N ARG H 116 -65.14 6.27 -52.00
CA ARG H 116 -66.14 5.26 -52.30
C ARG H 116 -67.48 5.72 -51.72
N VAL H 117 -68.36 6.22 -52.58
CA VAL H 117 -69.67 6.72 -52.14
C VAL H 117 -70.61 5.52 -52.07
N LEU H 118 -70.94 5.09 -50.87
CA LEU H 118 -71.64 3.82 -50.69
C LEU H 118 -73.13 3.94 -50.89
N GLY H 119 -73.80 4.71 -50.03
CA GLY H 119 -75.25 4.78 -50.04
C GLY H 119 -75.87 3.94 -48.94
N GLY H 120 -77.18 4.06 -48.83
CA GLY H 120 -77.90 3.48 -47.70
C GLY H 120 -77.55 4.14 -46.39
N ALA H 121 -77.51 5.48 -46.37
CA ALA H 121 -77.06 6.23 -45.21
C ALA H 121 -78.07 6.20 -44.05
N GLY H 122 -79.35 5.97 -44.34
CA GLY H 122 -80.33 5.94 -43.28
C GLY H 122 -80.28 4.67 -42.44
N THR H 123 -79.83 3.58 -43.04
CA THR H 123 -79.82 2.29 -42.36
C THR H 123 -78.60 2.20 -41.45
N PRO H 124 -78.77 1.97 -40.15
CA PRO H 124 -77.61 1.78 -39.28
C PRO H 124 -77.12 0.35 -39.30
N SER H 125 -75.83 0.18 -38.99
CA SER H 125 -75.24 -1.15 -38.96
C SER H 125 -75.75 -1.96 -37.78
N ALA H 126 -75.83 -1.34 -36.60
CA ALA H 126 -76.33 -2.00 -35.40
C ALA H 126 -77.43 -1.17 -34.79
N CYS H 127 -78.46 -1.84 -34.29
CA CYS H 127 -79.59 -1.15 -33.66
C CYS H 127 -80.24 -2.09 -32.66
N ASN H 128 -80.32 -1.65 -31.40
CA ASN H 128 -80.97 -2.46 -30.37
C ASN H 128 -82.48 -2.45 -30.50
N ASP H 129 -83.07 -1.35 -30.97
CA ASP H 129 -84.51 -1.22 -31.08
C ASP H 129 -84.90 -1.32 -32.56
N ALA H 130 -85.80 -2.25 -32.86
CA ALA H 130 -86.28 -2.41 -34.23
C ALA H 130 -87.26 -1.31 -34.62
N ALA H 131 -88.13 -0.91 -33.68
CA ALA H 131 -89.12 0.12 -33.98
C ALA H 131 -88.47 1.49 -34.17
N TYR H 132 -87.44 1.78 -33.39
CA TYR H 132 -86.69 3.02 -33.57
C TYR H 132 -85.93 3.01 -34.89
N ARG H 133 -85.42 1.85 -35.30
CA ARG H 133 -84.78 1.71 -36.61
C ARG H 133 -85.78 1.95 -37.74
N ASP H 134 -87.00 1.43 -37.58
CA ASP H 134 -88.06 1.66 -38.57
C ASP H 134 -88.46 3.13 -38.64
N LYS H 135 -88.54 3.80 -37.48
CA LYS H 135 -88.89 5.21 -37.46
C LYS H 135 -87.78 6.07 -38.08
N LEU H 136 -86.51 5.73 -37.81
CA LEU H 136 -85.40 6.45 -38.41
C LEU H 136 -85.36 6.22 -39.93
N LEU H 137 -85.66 5.00 -40.37
CA LEU H 137 -85.72 4.71 -41.80
C LEU H 137 -86.85 5.49 -42.48
N GLN H 138 -88.00 5.58 -41.81
CA GLN H 138 -89.10 6.40 -42.33
C GLN H 138 -88.75 7.87 -42.37
N THR H 139 -88.01 8.34 -41.37
CA THR H 139 -87.59 9.75 -41.32
C THR H 139 -86.64 10.08 -42.47
N VAL H 140 -85.64 9.23 -42.69
CA VAL H 140 -84.70 9.43 -43.79
C VAL H 140 -85.41 9.28 -45.14
N ALA H 141 -86.39 8.36 -45.22
CA ALA H 141 -87.14 8.17 -46.46
C ALA H 141 -88.01 9.39 -46.78
N THR H 142 -88.65 9.97 -45.77
CA THR H 142 -89.43 11.19 -45.98
C THR H 142 -88.54 12.37 -46.32
N TYR H 143 -87.33 12.41 -45.76
CA TYR H 143 -86.35 13.42 -46.16
C TYR H 143 -85.98 13.28 -47.63
N VAL H 144 -85.66 12.06 -48.07
CA VAL H 144 -85.22 11.80 -49.43
C VAL H 144 -86.35 12.07 -50.42
N ASN H 145 -87.59 11.73 -50.03
CA ASN H 145 -88.75 12.07 -50.86
C ASN H 145 -88.96 13.59 -50.93
N ASP H 146 -88.70 14.29 -49.84
CA ASP H 146 -88.83 15.75 -49.87
C ASP H 146 -87.62 16.41 -50.52
N GLN H 147 -86.45 16.26 -49.88
CA GLN H 147 -85.20 16.85 -50.40
C GLN H 147 -84.12 15.78 -50.29
N GLY H 148 -83.74 15.17 -51.41
CA GLY H 148 -82.79 14.10 -51.39
C GLY H 148 -81.36 14.57 -51.14
N PHE H 149 -80.41 13.71 -51.49
CA PHE H 149 -78.99 14.03 -51.32
C PHE H 149 -78.50 14.93 -52.45
N ALA H 150 -79.10 16.12 -52.54
CA ALA H 150 -78.78 17.07 -53.60
C ALA H 150 -77.92 18.22 -53.11
N GLU H 151 -78.31 18.86 -52.00
CA GLU H 151 -77.48 19.89 -51.41
C GLU H 151 -76.24 19.28 -50.76
N LEU H 152 -76.39 18.13 -50.09
CA LEU H 152 -75.29 17.48 -49.41
C LEU H 152 -74.23 17.01 -50.40
N ALA H 153 -74.66 16.38 -51.50
CA ALA H 153 -73.71 15.94 -52.50
C ALA H 153 -73.09 17.11 -53.25
N ARG H 154 -73.82 18.22 -53.38
CA ARG H 154 -73.23 19.43 -53.95
C ARG H 154 -72.11 19.98 -53.08
N ARG H 155 -72.32 19.97 -51.76
CA ARG H 155 -71.27 20.46 -50.87
C ARG H 155 -70.11 19.47 -50.75
N TYR H 156 -70.39 18.16 -50.86
CA TYR H 156 -69.31 17.18 -50.89
C TYR H 156 -68.49 17.29 -52.18
N ALA H 157 -69.15 17.54 -53.30
CA ALA H 157 -68.45 17.79 -54.56
C ALA H 157 -67.69 19.11 -54.52
N HIS H 158 -68.19 20.09 -53.75
CA HIS H 158 -67.43 21.31 -53.51
C HIS H 158 -66.16 21.03 -52.73
N ASN H 159 -66.29 20.30 -51.62
CA ASN H 159 -65.13 19.98 -50.77
C ASN H 159 -64.15 19.04 -51.46
N LEU H 160 -64.59 18.29 -52.47
CA LEU H 160 -63.65 17.58 -53.32
C LEU H 160 -63.05 18.49 -54.37
N ALA H 161 -63.82 19.46 -54.87
CA ALA H 161 -63.39 20.29 -55.99
C ALA H 161 -62.28 21.26 -55.57
N ASN H 162 -62.48 21.98 -54.48
CA ASN H 162 -61.36 22.66 -53.85
C ASN H 162 -60.61 21.63 -53.01
N ALA H 163 -59.29 21.72 -53.03
CA ALA H 163 -58.47 20.70 -52.37
C ALA H 163 -58.34 21.03 -50.89
N ARG H 164 -59.46 20.88 -50.18
CA ARG H 164 -59.44 21.06 -48.73
C ARG H 164 -58.75 19.91 -48.03
N PHE H 165 -58.63 18.76 -48.68
CA PHE H 165 -57.83 17.66 -48.14
C PHE H 165 -56.35 17.95 -48.19
N LEU H 166 -55.92 18.91 -49.03
CA LEU H 166 -54.63 19.57 -48.86
C LEU H 166 -54.84 20.60 -47.76
N TRP H 167 -54.42 20.25 -46.54
CA TRP H 167 -54.71 21.13 -45.41
C TRP H 167 -53.72 22.29 -45.35
N ARG H 168 -52.45 21.99 -45.14
CA ARG H 168 -51.40 23.00 -45.21
C ARG H 168 -50.63 22.94 -46.51
N ASN H 169 -51.04 22.07 -47.44
CA ASN H 169 -50.49 22.05 -48.79
C ASN H 169 -51.26 22.95 -49.73
N ARG H 170 -52.26 23.67 -49.23
CA ARG H 170 -53.08 24.59 -50.00
C ARG H 170 -52.93 26.04 -49.58
N VAL H 171 -52.34 26.30 -48.41
CA VAL H 171 -52.38 27.63 -47.82
C VAL H 171 -51.49 28.62 -48.58
N GLY H 172 -50.45 28.13 -49.25
CA GLY H 172 -49.61 29.01 -50.02
C GLY H 172 -49.33 28.48 -51.41
N ALA H 173 -50.23 27.62 -51.89
CA ALA H 173 -50.04 26.99 -53.19
C ALA H 173 -50.34 27.96 -54.31
N GLU H 174 -49.48 27.95 -55.34
CA GLU H 174 -49.64 28.88 -56.45
C GLU H 174 -50.84 28.51 -57.33
N ALA H 175 -51.01 27.21 -57.61
CA ALA H 175 -52.14 26.75 -58.41
C ALA H 175 -52.45 25.32 -58.00
N VAL H 176 -53.72 25.06 -57.69
CA VAL H 176 -54.18 23.73 -57.31
C VAL H 176 -55.20 23.27 -58.35
N GLU H 177 -55.02 22.05 -58.84
CA GLU H 177 -55.91 21.45 -59.83
C GLU H 177 -56.32 20.07 -59.35
N VAL H 178 -57.62 19.79 -59.36
CA VAL H 178 -58.17 18.55 -58.84
C VAL H 178 -58.79 17.77 -59.99
N ARG H 179 -58.32 16.54 -60.20
CA ARG H 179 -58.84 15.66 -61.23
C ARG H 179 -59.56 14.50 -60.55
N ILE H 180 -60.84 14.35 -60.86
CA ILE H 180 -61.68 13.30 -60.27
C ILE H 180 -62.19 12.40 -61.39
N ASN H 181 -61.82 11.13 -61.34
CA ASN H 181 -62.19 10.17 -62.36
C ASN H 181 -63.13 9.13 -61.77
N HIS H 182 -64.29 8.95 -62.39
CA HIS H 182 -65.25 7.94 -61.95
C HIS H 182 -64.82 6.59 -62.49
N ILE H 183 -64.37 5.70 -61.60
CA ILE H 183 -63.82 4.42 -62.00
C ILE H 183 -64.95 3.41 -62.10
N ARG H 184 -65.26 2.99 -63.32
CA ARG H 184 -66.29 1.98 -63.58
C ARG H 184 -65.64 0.81 -64.31
N GLN H 185 -65.71 -0.38 -63.69
CA GLN H 185 -65.12 -1.63 -64.21
C GLN H 185 -63.64 -1.48 -64.50
N GLY H 186 -62.93 -0.76 -63.63
CA GLY H 186 -61.52 -0.49 -63.82
C GLY H 186 -61.20 0.55 -64.86
N GLU H 187 -62.20 1.23 -65.42
CA GLU H 187 -61.99 2.25 -66.45
C GLU H 187 -62.66 3.53 -66.00
N VAL H 188 -62.14 4.65 -66.52
CA VAL H 188 -62.66 5.97 -66.16
C VAL H 188 -63.97 6.18 -66.90
N ALA H 189 -65.07 6.24 -66.15
CA ALA H 189 -66.37 6.50 -66.75
C ALA H 189 -66.54 7.96 -67.12
N ARG H 190 -66.09 8.88 -66.27
CA ARG H 190 -66.27 10.31 -66.49
C ARG H 190 -65.19 11.07 -65.74
N ALA H 191 -64.58 12.04 -66.40
CA ALA H 191 -63.46 12.80 -65.83
C ALA H 191 -63.88 14.24 -65.55
N TRP H 192 -63.49 14.72 -64.37
CA TRP H 192 -63.71 16.10 -63.95
C TRP H 192 -62.36 16.75 -63.66
N ARG H 193 -62.19 17.99 -64.13
CA ARG H 193 -60.95 18.74 -63.93
C ARG H 193 -61.32 20.12 -63.42
N PHE H 194 -61.06 20.36 -62.13
CA PHE H 194 -61.45 21.59 -61.46
C PHE H 194 -60.23 22.41 -61.08
N ASP H 195 -60.33 23.72 -61.24
CA ASP H 195 -59.34 24.64 -60.69
C ASP H 195 -59.72 24.89 -59.23
N ALA H 196 -58.94 24.32 -58.31
CA ALA H 196 -59.32 24.31 -56.90
C ALA H 196 -59.16 25.67 -56.23
N LEU H 197 -58.44 26.61 -56.85
CA LEU H 197 -58.31 27.94 -56.27
C LEU H 197 -59.46 28.85 -56.67
N ALA H 198 -60.05 28.62 -57.85
CA ALA H 198 -61.22 29.40 -58.25
C ALA H 198 -62.43 29.04 -57.39
N ILE H 199 -62.61 27.75 -57.11
CA ILE H 199 -63.66 27.29 -56.22
C ILE H 199 -63.20 27.55 -54.79
N GLY H 200 -63.85 28.48 -54.11
CA GLY H 200 -63.40 28.89 -52.79
C GLY H 200 -63.68 27.85 -51.72
N LEU H 201 -63.08 28.07 -50.57
CA LEU H 201 -63.26 27.20 -49.42
C LEU H 201 -64.46 27.58 -48.56
N ARG H 202 -65.19 28.64 -48.93
CA ARG H 202 -66.31 29.12 -48.13
C ARG H 202 -67.59 29.38 -48.90
N ASP H 203 -67.53 29.55 -50.22
CA ASP H 203 -68.71 29.83 -51.02
C ASP H 203 -69.12 28.57 -51.78
N PHE H 204 -70.38 28.17 -51.63
CA PHE H 204 -70.93 26.99 -52.30
C PHE H 204 -71.77 27.46 -53.48
N LYS H 205 -71.10 27.73 -54.59
CA LYS H 205 -71.75 28.22 -55.79
C LYS H 205 -72.15 27.06 -56.68
N ALA H 206 -72.55 27.34 -57.92
CA ALA H 206 -73.04 26.33 -58.85
C ALA H 206 -72.20 26.33 -60.12
N ASP H 207 -71.92 25.14 -60.62
CA ASP H 207 -71.16 24.95 -61.85
C ASP H 207 -71.69 23.67 -62.48
N ALA H 208 -71.67 23.61 -63.81
CA ALA H 208 -72.28 22.50 -64.55
C ALA H 208 -71.54 21.20 -64.31
N GLU H 209 -70.20 21.22 -64.36
CA GLU H 209 -69.41 20.04 -64.04
C GLU H 209 -69.54 19.68 -62.57
N LEU H 210 -69.61 20.70 -61.70
CA LEU H 210 -69.82 20.45 -60.29
C LEU H 210 -71.22 19.92 -60.02
N ASP H 211 -72.21 20.34 -60.82
CA ASP H 211 -73.55 19.76 -60.70
C ASP H 211 -73.59 18.33 -61.19
N ALA H 212 -72.80 18.00 -62.22
CA ALA H 212 -72.70 16.61 -62.67
C ALA H 212 -72.04 15.72 -61.60
N LEU H 213 -70.99 16.23 -60.95
CA LEU H 213 -70.37 15.49 -59.85
C LEU H 213 -71.31 15.37 -58.66
N ALA H 214 -72.11 16.41 -58.41
CA ALA H 214 -73.13 16.36 -57.37
C ALA H 214 -74.18 15.31 -57.67
N GLU H 215 -74.59 15.20 -58.94
CA GLU H 215 -75.55 14.18 -59.34
C GLU H 215 -74.95 12.78 -59.21
N LEU H 216 -73.66 12.63 -59.50
CA LEU H 216 -73.01 11.33 -59.35
C LEU H 216 -72.92 10.91 -57.88
N ILE H 217 -72.53 11.84 -57.00
CA ILE H 217 -72.49 11.55 -55.57
C ILE H 217 -73.90 11.34 -55.02
N ALA H 218 -74.90 12.03 -55.61
CA ALA H 218 -76.30 11.80 -55.24
C ALA H 218 -76.75 10.39 -55.61
N SER H 219 -76.38 9.92 -56.80
CA SER H 219 -76.71 8.56 -57.23
C SER H 219 -75.97 7.52 -56.38
N GLY H 220 -74.74 7.84 -55.96
CA GLY H 220 -74.04 6.95 -55.06
C GLY H 220 -74.67 6.88 -53.68
N LEU H 221 -75.09 8.03 -53.13
CA LEU H 221 -75.67 8.08 -51.80
C LEU H 221 -77.08 7.54 -51.77
N SER H 222 -77.82 7.62 -52.88
CA SER H 222 -79.18 7.12 -52.91
C SER H 222 -79.24 5.61 -53.09
N GLY H 223 -78.12 4.96 -53.39
CA GLY H 223 -78.11 3.54 -53.65
C GLY H 223 -78.45 3.15 -55.07
N SER H 224 -78.63 4.12 -55.96
CA SER H 224 -78.98 3.82 -57.35
C SER H 224 -77.76 3.45 -58.19
N GLY H 225 -76.55 3.56 -57.65
CA GLY H 225 -75.36 3.18 -58.38
C GLY H 225 -74.19 3.06 -57.45
N HIS H 226 -73.14 2.42 -57.96
CA HIS H 226 -71.88 2.24 -57.23
C HIS H 226 -70.89 3.27 -57.74
N VAL H 227 -70.47 4.18 -56.85
CA VAL H 227 -69.61 5.29 -57.22
C VAL H 227 -68.27 5.14 -56.53
N LEU H 228 -67.21 5.02 -57.33
CA LEU H 228 -65.84 5.10 -56.87
C LEU H 228 -65.13 6.20 -57.67
N LEU H 229 -64.46 7.09 -56.96
CA LEU H 229 -63.77 8.21 -57.58
C LEU H 229 -62.28 8.14 -57.25
N GLU H 230 -61.45 8.42 -58.24
CA GLU H 230 -60.02 8.59 -58.05
C GLU H 230 -59.74 10.08 -58.11
N VAL H 231 -59.33 10.67 -56.99
CA VAL H 231 -59.11 12.09 -56.87
C VAL H 231 -57.61 12.32 -56.75
N VAL H 232 -57.06 13.08 -57.69
CA VAL H 232 -55.65 13.45 -57.74
C VAL H 232 -55.56 14.96 -57.73
N ALA H 233 -54.86 15.50 -56.74
CA ALA H 233 -54.70 16.95 -56.60
C ALA H 233 -53.26 17.33 -56.84
N PHE H 234 -53.04 18.28 -57.74
CA PHE H 234 -51.72 18.82 -58.04
C PHE H 234 -51.65 20.24 -57.51
N ALA H 235 -50.68 20.50 -56.63
CA ALA H 235 -50.51 21.80 -56.00
C ALA H 235 -49.10 22.32 -56.27
N ARG H 236 -49.01 23.58 -56.71
CA ARG H 236 -47.72 24.23 -56.93
C ARG H 236 -47.25 24.83 -55.62
N ILE H 237 -46.38 24.13 -54.92
CA ILE H 237 -45.79 24.63 -53.69
C ILE H 237 -44.43 25.25 -53.94
N GLY H 238 -43.56 24.57 -54.69
CA GLY H 238 -42.26 25.11 -55.00
C GLY H 238 -41.18 24.04 -54.99
N ASP H 239 -40.02 24.36 -55.57
CA ASP H 239 -38.92 23.41 -55.66
C ASP H 239 -38.32 23.19 -54.28
N GLY H 240 -38.44 21.97 -53.76
CA GLY H 240 -37.87 21.63 -52.48
C GLY H 240 -38.68 22.05 -51.28
N GLN H 241 -39.88 22.60 -51.49
CA GLN H 241 -40.67 23.13 -50.39
C GLN H 241 -41.21 22.02 -49.50
N GLU H 242 -41.39 22.35 -48.23
CA GLU H 242 -41.84 21.38 -47.25
C GLU H 242 -43.33 21.11 -47.43
N VAL H 243 -43.67 19.85 -47.61
CA VAL H 243 -45.07 19.44 -47.69
C VAL H 243 -45.48 18.89 -46.33
N PHE H 244 -46.79 18.79 -46.12
CA PHE H 244 -47.36 18.53 -44.80
C PHE H 244 -48.28 17.32 -44.88
N PRO H 245 -47.73 16.11 -44.74
CA PRO H 245 -48.59 14.92 -44.66
C PRO H 245 -49.18 14.76 -43.27
N SER H 246 -49.87 13.65 -43.04
CA SER H 246 -50.36 13.35 -41.71
C SER H 246 -49.20 13.06 -40.76
N GLN H 247 -49.39 13.42 -39.50
CA GLN H 247 -48.36 13.32 -38.49
C GLN H 247 -48.83 12.41 -37.37
N GLU H 248 -47.94 11.55 -36.90
CA GLU H 248 -48.28 10.54 -35.91
C GLU H 248 -48.02 11.02 -34.50
N LEU H 249 -48.74 10.42 -33.56
CA LEU H 249 -48.49 10.66 -32.14
C LEU H 249 -47.23 9.92 -31.68
N ILE H 250 -46.47 10.59 -30.82
CA ILE H 250 -45.25 10.03 -30.26
C ILE H 250 -45.42 10.00 -28.74
N LEU H 251 -45.55 8.80 -28.19
CA LEU H 251 -45.71 8.66 -26.74
C LEU H 251 -44.40 8.89 -26.02
N ASP H 252 -43.31 8.30 -26.51
CA ASP H 252 -42.02 8.35 -25.84
C ASP H 252 -40.97 8.92 -26.79
N LYS H 253 -40.22 9.91 -26.32
CA LYS H 253 -39.10 10.45 -27.08
C LYS H 253 -37.81 9.70 -26.76
N GLY H 254 -37.41 9.72 -25.49
CA GLY H 254 -36.28 8.94 -25.01
C GLY H 254 -34.94 9.39 -25.56
N ASP H 255 -33.96 8.51 -25.45
CA ASP H 255 -32.64 8.72 -26.02
C ASP H 255 -32.19 7.61 -26.95
N LYS H 256 -32.76 6.40 -26.86
CA LYS H 256 -32.52 5.37 -27.86
C LYS H 256 -33.07 5.80 -29.20
N LYS H 257 -34.30 6.31 -29.21
CA LYS H 257 -34.79 7.10 -30.34
C LYS H 257 -34.29 8.52 -30.14
N GLY H 258 -33.57 9.05 -31.14
CA GLY H 258 -32.80 10.26 -30.94
C GLY H 258 -33.60 11.54 -30.82
N GLN H 259 -34.35 11.66 -29.73
CA GLN H 259 -35.24 12.80 -29.43
C GLN H 259 -36.23 13.04 -30.57
N LYS H 260 -36.97 11.98 -30.90
CA LYS H 260 -37.96 12.00 -31.98
C LYS H 260 -39.16 12.82 -31.53
N SER H 261 -39.26 14.06 -32.01
CA SER H 261 -40.35 14.95 -31.63
C SER H 261 -41.49 14.98 -32.64
N LYS H 262 -41.21 14.76 -33.92
CA LYS H 262 -42.23 14.74 -34.95
C LYS H 262 -42.04 13.51 -35.83
N THR H 263 -43.11 12.76 -36.04
CA THR H 263 -43.11 11.61 -36.94
C THR H 263 -44.28 11.75 -37.90
N LEU H 264 -43.99 11.78 -39.19
CA LEU H 264 -45.03 11.87 -40.20
C LEU H 264 -45.45 10.47 -40.66
N TYR H 265 -46.62 10.41 -41.29
CA TYR H 265 -47.24 9.15 -41.68
C TYR H 265 -46.79 8.72 -43.07
N SER H 266 -46.47 7.43 -43.19
CA SER H 266 -46.06 6.84 -44.45
C SER H 266 -46.45 5.36 -44.44
N VAL H 267 -46.82 4.83 -45.60
CA VAL H 267 -47.26 3.45 -45.66
C VAL H 267 -46.16 2.50 -46.16
N ARG H 268 -45.48 2.82 -47.26
CA ARG H 268 -44.31 2.05 -47.71
C ARG H 268 -43.34 3.00 -48.42
N ASP H 269 -42.44 3.61 -47.63
CA ASP H 269 -41.44 4.58 -48.09
C ASP H 269 -42.07 5.70 -48.92
N ALA H 270 -43.24 6.16 -48.48
CA ALA H 270 -44.07 7.04 -49.28
C ALA H 270 -44.98 7.83 -48.35
N ALA H 271 -44.80 9.15 -48.33
CA ALA H 271 -45.59 10.00 -47.44
C ALA H 271 -47.06 9.96 -47.82
N ALA H 272 -47.92 10.14 -46.81
CA ALA H 272 -49.35 10.02 -47.03
C ALA H 272 -50.10 10.78 -45.94
N ILE H 273 -51.34 11.11 -46.26
CA ILE H 273 -52.27 11.70 -45.32
C ILE H 273 -53.24 10.60 -44.87
N HIS H 274 -53.70 10.70 -43.62
CA HIS H 274 -54.65 9.74 -43.09
C HIS H 274 -55.98 9.87 -43.83
N SER H 275 -56.72 8.76 -43.88
CA SER H 275 -58.02 8.76 -44.55
C SER H 275 -59.02 9.63 -43.81
N GLN H 276 -58.97 9.63 -42.47
CA GLN H 276 -59.93 10.42 -41.70
C GLN H 276 -59.68 11.92 -41.80
N LYS H 277 -58.46 12.33 -42.15
CA LYS H 277 -58.22 13.75 -42.41
C LYS H 277 -58.88 14.18 -43.71
N ILE H 278 -58.83 13.32 -44.74
CA ILE H 278 -59.55 13.55 -45.99
C ILE H 278 -61.05 13.56 -45.73
N GLY H 279 -61.52 12.68 -44.83
CA GLY H 279 -62.92 12.66 -44.49
C GLY H 279 -63.39 13.92 -43.78
N ASN H 280 -62.57 14.41 -42.83
CA ASN H 280 -62.90 15.65 -42.12
C ASN H 280 -62.88 16.84 -43.05
N ALA H 281 -61.95 16.85 -44.02
CA ALA H 281 -61.94 17.92 -45.00
C ALA H 281 -63.13 17.84 -45.94
N LEU H 282 -63.61 16.62 -46.23
CA LEU H 282 -64.78 16.46 -47.08
C LEU H 282 -66.07 16.79 -46.34
N ARG H 283 -66.09 16.58 -45.03
CA ARG H 283 -67.28 16.85 -44.22
C ARG H 283 -67.47 18.33 -43.91
N THR H 284 -66.55 19.20 -44.32
CA THR H 284 -66.63 20.63 -44.02
C THR H 284 -67.68 21.28 -44.91
N ILE H 285 -68.95 21.02 -44.57
CA ILE H 285 -70.09 21.48 -45.35
C ILE H 285 -71.04 22.29 -44.46
N ASP H 286 -70.82 22.22 -43.15
CA ASP H 286 -71.77 22.76 -42.19
C ASP H 286 -71.64 24.28 -42.14
N THR H 287 -72.53 24.97 -42.84
CA THR H 287 -72.56 26.43 -42.85
C THR H 287 -73.73 26.98 -42.04
N TRP H 288 -74.42 26.14 -41.28
CA TRP H 288 -75.68 26.52 -40.64
C TRP H 288 -75.61 26.42 -39.12
N TYR H 289 -74.41 26.55 -38.55
CA TYR H 289 -74.29 26.58 -37.11
C TYR H 289 -74.82 27.92 -36.58
N PRO H 290 -75.28 27.96 -35.32
CA PRO H 290 -75.90 29.21 -34.80
C PRO H 290 -74.98 30.41 -34.71
N ASP H 291 -73.67 30.22 -34.72
CA ASP H 291 -72.76 31.36 -34.77
C ASP H 291 -72.66 31.89 -36.19
N GLU H 292 -71.94 33.00 -36.35
CA GLU H 292 -71.81 33.66 -37.64
C GLU H 292 -70.96 32.83 -38.59
N ASP H 293 -71.34 32.85 -39.87
CA ASP H 293 -70.63 32.12 -40.91
C ASP H 293 -69.47 32.91 -41.52
N GLY H 294 -68.94 33.90 -40.78
CA GLY H 294 -67.75 34.60 -41.25
C GLY H 294 -66.52 33.71 -41.29
N LEU H 295 -66.45 32.73 -40.39
CA LEU H 295 -65.40 31.71 -40.47
C LEU H 295 -65.57 30.86 -41.72
N GLY H 296 -66.80 30.48 -42.03
CA GLY H 296 -67.09 29.62 -43.16
C GLY H 296 -67.64 28.30 -42.70
N PRO H 297 -67.56 27.28 -43.56
CA PRO H 297 -68.04 25.95 -43.17
C PRO H 297 -67.14 25.30 -42.14
N ILE H 298 -67.74 24.46 -41.31
CA ILE H 298 -67.03 23.64 -40.34
C ILE H 298 -67.31 22.19 -40.65
N ALA H 299 -66.47 21.31 -40.11
CA ALA H 299 -66.61 19.88 -40.34
C ALA H 299 -67.86 19.34 -39.65
N VAL H 300 -68.57 18.45 -40.33
CA VAL H 300 -69.79 17.87 -39.79
C VAL H 300 -69.41 16.89 -38.69
N GLU H 301 -69.91 17.14 -37.48
CA GLU H 301 -69.61 16.34 -36.31
C GLU H 301 -70.72 16.60 -35.30
N PRO H 302 -71.01 15.64 -34.42
CA PRO H 302 -71.84 15.95 -33.26
C PRO H 302 -71.18 17.01 -32.39
N TYR H 303 -71.99 17.96 -31.94
CA TYR H 303 -71.58 19.19 -31.25
C TYR H 303 -70.57 20.02 -32.03
N GLY H 304 -70.62 19.92 -33.37
CA GLY H 304 -69.94 20.77 -34.35
C GLY H 304 -68.54 21.26 -34.05
N SER H 305 -67.72 20.37 -33.49
CA SER H 305 -66.50 20.79 -32.81
C SER H 305 -65.36 21.02 -33.78
N VAL H 306 -64.64 22.12 -33.57
CA VAL H 306 -63.43 22.44 -34.31
C VAL H 306 -62.28 22.46 -33.31
N THR H 307 -61.25 21.64 -33.57
CA THR H 307 -60.12 21.56 -32.64
C THR H 307 -59.20 22.77 -32.76
N SER H 308 -59.07 23.33 -33.96
CA SER H 308 -58.24 24.52 -34.14
C SER H 308 -58.90 25.75 -33.51
N GLN H 309 -60.23 25.86 -33.63
CA GLN H 309 -60.92 26.95 -32.95
C GLN H 309 -61.05 26.69 -31.46
N GLY H 310 -61.07 25.42 -31.05
CA GLY H 310 -61.17 25.08 -29.65
C GLY H 310 -62.52 25.32 -29.01
N LYS H 311 -63.54 25.62 -29.82
CA LYS H 311 -64.85 25.99 -29.33
C LYS H 311 -65.90 25.25 -30.14
N ALA H 312 -66.88 24.68 -29.45
CA ALA H 312 -67.96 23.95 -30.11
C ALA H 312 -68.97 24.94 -30.68
N TYR H 313 -69.08 24.98 -31.99
CA TYR H 313 -70.31 25.43 -32.60
C TYR H 313 -71.35 24.33 -32.46
N ARG H 314 -72.63 24.73 -32.38
CA ARG H 314 -73.77 23.84 -32.10
C ARG H 314 -73.56 23.09 -30.78
N GLN H 315 -73.51 23.85 -29.69
CA GLN H 315 -73.42 23.27 -28.36
C GLN H 315 -74.74 22.61 -27.99
N PRO H 316 -74.75 21.65 -27.05
CA PRO H 316 -76.02 21.08 -26.61
C PRO H 316 -76.95 22.05 -25.89
N LYS H 317 -76.44 23.18 -25.37
CA LYS H 317 -77.31 24.15 -24.71
C LYS H 317 -78.22 24.86 -25.71
N GLN H 318 -77.65 25.38 -26.80
CA GLN H 318 -78.45 25.96 -27.86
C GLN H 318 -78.97 24.84 -28.75
N LYS H 319 -80.29 24.74 -28.89
CA LYS H 319 -80.90 23.53 -29.44
C LYS H 319 -80.66 23.38 -30.94
N LEU H 320 -79.40 23.15 -31.34
CA LEU H 320 -79.12 23.02 -32.77
C LEU H 320 -78.04 21.98 -33.06
N ASP H 321 -77.65 21.16 -32.07
CA ASP H 321 -76.66 20.11 -32.29
C ASP H 321 -77.33 18.87 -32.89
N PHE H 322 -76.51 17.88 -33.23
CA PHE H 322 -77.01 16.71 -33.95
C PHE H 322 -77.93 15.85 -33.10
N TYR H 323 -77.59 15.68 -31.81
CA TYR H 323 -78.33 14.71 -30.98
C TYR H 323 -79.72 15.21 -30.64
N THR H 324 -79.85 16.49 -30.26
CA THR H 324 -81.18 17.03 -29.97
C THR H 324 -82.03 17.16 -31.23
N LEU H 325 -81.40 17.49 -32.36
CA LEU H 325 -82.15 17.57 -33.62
C LEU H 325 -82.61 16.20 -34.08
N LEU H 326 -81.80 15.16 -33.84
CA LEU H 326 -82.21 13.81 -34.19
C LEU H 326 -83.29 13.30 -33.26
N ASP H 327 -83.19 13.64 -31.96
CA ASP H 327 -84.22 13.21 -31.01
C ASP H 327 -85.50 14.02 -31.15
N ASN H 328 -85.46 15.17 -31.80
CA ASN H 328 -86.69 15.87 -32.14
C ASN H 328 -87.28 15.39 -33.47
N TRP H 329 -86.42 15.16 -34.47
CA TRP H 329 -86.88 14.80 -35.80
C TRP H 329 -87.47 13.40 -35.85
N VAL H 330 -86.92 12.48 -35.07
CA VAL H 330 -87.28 11.07 -35.16
C VAL H 330 -88.19 10.64 -34.02
N LEU H 331 -87.81 10.95 -32.77
CA LEU H 331 -88.55 10.45 -31.62
C LEU H 331 -89.88 11.21 -31.44
N ARG H 332 -89.86 12.53 -31.60
CA ARG H 332 -91.03 13.35 -31.33
C ARG H 332 -91.63 13.99 -32.58
N ASP H 333 -91.15 13.59 -33.77
CA ASP H 333 -91.62 14.06 -35.08
C ASP H 333 -91.59 15.59 -35.21
N GLU H 334 -90.57 16.22 -34.62
CA GLU H 334 -90.39 17.67 -34.72
C GLU H 334 -89.34 17.91 -35.80
N ALA H 335 -89.80 18.10 -37.02
CA ALA H 335 -88.90 18.26 -38.16
C ALA H 335 -88.21 19.61 -38.08
N PRO H 336 -86.88 19.66 -38.15
CA PRO H 336 -86.18 20.95 -38.12
C PRO H 336 -86.20 21.64 -39.47
N ALA H 337 -85.44 22.73 -39.59
CA ALA H 337 -85.32 23.44 -40.86
C ALA H 337 -84.58 22.58 -41.88
N VAL H 338 -84.66 23.02 -43.14
CA VAL H 338 -84.13 22.23 -44.26
C VAL H 338 -82.62 22.14 -44.18
N GLU H 339 -81.95 23.24 -43.81
CA GLU H 339 -80.51 23.19 -43.62
C GLU H 339 -80.11 22.37 -42.39
N GLN H 340 -80.93 22.38 -41.34
CA GLN H 340 -80.59 21.60 -40.16
C GLN H 340 -80.80 20.12 -40.39
N GLN H 341 -81.84 19.75 -41.17
CA GLN H 341 -81.99 18.34 -41.49
C GLN H 341 -80.96 17.90 -42.53
N HIS H 342 -80.45 18.84 -43.35
CA HIS H 342 -79.27 18.55 -44.15
C HIS H 342 -78.07 18.22 -43.26
N TYR H 343 -77.89 18.97 -42.17
CA TYR H 343 -76.81 18.70 -41.22
C TYR H 343 -76.99 17.34 -40.55
N VAL H 344 -78.22 16.98 -40.19
CA VAL H 344 -78.48 15.69 -39.55
C VAL H 344 -78.20 14.53 -40.50
N ILE H 345 -78.65 14.64 -41.76
CA ILE H 345 -78.37 13.59 -42.73
C ILE H 345 -76.89 13.55 -43.10
N ALA H 346 -76.19 14.68 -43.04
CA ALA H 346 -74.74 14.68 -43.25
C ALA H 346 -74.02 13.96 -42.11
N ASN H 347 -74.53 14.10 -40.88
CA ASN H 347 -74.02 13.30 -39.77
C ASN H 347 -74.28 11.81 -39.98
N LEU H 348 -75.45 11.48 -40.54
CA LEU H 348 -75.76 10.07 -40.80
C LEU H 348 -74.87 9.51 -41.91
N ILE H 349 -74.49 10.33 -42.88
CA ILE H 349 -73.54 9.93 -43.91
C ILE H 349 -72.16 9.75 -43.31
N ARG H 350 -71.78 10.65 -42.38
CA ARG H 350 -70.48 10.57 -41.72
C ARG H 350 -70.35 9.30 -40.87
N GLY H 351 -71.38 8.96 -40.13
CA GLY H 351 -71.36 7.72 -39.37
C GLY H 351 -70.71 7.89 -38.02
N GLY H 352 -71.10 7.02 -37.09
CA GLY H 352 -70.57 7.14 -35.74
C GLY H 352 -71.09 6.07 -34.82
N VAL H 353 -70.90 6.32 -33.52
CA VAL H 353 -71.26 5.41 -32.44
C VAL H 353 -72.35 6.15 -31.66
N PHE H 354 -73.25 6.79 -32.41
CA PHE H 354 -74.40 7.46 -31.81
C PHE H 354 -75.23 6.48 -31.01
N GLY H 355 -75.77 6.95 -29.90
CA GLY H 355 -76.50 6.10 -28.98
C GLY H 355 -75.91 6.20 -27.59
N GLU H 356 -76.77 5.99 -26.58
CA GLU H 356 -76.38 6.17 -25.19
C GLU H 356 -75.70 4.92 -24.66
N ALA H 357 -75.51 4.86 -23.35
CA ALA H 357 -74.89 3.71 -22.72
C ALA H 357 -75.93 2.84 -22.01
N ILE I 23 -88.10 -43.84 -20.16
CA ILE I 23 -88.76 -42.54 -20.12
C ILE I 23 -88.08 -41.57 -21.08
N LEU I 24 -86.89 -41.97 -21.55
CA LEU I 24 -86.06 -41.23 -22.51
C LEU I 24 -85.71 -39.83 -21.99
N SER I 25 -84.95 -39.82 -20.91
CA SER I 25 -84.41 -38.57 -20.40
C SER I 25 -83.31 -38.05 -21.33
N THR I 26 -83.16 -36.72 -21.35
CA THR I 26 -82.13 -36.09 -22.16
C THR I 26 -80.75 -36.38 -21.55
N ALA I 27 -79.76 -36.54 -22.43
CA ALA I 27 -78.39 -36.77 -21.98
C ALA I 27 -77.84 -35.52 -21.30
N SER I 28 -77.16 -35.72 -20.17
CA SER I 28 -76.71 -34.58 -19.38
C SER I 28 -75.48 -33.91 -20.00
N VAL I 29 -74.70 -34.62 -20.79
CA VAL I 29 -73.74 -34.00 -21.70
C VAL I 29 -74.14 -34.40 -23.12
N LEU I 30 -74.13 -33.42 -24.02
CA LEU I 30 -74.50 -33.63 -25.41
C LEU I 30 -73.78 -32.58 -26.24
N ALA I 31 -72.72 -33.00 -26.92
CA ALA I 31 -71.86 -32.07 -27.62
C ALA I 31 -71.61 -32.59 -29.02
N PHE I 32 -71.50 -31.67 -29.98
CA PHE I 32 -71.35 -32.00 -31.39
C PHE I 32 -70.12 -31.30 -31.94
N GLU I 33 -69.44 -31.97 -32.86
CA GLU I 33 -68.28 -31.36 -33.52
C GLU I 33 -68.72 -30.26 -34.47
N ARG I 34 -67.80 -29.35 -34.74
CA ARG I 34 -68.02 -28.31 -35.74
C ARG I 34 -67.88 -28.95 -37.12
N LYS I 35 -69.01 -29.30 -37.71
CA LYS I 35 -69.02 -29.61 -39.13
C LYS I 35 -68.98 -28.29 -39.91
N LEU I 36 -68.44 -28.35 -41.13
CA LEU I 36 -68.07 -27.19 -41.94
C LEU I 36 -67.16 -26.24 -41.15
N ASP I 37 -65.99 -26.75 -40.79
CA ASP I 37 -65.00 -25.94 -40.09
C ASP I 37 -64.06 -25.26 -41.08
N PRO I 38 -64.10 -23.94 -41.22
CA PRO I 38 -63.26 -23.26 -42.20
C PRO I 38 -61.91 -22.86 -41.63
N SER I 39 -60.97 -22.63 -42.54
CA SER I 39 -59.70 -22.06 -42.15
C SER I 39 -59.83 -20.54 -42.03
N ASP I 40 -58.76 -19.92 -41.56
CA ASP I 40 -58.76 -18.46 -41.43
C ASP I 40 -58.62 -17.83 -42.80
N ALA I 41 -59.50 -16.88 -43.09
CA ALA I 41 -59.67 -16.34 -44.43
C ALA I 41 -58.51 -15.40 -44.75
N LEU I 42 -57.50 -15.95 -45.44
CA LEU I 42 -56.32 -15.20 -45.80
C LEU I 42 -56.66 -14.12 -46.83
N MET I 43 -56.21 -12.89 -46.56
CA MET I 43 -56.57 -11.73 -47.37
C MET I 43 -55.32 -11.22 -48.08
N SER I 44 -55.40 -11.12 -49.41
CA SER I 44 -54.32 -10.62 -50.25
C SER I 44 -54.91 -9.62 -51.25
N ALA I 45 -54.04 -9.03 -52.06
CA ALA I 45 -54.45 -7.96 -52.94
C ALA I 45 -53.95 -8.20 -54.36
N GLY I 46 -54.68 -7.63 -55.31
CA GLY I 46 -54.30 -7.76 -56.70
C GLY I 46 -55.20 -6.93 -57.58
N ALA I 47 -55.15 -7.21 -58.88
CA ALA I 47 -55.95 -6.51 -59.87
C ALA I 47 -57.00 -7.44 -60.45
N TRP I 48 -58.16 -6.87 -60.77
CA TRP I 48 -59.20 -7.61 -61.47
C TRP I 48 -58.72 -7.97 -62.88
N ALA I 49 -59.22 -9.10 -63.38
CA ALA I 49 -58.82 -9.85 -64.58
C ALA I 49 -57.41 -10.44 -64.46
N GLN I 50 -56.74 -10.33 -63.32
CA GLN I 50 -55.56 -11.10 -62.99
C GLN I 50 -55.87 -12.14 -61.90
N ARG I 51 -57.14 -12.48 -61.73
CA ARG I 51 -57.55 -13.39 -60.67
C ARG I 51 -57.18 -14.84 -60.97
N ASP I 52 -56.90 -15.16 -62.23
CA ASP I 52 -56.44 -16.51 -62.56
C ASP I 52 -55.05 -16.78 -61.99
N ALA I 53 -54.15 -15.81 -62.11
CA ALA I 53 -52.82 -15.92 -61.51
C ALA I 53 -52.77 -15.18 -60.17
N SER I 54 -53.58 -15.66 -59.23
CA SER I 54 -53.67 -15.07 -57.91
C SER I 54 -52.87 -15.84 -56.86
N GLN I 55 -52.08 -16.82 -57.28
CA GLN I 55 -51.26 -17.58 -56.34
C GLN I 55 -50.06 -16.79 -55.85
N GLU I 56 -49.62 -15.79 -56.59
CA GLU I 56 -48.48 -14.96 -56.22
C GLU I 56 -48.90 -13.55 -55.80
N TRP I 57 -50.16 -13.38 -55.41
CA TRP I 57 -50.65 -12.07 -55.02
C TRP I 57 -50.09 -11.70 -53.64
N PRO I 58 -49.58 -10.48 -53.47
CA PRO I 58 -49.04 -10.08 -52.17
C PRO I 58 -50.15 -9.93 -51.13
N ALA I 59 -49.83 -10.32 -49.90
CA ALA I 59 -50.82 -10.33 -48.84
C ALA I 59 -51.07 -8.93 -48.31
N VAL I 60 -52.30 -8.72 -47.83
CA VAL I 60 -52.66 -7.46 -47.19
C VAL I 60 -52.03 -7.43 -45.80
N THR I 61 -51.25 -6.40 -45.52
CA THR I 61 -50.56 -6.26 -44.25
C THR I 61 -51.27 -5.25 -43.37
N VAL I 62 -51.37 -5.56 -42.08
CA VAL I 62 -52.02 -4.70 -41.11
C VAL I 62 -50.98 -3.72 -40.58
N ARG I 63 -51.23 -2.43 -40.76
CA ARG I 63 -50.34 -1.38 -40.29
C ARG I 63 -50.99 -0.64 -39.11
N GLU I 64 -50.21 0.23 -38.49
CA GLU I 64 -50.67 1.06 -37.39
C GLU I 64 -50.76 2.50 -37.84
N LYS I 65 -51.74 3.23 -37.34
CA LYS I 65 -51.82 4.67 -37.61
C LYS I 65 -52.45 5.35 -36.41
N SER I 66 -52.35 6.67 -36.39
CA SER I 66 -52.83 7.49 -35.28
C SER I 66 -54.04 8.31 -35.71
N VAL I 67 -55.02 8.43 -34.83
CA VAL I 67 -56.20 9.23 -35.08
C VAL I 67 -56.35 10.26 -33.97
N ARG I 68 -56.72 11.48 -34.33
CA ARG I 68 -57.08 12.52 -33.38
C ARG I 68 -58.52 12.92 -33.68
N GLY I 69 -59.46 12.30 -32.98
CA GLY I 69 -60.86 12.66 -33.09
C GLY I 69 -61.25 13.69 -32.06
N THR I 70 -62.54 13.98 -32.02
CA THR I 70 -63.12 14.89 -31.04
C THR I 70 -64.30 14.16 -30.41
N ILE I 71 -64.80 14.69 -29.29
CA ILE I 71 -65.91 14.04 -28.60
C ILE I 71 -67.18 14.15 -29.42
N SER I 72 -67.80 13.00 -29.70
CA SER I 72 -69.03 12.97 -30.48
C SER I 72 -70.05 12.00 -29.90
N ASN I 73 -69.82 11.48 -28.70
CA ASN I 73 -70.75 10.57 -28.06
C ASN I 73 -71.83 11.35 -27.32
N ARG I 74 -72.86 10.63 -26.88
CA ARG I 74 -73.97 11.27 -26.16
C ARG I 74 -73.53 11.74 -24.78
N LEU I 75 -74.01 12.90 -24.39
CA LEU I 75 -73.77 13.46 -23.07
C LEU I 75 -74.98 13.25 -22.18
N LYS I 76 -74.73 13.00 -20.90
CA LYS I 76 -75.76 12.57 -19.97
C LYS I 76 -76.27 13.71 -19.09
N THR I 77 -76.39 14.92 -19.66
CA THR I 77 -76.99 16.13 -19.09
C THR I 77 -76.29 16.64 -17.84
N LYS I 78 -75.06 16.20 -17.57
CA LYS I 78 -74.25 16.80 -16.52
C LYS I 78 -73.00 17.47 -17.04
N ASP I 79 -72.56 17.13 -18.26
CA ASP I 79 -71.40 17.75 -18.88
C ASP I 79 -71.79 18.45 -20.18
N ARG I 80 -73.01 18.98 -20.24
CA ARG I 80 -73.49 19.70 -21.41
C ARG I 80 -73.29 21.21 -21.28
N ASP I 81 -72.70 21.69 -20.20
CA ASP I 81 -72.38 23.11 -20.08
C ASP I 81 -71.27 23.46 -21.07
N PRO I 82 -71.29 24.68 -21.63
CA PRO I 82 -70.29 25.05 -22.64
C PRO I 82 -68.86 25.09 -22.13
N ALA I 83 -68.63 25.41 -20.85
CA ALA I 83 -67.28 25.50 -20.32
C ALA I 83 -66.63 24.11 -20.23
N LYS I 84 -67.34 23.14 -19.65
CA LYS I 84 -66.80 21.79 -19.53
C LYS I 84 -66.66 21.12 -20.89
N LEU I 85 -67.62 21.37 -21.80
CA LEU I 85 -67.55 20.81 -23.14
C LEU I 85 -66.37 21.40 -23.92
N ASP I 86 -66.14 22.71 -23.81
CA ASP I 86 -65.00 23.32 -24.47
C ASP I 86 -63.68 22.87 -23.85
N ALA I 87 -63.67 22.61 -22.54
CA ALA I 87 -62.47 22.06 -21.91
C ALA I 87 -62.21 20.63 -22.38
N SER I 88 -63.27 19.86 -22.64
CA SER I 88 -63.10 18.49 -23.14
C SER I 88 -62.60 18.50 -24.59
N ILE I 89 -63.07 19.43 -25.40
CA ILE I 89 -62.56 19.58 -26.76
C ILE I 89 -61.11 20.07 -26.74
N GLN I 90 -60.77 20.93 -25.78
CA GLN I 90 -59.42 21.50 -25.73
C GLN I 90 -58.39 20.44 -25.36
N SER I 91 -58.79 19.42 -24.63
CA SER I 91 -57.93 18.26 -24.43
C SER I 91 -58.04 17.34 -25.65
N PRO I 92 -56.95 17.08 -26.37
CA PRO I 92 -57.06 16.32 -27.62
C PRO I 92 -57.24 14.83 -27.37
N ASN I 93 -58.25 14.26 -28.02
CA ASN I 93 -58.55 12.84 -27.92
C ASN I 93 -57.76 12.10 -29.00
N LEU I 94 -56.92 11.16 -28.59
CA LEU I 94 -56.01 10.47 -29.49
C LEU I 94 -56.12 8.98 -29.31
N GLN I 95 -56.04 8.24 -30.41
CA GLN I 95 -55.99 6.79 -30.36
C GLN I 95 -55.00 6.29 -31.40
N THR I 96 -54.55 5.06 -31.20
CA THR I 96 -53.81 4.32 -32.21
C THR I 96 -54.70 3.20 -32.71
N VAL I 97 -54.81 3.06 -34.03
CA VAL I 97 -55.71 2.06 -34.61
C VAL I 97 -54.92 1.20 -35.59
N ASP I 98 -55.22 -0.09 -35.57
CA ASP I 98 -54.71 -1.01 -36.58
C ASP I 98 -55.60 -0.92 -37.81
N VAL I 99 -55.01 -0.62 -38.95
CA VAL I 99 -55.76 -0.45 -40.19
C VAL I 99 -55.18 -1.39 -41.25
N ALA I 100 -56.07 -1.98 -42.05
CA ALA I 100 -55.69 -2.78 -43.20
C ALA I 100 -56.24 -2.10 -44.45
N ASN I 101 -55.36 -1.79 -45.38
CA ASN I 101 -55.72 -1.11 -46.62
C ASN I 101 -55.24 -1.93 -47.80
N LEU I 102 -55.89 -1.78 -48.94
CA LEU I 102 -55.32 -2.28 -50.17
C LEU I 102 -54.17 -1.38 -50.60
N PRO I 103 -53.19 -1.92 -51.33
CA PRO I 103 -52.19 -1.07 -51.97
C PRO I 103 -52.82 -0.19 -53.03
N SER I 104 -52.18 0.95 -53.28
CA SER I 104 -52.67 1.97 -54.21
C SER I 104 -52.59 1.55 -55.69
N ASP I 105 -52.18 0.32 -56.02
CA ASP I 105 -52.23 -0.19 -57.39
C ASP I 105 -52.95 -1.53 -57.46
N ALA I 106 -53.77 -1.85 -56.46
CA ALA I 106 -54.47 -3.13 -56.40
C ALA I 106 -55.90 -2.88 -55.93
N ASP I 107 -56.86 -2.96 -56.85
CA ASP I 107 -58.25 -2.66 -56.55
C ASP I 107 -59.06 -3.89 -56.15
N THR I 108 -58.45 -5.07 -56.14
CA THR I 108 -59.16 -6.31 -55.87
C THR I 108 -58.62 -6.96 -54.60
N LEU I 109 -59.52 -7.30 -53.69
CA LEU I 109 -59.18 -8.05 -52.49
C LEU I 109 -59.54 -9.51 -52.69
N LYS I 110 -58.56 -10.40 -52.50
CA LYS I 110 -58.75 -11.83 -52.61
C LYS I 110 -58.77 -12.44 -51.22
N VAL I 111 -59.82 -13.20 -50.93
CA VAL I 111 -60.01 -13.81 -49.62
C VAL I 111 -60.13 -15.32 -49.83
N ARG I 112 -59.19 -16.07 -49.27
CA ARG I 112 -59.07 -17.49 -49.54
C ARG I 112 -59.11 -18.28 -48.25
N PHE I 113 -59.95 -19.31 -48.20
CA PHE I 113 -59.97 -20.22 -47.06
C PHE I 113 -60.31 -21.62 -47.53
N THR I 114 -60.11 -22.59 -46.62
CA THR I 114 -60.36 -24.00 -46.89
C THR I 114 -61.47 -24.49 -45.97
N LEU I 115 -62.45 -25.17 -46.56
CA LEU I 115 -63.60 -25.68 -45.83
C LEU I 115 -63.59 -27.19 -45.86
N ARG I 116 -63.75 -27.80 -44.69
CA ARG I 116 -63.83 -29.26 -44.56
C ARG I 116 -65.26 -29.61 -44.15
N VAL I 117 -66.02 -30.20 -45.07
CA VAL I 117 -67.33 -30.74 -44.76
C VAL I 117 -67.11 -32.13 -44.14
N LEU I 118 -67.35 -32.25 -42.84
CA LEU I 118 -67.09 -33.48 -42.12
C LEU I 118 -68.30 -34.39 -42.15
N GLY I 119 -68.05 -35.70 -42.14
CA GLY I 119 -69.12 -36.67 -42.09
C GLY I 119 -69.61 -36.93 -40.68
N GLY I 120 -70.74 -37.63 -40.62
CA GLY I 120 -71.37 -37.91 -39.34
C GLY I 120 -71.91 -36.67 -38.68
N ALA I 121 -72.74 -35.91 -39.41
CA ALA I 121 -73.23 -34.63 -38.93
C ALA I 121 -74.17 -34.80 -37.73
N GLY I 122 -74.98 -35.85 -37.73
CA GLY I 122 -75.87 -36.09 -36.62
C GLY I 122 -75.27 -36.89 -35.48
N THR I 123 -73.99 -37.25 -35.55
CA THR I 123 -73.37 -38.05 -34.51
C THR I 123 -72.77 -37.15 -33.45
N PRO I 124 -73.22 -37.21 -32.20
CA PRO I 124 -72.66 -36.37 -31.16
C PRO I 124 -71.29 -36.84 -30.71
N SER I 125 -70.49 -35.90 -30.21
CA SER I 125 -69.19 -36.24 -29.65
C SER I 125 -69.35 -36.96 -28.31
N ALA I 126 -70.26 -36.48 -27.47
CA ALA I 126 -70.49 -37.07 -26.16
C ALA I 126 -71.98 -37.27 -25.93
N CYS I 127 -72.31 -38.35 -25.23
CA CYS I 127 -73.70 -38.66 -24.90
C CYS I 127 -73.70 -39.59 -23.70
N ASN I 128 -74.50 -39.27 -22.69
CA ASN I 128 -74.57 -40.11 -21.51
C ASN I 128 -75.39 -41.36 -21.79
N ASP I 129 -76.67 -41.17 -22.11
CA ASP I 129 -77.60 -42.27 -22.28
C ASP I 129 -77.38 -42.93 -23.63
N ALA I 130 -77.27 -44.26 -23.61
CA ALA I 130 -77.20 -45.01 -24.87
C ALA I 130 -78.55 -44.97 -25.58
N ALA I 131 -79.64 -44.97 -24.82
CA ALA I 131 -80.99 -44.91 -25.40
C ALA I 131 -81.23 -43.57 -26.08
N TYR I 132 -80.78 -42.47 -25.46
CA TYR I 132 -80.92 -41.16 -26.09
C TYR I 132 -80.05 -41.05 -27.33
N ARG I 133 -78.86 -41.66 -27.30
CA ARG I 133 -78.00 -41.68 -28.49
C ARG I 133 -78.63 -42.46 -29.63
N ASP I 134 -79.25 -43.61 -29.31
CA ASP I 134 -79.95 -44.39 -30.33
C ASP I 134 -81.16 -43.65 -30.88
N LYS I 135 -81.91 -42.96 -30.01
CA LYS I 135 -83.07 -42.19 -30.47
C LYS I 135 -82.66 -41.00 -31.32
N LEU I 136 -81.57 -40.33 -30.95
CA LEU I 136 -81.08 -39.20 -31.73
C LEU I 136 -80.54 -39.66 -33.08
N LEU I 137 -79.82 -40.78 -33.10
CA LEU I 137 -79.33 -41.33 -34.36
C LEU I 137 -80.48 -41.79 -35.26
N GLN I 138 -81.54 -42.34 -34.67
CA GLN I 138 -82.71 -42.75 -35.44
C GLN I 138 -83.45 -41.54 -35.99
N THR I 139 -83.54 -40.46 -35.21
CA THR I 139 -84.19 -39.23 -35.66
C THR I 139 -83.41 -38.60 -36.82
N VAL I 140 -82.08 -38.52 -36.69
CA VAL I 140 -81.26 -37.98 -37.77
C VAL I 140 -81.30 -38.89 -39.00
N ALA I 141 -81.34 -40.22 -38.79
CA ALA I 141 -81.41 -41.16 -39.91
C ALA I 141 -82.73 -41.04 -40.66
N THR I 142 -83.83 -40.83 -39.93
CA THR I 142 -85.12 -40.58 -40.59
C THR I 142 -85.11 -39.25 -41.32
N TYR I 143 -84.38 -38.26 -40.79
CA TYR I 143 -84.25 -36.98 -41.49
C TYR I 143 -83.50 -37.14 -42.82
N VAL I 144 -82.42 -37.92 -42.83
CA VAL I 144 -81.69 -38.15 -44.08
C VAL I 144 -82.51 -39.02 -45.04
N ASN I 145 -83.24 -40.01 -44.52
CA ASN I 145 -84.07 -40.83 -45.40
C ASN I 145 -85.26 -40.06 -45.96
N ASP I 146 -85.77 -39.06 -45.24
CA ASP I 146 -86.89 -38.29 -45.75
C ASP I 146 -86.46 -37.28 -46.80
N GLN I 147 -85.57 -36.34 -46.42
CA GLN I 147 -85.13 -35.30 -47.34
C GLN I 147 -83.63 -35.11 -47.41
N GLY I 148 -82.85 -35.69 -46.50
CA GLY I 148 -81.42 -35.51 -46.56
C GLY I 148 -80.99 -34.13 -46.09
N PHE I 149 -79.70 -33.85 -46.29
CA PHE I 149 -79.15 -32.53 -46.05
C PHE I 149 -79.28 -31.63 -47.27
N ALA I 150 -80.23 -31.92 -48.17
CA ALA I 150 -80.26 -31.28 -49.48
C ALA I 150 -80.60 -29.79 -49.39
N GLU I 151 -81.56 -29.42 -48.55
CA GLU I 151 -81.90 -28.01 -48.40
C GLU I 151 -80.84 -27.27 -47.60
N LEU I 152 -80.31 -27.91 -46.54
CA LEU I 152 -79.29 -27.28 -45.72
C LEU I 152 -77.99 -27.09 -46.49
N ALA I 153 -77.57 -28.08 -47.26
CA ALA I 153 -76.38 -27.92 -48.08
C ALA I 153 -76.63 -26.95 -49.23
N ARG I 154 -77.88 -26.82 -49.68
CA ARG I 154 -78.21 -25.78 -50.65
C ARG I 154 -78.00 -24.40 -50.06
N ARG I 155 -78.41 -24.20 -48.80
CA ARG I 155 -78.24 -22.91 -48.17
C ARG I 155 -76.78 -22.64 -47.80
N TYR I 156 -76.04 -23.69 -47.43
CA TYR I 156 -74.60 -23.54 -47.18
C TYR I 156 -73.85 -23.23 -48.47
N ALA I 157 -74.23 -23.87 -49.58
CA ALA I 157 -73.65 -23.56 -50.88
C ALA I 157 -74.04 -22.18 -51.36
N HIS I 158 -75.23 -21.71 -50.97
CA HIS I 158 -75.60 -20.31 -51.24
C HIS I 158 -74.68 -19.36 -50.49
N ASN I 159 -74.51 -19.56 -49.17
CA ASN I 159 -73.66 -18.70 -48.37
C ASN I 159 -72.19 -18.81 -48.73
N LEU I 160 -71.77 -19.89 -49.37
CA LEU I 160 -70.46 -19.92 -50.02
C LEU I 160 -70.48 -19.17 -51.34
N ALA I 161 -71.61 -19.23 -52.06
CA ALA I 161 -71.67 -18.72 -53.41
C ALA I 161 -71.69 -17.20 -53.45
N ASN I 162 -72.43 -16.57 -52.55
CA ASN I 162 -72.28 -15.14 -52.32
C ASN I 162 -71.26 -14.96 -51.20
N ALA I 163 -70.44 -13.92 -51.31
CA ALA I 163 -69.36 -13.81 -50.34
C ALA I 163 -69.82 -13.10 -49.08
N ARG I 164 -70.69 -13.75 -48.31
CA ARG I 164 -71.12 -13.17 -47.04
C ARG I 164 -69.99 -13.16 -46.02
N PHE I 165 -69.02 -14.08 -46.16
CA PHE I 165 -67.84 -14.12 -45.33
C PHE I 165 -66.91 -12.95 -45.56
N LEU I 166 -67.10 -12.19 -46.64
CA LEU I 166 -66.38 -10.95 -46.81
C LEU I 166 -66.90 -9.87 -45.87
N TRP I 167 -68.18 -9.98 -45.47
CA TRP I 167 -68.88 -9.07 -44.57
C TRP I 167 -68.83 -7.62 -45.06
N ARG I 168 -68.09 -6.77 -44.35
CA ARG I 168 -67.99 -5.37 -44.72
C ARG I 168 -67.13 -5.16 -45.98
N ASN I 169 -66.36 -6.17 -46.37
CA ASN I 169 -65.71 -6.14 -47.68
C ASN I 169 -66.70 -6.37 -48.82
N ARG I 170 -67.89 -6.89 -48.53
CA ARG I 170 -68.92 -7.13 -49.53
C ARG I 170 -69.86 -5.95 -49.72
N VAL I 171 -69.79 -4.93 -48.87
CA VAL I 171 -70.83 -3.92 -48.79
C VAL I 171 -70.75 -2.97 -50.00
N GLY I 172 -69.57 -2.42 -50.25
CA GLY I 172 -69.45 -1.45 -51.33
C GLY I 172 -68.53 -1.91 -52.44
N ALA I 173 -68.58 -3.18 -52.79
CA ALA I 173 -67.73 -3.73 -53.82
C ALA I 173 -68.40 -3.66 -55.18
N GLU I 174 -67.61 -3.33 -56.20
CA GLU I 174 -68.14 -3.21 -57.56
C GLU I 174 -68.56 -4.57 -58.12
N ALA I 175 -67.75 -5.60 -57.89
CA ALA I 175 -68.05 -6.93 -58.39
C ALA I 175 -67.35 -7.95 -57.49
N VAL I 176 -68.11 -8.94 -57.01
CA VAL I 176 -67.57 -10.03 -56.20
C VAL I 176 -67.77 -11.33 -56.96
N GLU I 177 -66.70 -12.11 -57.07
CA GLU I 177 -66.74 -13.40 -57.78
C GLU I 177 -66.09 -14.46 -56.90
N VAL I 178 -66.77 -15.60 -56.75
CA VAL I 178 -66.34 -16.66 -55.84
C VAL I 178 -66.00 -17.90 -56.65
N ARG I 179 -64.78 -18.40 -56.47
CA ARG I 179 -64.30 -19.62 -57.09
C ARG I 179 -64.11 -20.68 -56.02
N ILE I 180 -64.76 -21.82 -56.18
CA ILE I 180 -64.77 -22.89 -55.18
C ILE I 180 -64.27 -24.17 -55.84
N ASN I 181 -63.18 -24.71 -55.33
CA ASN I 181 -62.51 -25.85 -55.94
C ASN I 181 -62.58 -27.06 -55.02
N HIS I 182 -63.10 -28.16 -55.52
CA HIS I 182 -63.17 -29.40 -54.75
C HIS I 182 -61.83 -30.14 -54.87
N ILE I 183 -61.18 -30.37 -53.75
CA ILE I 183 -59.88 -31.02 -53.72
C ILE I 183 -60.08 -32.45 -53.21
N ARG I 184 -60.00 -33.42 -54.12
CA ARG I 184 -60.26 -34.81 -53.75
C ARG I 184 -59.06 -35.45 -53.10
N GLN I 185 -57.95 -35.57 -53.84
CA GLN I 185 -56.70 -36.08 -53.28
C GLN I 185 -55.61 -35.01 -53.26
N GLY I 186 -55.25 -34.47 -54.42
CA GLY I 186 -54.30 -33.37 -54.47
C GLY I 186 -54.59 -32.42 -55.61
N GLU I 187 -55.71 -32.62 -56.30
CA GLU I 187 -56.02 -31.86 -57.50
C GLU I 187 -57.44 -31.33 -57.40
N VAL I 188 -57.74 -30.35 -58.25
CA VAL I 188 -59.08 -29.75 -58.32
C VAL I 188 -60.00 -30.74 -59.03
N ALA I 189 -60.87 -31.39 -58.26
CA ALA I 189 -61.81 -32.35 -58.84
C ALA I 189 -62.94 -31.66 -59.59
N ARG I 190 -63.38 -30.50 -59.10
CA ARG I 190 -64.47 -29.77 -59.74
C ARG I 190 -64.37 -28.30 -59.35
N ALA I 191 -64.46 -27.42 -60.35
CA ALA I 191 -64.33 -25.98 -60.12
C ALA I 191 -65.69 -25.32 -60.35
N TRP I 192 -66.17 -24.62 -59.35
CA TRP I 192 -67.38 -23.82 -59.41
C TRP I 192 -67.00 -22.34 -59.47
N ARG I 193 -67.70 -21.58 -60.31
CA ARG I 193 -67.52 -20.14 -60.40
C ARG I 193 -68.88 -19.47 -60.25
N PHE I 194 -68.97 -18.51 -59.34
CA PHE I 194 -70.23 -17.85 -59.03
C PHE I 194 -70.05 -16.34 -59.03
N ASP I 195 -71.07 -15.64 -59.53
CA ASP I 195 -71.17 -14.20 -59.39
C ASP I 195 -71.84 -13.91 -58.06
N ALA I 196 -71.07 -13.42 -57.10
CA ALA I 196 -71.55 -13.30 -55.73
C ALA I 196 -72.55 -12.17 -55.55
N LEU I 197 -72.48 -11.14 -56.39
CA LEU I 197 -73.42 -10.04 -56.29
C LEU I 197 -74.78 -10.39 -56.89
N ALA I 198 -74.81 -11.26 -57.91
CA ALA I 198 -76.07 -11.65 -58.51
C ALA I 198 -76.88 -12.54 -57.57
N ILE I 199 -76.21 -13.37 -56.79
CA ILE I 199 -76.89 -14.20 -55.80
C ILE I 199 -77.08 -13.36 -54.54
N GLY I 200 -78.34 -13.17 -54.16
CA GLY I 200 -78.64 -12.26 -53.07
C GLY I 200 -78.25 -12.81 -51.71
N LEU I 201 -78.17 -11.89 -50.75
CA LEU I 201 -77.89 -12.26 -49.37
C LEU I 201 -79.11 -12.77 -48.63
N ARG I 202 -80.29 -12.72 -49.24
CA ARG I 202 -81.52 -13.09 -48.57
C ARG I 202 -82.42 -14.04 -49.34
N ASP I 203 -82.17 -14.28 -50.63
CA ASP I 203 -82.95 -15.21 -51.43
C ASP I 203 -82.15 -16.48 -51.67
N PHE I 204 -82.77 -17.63 -51.44
CA PHE I 204 -82.15 -18.93 -51.64
C PHE I 204 -82.84 -19.58 -52.83
N LYS I 205 -82.36 -19.28 -54.04
CA LYS I 205 -82.99 -19.75 -55.26
C LYS I 205 -82.36 -21.07 -55.69
N ALA I 206 -82.67 -21.52 -56.90
CA ALA I 206 -82.18 -22.78 -57.44
C ALA I 206 -81.30 -22.52 -58.64
N ASP I 207 -80.12 -23.15 -58.67
CA ASP I 207 -79.21 -23.07 -59.79
C ASP I 207 -78.54 -24.43 -59.97
N ALA I 208 -78.08 -24.72 -61.18
CA ALA I 208 -77.52 -26.03 -61.48
C ALA I 208 -76.16 -26.23 -60.82
N GLU I 209 -75.28 -25.23 -60.92
CA GLU I 209 -73.99 -25.29 -60.24
C GLU I 209 -74.17 -25.25 -58.74
N LEU I 210 -75.14 -24.48 -58.26
CA LEU I 210 -75.45 -24.44 -56.84
C LEU I 210 -76.01 -25.77 -56.36
N ASP I 211 -76.80 -26.45 -57.21
CA ASP I 211 -77.30 -27.78 -56.84
C ASP I 211 -76.20 -28.82 -56.85
N ALA I 212 -75.22 -28.69 -57.75
CA ALA I 212 -74.09 -29.61 -57.74
C ALA I 212 -73.22 -29.41 -56.50
N LEU I 213 -72.99 -28.15 -56.11
CA LEU I 213 -72.27 -27.85 -54.87
C LEU I 213 -73.05 -28.34 -53.65
N ALA I 214 -74.38 -28.21 -53.69
CA ALA I 214 -75.23 -28.73 -52.63
C ALA I 214 -75.14 -30.25 -52.53
N GLU I 215 -75.09 -30.93 -53.68
CA GLU I 215 -74.94 -32.38 -53.69
C GLU I 215 -73.60 -32.80 -53.10
N LEU I 216 -72.53 -32.06 -53.43
CA LEU I 216 -71.21 -32.38 -52.88
C LEU I 216 -71.16 -32.15 -51.37
N ILE I 217 -71.72 -31.04 -50.89
CA ILE I 217 -71.70 -30.74 -49.46
C ILE I 217 -72.60 -31.72 -48.70
N ALA I 218 -73.75 -32.09 -49.28
CA ALA I 218 -74.63 -33.06 -48.62
C ALA I 218 -74.03 -34.46 -48.62
N SER I 219 -73.26 -34.81 -49.65
CA SER I 219 -72.55 -36.09 -49.64
C SER I 219 -71.43 -36.07 -48.61
N GLY I 220 -70.79 -34.92 -48.43
CA GLY I 220 -69.79 -34.79 -47.37
C GLY I 220 -70.39 -34.89 -45.98
N LEU I 221 -71.58 -34.33 -45.79
CA LEU I 221 -72.26 -34.44 -44.50
C LEU I 221 -72.75 -35.85 -44.25
N SER I 222 -73.25 -36.52 -45.29
CA SER I 222 -73.74 -37.89 -45.16
C SER I 222 -72.63 -38.93 -45.19
N GLY I 223 -71.42 -38.55 -45.58
CA GLY I 223 -70.34 -39.50 -45.75
C GLY I 223 -69.69 -39.88 -44.44
N SER I 224 -68.57 -40.61 -44.57
CA SER I 224 -67.78 -41.04 -43.42
C SER I 224 -66.48 -40.28 -43.27
N GLY I 225 -65.93 -39.75 -44.35
CA GLY I 225 -64.69 -38.99 -44.29
C GLY I 225 -64.94 -37.50 -44.29
N HIS I 226 -64.36 -36.79 -45.25
CA HIS I 226 -64.57 -35.35 -45.34
C HIS I 226 -64.44 -34.91 -46.80
N VAL I 227 -65.06 -33.77 -47.10
CA VAL I 227 -65.01 -33.15 -48.41
C VAL I 227 -64.26 -31.83 -48.27
N LEU I 228 -63.24 -31.64 -49.09
CA LEU I 228 -62.36 -30.48 -49.00
C LEU I 228 -62.65 -29.49 -50.12
N LEU I 229 -62.87 -28.23 -49.76
CA LEU I 229 -63.19 -27.19 -50.71
C LEU I 229 -62.28 -26.00 -50.47
N GLU I 230 -61.85 -25.36 -51.55
CA GLU I 230 -61.09 -24.12 -51.48
C GLU I 230 -61.98 -23.00 -51.97
N VAL I 231 -62.30 -22.05 -51.09
CA VAL I 231 -63.21 -20.96 -51.42
C VAL I 231 -62.38 -19.69 -51.50
N VAL I 232 -62.35 -19.08 -52.68
CA VAL I 232 -61.64 -17.84 -52.94
C VAL I 232 -62.67 -16.82 -53.44
N ALA I 233 -62.65 -15.63 -52.86
CA ALA I 233 -63.57 -14.56 -53.24
C ALA I 233 -62.77 -13.33 -53.63
N PHE I 234 -62.99 -12.85 -54.84
CA PHE I 234 -62.38 -11.62 -55.33
C PHE I 234 -63.41 -10.51 -55.29
N ALA I 235 -63.11 -9.44 -54.58
CA ALA I 235 -63.99 -8.28 -54.48
C ALA I 235 -63.31 -7.07 -55.09
N ARG I 236 -64.00 -6.41 -56.02
CA ARG I 236 -63.51 -5.17 -56.63
C ARG I 236 -63.95 -4.01 -55.76
N ILE I 237 -63.26 -3.86 -54.63
CA ILE I 237 -63.60 -2.81 -53.66
C ILE I 237 -63.24 -1.44 -54.21
N GLY I 238 -62.06 -1.31 -54.76
CA GLY I 238 -61.53 -0.03 -55.22
C GLY I 238 -60.05 0.04 -54.93
N ASP I 239 -59.38 0.93 -55.65
CA ASP I 239 -57.92 0.99 -55.59
C ASP I 239 -57.47 1.64 -54.29
N GLY I 240 -56.69 0.91 -53.51
CA GLY I 240 -56.17 1.46 -52.27
C GLY I 240 -57.18 1.56 -51.14
N GLN I 241 -58.35 0.95 -51.27
CA GLN I 241 -59.42 1.13 -50.32
C GLN I 241 -59.14 0.36 -49.03
N GLU I 242 -60.02 0.55 -48.06
CA GLU I 242 -59.86 -0.05 -46.74
C GLU I 242 -60.57 -1.39 -46.70
N VAL I 243 -59.80 -2.45 -46.52
CA VAL I 243 -60.37 -3.78 -46.30
C VAL I 243 -60.61 -3.96 -44.80
N PHE I 244 -61.50 -4.89 -44.47
CA PHE I 244 -61.97 -5.06 -43.10
C PHE I 244 -61.76 -6.49 -42.65
N PRO I 245 -60.58 -6.81 -42.11
CA PRO I 245 -60.40 -8.12 -41.46
C PRO I 245 -61.09 -8.15 -40.12
N SER I 246 -61.04 -9.31 -39.49
CA SER I 246 -61.67 -9.48 -38.18
C SER I 246 -60.90 -8.72 -37.12
N GLN I 247 -61.62 -7.98 -36.29
CA GLN I 247 -61.00 -7.23 -35.21
C GLN I 247 -60.83 -8.13 -34.00
N GLU I 248 -59.65 -8.09 -33.40
CA GLU I 248 -59.35 -9.00 -32.29
C GLU I 248 -60.00 -8.51 -31.01
N LEU I 249 -60.63 -9.43 -30.30
CA LEU I 249 -61.28 -9.14 -29.02
C LEU I 249 -60.22 -9.19 -27.93
N ILE I 250 -59.70 -8.04 -27.54
CA ILE I 250 -58.72 -7.92 -26.46
C ILE I 250 -59.33 -7.07 -25.36
N LEU I 251 -59.39 -7.62 -24.15
CA LEU I 251 -59.94 -6.90 -23.02
C LEU I 251 -58.88 -5.97 -22.44
N ASP I 252 -59.29 -4.72 -22.17
CA ASP I 252 -58.38 -3.77 -21.56
C ASP I 252 -58.11 -4.10 -20.10
N LYS I 253 -59.09 -4.73 -19.43
CA LYS I 253 -58.99 -5.24 -18.06
C LYS I 253 -58.69 -4.15 -17.03
N GLY I 254 -59.09 -2.92 -17.33
CA GLY I 254 -58.91 -1.80 -16.42
C GLY I 254 -57.48 -1.40 -16.16
N ASP I 255 -56.61 -1.49 -17.15
CA ASP I 255 -55.22 -1.11 -16.98
C ASP I 255 -55.07 0.40 -17.00
N LYS I 256 -54.01 0.89 -16.34
CA LYS I 256 -53.81 2.32 -16.23
C LYS I 256 -53.31 2.92 -17.54
N LYS I 257 -52.39 2.25 -18.22
CA LYS I 257 -51.84 2.76 -19.46
C LYS I 257 -52.85 2.63 -20.60
N GLY I 258 -52.99 3.70 -21.37
CA GLY I 258 -53.89 3.66 -22.52
C GLY I 258 -53.33 2.76 -23.61
N GLN I 259 -54.25 2.06 -24.28
CA GLN I 259 -53.90 1.10 -25.30
C GLN I 259 -54.40 1.55 -26.67
N LYS I 260 -54.07 0.76 -27.68
CA LYS I 260 -54.63 0.98 -29.01
C LYS I 260 -56.10 0.57 -29.03
N SER I 261 -56.95 1.42 -29.59
CA SER I 261 -58.38 1.19 -29.53
C SER I 261 -58.82 0.08 -30.48
N LYS I 262 -58.23 0.03 -31.67
CA LYS I 262 -58.59 -0.96 -32.68
C LYS I 262 -57.38 -1.83 -33.00
N THR I 263 -57.56 -3.13 -32.92
CA THR I 263 -56.55 -4.10 -33.30
C THR I 263 -57.15 -5.05 -34.33
N LEU I 264 -56.32 -5.56 -35.23
CA LEU I 264 -56.78 -6.43 -36.29
C LEU I 264 -56.17 -7.82 -36.13
N TYR I 265 -56.49 -8.69 -37.09
CA TYR I 265 -56.07 -10.09 -37.04
C TYR I 265 -55.20 -10.40 -38.24
N SER I 266 -54.09 -11.09 -37.99
CA SER I 266 -53.20 -11.54 -39.04
C SER I 266 -52.54 -12.84 -38.61
N VAL I 267 -52.09 -13.61 -39.58
CA VAL I 267 -51.43 -14.89 -39.31
C VAL I 267 -49.91 -14.78 -39.39
N ARG I 268 -49.37 -14.33 -40.53
CA ARG I 268 -47.92 -14.07 -40.64
C ARG I 268 -47.74 -12.94 -41.66
N ASP I 269 -47.76 -11.70 -41.15
CA ASP I 269 -47.72 -10.47 -41.95
C ASP I 269 -48.77 -10.47 -43.05
N ALA I 270 -49.96 -10.95 -42.72
CA ALA I 270 -50.98 -11.26 -43.72
C ALA I 270 -52.34 -11.21 -43.04
N ALA I 271 -53.14 -10.20 -43.39
CA ALA I 271 -54.42 -9.96 -42.71
C ALA I 271 -55.39 -11.11 -42.95
N ALA I 272 -56.21 -11.39 -41.95
CA ALA I 272 -57.06 -12.56 -41.98
C ALA I 272 -58.34 -12.32 -41.20
N ILE I 273 -59.36 -13.11 -41.52
CA ILE I 273 -60.61 -13.13 -40.79
C ILE I 273 -60.64 -14.39 -39.95
N HIS I 274 -61.23 -14.29 -38.75
CA HIS I 274 -61.35 -15.44 -37.87
C HIS I 274 -62.25 -16.51 -38.48
N SER I 275 -61.98 -17.77 -38.12
CA SER I 275 -62.75 -18.89 -38.67
C SER I 275 -64.19 -18.87 -38.19
N GLN I 276 -64.42 -18.39 -36.97
CA GLN I 276 -65.77 -18.34 -36.43
C GLN I 276 -66.62 -17.30 -37.13
N LYS I 277 -66.00 -16.23 -37.65
CA LYS I 277 -66.75 -15.25 -38.43
C LYS I 277 -67.16 -15.83 -39.78
N ILE I 278 -66.26 -16.58 -40.42
CA ILE I 278 -66.59 -17.26 -41.68
C ILE I 278 -67.66 -18.32 -41.45
N GLY I 279 -67.58 -19.02 -40.32
CA GLY I 279 -68.61 -19.99 -39.98
C GLY I 279 -69.95 -19.34 -39.69
N ASN I 280 -69.95 -18.17 -39.03
CA ASN I 280 -71.19 -17.45 -38.77
C ASN I 280 -71.82 -16.95 -40.07
N ALA I 281 -70.98 -16.53 -41.02
CA ALA I 281 -71.52 -16.12 -42.33
C ALA I 281 -72.02 -17.33 -43.11
N LEU I 282 -71.37 -18.48 -42.96
CA LEU I 282 -71.82 -19.70 -43.64
C LEU I 282 -73.11 -20.23 -43.04
N ARG I 283 -73.31 -20.04 -41.74
CA ARG I 283 -74.50 -20.52 -41.05
C ARG I 283 -75.67 -19.55 -41.12
N THR I 284 -75.53 -18.42 -41.83
CA THR I 284 -76.60 -17.43 -41.94
C THR I 284 -77.63 -17.93 -42.95
N ILE I 285 -78.39 -18.94 -42.53
CA ILE I 285 -79.32 -19.65 -43.40
C ILE I 285 -80.70 -19.68 -42.77
N ASP I 286 -80.78 -19.27 -41.50
CA ASP I 286 -82.03 -19.40 -40.72
C ASP I 286 -83.00 -18.32 -41.16
N THR I 287 -83.94 -18.69 -42.03
CA THR I 287 -85.03 -17.82 -42.45
C THR I 287 -86.37 -18.32 -41.92
N TRP I 288 -86.35 -19.02 -40.78
CA TRP I 288 -87.57 -19.63 -40.24
C TRP I 288 -87.84 -19.21 -38.80
N TYR I 289 -87.23 -18.12 -38.35
CA TYR I 289 -87.48 -17.64 -37.00
C TYR I 289 -88.86 -16.97 -36.94
N PRO I 290 -89.54 -17.04 -35.78
CA PRO I 290 -90.92 -16.53 -35.72
C PRO I 290 -91.06 -15.02 -35.87
N ASP I 291 -89.99 -14.26 -35.67
CA ASP I 291 -90.04 -12.83 -35.97
C ASP I 291 -90.02 -12.62 -37.49
N GLU I 292 -90.39 -11.41 -37.90
CA GLU I 292 -90.44 -11.07 -39.31
C GLU I 292 -89.05 -11.04 -39.91
N ASP I 293 -88.95 -11.49 -41.15
CA ASP I 293 -87.66 -11.59 -41.84
C ASP I 293 -87.34 -10.31 -42.62
N GLY I 294 -87.39 -9.17 -41.93
CA GLY I 294 -86.90 -7.93 -42.52
C GLY I 294 -85.39 -7.96 -42.72
N LEU I 295 -84.67 -8.56 -41.76
CA LEU I 295 -83.25 -8.77 -41.92
C LEU I 295 -82.96 -9.80 -42.99
N GLY I 296 -83.76 -10.85 -43.05
CA GLY I 296 -83.48 -11.99 -43.88
C GLY I 296 -82.97 -13.14 -43.04
N PRO I 297 -81.99 -13.88 -43.56
CA PRO I 297 -81.41 -14.99 -42.79
C PRO I 297 -80.58 -14.49 -41.62
N ILE I 298 -80.58 -15.26 -40.54
CA ILE I 298 -79.71 -15.05 -39.39
C ILE I 298 -78.87 -16.30 -39.21
N ALA I 299 -77.82 -16.17 -38.40
CA ALA I 299 -76.94 -17.30 -38.15
C ALA I 299 -77.64 -18.33 -37.27
N VAL I 300 -77.35 -19.60 -37.53
CA VAL I 300 -77.99 -20.70 -36.79
C VAL I 300 -77.35 -20.75 -35.40
N GLU I 301 -78.09 -20.27 -34.40
CA GLU I 301 -77.65 -20.29 -33.02
C GLU I 301 -78.74 -20.90 -32.16
N PRO I 302 -78.36 -21.54 -31.05
CA PRO I 302 -79.36 -21.82 -30.00
C PRO I 302 -79.85 -20.51 -29.40
N TYR I 303 -81.18 -20.43 -29.23
CA TYR I 303 -81.91 -19.20 -28.88
C TYR I 303 -81.64 -18.06 -29.85
N GLY I 304 -81.42 -18.39 -31.13
CA GLY I 304 -81.34 -17.48 -32.27
C GLY I 304 -80.64 -16.15 -32.12
N SER I 305 -79.49 -16.13 -31.47
CA SER I 305 -78.85 -14.89 -31.06
C SER I 305 -78.20 -14.19 -32.25
N VAL I 306 -78.48 -12.90 -32.39
CA VAL I 306 -77.86 -12.04 -33.40
C VAL I 306 -77.09 -10.95 -32.66
N THR I 307 -75.77 -10.92 -32.84
CA THR I 307 -74.96 -9.93 -32.12
C THR I 307 -75.07 -8.55 -32.72
N SER I 308 -75.38 -8.44 -34.01
CA SER I 308 -75.52 -7.13 -34.65
C SER I 308 -76.80 -6.41 -34.26
N GLN I 309 -77.76 -7.11 -33.65
CA GLN I 309 -79.01 -6.49 -33.22
C GLN I 309 -79.12 -6.35 -31.71
N GLY I 310 -78.42 -7.18 -30.94
CA GLY I 310 -78.62 -7.19 -29.50
C GLY I 310 -79.92 -7.83 -29.06
N LYS I 311 -80.60 -8.55 -29.95
CA LYS I 311 -81.86 -9.21 -29.66
C LYS I 311 -81.75 -10.66 -30.10
N ALA I 312 -82.36 -11.55 -29.31
CA ALA I 312 -82.34 -12.97 -29.59
C ALA I 312 -83.72 -13.41 -30.05
N TYR I 313 -83.83 -13.78 -31.33
CA TYR I 313 -85.04 -14.41 -31.83
C TYR I 313 -85.05 -15.88 -31.42
N ARG I 314 -86.17 -16.56 -31.74
CA ARG I 314 -86.41 -17.97 -31.38
C ARG I 314 -86.28 -18.19 -29.88
N GLN I 315 -87.05 -17.42 -29.11
CA GLN I 315 -86.97 -17.46 -27.67
C GLN I 315 -87.59 -18.75 -27.13
N PRO I 316 -87.14 -19.23 -25.96
CA PRO I 316 -87.75 -20.44 -25.39
C PRO I 316 -89.17 -20.26 -24.88
N LYS I 317 -89.66 -19.02 -24.72
CA LYS I 317 -91.06 -18.84 -24.36
C LYS I 317 -91.99 -19.19 -25.53
N GLN I 318 -91.50 -19.06 -26.75
CA GLN I 318 -92.12 -19.71 -27.89
C GLN I 318 -91.53 -21.11 -28.05
N LYS I 319 -92.25 -21.96 -28.77
CA LYS I 319 -91.79 -23.34 -28.97
C LYS I 319 -90.97 -23.47 -30.25
N LEU I 320 -89.99 -22.58 -30.42
CA LEU I 320 -89.18 -22.59 -31.64
C LEU I 320 -87.68 -22.44 -31.36
N ASP I 321 -87.25 -22.46 -30.11
CA ASP I 321 -85.83 -22.54 -29.82
C ASP I 321 -85.33 -23.95 -30.07
N PHE I 322 -84.01 -24.08 -30.16
CA PHE I 322 -83.39 -25.34 -30.60
C PHE I 322 -83.58 -26.46 -29.58
N TYR I 323 -83.50 -26.13 -28.29
CA TYR I 323 -83.54 -27.15 -27.25
C TYR I 323 -84.92 -27.80 -27.15
N THR I 324 -85.97 -26.98 -27.09
CA THR I 324 -87.32 -27.52 -27.00
C THR I 324 -87.73 -28.24 -28.27
N LEU I 325 -87.25 -27.77 -29.42
CA LEU I 325 -87.50 -28.47 -30.69
C LEU I 325 -86.82 -29.83 -30.71
N LEU I 326 -85.60 -29.92 -30.15
CA LEU I 326 -84.91 -31.20 -30.08
C LEU I 326 -85.60 -32.17 -29.13
N ASP I 327 -86.05 -31.69 -27.97
CA ASP I 327 -86.73 -32.60 -27.04
C ASP I 327 -88.12 -32.98 -27.54
N ASN I 328 -88.75 -32.14 -28.37
CA ASN I 328 -90.00 -32.56 -28.98
C ASN I 328 -89.76 -33.56 -30.10
N TRP I 329 -88.74 -33.35 -30.93
CA TRP I 329 -88.48 -34.24 -32.06
C TRP I 329 -87.96 -35.60 -31.60
N VAL I 330 -87.16 -35.63 -30.55
CA VAL I 330 -86.47 -36.85 -30.13
C VAL I 330 -87.23 -37.59 -29.04
N LEU I 331 -87.57 -36.90 -27.95
CA LEU I 331 -88.14 -37.60 -26.80
C LEU I 331 -89.63 -37.86 -26.97
N ARG I 332 -90.41 -36.80 -27.14
CA ARG I 332 -91.87 -36.92 -27.20
C ARG I 332 -92.38 -37.23 -28.59
N ASP I 333 -91.48 -37.41 -29.57
CA ASP I 333 -91.78 -37.74 -30.97
C ASP I 333 -92.65 -36.71 -31.66
N GLU I 334 -92.68 -35.48 -31.15
CA GLU I 334 -93.40 -34.37 -31.79
C GLU I 334 -92.47 -33.78 -32.84
N ALA I 335 -92.52 -34.36 -34.03
CA ALA I 335 -91.69 -33.89 -35.13
C ALA I 335 -92.21 -32.54 -35.59
N PRO I 336 -91.38 -31.49 -35.59
CA PRO I 336 -91.86 -30.16 -36.00
C PRO I 336 -92.02 -30.03 -37.51
N ALA I 337 -92.28 -28.81 -37.96
CA ALA I 337 -92.33 -28.53 -39.39
C ALA I 337 -90.96 -28.73 -40.02
N VAL I 338 -90.97 -28.84 -41.36
CA VAL I 338 -89.75 -29.18 -42.11
C VAL I 338 -88.71 -28.07 -41.99
N GLU I 339 -89.18 -26.83 -41.89
CA GLU I 339 -88.28 -25.70 -41.67
C GLU I 339 -87.58 -25.78 -40.31
N GLN I 340 -88.33 -26.17 -39.27
CA GLN I 340 -87.73 -26.28 -37.95
C GLN I 340 -86.85 -27.52 -37.83
N GLN I 341 -87.17 -28.57 -38.59
CA GLN I 341 -86.27 -29.72 -38.68
C GLN I 341 -84.96 -29.33 -39.37
N HIS I 342 -85.06 -28.50 -40.41
CA HIS I 342 -83.86 -27.95 -41.06
C HIS I 342 -83.05 -27.12 -40.09
N TYR I 343 -83.72 -26.31 -39.26
CA TYR I 343 -83.03 -25.50 -38.26
C TYR I 343 -82.33 -26.36 -37.21
N VAL I 344 -82.98 -27.44 -36.77
CA VAL I 344 -82.40 -28.33 -35.77
C VAL I 344 -81.17 -29.06 -36.33
N ILE I 345 -81.28 -29.58 -37.56
CA ILE I 345 -80.13 -30.26 -38.15
C ILE I 345 -79.03 -29.26 -38.51
N ALA I 346 -79.39 -28.00 -38.81
CA ALA I 346 -78.38 -26.97 -39.00
C ALA I 346 -77.64 -26.64 -37.71
N ASN I 347 -78.34 -26.72 -36.57
CA ASN I 347 -77.66 -26.60 -35.29
C ASN I 347 -76.75 -27.80 -35.02
N LEU I 348 -77.18 -29.00 -35.41
CA LEU I 348 -76.35 -30.18 -35.22
C LEU I 348 -75.09 -30.13 -36.09
N ILE I 349 -75.21 -29.63 -37.31
CA ILE I 349 -74.04 -29.39 -38.15
C ILE I 349 -73.19 -28.28 -37.57
N ARG I 350 -73.82 -27.23 -37.02
CA ARG I 350 -73.11 -26.16 -36.35
C ARG I 350 -72.38 -26.65 -35.12
N GLY I 351 -73.01 -27.52 -34.36
CA GLY I 351 -72.42 -28.03 -33.13
C GLY I 351 -72.88 -27.24 -31.92
N GLY I 352 -72.13 -27.39 -30.84
CA GLY I 352 -72.44 -26.72 -29.61
C GLY I 352 -72.40 -27.67 -28.44
N VAL I 353 -72.38 -27.13 -27.23
CA VAL I 353 -72.34 -27.92 -26.01
C VAL I 353 -73.69 -27.78 -25.32
N PHE I 354 -74.42 -28.87 -25.23
CA PHE I 354 -75.77 -28.88 -24.68
C PHE I 354 -75.81 -29.82 -23.47
N GLY I 355 -77.01 -30.04 -22.96
CA GLY I 355 -77.20 -30.96 -21.85
C GLY I 355 -77.50 -30.29 -20.52
N GLU I 356 -78.64 -30.64 -19.93
CA GLU I 356 -78.99 -30.12 -18.62
C GLU I 356 -78.16 -30.80 -17.53
N ALA I 357 -78.14 -30.18 -16.36
CA ALA I 357 -77.36 -30.68 -15.24
C ALA I 357 -77.97 -31.94 -14.64
N MET J 1 -49.31 16.75 -12.39
CA MET J 1 -49.31 17.16 -10.99
C MET J 1 -48.15 18.10 -10.69
N ASN J 2 -47.20 17.61 -9.88
CA ASN J 2 -46.03 18.39 -9.51
C ASN J 2 -44.77 17.61 -9.86
N ALA J 3 -43.64 18.31 -9.84
CA ALA J 3 -42.37 17.71 -10.23
C ALA J 3 -41.88 16.72 -9.18
N ILE J 4 -41.18 15.70 -9.65
CA ILE J 4 -40.57 14.68 -8.79
C ILE J 4 -39.07 14.91 -8.84
N HIS J 5 -38.47 15.22 -7.69
CA HIS J 5 -37.06 15.56 -7.62
C HIS J 5 -36.28 14.38 -7.07
N ILE J 6 -35.46 13.78 -7.92
CA ILE J 6 -34.63 12.63 -7.56
C ILE J 6 -33.19 13.09 -7.72
N GLY J 7 -32.62 13.62 -6.64
CA GLY J 7 -31.28 14.17 -6.67
C GLY J 7 -31.19 15.39 -7.58
N PRO J 8 -30.32 15.33 -8.58
CA PRO J 8 -30.28 16.38 -9.60
C PRO J 8 -31.34 16.22 -10.68
N PHE J 9 -32.14 15.16 -10.62
CA PHE J 9 -33.14 14.86 -11.64
C PHE J 9 -34.46 15.51 -11.30
N SER J 10 -35.12 16.06 -12.31
CA SER J 10 -36.44 16.66 -12.15
C SER J 10 -37.38 16.06 -13.19
N ILE J 11 -38.44 15.41 -12.72
CA ILE J 11 -39.49 14.89 -13.57
C ILE J 11 -40.63 15.90 -13.50
N THR J 12 -40.73 16.73 -14.53
CA THR J 12 -41.76 17.76 -14.59
C THR J 12 -42.75 17.44 -15.70
N PRO J 13 -44.05 17.54 -15.43
CA PRO J 13 -45.05 17.30 -16.47
C PRO J 13 -45.31 18.53 -17.30
N ALA J 14 -45.80 18.30 -18.52
CA ALA J 14 -46.38 19.37 -19.30
C ALA J 14 -47.70 19.79 -18.67
N ALA J 15 -48.00 21.09 -18.73
CA ALA J 15 -49.25 21.57 -18.17
C ALA J 15 -50.45 21.14 -18.99
N ARG J 16 -50.26 20.90 -20.28
CA ARG J 16 -51.32 20.39 -21.13
C ARG J 16 -51.51 18.89 -20.91
N GLY J 17 -52.76 18.47 -20.95
CA GLY J 17 -53.08 17.05 -20.83
C GLY J 17 -53.74 16.50 -22.07
N LEU J 18 -53.23 15.38 -22.56
CA LEU J 18 -53.79 14.70 -23.73
C LEU J 18 -54.66 13.53 -23.28
N HIS J 19 -55.36 12.94 -24.25
CA HIS J 19 -56.32 11.88 -24.02
C HIS J 19 -56.01 10.67 -24.89
N TYR J 20 -54.76 10.19 -24.81
CA TYR J 20 -54.36 9.00 -25.56
C TYR J 20 -55.18 7.79 -25.14
N GLY J 21 -55.66 7.03 -26.12
CA GLY J 21 -56.69 6.05 -25.85
C GLY J 21 -57.97 6.76 -25.50
N GLY J 22 -58.56 6.37 -24.38
CA GLY J 22 -59.72 7.10 -23.86
C GLY J 22 -59.37 7.82 -22.58
N LEU J 23 -58.40 7.29 -21.85
CA LEU J 23 -57.96 7.81 -20.57
C LEU J 23 -57.13 9.08 -20.76
N PRO J 24 -57.21 10.02 -19.83
CA PRO J 24 -56.35 11.21 -19.90
C PRO J 24 -54.89 10.87 -19.65
N HIS J 25 -54.01 11.64 -20.30
CA HIS J 25 -52.57 11.41 -20.21
C HIS J 25 -51.87 12.77 -20.09
N HIS J 26 -50.63 12.71 -19.62
CA HIS J 26 -49.76 13.87 -19.51
C HIS J 26 -48.38 13.49 -20.02
N GLN J 27 -47.71 14.45 -20.67
CA GLN J 27 -46.37 14.22 -21.21
C GLN J 27 -45.36 14.57 -20.12
N TRP J 28 -44.80 13.57 -19.47
CA TRP J 28 -43.83 13.78 -18.41
C TRP J 28 -42.42 13.85 -18.97
N THR J 29 -41.65 14.81 -18.47
CA THR J 29 -40.33 15.14 -18.98
C THR J 29 -39.29 14.95 -17.89
N LEU J 30 -38.20 14.24 -18.21
CA LEU J 30 -37.13 14.00 -17.26
C LEU J 30 -35.93 14.86 -17.64
N TYR J 31 -35.52 15.74 -16.73
CA TYR J 31 -34.35 16.59 -16.92
C TYR J 31 -33.25 16.23 -15.93
N TYR J 32 -32.00 16.30 -16.40
CA TYR J 32 -30.82 16.40 -15.55
C TYR J 32 -30.32 17.83 -15.74
N GLY J 33 -30.85 18.73 -14.90
CA GLY J 33 -30.57 20.13 -15.03
C GLY J 33 -31.27 20.73 -16.24
N PRO J 34 -30.50 21.32 -17.16
CA PRO J 34 -31.09 21.86 -18.39
C PRO J 34 -31.28 20.86 -19.51
N ARG J 35 -30.66 19.68 -19.42
CA ARG J 35 -30.72 18.68 -20.48
C ARG J 35 -31.83 17.69 -20.18
N GLU J 36 -32.74 17.51 -21.14
CA GLU J 36 -33.74 16.47 -21.02
C GLU J 36 -33.20 15.16 -21.58
N MET J 37 -33.65 14.05 -21.00
CA MET J 37 -33.21 12.74 -21.43
C MET J 37 -34.33 11.83 -21.90
N ALA J 38 -35.53 11.95 -21.33
CA ALA J 38 -36.65 11.10 -21.70
C ALA J 38 -37.94 11.88 -21.54
N ILE J 39 -38.69 12.00 -22.63
CA ILE J 39 -40.03 12.56 -22.61
C ILE J 39 -40.98 11.40 -22.87
N LYS J 40 -41.86 11.13 -21.91
CA LYS J 40 -42.73 9.97 -21.99
C LYS J 40 -44.16 10.35 -21.62
N THR J 41 -45.12 9.77 -22.34
CA THR J 41 -46.53 10.02 -22.11
C THR J 41 -47.07 9.01 -21.11
N LEU J 42 -47.54 9.50 -19.97
CA LEU J 42 -47.96 8.65 -18.86
C LEU J 42 -49.37 9.04 -18.42
N PRO J 43 -50.14 8.09 -17.92
CA PRO J 43 -51.52 8.41 -17.50
C PRO J 43 -51.57 9.30 -16.28
N ASP J 44 -52.70 10.02 -16.15
CA ASP J 44 -52.94 10.84 -14.97
C ASP J 44 -53.32 9.98 -13.76
N SER J 45 -53.69 8.72 -13.98
CA SER J 45 -53.98 7.80 -12.89
C SER J 45 -52.72 7.21 -12.28
N TYR J 46 -51.56 7.47 -12.87
CA TYR J 46 -50.29 7.00 -12.32
C TYR J 46 -49.96 7.75 -11.04
N THR J 47 -49.48 7.02 -10.04
CA THR J 47 -48.96 7.62 -8.82
C THR J 47 -47.55 8.12 -9.07
N SER J 48 -46.98 8.80 -8.07
CA SER J 48 -45.61 9.32 -8.19
C SER J 48 -44.58 8.19 -8.24
N SER J 49 -44.86 7.08 -7.55
CA SER J 49 -43.97 5.93 -7.58
C SER J 49 -43.92 5.29 -8.97
N GLU J 50 -45.07 5.23 -9.66
CA GLU J 50 -45.09 4.65 -11.00
C GLU J 50 -44.40 5.56 -12.01
N VAL J 51 -44.56 6.88 -11.87
CA VAL J 51 -43.84 7.82 -12.73
C VAL J 51 -42.34 7.74 -12.47
N ARG J 52 -41.95 7.54 -11.21
CA ARG J 52 -40.54 7.32 -10.88
C ARG J 52 -40.01 6.03 -11.50
N ASP J 53 -40.79 4.95 -11.43
CA ASP J 53 -40.34 3.67 -11.94
C ASP J 53 -40.34 3.62 -13.46
N GLU J 54 -41.12 4.48 -14.13
CA GLU J 54 -41.05 4.56 -15.58
C GLU J 54 -39.70 5.10 -16.06
N PHE J 55 -39.16 6.11 -15.36
CA PHE J 55 -37.89 6.72 -15.74
C PHE J 55 -36.71 6.14 -14.97
N SER J 56 -36.95 5.18 -14.07
CA SER J 56 -35.87 4.60 -13.27
C SER J 56 -34.84 3.85 -14.12
N ASP J 57 -35.26 3.25 -15.23
CA ASP J 57 -34.32 2.54 -16.09
C ASP J 57 -33.35 3.51 -16.77
N ILE J 58 -33.87 4.63 -17.27
CA ILE J 58 -33.00 5.64 -17.89
C ILE J 58 -32.12 6.31 -16.83
N ILE J 59 -32.67 6.47 -15.61
CA ILE J 59 -31.90 7.04 -14.50
C ILE J 59 -30.72 6.13 -14.15
N ALA J 60 -30.97 4.82 -14.06
CA ALA J 60 -29.91 3.86 -13.75
C ALA J 60 -28.91 3.76 -14.88
N GLU J 61 -29.38 3.86 -16.14
CA GLU J 61 -28.48 3.84 -17.28
C GLU J 61 -27.56 5.06 -17.29
N PHE J 62 -28.10 6.24 -16.96
CA PHE J 62 -27.27 7.44 -16.86
C PHE J 62 -26.30 7.35 -15.70
N VAL J 63 -26.71 6.73 -14.59
CA VAL J 63 -25.82 6.54 -13.44
C VAL J 63 -24.67 5.61 -13.82
N ILE J 64 -24.98 4.52 -14.54
CA ILE J 64 -23.94 3.58 -14.98
C ILE J 64 -22.99 4.24 -15.98
N ASP J 65 -23.52 5.06 -16.89
CA ASP J 65 -22.69 5.77 -17.84
C ASP J 65 -21.82 6.81 -17.15
N ALA J 66 -22.32 7.43 -16.09
CA ALA J 66 -21.52 8.40 -15.34
C ALA J 66 -20.43 7.71 -14.52
N ARG J 67 -20.72 6.51 -14.00
CA ARG J 67 -19.71 5.73 -13.30
C ARG J 67 -18.62 5.26 -14.24
N HIS J 68 -18.99 4.83 -15.45
CA HIS J 68 -18.02 4.33 -16.41
C HIS J 68 -17.40 5.44 -17.24
N ARG J 69 -17.86 6.67 -17.09
CA ARG J 69 -17.32 7.81 -17.82
C ARG J 69 -16.33 8.62 -17.00
N TYR J 70 -16.53 8.71 -15.69
CA TYR J 70 -15.65 9.47 -14.81
C TYR J 70 -15.02 8.57 -13.74
N ALA J 71 -14.75 7.33 -14.10
CA ALA J 71 -14.07 6.41 -13.19
C ALA J 71 -12.62 6.85 -13.01
N PRO J 72 -12.08 6.75 -11.80
CA PRO J 72 -10.68 7.11 -11.59
C PRO J 72 -9.74 6.09 -12.22
N ASP J 73 -8.52 6.54 -12.50
CA ASP J 73 -7.52 5.67 -13.09
C ASP J 73 -7.04 4.64 -12.08
N VAL J 74 -6.50 3.54 -12.61
CA VAL J 74 -6.10 2.39 -11.81
C VAL J 74 -4.60 2.19 -11.97
N LEU J 75 -3.89 2.13 -10.86
CA LEU J 75 -2.48 1.78 -10.83
C LEU J 75 -2.33 0.32 -10.41
N GLU J 76 -1.55 -0.43 -11.18
CA GLU J 76 -1.30 -1.84 -10.93
C GLU J 76 0.13 -2.00 -10.45
N LEU J 77 0.30 -2.61 -9.28
CA LEU J 77 1.60 -3.04 -8.80
C LEU J 77 1.83 -4.46 -9.29
N VAL J 78 2.91 -4.65 -10.05
CA VAL J 78 3.26 -5.93 -10.64
C VAL J 78 4.66 -6.31 -10.16
N ASN J 79 4.99 -7.58 -10.37
CA ASN J 79 6.31 -8.10 -10.02
C ASN J 79 7.32 -7.76 -11.12
N SER J 80 8.50 -8.39 -11.06
CA SER J 80 9.53 -8.16 -12.06
C SER J 80 9.15 -8.68 -13.44
N ASP J 81 8.24 -9.66 -13.51
CA ASP J 81 7.77 -10.15 -14.80
C ASP J 81 6.87 -9.13 -15.48
N GLY J 82 6.08 -8.39 -14.70
CA GLY J 82 5.21 -7.37 -15.25
C GLY J 82 3.90 -7.89 -15.80
N ASP J 83 3.52 -9.12 -15.47
CA ASP J 83 2.29 -9.71 -15.98
C ASP J 83 1.30 -10.05 -14.88
N ALA J 84 1.76 -10.67 -13.79
CA ALA J 84 0.90 -10.98 -12.66
C ALA J 84 0.67 -9.70 -11.87
N VAL J 85 -0.56 -9.19 -11.91
CA VAL J 85 -0.90 -7.96 -11.20
C VAL J 85 -1.02 -8.29 -9.72
N LEU J 86 -0.03 -7.86 -8.93
CA LEU J 86 -0.03 -8.17 -7.50
C LEU J 86 -1.06 -7.32 -6.76
N ALA J 87 -1.16 -6.03 -7.11
CA ALA J 87 -2.08 -5.14 -6.40
C ALA J 87 -2.70 -4.17 -7.39
N ARG J 88 -3.88 -3.66 -7.03
CA ARG J 88 -4.59 -2.67 -7.83
C ARG J 88 -5.14 -1.60 -6.92
N VAL J 89 -4.90 -0.33 -7.26
CA VAL J 89 -5.36 0.80 -6.47
C VAL J 89 -5.95 1.85 -7.39
N ALA J 90 -7.17 2.30 -7.08
CA ALA J 90 -7.82 3.37 -7.83
C ALA J 90 -7.35 4.71 -7.27
N VAL J 91 -6.70 5.50 -8.11
CA VAL J 91 -6.08 6.74 -7.67
C VAL J 91 -6.83 7.93 -8.25
N SER J 92 -6.89 9.01 -7.46
CA SER J 92 -7.49 10.24 -7.95
C SER J 92 -6.57 10.93 -8.95
N ARG J 93 -5.26 10.87 -8.73
CA ARG J 93 -4.28 11.37 -9.67
C ARG J 93 -3.05 10.47 -9.64
N LEU J 94 -2.34 10.45 -10.75
CA LEU J 94 -1.15 9.62 -10.92
C LEU J 94 0.07 10.30 -10.30
N PRO J 95 1.11 9.54 -9.95
CA PRO J 95 2.35 10.17 -9.51
C PRO J 95 3.02 10.95 -10.62
N GLU J 96 3.69 12.05 -10.24
CA GLU J 96 4.38 12.89 -11.21
C GLU J 96 5.64 12.26 -11.75
N ALA J 97 6.16 11.22 -11.09
CA ALA J 97 7.35 10.51 -11.55
C ALA J 97 7.03 9.45 -12.59
N LEU J 98 5.78 9.37 -13.05
CA LEU J 98 5.39 8.36 -14.03
C LEU J 98 5.94 8.70 -15.40
N SER J 99 6.54 7.71 -16.05
CA SER J 99 6.97 7.80 -17.42
C SER J 99 6.73 6.45 -18.06
N GLY J 100 6.90 6.38 -19.39
CA GLY J 100 6.68 5.16 -20.15
C GLY J 100 7.57 4.01 -19.70
N CYS J 101 6.95 2.93 -19.23
CA CYS J 101 7.65 1.96 -18.41
C CYS J 101 7.26 0.53 -18.77
N ILE J 102 8.27 -0.33 -18.90
CA ILE J 102 8.10 -1.77 -18.96
C ILE J 102 8.92 -2.36 -17.83
N PRO J 103 8.36 -3.26 -17.02
CA PRO J 103 9.14 -3.86 -15.93
C PRO J 103 10.28 -4.75 -16.41
N ASP J 104 11.33 -4.81 -15.60
CA ASP J 104 12.51 -5.63 -15.86
C ASP J 104 12.82 -6.47 -14.64
N ASP J 105 13.96 -7.16 -14.65
CA ASP J 105 14.45 -7.85 -13.47
C ASP J 105 15.37 -6.99 -12.63
N ARG J 106 15.57 -5.73 -13.01
CA ARG J 106 16.43 -4.83 -12.26
C ARG J 106 15.80 -4.42 -10.93
N PHE J 107 14.47 -4.39 -10.87
CA PHE J 107 13.74 -4.04 -9.67
C PHE J 107 12.63 -5.07 -9.45
N PRO J 108 12.38 -5.46 -8.20
CA PRO J 108 11.43 -6.56 -7.96
C PRO J 108 9.96 -6.17 -8.14
N TYR J 109 9.63 -4.93 -7.83
CA TYR J 109 8.24 -4.46 -7.91
C TYR J 109 8.18 -3.21 -8.76
N TRP J 110 7.14 -3.13 -9.59
CA TRP J 110 6.98 -2.01 -10.51
C TRP J 110 5.54 -1.51 -10.43
N LEU J 111 5.36 -0.22 -10.62
CA LEU J 111 4.03 0.39 -10.63
C LEU J 111 3.71 0.89 -12.04
N LEU J 112 2.53 0.53 -12.54
CA LEU J 112 2.15 0.84 -13.91
C LEU J 112 0.73 1.38 -13.94
N THR J 113 0.39 2.07 -15.02
CA THR J 113 -0.97 2.50 -15.26
C THR J 113 -1.77 1.39 -15.93
N ALA J 114 -3.09 1.49 -15.85
CA ALA J 114 -3.97 0.54 -16.52
C ALA J 114 -4.21 0.89 -17.98
N SER J 115 -3.72 2.04 -18.44
CA SER J 115 -3.86 2.42 -19.85
C SER J 115 -2.95 1.57 -20.72
N ARG J 116 -3.20 1.62 -22.04
CA ARG J 116 -2.48 0.73 -22.94
C ARG J 116 -1.02 1.13 -23.15
N PRO J 117 -0.65 2.43 -23.34
CA PRO J 117 0.76 2.79 -23.15
C PRO J 117 1.06 3.02 -21.68
N ARG J 118 1.39 1.94 -20.96
CA ARG J 118 1.48 1.99 -19.50
C ARG J 118 2.60 2.90 -19.03
N LEU J 119 2.28 3.76 -18.07
CA LEU J 119 3.22 4.65 -17.43
C LEU J 119 3.47 4.16 -16.01
N GLY J 120 4.74 4.09 -15.61
CA GLY J 120 5.02 3.58 -14.29
C GLY J 120 6.42 3.93 -13.84
N LEU J 121 6.75 3.44 -12.65
CA LEU J 121 8.05 3.67 -12.03
C LEU J 121 8.46 2.43 -11.26
N PRO J 122 9.77 2.17 -11.13
CA PRO J 122 10.23 1.14 -10.18
C PRO J 122 9.95 1.61 -8.75
N VAL J 123 9.18 0.82 -8.03
CA VAL J 123 8.72 1.20 -6.70
C VAL J 123 9.10 0.11 -5.71
N THR J 124 9.29 0.51 -4.46
CA THR J 124 9.36 -0.43 -3.36
C THR J 124 8.01 -0.44 -2.65
N LEU J 125 7.85 -1.38 -1.73
CA LEU J 125 6.56 -1.53 -1.04
C LEU J 125 6.30 -0.37 -0.10
N ASN J 126 7.34 0.22 0.49
CA ASN J 126 7.15 1.42 1.30
C ASN J 126 6.80 2.62 0.45
N GLU J 127 7.46 2.79 -0.69
CA GLU J 127 7.16 3.91 -1.58
C GLU J 127 5.80 3.73 -2.25
N TYR J 128 5.42 2.50 -2.58
CA TYR J 128 4.09 2.24 -3.11
C TYR J 128 3.02 2.47 -2.05
N THR J 129 3.33 2.13 -0.79
CA THR J 129 2.41 2.44 0.31
C THR J 129 2.24 3.95 0.47
N ALA J 130 3.33 4.71 0.36
CA ALA J 130 3.25 6.17 0.46
C ALA J 130 2.46 6.77 -0.70
N LEU J 131 2.69 6.29 -1.91
CA LEU J 131 1.96 6.78 -3.08
C LEU J 131 0.47 6.42 -3.00
N ALA J 132 0.15 5.22 -2.51
CA ALA J 132 -1.24 4.82 -2.36
C ALA J 132 -1.92 5.61 -1.25
N VAL J 133 -1.19 5.96 -0.20
CA VAL J 133 -1.76 6.80 0.86
C VAL J 133 -2.02 8.20 0.33
N GLU J 134 -1.08 8.73 -0.45
CA GLU J 134 -1.19 10.12 -0.91
C GLU J 134 -2.26 10.29 -1.99
N LEU J 135 -2.35 9.35 -2.93
CA LEU J 135 -3.04 9.63 -4.20
C LEU J 135 -4.29 8.81 -4.44
N SER J 136 -4.75 8.00 -3.48
CA SER J 136 -5.88 7.10 -3.75
C SER J 136 -7.19 7.85 -3.90
N ALA J 137 -8.00 7.40 -4.84
CA ALA J 137 -9.31 7.96 -5.06
C ALA J 137 -10.29 7.49 -3.99
N PRO J 138 -11.24 8.35 -3.61
CA PRO J 138 -12.36 7.90 -2.77
C PRO J 138 -13.31 7.03 -3.58
N PRO J 139 -14.18 6.24 -2.92
CA PRO J 139 -15.07 5.33 -3.68
C PRO J 139 -16.05 6.01 -4.61
N LEU J 140 -16.75 7.05 -4.16
CA LEU J 140 -17.70 7.77 -5.01
C LEU J 140 -17.04 8.96 -5.71
N ALA J 141 -15.90 8.72 -6.36
CA ALA J 141 -15.15 9.79 -7.00
C ALA J 141 -15.78 10.26 -8.30
N TRP J 142 -16.57 9.41 -8.95
CA TRP J 142 -17.14 9.73 -10.27
C TRP J 142 -18.11 10.90 -10.24
N ILE J 143 -18.68 11.20 -9.07
CA ILE J 143 -19.57 12.35 -8.94
C ILE J 143 -18.79 13.66 -9.11
N THR J 144 -17.46 13.65 -8.89
CA THR J 144 -16.65 14.82 -9.20
C THR J 144 -16.60 15.10 -10.70
N GLY J 145 -16.86 14.10 -11.53
CA GLY J 145 -17.03 14.36 -12.96
C GLY J 145 -18.37 14.99 -13.29
N LEU J 146 -19.33 14.92 -12.38
CA LEU J 146 -20.65 15.52 -12.57
C LEU J 146 -20.78 16.85 -11.84
N LEU J 147 -19.67 17.38 -11.33
CA LEU J 147 -19.60 18.67 -10.68
C LEU J 147 -18.64 19.57 -11.45
N PRO J 148 -18.87 20.89 -11.44
CA PRO J 148 -17.93 21.79 -12.12
C PRO J 148 -16.60 21.86 -11.39
N GLY J 149 -15.57 22.29 -12.13
CA GLY J 149 -14.24 22.34 -11.56
C GLY J 149 -14.06 23.45 -10.53
N GLU J 150 -14.86 24.51 -10.61
CA GLU J 150 -14.69 25.65 -9.73
C GLU J 150 -15.25 25.42 -8.34
N VAL J 151 -15.98 24.33 -8.11
CA VAL J 151 -16.45 23.99 -6.76
C VAL J 151 -15.61 22.91 -6.12
N LEU J 152 -14.61 22.37 -6.83
CA LEU J 152 -13.71 21.37 -6.27
C LEU J 152 -12.30 21.87 -6.07
N THR J 153 -11.98 23.08 -6.53
CA THR J 153 -10.64 23.63 -6.42
C THR J 153 -10.33 24.01 -4.98
N HIS J 154 -9.06 23.86 -4.60
CA HIS J 154 -8.61 24.08 -3.24
C HIS J 154 -8.13 25.51 -2.96
N ASP J 155 -8.05 26.37 -3.98
CA ASP J 155 -7.65 27.75 -3.75
C ASP J 155 -8.88 28.61 -3.50
N ALA J 156 -8.73 29.62 -2.64
CA ALA J 156 -9.86 30.40 -2.17
C ALA J 156 -10.41 31.31 -3.26
N GLU J 157 -9.52 31.97 -4.01
CA GLU J 157 -9.96 33.01 -4.95
C GLU J 157 -10.60 32.43 -6.20
N GLU J 158 -10.27 31.21 -6.58
CA GLU J 158 -10.82 30.58 -7.78
C GLU J 158 -11.95 29.61 -7.44
N TRP J 159 -12.62 29.81 -6.31
CA TRP J 159 -13.66 28.91 -5.83
C TRP J 159 -15.00 29.62 -5.80
N ARG J 160 -16.01 29.00 -6.40
CA ARG J 160 -17.38 29.46 -6.34
C ARG J 160 -18.19 28.49 -5.47
N PRO J 161 -19.03 28.97 -4.56
CA PRO J 161 -19.90 28.08 -3.79
C PRO J 161 -20.88 27.37 -4.70
N PRO J 162 -21.18 26.10 -4.42
CA PRO J 162 -22.08 25.34 -5.30
C PRO J 162 -23.52 25.81 -5.20
N THR J 163 -24.26 25.58 -6.29
CA THR J 163 -25.68 25.91 -6.34
C THR J 163 -26.49 24.82 -5.65
N SER J 164 -27.82 24.96 -5.71
CA SER J 164 -28.69 23.92 -5.16
C SER J 164 -28.66 22.66 -5.99
N TRP J 165 -28.40 22.78 -7.29
CA TRP J 165 -28.30 21.62 -8.18
C TRP J 165 -27.06 20.79 -7.86
N GLU J 166 -25.90 21.45 -7.75
CA GLU J 166 -24.66 20.76 -7.44
C GLU J 166 -24.62 20.26 -6.01
N LEU J 167 -25.35 20.92 -5.11
CA LEU J 167 -25.53 20.39 -3.76
C LEU J 167 -26.42 19.15 -3.78
N ARG J 168 -27.50 19.19 -4.57
CA ARG J 168 -28.42 18.06 -4.69
C ARG J 168 -27.82 16.89 -5.45
N HIS J 169 -26.67 17.09 -6.11
CA HIS J 169 -25.92 15.95 -6.65
C HIS J 169 -25.52 14.97 -5.55
N VAL J 170 -25.16 15.46 -4.37
CA VAL J 170 -24.49 14.65 -3.37
C VAL J 170 -25.23 14.56 -2.04
N VAL J 171 -26.23 15.40 -1.79
CA VAL J 171 -26.75 15.57 -0.43
C VAL J 171 -28.06 14.81 -0.20
N GLY J 172 -29.11 15.10 -0.99
CA GLY J 172 -30.44 14.72 -0.58
C GLY J 172 -31.21 14.03 -1.68
N GLU J 173 -32.31 13.39 -1.25
CA GLU J 173 -33.30 12.67 -2.07
C GLU J 173 -32.58 11.55 -2.82
N GLY J 174 -32.69 11.47 -4.15
CA GLY J 174 -31.99 10.44 -4.90
C GLY J 174 -30.63 10.91 -5.37
N SER J 175 -29.82 11.42 -4.44
CA SER J 175 -28.48 11.86 -4.77
C SER J 175 -27.58 10.68 -5.06
N PHE J 176 -26.48 10.95 -5.77
CA PHE J 176 -25.58 9.88 -6.19
C PHE J 176 -24.76 9.31 -5.05
N THR J 177 -24.60 10.06 -3.95
CA THR J 177 -23.97 9.49 -2.76
C THR J 177 -24.88 8.50 -2.05
N GLY J 178 -26.19 8.68 -2.18
CA GLY J 178 -27.15 7.83 -1.51
C GLY J 178 -27.55 8.25 -0.12
N VAL J 179 -26.94 9.32 0.41
CA VAL J 179 -27.27 9.80 1.74
C VAL J 179 -28.46 10.75 1.66
N SER J 180 -29.04 11.06 2.81
CA SER J 180 -30.13 12.02 2.90
C SER J 180 -29.61 13.35 3.42
N GLY J 181 -30.51 14.31 3.58
CA GLY J 181 -30.13 15.60 4.13
C GLY J 181 -29.73 15.54 5.59
N ALA J 182 -30.41 14.69 6.36
CA ALA J 182 -30.11 14.55 7.78
C ALA J 182 -28.74 13.92 8.02
N ALA J 183 -28.39 12.91 7.23
CA ALA J 183 -27.08 12.26 7.37
C ALA J 183 -25.96 13.20 6.96
N ALA J 184 -26.13 13.93 5.86
CA ALA J 184 -25.11 14.88 5.41
C ALA J 184 -25.02 16.09 6.33
N ALA J 185 -26.10 16.43 7.02
CA ALA J 185 -26.03 17.45 8.06
C ALA J 185 -25.33 16.93 9.31
N ALA J 186 -25.49 15.64 9.60
CA ALA J 186 -24.80 15.04 10.73
C ALA J 186 -23.31 14.92 10.47
N LEU J 187 -22.90 14.71 9.22
CA LEU J 187 -21.48 14.65 8.90
C LEU J 187 -20.83 16.03 9.02
N LEU J 188 -21.58 17.09 8.71
CA LEU J 188 -21.05 18.45 8.78
C LEU J 188 -21.23 19.10 10.13
N GLY J 189 -21.96 18.47 11.05
CA GLY J 189 -22.13 19.02 12.38
C GLY J 189 -23.11 20.16 12.51
N MET J 190 -23.90 20.43 11.47
CA MET J 190 -24.88 21.50 11.50
C MET J 190 -26.27 20.93 11.72
N SER J 191 -27.22 21.81 12.02
CA SER J 191 -28.59 21.38 12.23
C SER J 191 -29.24 21.03 10.90
N ALA J 192 -30.22 20.14 10.94
CA ALA J 192 -30.92 19.78 9.72
C ALA J 192 -31.54 21.03 9.10
N THR J 193 -32.12 21.88 9.93
CA THR J 193 -32.73 23.10 9.43
C THR J 193 -31.70 23.99 8.76
N ASN J 194 -30.58 24.22 9.45
CA ASN J 194 -29.54 25.07 8.89
C ASN J 194 -28.94 24.41 7.67
N PHE J 195 -28.67 23.12 7.77
CA PHE J 195 -28.13 22.39 6.63
C PHE J 195 -29.11 22.48 5.49
N ARG J 196 -30.40 22.34 5.81
CA ARG J 196 -31.42 22.47 4.78
C ARG J 196 -31.43 23.89 4.25
N LYS J 197 -31.11 24.85 5.12
CA LYS J 197 -31.06 26.24 4.69
C LYS J 197 -30.05 26.36 3.57
N TYR J 198 -28.91 25.70 3.72
CA TYR J 198 -27.91 25.69 2.65
C TYR J 198 -28.46 25.01 1.42
N THR J 199 -29.02 23.83 1.61
CA THR J 199 -29.56 23.06 0.48
C THR J 199 -30.65 23.85 -0.21
N ALA J 200 -31.47 24.54 0.57
CA ALA J 200 -32.55 25.32 0.00
C ALA J 200 -32.01 26.34 -0.99
N GLY J 201 -32.74 26.57 -2.07
CA GLY J 201 -32.32 27.54 -3.06
C GLY J 201 -33.37 28.62 -3.23
N ASP J 202 -33.91 28.74 -4.44
CA ASP J 202 -34.95 29.73 -4.69
C ASP J 202 -34.50 31.10 -4.21
N SER J 203 -35.38 31.77 -3.47
CA SER J 203 -35.04 33.09 -2.95
C SER J 203 -33.90 32.99 -1.97
N ALA J 204 -33.05 34.01 -1.92
CA ALA J 204 -31.95 34.02 -0.96
C ALA J 204 -32.50 33.92 0.45
N ALA J 205 -33.75 34.30 0.63
CA ALA J 205 -34.37 34.19 1.94
C ALA J 205 -34.20 32.76 2.44
N ASN J 206 -33.74 32.62 3.67
CA ASN J 206 -33.50 31.29 4.23
C ASN J 206 -32.71 30.45 3.24
N ARG J 207 -31.85 31.10 2.45
CA ARG J 207 -31.00 30.37 1.51
C ARG J 207 -29.63 31.03 1.53
N GLN J 208 -28.65 30.27 1.99
CA GLN J 208 -27.31 30.80 2.08
C GLN J 208 -26.32 29.89 1.40
N LYS J 209 -25.19 30.44 0.99
CA LYS J 209 -24.17 29.67 0.30
C LYS J 209 -23.29 28.97 1.33
N ILE J 210 -22.97 27.70 1.04
CA ILE J 210 -22.10 26.94 1.94
C ILE J 210 -20.66 27.46 1.82
N SER J 211 -19.93 27.37 2.92
CA SER J 211 -18.57 27.92 2.98
C SER J 211 -17.59 26.97 2.28
N PHE J 212 -16.34 27.42 2.21
CA PHE J 212 -15.28 26.62 1.58
C PHE J 212 -14.99 25.37 2.39
N ALA J 213 -14.76 25.54 3.70
CA ALA J 213 -14.34 24.43 4.54
C ALA J 213 -15.48 23.42 4.76
N ALA J 214 -16.71 23.92 4.85
CA ALA J 214 -17.85 23.01 5.03
C ALA J 214 -18.11 22.18 3.79
N TRP J 215 -18.04 22.80 2.60
CA TRP J 215 -18.24 22.07 1.36
C TRP J 215 -17.13 21.06 1.12
N HIS J 216 -15.88 21.46 1.40
CA HIS J 216 -14.75 20.55 1.20
C HIS J 216 -14.74 19.42 2.22
N TYR J 217 -15.11 19.69 3.48
CA TYR J 217 -15.23 18.62 4.46
C TYR J 217 -16.41 17.71 4.17
N LEU J 218 -17.48 18.26 3.58
CA LEU J 218 -18.62 17.42 3.18
C LEU J 218 -18.23 16.47 2.07
N LEU J 219 -17.46 16.96 1.09
CA LEU J 219 -16.99 16.08 0.02
C LEU J 219 -15.95 15.09 0.52
N ASP J 220 -15.19 15.48 1.56
CA ASP J 220 -14.27 14.53 2.19
C ASP J 220 -15.01 13.44 2.96
N ARG J 221 -16.07 13.81 3.68
CA ARG J 221 -16.79 12.83 4.49
C ARG J 221 -17.65 11.90 3.64
N LEU J 222 -18.22 12.43 2.55
CA LEU J 222 -19.08 11.63 1.69
C LEU J 222 -18.31 10.66 0.80
N GLY J 223 -16.99 10.74 0.79
CA GLY J 223 -16.21 9.89 -0.09
C GLY J 223 -16.29 10.27 -1.55
N VAL J 224 -16.35 11.57 -1.84
CA VAL J 224 -16.44 12.05 -3.21
C VAL J 224 -15.12 12.64 -3.69
N LYS J 225 -14.44 13.41 -2.84
CA LYS J 225 -13.15 14.00 -3.23
C LYS J 225 -12.33 14.20 -1.97
N ARG J 226 -11.00 14.09 -2.14
CA ARG J 226 -9.99 14.33 -1.10
C ARG J 226 -10.11 13.34 0.07
N ALA J 227 -10.64 12.16 -0.19
CA ALA J 227 -10.83 11.14 0.85
C ALA J 227 -9.95 9.94 0.51
N SER J 228 -8.74 9.94 1.02
CA SER J 228 -7.87 8.78 0.91
C SER J 228 -8.31 7.74 1.93
N MET K 1 9.40 41.96 31.14
CA MET K 1 8.89 43.07 30.35
C MET K 1 7.41 42.75 30.07
N ASN K 2 7.15 41.71 29.27
CA ASN K 2 5.84 41.09 29.13
C ASN K 2 6.02 39.68 28.58
N ALA K 3 4.92 38.92 28.59
CA ALA K 3 4.96 37.53 28.16
C ALA K 3 5.13 37.43 26.64
N ILE K 4 5.92 36.46 26.21
CA ILE K 4 6.17 36.20 24.80
C ILE K 4 5.40 34.94 24.42
N HIS K 5 4.50 35.06 23.45
CA HIS K 5 3.67 33.93 23.02
C HIS K 5 4.38 33.22 21.87
N ILE K 6 5.02 32.10 22.18
CA ILE K 6 5.68 31.28 21.17
C ILE K 6 5.05 29.89 21.20
N GLY K 7 4.37 29.53 20.11
CA GLY K 7 3.56 28.33 20.05
C GLY K 7 2.43 28.39 21.07
N PRO K 8 2.14 27.26 21.71
CA PRO K 8 1.26 27.29 22.90
C PRO K 8 1.97 27.80 24.15
N PHE K 9 3.28 28.02 24.08
CA PHE K 9 4.07 28.44 25.23
C PHE K 9 3.94 29.94 25.45
N SER K 10 3.91 30.33 26.72
CA SER K 10 3.97 31.73 27.11
C SER K 10 5.17 31.93 28.03
N ILE K 11 6.08 32.80 27.64
CA ILE K 11 7.22 33.18 28.47
C ILE K 11 6.78 34.38 29.29
N THR K 12 6.35 34.12 30.52
CA THR K 12 5.83 35.16 31.40
C THR K 12 6.89 35.57 32.40
N PRO K 13 7.37 36.81 32.35
CA PRO K 13 8.29 37.29 33.39
C PRO K 13 7.54 37.64 34.67
N ALA K 14 8.29 37.73 35.76
CA ALA K 14 7.73 38.16 37.03
C ALA K 14 7.61 39.68 37.06
N ALA K 15 6.58 40.15 37.77
CA ALA K 15 6.40 41.59 37.93
C ALA K 15 7.49 42.21 38.80
N ARG K 16 7.93 41.48 39.81
CA ARG K 16 8.97 42.00 40.69
C ARG K 16 10.31 41.95 39.98
N GLY K 17 11.23 42.83 40.36
CA GLY K 17 12.54 42.87 39.74
C GLY K 17 13.67 42.81 40.73
N LEU K 18 14.78 42.20 40.34
CA LEU K 18 15.93 42.09 41.23
C LEU K 18 17.18 42.61 40.54
N HIS K 19 18.26 42.74 41.30
CA HIS K 19 19.51 43.21 40.71
C HIS K 19 20.65 42.28 41.08
N TYR K 20 20.68 41.10 40.48
CA TYR K 20 21.79 40.18 40.74
C TYR K 20 23.07 40.87 40.31
N GLY K 21 24.11 40.75 41.13
CA GLY K 21 25.35 41.44 40.83
C GLY K 21 25.04 42.92 40.71
N GLY K 22 25.48 43.55 39.63
CA GLY K 22 25.18 44.95 39.42
C GLY K 22 24.19 45.15 38.30
N LEU K 23 23.54 44.08 37.88
CA LEU K 23 22.60 44.16 36.77
C LEU K 23 21.20 43.77 37.19
N PRO K 24 20.19 44.39 36.58
CA PRO K 24 18.80 44.03 36.88
C PRO K 24 18.43 42.70 36.24
N HIS K 25 17.50 41.96 36.85
CA HIS K 25 17.08 40.68 36.30
C HIS K 25 15.60 40.47 36.50
N HIS K 26 15.06 39.41 35.89
CA HIS K 26 13.63 39.11 36.04
C HIS K 26 13.37 37.61 35.96
N GLN K 27 12.48 37.12 36.82
CA GLN K 27 12.15 35.69 36.80
C GLN K 27 11.24 35.41 35.61
N TRP K 28 11.81 34.87 34.55
CA TRP K 28 11.03 34.46 33.38
C TRP K 28 10.64 32.99 33.51
N THR K 29 9.36 32.69 33.26
CA THR K 29 8.82 31.34 33.41
C THR K 29 8.19 30.89 32.11
N LEU K 30 8.49 29.66 31.69
CA LEU K 30 7.91 29.09 30.48
C LEU K 30 6.68 28.29 30.85
N TYR K 31 5.52 28.68 30.33
CA TYR K 31 4.26 28.01 30.59
C TYR K 31 3.83 27.24 29.34
N TYR K 32 3.65 25.93 29.47
CA TYR K 32 2.91 25.14 28.51
C TYR K 32 1.51 24.97 29.10
N GLY K 33 0.56 25.71 28.56
CA GLY K 33 -0.79 25.66 29.11
C GLY K 33 -0.79 26.28 30.48
N PRO K 34 -1.56 25.71 31.40
CA PRO K 34 -1.59 26.22 32.77
C PRO K 34 -0.44 25.63 33.56
N ARG K 35 0.44 24.90 32.89
CA ARG K 35 1.55 24.25 33.57
C ARG K 35 2.86 24.93 33.27
N GLU K 36 3.62 25.27 34.31
CA GLU K 36 4.93 25.86 34.10
C GLU K 36 5.91 24.81 33.60
N MET K 37 7.04 25.25 33.07
CA MET K 37 8.04 24.33 32.57
C MET K 37 9.39 24.64 33.17
N ALA K 38 10.32 25.14 32.37
CA ALA K 38 11.62 25.53 32.89
C ALA K 38 11.64 27.02 33.17
N ILE K 39 12.19 27.39 34.32
CA ILE K 39 12.18 28.80 34.71
C ILE K 39 13.60 29.31 34.89
N LYS K 40 13.92 30.43 34.24
CA LYS K 40 15.26 30.99 34.37
C LYS K 40 15.24 32.51 34.59
N THR K 41 16.12 32.99 35.46
CA THR K 41 16.22 34.43 35.70
C THR K 41 16.95 35.10 34.56
N LEU K 42 16.27 35.97 33.84
CA LEU K 42 16.91 36.70 32.75
C LEU K 42 17.18 38.14 33.15
N PRO K 43 18.40 38.62 32.87
CA PRO K 43 18.73 40.02 33.17
C PRO K 43 17.80 40.93 32.40
N ASP K 44 17.44 42.06 33.00
CA ASP K 44 16.51 42.98 32.35
C ASP K 44 17.02 43.40 30.99
N SER K 45 18.34 43.56 30.86
CA SER K 45 18.92 44.00 29.60
C SER K 45 18.64 43.04 28.45
N TYR K 46 18.40 41.78 28.78
CA TYR K 46 18.12 40.78 27.75
C TYR K 46 16.98 41.19 26.84
N THR K 47 17.15 41.00 25.54
CA THR K 47 16.09 41.34 24.60
C THR K 47 15.01 40.27 24.60
N SER K 48 13.83 40.61 24.09
CA SER K 48 12.75 39.65 24.01
C SER K 48 13.22 38.46 23.20
N SER K 49 13.94 38.73 22.12
CA SER K 49 14.46 37.66 21.29
C SER K 49 15.39 36.78 22.11
N GLU K 50 16.24 37.42 22.90
CA GLU K 50 17.16 36.66 23.74
C GLU K 50 16.36 35.75 24.66
N VAL K 51 15.32 36.30 25.26
CA VAL K 51 14.48 35.51 26.13
C VAL K 51 13.96 34.30 25.39
N ARG K 52 13.39 34.53 24.22
CA ARG K 52 12.80 33.44 23.47
C ARG K 52 13.84 32.38 23.12
N ASP K 53 14.95 32.79 22.53
CA ASP K 53 15.96 31.83 22.11
C ASP K 53 16.55 31.15 23.33
N GLU K 54 16.59 31.86 24.45
CA GLU K 54 17.13 31.29 25.67
C GLU K 54 16.27 30.10 26.08
N PHE K 55 14.95 30.28 26.05
CA PHE K 55 14.04 29.20 26.42
C PHE K 55 13.77 28.26 25.26
N SER K 56 14.30 28.59 24.08
CA SER K 56 14.06 27.78 22.91
C SER K 56 14.45 26.34 23.16
N ASP K 57 15.49 26.13 23.95
CA ASP K 57 15.93 24.77 24.25
C ASP K 57 14.82 23.98 24.90
N ILE K 58 14.22 24.54 25.95
CA ILE K 58 13.13 23.86 26.63
C ILE K 58 11.99 23.69 25.65
N ILE K 59 11.74 24.70 24.85
CA ILE K 59 10.67 24.64 23.87
C ILE K 59 10.89 23.45 22.94
N ALA K 60 12.07 23.37 22.36
CA ALA K 60 12.37 22.28 21.43
C ALA K 60 12.24 20.95 22.13
N GLU K 61 12.73 20.89 23.37
CA GLU K 61 12.67 19.64 24.11
C GLU K 61 11.23 19.17 24.23
N PHE K 62 10.33 20.07 24.60
CA PHE K 62 8.94 19.71 24.76
C PHE K 62 8.38 19.19 23.45
N VAL K 63 8.66 19.88 22.36
CA VAL K 63 8.13 19.48 21.08
C VAL K 63 8.59 18.06 20.77
N ILE K 64 9.87 17.79 20.96
CA ILE K 64 10.40 16.47 20.70
C ILE K 64 9.72 15.45 21.58
N ASP K 65 9.59 15.78 22.87
CA ASP K 65 8.96 14.87 23.80
C ASP K 65 7.57 14.53 23.30
N ALA K 66 6.80 15.55 22.94
CA ALA K 66 5.44 15.32 22.49
C ALA K 66 5.41 14.41 21.28
N ARG K 67 6.27 14.66 20.31
CA ARG K 67 6.30 13.84 19.12
C ARG K 67 6.49 12.38 19.51
N HIS K 68 7.47 12.12 20.37
CA HIS K 68 7.72 10.77 20.82
C HIS K 68 6.55 10.23 21.62
N ARG K 69 5.98 11.08 22.48
CA ARG K 69 4.88 10.64 23.32
C ARG K 69 3.70 10.16 22.49
N TYR K 70 3.50 10.74 21.33
CA TYR K 70 2.33 10.38 20.53
C TYR K 70 2.69 9.84 19.15
N ALA K 71 3.88 9.25 19.04
CA ALA K 71 4.26 8.64 17.77
C ALA K 71 3.23 7.57 17.42
N PRO K 72 2.72 7.58 16.18
CA PRO K 72 1.70 6.61 15.78
C PRO K 72 2.23 5.19 15.69
N ASP K 73 1.35 4.20 15.79
CA ASP K 73 1.77 2.81 15.72
C ASP K 73 2.22 2.46 14.30
N VAL K 74 3.00 1.38 14.17
CA VAL K 74 3.50 0.99 12.86
C VAL K 74 3.30 -0.49 12.56
N LEU K 75 2.55 -0.78 11.50
CA LEU K 75 2.35 -2.17 11.09
C LEU K 75 3.35 -2.54 10.01
N GLU K 76 3.86 -3.77 10.12
CA GLU K 76 4.85 -4.32 9.21
C GLU K 76 4.19 -5.34 8.30
N LEU K 77 4.38 -5.18 7.01
CA LEU K 77 4.04 -6.20 6.01
C LEU K 77 5.26 -7.08 5.82
N VAL K 78 5.13 -8.34 6.25
CA VAL K 78 6.23 -9.29 6.27
C VAL K 78 5.83 -10.50 5.42
N ASN K 79 6.80 -11.36 5.15
CA ASN K 79 6.61 -12.52 4.29
C ASN K 79 6.07 -13.68 5.12
N SER K 80 6.06 -14.89 4.52
CA SER K 80 5.53 -16.07 5.19
C SER K 80 6.37 -16.47 6.39
N ASP K 81 7.69 -16.31 6.31
CA ASP K 81 8.55 -16.61 7.45
C ASP K 81 8.36 -15.60 8.56
N GLY K 82 8.18 -14.33 8.22
CA GLY K 82 7.90 -13.29 9.18
C GLY K 82 9.12 -12.55 9.71
N ASP K 83 10.33 -13.05 9.46
CA ASP K 83 11.52 -12.38 9.97
C ASP K 83 11.86 -11.14 9.14
N ALA K 84 11.68 -11.20 7.82
CA ALA K 84 12.02 -10.11 6.94
C ALA K 84 10.84 -9.17 6.78
N VAL K 85 11.09 -7.88 6.95
CA VAL K 85 10.05 -6.84 6.89
C VAL K 85 10.14 -6.20 5.51
N LEU K 86 9.17 -6.50 4.65
CA LEU K 86 9.12 -5.87 3.34
C LEU K 86 8.60 -4.44 3.41
N ALA K 87 7.61 -4.17 4.26
CA ALA K 87 7.03 -2.83 4.29
C ALA K 87 6.70 -2.41 5.72
N ARG K 88 6.73 -1.10 5.96
CA ARG K 88 6.32 -0.52 7.22
C ARG K 88 5.42 0.66 6.96
N VAL K 89 4.28 0.72 7.66
CA VAL K 89 3.31 1.80 7.50
C VAL K 89 2.95 2.34 8.88
N ALA K 90 3.02 3.66 9.03
CA ALA K 90 2.63 4.32 10.28
C ALA K 90 1.11 4.43 10.30
N VAL K 91 0.47 3.67 11.19
CA VAL K 91 -0.98 3.57 11.20
C VAL K 91 -1.56 4.72 12.02
N SER K 92 -2.80 5.08 11.74
CA SER K 92 -3.45 6.11 12.52
C SER K 92 -4.15 5.39 13.63
N ARG K 93 -4.98 4.42 13.26
CA ARG K 93 -5.66 3.60 14.24
C ARG K 93 -5.50 2.16 13.80
N LEU K 94 -5.17 1.27 14.73
CA LEU K 94 -4.94 -0.11 14.37
C LEU K 94 -6.21 -0.65 13.72
N PRO K 95 -6.05 -1.62 12.81
CA PRO K 95 -7.23 -2.24 12.19
C PRO K 95 -8.08 -2.92 13.26
N GLU K 96 -9.28 -3.35 12.93
CA GLU K 96 -10.15 -3.94 13.94
C GLU K 96 -10.27 -5.46 13.77
N ALA K 97 -9.30 -6.07 13.09
CA ALA K 97 -9.38 -7.50 12.83
C ALA K 97 -8.13 -8.27 13.26
N LEU K 98 -7.04 -7.57 13.56
CA LEU K 98 -5.80 -8.25 13.91
C LEU K 98 -5.86 -8.90 15.29
N SER K 99 -5.13 -9.99 15.47
CA SER K 99 -5.12 -10.69 16.76
C SER K 99 -3.73 -11.24 16.98
N GLY K 100 -3.51 -11.97 18.07
CA GLY K 100 -2.22 -12.59 18.28
C GLY K 100 -1.87 -13.31 17.01
N CYS K 101 -0.79 -12.88 16.35
CA CYS K 101 -0.47 -13.47 15.06
C CYS K 101 1.01 -13.56 14.73
N ILE K 102 1.40 -14.57 13.97
CA ILE K 102 2.77 -14.66 13.50
C ILE K 102 2.66 -15.18 12.08
N PRO K 103 3.53 -14.70 11.18
CA PRO K 103 3.38 -15.09 9.77
C PRO K 103 3.49 -16.59 9.58
N ASP K 104 2.63 -17.14 8.72
CA ASP K 104 2.67 -18.56 8.45
C ASP K 104 3.05 -18.79 7.00
N ASP K 105 3.74 -19.89 6.72
CA ASP K 105 4.16 -20.19 5.36
C ASP K 105 2.97 -20.22 4.42
N ARG K 106 1.80 -20.56 4.95
CA ARG K 106 0.61 -20.61 4.12
C ARG K 106 0.39 -19.33 3.36
N PHE K 107 0.40 -18.20 4.07
CA PHE K 107 0.15 -16.91 3.43
C PHE K 107 1.46 -16.21 3.07
N PRO K 108 1.52 -15.64 1.87
CA PRO K 108 2.73 -14.93 1.44
C PRO K 108 2.93 -13.64 2.22
N TYR K 109 1.85 -12.92 2.52
CA TYR K 109 1.97 -11.65 3.22
C TYR K 109 1.22 -11.61 4.54
N TRP K 110 1.84 -11.03 5.56
CA TRP K 110 1.18 -10.89 6.85
C TRP K 110 1.42 -9.49 7.41
N LEU K 111 0.37 -8.89 7.95
CA LEU K 111 0.47 -7.61 8.64
C LEU K 111 0.60 -7.87 10.14
N LEU K 112 1.59 -7.23 10.76
CA LEU K 112 1.84 -7.42 12.19
C LEU K 112 2.11 -6.06 12.83
N THR K 113 2.07 -6.05 14.16
CA THR K 113 2.29 -4.83 14.93
C THR K 113 3.76 -4.74 15.32
N ALA K 114 4.25 -3.50 15.52
CA ALA K 114 5.66 -3.27 15.81
C ALA K 114 6.06 -3.78 17.19
N SER K 115 5.11 -3.91 18.11
CA SER K 115 5.42 -4.33 19.46
C SER K 115 5.75 -5.83 19.51
N ARG K 116 6.25 -6.24 20.67
CA ARG K 116 6.52 -7.65 20.86
C ARG K 116 5.22 -8.40 20.65
N PRO K 117 4.21 -8.18 21.51
CA PRO K 117 2.99 -8.97 21.24
C PRO K 117 2.45 -8.69 19.85
N ARG K 118 3.01 -9.37 18.84
CA ARG K 118 2.68 -9.13 17.45
C ARG K 118 1.27 -9.63 17.16
N LEU K 119 0.32 -8.71 17.12
CA LEU K 119 -1.04 -8.99 16.69
C LEU K 119 -1.17 -8.54 15.24
N GLY K 120 -1.79 -9.37 14.42
CA GLY K 120 -1.86 -9.07 13.00
C GLY K 120 -2.95 -9.82 12.27
N LEU K 121 -2.77 -9.90 10.97
CA LEU K 121 -3.75 -10.45 10.04
C LEU K 121 -3.07 -10.86 8.74
N PRO K 122 -3.41 -12.02 8.17
CA PRO K 122 -2.85 -12.39 6.86
C PRO K 122 -3.66 -11.76 5.72
N VAL K 123 -3.03 -10.85 4.99
CA VAL K 123 -3.70 -10.10 3.94
C VAL K 123 -2.87 -10.20 2.67
N THR K 124 -3.53 -10.01 1.52
CA THR K 124 -2.84 -9.91 0.26
C THR K 124 -2.40 -8.47 0.04
N LEU K 125 -1.87 -8.16 -1.15
CA LEU K 125 -1.31 -6.84 -1.38
C LEU K 125 -2.39 -5.78 -1.59
N ASN K 126 -3.49 -6.14 -2.27
CA ASN K 126 -4.56 -5.17 -2.48
C ASN K 126 -5.28 -4.83 -1.18
N GLU K 127 -5.49 -5.83 -0.31
CA GLU K 127 -6.05 -5.55 1.01
C GLU K 127 -5.07 -4.76 1.87
N TYR K 128 -3.76 -4.98 1.67
CA TYR K 128 -2.75 -4.15 2.35
C TYR K 128 -2.85 -2.70 1.91
N THR K 129 -3.03 -2.46 0.61
CA THR K 129 -3.23 -1.09 0.13
C THR K 129 -4.51 -0.49 0.67
N ALA K 130 -5.59 -1.28 0.74
CA ALA K 130 -6.85 -0.77 1.26
C ALA K 130 -6.73 -0.37 2.72
N LEU K 131 -6.07 -1.21 3.54
CA LEU K 131 -5.85 -0.90 4.94
C LEU K 131 -4.94 0.30 5.12
N ALA K 132 -3.87 0.39 4.32
CA ALA K 132 -2.98 1.54 4.38
C ALA K 132 -3.67 2.82 3.95
N VAL K 133 -4.62 2.73 3.01
CA VAL K 133 -5.38 3.89 2.59
C VAL K 133 -6.32 4.36 3.70
N GLU K 134 -7.06 3.44 4.33
CA GLU K 134 -8.06 3.92 5.28
C GLU K 134 -7.50 4.19 6.67
N LEU K 135 -6.30 3.71 7.01
CA LEU K 135 -5.81 3.88 8.38
C LEU K 135 -4.42 4.51 8.48
N SER K 136 -3.98 5.26 7.46
CA SER K 136 -2.66 5.88 7.55
C SER K 136 -2.65 7.06 8.51
N ALA K 137 -1.53 7.22 9.19
CA ALA K 137 -1.32 8.37 10.05
C ALA K 137 -0.83 9.56 9.24
N PRO K 138 -1.41 10.74 9.45
CA PRO K 138 -0.87 11.96 8.86
C PRO K 138 0.47 12.31 9.47
N PRO K 139 1.32 13.10 8.77
CA PRO K 139 2.69 13.34 9.27
C PRO K 139 2.79 14.06 10.60
N LEU K 140 1.81 14.89 10.96
CA LEU K 140 1.80 15.61 12.23
C LEU K 140 0.72 15.10 13.15
N ALA K 141 0.53 13.77 13.19
CA ALA K 141 -0.53 13.18 14.00
C ALA K 141 -0.23 13.22 15.50
N TRP K 142 1.04 13.42 15.88
CA TRP K 142 1.43 13.43 17.29
C TRP K 142 0.81 14.58 18.07
N ILE K 143 0.43 15.66 17.39
CA ILE K 143 -0.27 16.77 18.03
C ILE K 143 -1.64 16.34 18.53
N THR K 144 -2.22 15.28 17.94
CA THR K 144 -3.46 14.73 18.46
C THR K 144 -3.29 14.12 19.86
N GLY K 145 -2.07 13.78 20.25
CA GLY K 145 -1.82 13.43 21.64
C GLY K 145 -2.01 14.61 22.58
N LEU K 146 -1.64 15.81 22.12
CA LEU K 146 -1.74 16.99 22.95
C LEU K 146 -3.14 17.57 22.99
N LEU K 147 -4.02 17.16 22.07
CA LEU K 147 -5.40 17.63 22.05
C LEU K 147 -6.30 16.60 22.72
N PRO K 148 -7.33 17.04 23.45
CA PRO K 148 -8.22 16.09 24.13
C PRO K 148 -9.12 15.36 23.14
N GLY K 149 -9.76 14.30 23.64
CA GLY K 149 -10.61 13.49 22.80
C GLY K 149 -11.89 14.15 22.35
N GLU K 150 -12.34 15.19 23.07
CA GLU K 150 -13.58 15.86 22.70
C GLU K 150 -13.43 16.70 21.45
N VAL K 151 -12.26 17.32 21.26
CA VAL K 151 -12.05 18.16 20.07
C VAL K 151 -11.62 17.37 18.85
N LEU K 152 -11.42 16.07 18.99
CA LEU K 152 -11.00 15.23 17.87
C LEU K 152 -12.06 14.22 17.44
N THR K 153 -13.20 14.17 18.12
CA THR K 153 -14.26 13.24 17.73
C THR K 153 -14.92 13.69 16.43
N HIS K 154 -15.35 12.71 15.64
CA HIS K 154 -16.05 12.97 14.40
C HIS K 154 -17.56 13.11 14.62
N ASP K 155 -18.04 12.84 15.83
CA ASP K 155 -19.45 12.98 16.17
C ASP K 155 -19.68 14.38 16.72
N ALA K 156 -20.68 15.07 16.18
CA ALA K 156 -20.91 16.48 16.55
C ALA K 156 -21.48 16.62 17.94
N GLU K 157 -22.22 15.63 18.42
CA GLU K 157 -22.80 15.72 19.76
C GLU K 157 -21.74 15.59 20.83
N GLU K 158 -20.73 14.77 20.59
CA GLU K 158 -19.59 14.64 21.50
C GLU K 158 -18.50 15.65 21.21
N TRP K 159 -18.63 16.44 20.15
CA TRP K 159 -17.59 17.39 19.77
C TRP K 159 -17.65 18.63 20.67
N ARG K 160 -16.48 19.07 21.12
CA ARG K 160 -16.33 20.29 21.87
C ARG K 160 -15.46 21.25 21.08
N PRO K 161 -15.82 22.52 20.97
CA PRO K 161 -15.00 23.49 20.22
C PRO K 161 -13.66 23.73 20.91
N PRO K 162 -12.60 23.94 20.13
CA PRO K 162 -11.29 24.19 20.74
C PRO K 162 -11.23 25.56 21.40
N THR K 163 -10.40 25.65 22.45
CA THR K 163 -10.19 26.88 23.17
C THR K 163 -9.15 27.74 22.43
N SER K 164 -8.75 28.85 23.07
CA SER K 164 -7.70 29.68 22.49
C SER K 164 -6.36 28.97 22.53
N TRP K 165 -6.10 28.20 23.59
CA TRP K 165 -4.84 27.45 23.71
C TRP K 165 -4.80 26.27 22.75
N GLU K 166 -5.90 25.52 22.66
CA GLU K 166 -5.96 24.34 21.80
C GLU K 166 -5.90 24.71 20.33
N LEU K 167 -6.57 25.79 19.94
CA LEU K 167 -6.41 26.32 18.59
C LEU K 167 -5.01 26.89 18.40
N ARG K 168 -4.47 27.56 19.43
CA ARG K 168 -3.17 28.21 19.36
C ARG K 168 -2.01 27.23 19.34
N HIS K 169 -2.27 25.93 19.51
CA HIS K 169 -1.26 24.91 19.25
C HIS K 169 -0.78 24.97 17.79
N VAL K 170 -1.72 25.09 16.85
CA VAL K 170 -1.41 24.78 15.45
C VAL K 170 -1.85 25.83 14.42
N VAL K 171 -1.92 27.11 14.77
CA VAL K 171 -2.41 28.12 13.84
C VAL K 171 -1.29 29.02 13.32
N GLY K 172 -0.49 29.60 14.21
CA GLY K 172 0.43 30.64 13.80
C GLY K 172 1.68 30.68 14.65
N GLU K 173 2.50 31.71 14.47
CA GLU K 173 3.74 31.84 15.22
C GLU K 173 4.55 30.55 15.15
N GLY K 174 5.48 30.36 16.08
CA GLY K 174 6.23 29.13 16.13
C GLY K 174 5.42 27.93 16.56
N SER K 175 4.45 27.54 15.74
CA SER K 175 3.54 26.45 16.09
C SER K 175 4.21 25.10 15.86
N PHE K 176 3.52 24.05 16.29
CA PHE K 176 4.01 22.69 16.06
C PHE K 176 3.92 22.29 14.60
N THR K 177 2.89 22.77 13.89
CA THR K 177 2.81 22.55 12.45
C THR K 177 3.62 23.57 11.65
N GLY K 178 4.03 24.68 12.28
CA GLY K 178 4.89 25.64 11.65
C GLY K 178 4.23 26.61 10.70
N VAL K 179 2.91 26.55 10.54
CA VAL K 179 2.22 27.43 9.60
C VAL K 179 1.91 28.75 10.28
N SER K 180 1.56 29.75 9.46
CA SER K 180 1.22 31.08 9.93
C SER K 180 -0.29 31.27 9.91
N GLY K 181 -0.73 32.42 10.45
CA GLY K 181 -2.15 32.72 10.48
C GLY K 181 -2.73 32.98 9.10
N ALA K 182 -1.97 33.66 8.24
CA ALA K 182 -2.43 33.92 6.87
C ALA K 182 -2.46 32.63 6.06
N ALA K 183 -1.49 31.73 6.27
CA ALA K 183 -1.49 30.44 5.59
C ALA K 183 -2.65 29.57 6.05
N ALA K 184 -2.95 29.57 7.35
CA ALA K 184 -4.09 28.82 7.86
C ALA K 184 -5.41 29.44 7.41
N ALA K 185 -5.44 30.75 7.21
CA ALA K 185 -6.63 31.38 6.64
C ALA K 185 -6.82 30.98 5.18
N ALA K 186 -5.72 30.96 4.41
CA ALA K 186 -5.80 30.58 3.00
C ALA K 186 -6.11 29.10 2.82
N LEU K 187 -5.76 28.26 3.81
CA LEU K 187 -6.16 26.87 3.76
C LEU K 187 -7.66 26.71 3.96
N LEU K 188 -8.26 27.54 4.83
CA LEU K 188 -9.69 27.45 5.12
C LEU K 188 -10.54 28.23 4.13
N GLY K 189 -9.93 28.91 3.17
CA GLY K 189 -10.68 29.57 2.11
C GLY K 189 -11.16 30.97 2.40
N MET K 190 -10.79 31.56 3.54
CA MET K 190 -11.21 32.89 3.90
C MET K 190 -10.01 33.80 4.14
N SER K 191 -10.30 35.08 4.40
CA SER K 191 -9.26 36.08 4.51
C SER K 191 -8.60 36.01 5.89
N ALA K 192 -7.60 36.88 6.09
CA ALA K 192 -6.76 36.80 7.29
C ALA K 192 -7.49 37.34 8.52
N THR K 193 -8.33 38.37 8.34
CA THR K 193 -8.98 39.00 9.49
C THR K 193 -10.04 38.11 10.11
N ASN K 194 -10.77 37.37 9.28
CA ASN K 194 -11.82 36.49 9.79
C ASN K 194 -11.22 35.25 10.43
N PHE K 195 -10.18 34.70 9.83
CA PHE K 195 -9.53 33.55 10.42
C PHE K 195 -8.93 33.98 11.75
N ARG K 196 -8.38 35.19 11.78
CA ARG K 196 -7.84 35.70 13.04
C ARG K 196 -8.93 35.76 14.08
N LYS K 197 -10.16 36.04 13.66
CA LYS K 197 -11.27 36.06 14.60
C LYS K 197 -11.38 34.72 15.30
N TYR K 198 -11.38 33.64 14.51
CA TYR K 198 -11.44 32.32 15.11
C TYR K 198 -10.24 32.12 16.00
N THR K 199 -9.06 32.48 15.51
CA THR K 199 -7.85 32.29 16.29
C THR K 199 -7.93 33.05 17.60
N ALA K 200 -8.41 34.29 17.54
CA ALA K 200 -8.51 35.10 18.74
C ALA K 200 -9.48 34.48 19.74
N GLY K 201 -9.08 34.44 21.01
CA GLY K 201 -9.94 33.89 22.04
C GLY K 201 -10.37 34.96 23.00
N ASP K 202 -9.84 34.91 24.22
CA ASP K 202 -10.16 35.93 25.22
C ASP K 202 -11.65 36.10 25.40
N SER K 203 -12.12 37.34 25.41
CA SER K 203 -13.54 37.61 25.60
C SER K 203 -14.34 37.26 24.36
N ALA K 204 -15.65 37.36 24.45
CA ALA K 204 -16.50 37.06 23.30
C ALA K 204 -16.04 37.89 22.11
N ALA K 205 -15.54 39.09 22.38
CA ALA K 205 -15.02 39.91 21.30
C ALA K 205 -13.99 39.13 20.52
N ASN K 206 -14.18 39.03 19.21
CA ASN K 206 -13.26 38.27 18.37
C ASN K 206 -13.10 36.85 18.90
N ARG K 207 -14.18 36.28 19.43
CA ARG K 207 -14.13 34.90 19.90
C ARG K 207 -14.99 34.02 19.02
N GLN K 208 -15.29 34.48 17.81
CA GLN K 208 -16.04 33.65 16.88
C GLN K 208 -15.52 32.25 17.06
N LYS K 209 -16.34 31.31 17.50
CA LYS K 209 -15.80 29.97 17.60
C LYS K 209 -15.78 29.31 16.23
N ILE K 210 -14.71 28.56 15.96
CA ILE K 210 -14.59 27.85 14.70
C ILE K 210 -15.59 26.69 14.68
N SER K 211 -16.16 26.42 13.51
CA SER K 211 -17.17 25.38 13.40
C SER K 211 -16.51 24.00 13.37
N PHE K 212 -17.36 22.97 13.47
CA PHE K 212 -16.88 21.59 13.48
C PHE K 212 -16.26 21.21 12.13
N ALA K 213 -16.96 21.57 11.04
CA ALA K 213 -16.46 21.25 9.70
C ALA K 213 -15.19 22.03 9.37
N ALA K 214 -15.13 23.29 9.77
CA ALA K 214 -13.94 24.10 9.50
C ALA K 214 -12.74 23.62 10.30
N TRP K 215 -12.97 23.23 11.56
CA TRP K 215 -11.89 22.69 12.40
C TRP K 215 -11.38 21.36 11.86
N HIS K 216 -12.28 20.49 11.39
CA HIS K 216 -11.82 19.21 10.87
C HIS K 216 -11.19 19.35 9.49
N TYR K 217 -11.65 20.29 8.66
CA TYR K 217 -10.98 20.53 7.39
C TYR K 217 -9.63 21.20 7.59
N LEU K 218 -9.50 22.05 8.62
CA LEU K 218 -8.21 22.63 8.96
C LEU K 218 -7.23 21.57 9.45
N LEU K 219 -7.73 20.62 10.26
CA LEU K 219 -6.90 19.49 10.69
C LEU K 219 -6.51 18.60 9.50
N ASP K 220 -7.41 18.48 8.51
CA ASP K 220 -7.10 17.75 7.28
C ASP K 220 -5.99 18.46 6.49
N ARG K 221 -6.06 19.78 6.38
CA ARG K 221 -5.10 20.51 5.55
C ARG K 221 -3.74 20.62 6.22
N LEU K 222 -3.70 20.63 7.55
CA LEU K 222 -2.45 20.70 8.30
C LEU K 222 -1.79 19.35 8.47
N GLY K 223 -2.46 18.26 8.07
CA GLY K 223 -1.92 16.92 8.25
C GLY K 223 -1.79 16.49 9.68
N VAL K 224 -2.81 16.75 10.50
CA VAL K 224 -2.81 16.39 11.91
C VAL K 224 -3.82 15.27 12.20
N LYS K 225 -5.02 15.38 11.63
CA LYS K 225 -6.03 14.35 11.79
C LYS K 225 -6.82 14.24 10.49
N ARG K 226 -7.28 13.01 10.20
CA ARG K 226 -8.13 12.61 9.07
C ARG K 226 -7.41 12.71 7.73
N ALA K 227 -6.14 13.12 7.69
CA ALA K 227 -5.39 13.29 6.46
C ALA K 227 -4.70 11.98 6.14
N SER K 228 -5.38 11.13 5.37
CA SER K 228 -4.84 9.84 4.99
C SER K 228 -4.04 9.93 3.70
N PRO M 8 36.47 52.94 -16.79
CA PRO M 8 36.86 53.32 -18.15
C PRO M 8 37.06 54.83 -18.30
N THR M 9 35.99 55.58 -18.11
CA THR M 9 36.05 57.04 -18.21
C THR M 9 36.46 57.63 -16.86
N TRP M 10 37.22 58.73 -16.92
CA TRP M 10 37.58 59.43 -15.70
C TRP M 10 36.42 60.22 -15.11
N GLN M 11 35.41 60.54 -15.93
CA GLN M 11 34.30 61.38 -15.48
C GLN M 11 33.42 60.65 -14.47
N GLU M 12 33.20 59.35 -14.65
CA GLU M 12 32.40 58.60 -13.70
C GLU M 12 33.14 58.40 -12.37
N LEU M 13 34.46 58.26 -12.41
CA LEU M 13 35.25 58.22 -11.18
C LEU M 13 35.21 59.55 -10.45
N ARG M 14 35.28 60.65 -11.20
CA ARG M 14 35.14 61.99 -10.62
C ARG M 14 33.76 62.17 -10.00
N GLN M 15 32.72 61.70 -10.68
CA GLN M 15 31.36 61.76 -10.15
C GLN M 15 31.22 60.94 -8.87
N PHE M 16 31.84 59.76 -8.83
CA PHE M 16 31.74 58.90 -7.67
C PHE M 16 32.49 59.49 -6.47
N ILE M 17 33.68 60.06 -6.68
CA ILE M 17 34.40 60.64 -5.55
C ILE M 17 33.75 61.94 -5.08
N GLU M 18 33.15 62.70 -5.99
CA GLU M 18 32.40 63.89 -5.58
C GLU M 18 31.13 63.51 -4.82
N SER M 19 30.48 62.41 -5.23
CA SER M 19 29.33 61.92 -4.48
C SER M 19 29.74 61.41 -3.11
N PHE M 20 30.92 60.79 -3.00
CA PHE M 20 31.41 60.32 -1.71
C PHE M 20 31.71 61.48 -0.77
N ILE M 21 32.38 62.53 -1.27
CA ILE M 21 32.69 63.66 -0.39
C ILE M 21 31.42 64.48 -0.09
N GLN M 22 30.44 64.48 -0.99
CA GLN M 22 29.18 65.14 -0.70
C GLN M 22 28.37 64.38 0.35
N GLU M 23 28.41 63.04 0.28
CA GLU M 23 27.76 62.21 1.30
C GLU M 23 28.42 62.38 2.66
N ARG M 24 29.76 62.47 2.68
CA ARG M 24 30.46 62.74 3.94
C ARG M 24 30.14 64.14 4.47
N LEU M 25 30.01 65.12 3.56
CA LEU M 25 29.67 66.48 3.97
C LEU M 25 28.28 66.56 4.57
N GLN M 26 27.29 65.92 3.93
CA GLN M 26 25.94 65.96 4.49
C GLN M 26 25.82 65.09 5.74
N GLY M 27 26.63 64.03 5.85
CA GLY M 27 26.65 63.24 7.07
C GLY M 27 27.21 64.01 8.25
N LYS M 28 28.32 64.74 8.05
CA LYS M 28 28.86 65.53 9.15
C LYS M 28 28.01 66.78 9.42
N LEU M 29 27.26 67.25 8.42
CA LEU M 29 26.32 68.34 8.66
C LEU M 29 25.14 67.87 9.49
N ASP M 30 24.65 66.64 9.24
CA ASP M 30 23.57 66.09 10.04
C ASP M 30 24.06 65.73 11.45
N LYS M 31 25.32 65.30 11.56
CA LYS M 31 25.88 64.97 12.88
C LYS M 31 26.12 66.22 13.70
N LEU M 32 26.63 67.29 13.08
CA LEU M 32 26.88 68.52 13.82
C LEU M 32 25.60 69.27 14.15
N GLN M 33 24.62 69.21 13.24
CA GLN M 33 23.34 69.92 13.33
C GLN M 33 23.52 71.43 13.56
N PRO M 34 24.42 72.07 12.82
CA PRO M 34 24.67 73.50 13.04
C PRO M 34 23.73 74.40 12.26
N ASP M 35 23.15 75.39 12.93
CA ASP M 35 22.28 76.37 12.30
C ASP M 35 22.85 77.78 12.33
N GLU M 36 23.99 77.99 12.98
CA GLU M 36 24.59 79.31 13.09
C GLU M 36 26.09 79.14 13.27
N ASP M 37 26.76 80.25 13.65
CA ASP M 37 28.18 80.33 14.00
C ASP M 37 29.11 79.96 12.85
N ASP M 38 28.61 80.02 11.61
CA ASP M 38 29.37 79.81 10.37
C ASP M 38 30.07 78.46 10.31
N LYS M 39 29.46 77.43 10.91
CA LYS M 39 30.06 76.10 10.90
C LYS M 39 29.91 75.42 9.54
N ARG M 40 28.86 75.74 8.80
CA ARG M 40 28.65 75.14 7.48
C ARG M 40 29.71 75.60 6.48
N GLN M 41 30.09 76.87 6.54
CA GLN M 41 31.13 77.39 5.64
C GLN M 41 32.49 76.78 5.95
N THR M 42 32.81 76.62 7.24
CA THR M 42 34.07 75.99 7.62
C THR M 42 34.07 74.49 7.32
N LEU M 43 32.89 73.86 7.35
CA LEU M 43 32.81 72.45 7.01
C LEU M 43 32.94 72.24 5.51
N LEU M 44 32.34 73.12 4.71
CA LEU M 44 32.42 73.01 3.26
C LEU M 44 33.70 73.61 2.69
N ALA M 45 34.48 74.32 3.48
CA ALA M 45 35.74 74.89 3.02
C ALA M 45 36.89 73.90 3.08
N THR M 46 36.68 72.70 3.61
CA THR M 46 37.75 71.72 3.73
C THR M 46 37.35 70.31 3.32
N HIS M 47 36.08 70.04 3.04
CA HIS M 47 35.64 68.70 2.65
C HIS M 47 34.63 68.76 1.52
N ARG M 48 34.86 69.65 0.55
CA ARG M 48 33.99 69.73 -0.62
C ARG M 48 34.73 69.87 -1.93
N ARG M 49 36.05 70.06 -1.93
CA ARG M 49 36.80 70.28 -3.17
C ARG M 49 37.99 69.35 -3.26
N GLU M 50 38.89 69.60 -4.20
CA GLU M 50 40.10 68.78 -4.36
C GLU M 50 41.08 68.97 -3.20
N ALA M 51 40.98 70.10 -2.48
CA ALA M 51 41.88 70.35 -1.35
C ALA M 51 41.68 69.34 -0.22
N TRP M 52 40.45 68.79 -0.09
CA TRP M 52 40.22 67.68 0.82
C TRP M 52 41.07 66.48 0.45
N LEU M 53 41.21 66.21 -0.86
CA LEU M 53 42.17 65.21 -1.33
C LEU M 53 43.59 65.60 -0.93
N ALA M 54 43.92 66.90 -1.03
CA ALA M 54 45.18 67.39 -0.48
C ALA M 54 45.22 67.21 1.02
N ASP M 55 44.09 67.44 1.70
CA ASP M 55 43.98 67.11 3.12
C ASP M 55 44.10 65.60 3.32
N ALA M 56 43.58 64.82 2.38
CA ALA M 56 43.78 63.38 2.40
C ALA M 56 45.25 63.01 2.21
N ALA M 57 46.01 63.87 1.52
CA ALA M 57 47.45 63.67 1.43
C ALA M 57 48.13 63.85 2.78
N ARG M 58 47.53 64.62 3.68
CA ARG M 58 48.02 64.70 5.05
C ARG M 58 47.54 63.54 5.90
N ARG M 59 46.59 62.74 5.41
CA ARG M 59 46.03 61.66 6.19
C ARG M 59 46.48 60.28 5.76
N VAL M 60 46.94 60.12 4.51
CA VAL M 60 47.39 58.80 4.06
C VAL M 60 48.78 58.47 4.59
N GLY M 61 49.58 59.48 4.94
CA GLY M 61 50.88 59.21 5.53
C GLY M 61 50.83 58.77 6.97
N GLN M 62 49.73 59.06 7.67
CA GLN M 62 49.56 58.64 9.05
C GLN M 62 49.03 57.21 9.15
N LEU M 63 48.13 56.81 8.26
CA LEU M 63 47.53 55.49 8.27
C LEU M 63 48.49 54.47 7.65
N GLN M 64 48.23 53.20 7.93
CA GLN M 64 49.01 52.13 7.33
C GLN M 64 48.13 50.91 7.15
N LEU M 65 48.16 50.33 5.95
CA LEU M 65 47.45 49.11 5.62
C LEU M 65 48.36 47.93 5.87
N VAL M 66 48.00 47.07 6.84
CA VAL M 66 48.86 45.98 7.26
C VAL M 66 48.06 44.69 7.34
N THR M 67 48.77 43.56 7.26
CA THR M 67 48.19 42.25 7.52
C THR M 67 48.68 41.63 8.82
N HIS M 68 49.81 42.07 9.35
CA HIS M 68 50.35 41.57 10.61
C HIS M 68 50.85 42.75 11.42
N THR M 69 50.33 42.92 12.63
CA THR M 69 50.64 44.07 13.46
C THR M 69 51.19 43.64 14.81
N LEU M 70 51.82 44.58 15.49
CA LEU M 70 52.47 44.37 16.78
C LEU M 70 51.65 44.88 17.96
N LYS M 71 50.68 45.73 17.71
CA LYS M 71 49.88 46.44 18.72
C LYS M 71 48.98 45.51 19.56
N PRO M 72 48.54 44.32 19.09
CA PRO M 72 48.04 43.31 20.04
C PRO M 72 49.01 42.92 21.14
N ILE M 73 50.31 42.79 20.85
CA ILE M 73 51.30 42.79 21.93
C ILE M 73 51.36 44.20 22.52
N HIS M 74 51.81 44.30 23.79
CA HIS M 74 51.60 45.35 24.80
C HIS M 74 51.49 46.75 24.21
N PRO M 75 50.34 47.44 24.40
CA PRO M 75 50.04 48.63 23.59
C PRO M 75 50.94 49.84 23.80
N ASP M 76 51.87 49.80 24.75
CA ASP M 76 52.90 50.84 24.84
C ASP M 76 54.14 50.50 24.01
N ALA M 77 54.03 49.58 23.05
CA ALA M 77 55.14 49.21 22.18
C ALA M 77 54.94 49.80 20.79
N ARG M 78 55.99 50.44 20.27
CA ARG M 78 55.95 51.07 18.95
C ARG M 78 56.94 50.35 18.06
N GLY M 79 56.43 49.44 17.22
CA GLY M 79 57.27 48.72 16.29
C GLY M 79 56.89 48.98 14.86
N SER M 80 57.36 48.16 13.93
CA SER M 80 57.09 48.32 12.51
C SER M 80 56.06 47.28 12.09
N ASN M 81 54.82 47.72 11.91
CA ASN M 81 53.76 46.84 11.43
C ASN M 81 53.89 46.71 9.91
N LEU M 82 53.94 45.48 9.41
CA LEU M 82 54.27 45.25 8.01
C LEU M 82 53.18 44.46 7.32
N HIS M 83 52.94 44.80 6.05
CA HIS M 83 51.99 44.13 5.17
C HIS M 83 52.81 43.22 4.25
N SER M 84 52.79 41.92 4.55
CA SER M 84 53.49 40.95 3.73
C SER M 84 52.72 39.64 3.72
N LEU M 85 52.57 39.07 2.52
CA LEU M 85 51.99 37.74 2.37
C LEU M 85 53.11 36.72 2.44
N PRO M 86 53.10 35.80 3.41
CA PRO M 86 54.18 34.81 3.50
C PRO M 86 54.12 33.81 2.36
N GLN M 87 55.29 33.28 2.02
CA GLN M 87 55.39 32.30 0.95
C GLN M 87 54.76 30.98 1.38
N ALA M 88 54.18 30.27 0.42
CA ALA M 88 53.57 28.98 0.70
C ALA M 88 54.64 27.94 1.00
N PRO M 89 54.58 27.26 2.14
CA PRO M 89 55.63 26.29 2.48
C PRO M 89 55.55 25.04 1.63
N GLY M 90 56.71 24.49 1.30
CA GLY M 90 56.77 23.25 0.54
C GLY M 90 56.47 22.02 1.35
N GLN M 91 56.64 22.08 2.67
CA GLN M 91 56.33 20.95 3.53
C GLN M 91 54.82 20.80 3.67
N PRO M 92 54.32 19.56 3.72
CA PRO M 92 52.87 19.36 3.77
C PRO M 92 52.30 19.46 5.18
N GLY M 93 50.99 19.63 5.23
CA GLY M 93 50.24 19.52 6.47
C GLY M 93 50.44 20.60 7.51
N LEU M 94 50.49 21.87 7.09
CA LEU M 94 50.50 22.97 8.02
C LEU M 94 49.97 24.22 7.31
N ALA M 95 49.29 25.07 8.08
CA ALA M 95 48.56 26.21 7.54
C ALA M 95 49.19 27.52 8.02
N GLY M 96 48.53 28.62 7.69
CA GLY M 96 49.01 29.94 8.07
C GLY M 96 48.26 31.03 7.32
N SER M 97 48.81 32.23 7.36
CA SER M 97 48.26 33.34 6.61
C SER M 97 48.62 33.31 5.14
N HIS M 98 49.51 32.41 4.73
CA HIS M 98 49.78 32.17 3.31
C HIS M 98 48.58 31.55 2.61
N GLU M 99 47.71 30.85 3.34
CA GLU M 99 46.51 30.28 2.76
C GLU M 99 45.49 31.35 2.36
N LEU M 100 45.57 32.54 2.94
CA LEU M 100 44.68 33.63 2.58
C LEU M 100 45.10 34.19 1.22
N GLY M 101 44.31 33.89 0.19
CA GLY M 101 44.57 34.40 -1.14
C GLY M 101 43.70 35.61 -1.45
N ASP M 102 42.65 35.40 -2.22
CA ASP M 102 41.71 36.48 -2.51
C ASP M 102 40.78 36.78 -1.33
N ARG M 103 40.71 35.87 -0.35
CA ARG M 103 39.91 36.09 0.86
C ARG M 103 40.76 36.75 1.94
N LEU M 104 41.29 37.92 1.60
CA LEU M 104 42.21 38.66 2.47
C LEU M 104 41.60 40.01 2.79
N VAL M 105 41.51 40.33 4.08
CA VAL M 105 41.09 41.64 4.56
C VAL M 105 42.29 42.29 5.21
N SER M 106 42.65 43.48 4.74
CA SER M 106 43.85 44.17 5.19
C SER M 106 43.50 45.12 6.33
N ASP M 107 44.18 44.96 7.46
CA ASP M 107 43.91 45.78 8.63
C ASP M 107 44.49 47.18 8.46
N VAL M 108 43.90 48.13 9.18
CA VAL M 108 44.30 49.53 9.14
C VAL M 108 44.78 49.93 10.52
N VAL M 109 45.95 50.54 10.60
CA VAL M 109 46.48 51.05 11.86
C VAL M 109 46.79 52.53 11.70
N GLY M 110 46.68 53.26 12.81
CA GLY M 110 46.93 54.68 12.80
C GLY M 110 45.93 55.47 13.62
N ASN M 111 45.58 56.66 13.12
CA ASN M 111 44.62 57.51 13.80
C ASN M 111 43.20 57.00 13.66
N ALA M 112 42.35 57.41 14.58
CA ALA M 112 40.93 57.06 14.50
C ALA M 112 40.11 58.09 13.73
N ALA M 113 40.77 59.11 13.16
CA ALA M 113 40.08 60.15 12.40
C ALA M 113 40.44 60.15 10.92
N ALA M 114 41.63 59.67 10.55
CA ALA M 114 42.02 59.61 9.15
C ALA M 114 41.39 58.43 8.42
N LEU M 115 40.77 57.51 9.15
CA LEU M 115 40.30 56.23 8.62
C LEU M 115 39.22 56.37 7.55
N ASP M 116 38.59 57.55 7.45
CA ASP M 116 37.66 57.85 6.37
C ASP M 116 38.30 57.67 5.00
N VAL M 117 39.58 58.08 4.87
CA VAL M 117 40.26 57.96 3.59
C VAL M 117 40.51 56.49 3.23
N PHE M 118 40.38 55.58 4.20
CA PHE M 118 40.45 54.15 3.92
C PHE M 118 39.33 53.74 2.97
N LYS M 119 38.09 54.23 3.20
CA LYS M 119 37.06 53.95 2.21
C LYS M 119 37.30 54.72 0.93
N PHE M 120 38.04 55.84 0.99
CA PHE M 120 38.44 56.51 -0.23
C PHE M 120 39.50 55.72 -0.99
N LEU M 121 40.10 54.71 -0.37
CA LEU M 121 40.93 53.74 -1.07
C LEU M 121 40.25 52.38 -1.20
N SER M 122 38.97 52.26 -0.81
CA SER M 122 38.31 50.96 -0.84
C SER M 122 36.97 50.99 -1.57
N LEU M 123 36.71 52.02 -2.37
CA LEU M 123 35.48 52.05 -3.14
C LEU M 123 35.60 51.14 -4.37
N GLN M 124 34.46 50.92 -5.02
CA GLN M 124 34.38 50.16 -6.27
C GLN M 124 33.71 51.05 -7.30
N TYR M 125 34.50 51.89 -7.98
CA TYR M 125 33.94 52.82 -8.95
C TYR M 125 33.78 52.17 -10.32
N GLN M 126 34.86 51.60 -10.85
CA GLN M 126 34.82 50.89 -12.12
C GLN M 126 34.57 49.39 -11.94
N GLY M 127 34.35 48.93 -10.71
CA GLY M 127 34.17 47.52 -10.42
C GLY M 127 35.33 46.86 -9.72
N LYS M 128 36.37 47.61 -9.37
CA LYS M 128 37.54 47.04 -8.70
C LYS M 128 38.01 48.00 -7.62
N ASN M 129 38.84 47.48 -6.72
CA ASN M 129 39.38 48.27 -5.63
C ASN M 129 40.39 49.29 -6.14
N LEU M 130 40.33 50.51 -5.59
CA LEU M 130 41.09 51.63 -6.13
C LEU M 130 42.58 51.57 -5.79
N LEU M 131 42.99 50.76 -4.80
CA LEU M 131 44.42 50.60 -4.56
C LEU M 131 45.08 49.82 -5.70
N ASN M 132 44.40 48.77 -6.19
CA ASN M 132 44.88 48.07 -7.37
C ASN M 132 44.67 48.87 -8.64
N TRP M 133 43.78 49.87 -8.61
CA TRP M 133 43.66 50.79 -9.73
C TRP M 133 44.81 51.78 -9.75
N LEU M 134 45.29 52.19 -8.56
CA LEU M 134 46.39 53.13 -8.44
C LEU M 134 47.75 52.45 -8.45
N THR M 135 47.81 51.12 -8.37
CA THR M 135 49.08 50.44 -8.53
C THR M 135 49.48 50.29 -10.00
N GLU M 136 48.58 50.59 -10.93
CA GLU M 136 48.86 50.56 -12.36
C GLU M 136 48.68 51.95 -12.93
N ASP M 137 49.45 52.25 -13.97
CA ASP M 137 49.39 53.55 -14.65
C ASP M 137 48.31 53.49 -15.72
N SER M 138 47.06 53.54 -15.27
CA SER M 138 45.92 53.45 -16.17
C SER M 138 45.64 54.80 -16.82
N ALA M 139 44.88 54.75 -17.92
CA ALA M 139 44.52 55.98 -18.62
C ALA M 139 43.50 56.80 -17.84
N GLU M 140 42.53 56.14 -17.21
CA GLU M 140 41.57 56.86 -16.39
C GLU M 140 42.18 57.31 -15.07
N ALA M 141 43.24 56.65 -14.63
CA ALA M 141 43.98 57.09 -13.46
C ALA M 141 44.76 58.36 -13.76
N LEU M 142 45.09 59.10 -12.70
CA LEU M 142 45.88 60.33 -12.69
C LEU M 142 45.23 61.49 -13.45
N GLN M 143 43.95 61.36 -13.84
CA GLN M 143 43.21 62.44 -14.47
C GLN M 143 41.87 62.62 -13.77
N ALA M 144 41.35 61.53 -13.19
CA ALA M 144 40.06 61.59 -12.51
C ALA M 144 40.15 62.28 -11.16
N LEU M 145 41.34 62.42 -10.59
CA LEU M 145 41.51 63.05 -9.29
C LEU M 145 42.30 64.35 -9.32
N SER M 146 43.06 64.62 -10.38
CA SER M 146 43.86 65.82 -10.47
C SER M 146 43.96 66.30 -11.91
N ASP M 147 43.83 67.61 -12.10
CA ASP M 147 44.02 68.19 -13.42
C ASP M 147 45.49 68.29 -13.79
N ASN M 148 46.35 68.58 -12.81
CA ASN M 148 47.78 68.68 -13.04
C ASN M 148 48.43 67.30 -12.93
N ALA M 149 49.50 67.11 -13.70
CA ALA M 149 50.17 65.81 -13.74
C ALA M 149 50.97 65.56 -12.46
N GLU M 150 51.73 66.55 -12.00
CA GLU M 150 52.63 66.35 -10.87
C GLU M 150 51.85 66.17 -9.56
N GLN M 151 50.73 66.89 -9.42
CA GLN M 151 49.85 66.69 -8.27
C GLN M 151 49.25 65.29 -8.27
N ALA M 152 48.91 64.79 -9.46
CA ALA M 152 48.42 63.42 -9.59
C ALA M 152 49.49 62.40 -9.21
N ARG M 153 50.74 62.65 -9.62
CA ARG M 153 51.84 61.73 -9.28
C ARG M 153 52.10 61.69 -7.78
N GLU M 154 52.15 62.87 -7.14
CA GLU M 154 52.42 62.88 -5.70
C GLU M 154 51.23 62.35 -4.90
N TRP M 155 50.00 62.59 -5.37
CA TRP M 155 48.83 62.03 -4.70
C TRP M 155 48.78 60.52 -4.86
N ARG M 156 49.16 60.00 -6.04
CA ARG M 156 49.21 58.55 -6.25
C ARG M 156 50.29 57.91 -5.38
N GLN M 157 51.46 58.55 -5.26
CA GLN M 157 52.53 58.02 -4.43
C GLN M 157 52.14 58.02 -2.95
N ALA M 158 51.55 59.12 -2.47
CA ALA M 158 51.11 59.18 -1.07
C ALA M 158 49.97 58.21 -0.79
N PHE M 159 49.06 58.03 -1.74
CA PHE M 159 47.92 57.13 -1.55
C PHE M 159 48.32 55.67 -1.64
N ILE M 160 49.37 55.36 -2.43
CA ILE M 160 49.87 54.00 -2.51
C ILE M 160 50.89 53.69 -1.43
N GLY M 161 51.39 54.70 -0.72
CA GLY M 161 52.29 54.45 0.40
C GLY M 161 51.62 53.93 1.66
N ILE M 162 50.30 53.76 1.67
CA ILE M 162 49.61 53.19 2.83
C ILE M 162 49.86 51.69 2.95
N THR M 163 50.32 51.04 1.88
CA THR M 163 50.59 49.61 1.91
C THR M 163 52.04 49.32 2.34
N THR M 164 52.99 50.07 1.80
CA THR M 164 54.39 49.92 2.15
C THR M 164 54.64 50.33 3.60
N VAL M 165 55.53 49.59 4.28
CA VAL M 165 55.84 49.86 5.68
C VAL M 165 56.62 51.17 5.79
N LYS M 166 56.28 51.96 6.80
CA LYS M 166 56.97 53.21 7.06
C LYS M 166 58.04 53.02 8.12
N GLY M 167 59.05 53.89 8.09
CA GLY M 167 60.10 53.85 9.08
C GLY M 167 61.08 52.71 8.88
N ALA M 168 62.02 52.62 9.81
CA ALA M 168 62.99 51.55 9.80
C ALA M 168 62.33 50.23 10.23
N PRO M 169 62.88 49.09 9.79
CA PRO M 169 62.41 47.79 10.32
C PRO M 169 62.76 47.68 11.80
N ALA M 170 61.74 47.55 12.65
CA ALA M 170 61.95 47.61 14.08
C ALA M 170 60.89 46.80 14.80
N SER M 171 61.29 46.18 15.90
CA SER M 171 60.39 45.54 16.84
C SER M 171 60.73 46.04 18.23
N HIS M 172 59.72 46.45 18.99
CA HIS M 172 59.93 47.10 20.27
C HIS M 172 60.36 46.08 21.33
N SER M 173 60.83 46.60 22.46
CA SER M 173 61.24 45.76 23.60
C SER M 173 60.07 44.96 24.15
N LEU M 174 58.88 45.57 24.21
CA LEU M 174 57.71 44.87 24.72
C LEU M 174 57.19 43.82 23.75
N ALA M 175 57.62 43.85 22.50
CA ALA M 175 57.29 42.80 21.55
C ALA M 175 58.07 41.52 21.88
N LYS M 176 57.56 40.41 21.39
CA LYS M 176 58.20 39.12 21.61
C LYS M 176 59.33 38.91 20.61
N GLN M 177 60.47 38.40 21.09
CA GLN M 177 61.58 37.97 20.24
C GLN M 177 62.09 36.64 20.78
N LEU M 178 62.20 35.64 19.92
CA LEU M 178 62.45 34.26 20.36
C LEU M 178 63.55 33.63 19.50
N TYR M 179 64.66 33.25 20.13
CA TYR M 179 65.77 32.63 19.42
C TYR M 179 65.38 31.25 18.89
N PHE M 180 65.87 30.93 17.70
CA PHE M 180 65.64 29.63 17.07
C PHE M 180 66.99 29.02 16.71
N PRO M 181 67.31 27.81 17.16
CA PRO M 181 68.61 27.21 16.83
C PRO M 181 68.69 26.80 15.37
N LEU M 182 69.70 27.29 14.68
CA LEU M 182 70.01 26.85 13.34
C LEU M 182 70.57 25.42 13.38
N PRO M 183 70.55 24.70 12.25
CA PRO M 183 71.20 23.38 12.24
C PRO M 183 72.69 23.43 12.51
N GLY M 184 73.45 24.23 11.78
CA GLY M 184 74.85 24.41 12.13
C GLY M 184 75.19 25.77 12.70
N SER M 185 75.30 25.83 14.04
CA SER M 185 75.97 26.90 14.80
C SER M 185 75.42 28.30 14.50
N GLY M 186 74.15 28.50 14.84
CA GLY M 186 73.57 29.81 14.62
C GLY M 186 72.24 29.97 15.32
N TYR M 187 71.76 31.22 15.32
CA TYR M 187 70.45 31.56 15.84
C TYR M 187 69.83 32.67 15.00
N HIS M 188 68.50 32.68 14.93
CA HIS M 188 67.73 33.76 14.36
C HIS M 188 66.75 34.28 15.40
N LEU M 189 66.52 35.59 15.43
CA LEU M 189 65.84 36.21 16.56
C LEU M 189 64.32 36.14 16.46
N LEU M 190 63.76 36.23 15.25
CA LEU M 190 62.41 35.79 14.87
C LEU M 190 61.31 36.43 15.72
N ALA M 191 61.15 37.74 15.57
CA ALA M 191 60.07 38.44 16.26
C ALA M 191 58.74 38.16 15.57
N PRO M 192 57.75 37.60 16.27
CA PRO M 192 56.45 37.36 15.65
C PRO M 192 55.50 38.55 15.76
N LEU M 193 54.65 38.66 14.74
CA LEU M 193 53.62 39.67 14.69
C LEU M 193 52.26 38.99 14.68
N PHE M 194 51.25 39.73 15.16
CA PHE M 194 49.91 39.16 15.28
C PHE M 194 49.23 39.12 13.92
N PRO M 195 48.85 37.94 13.42
CA PRO M 195 48.18 37.86 12.10
C PRO M 195 46.72 38.26 12.18
N THR M 196 46.49 39.58 12.18
CA THR M 196 45.14 40.12 12.35
C THR M 196 44.24 39.83 11.15
N SER M 197 44.81 39.70 9.96
CA SER M 197 44.03 39.27 8.81
C SER M 197 43.60 37.81 8.96
N LEU M 198 44.54 36.95 9.38
CA LEU M 198 44.23 35.55 9.60
C LEU M 198 43.27 35.36 10.76
N VAL M 199 43.45 36.14 11.82
CA VAL M 199 42.55 36.07 12.98
C VAL M 199 41.16 36.56 12.60
N HIS M 200 41.07 37.61 11.77
CA HIS M 200 39.78 38.09 11.29
C HIS M 200 39.10 37.06 10.39
N HIS M 201 39.87 36.36 9.55
CA HIS M 201 39.30 35.31 8.72
C HIS M 201 38.78 34.14 9.54
N VAL M 202 39.54 33.72 10.56
CA VAL M 202 39.12 32.63 11.44
C VAL M 202 37.91 33.04 12.26
N HIS M 203 37.87 34.29 12.71
CA HIS M 203 36.74 34.79 13.49
C HIS M 203 35.49 34.91 12.61
N ALA M 204 35.67 35.27 11.34
CA ALA M 204 34.54 35.30 10.41
C ALA M 204 34.00 33.90 10.15
N LEU M 205 34.89 32.93 9.97
CA LEU M 205 34.47 31.54 9.77
C LEU M 205 33.76 30.99 11.00
N LEU M 206 34.24 31.34 12.19
CA LEU M 206 33.57 30.93 13.42
C LEU M 206 32.24 31.65 13.60
N ARG M 207 32.13 32.89 13.11
CA ARG M 207 30.85 33.59 13.13
C ARG M 207 29.82 32.90 12.24
N GLU M 208 30.23 32.48 11.04
CA GLU M 208 29.33 31.71 10.20
C GLU M 208 29.00 30.35 10.80
N ALA M 209 29.96 29.75 11.52
CA ALA M 209 29.73 28.43 12.09
C ALA M 209 28.82 28.46 13.31
N ARG M 210 28.85 29.54 14.11
CA ARG M 210 28.12 29.58 15.36
C ARG M 210 26.88 30.46 15.33
N PHE M 211 26.86 31.52 14.52
CA PHE M 211 25.72 32.43 14.49
C PHE M 211 25.19 32.66 13.08
N GLY M 212 25.59 31.84 12.10
CA GLY M 212 25.06 31.98 10.77
C GLY M 212 23.63 31.51 10.66
N ASP M 213 22.97 31.92 9.57
CA ASP M 213 21.58 31.54 9.36
C ASP M 213 21.45 30.05 9.03
N ALA M 214 22.33 29.54 8.17
CA ALA M 214 22.32 28.12 7.85
C ALA M 214 22.71 27.26 9.04
N ALA M 215 23.67 27.72 9.84
CA ALA M 215 24.09 27.00 11.04
C ALA M 215 22.97 27.00 12.09
N LYS M 216 22.26 28.12 12.25
CA LYS M 216 21.15 28.15 13.19
C LYS M 216 19.97 27.31 12.69
N ALA M 217 19.76 27.26 11.38
CA ALA M 217 18.73 26.39 10.82
C ALA M 217 19.06 24.92 11.03
N ALA M 218 20.33 24.55 10.89
CA ALA M 218 20.75 23.18 11.16
C ALA M 218 20.66 22.85 12.65
N ARG M 219 20.94 23.83 13.51
CA ARG M 219 20.77 23.64 14.95
C ARG M 219 19.30 23.43 15.31
N GLU M 220 18.41 24.18 14.66
CA GLU M 220 16.98 23.99 14.89
C GLU M 220 16.51 22.64 14.35
N ALA M 221 17.07 22.19 13.22
CA ALA M 221 16.75 20.88 12.68
C ALA M 221 17.23 19.76 13.60
N ARG M 222 18.39 19.95 14.23
CA ARG M 222 18.85 19.02 15.26
C ARG M 222 17.92 19.06 16.48
N SER M 223 17.44 20.25 16.84
CA SER M 223 16.53 20.36 17.98
C SER M 223 15.16 19.78 17.65
N ARG M 224 14.75 19.82 16.38
CA ARG M 224 13.50 19.19 15.94
C ARG M 224 13.69 17.72 15.60
N GLN M 225 14.93 17.21 15.63
CA GLN M 225 15.29 15.83 15.29
C GLN M 225 14.83 15.46 13.88
N GLU M 226 14.95 16.39 12.94
CA GLU M 226 14.57 16.19 11.55
C GLU M 226 15.81 16.24 10.67
N SER M 227 15.62 15.89 9.40
CA SER M 227 16.71 15.90 8.43
C SER M 227 16.95 17.30 7.91
N TRP M 228 18.14 17.51 7.35
CA TRP M 228 18.56 18.79 6.81
C TRP M 228 19.61 18.53 5.75
N PRO M 229 19.66 19.35 4.68
CA PRO M 229 20.66 19.11 3.62
C PRO M 229 22.10 19.33 4.05
N HIS M 230 22.35 20.06 5.13
CA HIS M 230 23.71 20.32 5.59
C HIS M 230 23.75 20.21 7.11
N GLY M 231 24.96 19.98 7.63
CA GLY M 231 25.18 19.87 9.06
C GLY M 231 25.61 21.18 9.68
N PHE M 232 26.16 21.07 10.88
CA PHE M 232 26.62 22.24 11.64
C PHE M 232 27.75 21.81 12.57
N SER M 233 28.20 22.75 13.39
CA SER M 233 29.27 22.53 14.35
C SER M 233 28.93 23.24 15.66
N GLU M 234 29.78 23.04 16.65
CA GLU M 234 29.52 23.65 17.95
C GLU M 234 30.67 24.50 18.46
N TYR M 235 31.92 24.10 18.20
CA TYR M 235 33.16 24.72 18.68
C TYR M 235 33.15 24.94 20.20
N PRO M 236 33.26 23.89 21.00
CA PRO M 236 33.23 24.07 22.45
C PRO M 236 34.57 24.57 22.99
N ASN M 237 34.53 25.02 24.25
CA ASN M 237 35.71 25.41 25.03
C ASN M 237 36.50 26.54 24.37
N LEU M 238 35.80 27.46 23.73
CA LEU M 238 36.47 28.63 23.16
C LEU M 238 36.87 29.61 24.25
N ALA M 239 37.93 30.36 24.00
CA ALA M 239 38.44 31.34 24.94
C ALA M 239 38.41 32.72 24.32
N ILE M 240 38.13 33.73 25.14
CA ILE M 240 38.01 35.11 24.71
C ILE M 240 39.21 35.88 25.25
N GLN M 241 39.91 36.58 24.35
CA GLN M 241 41.09 37.36 24.72
C GLN M 241 40.91 38.77 24.15
N LYS M 242 40.45 39.69 24.99
CA LYS M 242 40.22 41.07 24.57
C LYS M 242 41.54 41.84 24.63
N PHE M 243 41.92 42.46 23.51
CA PHE M 243 43.18 43.18 23.44
C PHE M 243 43.03 44.59 24.00
N GLY M 244 42.17 45.41 23.38
CA GLY M 244 41.86 46.70 23.94
C GLY M 244 41.01 46.54 25.19
N GLY M 245 41.41 47.23 26.27
CA GLY M 245 40.68 47.14 27.52
C GLY M 245 39.32 47.81 27.45
N THR M 246 39.32 49.12 27.25
CA THR M 246 38.09 49.87 27.03
C THR M 246 38.03 50.54 25.68
N LYS M 247 39.13 50.53 24.93
CA LYS M 247 39.16 51.15 23.61
C LYS M 247 39.72 50.20 22.56
N PRO M 248 38.88 49.29 22.06
CA PRO M 248 39.34 48.38 21.01
C PRO M 248 39.67 49.07 19.69
N GLN M 249 39.18 50.29 19.48
CA GLN M 249 39.51 51.05 18.28
C GLN M 249 40.96 51.50 18.29
N ASN M 250 41.56 51.62 19.47
CA ASN M 250 42.97 52.00 19.55
C ASN M 250 43.91 50.88 19.13
N ILE M 251 43.41 49.64 19.06
CA ILE M 251 44.29 48.54 18.68
C ILE M 251 44.46 48.52 17.15
N SER M 252 43.35 48.38 16.43
CA SER M 252 43.30 48.43 14.97
C SER M 252 41.85 48.60 14.56
N GLN M 253 41.63 48.73 13.25
CA GLN M 253 40.26 48.82 12.72
C GLN M 253 39.56 47.47 12.71
N LEU M 254 40.29 46.39 12.41
CA LEU M 254 39.69 45.07 12.45
C LEU M 254 39.38 44.65 13.88
N ASN M 255 40.19 45.09 14.84
CA ASN M 255 39.87 44.89 16.24
C ASN M 255 38.77 45.84 16.72
N ASN M 256 38.35 46.74 15.85
CA ASN M 256 37.23 47.59 16.18
C ASN M 256 36.01 46.85 15.64
N GLU M 257 36.19 46.13 14.52
CA GLU M 257 35.10 45.33 13.95
C GLU M 257 34.69 44.22 14.91
N ARG M 258 35.65 43.45 15.40
CA ARG M 258 35.44 42.46 16.45
C ARG M 258 36.07 43.04 17.71
N ARG M 259 35.23 43.57 18.61
CA ARG M 259 35.70 44.30 19.78
C ARG M 259 36.36 43.34 20.77
N GLY M 260 37.69 43.34 20.77
CA GLY M 260 38.43 42.31 21.49
C GLY M 260 38.19 40.97 20.82
N GLU M 261 37.93 39.96 21.65
CA GLU M 261 37.36 38.66 21.26
C GLU M 261 38.24 37.93 20.23
N ASN M 262 39.42 37.55 20.70
CA ASN M 262 40.39 36.87 19.85
C ASN M 262 39.92 35.48 19.41
N TRP M 263 39.04 34.84 20.19
CA TRP M 263 38.37 33.58 19.84
C TRP M 263 39.37 32.45 19.62
N LEU M 264 40.07 32.09 20.69
CA LEU M 264 41.13 31.09 20.62
C LEU M 264 40.58 29.68 20.66
N LEU M 265 41.16 28.79 19.84
CA LEU M 265 40.73 27.40 19.70
C LEU M 265 41.27 26.54 20.84
N PRO M 266 40.49 25.56 21.32
CA PRO M 266 40.91 24.78 22.49
C PRO M 266 41.97 23.72 22.20
N SER M 267 43.25 24.11 22.22
CA SER M 267 44.36 23.17 22.10
C SER M 267 44.66 22.61 23.48
N LEU M 268 43.84 21.66 23.91
CA LEU M 268 43.93 21.17 25.27
C LEU M 268 44.30 19.70 25.32
N PRO M 269 45.11 19.28 26.28
CA PRO M 269 45.37 17.86 26.49
C PRO M 269 44.15 17.16 27.06
N PRO M 270 44.04 15.83 26.92
CA PRO M 270 42.83 15.14 27.42
C PRO M 270 42.70 15.13 28.94
N ASN M 271 43.77 15.37 29.69
CA ASN M 271 43.70 15.45 31.14
C ASN M 271 43.59 16.90 31.62
N TRP M 272 43.00 17.78 30.81
CA TRP M 272 42.80 19.17 31.19
C TRP M 272 41.60 19.36 32.11
N GLN M 273 40.78 18.33 32.30
CA GLN M 273 39.61 18.37 33.15
C GLN M 273 39.58 17.15 34.06
N ARG M 274 40.71 16.87 34.71
CA ARG M 274 40.84 15.78 35.67
C ARG M 274 39.91 16.03 36.87
N GLN M 275 38.89 15.17 37.02
CA GLN M 275 37.86 15.43 38.02
C GLN M 275 38.37 15.14 39.43
N ASN M 276 38.72 13.89 39.71
CA ASN M 276 39.20 13.44 41.01
C ASN M 276 39.75 12.04 40.82
N VAL M 277 40.36 11.52 41.89
CA VAL M 277 40.75 10.12 41.99
C VAL M 277 39.96 9.49 43.12
N ASN M 278 39.28 8.39 42.83
CA ASN M 278 38.40 7.74 43.79
C ASN M 278 38.73 6.26 43.88
N ALA M 279 38.59 5.71 45.08
CA ALA M 279 38.90 4.32 45.33
C ALA M 279 37.62 3.51 45.36
N PRO M 280 37.45 2.52 44.47
CA PRO M 280 36.21 1.73 44.48
C PRO M 280 36.15 0.70 45.60
N MET M 281 35.65 1.11 46.77
CA MET M 281 35.70 0.25 47.95
C MET M 281 34.61 -0.82 47.93
N ARG M 282 33.35 -0.41 48.06
CA ARG M 282 32.25 -1.36 48.25
C ARG M 282 31.56 -1.71 46.94
N HIS M 283 32.31 -2.09 45.91
CA HIS M 283 31.74 -2.40 44.62
C HIS M 283 32.35 -3.69 44.09
N SER M 284 31.67 -4.30 43.12
CA SER M 284 31.97 -5.67 42.71
C SER M 284 32.97 -5.78 41.55
N SER M 285 32.92 -4.85 40.59
CA SER M 285 33.82 -4.91 39.45
C SER M 285 34.18 -3.49 39.04
N VAL M 286 35.46 -3.25 38.78
CA VAL M 286 35.92 -1.90 38.50
C VAL M 286 35.48 -1.42 37.11
N PHE M 287 35.45 -2.32 36.13
CA PHE M 287 35.20 -1.90 34.75
C PHE M 287 33.74 -1.55 34.50
N GLU M 288 32.82 -2.18 35.24
CA GLU M 288 31.39 -1.96 35.03
C GLU M 288 30.76 -1.02 36.04
N HIS M 289 31.52 -0.51 36.99
CA HIS M 289 30.90 0.31 38.03
C HIS M 289 31.54 1.68 38.20
N ASP M 290 32.86 1.77 38.12
CA ASP M 290 33.57 3.03 38.33
C ASP M 290 34.37 3.47 37.12
N PHE M 291 35.13 2.55 36.51
CA PHE M 291 35.92 2.91 35.33
C PHE M 291 35.03 3.14 34.13
N GLY M 292 33.94 2.38 34.01
CA GLY M 292 33.06 2.50 32.85
C GLY M 292 32.18 3.73 32.86
N ARG M 293 32.03 4.38 34.00
CA ARG M 293 31.19 5.57 34.11
C ARG M 293 31.93 6.86 33.80
N THR M 294 33.23 6.79 33.50
CA THR M 294 33.95 7.96 33.04
C THR M 294 33.47 8.33 31.62
N PRO M 295 33.41 9.62 31.28
CA PRO M 295 32.79 10.00 30.00
C PRO M 295 33.60 9.60 28.77
N GLU M 296 34.92 9.45 28.89
CA GLU M 296 35.74 9.08 27.73
C GLU M 296 35.43 7.67 27.26
N VAL M 297 35.44 6.70 28.17
CA VAL M 297 35.10 5.33 27.79
C VAL M 297 33.60 5.21 27.53
N SER M 298 32.79 6.14 28.05
CA SER M 298 31.38 6.17 27.70
C SER M 298 31.20 6.50 26.23
N ARG M 299 31.87 7.56 25.74
CA ARG M 299 31.80 7.89 24.32
C ARG M 299 32.44 6.81 23.46
N LEU M 300 33.48 6.14 23.98
CA LEU M 300 34.10 5.04 23.24
C LEU M 300 33.14 3.84 23.13
N THR M 301 32.39 3.54 24.19
CA THR M 301 31.46 2.41 24.14
C THR M 301 30.25 2.72 23.26
N ARG M 302 29.73 3.96 23.29
CA ARG M 302 28.69 4.34 22.33
C ARG M 302 29.21 4.32 20.90
N THR M 303 30.49 4.67 20.69
CA THR M 303 31.08 4.58 19.36
C THR M 303 31.20 3.13 18.89
N LEU M 304 31.58 2.23 19.80
CA LEU M 304 31.62 0.81 19.44
C LEU M 304 30.22 0.24 19.18
N GLN M 305 29.22 0.73 19.92
CA GLN M 305 27.84 0.30 19.68
C GLN M 305 27.35 0.79 18.32
N ARG M 306 27.74 2.00 17.93
CA ARG M 306 27.37 2.51 16.62
C ARG M 306 28.12 1.80 15.49
N PHE M 307 29.38 1.45 15.71
CA PHE M 307 30.19 0.84 14.67
C PHE M 307 29.99 -0.67 14.57
N LEU M 308 29.41 -1.30 15.59
CA LEU M 308 29.23 -2.75 15.55
C LEU M 308 28.09 -3.14 14.61
N ALA M 309 26.98 -2.39 14.65
CA ALA M 309 25.85 -2.64 13.76
C ALA M 309 25.93 -1.68 12.60
N LYS M 310 26.69 -2.07 11.58
CA LYS M 310 26.91 -1.23 10.42
C LYS M 310 27.20 -2.11 9.21
N THR M 311 27.15 -1.48 8.03
CA THR M 311 27.44 -2.19 6.79
C THR M 311 28.93 -2.50 6.69
N VAL M 312 29.25 -3.42 5.77
CA VAL M 312 30.60 -3.95 5.64
C VAL M 312 31.30 -3.44 4.38
N HIS M 313 30.74 -2.39 3.74
CA HIS M 313 31.26 -1.95 2.44
C HIS M 313 32.66 -1.36 2.55
N ASN M 314 32.94 -0.63 3.62
CA ASN M 314 34.29 -0.17 3.93
C ASN M 314 34.95 -1.01 5.01
N ASN M 315 34.49 -2.27 5.16
CA ASN M 315 34.59 -3.10 6.36
C ASN M 315 35.95 -3.09 7.04
N LEU M 316 36.96 -3.58 6.31
CA LEU M 316 38.31 -3.73 6.87
C LEU M 316 38.89 -2.39 7.27
N ALA M 317 38.69 -1.36 6.43
CA ALA M 317 39.11 -0.01 6.80
C ALA M 317 38.40 0.46 8.04
N ILE M 318 37.07 0.23 8.10
CA ILE M 318 36.28 0.50 9.30
C ILE M 318 36.80 -0.37 10.44
N ARG M 319 37.13 -1.63 10.14
CA ARG M 319 37.68 -2.52 11.14
C ARG M 319 39.01 -2.01 11.66
N GLN M 320 39.82 -1.42 10.77
CA GLN M 320 41.06 -0.78 11.19
C GLN M 320 40.78 0.34 12.16
N ARG M 321 39.80 1.19 11.82
CA ARG M 321 39.32 2.23 12.72
C ARG M 321 38.77 1.61 13.99
N ARG M 322 38.01 0.50 13.84
CA ARG M 322 37.46 -0.21 14.98
C ARG M 322 38.58 -0.76 15.86
N ALA M 323 39.64 -1.28 15.22
CA ALA M 323 40.79 -1.76 15.98
C ALA M 323 41.44 -0.62 16.75
N GLN M 324 41.60 0.52 16.06
CA GLN M 324 42.13 1.72 16.70
C GLN M 324 41.19 2.17 17.81
N LEU M 325 39.88 2.09 17.54
CA LEU M 325 38.88 2.47 18.54
C LEU M 325 38.99 1.60 19.77
N VAL M 326 39.15 0.28 19.57
CA VAL M 326 39.15 -0.61 20.72
C VAL M 326 40.45 -0.45 21.48
N ALA M 327 41.53 -0.04 20.77
CA ALA M 327 42.81 0.20 21.41
C ALA M 327 42.70 1.34 22.41
N GLN M 328 41.92 2.37 22.02
CA GLN M 328 41.75 3.54 22.88
C GLN M 328 41.15 3.16 24.22
N ILE M 329 40.22 2.19 24.21
CA ILE M 329 39.55 1.82 25.45
C ILE M 329 40.51 1.16 26.41
N CYS M 330 41.38 0.26 25.91
CA CYS M 330 42.30 -0.39 26.83
C CYS M 330 43.37 0.59 27.27
N ASP M 331 43.63 1.60 26.42
CA ASP M 331 44.53 2.69 26.77
C ASP M 331 44.00 3.41 28.01
N GLU M 332 42.69 3.70 28.00
CA GLU M 332 42.08 4.39 29.11
C GLU M 332 42.10 3.52 30.36
N ALA M 333 42.02 2.19 30.17
CA ALA M 333 42.12 1.28 31.31
C ALA M 333 43.47 1.42 31.98
N LEU M 334 44.53 1.48 31.16
CA LEU M 334 45.87 1.74 31.69
C LEU M 334 45.93 3.12 32.31
N GLN M 335 45.28 4.10 31.66
CA GLN M 335 45.21 5.44 32.21
C GLN M 335 44.48 5.45 33.54
N TYR M 336 43.43 4.61 33.66
CA TYR M 336 42.75 4.48 34.94
C TYR M 336 43.69 3.91 35.99
N ALA M 337 44.45 2.87 35.61
CA ALA M 337 45.44 2.31 36.50
C ALA M 337 46.53 3.33 36.80
N ALA M 338 46.79 4.20 35.83
CA ALA M 338 47.76 5.28 36.02
C ALA M 338 47.31 6.24 37.11
N ARG M 339 46.03 6.62 37.13
CA ARG M 339 45.63 7.47 38.22
C ARG M 339 45.41 6.68 39.50
N LEU M 340 45.32 5.35 39.39
CA LEU M 340 45.37 4.51 40.58
C LEU M 340 46.77 4.45 41.19
N ARG M 341 47.78 4.92 40.45
CA ARG M 341 49.09 5.16 41.07
C ARG M 341 49.10 6.45 41.89
N GLU M 342 48.09 7.30 41.76
CA GLU M 342 48.05 8.55 42.52
C GLU M 342 47.28 8.44 43.82
N LEU M 343 46.77 7.26 44.15
CA LEU M 343 45.94 7.07 45.34
C LEU M 343 46.80 6.65 46.53
N GLU M 344 46.15 6.18 47.59
CA GLU M 344 46.84 5.70 48.78
C GLU M 344 47.63 4.43 48.47
N PRO M 345 48.76 4.22 49.16
CA PRO M 345 49.52 2.97 48.95
C PRO M 345 48.80 1.71 49.37
N GLY M 346 47.92 1.78 50.36
CA GLY M 346 47.31 0.58 50.91
C GLY M 346 45.80 0.59 50.99
N TRP M 347 45.13 1.14 49.96
CA TRP M 347 43.67 1.17 49.97
C TRP M 347 43.07 -0.21 49.73
N SER M 348 43.81 -1.10 49.07
CA SER M 348 43.28 -2.43 48.77
C SER M 348 43.26 -3.35 49.97
N ALA M 349 43.96 -3.01 51.06
CA ALA M 349 43.99 -3.82 52.26
C ALA M 349 42.92 -3.42 53.27
N THR M 350 42.03 -2.49 52.91
CA THR M 350 40.98 -2.07 53.82
C THR M 350 39.92 -3.17 53.94
N PRO M 351 39.16 -3.18 55.04
CA PRO M 351 38.15 -4.22 55.21
C PRO M 351 36.95 -3.99 54.30
N GLY M 352 36.35 -5.10 53.86
CA GLY M 352 35.18 -5.04 53.00
C GLY M 352 34.67 -6.41 52.62
N CYS M 353 33.34 -6.53 52.45
CA CYS M 353 32.78 -7.81 52.05
C CYS M 353 33.06 -8.12 50.58
N GLN M 354 32.96 -7.10 49.72
CA GLN M 354 33.23 -7.26 48.29
C GLN M 354 33.97 -6.02 47.80
N LEU M 355 35.20 -6.22 47.34
CA LEU M 355 36.01 -5.09 46.87
C LEU M 355 36.79 -5.43 45.60
N HIS M 356 36.34 -6.43 44.84
CA HIS M 356 36.96 -6.91 43.59
C HIS M 356 38.42 -7.32 43.82
N ASP M 357 38.58 -8.37 44.63
CA ASP M 357 39.92 -8.83 45.00
C ASP M 357 40.65 -9.52 43.85
N ALA M 358 39.92 -9.93 42.80
CA ALA M 358 40.58 -10.50 41.63
C ALA M 358 41.36 -9.44 40.87
N GLU M 359 40.84 -8.22 40.81
CA GLU M 359 41.51 -7.11 40.16
C GLU M 359 42.45 -6.36 41.09
N GLN M 360 42.43 -6.65 42.39
CA GLN M 360 43.16 -5.87 43.38
C GLN M 360 44.67 -6.05 43.30
N LEU M 361 45.15 -7.08 42.61
CA LEU M 361 46.59 -7.24 42.41
C LEU M 361 47.12 -6.20 41.43
N TRP M 362 46.29 -5.74 40.51
CA TRP M 362 46.65 -4.72 39.54
C TRP M 362 46.12 -3.33 39.92
N LEU M 363 45.05 -3.28 40.72
CA LEU M 363 44.48 -2.00 41.15
C LEU M 363 45.45 -1.22 42.04
N ASP M 364 46.11 -1.90 42.98
CA ASP M 364 47.03 -1.28 43.92
C ASP M 364 48.40 -1.96 43.78
N PRO M 365 49.31 -1.41 42.99
CA PRO M 365 50.66 -1.99 42.91
C PRO M 365 51.53 -1.63 44.10
N LEU M 366 51.15 -0.64 44.91
CA LEU M 366 51.99 -0.16 45.99
C LEU M 366 51.80 -0.94 47.29
N ARG M 367 50.81 -1.82 47.38
CA ARG M 367 50.62 -2.63 48.57
C ARG M 367 51.73 -3.65 48.77
N ALA M 368 52.48 -3.97 47.70
CA ALA M 368 53.70 -4.75 47.84
C ALA M 368 54.76 -4.04 48.66
N GLN M 369 54.72 -2.70 48.71
CA GLN M 369 55.53 -1.97 49.68
C GLN M 369 54.94 -2.04 51.07
N THR M 370 53.61 -2.13 51.18
CA THR M 370 52.97 -2.15 52.49
C THR M 370 53.18 -3.49 53.19
N ASP M 371 52.99 -4.59 52.45
CA ASP M 371 53.17 -5.94 52.99
C ASP M 371 54.47 -6.51 52.47
N GLU M 372 55.33 -6.96 53.39
CA GLU M 372 56.63 -7.49 52.99
C GLU M 372 56.50 -8.84 52.30
N THR M 373 55.68 -9.74 52.86
CA THR M 373 55.49 -11.05 52.26
C THR M 373 54.05 -11.52 52.26
N PHE M 374 53.11 -10.73 52.78
CA PHE M 374 51.71 -11.15 52.80
C PHE M 374 51.09 -11.08 51.41
N LEU M 375 51.41 -10.04 50.65
CA LEU M 375 50.88 -9.90 49.30
C LEU M 375 51.90 -9.43 48.27
N GLN M 376 53.14 -9.15 48.66
CA GLN M 376 54.14 -8.70 47.70
C GLN M 376 54.57 -9.83 46.76
N ARG M 377 54.75 -11.03 47.30
CA ARG M 377 55.11 -12.17 46.48
C ARG M 377 53.94 -12.73 45.68
N ARG M 378 52.71 -12.40 46.07
CA ARG M 378 51.53 -12.93 45.39
C ARG M 378 51.41 -12.39 43.97
N LEU M 379 51.66 -11.09 43.78
CA LEU M 379 51.59 -10.51 42.44
C LEU M 379 52.77 -10.96 41.58
N ARG M 380 53.92 -11.23 42.19
CA ARG M 380 55.08 -11.71 41.44
C ARG M 380 54.89 -13.15 40.98
N GLY M 381 54.40 -14.01 41.88
CA GLY M 381 54.18 -15.41 41.52
C GLY M 381 52.99 -15.61 40.61
N ASP M 382 51.91 -14.86 40.84
CA ASP M 382 50.71 -15.04 40.04
C ASP M 382 50.86 -14.43 38.65
N TRP M 383 51.49 -13.24 38.56
CA TRP M 383 51.63 -12.40 37.37
C TRP M 383 50.25 -12.14 36.76
N PRO M 384 49.42 -11.30 37.40
CA PRO M 384 48.01 -11.21 36.98
C PRO M 384 47.82 -10.50 35.65
N ALA M 385 47.47 -11.28 34.62
CA ALA M 385 47.19 -10.75 33.30
C ALA M 385 45.81 -11.17 32.79
N GLU M 386 45.09 -12.00 33.53
CA GLU M 386 43.75 -12.43 33.15
C GLU M 386 42.68 -11.39 33.43
N VAL M 387 43.02 -10.33 34.17
CA VAL M 387 42.05 -9.31 34.58
C VAL M 387 41.48 -8.59 33.37
N GLY M 388 42.33 -8.34 32.36
CA GLY M 388 41.87 -7.77 31.11
C GLY M 388 40.86 -8.64 30.39
N ASN M 389 40.98 -9.97 30.55
CA ASN M 389 39.95 -10.88 30.07
C ASN M 389 38.61 -10.59 30.72
N ARG M 390 38.62 -10.33 32.03
CA ARG M 390 37.42 -9.83 32.70
C ARG M 390 36.97 -8.51 32.11
N PHE M 391 37.93 -7.62 31.83
CA PHE M 391 37.64 -6.37 31.14
C PHE M 391 37.14 -6.66 29.73
N ALA M 392 37.65 -7.72 29.10
CA ALA M 392 37.16 -8.14 27.79
C ALA M 392 35.70 -8.58 27.89
N ASN M 393 35.32 -9.19 29.01
CA ASN M 393 33.92 -9.50 29.26
C ASN M 393 33.09 -8.22 29.31
N TRP M 394 33.63 -7.19 29.98
CA TRP M 394 32.97 -5.89 29.96
C TRP M 394 33.00 -5.32 28.55
N LEU M 395 34.09 -5.56 27.81
CA LEU M 395 34.15 -5.17 26.41
C LEU M 395 33.19 -5.99 25.56
N ASN M 396 32.85 -7.21 26.00
CA ASN M 396 31.81 -7.96 25.32
C ASN M 396 30.43 -7.39 25.57
N ARG M 397 30.27 -6.52 26.58
CA ARG M 397 29.05 -5.75 26.72
C ARG M 397 29.08 -4.47 25.88
N ALA M 398 30.19 -4.19 25.20
CA ALA M 398 30.29 -3.03 24.33
C ALA M 398 29.91 -3.35 22.88
N VAL M 399 29.64 -4.61 22.56
CA VAL M 399 29.29 -5.02 21.20
C VAL M 399 27.77 -5.02 21.07
N SER M 400 27.30 -4.90 19.84
CA SER M 400 25.87 -4.90 19.57
C SER M 400 25.32 -6.33 19.61
N SER M 401 24.06 -6.45 20.04
CA SER M 401 23.38 -7.75 20.09
C SER M 401 22.64 -7.99 18.78
N ASP M 402 23.43 -8.16 17.72
CA ASP M 402 22.91 -8.40 16.38
C ASP M 402 23.34 -9.78 15.91
N SER M 403 22.37 -10.58 15.46
CA SER M 403 22.67 -11.91 14.96
C SER M 403 23.30 -11.88 13.56
N GLN M 404 23.15 -10.77 12.83
CA GLN M 404 23.75 -10.67 11.50
C GLN M 404 25.27 -10.58 11.59
N ILE M 405 25.80 -9.97 12.65
CA ILE M 405 27.25 -9.95 12.84
C ILE M 405 27.76 -11.33 13.22
N LEU M 406 27.00 -12.06 14.04
CA LEU M 406 27.43 -13.39 14.48
C LEU M 406 27.36 -14.41 13.35
N GLY M 407 26.37 -14.27 12.46
CA GLY M 407 26.28 -15.17 11.31
C GLY M 407 27.39 -14.94 10.31
N SER M 408 27.75 -13.68 10.08
CA SER M 408 28.80 -13.33 9.13
C SER M 408 30.17 -13.35 9.80
N PRO M 409 31.25 -13.04 9.08
CA PRO M 409 32.58 -13.00 9.68
C PRO M 409 32.91 -11.70 10.41
N GLU M 410 31.91 -10.82 10.60
CA GLU M 410 32.14 -9.60 11.37
C GLU M 410 32.44 -9.92 12.83
N ALA M 411 31.75 -10.90 13.39
CA ALA M 411 32.05 -11.36 14.74
C ALA M 411 33.42 -12.03 14.81
N ALA M 412 33.83 -12.70 13.73
CA ALA M 412 35.17 -13.30 13.69
C ALA M 412 36.25 -12.21 13.69
N GLN M 413 36.07 -11.15 12.90
CA GLN M 413 37.03 -10.04 12.90
C GLN M 413 37.03 -9.29 14.23
N TRP M 414 35.85 -9.14 14.84
CA TRP M 414 35.74 -8.51 16.14
C TRP M 414 36.46 -9.31 17.22
N SER M 415 36.28 -10.64 17.20
CA SER M 415 36.99 -11.51 18.14
C SER M 415 38.49 -11.52 17.87
N GLN M 416 38.91 -11.43 16.62
CA GLN M 416 40.34 -11.41 16.29
C GLN M 416 41.01 -10.14 16.81
N GLU M 417 40.42 -8.97 16.53
CA GLU M 417 41.01 -7.73 17.02
C GLU M 417 40.89 -7.60 18.53
N LEU M 418 39.82 -8.15 19.12
CA LEU M 418 39.69 -8.20 20.58
C LEU M 418 40.77 -9.07 21.20
N SER M 419 41.04 -10.23 20.61
CA SER M 419 42.06 -11.13 21.12
C SER M 419 43.45 -10.53 21.00
N LYS M 420 43.71 -9.81 19.89
CA LYS M 420 45.00 -9.16 19.72
C LYS M 420 45.20 -8.03 20.73
N GLU M 421 44.17 -7.20 20.93
CA GLU M 421 44.33 -6.06 21.82
C GLU M 421 44.38 -6.48 23.28
N LEU M 422 43.60 -7.50 23.68
CA LEU M 422 43.77 -8.00 25.04
C LEU M 422 45.01 -8.87 25.21
N THR M 423 45.58 -9.40 24.12
CA THR M 423 46.91 -10.00 24.22
C THR M 423 47.95 -8.93 24.53
N MET M 424 47.85 -7.77 23.87
CA MET M 424 48.72 -6.64 24.19
C MET M 424 48.49 -6.13 25.61
N PHE M 425 47.23 -6.07 26.04
CA PHE M 425 46.89 -5.63 27.39
C PHE M 425 47.41 -6.60 28.45
N LYS M 426 47.30 -7.91 28.20
CA LYS M 426 47.82 -8.89 29.14
C LYS M 426 49.34 -8.89 29.19
N GLU M 427 49.99 -8.63 28.04
CA GLU M 427 51.43 -8.50 28.04
C GLU M 427 51.88 -7.25 28.76
N ILE M 428 51.10 -6.17 28.69
CA ILE M 428 51.39 -4.96 29.46
C ILE M 428 51.24 -5.24 30.95
N LEU M 429 50.17 -5.95 31.32
CA LEU M 429 49.93 -6.26 32.73
C LEU M 429 50.89 -7.33 33.27
N GLU M 430 51.56 -8.08 32.39
CA GLU M 430 52.47 -9.12 32.86
C GLU M 430 53.73 -8.54 33.49
N ASP M 431 54.37 -7.58 32.81
CA ASP M 431 55.61 -7.01 33.33
C ASP M 431 55.38 -5.74 34.14
N GLU M 432 54.48 -5.84 35.13
CA GLU M 432 54.27 -4.75 36.08
C GLU M 432 55.27 -4.81 37.23
N ARG M 433 56.00 -5.91 37.38
CA ARG M 433 56.91 -6.11 38.49
C ARG M 433 58.25 -5.42 38.32
N ASP M 434 58.58 -4.98 37.11
CA ASP M 434 59.88 -4.36 36.84
C ASP M 434 59.89 -2.91 37.32
N VAL N 3 66.70 14.84 13.71
CA VAL N 3 67.67 14.79 12.62
C VAL N 3 68.68 13.68 12.86
N THR N 4 68.65 13.11 14.06
CA THR N 4 69.54 12.02 14.41
C THR N 4 68.86 11.11 15.43
N ASP N 5 69.30 9.86 15.46
CA ASP N 5 68.78 8.92 16.44
C ASP N 5 69.49 9.13 17.77
N PRO N 6 68.75 9.28 18.88
CA PRO N 6 69.40 9.49 20.17
C PRO N 6 70.07 8.22 20.68
N GLU N 7 71.28 8.39 21.23
CA GLU N 7 71.96 7.28 21.87
C GLU N 7 71.38 6.95 23.23
N ALA N 8 70.73 7.91 23.89
CA ALA N 8 70.13 7.68 25.18
C ALA N 8 68.89 8.56 25.33
N LEU N 9 68.02 8.17 26.26
CA LEU N 9 66.83 8.93 26.58
C LEU N 9 66.84 9.27 28.06
N LEU N 10 66.79 10.55 28.37
CA LEU N 10 66.78 11.04 29.75
C LEU N 10 65.37 11.45 30.11
N LEU N 11 64.85 10.88 31.19
CA LEU N 11 63.48 11.18 31.62
C LEU N 11 63.54 12.20 32.74
N LEU N 12 63.31 13.46 32.41
CA LEU N 12 63.01 14.46 33.43
C LEU N 12 61.63 14.15 33.98
N PRO N 13 61.47 14.05 35.30
CA PRO N 13 60.21 13.55 35.89
C PRO N 13 59.11 14.59 35.88
N ARG N 14 58.07 14.34 36.68
CA ARG N 14 56.98 15.27 36.91
C ARG N 14 57.49 16.65 37.32
N LEU N 15 57.34 17.61 36.42
CA LEU N 15 57.75 18.99 36.63
C LEU N 15 56.49 19.84 36.69
N SER N 16 56.32 20.56 37.80
CA SER N 16 55.16 21.41 38.02
C SER N 16 55.53 22.82 37.58
N ILE N 17 55.07 23.19 36.40
CA ILE N 17 55.26 24.53 35.88
C ILE N 17 54.09 25.38 36.37
N GLN N 18 54.40 26.51 36.99
CA GLN N 18 53.41 27.21 37.78
C GLN N 18 52.45 28.03 36.92
N ASN N 19 52.97 29.01 36.20
CA ASN N 19 52.12 29.90 35.39
C ASN N 19 52.66 29.92 33.96
N ALA N 20 52.29 28.89 33.21
CA ALA N 20 52.73 28.77 31.83
C ALA N 20 51.82 29.57 30.92
N ASN N 21 52.33 29.92 29.74
CA ASN N 21 51.57 30.72 28.79
C ASN N 21 50.48 29.87 28.18
N ALA N 22 49.24 30.06 28.64
CA ALA N 22 48.11 29.29 28.15
C ALA N 22 47.73 29.64 26.73
N ILE N 23 47.93 30.89 26.31
CA ILE N 23 47.71 31.27 24.92
C ILE N 23 48.92 30.78 24.13
N SER N 24 48.78 29.63 23.48
CA SER N 24 49.89 29.03 22.76
C SER N 24 50.17 29.75 21.45
N SER N 25 49.15 30.35 20.86
CA SER N 25 49.21 30.86 19.50
C SER N 25 48.18 31.97 19.36
N PRO N 26 48.27 32.79 18.31
CA PRO N 26 47.20 33.77 18.05
C PRO N 26 45.84 33.15 17.74
N LEU N 27 45.78 31.87 17.38
CA LEU N 27 44.52 31.20 17.11
C LEU N 27 44.13 30.15 18.15
N THR N 28 45.08 29.66 18.94
CA THR N 28 44.81 28.56 19.87
C THR N 28 45.20 28.97 21.30
N TRP N 29 44.51 28.35 22.26
CA TRP N 29 44.83 28.49 23.68
C TRP N 29 44.92 27.10 24.29
N GLY N 30 45.46 27.04 25.51
CA GLY N 30 45.49 25.80 26.25
C GLY N 30 46.87 25.33 26.62
N PHE N 31 47.24 24.14 26.15
CA PHE N 31 48.58 23.64 26.34
C PHE N 31 49.57 24.51 25.56
N PRO N 32 50.73 24.81 26.12
CA PRO N 32 51.67 25.72 25.46
C PRO N 32 52.29 25.11 24.20
N SER N 33 53.07 25.93 23.53
CA SER N 33 53.67 25.55 22.26
C SER N 33 54.73 24.47 22.49
N PRO N 34 54.85 23.51 21.56
CA PRO N 34 56.00 22.60 21.59
C PRO N 34 57.33 23.31 21.34
N GLY N 35 57.30 24.47 20.68
CA GLY N 35 58.49 25.28 20.52
C GLY N 35 59.05 25.76 21.84
N ALA N 36 58.18 25.99 22.83
CA ALA N 36 58.65 26.31 24.18
C ALA N 36 59.44 25.16 24.79
N PHE N 37 58.97 23.93 24.58
CA PHE N 37 59.66 22.76 25.13
C PHE N 37 60.98 22.52 24.43
N THR N 38 61.01 22.65 23.10
CA THR N 38 62.25 22.49 22.35
C THR N 38 63.25 23.60 22.69
N GLY N 39 62.77 24.83 22.87
CA GLY N 39 63.64 25.91 23.31
C GLY N 39 64.15 25.73 24.72
N PHE N 40 63.34 25.14 25.61
CA PHE N 40 63.80 24.83 26.95
C PHE N 40 64.90 23.78 26.94
N VAL N 41 64.75 22.75 26.10
CA VAL N 41 65.77 21.71 26.01
C VAL N 41 67.05 22.27 25.38
N HIS N 42 66.90 23.17 24.40
CA HIS N 42 68.10 23.81 23.84
C HIS N 42 68.76 24.76 24.83
N ALA N 43 67.97 25.41 25.70
CA ALA N 43 68.56 26.22 26.76
C ALA N 43 69.27 25.36 27.80
N LEU N 44 68.72 24.17 28.08
CA LEU N 44 69.38 23.22 28.96
C LEU N 44 70.70 22.74 28.38
N GLN N 45 70.73 22.50 27.06
CA GLN N 45 71.97 22.13 26.40
C GLN N 45 72.95 23.29 26.35
N ARG N 46 72.43 24.51 26.23
CA ARG N 46 73.26 25.70 26.23
C ARG N 46 73.88 25.97 27.60
N ARG N 47 73.17 25.63 28.67
CA ARG N 47 73.62 25.98 30.01
C ARG N 47 74.45 24.88 30.66
N VAL N 48 74.05 23.61 30.51
CA VAL N 48 74.72 22.53 31.23
C VAL N 48 75.07 21.38 30.29
N GLY N 49 74.52 21.41 29.07
CA GLY N 49 74.81 20.35 28.12
C GLY N 49 76.25 20.37 27.62
N ILE N 50 76.80 21.56 27.39
CA ILE N 50 78.14 21.68 26.83
C ILE N 50 79.19 21.25 27.86
N SER N 51 78.97 21.59 29.13
CA SER N 51 79.92 21.21 30.18
C SER N 51 79.93 19.71 30.45
N LEU N 52 78.86 19.00 30.11
CA LEU N 52 78.79 17.56 30.28
C LEU N 52 79.22 16.79 29.04
N ASP N 53 79.67 17.49 28.00
CA ASP N 53 80.12 16.93 26.71
C ASP N 53 79.04 16.09 26.04
N ILE N 54 77.78 16.49 26.18
CA ILE N 54 76.65 15.81 25.57
C ILE N 54 75.83 16.82 24.79
N GLU N 55 74.94 16.30 23.95
CA GLU N 55 73.99 17.12 23.20
C GLU N 55 72.58 16.72 23.59
N LEU N 56 71.71 17.71 23.71
CA LEU N 56 70.32 17.50 24.13
C LEU N 56 69.42 18.00 23.01
N ASP N 57 68.98 17.07 22.16
CA ASP N 57 68.09 17.39 21.06
C ASP N 57 66.92 16.41 21.06
N GLY N 58 65.71 16.95 20.93
CA GLY N 58 64.52 16.11 20.93
C GLY N 58 63.87 16.01 22.30
N VAL N 59 62.60 16.37 22.39
CA VAL N 59 61.87 16.35 23.64
C VAL N 59 60.51 15.69 23.42
N GLY N 60 60.19 14.72 24.27
CA GLY N 60 58.87 14.11 24.28
C GLY N 60 58.09 14.56 25.49
N ILE N 61 56.91 15.15 25.25
CA ILE N 61 56.07 15.72 26.30
C ILE N 61 54.99 14.71 26.69
N VAL N 62 54.73 14.60 27.99
CA VAL N 62 53.76 13.61 28.48
C VAL N 62 52.53 14.31 29.07
N CYS N 63 52.74 15.45 29.74
CA CYS N 63 51.68 16.31 30.29
C CYS N 63 50.78 15.55 31.29
N HIS N 64 51.38 15.25 32.45
CA HIS N 64 50.68 14.48 33.46
C HIS N 64 49.48 15.23 34.04
N ARG N 65 49.52 16.56 34.08
CA ARG N 65 48.39 17.31 34.61
C ARG N 65 48.33 18.67 33.94
N PHE N 66 47.11 19.14 33.68
CA PHE N 66 46.88 20.48 33.15
C PHE N 66 45.74 21.13 33.91
N GLU N 67 45.95 22.38 34.32
CA GLU N 67 44.90 23.19 34.90
C GLU N 67 44.99 24.57 34.29
N ALA N 68 43.88 25.09 33.79
CA ALA N 68 43.84 26.40 33.15
C ALA N 68 43.23 27.41 34.10
N GLN N 69 43.91 28.55 34.26
CA GLN N 69 43.39 29.65 35.08
C GLN N 69 42.38 30.44 34.25
N ILE N 70 41.20 29.82 34.10
CA ILE N 70 40.12 30.35 33.28
C ILE N 70 38.84 30.31 34.10
N SER N 71 37.81 30.95 33.58
CA SER N 71 36.48 30.89 34.16
C SER N 71 35.45 30.97 33.05
N GLN N 72 34.27 30.41 33.32
CA GLN N 72 33.17 30.49 32.38
C GLN N 72 32.15 31.50 32.89
N PRO N 73 31.99 32.64 32.22
CA PRO N 73 30.96 33.60 32.65
C PRO N 73 29.55 33.05 32.39
N ALA N 74 28.62 33.50 33.22
CA ALA N 74 27.25 33.03 33.11
C ALA N 74 26.58 33.58 31.86
N GLY N 75 25.85 32.71 31.17
CA GLY N 75 25.19 33.07 29.93
C GLY N 75 26.01 32.89 28.68
N LYS N 76 27.28 32.49 28.79
CA LYS N 76 28.14 32.26 27.64
C LYS N 76 28.72 30.86 27.72
N ARG N 77 28.85 30.23 26.55
CA ARG N 77 29.48 28.91 26.46
C ARG N 77 30.98 29.00 26.24
N THR N 78 31.52 30.20 26.00
CA THR N 78 32.96 30.39 25.85
C THR N 78 33.58 30.61 27.23
N LYS N 79 34.86 30.93 27.26
CA LYS N 79 35.60 31.12 28.51
C LYS N 79 36.44 32.37 28.41
N VAL N 80 36.85 32.88 29.59
CA VAL N 80 37.69 34.05 29.70
C VAL N 80 38.88 33.71 30.56
N PHE N 81 39.94 34.50 30.42
CA PHE N 81 41.18 34.27 31.16
C PHE N 81 41.20 35.10 32.43
N ASN N 82 41.50 34.45 33.55
CA ASN N 82 41.73 35.17 34.79
C ASN N 82 43.04 35.94 34.70
N LEU N 83 43.03 37.17 35.21
CA LEU N 83 44.12 38.10 35.00
C LEU N 83 44.86 38.37 36.31
N THR N 84 45.98 39.08 36.18
CA THR N 84 46.78 39.53 37.29
C THR N 84 46.73 41.05 37.37
N ARG N 85 46.66 41.59 38.58
CA ARG N 85 46.62 43.03 38.76
C ARG N 85 48.04 43.57 38.60
N ASN N 86 48.30 44.22 37.48
CA ASN N 86 49.56 44.89 37.24
C ASN N 86 49.68 46.10 38.15
N PRO N 87 50.92 46.54 38.46
CA PRO N 87 51.08 47.73 39.29
C PRO N 87 50.60 49.00 38.58
N LEU N 88 50.25 49.99 39.40
CA LEU N 88 49.73 51.24 38.89
C LEU N 88 50.81 52.04 38.17
N ASN N 89 50.38 53.02 37.38
CA ASN N 89 51.31 53.89 36.69
C ASN N 89 51.89 54.92 37.66
N ARG N 90 52.72 55.82 37.12
CA ARG N 90 53.35 56.84 37.96
C ARG N 90 52.38 57.93 38.40
N ASP N 91 51.20 58.03 37.78
CA ASP N 91 50.18 58.98 38.19
C ASP N 91 49.11 58.34 39.07
N GLY N 92 49.29 57.09 39.47
CA GLY N 92 48.36 56.42 40.35
C GLY N 92 47.17 55.78 39.67
N SER N 93 47.13 55.76 38.34
CA SER N 93 46.02 55.18 37.61
C SER N 93 46.32 53.74 37.21
N THR N 94 45.25 53.00 36.93
CA THR N 94 45.39 51.62 36.46
C THR N 94 45.90 51.59 35.03
N ALA N 95 46.91 50.75 34.77
CA ALA N 95 47.48 50.64 33.44
C ALA N 95 46.54 49.87 32.52
N ALA N 96 46.83 49.97 31.22
CA ALA N 96 46.07 49.24 30.23
C ALA N 96 46.33 47.73 30.37
N ILE N 97 45.27 46.95 30.33
CA ILE N 97 45.35 45.52 30.62
C ILE N 97 45.61 44.75 29.34
N VAL N 98 46.66 43.94 29.35
CA VAL N 98 46.94 42.98 28.29
C VAL N 98 46.48 41.62 28.79
N GLU N 99 45.52 41.02 28.09
CA GLU N 99 44.90 39.78 28.53
C GLU N 99 45.87 38.62 28.34
N GLU N 100 46.50 38.20 29.43
CA GLU N 100 47.44 37.09 29.43
C GLU N 100 46.93 35.98 30.32
N GLY N 101 46.84 34.78 29.77
CA GLY N 101 46.32 33.63 30.49
C GLY N 101 47.43 32.75 31.03
N ARG N 102 47.12 32.05 32.10
CA ARG N 102 48.10 31.24 32.82
C ARG N 102 47.57 29.83 32.98
N ALA N 103 48.50 28.88 33.13
CA ALA N 103 48.14 27.48 33.29
C ALA N 103 49.17 26.79 34.16
N HIS N 104 48.68 25.94 35.06
CA HIS N 104 49.52 25.10 35.89
C HIS N 104 49.68 23.74 35.20
N LEU N 105 50.91 23.43 34.82
CA LEU N 105 51.23 22.22 34.09
C LEU N 105 52.01 21.27 34.98
N GLU N 106 51.95 20.00 34.66
CA GLU N 106 52.80 18.97 35.28
C GLU N 106 53.18 18.02 34.15
N VAL N 107 54.38 18.21 33.61
CA VAL N 107 54.83 17.47 32.45
C VAL N 107 56.12 16.73 32.79
N SER N 108 56.39 15.66 32.06
CA SER N 108 57.65 14.93 32.15
C SER N 108 58.24 14.84 30.75
N LEU N 109 59.55 15.00 30.65
CA LEU N 109 60.20 15.22 29.36
C LEU N 109 61.19 14.10 29.04
N LEU N 110 61.09 13.55 27.83
CA LEU N 110 62.07 12.61 27.33
C LEU N 110 63.06 13.38 26.46
N LEU N 111 64.33 13.32 26.81
CA LEU N 111 65.37 14.10 26.16
C LEU N 111 66.32 13.17 25.41
N GLY N 112 66.57 13.48 24.14
CA GLY N 112 67.50 12.69 23.36
C GLY N 112 68.93 13.12 23.58
N VAL N 113 69.76 12.20 24.10
CA VAL N 113 71.13 12.50 24.47
C VAL N 113 72.07 11.73 23.53
N HIS N 114 72.97 12.45 22.88
CA HIS N 114 74.01 11.85 22.07
C HIS N 114 75.30 12.64 22.24
N GLY N 115 76.42 11.93 22.28
CA GLY N 115 77.71 12.55 22.49
C GLY N 115 78.63 11.61 23.24
N ASP N 116 79.92 11.95 23.22
CA ASP N 116 80.93 11.12 23.86
C ASP N 116 80.90 11.23 25.38
N GLY N 117 80.30 12.30 25.92
CA GLY N 117 80.23 12.49 27.36
C GLY N 117 79.39 11.45 28.08
N LEU N 118 78.49 10.77 27.35
CA LEU N 118 77.76 9.64 27.89
C LEU N 118 78.71 8.51 28.29
N ASP N 119 79.85 8.39 27.60
CA ASP N 119 80.88 7.43 28.00
C ASP N 119 81.84 8.01 29.02
N ASP N 120 81.76 9.30 29.33
CA ASP N 120 82.72 9.92 30.23
C ASP N 120 82.19 10.12 31.64
N HIS N 121 80.88 10.03 31.84
CA HIS N 121 80.25 10.25 33.13
C HIS N 121 79.27 9.12 33.41
N PRO N 122 78.95 8.88 34.69
CA PRO N 122 77.82 8.00 34.99
C PRO N 122 76.50 8.62 34.52
N ALA N 123 75.55 7.75 34.20
CA ALA N 123 74.25 8.19 33.68
C ALA N 123 73.48 8.99 34.72
N GLN N 124 73.54 8.55 35.99
CA GLN N 124 72.86 9.28 37.04
C GLN N 124 73.52 10.62 37.33
N GLU N 125 74.82 10.74 37.07
CA GLU N 125 75.52 12.00 37.31
C GLU N 125 75.07 13.08 36.33
N ILE N 126 75.06 12.76 35.03
CA ILE N 126 74.61 13.73 34.03
C ILE N 126 73.11 13.96 34.15
N ALA N 127 72.35 12.92 34.53
CA ALA N 127 70.92 13.08 34.76
C ALA N 127 70.64 14.03 35.91
N ARG N 128 71.36 13.88 37.03
CA ARG N 128 71.18 14.77 38.17
C ARG N 128 71.65 16.17 37.86
N GLN N 129 72.70 16.31 37.05
CA GLN N 129 73.18 17.64 36.68
C GLN N 129 72.18 18.38 35.80
N VAL N 130 71.59 17.70 34.81
CA VAL N 130 70.60 18.39 33.99
C VAL N 130 69.29 18.60 34.75
N GLN N 131 68.99 17.75 35.75
CA GLN N 131 67.80 17.97 36.55
C GLN N 131 67.96 19.18 37.48
N GLU N 132 69.12 19.30 38.14
CA GLU N 132 69.34 20.45 38.99
C GLU N 132 69.59 21.72 38.19
N GLN N 133 69.98 21.62 36.92
CA GLN N 133 69.96 22.81 36.08
C GLN N 133 68.54 23.20 35.69
N ALA N 134 67.71 22.20 35.34
CA ALA N 134 66.35 22.47 34.92
C ALA N 134 65.43 22.90 36.07
N GLY N 135 65.83 22.63 37.31
CA GLY N 135 65.02 23.03 38.46
C GLY N 135 65.07 24.50 38.78
N ALA N 136 65.91 25.28 38.09
CA ALA N 136 65.98 26.72 38.27
C ALA N 136 65.72 27.45 36.96
N MET N 137 64.91 26.88 36.08
CA MET N 137 64.62 27.48 34.78
C MET N 137 63.12 27.63 34.58
N ARG N 138 62.73 28.02 33.36
CA ARG N 138 61.33 28.17 32.99
C ARG N 138 61.06 27.36 31.73
N LEU N 139 59.82 26.90 31.60
CA LEU N 139 59.45 25.99 30.51
C LEU N 139 58.49 26.61 29.51
N ALA N 140 57.51 27.39 29.96
CA ALA N 140 56.65 28.11 29.02
C ALA N 140 56.32 29.50 29.52
N GLY N 141 57.20 30.08 30.33
CA GLY N 141 56.90 31.30 31.04
C GLY N 141 56.53 31.13 32.48
N GLY N 142 56.62 29.91 33.02
CA GLY N 142 56.25 29.64 34.39
C GLY N 142 57.41 29.05 35.17
N SER N 143 57.43 29.35 36.48
CA SER N 143 58.44 28.79 37.36
C SER N 143 58.20 27.30 37.57
N ILE N 144 59.29 26.55 37.71
CA ILE N 144 59.24 25.11 37.89
C ILE N 144 59.30 24.81 39.37
N LEU N 145 58.30 24.11 39.88
CA LEU N 145 58.28 23.73 41.29
C LEU N 145 59.19 22.54 41.51
N PRO N 146 60.26 22.68 42.28
CA PRO N 146 61.29 21.62 42.32
C PRO N 146 61.07 20.57 43.39
N TRP N 147 59.82 20.41 43.86
CA TRP N 147 59.37 19.29 44.71
C TRP N 147 60.13 19.28 46.05
N CYS N 148 59.75 20.24 46.89
CA CYS N 148 60.32 20.34 48.24
C CYS N 148 59.34 19.78 49.27
N ASN N 149 59.87 18.95 50.17
CA ASN N 149 59.21 18.48 51.39
C ASN N 149 57.91 17.71 51.12
N GLU N 150 57.88 16.96 50.02
CA GLU N 150 56.83 15.99 49.80
C GLU N 150 57.30 14.61 50.27
N ARG N 151 56.57 13.56 49.89
CA ARG N 151 56.87 12.22 50.38
C ARG N 151 58.11 11.64 49.70
N PHE N 152 58.04 11.45 48.38
CA PHE N 152 59.07 10.70 47.68
C PHE N 152 59.43 11.43 46.39
N PRO N 153 60.59 12.10 46.35
CA PRO N 153 60.98 12.79 45.12
C PRO N 153 61.44 11.82 44.04
N ALA N 154 61.35 12.29 42.79
CA ALA N 154 61.62 11.44 41.64
C ALA N 154 62.90 11.87 40.94
N PRO N 155 63.98 11.09 41.04
CA PRO N 155 65.15 11.35 40.18
C PRO N 155 64.91 10.95 38.74
N ASN N 156 65.85 11.22 37.86
CA ASN N 156 65.71 10.83 36.47
C ASN N 156 66.00 9.34 36.29
N ALA N 157 65.90 8.89 35.05
CA ALA N 157 66.34 7.55 34.66
C ALA N 157 66.81 7.65 33.21
N GLU N 158 68.11 7.87 33.04
CA GLU N 158 68.69 7.94 31.70
C GLU N 158 68.89 6.53 31.20
N LEU N 159 68.22 6.18 30.11
CA LEU N 159 68.24 4.84 29.54
C LEU N 159 68.96 4.89 28.21
N LEU N 160 70.00 4.09 28.06
CA LEU N 160 70.77 4.08 26.82
C LEU N 160 70.00 3.37 25.73
N MET N 161 69.83 4.05 24.59
CA MET N 161 69.07 3.47 23.49
C MET N 161 69.87 2.46 22.67
N LEU N 162 71.18 2.36 22.90
CA LEU N 162 71.99 1.32 22.27
C LEU N 162 71.87 0.06 23.11
N GLY N 163 70.76 -0.65 22.91
CA GLY N 163 70.51 -1.87 23.64
C GLY N 163 71.34 -3.03 23.12
N GLY N 164 71.79 -3.87 24.05
CA GLY N 164 72.54 -5.06 23.66
C GLY N 164 71.68 -6.07 22.93
N SER N 165 70.41 -6.19 23.32
CA SER N 165 69.47 -7.10 22.68
C SER N 165 68.17 -6.35 22.41
N ASP N 166 67.40 -6.88 21.46
CA ASP N 166 66.12 -6.26 21.11
C ASP N 166 65.11 -6.42 22.24
N GLU N 167 65.15 -7.55 22.94
CA GLU N 167 64.21 -7.77 24.04
C GLU N 167 64.55 -6.88 25.24
N GLN N 168 65.84 -6.67 25.51
CA GLN N 168 66.23 -5.79 26.60
C GLN N 168 65.89 -4.33 26.29
N ARG N 169 66.08 -3.92 25.02
CA ARG N 169 65.67 -2.59 24.60
C ARG N 169 64.17 -2.41 24.69
N ARG N 170 63.41 -3.44 24.30
CA ARG N 170 61.96 -3.41 24.40
C ARG N 170 61.49 -3.31 25.86
N LYS N 171 62.14 -4.07 26.76
CA LYS N 171 61.79 -4.01 28.18
C LYS N 171 62.14 -2.66 28.78
N ASN N 172 63.27 -2.07 28.37
CA ASN N 172 63.64 -0.74 28.82
C ASN N 172 62.64 0.31 28.36
N GLN N 173 62.21 0.23 27.10
CA GLN N 173 61.24 1.20 26.59
C GLN N 173 59.88 1.04 27.25
N ARG N 174 59.49 -0.20 27.56
CA ARG N 174 58.20 -0.41 28.23
C ARG N 174 58.26 0.05 29.69
N ARG N 175 59.40 -0.12 30.37
CA ARG N 175 59.54 0.41 31.72
C ARG N 175 59.54 1.93 31.73
N LEU N 176 60.21 2.55 30.76
CA LEU N 176 60.21 4.00 30.65
C LEU N 176 58.83 4.55 30.29
N THR N 177 58.05 3.78 29.52
CA THR N 177 56.66 4.16 29.25
C THR N 177 55.80 3.99 30.50
N ARG N 178 56.10 2.98 31.32
CA ARG N 178 55.36 2.77 32.57
C ARG N 178 55.66 3.87 33.58
N ARG N 179 56.86 4.47 33.52
CA ARG N 179 57.17 5.58 34.40
C ARG N 179 56.31 6.80 34.10
N LEU N 180 56.19 7.16 32.82
CA LEU N 180 55.41 8.31 32.38
C LEU N 180 53.97 7.95 31.99
N LEU N 181 53.31 7.20 32.86
CA LEU N 181 52.01 6.61 32.52
C LEU N 181 50.81 7.57 32.56
N PRO N 182 50.58 8.41 33.63
CA PRO N 182 49.33 9.21 33.61
C PRO N 182 49.42 10.47 32.76
N GLY N 183 49.68 10.30 31.47
CA GLY N 183 49.81 11.44 30.59
C GLY N 183 49.62 11.02 29.14
N PHE N 184 49.79 11.98 28.25
CA PHE N 184 49.55 11.78 26.83
C PHE N 184 50.68 12.38 26.03
N ALA N 185 51.32 11.56 25.20
CA ALA N 185 52.35 12.07 24.29
C ALA N 185 51.71 12.95 23.23
N LEU N 186 52.27 14.15 23.05
CA LEU N 186 51.81 15.09 22.04
C LEU N 186 52.74 14.99 20.84
N VAL N 187 52.18 14.62 19.69
CA VAL N 187 52.95 14.36 18.48
C VAL N 187 52.41 15.23 17.35
N SER N 188 53.20 15.34 16.29
CA SER N 188 52.86 16.14 15.13
C SER N 188 52.26 15.24 14.05
N ARG N 189 51.26 15.77 13.34
CA ARG N 189 50.43 15.02 12.41
C ARG N 189 50.32 15.74 11.07
N GLU N 190 51.47 16.09 10.49
CA GLU N 190 51.48 16.74 9.18
C GLU N 190 50.92 15.83 8.10
N ALA N 191 51.22 14.54 8.16
CA ALA N 191 50.71 13.59 7.16
C ALA N 191 49.19 13.43 7.28
N LEU N 192 48.68 13.32 8.51
CA LEU N 192 47.24 13.19 8.72
C LEU N 192 46.50 14.45 8.30
N LEU N 193 47.05 15.63 8.62
CA LEU N 193 46.42 16.88 8.22
C LEU N 193 46.45 17.06 6.70
N GLN N 194 47.55 16.66 6.06
CA GLN N 194 47.63 16.76 4.61
C GLN N 194 46.67 15.80 3.91
N GLN N 195 46.53 14.57 4.42
CA GLN N 195 45.60 13.63 3.79
C GLN N 195 44.15 14.01 4.08
N HIS N 196 43.88 14.67 5.22
CA HIS N 196 42.54 15.18 5.46
C HIS N 196 42.25 16.39 4.58
N LEU N 197 43.28 17.18 4.28
CA LEU N 197 43.13 18.27 3.31
C LEU N 197 42.83 17.74 1.92
N GLU N 198 43.49 16.64 1.52
CA GLU N 198 43.20 16.02 0.23
C GLU N 198 41.79 15.42 0.22
N THR N 199 41.34 14.85 1.35
CA THR N 199 39.99 14.32 1.45
C THR N 199 38.95 15.42 1.33
N LEU N 200 39.18 16.57 1.97
CA LEU N 200 38.28 17.70 1.82
C LEU N 200 38.33 18.30 0.43
N ARG N 201 39.50 18.30 -0.22
CA ARG N 201 39.59 18.81 -1.59
C ARG N 201 38.86 17.91 -2.57
N THR N 202 38.84 16.60 -2.32
CA THR N 202 37.96 15.73 -3.08
C THR N 202 36.50 15.98 -2.73
N THR N 203 36.22 16.32 -1.47
CA THR N 203 34.85 16.67 -1.08
C THR N 203 34.44 18.02 -1.66
N LEU N 204 35.29 19.03 -1.53
CA LEU N 204 35.01 20.35 -2.08
C LEU N 204 36.32 21.05 -2.46
N PRO N 205 36.45 21.54 -3.70
CA PRO N 205 37.72 22.16 -4.12
C PRO N 205 37.99 23.50 -3.46
N GLU N 206 39.14 24.10 -3.82
CA GLU N 206 39.75 25.33 -3.29
C GLU N 206 39.65 25.48 -1.77
N ALA N 207 39.82 24.37 -1.05
CA ALA N 207 39.80 24.36 0.41
C ALA N 207 41.23 24.48 0.93
N THR N 208 41.45 25.46 1.80
CA THR N 208 42.78 25.70 2.33
C THR N 208 43.11 24.72 3.45
N THR N 209 44.38 24.72 3.86
CA THR N 209 44.82 23.89 4.96
C THR N 209 44.25 24.36 6.29
N LEU N 210 43.90 25.65 6.38
CA LEU N 210 43.26 26.20 7.57
C LEU N 210 41.89 25.56 7.80
N ASP N 211 41.12 25.38 6.73
CA ASP N 211 39.78 24.79 6.86
C ASP N 211 39.87 23.31 7.21
N ALA N 212 40.88 22.62 6.68
CA ALA N 212 41.09 21.22 7.04
C ALA N 212 41.55 21.09 8.49
N LEU N 213 42.34 22.04 8.96
CA LEU N 213 42.73 22.06 10.37
C LEU N 213 41.54 22.35 11.27
N LEU N 214 40.66 23.27 10.84
CA LEU N 214 39.48 23.60 11.62
C LEU N 214 38.50 22.43 11.67
N ASP N 215 38.34 21.71 10.55
CA ASP N 215 37.42 20.58 10.50
C ASP N 215 37.88 19.42 11.39
N LEU N 216 39.18 19.31 11.63
CA LEU N 216 39.74 18.29 12.49
C LEU N 216 39.69 18.66 13.97
N CYS N 217 39.06 19.76 14.32
CA CYS N 217 38.96 20.19 15.71
C CYS N 217 37.54 20.42 16.17
N ARG N 218 36.67 20.96 15.32
CA ARG N 218 35.27 21.12 15.65
C ARG N 218 34.57 19.77 15.65
N ILE N 219 33.48 19.68 16.41
CA ILE N 219 32.63 18.49 16.40
C ILE N 219 31.62 18.67 15.26
N ASN N 220 31.78 17.86 14.22
CA ASN N 220 30.87 17.94 13.08
C ASN N 220 29.63 17.10 13.35
N PHE N 221 28.47 17.71 13.18
CA PHE N 221 27.19 17.03 13.35
C PHE N 221 26.62 16.73 11.97
N GLU N 222 26.36 15.44 11.71
CA GLU N 222 25.87 15.02 10.41
C GLU N 222 24.38 14.68 10.49
N PRO N 223 23.60 15.09 9.50
CA PRO N 223 22.17 14.75 9.49
C PRO N 223 21.98 13.29 9.12
N PRO N 224 20.86 12.67 9.55
CA PRO N 224 20.57 11.28 9.20
C PRO N 224 20.25 11.11 7.71
N TRP N 239 20.95 12.28 14.13
CA TRP N 239 22.01 13.28 14.10
C TRP N 239 23.22 12.79 14.89
N GLN N 240 24.20 12.26 14.17
CA GLN N 240 25.41 11.69 14.76
C GLN N 240 26.56 12.68 14.64
N VAL N 241 27.69 12.32 15.25
CA VAL N 241 28.88 13.14 15.27
C VAL N 241 29.94 12.48 14.40
N ARG N 242 30.56 13.25 13.52
CA ARG N 242 31.64 12.74 12.68
C ARG N 242 32.88 12.51 13.54
N ASP N 243 33.36 11.28 13.55
CA ASP N 243 34.41 10.88 14.48
C ASP N 243 35.78 11.38 14.03
N LYS N 244 36.74 11.29 14.94
CA LYS N 244 38.12 11.69 14.71
C LYS N 244 39.05 10.56 15.11
N PRO N 245 40.20 10.43 14.41
CA PRO N 245 41.17 9.39 14.79
C PRO N 245 41.76 9.54 16.19
N GLY N 246 41.95 10.76 16.67
CA GLY N 246 42.56 10.99 17.97
C GLY N 246 42.02 12.26 18.60
N TRP N 247 42.85 12.87 19.45
CA TRP N 247 42.43 14.11 20.10
C TRP N 247 42.42 15.28 19.11
N LEU N 248 43.48 15.38 18.30
CA LEU N 248 43.58 16.27 17.13
C LEU N 248 43.41 17.75 17.51
N VAL N 249 44.37 18.22 18.30
CA VAL N 249 44.43 19.61 18.73
C VAL N 249 45.03 20.48 17.63
N PRO N 250 44.72 21.77 17.55
CA PRO N 250 45.50 22.65 16.68
C PRO N 250 46.72 23.21 17.40
N ILE N 251 47.92 22.91 16.90
CA ILE N 251 49.14 23.32 17.57
C ILE N 251 49.81 24.41 16.75
N PRO N 252 50.61 25.29 17.36
CA PRO N 252 51.54 26.11 16.57
C PRO N 252 52.66 25.25 16.03
N ALA N 253 52.74 25.16 14.71
CA ALA N 253 53.67 24.25 14.04
C ALA N 253 54.99 24.92 13.67
N GLY N 254 55.18 26.19 14.04
CA GLY N 254 56.43 26.85 13.76
C GLY N 254 56.21 28.28 13.32
N TYR N 255 57.20 28.83 12.62
CA TYR N 255 57.18 30.21 12.18
C TYR N 255 57.60 30.30 10.73
N ASN N 256 56.81 31.02 9.92
CA ASN N 256 57.09 31.23 8.52
C ASN N 256 57.60 32.66 8.31
N ALA N 257 58.38 32.86 7.27
CA ALA N 257 59.01 34.13 6.98
C ALA N 257 57.98 35.18 6.60
N LEU N 258 58.08 36.36 7.21
CA LEU N 258 57.27 37.51 6.87
C LEU N 258 58.12 38.68 6.40
N SER N 259 59.44 38.54 6.42
CA SER N 259 60.37 39.60 6.05
C SER N 259 61.69 38.95 5.67
N PRO N 260 62.54 39.63 4.91
CA PRO N 260 63.89 39.12 4.69
C PRO N 260 64.71 39.13 5.97
N LEU N 261 65.68 38.22 6.04
CA LEU N 261 66.54 38.09 7.22
C LEU N 261 67.49 39.28 7.27
N TYR N 262 67.17 40.23 8.14
CA TYR N 262 67.97 41.45 8.26
C TYR N 262 69.27 41.18 8.99
N LEU N 263 70.17 42.16 8.92
CA LEU N 263 71.47 42.07 9.56
C LEU N 263 71.31 42.13 11.08
N PRO N 264 72.28 41.59 11.83
CA PRO N 264 72.18 41.63 13.31
C PRO N 264 72.09 43.02 13.92
N GLY N 265 72.76 44.00 13.34
CA GLY N 265 72.60 45.36 13.81
C GLY N 265 71.55 46.17 13.08
N GLU N 266 70.87 45.56 12.10
CA GLU N 266 69.93 46.31 11.27
C GLU N 266 68.63 46.60 12.02
N VAL N 267 68.10 45.63 12.74
CA VAL N 267 66.77 45.74 13.34
C VAL N 267 66.88 46.56 14.63
N ARG N 268 66.10 47.64 14.71
CA ARG N 268 66.10 48.49 15.87
C ARG N 268 65.38 47.81 17.03
N ASN N 269 65.96 47.96 18.24
CA ASN N 269 65.45 47.40 19.50
C ASN N 269 65.32 45.88 19.46
N ALA N 270 66.31 45.22 18.85
CA ALA N 270 66.35 43.77 18.88
C ALA N 270 66.81 43.27 20.26
N ARG N 271 66.63 41.97 20.51
CA ARG N 271 67.06 41.39 21.77
C ARG N 271 68.57 41.43 21.93
N ASP N 272 69.30 41.11 20.87
CA ASP N 272 70.75 41.30 20.83
C ASP N 272 71.13 41.73 19.43
N ARG N 273 72.22 42.50 19.34
CA ARG N 273 72.70 43.03 18.07
C ARG N 273 73.73 42.11 17.41
N GLU N 274 73.78 40.83 17.82
CA GLU N 274 74.65 39.85 17.20
C GLU N 274 73.89 38.73 16.51
N THR N 275 72.61 38.55 16.80
CA THR N 275 71.72 37.55 16.20
C THR N 275 70.87 38.21 15.14
N PRO N 276 70.81 37.67 13.92
CA PRO N 276 69.95 38.26 12.88
C PRO N 276 68.47 38.09 13.22
N LEU N 277 67.68 39.10 12.84
CA LEU N 277 66.26 39.12 13.12
C LEU N 277 65.48 39.07 11.81
N ARG N 278 64.37 38.33 11.83
CA ARG N 278 63.45 38.24 10.71
C ARG N 278 62.04 38.20 11.26
N PHE N 279 61.17 39.09 10.80
CA PHE N 279 59.79 39.07 11.25
C PHE N 279 59.09 37.82 10.70
N VAL N 280 58.30 37.17 11.56
CA VAL N 280 57.68 35.89 11.24
C VAL N 280 56.18 35.95 11.47
N GLU N 281 55.51 34.92 10.97
CA GLU N 281 54.10 34.66 11.21
C GLU N 281 53.97 33.24 11.76
N ASN N 282 52.99 33.03 12.62
CA ASN N 282 52.80 31.72 13.23
C ASN N 282 52.32 30.69 12.20
N LEU N 283 52.90 29.50 12.27
CA LEU N 283 52.46 28.37 11.45
C LEU N 283 51.62 27.44 12.32
N PHE N 284 50.46 27.04 11.79
CA PHE N 284 49.51 26.22 12.54
C PHE N 284 49.42 24.84 11.90
N GLY N 285 49.60 23.80 12.73
CA GLY N 285 49.48 22.44 12.27
C GLY N 285 48.54 21.66 13.19
N LEU N 286 48.46 20.36 12.91
CA LEU N 286 47.61 19.46 13.68
C LEU N 286 48.48 18.60 14.58
N GLY N 287 48.20 18.62 15.87
CA GLY N 287 48.87 17.75 16.81
C GLY N 287 47.92 16.71 17.35
N GLU N 288 48.45 15.63 17.90
CA GLU N 288 47.61 14.57 18.46
C GLU N 288 48.15 14.15 19.82
N TRP N 289 47.24 13.98 20.77
CA TRP N 289 47.56 13.45 22.08
C TRP N 289 47.21 11.98 22.10
N LEU N 290 48.19 11.13 22.38
CA LEU N 290 48.00 9.69 22.41
C LEU N 290 48.47 9.14 23.74
N SER N 291 47.93 7.99 24.12
CA SER N 291 48.51 7.25 25.23
C SER N 291 49.87 6.71 24.80
N PRO N 292 50.91 6.90 25.62
CA PRO N 292 52.29 6.61 25.16
C PRO N 292 52.60 5.13 24.96
N HIS N 293 51.69 4.22 25.31
CA HIS N 293 51.85 2.81 25.00
C HIS N 293 51.52 2.49 23.55
N ARG N 294 51.02 3.45 22.77
CA ARG N 294 50.65 3.24 21.39
C ARG N 294 51.74 3.71 20.42
N VAL N 295 53.01 3.59 20.82
CA VAL N 295 54.12 3.98 19.98
C VAL N 295 55.10 2.81 19.92
N ALA N 296 55.84 2.72 18.82
CA ALA N 296 56.83 1.66 18.67
C ALA N 296 58.02 1.88 19.59
N ALA N 297 58.56 3.10 19.60
CA ALA N 297 59.64 3.47 20.49
C ALA N 297 59.38 4.87 21.03
N LEU N 298 59.90 5.13 22.24
CA LEU N 298 59.71 6.43 22.87
C LEU N 298 60.56 7.52 22.25
N SER N 299 61.53 7.17 21.39
CA SER N 299 62.27 8.16 20.63
C SER N 299 61.46 8.76 19.48
N ASP N 300 60.31 8.16 19.16
CA ASP N 300 59.45 8.73 18.12
C ASP N 300 58.74 9.98 18.62
N LEU N 301 58.56 10.11 19.94
CA LEU N 301 57.83 11.22 20.53
C LEU N 301 58.67 12.49 20.65
N LEU N 302 59.96 12.44 20.30
CA LEU N 302 60.84 13.57 20.49
C LEU N 302 60.51 14.69 19.51
N TRP N 303 60.38 15.91 20.03
CA TRP N 303 60.13 17.09 19.21
C TRP N 303 61.47 17.71 18.81
N TYR N 304 61.72 17.77 17.51
CA TYR N 304 62.96 18.30 16.97
C TYR N 304 62.72 19.62 16.27
N HIS N 305 63.70 20.51 16.38
CA HIS N 305 63.75 21.71 15.58
C HIS N 305 64.01 21.36 14.12
N HIS N 306 63.57 22.23 13.22
CA HIS N 306 63.87 22.09 11.79
C HIS N 306 63.77 23.49 11.20
N ALA N 307 64.92 24.13 10.96
CA ALA N 307 64.93 25.55 10.64
C ALA N 307 64.60 25.79 9.17
N GLU N 308 65.41 25.24 8.26
CA GLU N 308 65.41 25.57 6.84
C GLU N 308 65.45 27.09 6.60
N PRO N 309 66.52 27.76 7.03
CA PRO N 309 66.46 29.22 7.19
C PRO N 309 66.46 30.01 5.88
N ASP N 310 66.69 29.37 4.73
CA ASP N 310 66.64 30.09 3.47
C ASP N 310 65.21 30.38 3.04
N LYS N 311 64.23 29.62 3.55
CA LYS N 311 62.84 29.74 3.14
C LYS N 311 61.92 30.02 4.31
N GLY N 312 62.44 30.59 5.40
CA GLY N 312 61.65 30.74 6.62
C GLY N 312 61.46 29.40 7.30
N LEU N 313 60.21 29.01 7.53
CA LEU N 313 59.82 27.63 7.85
C LEU N 313 60.46 27.11 9.13
N TYR N 314 60.62 27.98 10.12
CA TYR N 314 61.27 27.60 11.38
C TYR N 314 60.30 26.75 12.17
N ARG N 315 60.31 25.45 11.91
CA ARG N 315 59.33 24.52 12.44
C ARG N 315 59.89 23.70 13.60
N TRP N 316 58.96 23.14 14.37
CA TRP N 316 59.25 22.06 15.30
C TRP N 316 58.29 20.93 15.01
N SER N 317 58.78 19.71 15.06
CA SER N 317 57.95 18.57 14.65
C SER N 317 58.34 17.35 15.48
N THR N 318 57.80 16.19 15.11
CA THR N 318 58.23 14.91 15.63
C THR N 318 58.62 14.04 14.44
N PRO N 319 59.85 14.16 13.95
CA PRO N 319 60.32 13.25 12.91
C PRO N 319 60.56 11.86 13.49
N ARG N 320 60.63 10.88 12.58
CA ARG N 320 60.73 9.44 12.90
C ARG N 320 59.60 8.98 13.81
N PHE N 321 58.40 9.51 13.60
CA PHE N 321 57.26 9.09 14.40
C PHE N 321 56.64 7.80 13.87
N VAL N 322 56.14 7.84 12.63
CA VAL N 322 55.57 6.66 12.00
C VAL N 322 56.15 6.48 10.61
N MET O 1 87.30 -44.54 61.38
CA MET O 1 87.47 -43.23 60.78
C MET O 1 88.05 -43.33 59.38
N ASP O 2 88.58 -44.51 59.05
CA ASP O 2 89.23 -44.73 57.76
C ASP O 2 88.23 -44.93 56.62
N HIS O 3 87.06 -45.48 56.91
CA HIS O 3 86.09 -45.78 55.86
C HIS O 3 85.04 -44.67 55.75
N TYR O 4 84.46 -44.55 54.56
CA TYR O 4 83.40 -43.59 54.31
C TYR O 4 82.32 -44.23 53.46
N LEU O 5 81.10 -43.73 53.62
CA LEU O 5 79.94 -44.18 52.89
C LEU O 5 79.18 -42.96 52.39
N ASP O 6 78.88 -42.94 51.09
CA ASP O 6 78.16 -41.83 50.47
C ASP O 6 76.72 -42.26 50.24
N ILE O 7 75.78 -41.56 50.87
CA ILE O 7 74.36 -41.78 50.67
C ILE O 7 73.83 -40.60 49.86
N ARG O 8 73.39 -40.85 48.63
CA ARG O 8 72.87 -39.81 47.76
C ARG O 8 71.36 -39.95 47.70
N LEU O 9 70.65 -38.84 47.89
CA LEU O 9 69.20 -38.83 47.82
C LEU O 9 68.79 -38.98 46.36
N ARG O 10 68.14 -40.09 46.03
CA ARG O 10 67.52 -40.20 44.72
C ARG O 10 66.36 -39.21 44.64
N PRO O 11 66.25 -38.48 43.53
CA PRO O 11 65.23 -37.42 43.45
C PRO O 11 63.82 -37.99 43.45
N ASP O 12 62.90 -37.21 44.04
CA ASP O 12 61.56 -37.64 44.29
C ASP O 12 60.58 -36.67 43.64
N PRO O 13 59.59 -37.15 42.88
CA PRO O 13 58.55 -36.24 42.38
C PRO O 13 57.58 -35.74 43.43
N GLU O 14 57.66 -36.25 44.67
CA GLU O 14 56.79 -35.85 45.75
C GLU O 14 57.42 -34.83 46.69
N PHE O 15 58.71 -34.95 46.98
CA PHE O 15 59.36 -34.10 47.98
C PHE O 15 60.59 -33.43 47.39
N PRO O 16 60.78 -32.13 47.64
CA PRO O 16 62.10 -31.52 47.49
C PRO O 16 63.09 -32.16 48.45
N PRO O 17 64.40 -32.18 48.11
CA PRO O 17 65.37 -32.99 48.87
C PRO O 17 65.66 -32.51 50.29
N ALA O 18 65.17 -31.34 50.70
CA ALA O 18 65.41 -30.86 52.06
C ALA O 18 64.71 -31.75 53.10
N GLN O 19 63.48 -32.17 52.82
CA GLN O 19 62.78 -33.06 53.74
C GLN O 19 63.39 -34.46 53.73
N LEU O 20 63.92 -34.90 52.58
CA LEU O 20 64.64 -36.16 52.55
C LEU O 20 65.90 -36.11 53.39
N MET O 21 66.63 -34.98 53.33
CA MET O 21 67.78 -34.78 54.20
C MET O 21 67.38 -34.78 55.67
N SER O 22 66.25 -34.14 56.00
CA SER O 22 65.78 -34.10 57.38
C SER O 22 65.39 -35.48 57.90
N VAL O 23 64.69 -36.26 57.07
CA VAL O 23 64.27 -37.62 57.45
C VAL O 23 65.47 -38.53 57.61
N LEU O 24 66.44 -38.45 56.68
CA LEU O 24 67.65 -39.25 56.79
C LEU O 24 68.49 -38.86 58.00
N PHE O 25 68.53 -37.56 58.32
CA PHE O 25 69.27 -37.10 59.48
C PHE O 25 68.63 -37.58 60.77
N GLY O 26 67.29 -37.55 60.85
CA GLY O 26 66.62 -38.08 62.02
C GLY O 26 66.76 -39.58 62.18
N LYS O 27 66.74 -40.30 61.05
CA LYS O 27 66.90 -41.75 61.10
C LYS O 27 68.33 -42.15 61.51
N LEU O 28 69.34 -41.43 61.01
CA LEU O 28 70.70 -41.72 61.44
C LEU O 28 70.95 -41.28 62.88
N HIS O 29 70.23 -40.24 63.34
CA HIS O 29 70.29 -39.85 64.75
C HIS O 29 69.72 -40.95 65.64
N GLN O 30 68.58 -41.54 65.24
CA GLN O 30 68.01 -42.65 66.00
C GLN O 30 68.92 -43.87 65.98
N ALA O 31 69.55 -44.14 64.83
CA ALA O 31 70.49 -45.24 64.71
C ALA O 31 71.71 -45.04 65.60
N LEU O 32 72.20 -43.80 65.68
CA LEU O 32 73.37 -43.52 66.50
C LEU O 32 73.02 -43.51 67.99
N VAL O 33 71.78 -43.17 68.33
CA VAL O 33 71.32 -43.29 69.71
C VAL O 33 71.23 -44.76 70.10
N ALA O 34 70.68 -45.60 69.21
CA ALA O 34 70.50 -47.01 69.52
C ALA O 34 71.85 -47.77 69.54
N GLN O 35 72.78 -47.40 68.66
CA GLN O 35 74.01 -48.17 68.54
C GLN O 35 75.02 -47.76 69.60
N GLY O 36 75.29 -46.46 69.72
CA GLY O 36 76.32 -45.98 70.62
C GLY O 36 77.67 -45.85 69.94
N GLY O 37 78.53 -45.02 70.52
CA GLY O 37 79.79 -44.67 69.90
C GLY O 37 79.87 -43.22 69.45
N ASP O 38 81.09 -42.76 69.17
CA ASP O 38 81.33 -41.35 68.89
C ASP O 38 82.47 -41.19 67.90
N ARG O 39 82.72 -42.26 67.14
CA ARG O 39 83.69 -42.22 66.06
C ARG O 39 83.00 -42.28 64.70
N ILE O 40 81.82 -41.66 64.60
CA ILE O 40 81.01 -41.69 63.39
C ILE O 40 80.87 -40.25 62.90
N GLY O 41 81.47 -39.96 61.74
CA GLY O 41 81.45 -38.60 61.22
C GLY O 41 80.32 -38.35 60.23
N VAL O 42 80.07 -37.06 59.98
CA VAL O 42 79.03 -36.62 59.05
C VAL O 42 79.59 -35.44 58.26
N SER O 43 79.46 -35.50 56.93
CA SER O 43 79.90 -34.42 56.05
C SER O 43 78.81 -34.16 55.02
N PHE O 44 79.04 -33.13 54.20
CA PHE O 44 78.16 -32.80 53.07
C PHE O 44 79.05 -32.56 51.86
N PRO O 45 79.12 -33.50 50.91
CA PRO O 45 80.14 -33.43 49.85
C PRO O 45 79.94 -32.31 48.85
N ASP O 46 78.70 -32.01 48.47
CA ASP O 46 78.40 -30.92 47.54
C ASP O 46 77.83 -29.71 48.27
N LEU O 47 78.39 -29.39 49.44
CA LEU O 47 77.95 -28.25 50.22
C LEU O 47 78.39 -26.96 49.54
N ASP O 48 77.44 -26.26 48.92
CA ASP O 48 77.70 -24.96 48.31
C ASP O 48 77.46 -23.87 49.34
N GLU O 49 78.45 -23.00 49.53
CA GLU O 49 78.36 -21.91 50.49
C GLU O 49 77.78 -20.64 49.89
N SER O 50 77.36 -20.67 48.63
CA SER O 50 76.81 -19.48 47.99
C SER O 50 75.44 -19.13 48.56
N ARG O 51 74.56 -20.12 48.69
CA ARG O 51 73.22 -19.91 49.22
C ARG O 51 72.96 -20.74 50.48
N SER O 52 74.02 -21.20 51.13
CA SER O 52 73.98 -22.06 52.32
C SER O 52 73.18 -23.34 52.05
N ARG O 53 73.39 -23.93 50.89
CA ARG O 53 72.69 -25.13 50.48
C ARG O 53 73.38 -26.38 51.01
N LEU O 54 72.59 -27.35 51.48
CA LEU O 54 73.14 -28.60 51.97
C LEU O 54 73.72 -29.44 50.84
N GLY O 55 73.06 -29.44 49.68
CA GLY O 55 73.49 -30.25 48.56
C GLY O 55 72.50 -31.35 48.24
N GLU O 56 72.98 -32.48 47.73
CA GLU O 56 72.13 -33.62 47.45
C GLU O 56 72.76 -34.95 47.87
N ARG O 57 73.94 -34.93 48.49
CA ARG O 57 74.58 -36.14 48.99
C ARG O 57 74.97 -35.94 50.45
N LEU O 58 75.23 -37.06 51.12
CA LEU O 58 75.66 -37.06 52.51
C LEU O 58 76.80 -38.06 52.66
N ARG O 59 77.79 -37.71 53.48
CA ARG O 59 78.98 -38.53 53.66
C ARG O 59 79.11 -38.92 55.13
N ILE O 60 79.33 -40.22 55.37
CA ILE O 60 79.48 -40.76 56.73
C ILE O 60 80.88 -41.35 56.83
N HIS O 61 81.64 -40.89 57.82
CA HIS O 61 83.00 -41.39 58.04
C HIS O 61 83.06 -42.16 59.35
N ALA O 62 83.49 -43.41 59.27
CA ALA O 62 83.57 -44.28 60.45
C ALA O 62 84.51 -45.44 60.16
N SER O 63 84.60 -46.37 61.10
CA SER O 63 85.43 -47.55 60.96
C SER O 63 84.69 -48.64 60.20
N ALA O 64 85.36 -49.78 60.00
CA ALA O 64 84.75 -50.89 59.28
C ALA O 64 83.66 -51.55 60.10
N ASP O 65 83.96 -51.88 61.37
CA ASP O 65 82.99 -52.60 62.21
C ASP O 65 81.81 -51.72 62.59
N ASP O 66 82.06 -50.43 62.82
CA ASP O 66 80.99 -49.50 63.15
C ASP O 66 80.04 -49.29 61.97
N LEU O 67 80.59 -49.17 60.76
CA LEU O 67 79.72 -49.03 59.59
C LEU O 67 79.00 -50.33 59.26
N ARG O 68 79.64 -51.48 59.53
CA ARG O 68 78.96 -52.76 59.34
C ARG O 68 77.80 -52.92 60.33
N ALA O 69 77.98 -52.47 61.57
CA ALA O 69 76.89 -52.49 62.53
C ALA O 69 75.83 -51.44 62.20
N LEU O 70 76.22 -50.35 61.54
CA LEU O 70 75.24 -49.35 61.13
C LEU O 70 74.38 -49.87 59.99
N LEU O 71 74.97 -50.55 59.01
CA LEU O 71 74.18 -51.17 57.95
C LEU O 71 73.39 -52.37 58.46
N ALA O 72 73.89 -53.06 59.49
CA ALA O 72 73.14 -54.16 60.08
C ALA O 72 71.99 -53.66 60.95
N ARG O 73 72.02 -52.40 61.37
CA ARG O 73 70.94 -51.82 62.14
C ARG O 73 69.70 -51.66 61.24
N PRO O 74 68.49 -51.96 61.76
CA PRO O 74 67.29 -51.87 60.92
C PRO O 74 66.72 -50.47 60.74
N TRP O 75 67.53 -49.44 61.00
CA TRP O 75 67.13 -48.05 60.77
C TRP O 75 66.93 -47.73 59.29
N LEU O 76 67.54 -48.51 58.40
CA LEU O 76 67.53 -48.20 56.97
C LEU O 76 66.26 -48.67 56.27
N GLU O 77 65.37 -49.35 56.98
CA GLU O 77 64.11 -49.78 56.39
C GLU O 77 63.19 -48.59 56.14
N GLY O 78 62.54 -48.60 54.97
CA GLY O 78 61.66 -47.52 54.57
C GLY O 78 62.36 -46.35 53.89
N LEU O 79 63.69 -46.40 53.77
CA LEU O 79 64.44 -45.34 53.11
C LEU O 79 65.13 -45.79 51.83
N ARG O 80 64.91 -47.03 51.38
CA ARG O 80 65.59 -47.54 50.21
C ARG O 80 65.06 -46.91 48.91
N ASP O 81 63.83 -46.40 48.92
CA ASP O 81 63.29 -45.79 47.71
C ASP O 81 63.90 -44.42 47.45
N HIS O 82 64.11 -43.63 48.51
CA HIS O 82 64.54 -42.25 48.36
C HIS O 82 66.06 -42.08 48.35
N LEU O 83 66.80 -43.08 48.82
CA LEU O 83 68.25 -42.99 48.94
C LEU O 83 68.91 -44.13 48.18
N GLN O 84 70.13 -43.89 47.74
CA GLN O 84 70.97 -44.98 47.25
C GLN O 84 72.41 -44.73 47.68
N PHE O 85 73.13 -45.82 47.92
CA PHE O 85 74.45 -45.77 48.53
C PHE O 85 75.30 -46.90 47.96
N GLY O 86 76.61 -46.75 48.08
CA GLY O 86 77.52 -47.76 47.61
C GLY O 86 77.96 -48.72 48.71
N GLU O 87 79.25 -48.71 49.02
CA GLU O 87 79.83 -49.57 50.04
C GLU O 87 80.69 -48.74 50.98
N PRO O 88 80.91 -49.18 52.22
CA PRO O 88 81.85 -48.48 53.10
C PRO O 88 83.30 -48.61 52.66
N ALA O 89 83.68 -47.87 51.62
CA ALA O 89 85.05 -47.89 51.13
C ALA O 89 85.92 -46.91 51.92
N VAL O 90 87.24 -47.09 51.80
CA VAL O 90 88.20 -46.26 52.52
C VAL O 90 88.26 -44.87 51.89
N VAL O 91 88.69 -43.89 52.68
CA VAL O 91 88.87 -42.53 52.21
C VAL O 91 90.17 -42.46 51.41
N PRO O 92 90.34 -41.50 50.50
CA PRO O 92 91.65 -41.30 49.88
C PRO O 92 92.67 -40.81 50.89
N HIS O 93 93.94 -41.13 50.63
CA HIS O 93 95.00 -40.76 51.57
C HIS O 93 95.30 -39.26 51.61
N PRO O 94 95.59 -38.55 50.47
CA PRO O 94 95.88 -37.11 50.66
C PRO O 94 94.61 -36.25 50.72
N THR O 95 93.93 -36.30 51.85
CA THR O 95 92.68 -35.59 52.05
C THR O 95 92.80 -34.64 53.23
N PRO O 96 92.60 -33.34 53.02
CA PRO O 96 92.61 -32.40 54.16
C PRO O 96 91.39 -32.61 55.05
N TYR O 97 91.58 -32.34 56.34
CA TYR O 97 90.56 -32.60 57.35
C TYR O 97 89.90 -31.29 57.78
N ARG O 98 88.58 -31.32 57.96
CA ARG O 98 87.82 -30.20 58.45
C ARG O 98 86.85 -30.68 59.51
N GLN O 99 86.39 -29.75 60.36
CA GLN O 99 85.48 -30.09 61.44
C GLN O 99 84.05 -29.73 61.07
N VAL O 100 83.10 -30.37 61.76
CA VAL O 100 81.68 -30.11 61.59
C VAL O 100 81.08 -29.77 62.95
N SER O 101 80.29 -28.70 62.99
CA SER O 101 79.79 -28.18 64.25
C SER O 101 78.31 -27.85 64.14
N ARG O 102 77.61 -28.02 65.27
CA ARG O 102 76.21 -27.60 65.38
C ARG O 102 76.18 -26.25 66.08
N VAL O 103 75.82 -25.21 65.34
CA VAL O 103 75.79 -23.85 65.87
C VAL O 103 74.33 -23.50 66.13
N GLN O 104 73.92 -23.58 67.40
CA GLN O 104 72.57 -23.19 67.78
C GLN O 104 72.47 -21.67 67.88
N ALA O 105 71.27 -21.18 68.15
CA ALA O 105 71.05 -19.74 68.22
C ALA O 105 70.01 -19.44 69.29
N LYS O 106 70.09 -18.23 69.85
CA LYS O 106 69.09 -17.73 70.79
C LYS O 106 68.05 -16.89 70.04
N SER O 107 67.30 -17.57 69.18
CA SER O 107 66.34 -16.88 68.31
C SER O 107 65.11 -16.39 69.06
N ASN O 108 64.78 -17.00 70.20
CA ASN O 108 63.63 -16.55 70.97
C ASN O 108 64.10 -15.79 72.20
N PRO O 109 63.84 -14.47 72.27
CA PRO O 109 64.08 -13.76 73.55
C PRO O 109 63.19 -14.24 74.68
N GLU O 110 61.96 -14.66 74.36
CA GLU O 110 61.02 -15.08 75.40
C GLU O 110 61.47 -16.35 76.11
N ARG O 111 62.16 -17.25 75.40
CA ARG O 111 62.70 -18.45 76.02
C ARG O 111 63.77 -18.12 77.06
N LEU O 112 64.65 -17.16 76.74
CA LEU O 112 65.66 -16.75 77.71
C LEU O 112 65.05 -15.94 78.85
N ARG O 113 63.96 -15.21 78.58
CA ARG O 113 63.23 -14.52 79.65
C ARG O 113 62.61 -15.53 80.61
N ARG O 114 62.00 -16.59 80.07
CA ARG O 114 61.44 -17.65 80.91
C ARG O 114 62.54 -18.42 81.64
N ARG O 115 63.73 -18.50 81.05
CA ARG O 115 64.88 -19.04 81.77
C ARG O 115 65.25 -18.16 82.97
N LEU O 116 65.24 -16.85 82.76
CA LEU O 116 65.63 -15.92 83.82
C LEU O 116 64.57 -15.78 84.91
N MET O 117 63.33 -16.18 84.63
CA MET O 117 62.36 -16.37 85.71
C MET O 117 62.79 -17.49 86.64
N ARG O 118 63.41 -18.54 86.09
CA ARG O 118 63.79 -19.72 86.86
C ARG O 118 65.17 -19.60 87.49
N ARG O 119 65.86 -18.47 87.34
CA ARG O 119 67.18 -18.29 87.90
C ARG O 119 67.30 -17.11 88.86
N HIS O 120 66.59 -16.01 88.59
CA HIS O 120 66.65 -14.83 89.45
C HIS O 120 65.29 -14.37 89.94
N ASP O 121 64.19 -15.00 89.49
CA ASP O 121 62.81 -14.71 89.88
C ASP O 121 62.43 -13.25 89.61
N LEU O 122 62.89 -12.73 88.48
CA LEU O 122 62.59 -11.35 88.10
C LEU O 122 61.19 -11.26 87.49
N SER O 123 60.72 -10.02 87.35
CA SER O 123 59.40 -9.78 86.78
C SER O 123 59.45 -9.80 85.26
N GLU O 124 58.27 -9.66 84.64
CA GLU O 124 58.18 -9.64 83.19
C GLU O 124 58.78 -8.35 82.62
N GLU O 125 58.50 -7.21 83.26
CA GLU O 125 59.05 -5.94 82.79
C GLU O 125 60.55 -5.86 83.03
N GLU O 126 61.04 -6.47 84.11
CA GLU O 126 62.49 -6.57 84.31
C GLU O 126 63.14 -7.42 83.24
N ALA O 127 62.46 -8.48 82.79
CA ALA O 127 62.97 -9.30 81.70
C ALA O 127 62.97 -8.53 80.38
N ARG O 128 61.93 -7.71 80.15
CA ARG O 128 61.86 -6.96 78.90
C ARG O 128 62.88 -5.83 78.87
N LYS O 129 63.12 -5.18 80.02
CA LYS O 129 64.11 -4.12 80.06
C LYS O 129 65.53 -4.66 80.04
N ARG O 130 65.76 -5.81 80.70
CA ARG O 130 67.09 -6.41 80.69
C ARG O 130 67.40 -7.04 79.34
N ILE O 131 66.45 -7.76 78.77
CA ILE O 131 66.63 -8.39 77.46
C ILE O 131 65.62 -7.82 76.49
N PRO O 132 66.06 -7.04 75.49
CA PRO O 132 65.12 -6.52 74.49
C PRO O 132 64.81 -7.57 73.43
N ASP O 133 64.00 -7.17 72.46
CA ASP O 133 63.57 -8.06 71.39
C ASP O 133 64.59 -8.15 70.24
N THR O 134 65.66 -7.36 70.29
CA THR O 134 66.66 -7.37 69.24
C THR O 134 67.78 -8.38 69.47
N VAL O 135 67.68 -9.20 70.53
CA VAL O 135 68.71 -10.19 70.83
C VAL O 135 68.59 -11.46 70.00
N ALA O 136 67.60 -11.56 69.12
CA ALA O 136 67.42 -12.74 68.30
C ALA O 136 68.55 -12.87 67.29
N ARG O 137 69.06 -14.08 67.13
CA ARG O 137 70.21 -14.35 66.28
C ARG O 137 69.75 -14.93 64.96
N ALA O 138 70.15 -14.30 63.86
CA ALA O 138 69.90 -14.80 62.52
C ALA O 138 71.18 -15.46 62.02
N LEU O 139 71.08 -16.74 61.66
CA LEU O 139 72.24 -17.55 61.31
C LEU O 139 72.13 -17.96 59.85
N ASP O 140 73.11 -17.56 59.04
CA ASP O 140 73.12 -17.87 57.62
C ASP O 140 74.01 -19.10 57.36
N LEU O 141 73.57 -20.22 57.90
CA LEU O 141 74.24 -21.50 57.76
C LEU O 141 73.26 -22.54 57.24
N PRO O 142 73.76 -23.57 56.55
CA PRO O 142 72.88 -24.68 56.17
C PRO O 142 72.34 -25.42 57.38
N PHE O 143 71.09 -25.87 57.27
CA PHE O 143 70.38 -26.41 58.41
C PHE O 143 69.40 -27.49 57.96
N VAL O 144 69.10 -28.41 58.88
CA VAL O 144 68.03 -29.39 58.73
C VAL O 144 67.06 -29.20 59.88
N THR O 145 65.81 -29.61 59.66
CA THR O 145 64.72 -29.39 60.62
C THR O 145 64.24 -30.74 61.14
N LEU O 146 64.07 -30.85 62.46
CA LEU O 146 63.82 -32.13 63.12
C LEU O 146 62.85 -32.00 64.32
N ARG O 147 62.22 -33.11 64.70
CA ARG O 147 61.38 -33.15 65.88
C ARG O 147 61.83 -34.34 66.72
N SER O 148 61.65 -34.25 68.03
CA SER O 148 62.18 -35.23 68.95
C SER O 148 61.06 -35.95 69.69
N GLN O 149 61.30 -37.21 70.03
CA GLN O 149 60.34 -37.98 70.82
C GLN O 149 60.33 -37.52 72.27
N SER O 150 61.49 -37.14 72.81
CA SER O 150 61.56 -36.65 74.18
C SER O 150 60.95 -35.27 74.30
N THR O 151 61.29 -34.37 73.39
CA THR O 151 60.77 -33.00 73.36
C THR O 151 60.01 -32.81 72.06
N GLY O 152 58.70 -32.67 72.15
CA GLY O 152 57.83 -32.65 70.98
C GLY O 152 57.93 -31.41 70.12
N GLN O 153 58.65 -30.39 70.55
CA GLN O 153 58.83 -29.18 69.76
C GLN O 153 59.72 -29.46 68.56
N HIS O 154 59.43 -28.78 67.45
CA HIS O 154 60.19 -28.93 66.22
C HIS O 154 61.38 -27.99 66.24
N PHE O 155 62.58 -28.54 66.13
CA PHE O 155 63.81 -27.77 66.26
C PHE O 155 64.60 -27.79 64.96
N ARG O 156 65.35 -26.71 64.74
CA ARG O 156 66.24 -26.59 63.59
C ARG O 156 67.67 -26.86 64.03
N LEU O 157 68.38 -27.68 63.26
CA LEU O 157 69.76 -28.05 63.55
C LEU O 157 70.67 -27.47 62.48
N PHE O 158 71.38 -26.41 62.81
CA PHE O 158 72.33 -25.81 61.88
C PHE O 158 73.62 -26.62 61.86
N ILE O 159 74.17 -26.82 60.66
CA ILE O 159 75.41 -27.56 60.45
C ILE O 159 76.40 -26.63 59.76
N ARG O 160 77.61 -26.54 60.31
CA ARG O 160 78.65 -25.71 59.73
C ARG O 160 79.93 -26.53 59.58
N HIS O 161 80.51 -26.51 58.39
CA HIS O 161 81.78 -27.16 58.12
C HIS O 161 82.93 -26.19 58.38
N GLY O 162 83.94 -26.66 59.10
CA GLY O 162 85.02 -25.81 59.53
C GLY O 162 86.03 -25.54 58.43
N PRO O 163 87.02 -24.70 58.74
CA PRO O 163 88.13 -24.48 57.82
C PRO O 163 88.92 -25.75 57.54
N LEU O 164 89.51 -25.80 56.35
CA LEU O 164 90.21 -26.98 55.88
C LEU O 164 91.62 -26.98 56.45
N GLN O 165 91.84 -27.85 57.45
CA GLN O 165 93.16 -28.01 58.04
C GLN O 165 93.99 -29.03 57.27
N VAL O 166 95.11 -29.46 57.84
CA VAL O 166 96.00 -30.40 57.18
C VAL O 166 96.10 -31.73 57.91
N THR O 167 95.51 -31.85 59.10
CA THR O 167 95.59 -33.08 59.87
C THR O 167 94.35 -33.24 60.72
N ALA O 168 94.14 -34.46 61.22
CA ALA O 168 92.99 -34.78 62.05
C ALA O 168 93.36 -34.66 63.52
N GLU O 169 92.32 -34.43 64.33
CA GLU O 169 92.47 -34.31 65.77
C GLU O 169 91.60 -35.35 66.45
N GLU O 170 92.13 -35.96 67.51
CA GLU O 170 91.42 -37.02 68.23
C GLU O 170 90.28 -36.41 69.04
N GLY O 171 89.06 -36.58 68.55
CA GLY O 171 87.89 -36.06 69.24
C GLY O 171 86.68 -36.91 68.96
N GLY O 172 85.69 -36.77 69.83
CA GLY O 172 84.47 -37.55 69.71
C GLY O 172 83.47 -36.94 68.75
N PHE O 173 82.38 -37.67 68.54
CA PHE O 173 81.28 -37.24 67.70
C PHE O 173 79.98 -37.33 68.48
N THR O 174 79.05 -36.43 68.18
CA THR O 174 77.76 -36.44 68.85
C THR O 174 76.85 -37.49 68.21
N CYS O 175 75.63 -37.60 68.75
CA CYS O 175 74.66 -38.56 68.21
CA CYS O 175 74.66 -38.55 68.21
C CYS O 175 74.11 -38.11 66.86
N TYR O 176 74.24 -36.83 66.52
CA TYR O 176 73.83 -36.35 65.20
C TYR O 176 74.92 -36.51 64.15
N GLY O 177 76.09 -37.02 64.55
CA GLY O 177 77.24 -37.06 63.68
C GLY O 177 78.08 -35.81 63.69
N LEU O 178 77.64 -34.77 64.39
CA LEU O 178 78.42 -33.56 64.55
C LEU O 178 79.55 -33.80 65.54
N SER O 179 80.60 -33.00 65.43
CA SER O 179 81.83 -33.22 66.20
C SER O 179 81.85 -32.35 67.44
N LYS O 180 82.14 -32.98 68.58
CA LYS O 180 82.48 -32.28 69.81
C LYS O 180 83.98 -32.06 69.95
N GLY O 181 84.71 -32.07 68.84
CA GLY O 181 86.16 -31.98 68.83
C GLY O 181 86.78 -32.83 67.75
N GLY O 182 85.95 -33.66 67.09
CA GLY O 182 86.44 -34.53 66.04
C GLY O 182 86.61 -33.82 64.71
N PHE O 183 87.21 -34.54 63.76
CA PHE O 183 87.45 -34.03 62.42
C PHE O 183 87.10 -35.11 61.41
N VAL O 184 86.77 -34.67 60.19
CA VAL O 184 86.44 -35.60 59.10
C VAL O 184 87.22 -35.20 57.85
N PRO O 185 87.61 -36.16 57.01
CA PRO O 185 88.30 -35.82 55.76
C PRO O 185 87.37 -35.19 54.75
N TRP O 186 87.96 -34.47 53.81
CA TRP O 186 87.23 -33.76 52.77
C TRP O 186 87.78 -34.13 51.40
N PHE O 187 86.91 -34.60 50.52
CA PHE O 187 87.32 -34.97 49.17
C PHE O 187 86.15 -34.90 48.20
N ILE P 23 37.60 -34.17 7.69
CA ILE P 23 38.57 -33.34 8.38
C ILE P 23 38.99 -34.01 9.68
N LEU P 24 37.98 -34.39 10.48
CA LEU P 24 38.13 -35.06 11.77
C LEU P 24 39.00 -34.24 12.73
N SER P 25 38.46 -33.08 13.09
CA SER P 25 39.11 -32.20 14.06
C SER P 25 38.75 -32.63 15.48
N THR P 26 39.49 -32.08 16.44
CA THR P 26 39.22 -32.35 17.85
C THR P 26 37.98 -31.58 18.28
N ALA P 27 37.20 -32.19 19.17
CA ALA P 27 35.98 -31.57 19.68
C ALA P 27 36.30 -30.37 20.55
N SER P 28 35.44 -29.34 20.50
CA SER P 28 35.65 -28.14 21.27
C SER P 28 35.47 -28.39 22.76
N VAL P 29 34.51 -29.23 23.13
CA VAL P 29 34.38 -29.70 24.51
C VAL P 29 34.68 -31.20 24.52
N LEU P 30 35.61 -31.59 25.40
CA LEU P 30 36.04 -32.97 25.56
C LEU P 30 36.27 -33.22 27.06
N ALA P 31 35.22 -32.99 27.85
CA ALA P 31 35.28 -33.32 29.26
C ALA P 31 35.27 -34.83 29.45
N PHE P 32 36.20 -35.33 30.25
CA PHE P 32 36.29 -36.73 30.64
C PHE P 32 36.18 -36.84 32.15
N GLU P 33 35.26 -37.69 32.61
CA GLU P 33 35.10 -37.95 34.02
C GLU P 33 36.29 -38.72 34.58
N ARG P 34 36.50 -38.58 35.87
CA ARG P 34 37.55 -39.33 36.55
C ARG P 34 37.10 -40.78 36.71
N LYS P 35 37.92 -41.71 36.23
CA LYS P 35 37.80 -43.10 36.64
C LYS P 35 38.72 -43.33 37.83
N LEU P 36 38.45 -44.44 38.54
CA LEU P 36 39.05 -44.75 39.85
C LEU P 36 38.78 -43.62 40.84
N ASP P 37 37.50 -43.47 41.17
CA ASP P 37 37.06 -42.45 42.11
C ASP P 37 37.54 -42.77 43.51
N PRO P 38 38.33 -41.92 44.15
CA PRO P 38 38.73 -42.17 45.54
C PRO P 38 37.83 -41.48 46.56
N SER P 39 37.55 -42.17 47.64
CA SER P 39 36.84 -41.54 48.75
C SER P 39 37.80 -40.64 49.52
N ASP P 40 37.23 -39.85 50.41
CA ASP P 40 38.01 -38.89 51.18
C ASP P 40 38.71 -39.64 52.30
N ALA P 41 40.04 -39.77 52.19
CA ALA P 41 40.80 -40.63 53.08
C ALA P 41 40.95 -40.00 54.45
N LEU P 42 40.49 -40.70 55.48
CA LEU P 42 40.64 -40.26 56.85
C LEU P 42 42.03 -40.64 57.35
N MET P 43 42.32 -40.34 58.62
CA MET P 43 43.35 -41.08 59.34
C MET P 43 42.86 -41.37 60.75
N SER P 44 43.53 -42.33 61.38
CA SER P 44 43.25 -42.74 62.74
C SER P 44 44.51 -43.36 63.32
N ALA P 45 44.52 -43.51 64.64
CA ALA P 45 45.72 -43.94 65.35
C ALA P 45 45.47 -45.25 66.09
N GLY P 46 46.53 -46.03 66.25
CA GLY P 46 46.43 -47.29 66.96
C GLY P 46 47.78 -47.95 67.07
N ALA P 47 47.78 -49.15 67.63
CA ALA P 47 49.00 -49.89 67.93
C ALA P 47 49.19 -51.03 66.94
N TRP P 48 50.45 -51.28 66.58
CA TRP P 48 50.78 -52.46 65.79
C TRP P 48 50.52 -53.73 66.60
N ALA P 49 50.22 -54.81 65.85
CA ALA P 49 49.72 -56.11 66.32
C ALA P 49 48.36 -56.01 67.03
N GLN P 50 47.67 -54.88 66.88
CA GLN P 50 46.26 -54.76 67.24
C GLN P 50 45.44 -54.32 66.03
N ARG P 51 46.06 -54.27 64.85
CA ARG P 51 45.40 -53.90 63.60
C ARG P 51 44.38 -54.93 63.13
N ASP P 52 44.42 -56.15 63.68
CA ASP P 52 43.32 -57.09 63.44
C ASP P 52 42.04 -56.64 64.11
N ALA P 53 42.15 -55.89 65.22
CA ALA P 53 41.00 -55.31 65.91
C ALA P 53 40.88 -53.82 65.64
N SER P 54 41.22 -53.39 64.43
CA SER P 54 41.20 -51.96 64.07
C SER P 54 39.81 -51.58 63.56
N GLN P 55 38.88 -51.49 64.50
CA GLN P 55 37.51 -51.08 64.21
C GLN P 55 37.12 -49.79 64.91
N GLU P 56 37.34 -49.70 66.22
CA GLU P 56 37.00 -48.52 67.01
C GLU P 56 38.25 -47.73 67.37
N TRP P 57 39.19 -47.64 66.44
CA TRP P 57 40.43 -46.89 66.67
C TRP P 57 40.14 -45.39 66.70
N PRO P 58 40.68 -44.66 67.66
CA PRO P 58 40.36 -43.22 67.78
C PRO P 58 41.11 -42.40 66.74
N ALA P 59 40.36 -41.62 65.99
CA ALA P 59 40.94 -40.81 64.91
C ALA P 59 41.69 -39.61 65.47
N VAL P 60 42.79 -39.26 64.82
CA VAL P 60 43.56 -38.09 65.23
C VAL P 60 42.80 -36.83 64.83
N THR P 61 43.09 -35.74 65.53
CA THR P 61 42.34 -34.50 65.38
C THR P 61 43.29 -33.34 65.11
N VAL P 62 42.84 -32.39 64.30
CA VAL P 62 43.62 -31.19 64.04
C VAL P 62 43.54 -30.27 65.24
N ARG P 63 44.70 -29.88 65.78
CA ARG P 63 44.74 -29.05 66.97
C ARG P 63 45.48 -27.75 66.70
N GLU P 64 44.94 -26.65 67.23
CA GLU P 64 45.59 -25.36 67.14
C GLU P 64 46.59 -25.18 68.27
N LYS P 65 47.84 -24.89 67.92
CA LYS P 65 48.91 -24.73 68.88
C LYS P 65 49.60 -23.41 68.63
N SER P 66 49.92 -22.69 69.72
CA SER P 66 50.56 -21.38 69.63
C SER P 66 52.06 -21.55 69.61
N VAL P 67 52.70 -21.07 68.56
CA VAL P 67 54.15 -21.14 68.43
C VAL P 67 54.76 -19.74 68.48
N GLN P 95 51.84 -16.43 67.09
CA GLN P 95 51.20 -17.05 65.93
C GLN P 95 50.78 -18.48 66.25
N THR P 96 49.59 -18.85 65.82
CA THR P 96 49.03 -20.17 66.06
C THR P 96 48.92 -20.93 64.75
N VAL P 97 49.37 -22.18 64.75
CA VAL P 97 49.32 -23.04 63.57
C VAL P 97 48.64 -24.35 63.94
N ASP P 98 48.20 -25.07 62.91
CA ASP P 98 47.49 -26.32 63.11
C ASP P 98 48.44 -27.50 62.96
N VAL P 99 48.37 -28.43 63.91
CA VAL P 99 49.22 -29.61 63.94
C VAL P 99 48.34 -30.84 64.16
N ALA P 100 48.77 -31.96 63.56
CA ALA P 100 48.11 -33.24 63.75
C ALA P 100 49.16 -34.28 64.08
N ASN P 101 48.94 -35.03 65.15
CA ASN P 101 49.91 -36.02 65.59
C ASN P 101 49.19 -37.16 66.32
N LEU P 102 49.89 -38.28 66.43
CA LEU P 102 49.36 -39.44 67.14
C LEU P 102 49.37 -39.19 68.65
N PRO P 103 48.50 -39.87 69.40
CA PRO P 103 48.61 -39.85 70.86
C PRO P 103 49.78 -40.68 71.37
N SER P 104 49.91 -40.78 72.70
CA SER P 104 51.04 -41.49 73.28
C SER P 104 50.93 -42.99 73.09
N ASP P 105 49.74 -43.54 73.23
CA ASP P 105 49.53 -44.99 73.16
C ASP P 105 49.14 -45.45 71.76
N ALA P 106 49.94 -45.06 70.76
CA ALA P 106 49.72 -45.46 69.38
C ALA P 106 51.01 -45.28 68.59
N ASP P 107 51.21 -46.13 67.59
CA ASP P 107 52.33 -45.97 66.68
C ASP P 107 51.98 -46.26 65.22
N THR P 108 50.72 -46.51 64.88
CA THR P 108 50.31 -46.91 63.55
C THR P 108 49.20 -46.00 63.04
N LEU P 109 49.28 -45.64 61.76
CA LEU P 109 48.25 -44.84 61.11
C LEU P 109 47.19 -45.75 60.49
N LYS P 110 45.99 -45.20 60.31
CA LYS P 110 44.79 -45.95 59.90
C LYS P 110 44.07 -45.15 58.79
N VAL P 111 44.81 -44.85 57.74
CA VAL P 111 44.23 -44.12 56.61
C VAL P 111 43.31 -45.05 55.82
N ARG P 112 42.04 -44.66 55.72
CA ARG P 112 41.02 -45.50 55.10
C ARG P 112 40.30 -44.72 54.01
N PHE P 113 40.21 -45.32 52.82
CA PHE P 113 39.43 -44.73 51.73
C PHE P 113 38.89 -45.85 50.85
N THR P 114 37.81 -45.56 50.14
CA THR P 114 37.24 -46.50 49.19
C THR P 114 37.47 -46.03 47.76
N LEU P 115 37.84 -46.96 46.90
CA LEU P 115 38.12 -46.69 45.49
C LEU P 115 37.13 -47.46 44.63
N ARG P 116 36.48 -46.76 43.71
CA ARG P 116 35.51 -47.36 42.80
C ARG P 116 36.05 -47.36 41.39
N VAL P 117 36.11 -48.53 40.77
CA VAL P 117 36.54 -48.66 39.39
C VAL P 117 35.30 -48.68 38.51
N LEU P 118 35.19 -47.71 37.60
CA LEU P 118 33.96 -47.47 36.87
C LEU P 118 33.92 -48.20 35.52
N GLY P 119 34.87 -47.90 34.65
CA GLY P 119 34.85 -48.39 33.29
C GLY P 119 34.34 -47.35 32.32
N GLY P 120 34.45 -47.68 31.03
CA GLY P 120 34.13 -46.73 29.99
C GLY P 120 35.12 -45.59 29.95
N ALA P 121 36.41 -45.94 29.94
CA ALA P 121 37.48 -44.94 30.02
C ALA P 121 37.53 -44.07 28.77
N GLY P 122 37.31 -44.65 27.60
CA GLY P 122 37.36 -43.87 26.38
C GLY P 122 36.13 -43.02 26.11
N THR P 123 35.04 -43.25 26.83
CA THR P 123 33.81 -42.49 26.60
C THR P 123 33.92 -41.11 27.26
N PRO P 124 33.80 -40.02 26.51
CA PRO P 124 33.76 -38.70 27.14
C PRO P 124 32.39 -38.43 27.75
N SER P 125 32.38 -37.55 28.76
CA SER P 125 31.11 -37.13 29.34
C SER P 125 30.38 -36.16 28.44
N ALA P 126 31.11 -35.21 27.83
CA ALA P 126 30.51 -34.21 26.96
C ALA P 126 31.45 -34.00 25.78
N CYS P 127 31.07 -34.52 24.62
CA CYS P 127 31.84 -34.38 23.40
C CYS P 127 31.07 -33.52 22.41
N ASN P 128 31.76 -32.52 21.84
CA ASN P 128 31.12 -31.64 20.87
C ASN P 128 30.85 -32.37 19.56
N ASP P 129 31.78 -33.20 19.10
CA ASP P 129 31.67 -33.86 17.81
C ASP P 129 31.37 -35.34 17.99
N ALA P 130 30.34 -35.82 17.30
CA ALA P 130 29.99 -37.24 17.37
C ALA P 130 30.93 -38.11 16.56
N ALA P 131 31.43 -37.60 15.43
CA ALA P 131 32.38 -38.35 14.62
C ALA P 131 33.71 -38.53 15.35
N TYR P 132 34.17 -37.48 16.03
CA TYR P 132 35.38 -37.58 16.84
C TYR P 132 35.17 -38.54 18.01
N ARG P 133 33.99 -38.52 18.62
CA ARG P 133 33.69 -39.44 19.71
C ARG P 133 33.68 -40.88 19.23
N ASP P 134 33.10 -41.13 18.06
CA ASP P 134 33.09 -42.48 17.49
C ASP P 134 34.49 -42.96 17.13
N LYS P 135 35.31 -42.07 16.53
CA LYS P 135 36.68 -42.43 16.18
C LYS P 135 37.54 -42.68 17.42
N LEU P 136 37.36 -41.87 18.46
CA LEU P 136 38.12 -42.06 19.69
C LEU P 136 37.67 -43.33 20.43
N LEU P 137 36.37 -43.63 20.39
CA LEU P 137 35.89 -44.89 20.98
C LEU P 137 36.42 -46.10 20.21
N GLN P 138 36.50 -45.98 18.88
CA GLN P 138 37.10 -47.05 18.08
C GLN P 138 38.58 -47.22 18.41
N THR P 139 39.30 -46.11 18.63
CA THR P 139 40.72 -46.19 18.98
C THR P 139 40.93 -46.80 20.36
N VAL P 140 40.09 -46.43 21.33
CA VAL P 140 40.22 -46.99 22.68
C VAL P 140 39.83 -48.47 22.68
N ALA P 141 38.82 -48.85 21.89
CA ALA P 141 38.46 -50.26 21.78
C ALA P 141 39.54 -51.06 21.08
N THR P 142 40.23 -50.45 20.10
CA THR P 142 41.37 -51.08 19.47
C THR P 142 42.51 -51.29 20.46
N TYR P 143 42.72 -50.31 21.35
CA TYR P 143 43.67 -50.48 22.44
C TYR P 143 43.27 -51.63 23.36
N VAL P 144 41.97 -51.77 23.64
CA VAL P 144 41.49 -52.84 24.51
C VAL P 144 41.71 -54.21 23.88
N ASN P 145 41.48 -54.33 22.57
CA ASN P 145 41.81 -55.59 21.89
C ASN P 145 43.31 -55.82 21.80
N ASP P 146 44.12 -54.75 21.77
CA ASP P 146 45.56 -54.93 21.81
C ASP P 146 46.03 -55.39 23.18
N GLN P 147 45.56 -54.72 24.24
CA GLN P 147 45.75 -55.23 25.60
C GLN P 147 44.56 -54.82 26.46
N GLY P 148 44.05 -55.77 27.24
CA GLY P 148 42.83 -55.53 27.99
C GLY P 148 43.03 -54.88 29.34
N PHE P 149 43.56 -53.66 29.32
CA PHE P 149 43.93 -52.88 30.53
C PHE P 149 44.85 -53.68 31.44
N ALA P 150 45.87 -54.29 30.85
CA ALA P 150 46.74 -55.18 31.60
C ALA P 150 47.76 -54.41 32.44
N GLU P 151 48.57 -53.58 31.79
CA GLU P 151 49.66 -52.90 32.48
C GLU P 151 49.17 -51.76 33.36
N LEU P 152 48.14 -51.03 32.90
CA LEU P 152 47.61 -49.91 33.67
C LEU P 152 46.97 -50.38 34.97
N ALA P 153 46.21 -51.47 34.93
CA ALA P 153 45.61 -51.99 36.15
C ALA P 153 46.66 -52.57 37.09
N ARG P 154 47.74 -53.14 36.53
CA ARG P 154 48.83 -53.64 37.36
C ARG P 154 49.56 -52.51 38.07
N ARG P 155 49.80 -51.40 37.37
CA ARG P 155 50.49 -50.27 38.00
C ARG P 155 49.58 -49.52 38.98
N TYR P 156 48.28 -49.48 38.69
CA TYR P 156 47.33 -48.92 39.65
C TYR P 156 47.21 -49.81 40.88
N ALA P 157 47.31 -51.13 40.69
CA ALA P 157 47.34 -52.06 41.81
C ALA P 157 48.63 -51.93 42.60
N HIS P 158 49.72 -51.51 41.94
CA HIS P 158 50.93 -51.16 42.67
C HIS P 158 50.73 -49.93 43.53
N ASN P 159 50.18 -48.86 42.95
CA ASN P 159 49.94 -47.64 43.72
C ASN P 159 48.90 -47.82 44.82
N LEU P 160 48.03 -48.82 44.70
CA LEU P 160 47.26 -49.28 45.85
C LEU P 160 48.15 -50.07 46.81
N ALA P 161 49.03 -50.92 46.28
CA ALA P 161 49.76 -51.89 47.09
C ALA P 161 50.83 -51.22 47.93
N ASN P 162 51.62 -50.32 47.34
CA ASN P 162 52.45 -49.46 48.15
C ASN P 162 51.62 -48.26 48.57
N ALA P 163 51.91 -47.74 49.76
CA ALA P 163 51.15 -46.61 50.31
C ALA P 163 51.70 -45.29 49.77
N ARG P 164 51.56 -45.11 48.47
CA ARG P 164 51.92 -43.82 47.87
C ARG P 164 50.86 -42.77 48.19
N PHE P 165 49.64 -43.21 48.51
CA PHE P 165 48.63 -42.31 49.06
C PHE P 165 48.98 -41.85 50.46
N LEU P 166 49.88 -42.57 51.14
CA LEU P 166 50.55 -42.07 52.33
C LEU P 166 51.79 -41.33 51.86
N TRP P 167 51.59 -40.05 51.53
CA TRP P 167 52.65 -39.23 50.95
C TRP P 167 53.82 -39.03 51.89
N ARG P 168 53.60 -38.30 52.98
CA ARG P 168 54.66 -38.04 53.95
C ARG P 168 54.51 -38.89 55.20
N ASN P 169 53.54 -39.81 55.23
CA ASN P 169 53.37 -40.75 56.31
C ASN P 169 54.06 -42.09 56.04
N ARG P 170 54.84 -42.17 54.97
CA ARG P 170 55.56 -43.39 54.61
C ARG P 170 57.08 -43.24 54.68
N VAL P 171 57.59 -42.01 54.68
CA VAL P 171 59.03 -41.79 54.63
C VAL P 171 59.69 -42.19 55.95
N GLY P 172 59.05 -41.89 57.07
CA GLY P 172 59.64 -42.18 58.36
C GLY P 172 59.11 -43.45 58.98
N ALA P 173 58.52 -44.32 58.17
CA ALA P 173 57.89 -45.54 58.65
C ALA P 173 58.78 -46.73 58.36
N GLU P 174 59.03 -47.54 59.39
CA GLU P 174 59.84 -48.75 59.26
C GLU P 174 59.02 -49.97 58.87
N ALA P 175 57.69 -49.86 58.86
CA ALA P 175 56.82 -50.98 58.51
C ALA P 175 55.52 -50.40 57.98
N VAL P 176 55.25 -50.62 56.69
CA VAL P 176 54.04 -50.10 56.03
C VAL P 176 53.24 -51.29 55.51
N GLU P 177 51.93 -51.27 55.79
CA GLU P 177 51.04 -52.36 55.42
C GLU P 177 49.77 -51.80 54.81
N VAL P 178 49.29 -52.44 53.73
CA VAL P 178 48.08 -52.03 53.03
C VAL P 178 47.11 -53.20 53.02
N ARG P 179 45.89 -52.97 53.50
CA ARG P 179 44.81 -53.95 53.48
C ARG P 179 43.73 -53.48 52.53
N ILE P 180 43.34 -54.33 51.58
CA ILE P 180 42.36 -53.98 50.57
C ILE P 180 41.23 -55.02 50.59
N ASN P 181 40.04 -54.59 50.94
CA ASN P 181 38.86 -55.45 50.94
C ASN P 181 38.00 -55.14 49.73
N HIS P 182 37.47 -56.20 49.10
CA HIS P 182 36.60 -56.05 47.93
C HIS P 182 35.15 -56.14 48.41
N ILE P 183 34.53 -54.99 48.61
CA ILE P 183 33.15 -54.94 49.08
C ILE P 183 32.22 -55.14 47.88
N ARG P 184 31.40 -56.18 47.93
CA ARG P 184 30.39 -56.44 46.92
C ARG P 184 29.13 -56.88 47.64
N GLN P 185 28.05 -56.12 47.46
CA GLN P 185 26.75 -56.26 48.14
C GLN P 185 26.93 -56.21 49.67
N GLY P 186 27.83 -55.32 50.09
CA GLY P 186 28.02 -55.04 51.49
C GLY P 186 28.92 -56.02 52.24
N GLU P 187 29.45 -57.02 51.53
CA GLU P 187 30.26 -58.05 52.16
C GLU P 187 31.63 -58.13 51.48
N VAL P 188 32.60 -58.65 52.22
CA VAL P 188 33.97 -58.77 51.75
C VAL P 188 34.03 -59.95 50.79
N ALA P 189 34.12 -59.68 49.49
CA ALA P 189 34.19 -60.76 48.51
C ALA P 189 35.57 -61.40 48.51
N ARG P 190 36.63 -60.60 48.60
CA ARG P 190 37.99 -61.10 48.51
C ARG P 190 38.93 -60.10 49.16
N ALA P 191 39.71 -60.55 50.13
CA ALA P 191 40.59 -59.68 50.90
C ALA P 191 42.02 -59.78 50.39
N TRP P 192 42.78 -58.71 50.62
CA TRP P 192 44.19 -58.64 50.28
C TRP P 192 44.92 -57.91 51.40
N ARG P 193 46.18 -58.30 51.62
CA ARG P 193 46.99 -57.67 52.66
C ARG P 193 48.43 -57.59 52.14
N PHE P 194 48.78 -56.42 51.60
CA PHE P 194 50.05 -56.22 50.92
C PHE P 194 51.12 -55.77 51.93
N ASP P 195 52.29 -55.44 51.40
CA ASP P 195 53.39 -54.87 52.18
C ASP P 195 54.13 -53.88 51.30
N ALA P 196 54.15 -52.62 51.72
CA ALA P 196 54.81 -51.57 50.94
C ALA P 196 56.31 -51.57 51.11
N LEU P 197 56.85 -52.35 52.05
CA LEU P 197 58.30 -52.43 52.19
C LEU P 197 58.92 -53.26 51.06
N ALA P 198 58.30 -54.40 50.73
CA ALA P 198 58.81 -55.22 49.64
C ALA P 198 58.47 -54.60 48.28
N ILE P 199 57.24 -54.11 48.12
CA ILE P 199 56.82 -53.49 46.87
C ILE P 199 57.38 -52.07 46.84
N GLY P 200 58.45 -51.86 46.07
CA GLY P 200 59.10 -50.57 46.05
C GLY P 200 58.30 -49.52 45.31
N LEU P 201 58.67 -48.27 45.55
CA LEU P 201 58.03 -47.12 44.91
C LEU P 201 58.64 -46.77 43.57
N ARG P 202 59.65 -47.51 43.13
CA ARG P 202 60.36 -47.21 41.88
C ARG P 202 60.22 -48.32 40.85
N ASP P 203 60.45 -49.57 41.23
CA ASP P 203 60.38 -50.69 40.30
C ASP P 203 58.94 -51.16 40.14
N PHE P 204 58.71 -51.97 39.11
CA PHE P 204 57.37 -52.39 38.72
C PHE P 204 57.39 -53.91 38.54
N LYS P 205 57.23 -54.64 39.64
CA LYS P 205 57.40 -56.09 39.72
C LYS P 205 56.04 -56.80 39.62
N ALA P 206 56.02 -58.09 39.95
CA ALA P 206 54.80 -58.89 39.94
C ALA P 206 54.72 -59.77 41.18
N ASP P 207 53.49 -60.09 41.59
CA ASP P 207 53.21 -60.95 42.73
C ASP P 207 51.80 -61.51 42.53
N ALA P 208 51.54 -62.70 43.10
CA ALA P 208 50.34 -63.47 42.74
C ALA P 208 49.06 -62.78 43.20
N GLU P 209 49.01 -62.36 44.47
CA GLU P 209 47.87 -61.58 44.96
C GLU P 209 47.80 -60.24 44.26
N LEU P 210 48.96 -59.70 43.92
CA LEU P 210 49.05 -58.52 43.08
C LEU P 210 48.32 -58.74 41.77
N ASP P 211 48.66 -59.81 41.05
CA ASP P 211 48.00 -60.03 39.77
C ASP P 211 46.50 -60.25 39.96
N ALA P 212 46.10 -60.82 41.11
CA ALA P 212 44.66 -60.96 41.38
C ALA P 212 43.99 -59.59 41.50
N LEU P 213 44.64 -58.67 42.21
CA LEU P 213 44.16 -57.28 42.25
C LEU P 213 44.23 -56.62 40.88
N ALA P 214 45.22 -56.99 40.07
CA ALA P 214 45.35 -56.44 38.72
C ALA P 214 44.20 -56.88 37.81
N GLU P 215 43.82 -58.16 37.87
CA GLU P 215 42.66 -58.60 37.09
C GLU P 215 41.37 -58.01 37.62
N LEU P 216 41.27 -57.79 38.94
CA LEU P 216 40.07 -57.13 39.47
C LEU P 216 39.94 -55.70 38.97
N ILE P 217 41.04 -54.93 39.02
CA ILE P 217 41.01 -53.54 38.55
C ILE P 217 40.83 -53.50 37.03
N ALA P 218 41.39 -54.46 36.29
CA ALA P 218 41.22 -54.51 34.86
C ALA P 218 39.79 -54.86 34.46
N SER P 219 39.13 -55.75 35.23
CA SER P 219 37.74 -56.05 34.99
C SER P 219 36.85 -54.85 35.32
N GLY P 220 37.24 -54.08 36.34
CA GLY P 220 36.53 -52.83 36.60
C GLY P 220 36.69 -51.80 35.50
N LEU P 221 37.91 -51.66 34.97
CA LEU P 221 38.17 -50.67 33.93
C LEU P 221 37.58 -51.07 32.59
N SER P 222 37.47 -52.37 32.32
CA SER P 222 36.89 -52.82 31.06
C SER P 222 35.39 -52.60 31.04
N GLY P 223 34.73 -52.82 32.17
CA GLY P 223 33.29 -52.72 32.26
C GLY P 223 32.55 -54.02 32.48
N SER P 224 33.23 -55.08 32.88
CA SER P 224 32.61 -56.37 33.10
C SER P 224 32.08 -56.54 34.51
N GLY P 225 32.19 -55.52 35.35
CA GLY P 225 31.67 -55.60 36.71
C GLY P 225 31.96 -54.31 37.44
N HIS P 226 31.51 -54.26 38.69
CA HIS P 226 31.72 -53.11 39.54
C HIS P 226 32.66 -53.47 40.68
N VAL P 227 33.72 -52.68 40.84
CA VAL P 227 34.76 -52.94 41.82
C VAL P 227 34.77 -51.79 42.83
N LEU P 228 34.56 -52.12 44.09
CA LEU P 228 34.63 -51.18 45.20
C LEU P 228 35.59 -51.74 46.24
N LEU P 229 36.68 -51.02 46.50
CA LEU P 229 37.76 -51.50 47.36
C LEU P 229 37.92 -50.57 48.54
N GLU P 230 37.79 -51.13 49.75
CA GLU P 230 38.10 -50.40 50.97
C GLU P 230 39.57 -50.64 51.28
N VAL P 231 40.37 -49.58 51.22
CA VAL P 231 41.81 -49.64 51.42
C VAL P 231 42.12 -48.97 52.74
N VAL P 232 42.74 -49.72 53.64
CA VAL P 232 43.16 -49.27 54.96
C VAL P 232 44.67 -49.41 55.05
N ALA P 233 45.35 -48.32 55.34
CA ALA P 233 46.81 -48.32 55.45
C ALA P 233 47.23 -48.53 56.90
N PHE P 234 48.47 -49.00 57.06
CA PHE P 234 49.03 -49.25 58.39
C PHE P 234 50.53 -48.97 58.31
N ALA P 235 50.94 -47.76 58.69
CA ALA P 235 52.34 -47.36 58.68
C ALA P 235 52.81 -47.13 60.10
N ARG P 236 53.94 -47.73 60.46
CA ARG P 236 54.54 -47.57 61.79
C ARG P 236 55.37 -46.29 61.78
N ILE P 237 54.69 -45.16 61.91
CA ILE P 237 55.36 -43.86 61.86
C ILE P 237 56.04 -43.53 63.19
N GLY P 238 55.70 -44.23 64.27
CA GLY P 238 56.31 -44.00 65.56
C GLY P 238 55.30 -43.56 66.61
N ASP P 239 55.77 -43.59 67.86
CA ASP P 239 54.93 -43.25 69.00
C ASP P 239 54.73 -41.74 69.07
N GLY P 240 53.53 -41.28 68.72
CA GLY P 240 53.18 -39.89 68.86
C GLY P 240 53.80 -38.95 67.85
N GLN P 241 54.33 -39.48 66.75
CA GLN P 241 54.99 -38.64 65.76
C GLN P 241 53.96 -37.85 64.94
N GLU P 242 54.40 -36.73 64.40
CA GLU P 242 53.51 -35.83 63.67
C GLU P 242 53.22 -36.38 62.29
N VAL P 243 51.94 -36.39 61.92
CA VAL P 243 51.52 -36.90 60.64
C VAL P 243 51.21 -35.73 59.72
N PHE P 244 51.01 -36.01 58.43
CA PHE P 244 50.86 -35.00 57.40
C PHE P 244 49.54 -35.18 56.67
N PRO P 245 48.44 -34.65 57.21
CA PRO P 245 47.21 -34.55 56.41
C PRO P 245 47.36 -33.51 55.31
N SER P 246 46.45 -33.59 54.34
CA SER P 246 46.39 -32.58 53.30
C SER P 246 45.92 -31.26 53.90
N GLN P 247 46.56 -30.18 53.49
CA GLN P 247 46.44 -28.90 54.18
C GLN P 247 45.47 -27.97 53.47
N GLU P 248 44.50 -27.47 54.22
CA GLU P 248 43.53 -26.47 53.79
C GLU P 248 44.13 -25.07 53.90
N LEU P 249 43.54 -24.13 53.17
CA LEU P 249 43.84 -22.72 53.39
C LEU P 249 42.56 -21.94 53.64
N LYS P 260 45.59 -18.21 62.77
CA LYS P 260 45.58 -19.43 61.97
C LYS P 260 46.14 -19.17 60.58
N SER P 261 47.47 -19.18 60.46
CA SER P 261 48.09 -18.98 59.16
C SER P 261 47.93 -20.20 58.26
N LYS P 262 48.15 -21.40 58.81
CA LYS P 262 48.03 -22.64 58.07
C LYS P 262 47.14 -23.59 58.85
N THR P 263 46.15 -24.17 58.17
CA THR P 263 45.23 -25.11 58.78
C THR P 263 45.30 -26.45 58.06
N LEU P 264 44.93 -27.51 58.79
CA LEU P 264 44.92 -28.86 58.25
C LEU P 264 43.48 -29.30 58.04
N TYR P 265 43.21 -29.88 56.88
CA TYR P 265 41.84 -30.18 56.48
C TYR P 265 41.32 -31.39 57.24
N SER P 266 40.05 -31.33 57.63
CA SER P 266 39.38 -32.43 58.32
C SER P 266 37.96 -32.54 57.78
N VAL P 267 37.20 -33.50 58.29
CA VAL P 267 35.81 -33.66 57.86
C VAL P 267 34.81 -33.47 59.00
N ARG P 268 34.86 -34.31 60.04
CA ARG P 268 33.94 -34.20 61.16
C ARG P 268 34.62 -34.74 62.40
N ASP P 269 35.24 -33.84 63.19
CA ASP P 269 35.96 -34.14 64.43
C ASP P 269 37.07 -35.18 64.24
N ALA P 270 37.64 -35.23 63.03
CA ALA P 270 38.59 -36.27 62.65
C ALA P 270 39.33 -35.79 61.42
N ALA P 271 40.66 -35.80 61.48
CA ALA P 271 41.46 -35.26 60.39
C ALA P 271 41.46 -36.22 59.21
N ALA P 272 41.61 -35.66 58.01
CA ALA P 272 41.46 -36.44 56.79
C ALA P 272 42.44 -35.95 55.73
N ILE P 273 42.65 -36.81 54.73
CA ILE P 273 43.43 -36.48 53.53
C ILE P 273 42.44 -36.31 52.38
N HIS P 274 42.75 -35.38 51.49
CA HIS P 274 41.86 -35.06 50.38
C HIS P 274 41.79 -36.22 49.38
N SER P 275 40.66 -36.30 48.68
CA SER P 275 40.47 -37.32 47.66
C SER P 275 41.43 -37.13 46.49
N GLN P 276 41.67 -35.88 46.10
CA GLN P 276 42.49 -35.61 44.93
C GLN P 276 43.96 -35.90 45.19
N LYS P 277 44.38 -35.85 46.46
CA LYS P 277 45.74 -36.29 46.80
C LYS P 277 45.90 -37.79 46.58
N ILE P 278 44.88 -38.57 46.98
CA ILE P 278 44.89 -40.01 46.74
C ILE P 278 44.84 -40.31 45.26
N GLY P 279 44.08 -39.51 44.51
CA GLY P 279 44.04 -39.69 43.06
C GLY P 279 45.35 -39.39 42.38
N ASN P 280 46.03 -38.30 42.78
CA ASN P 280 47.34 -37.96 42.22
C ASN P 280 48.39 -38.98 42.62
N ALA P 281 48.27 -39.59 43.80
CA ALA P 281 49.16 -40.67 44.17
C ALA P 281 48.92 -41.91 43.33
N LEU P 282 47.65 -42.20 43.02
CA LEU P 282 47.33 -43.38 42.23
C LEU P 282 47.76 -43.23 40.77
N ARG P 283 47.83 -41.99 40.27
CA ARG P 283 48.22 -41.76 38.89
C ARG P 283 49.72 -41.91 38.65
N THR P 284 50.52 -42.08 39.71
CA THR P 284 51.98 -42.14 39.58
C THR P 284 52.39 -43.50 39.05
N ILE P 285 52.23 -43.66 37.73
CA ILE P 285 52.61 -44.90 37.04
C ILE P 285 53.53 -44.55 35.88
N ASP P 286 53.64 -43.25 35.56
CA ASP P 286 54.31 -42.83 34.34
C ASP P 286 55.82 -42.95 34.48
N THR P 287 56.40 -43.96 33.82
CA THR P 287 57.84 -44.09 33.69
C THR P 287 58.30 -44.00 32.25
N TRP P 288 57.40 -43.77 31.30
CA TRP P 288 57.75 -43.74 29.89
C TRP P 288 58.12 -42.36 29.40
N TYR P 289 58.18 -41.38 30.30
CA TYR P 289 58.73 -40.08 29.99
C TYR P 289 60.24 -40.18 29.79
N PRO P 290 60.86 -39.22 29.06
CA PRO P 290 62.32 -39.28 28.88
C PRO P 290 63.08 -38.99 30.16
N ASP P 291 63.18 -40.03 31.01
CA ASP P 291 63.69 -39.89 32.36
C ASP P 291 65.20 -39.69 32.37
N GLU P 292 65.65 -38.71 33.14
CA GLU P 292 67.05 -38.49 33.44
C GLU P 292 67.21 -38.29 34.94
N ASP P 293 68.46 -38.31 35.40
CA ASP P 293 68.89 -38.10 36.77
C ASP P 293 68.32 -39.12 37.75
N GLY P 294 67.87 -40.28 37.27
CA GLY P 294 67.42 -41.33 38.15
C GLY P 294 66.07 -41.12 38.80
N LEU P 295 65.21 -40.28 38.21
CA LEU P 295 63.89 -40.06 38.77
C LEU P 295 63.00 -41.29 38.51
N GLY P 296 62.14 -41.61 39.48
CA GLY P 296 61.25 -42.73 39.37
C GLY P 296 59.99 -42.39 38.61
N PRO P 297 58.88 -43.04 38.99
CA PRO P 297 57.60 -42.73 38.33
C PRO P 297 57.08 -41.37 38.72
N ILE P 298 56.43 -40.72 37.75
CA ILE P 298 55.74 -39.45 37.98
C ILE P 298 54.24 -39.67 37.75
N ALA P 299 53.45 -38.70 38.20
CA ALA P 299 52.01 -38.77 38.01
C ALA P 299 51.65 -38.55 36.55
N VAL P 300 50.68 -39.33 36.07
CA VAL P 300 50.20 -39.17 34.70
C VAL P 300 49.41 -37.88 34.63
N GLU P 301 50.02 -36.85 34.07
CA GLU P 301 49.47 -35.52 33.90
C GLU P 301 49.65 -35.12 32.44
N PRO P 302 48.81 -34.21 31.94
CA PRO P 302 49.14 -33.57 30.66
C PRO P 302 50.42 -32.76 30.79
N TYR P 303 51.31 -32.96 29.81
CA TYR P 303 52.67 -32.40 29.77
C TYR P 303 53.48 -32.75 31.02
N GLY P 304 53.26 -33.96 31.57
CA GLY P 304 54.08 -34.66 32.55
C GLY P 304 54.77 -33.87 33.65
N SER P 305 54.02 -32.98 34.30
CA SER P 305 54.61 -31.98 35.18
C SER P 305 54.63 -32.46 36.63
N VAL P 306 55.69 -32.09 37.35
CA VAL P 306 55.84 -32.40 38.76
C VAL P 306 56.13 -31.09 39.50
N THR P 307 55.51 -30.94 40.67
CA THR P 307 55.68 -29.71 41.45
C THR P 307 56.95 -29.73 42.28
N SER P 308 57.44 -30.91 42.65
CA SER P 308 58.61 -31.00 43.51
C SER P 308 59.88 -30.59 42.77
N GLN P 309 60.05 -31.06 41.54
CA GLN P 309 61.20 -30.67 40.75
C GLN P 309 61.02 -29.31 40.09
N GLY P 310 59.80 -28.78 40.06
CA GLY P 310 59.55 -27.52 39.39
C GLY P 310 59.70 -27.56 37.89
N LYS P 311 59.62 -28.73 37.29
CA LYS P 311 59.85 -28.90 35.85
C LYS P 311 58.79 -29.83 35.30
N ALA P 312 58.65 -29.81 33.97
CA ALA P 312 57.62 -30.58 33.28
C ALA P 312 58.28 -31.49 32.25
N TYR P 313 58.30 -32.79 32.55
CA TYR P 313 58.72 -33.80 31.59
C TYR P 313 57.61 -33.97 30.55
N ARG P 314 57.95 -34.70 29.47
CA ARG P 314 57.13 -34.81 28.25
C ARG P 314 56.81 -33.42 27.71
N GLN P 315 57.88 -32.71 27.36
CA GLN P 315 57.75 -31.32 26.92
C GLN P 315 57.03 -31.26 25.57
N PRO P 316 56.20 -30.24 25.34
CA PRO P 316 55.50 -30.13 24.05
C PRO P 316 56.42 -29.83 22.88
N LYS P 317 57.64 -29.34 23.10
CA LYS P 317 58.61 -29.23 22.03
C LYS P 317 59.09 -30.61 21.57
N GLN P 318 58.98 -31.62 22.43
CA GLN P 318 59.09 -33.01 22.01
C GLN P 318 57.70 -33.53 21.65
N LYS P 319 57.67 -34.63 20.91
CA LYS P 319 56.40 -35.24 20.52
C LYS P 319 55.99 -36.33 21.50
N LEU P 320 55.99 -36.00 22.80
CA LEU P 320 55.71 -36.97 23.83
C LEU P 320 54.69 -36.51 24.87
N ASP P 321 54.13 -35.31 24.72
CA ASP P 321 53.04 -34.89 25.59
C ASP P 321 51.74 -35.59 25.18
N PHE P 322 50.76 -35.51 26.07
CA PHE P 322 49.54 -36.31 25.93
C PHE P 322 48.68 -35.84 24.75
N TYR P 323 48.65 -34.53 24.50
CA TYR P 323 47.76 -34.01 23.48
C TYR P 323 48.27 -34.29 22.07
N THR P 324 49.59 -34.17 21.86
CA THR P 324 50.15 -34.51 20.56
C THR P 324 50.03 -36.00 20.28
N LEU P 325 50.13 -36.83 21.33
CA LEU P 325 49.93 -38.26 21.16
C LEU P 325 48.48 -38.59 20.84
N LEU P 326 47.52 -37.86 21.44
CA LEU P 326 46.12 -38.02 21.06
C LEU P 326 45.86 -37.63 19.60
N ASP P 327 46.34 -36.46 19.19
CA ASP P 327 46.10 -36.02 17.81
C ASP P 327 46.87 -36.86 16.79
N ASN P 328 47.96 -37.51 17.20
CA ASN P 328 48.57 -38.50 16.33
C ASN P 328 47.75 -39.78 16.30
N TRP P 329 47.22 -40.22 17.44
CA TRP P 329 46.57 -41.52 17.51
C TRP P 329 45.21 -41.53 16.83
N VAL P 330 44.38 -40.52 17.07
CA VAL P 330 42.97 -40.58 16.69
C VAL P 330 42.62 -39.66 15.54
N LEU P 331 43.54 -38.83 15.05
CA LEU P 331 43.23 -37.92 13.95
C LEU P 331 43.98 -38.27 12.67
N ARG P 332 45.31 -38.32 12.72
CA ARG P 332 46.11 -38.63 11.54
C ARG P 332 46.48 -40.10 11.44
N ASP P 333 45.93 -40.94 12.34
CA ASP P 333 46.16 -42.39 12.41
C ASP P 333 47.64 -42.74 12.60
N GLU P 334 48.41 -41.85 13.22
CA GLU P 334 49.81 -42.13 13.53
C GLU P 334 49.83 -42.78 14.91
N ALA P 335 49.76 -44.10 14.91
CA ALA P 335 49.69 -44.86 16.15
C ALA P 335 51.02 -44.79 16.89
N PRO P 336 51.04 -44.33 18.14
CA PRO P 336 52.30 -44.22 18.88
C PRO P 336 52.79 -45.55 19.41
N ALA P 337 53.83 -45.51 20.23
CA ALA P 337 54.35 -46.72 20.86
C ALA P 337 53.35 -47.26 21.89
N VAL P 338 53.62 -48.49 22.34
CA VAL P 338 52.77 -49.14 23.32
C VAL P 338 52.81 -48.41 24.65
N GLU P 339 53.99 -47.89 25.02
CA GLU P 339 54.13 -47.14 26.26
C GLU P 339 53.41 -45.79 26.19
N GLN P 340 53.50 -45.12 25.03
CA GLN P 340 52.84 -43.83 24.88
C GLN P 340 51.33 -43.97 24.87
N GLN P 341 50.81 -45.05 24.27
CA GLN P 341 49.37 -45.25 24.32
C GLN P 341 48.92 -45.74 25.70
N HIS P 342 49.80 -46.41 26.45
CA HIS P 342 49.53 -46.70 27.86
C HIS P 342 49.36 -45.42 28.65
N TYR P 343 50.26 -44.46 28.44
CA TYR P 343 50.19 -43.16 29.11
C TYR P 343 48.95 -42.38 28.68
N VAL P 344 48.58 -42.47 27.40
CA VAL P 344 47.40 -41.79 26.87
C VAL P 344 46.13 -42.36 27.51
N ILE P 345 46.01 -43.69 27.61
CA ILE P 345 44.82 -44.27 28.21
C ILE P 345 44.80 -44.01 29.72
N ALA P 346 45.97 -43.92 30.36
CA ALA P 346 45.99 -43.52 31.78
C ALA P 346 45.50 -42.09 31.98
N ASN P 347 45.90 -41.18 31.09
CA ASN P 347 45.39 -39.81 31.16
C ASN P 347 43.90 -39.73 30.81
N LEU P 348 43.40 -40.63 29.96
CA LEU P 348 41.96 -40.69 29.72
C LEU P 348 41.22 -41.26 30.92
N ILE P 349 41.86 -42.17 31.65
CA ILE P 349 41.28 -42.73 32.87
C ILE P 349 41.16 -41.65 33.94
N ARG P 350 42.18 -40.82 34.10
CA ARG P 350 42.14 -39.79 35.13
C ARG P 350 41.16 -38.66 34.82
N GLY P 351 40.66 -38.56 33.59
CA GLY P 351 39.74 -37.49 33.23
C GLY P 351 40.45 -36.24 32.77
N GLY P 352 39.66 -35.26 32.33
CA GLY P 352 40.26 -34.02 31.91
C GLY P 352 39.26 -33.11 31.25
N VAL P 353 39.74 -31.95 30.82
CA VAL P 353 38.88 -30.94 30.22
C VAL P 353 39.30 -30.72 28.77
N PHE P 354 39.80 -31.81 28.18
CA PHE P 354 40.53 -31.75 26.92
C PHE P 354 39.67 -31.14 25.81
N GLY P 355 40.33 -30.54 24.83
CA GLY P 355 39.65 -29.95 23.69
C GLY P 355 40.21 -28.59 23.34
N GLU P 356 39.94 -28.16 22.11
CA GLU P 356 40.48 -26.91 21.59
C GLU P 356 39.65 -25.72 22.07
N ALA P 357 39.90 -24.56 21.49
CA ALA P 357 39.17 -23.35 21.84
C ALA P 357 38.99 -22.46 20.63
N ILE Q 23 -9.09 -16.64 10.49
CA ILE Q 23 -8.04 -16.75 9.48
C ILE Q 23 -6.89 -17.60 10.05
N LEU Q 24 -6.89 -17.75 11.39
CA LEU Q 24 -6.13 -18.75 12.13
C LEU Q 24 -4.61 -18.62 11.91
N SER Q 25 -4.07 -17.53 12.44
CA SER Q 25 -2.62 -17.42 12.59
C SER Q 25 -2.21 -17.88 13.98
N THR Q 26 -0.93 -18.25 14.11
CA THR Q 26 -0.37 -18.61 15.41
C THR Q 26 -0.32 -17.39 16.33
N ALA Q 27 -0.64 -17.61 17.61
CA ALA Q 27 -0.68 -16.52 18.57
C ALA Q 27 0.72 -15.99 18.86
N SER Q 28 0.80 -14.68 19.10
CA SER Q 28 2.10 -14.06 19.35
C SER Q 28 2.67 -14.47 20.70
N VAL Q 29 1.81 -14.64 21.71
CA VAL Q 29 2.21 -15.28 22.96
C VAL Q 29 1.45 -16.59 23.09
N LEU Q 30 2.18 -17.64 23.45
CA LEU Q 30 1.62 -18.96 23.67
C LEU Q 30 2.27 -19.57 24.90
N ALA Q 31 2.30 -18.79 25.98
CA ALA Q 31 2.92 -19.24 27.22
C ALA Q 31 2.17 -20.41 27.82
N PHE Q 32 2.91 -21.47 28.16
CA PHE Q 32 2.34 -22.68 28.70
C PHE Q 32 2.93 -22.94 30.07
N GLU Q 33 2.07 -23.15 31.06
CA GLU Q 33 2.52 -23.63 32.35
C GLU Q 33 3.02 -25.06 32.22
N ARG Q 34 4.14 -25.35 32.88
CA ARG Q 34 4.69 -26.69 32.81
C ARG Q 34 3.85 -27.66 33.60
N LYS Q 35 3.65 -28.85 33.06
CA LYS Q 35 3.11 -29.97 33.80
C LYS Q 35 4.28 -30.84 34.26
N LEU Q 36 3.95 -31.85 35.09
CA LEU Q 36 4.92 -32.64 35.85
C LEU Q 36 5.86 -31.75 36.65
N ASP Q 37 5.27 -31.02 37.60
CA ASP Q 37 6.03 -30.08 38.41
C ASP Q 37 6.79 -30.81 39.50
N PRO Q 38 8.12 -30.78 39.49
CA PRO Q 38 8.89 -31.52 40.50
C PRO Q 38 9.33 -30.67 41.68
N SER Q 39 9.40 -31.26 42.88
CA SER Q 39 9.99 -30.56 43.99
C SER Q 39 11.50 -30.71 43.97
N ASP Q 40 12.18 -29.97 44.83
CA ASP Q 40 13.63 -30.03 44.89
C ASP Q 40 14.08 -31.28 45.64
N ALA Q 41 14.98 -32.04 45.02
CA ALA Q 41 15.30 -33.40 45.47
C ALA Q 41 16.41 -33.34 46.52
N LEU Q 42 16.02 -33.55 47.78
CA LEU Q 42 16.98 -33.51 48.87
C LEU Q 42 17.81 -34.79 48.92
N MET Q 43 19.07 -34.64 49.34
CA MET Q 43 20.03 -35.72 49.35
C MET Q 43 20.45 -36.00 50.78
N SER Q 44 20.28 -37.25 51.22
CA SER Q 44 20.78 -37.74 52.49
C SER Q 44 21.61 -38.98 52.22
N ALA Q 45 22.25 -39.52 53.27
CA ALA Q 45 23.12 -40.67 53.10
C ALA Q 45 22.91 -41.66 54.23
N GLY Q 46 23.14 -42.93 53.91
CA GLY Q 46 22.94 -44.00 54.86
C GLY Q 46 23.47 -45.30 54.30
N ALA Q 47 23.09 -46.40 54.93
CA ALA Q 47 23.51 -47.73 54.52
C ALA Q 47 22.38 -48.44 53.79
N TRP Q 48 22.76 -49.35 52.88
CA TRP Q 48 21.80 -50.18 52.17
C TRP Q 48 21.13 -51.15 53.14
N ALA Q 49 19.88 -51.51 52.80
CA ALA Q 49 18.92 -52.32 53.57
C ALA Q 49 18.45 -51.65 54.85
N GLN Q 50 18.89 -50.43 55.14
CA GLN Q 50 18.29 -49.57 56.16
C GLN Q 50 17.34 -48.57 55.54
N ARG Q 51 17.06 -48.72 54.24
CA ARG Q 51 16.23 -47.77 53.51
C ARG Q 51 14.80 -47.72 54.02
N ASP Q 52 14.29 -48.86 54.51
CA ASP Q 52 12.97 -48.89 55.13
C ASP Q 52 12.93 -48.11 56.44
N ALA Q 53 14.08 -47.85 57.04
CA ALA Q 53 14.20 -46.94 58.18
C ALA Q 53 14.97 -45.69 57.78
N SER Q 54 14.79 -45.24 56.55
CA SER Q 54 15.49 -44.06 56.03
C SER Q 54 14.74 -42.77 56.28
N GLN Q 55 13.87 -42.73 57.30
CA GLN Q 55 13.09 -41.52 57.55
C GLN Q 55 13.95 -40.42 58.16
N GLU Q 56 14.82 -40.77 59.11
CA GLU Q 56 15.64 -39.80 59.83
C GLU Q 56 17.12 -39.94 59.46
N TRP Q 57 17.40 -40.18 58.18
CA TRP Q 57 18.78 -40.27 57.73
C TRP Q 57 19.43 -38.89 57.76
N PRO Q 58 20.72 -38.80 58.08
CA PRO Q 58 21.40 -37.49 58.08
C PRO Q 58 21.59 -36.99 56.66
N ALA Q 59 21.25 -35.71 56.45
CA ALA Q 59 21.31 -35.12 55.13
C ALA Q 59 22.75 -34.90 54.68
N VAL Q 60 22.96 -34.98 53.37
CA VAL Q 60 24.28 -34.73 52.81
C VAL Q 60 24.57 -33.24 52.91
N THR Q 61 25.71 -32.90 53.53
CA THR Q 61 26.08 -31.52 53.77
C THR Q 61 27.20 -31.12 52.82
N VAL Q 62 27.03 -29.97 52.17
CA VAL Q 62 28.05 -29.45 51.27
C VAL Q 62 29.21 -28.91 52.11
N ARG Q 63 30.43 -29.35 51.81
CA ARG Q 63 31.59 -28.96 52.59
C ARG Q 63 32.65 -28.36 51.67
N GLU Q 64 33.63 -27.71 52.29
CA GLU Q 64 34.72 -27.06 51.57
C GLU Q 64 35.97 -27.94 51.60
N LYS Q 65 36.70 -27.97 50.48
CA LYS Q 65 38.02 -28.59 50.48
C LYS Q 65 38.92 -27.83 49.52
N SER Q 66 40.20 -27.78 49.85
CA SER Q 66 41.16 -26.98 49.10
C SER Q 66 41.86 -27.84 48.06
N VAL Q 67 42.03 -27.28 46.85
CA VAL Q 67 42.70 -27.97 45.75
C VAL Q 67 43.79 -27.06 45.23
N ARG Q 68 44.96 -27.64 44.98
CA ARG Q 68 45.97 -27.00 44.13
C ARG Q 68 46.18 -27.88 42.91
N GLY Q 69 46.40 -27.24 41.78
CA GLY Q 69 46.42 -27.95 40.51
C GLY Q 69 47.57 -27.53 39.63
N THR Q 70 48.04 -28.49 38.84
CA THR Q 70 49.00 -28.22 37.78
C THR Q 70 48.29 -27.65 36.57
N ILE Q 71 49.06 -27.04 35.69
CA ILE Q 71 48.51 -26.46 34.47
C ILE Q 71 48.30 -27.59 33.46
N SER Q 72 47.04 -27.90 33.14
CA SER Q 72 46.70 -29.10 32.41
C SER Q 72 45.77 -28.88 31.23
N ASN Q 73 45.50 -27.63 30.85
CA ASN Q 73 44.72 -27.41 29.65
C ASN Q 73 45.61 -27.43 28.41
N ARG Q 74 44.99 -27.43 27.24
CA ARG Q 74 45.74 -27.39 26.00
C ARG Q 74 46.32 -25.99 25.78
N LEU Q 75 47.60 -25.93 25.44
CA LEU Q 75 48.26 -24.66 25.20
C LEU Q 75 48.07 -24.23 23.75
N LYS Q 76 48.26 -22.93 23.51
CA LYS Q 76 47.97 -22.30 22.22
C LYS Q 76 49.22 -22.03 21.42
N THR Q 77 50.19 -22.96 21.46
CA THR Q 77 51.47 -22.99 20.74
C THR Q 77 52.44 -21.88 21.14
N LYS Q 78 52.08 -21.00 22.08
CA LYS Q 78 52.99 -20.02 22.63
C LYS Q 78 53.31 -20.25 24.11
N ASP Q 79 52.49 -21.04 24.79
CA ASP Q 79 52.77 -21.51 26.15
C ASP Q 79 53.61 -22.78 26.15
N ARG Q 80 53.98 -23.28 24.98
CA ARG Q 80 54.69 -24.55 24.85
C ARG Q 80 56.20 -24.42 24.99
N ASP Q 81 56.72 -23.22 25.28
CA ASP Q 81 58.12 -23.06 25.58
C ASP Q 81 58.46 -23.75 26.90
N PRO Q 82 59.67 -24.34 27.01
CA PRO Q 82 60.01 -25.11 28.23
C PRO Q 82 60.14 -24.26 29.48
N ALA Q 83 60.83 -23.12 29.39
CA ALA Q 83 61.05 -22.28 30.57
C ALA Q 83 59.75 -21.62 31.02
N LYS Q 84 58.91 -21.21 30.07
CA LYS Q 84 57.66 -20.55 30.43
C LYS Q 84 56.66 -21.53 31.03
N LEU Q 85 56.60 -22.76 30.47
CA LEU Q 85 55.80 -23.81 31.09
C LEU Q 85 56.37 -24.21 32.45
N ASP Q 86 57.69 -24.13 32.63
CA ASP Q 86 58.30 -24.42 33.92
C ASP Q 86 57.91 -23.39 34.96
N ALA Q 87 57.90 -22.12 34.57
CA ALA Q 87 57.40 -21.06 35.46
C ALA Q 87 55.90 -21.21 35.70
N SER Q 88 55.18 -21.82 34.76
CA SER Q 88 53.75 -22.07 34.96
C SER Q 88 53.52 -23.18 35.99
N ILE Q 89 54.29 -24.26 35.93
CA ILE Q 89 54.05 -25.37 36.87
C ILE Q 89 54.60 -25.00 38.25
N GLN Q 90 55.62 -24.13 38.30
CA GLN Q 90 56.15 -23.67 39.60
C GLN Q 90 55.15 -22.84 40.41
N SER Q 91 54.05 -22.38 39.80
CA SER Q 91 52.98 -21.70 40.51
C SER Q 91 51.67 -22.44 40.25
N PRO Q 92 51.36 -23.47 41.05
CA PRO Q 92 50.10 -24.19 40.88
C PRO Q 92 48.90 -23.33 41.25
N ASN Q 93 47.77 -23.57 40.58
CA ASN Q 93 46.61 -22.71 40.81
C ASN Q 93 45.78 -23.25 41.98
N LEU Q 94 45.25 -22.34 42.78
CA LEU Q 94 44.63 -22.67 44.05
C LEU Q 94 43.15 -22.33 44.01
N GLN Q 95 42.32 -23.28 44.47
CA GLN Q 95 40.89 -23.06 44.59
C GLN Q 95 40.40 -23.71 45.87
N THR Q 96 39.23 -23.28 46.32
CA THR Q 96 38.47 -23.98 47.34
C THR Q 96 37.16 -24.45 46.70
N VAL Q 97 37.04 -25.77 46.54
CA VAL Q 97 35.90 -26.35 45.86
C VAL Q 97 34.93 -26.89 46.91
N ASP Q 98 33.65 -26.68 46.68
CA ASP Q 98 32.63 -27.31 47.49
C ASP Q 98 32.42 -28.73 46.99
N VAL Q 99 32.55 -29.69 47.88
CA VAL Q 99 32.38 -31.09 47.55
C VAL Q 99 31.27 -31.65 48.43
N ALA Q 100 30.59 -32.66 47.90
CA ALA Q 100 29.55 -33.38 48.63
C ALA Q 100 29.99 -34.83 48.72
N ASN Q 101 30.24 -35.29 49.94
CA ASN Q 101 30.72 -36.64 50.19
C ASN Q 101 29.79 -37.32 51.18
N LEU Q 102 29.65 -38.63 51.04
CA LEU Q 102 28.94 -39.41 52.03
C LEU Q 102 29.75 -39.50 53.31
N PRO Q 103 29.09 -39.76 54.44
CA PRO Q 103 29.81 -40.24 55.62
C PRO Q 103 30.45 -41.59 55.33
N SER Q 104 31.54 -41.87 56.04
CA SER Q 104 32.30 -43.09 55.78
C SER Q 104 31.52 -44.35 56.20
N ASP Q 105 30.59 -44.22 57.13
CA ASP Q 105 29.67 -45.31 57.46
C ASP Q 105 28.38 -45.21 56.66
N ALA Q 106 28.51 -45.03 55.34
CA ALA Q 106 27.35 -44.88 54.47
C ALA Q 106 27.78 -45.15 53.03
N ASP Q 107 27.27 -46.21 52.42
CA ASP Q 107 27.53 -46.51 51.03
C ASP Q 107 26.36 -46.20 50.12
N THR Q 108 25.24 -45.73 50.67
CA THR Q 108 24.01 -45.55 49.94
C THR Q 108 23.58 -44.09 50.04
N LEU Q 109 23.21 -43.51 48.91
CA LEU Q 109 22.68 -42.15 48.86
C LEU Q 109 21.18 -42.19 48.61
N LYS Q 110 20.43 -41.48 49.44
CA LYS Q 110 18.98 -41.34 49.33
C LYS Q 110 18.66 -39.96 48.76
N VAL Q 111 17.77 -39.93 47.78
CA VAL Q 111 17.36 -38.68 47.14
C VAL Q 111 15.84 -38.67 47.07
N ARG Q 112 15.23 -37.60 47.58
CA ARG Q 112 13.77 -37.53 47.73
C ARG Q 112 13.22 -36.29 47.03
N PHE Q 113 12.18 -36.49 46.23
CA PHE Q 113 11.44 -35.35 45.67
C PHE Q 113 9.98 -35.74 45.53
N THR Q 114 9.14 -34.75 45.20
CA THR Q 114 7.74 -34.98 44.89
C THR Q 114 7.44 -34.39 43.51
N LEU Q 115 6.54 -35.05 42.79
CA LEU Q 115 6.14 -34.67 41.45
C LEU Q 115 4.63 -34.47 41.42
N ARG Q 116 4.18 -33.35 40.86
CA ARG Q 116 2.77 -33.01 40.74
C ARG Q 116 2.34 -33.13 39.29
N VAL Q 117 1.34 -33.95 39.03
CA VAL Q 117 0.77 -34.08 37.69
C VAL Q 117 -0.53 -33.30 37.66
N LEU Q 118 -0.58 -32.26 36.83
CA LEU Q 118 -1.65 -31.28 36.88
C LEU Q 118 -2.79 -31.59 35.91
N GLY Q 119 -2.48 -31.65 34.61
CA GLY Q 119 -3.49 -31.76 33.58
C GLY Q 119 -3.77 -30.42 32.93
N GLY Q 120 -4.63 -30.46 31.92
CA GLY Q 120 -4.87 -29.29 31.10
C GLY Q 120 -3.66 -28.87 30.31
N ALA Q 121 -3.02 -29.85 29.65
CA ALA Q 121 -1.73 -29.62 28.99
C ALA Q 121 -1.88 -28.75 27.75
N GLY Q 122 -3.02 -28.81 27.08
CA GLY Q 122 -3.19 -28.02 25.87
C GLY Q 122 -3.68 -26.61 26.08
N THR Q 123 -4.05 -26.24 27.31
CA THR Q 123 -4.55 -24.89 27.58
C THR Q 123 -3.40 -23.98 27.94
N PRO Q 124 -3.12 -22.93 27.16
CA PRO Q 124 -2.05 -22.01 27.53
C PRO Q 124 -2.44 -21.13 28.70
N SER Q 125 -1.44 -20.77 29.50
CA SER Q 125 -1.66 -19.83 30.60
C SER Q 125 -1.88 -18.42 30.05
N ALA Q 126 -1.08 -18.02 29.06
CA ALA Q 126 -1.24 -16.74 28.39
C ALA Q 126 -1.33 -16.98 26.90
N CYS Q 127 -2.25 -16.25 26.26
CA CYS Q 127 -2.46 -16.38 24.82
C CYS Q 127 -2.97 -15.06 24.29
N ASN Q 128 -2.80 -14.85 22.98
CA ASN Q 128 -3.27 -13.63 22.33
C ASN Q 128 -4.53 -13.88 21.50
N ASP Q 129 -4.47 -14.82 20.56
CA ASP Q 129 -5.58 -15.09 19.66
C ASP Q 129 -6.49 -16.14 20.29
N ALA Q 130 -7.75 -15.79 20.49
CA ALA Q 130 -8.70 -16.74 21.07
C ALA Q 130 -9.11 -17.79 20.05
N ALA Q 131 -9.11 -17.45 18.76
CA ALA Q 131 -9.39 -18.43 17.71
C ALA Q 131 -8.29 -19.48 17.62
N TYR Q 132 -7.03 -19.04 17.68
CA TYR Q 132 -5.91 -19.98 17.68
C TYR Q 132 -5.88 -20.80 18.96
N ARG Q 133 -6.24 -20.18 20.09
CA ARG Q 133 -6.33 -20.91 21.35
C ARG Q 133 -7.40 -21.99 21.30
N ASP Q 134 -8.56 -21.67 20.70
CA ASP Q 134 -9.62 -22.66 20.59
C ASP Q 134 -9.27 -23.77 19.62
N LYS Q 135 -8.57 -23.43 18.52
CA LYS Q 135 -8.14 -24.46 17.58
C LYS Q 135 -7.08 -25.37 18.19
N LEU Q 136 -6.15 -24.80 18.96
CA LEU Q 136 -5.14 -25.61 19.63
C LEU Q 136 -5.76 -26.49 20.72
N LEU Q 137 -6.76 -25.96 21.43
CA LEU Q 137 -7.49 -26.75 22.41
C LEU Q 137 -8.24 -27.90 21.76
N GLN Q 138 -8.86 -27.65 20.60
CA GLN Q 138 -9.56 -28.71 19.88
C GLN Q 138 -8.58 -29.74 19.32
N THR Q 139 -7.39 -29.30 18.90
CA THR Q 139 -6.38 -30.23 18.41
C THR Q 139 -5.87 -31.13 19.53
N VAL Q 140 -5.61 -30.55 20.70
CA VAL Q 140 -5.17 -31.34 21.85
C VAL Q 140 -6.28 -32.28 22.33
N ALA Q 141 -7.53 -31.81 22.30
CA ALA Q 141 -8.66 -32.66 22.70
C ALA Q 141 -8.89 -33.79 21.69
N THR Q 142 -8.65 -33.52 20.40
CA THR Q 142 -8.70 -34.57 19.38
C THR Q 142 -7.63 -35.62 19.63
N TYR Q 143 -6.40 -35.17 19.96
CA TYR Q 143 -5.30 -36.08 20.28
C TYR Q 143 -5.64 -36.93 21.51
N VAL Q 144 -6.24 -36.32 22.52
CA VAL Q 144 -6.67 -37.07 23.71
C VAL Q 144 -7.77 -38.06 23.33
N ASN Q 145 -8.61 -37.68 22.37
CA ASN Q 145 -9.73 -38.54 21.97
C ASN Q 145 -9.27 -39.83 21.30
N ASP Q 146 -8.30 -39.75 20.36
CA ASP Q 146 -7.93 -41.03 19.75
C ASP Q 146 -6.89 -41.76 20.59
N GLN Q 147 -5.84 -41.04 21.04
CA GLN Q 147 -4.72 -41.65 21.76
C GLN Q 147 -4.40 -40.79 22.98
N GLY Q 148 -5.03 -41.12 24.11
CA GLY Q 148 -4.85 -40.36 25.33
C GLY Q 148 -3.46 -40.48 25.93
N PHE Q 149 -3.30 -39.89 27.10
CA PHE Q 149 -1.98 -39.76 27.72
C PHE Q 149 -1.49 -41.09 28.26
N ALA Q 150 -1.13 -42.01 27.37
CA ALA Q 150 -0.72 -43.35 27.75
C ALA Q 150 0.74 -43.63 27.42
N GLU Q 151 1.16 -43.38 26.18
CA GLU Q 151 2.55 -43.59 25.80
C GLU Q 151 3.48 -42.61 26.50
N LEU Q 152 3.08 -41.33 26.54
CA LEU Q 152 3.86 -40.32 27.25
C LEU Q 152 3.92 -40.61 28.74
N ALA Q 153 2.79 -41.02 29.33
CA ALA Q 153 2.77 -41.35 30.75
C ALA Q 153 3.57 -42.60 31.06
N ARG Q 154 3.59 -43.57 30.13
CA ARG Q 154 4.42 -44.76 30.30
C ARG Q 154 5.90 -44.39 30.24
N ARG Q 155 6.27 -43.47 29.34
CA ARG Q 155 7.66 -43.06 29.23
C ARG Q 155 8.09 -42.22 30.43
N TYR Q 156 7.19 -41.37 30.94
CA TYR Q 156 7.47 -40.62 32.17
C TYR Q 156 7.54 -41.56 33.37
N ALA Q 157 6.75 -42.63 33.36
CA ALA Q 157 6.83 -43.65 34.41
C ALA Q 157 8.15 -44.38 34.36
N HIS Q 158 8.66 -44.63 33.15
CA HIS Q 158 9.99 -45.24 33.02
C HIS Q 158 11.08 -44.30 33.50
N ASN Q 159 10.97 -43.01 33.18
CA ASN Q 159 11.95 -42.03 33.66
C ASN Q 159 11.86 -41.81 35.16
N LEU Q 160 10.70 -42.10 35.78
CA LEU Q 160 10.65 -42.19 37.22
C LEU Q 160 11.25 -43.51 37.73
N ALA Q 161 11.11 -44.59 36.94
CA ALA Q 161 11.51 -45.91 37.39
C ALA Q 161 13.03 -46.03 37.47
N ASN Q 162 13.74 -45.59 36.43
CA ASN Q 162 15.18 -45.49 36.51
C ASN Q 162 15.54 -44.12 37.08
N ALA Q 163 16.62 -44.07 37.84
CA ALA Q 163 17.04 -42.84 38.49
C ALA Q 163 17.86 -42.00 37.50
N ARG Q 164 17.16 -41.47 36.50
CA ARG Q 164 17.79 -40.56 35.56
C ARG Q 164 18.03 -39.20 36.18
N PHE Q 165 17.30 -38.88 37.25
CA PHE Q 165 17.54 -37.69 38.04
C PHE Q 165 18.75 -37.83 38.95
N LEU Q 166 19.33 -39.03 39.05
CA LEU Q 166 20.65 -39.23 39.60
C LEU Q 166 21.62 -39.28 38.43
N TRP Q 167 21.95 -38.09 37.91
CA TRP Q 167 22.58 -37.92 36.60
C TRP Q 167 23.97 -38.52 36.45
N ARG Q 168 24.96 -37.93 37.12
CA ARG Q 168 26.25 -38.58 37.30
C ARG Q 168 26.25 -39.43 38.56
N ASN Q 169 25.08 -39.65 39.13
CA ASN Q 169 24.90 -40.05 40.51
C ASN Q 169 24.35 -41.47 40.62
N ARG Q 170 24.09 -42.12 39.48
CA ARG Q 170 23.91 -43.56 39.39
C ARG Q 170 24.81 -44.18 38.33
N VAL Q 171 25.76 -43.39 37.79
CA VAL Q 171 26.63 -43.86 36.71
C VAL Q 171 27.55 -44.98 37.21
N GLY Q 172 28.16 -44.77 38.36
CA GLY Q 172 29.01 -45.80 38.93
C GLY Q 172 28.37 -46.45 40.15
N ALA Q 173 27.08 -46.74 40.07
CA ALA Q 173 26.36 -47.30 41.20
C ALA Q 173 26.24 -48.81 41.04
N GLU Q 174 26.54 -49.54 42.11
CA GLU Q 174 26.41 -51.00 42.08
C GLU Q 174 24.95 -51.42 42.02
N ALA Q 175 24.07 -50.71 42.74
CA ALA Q 175 22.65 -51.02 42.73
C ALA Q 175 21.86 -49.74 42.93
N VAL Q 176 20.82 -49.54 42.12
CA VAL Q 176 19.93 -48.40 42.23
C VAL Q 176 18.52 -48.91 42.46
N GLU Q 177 17.82 -48.32 43.43
CA GLU Q 177 16.46 -48.68 43.78
C GLU Q 177 15.62 -47.41 43.85
N VAL Q 178 14.37 -47.49 43.37
CA VAL Q 178 13.47 -46.34 43.32
C VAL Q 178 12.13 -46.73 43.93
N ARG Q 179 11.67 -45.94 44.89
CA ARG Q 179 10.35 -46.11 45.50
C ARG Q 179 9.50 -44.89 45.16
N ILE Q 180 8.34 -45.12 44.56
CA ILE Q 180 7.42 -44.05 44.19
C ILE Q 180 6.11 -44.28 44.94
N ASN Q 181 5.84 -43.43 45.92
CA ASN Q 181 4.63 -43.50 46.73
C ASN Q 181 3.60 -42.50 46.24
N HIS Q 182 2.33 -42.85 46.41
CA HIS Q 182 1.21 -42.01 46.00
C HIS Q 182 0.50 -41.49 47.25
N ILE Q 183 0.52 -40.18 47.43
CA ILE Q 183 -0.08 -39.55 48.60
C ILE Q 183 -1.47 -39.04 48.23
N ARG Q 184 -2.47 -39.38 49.03
CA ARG Q 184 -3.85 -39.01 48.74
C ARG Q 184 -4.38 -37.97 49.71
N GLN Q 185 -4.38 -38.24 51.01
CA GLN Q 185 -4.84 -37.30 52.03
C GLN Q 185 -3.79 -37.17 53.13
N GLY Q 186 -2.53 -37.08 52.75
CA GLY Q 186 -1.44 -37.12 53.70
C GLY Q 186 -0.97 -38.51 54.05
N GLU Q 187 -1.64 -39.54 53.55
CA GLU Q 187 -1.27 -40.92 53.77
C GLU Q 187 -0.99 -41.57 52.42
N VAL Q 188 -0.22 -42.65 52.45
CA VAL Q 188 0.19 -43.33 51.22
C VAL Q 188 -1.01 -44.10 50.66
N ALA Q 189 -1.12 -44.12 49.33
CA ALA Q 189 -2.22 -44.81 48.67
C ALA Q 189 -1.73 -46.03 47.88
N ARG Q 190 -0.73 -45.81 47.02
CA ARG Q 190 -0.16 -46.88 46.21
C ARG Q 190 1.35 -46.72 46.18
N ALA Q 191 2.06 -47.74 46.67
CA ALA Q 191 3.51 -47.73 46.73
C ALA Q 191 4.07 -48.55 45.57
N TRP Q 192 5.10 -48.02 44.91
CA TRP Q 192 5.69 -48.60 43.72
C TRP Q 192 7.19 -48.78 43.95
N ARG Q 193 7.56 -49.91 44.56
CA ARG Q 193 8.96 -50.25 44.76
C ARG Q 193 9.52 -50.84 43.47
N PHE Q 194 10.62 -50.27 42.99
CA PHE Q 194 11.17 -50.62 41.69
C PHE Q 194 12.62 -51.10 41.84
N ASP Q 195 13.25 -51.33 40.69
CA ASP Q 195 14.66 -51.72 40.63
C ASP Q 195 15.22 -51.07 39.37
N ALA Q 196 15.94 -49.96 39.54
CA ALA Q 196 16.37 -49.13 38.42
C ALA Q 196 17.47 -49.77 37.57
N LEU Q 197 18.09 -50.85 38.04
CA LEU Q 197 19.01 -51.58 37.17
C LEU Q 197 18.27 -52.34 36.08
N ALA Q 198 17.10 -52.90 36.40
CA ALA Q 198 16.33 -53.64 35.42
C ALA Q 198 15.71 -52.71 34.38
N ILE Q 199 15.10 -51.62 34.82
CA ILE Q 199 14.52 -50.63 33.92
C ILE Q 199 15.67 -49.83 33.32
N GLY Q 200 15.97 -50.07 32.05
CA GLY Q 200 17.11 -49.44 31.42
C GLY Q 200 16.87 -47.99 31.09
N LEU Q 201 17.97 -47.31 30.75
CA LEU Q 201 17.93 -45.92 30.33
C LEU Q 201 17.74 -45.76 28.83
N ARG Q 202 17.52 -46.86 28.11
CA ARG Q 202 17.37 -46.80 26.66
C ARG Q 202 16.12 -47.53 26.18
N ASP Q 203 15.67 -48.53 26.95
CA ASP Q 203 14.58 -49.40 26.52
C ASP Q 203 13.29 -48.99 27.22
N PHE Q 204 12.26 -48.69 26.41
CA PHE Q 204 10.93 -48.35 26.92
C PHE Q 204 10.04 -49.58 26.78
N LYS Q 205 10.22 -50.53 27.68
CA LYS Q 205 9.49 -51.79 27.68
C LYS Q 205 8.16 -51.62 28.43
N ALA Q 206 7.52 -52.73 28.76
CA ALA Q 206 6.24 -52.72 29.46
C ALA Q 206 6.33 -53.56 30.73
N ASP Q 207 5.76 -53.05 31.81
CA ASP Q 207 5.71 -53.75 33.09
C ASP Q 207 4.39 -53.39 33.78
N ALA Q 208 3.85 -54.34 34.54
CA ALA Q 208 2.52 -54.18 35.14
C ALA Q 208 2.50 -53.05 36.17
N GLU Q 209 3.54 -52.94 37.00
CA GLU Q 209 3.65 -51.82 37.91
C GLU Q 209 3.90 -50.52 37.15
N LEU Q 210 4.68 -50.61 36.07
CA LEU Q 210 4.89 -49.45 35.21
C LEU Q 210 3.62 -49.06 34.47
N ASP Q 211 2.79 -50.03 34.09
CA ASP Q 211 1.48 -49.69 33.52
C ASP Q 211 0.55 -49.08 34.55
N ALA Q 212 0.63 -49.50 35.81
CA ALA Q 212 -0.18 -48.88 36.85
C ALA Q 212 0.24 -47.44 37.12
N LEU Q 213 1.55 -47.20 37.16
CA LEU Q 213 2.05 -45.83 37.30
C LEU Q 213 1.74 -45.00 36.06
N ALA Q 214 1.74 -45.63 34.88
CA ALA Q 214 1.33 -44.95 33.65
C ALA Q 214 -0.13 -44.57 33.69
N GLU Q 215 -0.99 -45.43 34.26
CA GLU Q 215 -2.40 -45.12 34.38
C GLU Q 215 -2.63 -44.00 35.39
N LEU Q 216 -1.81 -43.94 36.45
CA LEU Q 216 -1.95 -42.84 37.39
C LEU Q 216 -1.51 -41.50 36.78
N ILE Q 217 -0.39 -41.49 36.06
CA ILE Q 217 0.02 -40.27 35.35
C ILE Q 217 -0.95 -39.95 34.21
N ALA Q 218 -1.61 -40.96 33.66
CA ALA Q 218 -2.67 -40.74 32.68
C ALA Q 218 -3.86 -40.02 33.29
N SER Q 219 -4.27 -40.44 34.50
CA SER Q 219 -5.37 -39.77 35.18
C SER Q 219 -4.99 -38.36 35.60
N GLY Q 220 -3.73 -38.15 35.96
CA GLY Q 220 -3.28 -36.80 36.29
C GLY Q 220 -3.21 -35.88 35.08
N LEU Q 221 -2.73 -36.40 33.95
CA LEU Q 221 -2.54 -35.58 32.76
C LEU Q 221 -3.85 -35.29 32.04
N SER Q 222 -4.85 -36.16 32.17
CA SER Q 222 -6.14 -35.96 31.55
C SER Q 222 -7.09 -35.14 32.41
N GLY Q 223 -6.65 -34.70 33.59
CA GLY Q 223 -7.51 -33.96 34.48
C GLY Q 223 -8.50 -34.79 35.26
N SER Q 224 -8.34 -36.12 35.28
CA SER Q 224 -9.28 -36.98 35.97
C SER Q 224 -9.14 -36.85 37.49
N GLY Q 225 -7.91 -36.67 37.97
CA GLY Q 225 -7.69 -36.53 39.40
C GLY Q 225 -6.37 -35.83 39.66
N HIS Q 226 -6.08 -35.65 40.94
CA HIS Q 226 -4.83 -35.03 41.39
C HIS Q 226 -3.82 -36.10 41.73
N VAL Q 227 -2.61 -35.95 41.20
CA VAL Q 227 -1.55 -36.95 41.37
C VAL Q 227 -0.33 -36.25 41.96
N LEU Q 228 0.08 -36.70 43.15
CA LEU Q 228 1.30 -36.25 43.81
C LEU Q 228 2.10 -37.49 44.19
N LEU Q 229 3.33 -37.59 43.68
CA LEU Q 229 4.15 -38.78 43.84
C LEU Q 229 5.44 -38.44 44.57
N GLU Q 230 5.73 -39.16 45.64
CA GLU Q 230 6.97 -39.00 46.39
C GLU Q 230 7.94 -40.07 45.89
N VAL Q 231 9.02 -39.64 45.24
CA VAL Q 231 10.00 -40.52 44.63
C VAL Q 231 11.29 -40.44 45.43
N VAL Q 232 11.74 -41.58 45.94
CA VAL Q 232 12.97 -41.72 46.71
C VAL Q 232 13.86 -42.73 46.01
N ALA Q 233 15.08 -42.31 45.69
CA ALA Q 233 16.06 -43.16 45.00
C ALA Q 233 17.24 -43.43 45.92
N PHE Q 234 17.58 -44.70 46.08
CA PHE Q 234 18.74 -45.14 46.84
C PHE Q 234 19.77 -45.70 45.86
N ALA Q 235 20.95 -45.11 45.85
CA ALA Q 235 22.04 -45.53 44.97
C ALA Q 235 23.23 -45.98 45.80
N ARG Q 236 23.74 -47.17 45.50
CA ARG Q 236 24.91 -47.71 46.21
C ARG Q 236 26.16 -47.26 45.47
N ILE Q 237 26.73 -46.14 45.92
CA ILE Q 237 27.95 -45.64 45.30
C ILE Q 237 29.14 -46.23 46.03
N GLY Q 238 29.30 -45.87 47.30
CA GLY Q 238 30.45 -46.35 48.07
C GLY Q 238 30.55 -45.61 49.38
N ASP Q 239 31.37 -46.18 50.27
CA ASP Q 239 31.53 -45.61 51.61
C ASP Q 239 32.36 -44.34 51.55
N GLY Q 240 31.75 -43.21 51.91
CA GLY Q 240 32.45 -41.95 51.91
C GLY Q 240 32.79 -41.41 50.55
N GLN Q 241 32.11 -41.89 49.51
CA GLN Q 241 32.45 -41.52 48.15
C GLN Q 241 31.85 -40.15 47.80
N GLU Q 242 32.03 -39.73 46.56
CA GLU Q 242 31.56 -38.42 46.13
C GLU Q 242 30.20 -38.55 45.46
N VAL Q 243 29.24 -37.75 45.93
CA VAL Q 243 27.96 -37.60 45.27
C VAL Q 243 27.95 -36.28 44.53
N PHE Q 244 27.04 -36.15 43.58
CA PHE Q 244 27.08 -35.05 42.62
C PHE Q 244 25.74 -34.31 42.62
N PRO Q 245 25.59 -33.31 43.48
CA PRO Q 245 24.38 -32.49 43.48
C PRO Q 245 24.44 -31.44 42.37
N SER Q 246 23.43 -30.58 42.36
CA SER Q 246 23.39 -29.48 41.40
C SER Q 246 24.46 -28.44 41.75
N GLN Q 247 25.13 -27.95 40.72
CA GLN Q 247 26.18 -26.95 40.87
C GLN Q 247 25.59 -25.58 40.61
N GLU Q 248 25.91 -24.62 41.49
CA GLU Q 248 25.37 -23.28 41.41
C GLU Q 248 26.24 -22.39 40.53
N LEU Q 249 26.02 -21.08 40.64
CA LEU Q 249 26.75 -20.06 39.91
C LEU Q 249 27.56 -19.23 40.89
N ILE Q 250 28.80 -18.92 40.50
CA ILE Q 250 29.72 -18.16 41.35
C ILE Q 250 29.91 -16.78 40.74
N LEU Q 251 29.73 -15.74 41.56
CA LEU Q 251 29.93 -14.38 41.09
C LEU Q 251 31.40 -14.00 41.00
N ASP Q 252 32.28 -14.77 41.66
CA ASP Q 252 33.73 -14.58 41.67
C ASP Q 252 34.12 -13.20 42.20
N LYS Q 253 33.68 -12.92 43.43
CA LYS Q 253 33.96 -11.66 44.10
C LYS Q 253 35.02 -11.79 45.19
N GLY Q 254 35.69 -12.93 45.27
CA GLY Q 254 36.70 -13.17 46.28
C GLY Q 254 38.12 -13.04 45.74
N ASP Q 255 39.05 -13.65 46.45
CA ASP Q 255 40.46 -13.60 46.08
C ASP Q 255 40.76 -14.67 45.03
N LYS Q 256 42.04 -14.90 44.76
CA LYS Q 256 42.46 -15.90 43.78
C LYS Q 256 42.93 -17.21 44.41
N LYS Q 257 43.43 -17.16 45.64
CA LYS Q 257 43.82 -18.39 46.33
C LYS Q 257 42.60 -19.18 46.78
N GLY Q 258 41.73 -18.56 47.57
CA GLY Q 258 40.44 -19.14 47.87
C GLY Q 258 39.40 -18.64 46.88
N GLN Q 259 39.56 -19.03 45.61
CA GLN Q 259 38.78 -18.44 44.53
C GLN Q 259 37.33 -18.89 44.51
N LYS Q 260 37.02 -20.00 45.19
CA LYS Q 260 35.68 -20.62 45.25
C LYS Q 260 35.16 -20.92 43.85
N SER Q 261 35.88 -21.81 43.16
CA SER Q 261 35.60 -22.11 41.77
C SER Q 261 34.38 -23.00 41.58
N LYS Q 262 33.86 -23.61 42.64
CA LYS Q 262 32.77 -24.57 42.51
C LYS Q 262 31.98 -24.59 43.81
N THR Q 263 30.68 -24.35 43.71
CA THR Q 263 29.76 -24.48 44.83
C THR Q 263 28.60 -25.38 44.42
N LEU Q 264 28.06 -26.11 45.40
CA LEU Q 264 26.99 -27.07 45.16
C LEU Q 264 25.73 -26.62 45.89
N TYR Q 265 24.58 -26.98 45.33
CA TYR Q 265 23.34 -26.33 45.74
C TYR Q 265 22.79 -27.05 46.97
N SER Q 266 22.22 -26.28 47.90
CA SER Q 266 21.63 -26.84 49.09
C SER Q 266 20.50 -25.92 49.51
N VAL Q 267 19.59 -26.44 50.34
CA VAL Q 267 18.48 -25.61 50.80
C VAL Q 267 18.67 -25.11 52.24
N ARG Q 268 18.75 -26.01 53.24
CA ARG Q 268 18.99 -25.64 54.64
C ARG Q 268 19.97 -26.67 55.19
N ASP Q 269 21.27 -26.41 55.00
CA ASP Q 269 22.37 -27.30 55.44
C ASP Q 269 22.19 -28.73 54.94
N ALA Q 270 21.73 -28.86 53.69
CA ALA Q 270 21.32 -30.15 53.16
C ALA Q 270 21.43 -30.10 51.64
N ALA Q 271 22.40 -30.82 51.09
CA ALA Q 271 22.65 -30.78 49.64
C ALA Q 271 21.47 -31.36 48.87
N ALA Q 272 21.26 -30.83 47.68
CA ALA Q 272 20.05 -31.17 46.94
C ALA Q 272 20.29 -30.97 45.45
N ILE Q 273 19.34 -31.46 44.65
CA ILE Q 273 19.34 -31.31 43.21
C ILE Q 273 18.27 -30.29 42.84
N HIS Q 274 18.55 -29.51 41.79
CA HIS Q 274 17.58 -28.53 41.28
C HIS Q 274 16.36 -29.24 40.72
N SER Q 275 15.19 -28.59 40.87
CA SER Q 275 13.94 -29.16 40.39
C SER Q 275 13.91 -29.25 38.87
N GLN Q 276 14.47 -28.25 38.18
CA GLN Q 276 14.50 -28.29 36.72
C GLN Q 276 15.44 -29.37 36.19
N LYS Q 277 16.43 -29.78 36.98
CA LYS Q 277 17.26 -30.93 36.58
C LYS Q 277 16.47 -32.22 36.65
N ILE Q 278 15.65 -32.38 37.69
CA ILE Q 278 14.75 -33.54 37.78
C ILE Q 278 13.75 -33.52 36.65
N GLY Q 279 13.23 -32.33 36.31
CA GLY Q 279 12.27 -32.22 35.22
C GLY Q 279 12.87 -32.55 33.87
N ASN Q 280 14.12 -32.13 33.64
CA ASN Q 280 14.82 -32.52 32.41
C ASN Q 280 15.12 -34.02 32.40
N ALA Q 281 15.31 -34.62 33.57
CA ALA Q 281 15.47 -36.07 33.63
C ALA Q 281 14.19 -36.81 33.27
N LEU Q 282 13.05 -36.34 33.78
CA LEU Q 282 11.78 -36.96 33.39
C LEU Q 282 11.41 -36.67 31.94
N ARG Q 283 11.89 -35.57 31.37
CA ARG Q 283 11.58 -35.28 29.99
C ARG Q 283 12.39 -36.09 28.98
N THR Q 284 13.36 -36.90 29.44
CA THR Q 284 14.20 -37.64 28.49
C THR Q 284 13.40 -38.88 28.10
N ILE Q 285 12.51 -38.68 27.12
CA ILE Q 285 11.65 -39.74 26.59
C ILE Q 285 11.70 -39.71 25.07
N ASP Q 286 12.28 -38.65 24.51
CA ASP Q 286 12.21 -38.40 23.08
C ASP Q 286 13.11 -39.35 22.29
N THR Q 287 12.53 -40.46 21.82
CA THR Q 287 13.24 -41.41 20.97
C THR Q 287 12.87 -41.26 19.50
N TRP Q 288 12.21 -40.17 19.12
CA TRP Q 288 11.68 -40.03 17.78
C TRP Q 288 12.36 -38.92 16.99
N TYR Q 289 13.58 -38.55 17.39
CA TYR Q 289 14.34 -37.56 16.63
C TYR Q 289 14.81 -38.19 15.31
N PRO Q 290 14.91 -37.38 14.24
CA PRO Q 290 15.20 -37.96 12.90
C PRO Q 290 16.56 -38.60 12.74
N ASP Q 291 17.52 -38.35 13.63
CA ASP Q 291 18.80 -39.02 13.56
C ASP Q 291 18.69 -40.43 14.16
N GLU Q 292 19.83 -41.10 14.27
CA GLU Q 292 19.85 -42.48 14.77
C GLU Q 292 19.55 -42.51 16.26
N ASP Q 293 18.68 -43.44 16.66
CA ASP Q 293 18.25 -43.57 18.05
C ASP Q 293 19.00 -44.67 18.78
N GLY Q 294 20.13 -45.13 18.24
CA GLY Q 294 20.98 -46.07 18.94
C GLY Q 294 21.68 -45.48 20.15
N LEU Q 295 21.83 -44.15 20.19
CA LEU Q 295 22.35 -43.49 21.37
C LEU Q 295 21.39 -43.62 22.55
N GLY Q 296 20.10 -43.45 22.30
CA GLY Q 296 19.10 -43.53 23.33
C GLY Q 296 18.15 -42.35 23.30
N PRO Q 297 17.28 -42.25 24.30
CA PRO Q 297 16.35 -41.12 24.37
C PRO Q 297 17.06 -39.82 24.70
N ILE Q 298 16.54 -38.73 24.15
CA ILE Q 298 16.97 -37.38 24.48
C ILE Q 298 15.81 -36.68 25.19
N ALA Q 299 16.08 -35.47 25.68
CA ALA Q 299 15.09 -34.73 26.44
C ALA Q 299 14.01 -34.16 25.53
N VAL Q 300 12.80 -34.04 26.09
CA VAL Q 300 11.73 -33.31 25.43
C VAL Q 300 12.06 -31.82 25.48
N GLU Q 301 12.17 -31.21 24.28
CA GLU Q 301 12.59 -29.83 24.08
C GLU Q 301 12.37 -29.45 22.62
N PRO Q 302 12.14 -28.18 22.31
CA PRO Q 302 12.21 -27.75 20.91
C PRO Q 302 13.62 -27.86 20.38
N TYR Q 303 13.74 -28.24 19.10
CA TYR Q 303 15.00 -28.47 18.39
C TYR Q 303 15.91 -29.48 19.10
N GLY Q 304 15.32 -30.44 19.82
CA GLY Q 304 15.96 -31.64 20.38
C GLY Q 304 17.36 -31.52 20.95
N SER Q 305 17.63 -30.45 21.68
CA SER Q 305 18.99 -29.98 21.95
C SER Q 305 19.49 -30.54 23.28
N VAL Q 306 20.41 -31.50 23.20
CA VAL Q 306 21.12 -32.00 24.37
C VAL Q 306 22.41 -31.22 24.52
N THR Q 307 22.68 -30.73 25.74
CA THR Q 307 23.83 -29.88 25.96
C THR Q 307 25.13 -30.67 26.13
N SER Q 308 25.05 -31.97 26.42
CA SER Q 308 26.26 -32.77 26.53
C SER Q 308 26.86 -33.03 25.15
N GLN Q 309 26.03 -33.38 24.18
CA GLN Q 309 26.50 -33.61 22.81
C GLN Q 309 26.79 -32.33 22.07
N GLY Q 310 26.13 -31.23 22.42
CA GLY Q 310 26.29 -29.99 21.69
C GLY Q 310 25.72 -29.98 20.29
N LYS Q 311 24.94 -31.00 19.94
CA LYS Q 311 24.38 -31.17 18.61
C LYS Q 311 22.88 -31.28 18.73
N ALA Q 312 22.16 -30.53 17.89
CA ALA Q 312 20.70 -30.54 17.91
C ALA Q 312 20.19 -31.57 16.92
N TYR Q 313 19.59 -32.64 17.44
CA TYR Q 313 18.66 -33.41 16.63
C TYR Q 313 17.33 -32.65 16.56
N ARG Q 314 16.46 -33.09 15.66
CA ARG Q 314 15.23 -32.37 15.28
C ARG Q 314 15.54 -30.95 14.85
N GLN Q 315 16.43 -30.82 13.86
CA GLN Q 315 16.76 -29.52 13.31
C GLN Q 315 15.57 -28.97 12.53
N PRO Q 316 15.40 -27.64 12.50
CA PRO Q 316 14.35 -27.05 11.67
C PRO Q 316 14.55 -27.23 10.18
N LYS Q 317 15.77 -27.56 9.73
CA LYS Q 317 15.98 -27.91 8.34
C LYS Q 317 15.24 -29.19 7.97
N GLN Q 318 15.27 -30.19 8.87
CA GLN Q 318 14.59 -31.45 8.62
C GLN Q 318 13.08 -31.38 8.88
N LYS Q 319 12.59 -30.26 9.42
CA LYS Q 319 11.18 -30.02 9.74
C LYS Q 319 10.63 -31.07 10.71
N LEU Q 320 11.44 -31.46 11.69
CA LEU Q 320 11.02 -32.37 12.74
C LEU Q 320 11.09 -31.74 14.12
N ASP Q 321 11.18 -30.41 14.21
CA ASP Q 321 11.19 -29.73 15.49
C ASP Q 321 9.77 -29.57 16.00
N PHE Q 322 9.62 -28.94 17.17
CA PHE Q 322 8.31 -28.80 17.78
C PHE Q 322 7.47 -27.74 17.07
N TYR Q 323 8.10 -26.63 16.65
CA TYR Q 323 7.33 -25.50 16.16
C TYR Q 323 6.74 -25.76 14.77
N THR Q 324 7.53 -26.36 13.87
CA THR Q 324 7.03 -26.68 12.53
C THR Q 324 5.93 -27.74 12.60
N LEU Q 325 6.11 -28.75 13.44
CA LEU Q 325 5.11 -29.80 13.58
C LEU Q 325 3.82 -29.26 14.21
N LEU Q 326 3.95 -28.36 15.20
CA LEU Q 326 2.77 -27.78 15.84
C LEU Q 326 2.02 -26.85 14.87
N ASP Q 327 2.75 -26.06 14.09
CA ASP Q 327 2.09 -25.18 13.12
C ASP Q 327 1.42 -25.98 12.00
N ASN Q 328 2.07 -27.05 11.54
CA ASN Q 328 1.46 -27.91 10.53
C ASN Q 328 0.25 -28.64 11.09
N TRP Q 329 0.29 -29.01 12.37
CA TRP Q 329 -0.83 -29.72 12.99
C TRP Q 329 -2.03 -28.81 13.18
N VAL Q 330 -1.80 -27.57 13.63
CA VAL Q 330 -2.90 -26.71 14.01
C VAL Q 330 -3.41 -25.87 12.84
N LEU Q 331 -2.52 -25.18 12.13
CA LEU Q 331 -2.97 -24.27 11.07
C LEU Q 331 -3.34 -25.03 9.80
N ARG Q 332 -2.38 -25.75 9.22
CA ARG Q 332 -2.61 -26.43 7.95
C ARG Q 332 -3.33 -27.77 8.13
N ASP Q 333 -3.57 -28.19 9.37
CA ASP Q 333 -4.20 -29.46 9.73
C ASP Q 333 -3.45 -30.66 9.15
N GLU Q 334 -2.13 -30.55 9.06
CA GLU Q 334 -1.27 -31.64 8.61
C GLU Q 334 -0.82 -32.38 9.85
N ALA Q 335 -1.60 -33.39 10.25
CA ALA Q 335 -1.28 -34.16 11.44
C ALA Q 335 -0.05 -35.01 11.18
N PRO Q 336 1.00 -34.91 12.00
CA PRO Q 336 2.24 -35.64 11.75
C PRO Q 336 2.12 -37.12 12.10
N ALA Q 337 3.26 -37.81 12.09
CA ALA Q 337 3.30 -39.18 12.59
C ALA Q 337 2.93 -39.21 14.07
N VAL Q 338 2.42 -40.37 14.50
CA VAL Q 338 1.81 -40.50 15.83
C VAL Q 338 2.84 -40.30 16.94
N GLU Q 339 4.07 -40.75 16.70
CA GLU Q 339 5.16 -40.50 17.63
C GLU Q 339 5.52 -39.02 17.65
N GLN Q 340 5.39 -38.33 16.52
CA GLN Q 340 5.71 -36.92 16.48
C GLN Q 340 4.65 -36.08 17.19
N GLN Q 341 3.37 -36.47 17.11
CA GLN Q 341 2.37 -35.74 17.88
C GLN Q 341 2.45 -36.10 19.36
N HIS Q 342 2.95 -37.31 19.69
CA HIS Q 342 3.34 -37.62 21.07
C HIS Q 342 4.42 -36.66 21.55
N TYR Q 343 5.42 -36.39 20.70
CA TYR Q 343 6.49 -35.45 21.03
C TYR Q 343 5.97 -34.03 21.19
N VAL Q 344 5.05 -33.61 20.32
CA VAL Q 344 4.49 -32.27 20.37
C VAL Q 344 3.69 -32.06 21.65
N ILE Q 345 2.86 -33.04 22.03
CA ILE Q 345 2.08 -32.91 23.24
C ILE Q 345 2.97 -33.03 24.47
N ALA Q 346 4.07 -33.78 24.37
CA ALA Q 346 5.04 -33.82 25.48
C ALA Q 346 5.75 -32.47 25.64
N ASN Q 347 5.98 -31.76 24.53
CA ASN Q 347 6.50 -30.39 24.62
C ASN Q 347 5.49 -29.46 25.27
N LEU Q 348 4.20 -29.66 24.96
CA LEU Q 348 3.17 -28.86 25.64
C LEU Q 348 3.06 -29.22 27.11
N ILE Q 349 3.37 -30.46 27.48
CA ILE Q 349 3.38 -30.88 28.87
C ILE Q 349 4.54 -30.23 29.61
N ARG Q 350 5.73 -30.17 28.98
CA ARG Q 350 6.88 -29.53 29.59
C ARG Q 350 6.75 -28.01 29.69
N GLY Q 351 5.82 -27.41 28.95
CA GLY Q 351 5.60 -25.98 29.03
C GLY Q 351 6.60 -25.20 28.19
N GLY Q 352 6.36 -23.91 28.08
CA GLY Q 352 7.29 -23.07 27.36
C GLY Q 352 6.75 -21.66 27.17
N VAL Q 353 7.56 -20.89 26.45
CA VAL Q 353 7.29 -19.51 26.08
C VAL Q 353 7.18 -19.51 24.56
N PHE Q 354 6.52 -20.54 24.03
CA PHE Q 354 6.25 -20.66 22.60
C PHE Q 354 5.49 -19.43 22.10
N GLY Q 355 5.62 -19.18 20.81
CA GLY Q 355 5.21 -17.91 20.26
C GLY Q 355 6.42 -17.07 19.91
N GLU Q 356 6.15 -15.80 19.60
CA GLU Q 356 7.20 -14.92 19.09
C GLU Q 356 8.18 -14.56 20.20
N ALA Q 357 9.46 -14.74 19.94
CA ALA Q 357 10.51 -14.33 20.86
C ALA Q 357 11.77 -13.93 20.10
N ILE R 23 -26.33 21.66 30.67
CA ILE R 23 -26.51 20.54 29.75
C ILE R 23 -26.12 19.24 30.45
N LEU R 24 -25.54 19.40 31.65
CA LEU R 24 -25.11 18.30 32.53
C LEU R 24 -24.10 17.39 31.83
N SER R 25 -22.94 17.96 31.56
CA SER R 25 -21.84 17.20 30.98
C SER R 25 -21.10 16.43 32.08
N THR R 26 -20.20 15.54 31.65
CA THR R 26 -19.40 14.76 32.57
C THR R 26 -18.32 15.64 33.20
N ALA R 27 -18.01 15.38 34.47
CA ALA R 27 -16.92 16.08 35.13
C ALA R 27 -15.58 15.66 34.54
N SER R 28 -14.67 16.62 34.40
CA SER R 28 -13.35 16.34 33.84
C SER R 28 -12.51 15.49 34.80
N VAL R 29 -12.60 15.76 36.10
CA VAL R 29 -11.89 15.00 37.11
C VAL R 29 -12.92 14.19 37.88
N LEU R 30 -12.81 12.87 37.80
CA LEU R 30 -13.73 11.96 38.47
C LEU R 30 -12.97 10.82 39.12
N ALA R 31 -11.94 11.17 39.89
CA ALA R 31 -11.18 10.17 40.63
C ALA R 31 -12.02 9.57 41.75
N PHE R 32 -11.92 8.26 41.91
CA PHE R 32 -12.64 7.52 42.94
C PHE R 32 -11.64 6.74 43.80
N GLU R 33 -11.86 6.74 45.11
CA GLU R 33 -11.10 5.87 45.98
C GLU R 33 -11.62 4.44 45.87
N ARG R 34 -10.72 3.49 46.08
CA ARG R 34 -11.12 2.09 46.03
C ARG R 34 -11.77 1.67 47.33
N LYS R 35 -12.88 0.95 47.22
CA LYS R 35 -13.37 0.18 48.35
C LYS R 35 -12.77 -1.22 48.28
N LEU R 36 -12.95 -1.98 49.37
CA LEU R 36 -12.41 -3.33 49.56
C LEU R 36 -10.88 -3.32 49.42
N ASP R 37 -10.23 -2.64 50.35
CA ASP R 37 -8.77 -2.52 50.31
C ASP R 37 -8.12 -3.75 50.92
N PRO R 38 -7.34 -4.52 50.16
CA PRO R 38 -6.67 -5.69 50.76
C PRO R 38 -5.24 -5.40 51.20
N SER R 39 -4.82 -6.02 52.30
CA SER R 39 -3.44 -5.93 52.71
C SER R 39 -2.57 -6.87 51.87
N ASP R 40 -1.25 -6.76 52.05
CA ASP R 40 -0.33 -7.66 51.37
C ASP R 40 -0.46 -9.06 51.95
N ALA R 41 -0.54 -10.05 51.07
CA ALA R 41 -0.90 -11.42 51.46
C ALA R 41 0.36 -12.19 51.79
N LEU R 42 0.63 -12.36 53.09
CA LEU R 42 1.86 -12.99 53.55
C LEU R 42 1.79 -14.50 53.36
N MET R 43 2.84 -15.07 52.76
CA MET R 43 2.94 -16.51 52.56
C MET R 43 3.77 -17.14 53.67
N SER R 44 3.26 -18.20 54.25
CA SER R 44 3.98 -19.04 55.20
C SER R 44 3.92 -20.48 54.74
N ALA R 45 4.55 -21.37 55.50
CA ALA R 45 4.64 -22.78 55.14
C ALA R 45 4.25 -23.64 56.34
N GLY R 46 3.57 -24.73 56.06
CA GLY R 46 3.12 -25.59 57.14
C GLY R 46 2.56 -26.89 56.62
N ALA R 47 1.88 -27.61 57.52
CA ALA R 47 1.32 -28.92 57.22
C ALA R 47 -0.18 -28.91 57.39
N TRP R 48 -0.85 -29.79 56.64
CA TRP R 48 -2.29 -29.97 56.76
C TRP R 48 -2.64 -30.57 58.12
N ALA R 49 -3.85 -30.25 58.59
CA ALA R 49 -4.46 -30.58 59.88
C ALA R 49 -3.80 -29.87 61.05
N GLN R 50 -2.74 -29.10 60.83
CA GLN R 50 -2.19 -28.19 61.82
C GLN R 50 -2.61 -26.75 61.54
N ARG R 51 -3.59 -26.56 60.66
CA ARG R 51 -4.05 -25.23 60.27
C ARG R 51 -4.91 -24.57 61.34
N ASP R 52 -5.40 -25.32 62.33
CA ASP R 52 -6.10 -24.71 63.45
C ASP R 52 -5.16 -24.02 64.42
N ALA R 53 -3.86 -24.24 64.30
CA ALA R 53 -2.83 -23.60 65.12
C ALA R 53 -1.68 -23.13 64.23
N SER R 54 -2.03 -22.40 63.17
CA SER R 54 -1.05 -21.92 62.20
C SER R 54 -0.56 -20.52 62.48
N GLN R 55 -0.53 -20.12 63.75
CA GLN R 55 -0.10 -18.77 64.13
C GLN R 55 1.38 -18.67 64.40
N GLU R 56 2.13 -19.77 64.30
CA GLU R 56 3.57 -19.76 64.54
C GLU R 56 4.35 -20.26 63.33
N TRP R 57 3.67 -20.51 62.21
CA TRP R 57 4.23 -21.17 61.04
C TRP R 57 5.37 -20.37 60.43
N PRO R 58 6.48 -21.01 60.07
CA PRO R 58 7.59 -20.28 59.45
C PRO R 58 7.21 -19.77 58.06
N ALA R 59 7.67 -18.58 57.75
CA ALA R 59 7.30 -17.92 56.51
C ALA R 59 8.05 -18.53 55.33
N VAL R 60 7.41 -18.48 54.16
CA VAL R 60 8.07 -18.92 52.94
C VAL R 60 9.13 -17.89 52.57
N THR R 61 10.38 -18.33 52.44
CA THR R 61 11.50 -17.44 52.18
C THR R 61 11.86 -17.49 50.71
N VAL R 62 12.03 -16.32 50.11
CA VAL R 62 12.39 -16.22 48.69
C VAL R 62 13.88 -16.55 48.60
N ARG R 63 14.19 -17.78 48.20
CA ARG R 63 15.57 -18.20 48.06
C ARG R 63 16.00 -18.05 46.61
N GLU R 64 17.20 -18.52 46.30
CA GLU R 64 17.79 -18.38 44.97
C GLU R 64 18.25 -19.74 44.46
N LYS R 65 18.09 -19.97 43.16
CA LYS R 65 18.65 -21.17 42.57
C LYS R 65 19.13 -20.87 41.16
N SER R 66 20.11 -21.64 40.70
CA SER R 66 20.71 -21.41 39.40
C SER R 66 20.05 -22.28 38.34
N VAL R 67 19.80 -21.69 37.17
CA VAL R 67 19.17 -22.37 36.05
C VAL R 67 20.09 -22.28 34.85
N ARG R 68 20.29 -23.40 34.17
CA ARG R 68 20.99 -23.46 32.90
C ARG R 68 20.00 -23.84 31.82
N GLY R 69 19.97 -23.06 30.75
CA GLY R 69 19.00 -23.27 29.69
C GLY R 69 19.64 -23.35 28.32
N THR R 70 19.01 -24.14 27.46
CA THR R 70 19.33 -24.21 26.05
C THR R 70 18.31 -23.39 25.27
N ILE R 71 18.35 -23.47 23.95
CA ILE R 71 17.47 -22.67 23.09
C ILE R 71 16.11 -23.35 23.06
N SER R 72 15.06 -22.59 23.42
CA SER R 72 13.70 -23.11 23.41
C SER R 72 12.70 -22.13 22.83
N ASN R 73 13.14 -21.04 22.22
CA ASN R 73 12.25 -20.06 21.64
C ASN R 73 12.22 -20.22 20.11
N ARG R 74 11.25 -19.55 19.49
CA ARG R 74 11.14 -19.59 18.04
C ARG R 74 12.26 -18.78 17.42
N LEU R 75 12.96 -19.40 16.45
CA LEU R 75 14.07 -18.74 15.77
C LEU R 75 13.54 -17.98 14.57
N LYS R 76 14.11 -16.81 14.32
CA LYS R 76 13.65 -15.92 13.27
C LYS R 76 14.34 -16.19 11.93
N THR R 77 14.35 -17.47 11.52
CA THR R 77 14.73 -17.98 10.19
C THR R 77 16.22 -17.79 9.87
N LYS R 78 16.97 -17.11 10.73
CA LYS R 78 18.40 -16.95 10.58
C LYS R 78 19.21 -17.72 11.61
N ASP R 79 18.61 -18.02 12.77
CA ASP R 79 19.21 -18.89 13.76
C ASP R 79 18.88 -20.34 13.53
N ARG R 80 18.12 -20.66 12.48
CA ARG R 80 17.70 -22.01 12.19
C ARG R 80 18.75 -22.85 11.47
N ASP R 81 19.89 -22.26 11.13
CA ASP R 81 20.99 -23.04 10.57
C ASP R 81 21.55 -23.98 11.63
N PRO R 82 21.91 -25.22 11.26
CA PRO R 82 22.46 -26.17 12.22
C PRO R 82 23.70 -25.70 12.98
N ALA R 83 24.63 -25.03 12.29
CA ALA R 83 25.86 -24.60 12.95
C ALA R 83 25.59 -23.45 13.91
N LYS R 84 24.74 -22.49 13.51
CA LYS R 84 24.41 -21.37 14.38
C LYS R 84 23.58 -21.83 15.58
N LEU R 85 22.67 -22.78 15.37
CA LEU R 85 21.89 -23.34 16.48
C LEU R 85 22.77 -24.11 17.44
N ASP R 86 23.72 -24.89 16.93
CA ASP R 86 24.62 -25.65 17.80
C ASP R 86 25.58 -24.73 18.54
N ALA R 87 26.01 -23.63 17.91
CA ALA R 87 26.82 -22.62 18.61
C ALA R 87 26.01 -21.95 19.71
N SER R 88 24.72 -21.73 19.47
CA SER R 88 23.86 -21.18 20.54
C SER R 88 23.63 -22.20 21.65
N ILE R 89 23.63 -23.49 21.32
CA ILE R 89 23.49 -24.53 22.35
C ILE R 89 24.74 -24.58 23.21
N GLN R 90 25.93 -24.48 22.60
CA GLN R 90 27.18 -24.53 23.34
C GLN R 90 27.42 -23.30 24.22
N SER R 91 26.62 -22.24 24.07
CA SER R 91 26.62 -21.09 24.98
C SER R 91 25.25 -21.06 25.65
N PRO R 92 25.06 -21.82 26.73
CA PRO R 92 23.75 -21.84 27.41
C PRO R 92 23.52 -20.54 28.16
N ASN R 93 22.25 -20.20 28.37
CA ASN R 93 21.97 -18.95 29.11
C ASN R 93 21.82 -19.29 30.57
N LEU R 94 22.87 -19.01 31.33
CA LEU R 94 22.88 -19.24 32.77
C LEU R 94 22.22 -18.07 33.49
N GLN R 95 21.29 -18.36 34.38
CA GLN R 95 20.61 -17.34 35.16
C GLN R 95 20.52 -17.79 36.61
N THR R 96 20.22 -16.84 37.48
CA THR R 96 19.81 -17.11 38.84
C THR R 96 18.36 -16.65 38.97
N VAL R 97 17.51 -17.50 39.54
CA VAL R 97 16.09 -17.20 39.66
C VAL R 97 15.71 -17.23 41.14
N ASP R 98 14.97 -16.22 41.56
CA ASP R 98 14.34 -16.24 42.86
C ASP R 98 13.24 -17.29 42.85
N VAL R 99 13.28 -18.20 43.81
CA VAL R 99 12.37 -19.33 43.86
C VAL R 99 11.75 -19.38 45.25
N ALA R 100 10.48 -19.79 45.31
CA ALA R 100 9.74 -19.93 46.56
C ALA R 100 9.24 -21.36 46.65
N ASN R 101 9.83 -22.13 47.54
CA ASN R 101 9.47 -23.53 47.73
C ASN R 101 9.16 -23.76 49.21
N LEU R 102 8.24 -24.68 49.46
CA LEU R 102 7.98 -25.14 50.81
C LEU R 102 9.15 -26.00 51.28
N PRO R 103 9.33 -26.13 52.59
CA PRO R 103 10.25 -27.16 53.11
C PRO R 103 9.70 -28.55 52.84
N SER R 104 10.62 -29.53 52.93
CA SER R 104 10.29 -30.90 52.56
C SER R 104 9.31 -31.56 53.52
N ASP R 105 9.14 -31.02 54.72
CA ASP R 105 8.13 -31.50 55.66
C ASP R 105 6.86 -30.65 55.64
N ALA R 106 6.78 -29.67 54.76
CA ALA R 106 5.64 -28.76 54.69
C ALA R 106 4.98 -28.89 53.32
N ASP R 107 3.66 -29.18 53.32
CA ASP R 107 2.90 -29.24 52.09
C ASP R 107 1.85 -28.15 51.97
N THR R 108 1.48 -27.50 53.06
CA THR R 108 0.41 -26.51 53.09
C THR R 108 0.99 -25.11 52.98
N LEU R 109 0.44 -24.31 52.08
CA LEU R 109 0.79 -22.91 51.95
C LEU R 109 -0.31 -22.06 52.56
N LYS R 110 0.06 -21.23 53.54
CA LYS R 110 -0.88 -20.34 54.21
C LYS R 110 -0.72 -18.93 53.65
N VAL R 111 -1.85 -18.28 53.35
CA VAL R 111 -1.86 -16.91 52.86
C VAL R 111 -2.83 -16.12 53.72
N ARG R 112 -2.35 -15.04 54.32
CA ARG R 112 -3.15 -14.23 55.23
C ARG R 112 -3.18 -12.79 54.75
N PHE R 113 -4.39 -12.24 54.61
CA PHE R 113 -4.53 -10.83 54.29
C PHE R 113 -5.78 -10.27 54.96
N THR R 114 -5.76 -8.98 55.23
CA THR R 114 -6.92 -8.30 55.78
C THR R 114 -7.56 -7.44 54.71
N LEU R 115 -8.90 -7.44 54.69
CA LEU R 115 -9.68 -6.69 53.72
C LEU R 115 -10.57 -5.71 54.48
N ARG R 116 -10.49 -4.45 54.09
CA ARG R 116 -11.22 -3.37 54.74
C ARG R 116 -12.28 -2.85 53.79
N VAL R 117 -13.55 -3.01 54.16
CA VAL R 117 -14.66 -2.53 53.35
C VAL R 117 -15.06 -1.16 53.87
N LEU R 118 -15.02 -0.15 52.99
CA LEU R 118 -15.13 1.25 53.40
C LEU R 118 -16.55 1.79 53.28
N GLY R 119 -17.11 1.75 52.08
CA GLY R 119 -18.40 2.37 51.81
C GLY R 119 -18.25 3.76 51.24
N GLY R 120 -19.40 4.34 50.91
CA GLY R 120 -19.42 5.62 50.22
C GLY R 120 -18.89 5.53 48.81
N ALA R 121 -19.24 4.47 48.08
CA ALA R 121 -18.74 4.27 46.73
C ALA R 121 -19.35 5.23 45.73
N GLY R 122 -20.51 5.81 46.05
CA GLY R 122 -21.10 6.80 45.16
C GLY R 122 -20.31 8.10 45.12
N THR R 123 -19.79 8.53 46.27
CA THR R 123 -19.13 9.83 46.37
C THR R 123 -17.74 9.78 45.73
N PRO R 124 -17.45 10.61 44.74
CA PRO R 124 -16.10 10.64 44.19
C PRO R 124 -15.13 11.35 45.13
N SER R 125 -13.85 10.99 44.99
CA SER R 125 -12.82 11.71 45.73
C SER R 125 -12.63 13.11 45.17
N ALA R 126 -12.73 13.26 43.85
CA ALA R 126 -12.59 14.54 43.18
C ALA R 126 -13.68 14.67 42.13
N CYS R 127 -14.31 15.83 42.08
CA CYS R 127 -15.36 16.09 41.09
C CYS R 127 -15.38 17.57 40.75
N ASN R 128 -15.13 17.89 39.48
CA ASN R 128 -15.10 19.29 39.05
C ASN R 128 -16.50 19.91 39.07
N ASP R 129 -17.47 19.16 38.55
CA ASP R 129 -18.84 19.64 38.42
C ASP R 129 -19.68 19.22 39.62
N ALA R 130 -20.06 20.20 40.43
CA ALA R 130 -21.03 19.98 41.51
C ALA R 130 -22.27 19.25 40.99
N ALA R 131 -22.96 19.86 40.03
CA ALA R 131 -24.25 19.32 39.59
C ALA R 131 -24.09 17.90 39.09
N TYR R 132 -22.96 17.61 38.44
CA TYR R 132 -22.65 16.23 38.05
C TYR R 132 -22.45 15.34 39.26
N ARG R 133 -21.82 15.88 40.32
CA ARG R 133 -21.65 15.11 41.56
C ARG R 133 -22.99 14.81 42.20
N ASP R 134 -23.89 15.79 42.22
CA ASP R 134 -25.24 15.58 42.75
C ASP R 134 -26.02 14.57 41.92
N LYS R 135 -25.88 14.63 40.59
CA LYS R 135 -26.58 13.70 39.71
C LYS R 135 -26.04 12.28 39.85
N LEU R 136 -24.72 12.14 39.99
CA LEU R 136 -24.14 10.80 40.16
C LEU R 136 -24.49 10.23 41.53
N LEU R 137 -24.54 11.08 42.56
CA LEU R 137 -24.98 10.64 43.87
C LEU R 137 -26.44 10.22 43.85
N GLN R 138 -27.29 10.96 43.12
CA GLN R 138 -28.69 10.58 42.99
C GLN R 138 -28.84 9.29 42.19
N THR R 139 -27.98 9.07 41.19
CA THR R 139 -28.02 7.83 40.42
C THR R 139 -27.62 6.62 41.27
N VAL R 140 -26.57 6.76 42.08
CA VAL R 140 -26.17 5.68 42.98
C VAL R 140 -27.23 5.47 44.07
N ALA R 141 -27.86 6.55 44.54
CA ALA R 141 -28.90 6.43 45.54
C ALA R 141 -30.15 5.74 45.00
N THR R 142 -30.53 6.05 43.76
CA THR R 142 -31.66 5.36 43.14
C THR R 142 -31.32 3.92 42.79
N TYR R 143 -30.04 3.63 42.51
CA TYR R 143 -29.59 2.25 42.39
C TYR R 143 -29.81 1.48 43.69
N VAL R 144 -29.32 2.03 44.80
CA VAL R 144 -29.39 1.36 46.10
C VAL R 144 -30.84 1.24 46.57
N ASN R 145 -31.67 2.24 46.26
CA ASN R 145 -33.09 2.14 46.53
C ASN R 145 -33.76 1.09 45.67
N ASP R 146 -33.29 0.90 44.43
CA ASP R 146 -33.79 -0.19 43.61
C ASP R 146 -33.26 -1.53 44.10
N GLN R 147 -31.94 -1.71 44.05
CA GLN R 147 -31.30 -2.90 44.62
C GLN R 147 -30.00 -2.46 45.31
N GLY R 148 -29.84 -2.83 46.56
CA GLY R 148 -28.69 -2.40 47.33
C GLY R 148 -27.42 -3.12 46.90
N PHE R 149 -26.38 -2.91 47.69
CA PHE R 149 -25.12 -3.61 47.43
C PHE R 149 -25.25 -5.07 47.84
N ALA R 150 -26.02 -5.85 47.08
CA ALA R 150 -26.38 -7.20 47.48
C ALA R 150 -25.91 -8.25 46.48
N GLU R 151 -26.07 -8.00 45.18
CA GLU R 151 -25.51 -8.89 44.18
C GLU R 151 -24.00 -8.76 44.10
N LEU R 152 -23.51 -7.52 44.13
CA LEU R 152 -22.07 -7.26 44.10
C LEU R 152 -21.40 -7.78 45.36
N ALA R 153 -22.01 -7.58 46.52
CA ALA R 153 -21.44 -8.12 47.76
C ALA R 153 -21.50 -9.63 47.80
N ARG R 154 -22.53 -10.25 47.20
CA ARG R 154 -22.57 -11.71 47.10
C ARG R 154 -21.47 -12.24 46.21
N ARG R 155 -21.21 -11.57 45.09
CA ARG R 155 -20.16 -12.03 44.18
C ARG R 155 -18.77 -11.78 44.75
N TYR R 156 -18.59 -10.64 45.45
CA TYR R 156 -17.34 -10.37 46.15
C TYR R 156 -17.12 -11.36 47.28
N ALA R 157 -18.19 -11.74 47.99
CA ALA R 157 -18.10 -12.76 49.03
C ALA R 157 -17.78 -14.13 48.46
N HIS R 158 -18.28 -14.42 47.26
CA HIS R 158 -17.91 -15.65 46.58
C HIS R 158 -16.42 -15.66 46.21
N ASN R 159 -15.91 -14.52 45.75
CA ASN R 159 -14.48 -14.40 45.49
C ASN R 159 -13.65 -14.41 46.77
N LEU R 160 -14.26 -14.04 47.90
CA LEU R 160 -13.62 -14.24 49.20
C LEU R 160 -13.58 -15.72 49.56
N ALA R 161 -14.68 -16.44 49.30
CA ALA R 161 -14.82 -17.82 49.75
C ALA R 161 -13.90 -18.77 48.99
N ASN R 162 -13.90 -18.68 47.67
CA ASN R 162 -12.90 -19.40 46.89
C ASN R 162 -11.59 -18.62 46.94
N ALA R 163 -10.48 -19.35 46.86
CA ALA R 163 -9.16 -18.72 46.95
C ALA R 163 -8.67 -18.33 45.56
N ARG R 164 -9.42 -17.41 44.95
CA ARG R 164 -8.99 -16.83 43.67
C ARG R 164 -7.77 -15.94 43.85
N PHE R 165 -7.55 -15.41 45.07
CA PHE R 165 -6.32 -14.70 45.39
C PHE R 165 -5.11 -15.62 45.42
N LEU R 166 -5.34 -16.93 45.53
CA LEU R 166 -4.29 -17.91 45.32
C LEU R 166 -4.27 -18.26 43.84
N TRP R 167 -3.54 -17.43 43.07
CA TRP R 167 -3.61 -17.46 41.61
C TRP R 167 -3.08 -18.75 41.00
N ARG R 168 -1.78 -19.01 41.14
CA ARG R 168 -1.21 -20.25 40.64
C ARG R 168 -1.00 -21.27 41.75
N ASN R 169 -1.34 -20.93 43.00
CA ASN R 169 -1.32 -21.88 44.10
C ASN R 169 -2.67 -22.55 44.28
N ARG R 170 -3.49 -22.60 43.23
CA ARG R 170 -4.76 -23.30 43.23
C ARG R 170 -4.97 -24.15 41.99
N VAL R 171 -4.16 -23.96 40.94
CA VAL R 171 -4.33 -24.72 39.70
C VAL R 171 -3.87 -26.17 39.85
N GLY R 172 -3.09 -26.46 40.89
CA GLY R 172 -2.66 -27.83 41.12
C GLY R 172 -2.80 -28.23 42.57
N ALA R 173 -3.59 -27.46 43.33
CA ALA R 173 -3.80 -27.74 44.74
C ALA R 173 -4.81 -28.86 44.92
N GLU R 174 -4.50 -29.78 45.82
CA GLU R 174 -5.38 -30.91 46.08
C GLU R 174 -6.62 -30.47 46.87
N ALA R 175 -6.44 -29.64 47.88
CA ALA R 175 -7.54 -29.15 48.70
C ALA R 175 -7.22 -27.77 49.22
N VAL R 176 -8.14 -26.84 49.05
CA VAL R 176 -7.98 -25.44 49.47
C VAL R 176 -9.08 -25.11 50.47
N GLU R 177 -8.71 -24.39 51.53
CA GLU R 177 -9.64 -23.99 52.58
C GLU R 177 -9.41 -22.52 52.94
N VAL R 178 -10.51 -21.78 53.13
CA VAL R 178 -10.48 -20.36 53.40
C VAL R 178 -11.25 -20.08 54.69
N ARG R 179 -10.59 -19.40 55.63
CA ARG R 179 -11.22 -18.98 56.89
C ARG R 179 -11.24 -17.46 56.94
N ILE R 180 -12.43 -16.89 57.15
CA ILE R 180 -12.62 -15.45 57.17
C ILE R 180 -13.20 -15.06 58.53
N ASN R 181 -12.51 -14.15 59.21
CA ASN R 181 -12.93 -13.69 60.53
C ASN R 181 -13.28 -12.21 60.46
N HIS R 182 -14.36 -11.83 61.16
CA HIS R 182 -14.78 -10.44 61.25
C HIS R 182 -14.12 -9.82 62.49
N ILE R 183 -13.11 -8.99 62.26
CA ILE R 183 -12.31 -8.42 63.35
C ILE R 183 -12.95 -7.08 63.70
N ARG R 184 -13.83 -7.08 64.70
CA ARG R 184 -14.54 -5.85 65.03
C ARG R 184 -13.71 -4.94 65.94
N GLN R 185 -13.56 -5.31 67.20
CA GLN R 185 -12.69 -4.59 68.14
C GLN R 185 -11.39 -5.34 68.39
N GLY R 186 -10.66 -5.67 67.33
CA GLY R 186 -9.45 -6.46 67.49
C GLY R 186 -9.69 -7.91 67.87
N GLU R 187 -10.91 -8.40 67.77
CA GLU R 187 -11.27 -9.75 68.15
C GLU R 187 -12.27 -10.29 67.14
N VAL R 188 -12.38 -11.61 67.08
CA VAL R 188 -13.22 -12.26 66.08
C VAL R 188 -14.68 -12.09 66.49
N ALA R 189 -15.43 -11.32 65.70
CA ALA R 189 -16.85 -11.15 65.95
C ALA R 189 -17.68 -12.25 65.31
N ARG R 190 -17.21 -12.79 64.18
CA ARG R 190 -17.92 -13.85 63.48
C ARG R 190 -16.92 -14.61 62.62
N ALA R 191 -16.95 -15.93 62.70
CA ALA R 191 -16.02 -16.79 61.98
C ALA R 191 -16.75 -17.52 60.86
N TRP R 192 -16.08 -17.66 59.71
CA TRP R 192 -16.58 -18.42 58.59
C TRP R 192 -15.48 -19.34 58.08
N ARG R 193 -15.82 -20.59 57.81
CA ARG R 193 -14.90 -21.54 57.18
C ARG R 193 -15.55 -22.06 55.91
N PHE R 194 -14.76 -22.16 54.84
CA PHE R 194 -15.29 -22.49 53.52
C PHE R 194 -14.45 -23.60 52.90
N ASP R 195 -14.89 -24.04 51.73
CA ASP R 195 -14.12 -24.94 50.87
C ASP R 195 -13.96 -24.24 49.53
N ALA R 196 -12.72 -23.87 49.20
CA ALA R 196 -12.47 -23.08 48.01
C ALA R 196 -12.56 -23.89 46.72
N LEU R 197 -12.55 -25.23 46.82
CA LEU R 197 -12.70 -26.07 45.64
C LEU R 197 -14.15 -26.43 45.36
N ALA R 198 -14.99 -26.53 46.40
CA ALA R 198 -16.41 -26.75 46.18
C ALA R 198 -17.07 -25.52 45.58
N ILE R 199 -16.78 -24.35 46.14
CA ILE R 199 -17.23 -23.08 45.57
C ILE R 199 -16.28 -22.76 44.43
N GLY R 200 -16.71 -23.04 43.20
CA GLY R 200 -15.83 -22.93 42.06
C GLY R 200 -15.59 -21.50 41.62
N LEU R 201 -14.73 -21.37 40.61
CA LEU R 201 -14.41 -20.08 40.02
C LEU R 201 -15.32 -19.74 38.85
N ARG R 202 -16.47 -20.41 38.72
CA ARG R 202 -17.34 -20.22 37.57
C ARG R 202 -18.77 -19.86 37.96
N ASP R 203 -19.27 -20.45 39.04
CA ASP R 203 -20.67 -20.36 39.41
C ASP R 203 -20.85 -19.47 40.63
N PHE R 204 -21.80 -18.54 40.55
CA PHE R 204 -22.19 -17.70 41.69
C PHE R 204 -23.50 -18.27 42.25
N LYS R 205 -23.38 -19.30 43.07
CA LYS R 205 -24.51 -19.97 43.66
C LYS R 205 -24.92 -19.28 44.96
N ALA R 206 -25.78 -19.94 45.75
CA ALA R 206 -26.25 -19.39 47.02
C ALA R 206 -25.91 -20.33 48.16
N ASP R 207 -25.44 -19.75 49.26
CA ASP R 207 -25.13 -20.50 50.47
C ASP R 207 -25.39 -19.60 51.66
N ALA R 208 -25.71 -20.20 52.81
CA ALA R 208 -26.13 -19.44 53.98
C ALA R 208 -24.97 -18.65 54.59
N GLU R 209 -23.81 -19.30 54.75
CA GLU R 209 -22.63 -18.58 55.24
C GLU R 209 -22.15 -17.57 54.22
N LEU R 210 -22.24 -17.92 52.94
CA LEU R 210 -21.92 -16.98 51.86
C LEU R 210 -22.87 -15.80 51.87
N ASP R 211 -24.16 -16.05 52.17
CA ASP R 211 -25.11 -14.94 52.27
C ASP R 211 -24.82 -14.06 53.48
N ALA R 212 -24.41 -14.66 54.60
CA ALA R 212 -24.08 -13.87 55.79
C ALA R 212 -22.86 -12.99 55.54
N LEU R 213 -21.84 -13.54 54.88
CA LEU R 213 -20.70 -12.73 54.45
C LEU R 213 -21.11 -11.67 53.43
N ALA R 214 -22.12 -11.99 52.59
CA ALA R 214 -22.64 -11.02 51.65
C ALA R 214 -23.34 -9.85 52.35
N GLU R 215 -24.12 -10.13 53.41
CA GLU R 215 -24.70 -9.00 54.15
C GLU R 215 -23.66 -8.23 54.95
N LEU R 216 -22.57 -8.89 55.39
CA LEU R 216 -21.51 -8.14 56.06
C LEU R 216 -20.81 -7.19 55.09
N ILE R 217 -20.48 -7.67 53.90
CA ILE R 217 -19.89 -6.81 52.86
C ILE R 217 -20.92 -5.75 52.41
N ALA R 218 -22.21 -6.09 52.44
CA ALA R 218 -23.26 -5.13 52.10
C ALA R 218 -23.33 -3.98 53.11
N SER R 219 -23.25 -4.30 54.40
CA SER R 219 -23.23 -3.27 55.43
C SER R 219 -21.94 -2.45 55.37
N GLY R 220 -20.83 -3.08 54.98
CA GLY R 220 -19.61 -2.31 54.78
C GLY R 220 -19.70 -1.36 53.59
N LEU R 221 -20.26 -1.82 52.48
CA LEU R 221 -20.30 -1.03 51.26
C LEU R 221 -21.36 0.06 51.30
N SER R 222 -22.47 -0.18 52.02
CA SER R 222 -23.50 0.85 52.13
C SER R 222 -23.05 1.98 53.05
N GLY R 223 -22.42 1.64 54.18
CA GLY R 223 -22.03 2.62 55.16
C GLY R 223 -22.68 2.37 56.49
N SER R 224 -23.25 1.17 56.65
CA SER R 224 -23.92 0.82 57.90
C SER R 224 -22.92 0.62 59.03
N GLY R 225 -21.76 0.02 58.73
CA GLY R 225 -20.78 -0.22 59.77
C GLY R 225 -19.40 -0.39 59.17
N HIS R 226 -18.43 -0.61 60.05
CA HIS R 226 -17.05 -0.82 59.65
C HIS R 226 -16.78 -2.32 59.56
N VAL R 227 -16.19 -2.75 58.45
CA VAL R 227 -15.96 -4.16 58.18
C VAL R 227 -14.48 -4.38 57.92
N LEU R 228 -13.85 -5.19 58.76
CA LEU R 228 -12.48 -5.67 58.55
C LEU R 228 -12.51 -7.19 58.63
N LEU R 229 -11.97 -7.84 57.61
CA LEU R 229 -12.00 -9.29 57.49
C LEU R 229 -10.58 -9.82 57.41
N GLU R 230 -10.26 -10.77 58.28
CA GLU R 230 -8.98 -11.48 58.22
C GLU R 230 -9.19 -12.78 57.47
N VAL R 231 -8.50 -12.94 56.35
CA VAL R 231 -8.70 -14.05 55.43
C VAL R 231 -7.43 -14.90 55.42
N VAL R 232 -7.58 -16.18 55.76
CA VAL R 232 -6.49 -17.14 55.82
C VAL R 232 -6.79 -18.26 54.85
N ALA R 233 -5.80 -18.64 54.05
CA ALA R 233 -5.97 -19.64 53.01
C ALA R 233 -4.93 -20.76 53.18
N PHE R 234 -5.37 -21.99 52.98
CA PHE R 234 -4.53 -23.17 53.09
C PHE R 234 -4.69 -24.00 51.83
N ALA R 235 -3.57 -24.37 51.21
CA ALA R 235 -3.59 -25.09 49.93
C ALA R 235 -2.75 -26.35 50.03
N ARG R 236 -3.32 -27.48 49.61
CA ARG R 236 -2.61 -28.75 49.55
C ARG R 236 -1.85 -28.81 48.23
N ILE R 237 -0.71 -28.14 48.19
CA ILE R 237 0.15 -28.20 47.00
C ILE R 237 0.96 -29.48 47.00
N GLY R 238 1.83 -29.64 47.99
CA GLY R 238 2.69 -30.80 48.06
C GLY R 238 3.93 -30.50 48.86
N ASP R 239 4.58 -31.56 49.33
CA ASP R 239 5.73 -31.43 50.22
C ASP R 239 6.93 -30.94 49.42
N GLY R 240 7.40 -29.73 49.72
CA GLY R 240 8.53 -29.18 49.03
C GLY R 240 8.24 -28.58 47.68
N GLN R 241 6.97 -28.48 47.30
CA GLN R 241 6.61 -27.97 45.98
C GLN R 241 6.83 -26.47 45.89
N GLU R 242 6.85 -25.97 44.66
CA GLU R 242 7.08 -24.55 44.41
C GLU R 242 5.78 -23.79 44.59
N VAL R 243 5.78 -22.82 45.50
CA VAL R 243 4.67 -21.89 45.64
C VAL R 243 5.00 -20.63 44.85
N PHE R 244 3.96 -19.93 44.40
CA PHE R 244 4.10 -18.86 43.43
C PHE R 244 3.62 -17.54 44.04
N PRO R 245 4.52 -16.72 44.54
CA PRO R 245 4.16 -15.37 44.98
C PRO R 245 4.08 -14.43 43.78
N SER R 246 3.74 -13.19 44.06
CA SER R 246 3.78 -12.17 43.03
C SER R 246 5.23 -11.87 42.66
N GLN R 247 5.43 -11.53 41.39
CA GLN R 247 6.76 -11.38 40.82
C GLN R 247 7.05 -9.90 40.59
N GLU R 248 8.26 -9.48 40.93
CA GLU R 248 8.62 -8.08 40.89
C GLU R 248 9.15 -7.71 39.50
N LEU R 249 9.75 -6.53 39.39
CA LEU R 249 10.23 -6.01 38.13
C LEU R 249 11.76 -5.91 38.20
N ILE R 250 12.42 -6.24 37.11
CA ILE R 250 13.86 -6.47 37.10
C ILE R 250 14.53 -5.25 36.47
N LEU R 251 15.53 -4.70 37.15
CA LEU R 251 16.18 -3.48 36.67
C LEU R 251 17.12 -3.76 35.49
N ASP R 252 17.64 -4.99 35.40
CA ASP R 252 18.49 -5.48 34.31
C ASP R 252 19.76 -4.62 34.16
N LYS R 253 20.59 -4.66 35.20
CA LYS R 253 21.83 -3.89 35.23
C LYS R 253 23.08 -4.76 35.39
N GLY R 254 22.96 -5.93 35.99
CA GLY R 254 24.11 -6.76 36.28
C GLY R 254 24.61 -7.53 35.07
N ASP R 255 25.54 -8.44 35.32
CA ASP R 255 26.13 -9.25 34.28
C ASP R 255 25.13 -10.28 33.76
N LYS R 256 25.40 -10.80 32.57
CA LYS R 256 24.54 -11.80 31.96
C LYS R 256 24.67 -13.17 32.60
N LYS R 257 25.73 -13.41 33.36
CA LYS R 257 25.87 -14.68 34.07
C LYS R 257 24.92 -14.73 35.26
N GLY R 258 25.08 -13.82 36.22
CA GLY R 258 24.11 -13.67 37.28
C GLY R 258 23.04 -12.67 36.89
N GLN R 259 22.17 -13.08 35.96
CA GLN R 259 21.27 -12.12 35.31
C GLN R 259 20.14 -11.67 36.22
N LYS R 260 19.68 -12.55 37.13
CA LYS R 260 18.47 -12.36 37.94
C LYS R 260 17.26 -12.08 37.04
N SER R 261 16.88 -13.12 36.31
CA SER R 261 15.76 -13.00 35.38
C SER R 261 14.42 -12.89 36.11
N LYS R 262 14.28 -13.52 37.27
CA LYS R 262 13.03 -13.53 38.00
C LYS R 262 13.27 -13.11 39.45
N THR R 263 12.45 -12.18 39.93
CA THR R 263 12.51 -11.71 41.31
C THR R 263 11.12 -11.78 41.91
N LEU R 264 10.99 -12.43 43.05
CA LEU R 264 9.72 -12.56 43.73
C LEU R 264 9.57 -11.48 44.80
N TYR R 265 8.35 -11.32 45.30
CA TYR R 265 7.99 -10.23 46.20
C TYR R 265 8.00 -10.74 47.64
N SER R 266 8.75 -10.03 48.49
CA SER R 266 8.80 -10.31 49.91
C SER R 266 8.74 -8.99 50.67
N VAL R 267 8.25 -9.03 51.90
CA VAL R 267 8.10 -7.83 52.71
C VAL R 267 9.14 -7.74 53.83
N ARG R 268 9.33 -8.81 54.63
CA ARG R 268 10.41 -8.89 55.61
C ARG R 268 10.89 -10.34 55.65
N ASP R 269 11.82 -10.68 54.74
CA ASP R 269 12.38 -12.03 54.59
C ASP R 269 11.28 -13.10 54.49
N ALA R 270 10.22 -12.77 53.76
CA ALA R 270 8.98 -13.55 53.84
C ALA R 270 8.17 -13.29 52.57
N ALA R 271 7.97 -14.34 51.78
CA ALA R 271 7.32 -14.21 50.47
C ALA R 271 5.88 -13.75 50.62
N ALA R 272 5.41 -12.99 49.64
CA ALA R 272 4.08 -12.39 49.73
C ALA R 272 3.54 -12.13 48.33
N ILE R 273 2.22 -11.98 48.27
CA ILE R 273 1.53 -11.58 47.05
C ILE R 273 1.22 -10.10 47.16
N HIS R 274 1.25 -9.41 46.02
CA HIS R 274 0.92 -7.99 45.98
C HIS R 274 -0.54 -7.77 46.33
N SER R 275 -0.81 -6.62 46.96
CA SER R 275 -2.17 -6.31 47.41
C SER R 275 -3.13 -6.10 46.25
N GLN R 276 -2.66 -5.45 45.18
CA GLN R 276 -3.54 -5.20 44.04
C GLN R 276 -3.83 -6.48 43.27
N LYS R 277 -2.96 -7.49 43.37
CA LYS R 277 -3.28 -8.80 42.79
C LYS R 277 -4.43 -9.47 43.54
N ILE R 278 -4.40 -9.38 44.87
CA ILE R 278 -5.50 -9.89 45.69
C ILE R 278 -6.78 -9.12 45.38
N GLY R 279 -6.68 -7.80 45.24
CA GLY R 279 -7.84 -6.99 44.93
C GLY R 279 -8.43 -7.28 43.55
N ASN R 280 -7.56 -7.56 42.58
CA ASN R 280 -8.01 -7.96 41.25
C ASN R 280 -8.69 -9.32 41.28
N ALA R 281 -8.18 -10.24 42.10
CA ALA R 281 -8.78 -11.55 42.18
C ALA R 281 -10.13 -11.52 42.89
N LEU R 282 -10.27 -10.64 43.89
CA LEU R 282 -11.59 -10.43 44.49
C LEU R 282 -12.54 -9.73 43.54
N ARG R 283 -12.00 -8.91 42.64
CA ARG R 283 -12.77 -8.17 41.64
C ARG R 283 -13.32 -9.06 40.54
N THR R 284 -12.85 -10.30 40.43
CA THR R 284 -13.21 -11.18 39.31
C THR R 284 -14.64 -11.68 39.44
N ILE R 285 -15.61 -10.81 39.20
CA ILE R 285 -17.03 -11.13 39.38
C ILE R 285 -17.83 -10.79 38.14
N ASP R 286 -17.20 -10.12 37.16
CA ASP R 286 -17.90 -9.61 35.99
C ASP R 286 -18.23 -10.76 35.05
N THR R 287 -19.49 -11.19 35.06
CA THR R 287 -19.98 -12.22 34.15
C THR R 287 -20.88 -11.67 33.06
N TRP R 288 -21.21 -10.38 33.09
CA TRP R 288 -22.21 -9.81 32.20
C TRP R 288 -21.60 -9.16 30.97
N TYR R 289 -20.36 -9.50 30.63
CA TYR R 289 -19.76 -9.01 29.41
C TYR R 289 -20.42 -9.67 28.19
N PRO R 290 -20.46 -8.99 27.04
CA PRO R 290 -21.23 -9.51 25.90
C PRO R 290 -20.68 -10.78 25.28
N ASP R 291 -19.45 -11.17 25.58
CA ASP R 291 -18.95 -12.46 25.13
C ASP R 291 -19.60 -13.59 25.93
N GLU R 292 -19.36 -14.82 25.47
CA GLU R 292 -20.02 -15.99 26.03
C GLU R 292 -19.44 -16.32 27.41
N ASP R 293 -20.10 -17.26 28.09
CA ASP R 293 -19.71 -17.70 29.42
C ASP R 293 -18.73 -18.86 29.39
N GLY R 294 -18.00 -19.03 28.29
CA GLY R 294 -16.99 -20.08 28.21
C GLY R 294 -15.81 -19.85 29.14
N LEU R 295 -15.43 -18.59 29.35
CA LEU R 295 -14.34 -18.27 30.26
C LEU R 295 -14.82 -18.22 31.70
N GLY R 296 -15.92 -17.53 31.96
CA GLY R 296 -16.41 -17.33 33.30
C GLY R 296 -16.30 -15.88 33.70
N PRO R 297 -16.23 -15.62 35.01
CA PRO R 297 -16.10 -14.23 35.48
C PRO R 297 -14.74 -13.65 35.17
N ILE R 298 -14.73 -12.35 34.85
CA ILE R 298 -13.51 -11.58 34.65
C ILE R 298 -13.48 -10.46 35.68
N ALA R 299 -12.33 -9.79 35.76
CA ALA R 299 -12.20 -8.68 36.69
C ALA R 299 -12.99 -7.46 36.19
N VAL R 300 -13.55 -6.71 37.12
CA VAL R 300 -14.35 -5.54 36.76
C VAL R 300 -13.41 -4.39 36.43
N GLU R 301 -13.04 -4.28 35.18
CA GLU R 301 -12.20 -3.21 34.72
C GLU R 301 -13.00 -2.33 33.76
N PRO R 302 -12.64 -1.05 33.62
CA PRO R 302 -13.11 -0.30 32.46
C PRO R 302 -12.60 -0.94 31.19
N TYR R 303 -13.51 -1.11 30.23
CA TYR R 303 -13.32 -1.89 29.01
C TYR R 303 -12.90 -3.33 29.29
N GLY R 304 -13.37 -3.90 30.42
CA GLY R 304 -13.30 -5.31 30.80
C GLY R 304 -12.06 -6.12 30.47
N SER R 305 -10.89 -5.55 30.72
CA SER R 305 -9.64 -6.10 30.21
C SER R 305 -9.21 -7.34 30.99
N VAL R 306 -8.65 -8.31 30.27
CA VAL R 306 -8.06 -9.51 30.85
C VAL R 306 -6.63 -9.62 30.32
N THR R 307 -5.66 -9.67 31.23
CA THR R 307 -4.26 -9.66 30.82
C THR R 307 -3.85 -10.99 30.18
N SER R 308 -4.34 -12.11 30.72
CA SER R 308 -3.93 -13.42 30.24
C SER R 308 -4.49 -13.69 28.84
N GLN R 309 -5.74 -13.32 28.58
CA GLN R 309 -6.33 -13.50 27.27
C GLN R 309 -5.85 -12.46 26.25
N GLY R 310 -5.30 -11.34 26.71
CA GLY R 310 -4.79 -10.34 25.81
C GLY R 310 -5.85 -9.59 25.02
N LYS R 311 -7.09 -9.61 25.48
CA LYS R 311 -8.21 -9.01 24.77
C LYS R 311 -9.10 -8.28 25.76
N ALA R 312 -9.98 -7.44 25.22
CA ALA R 312 -10.90 -6.64 26.02
C ALA R 312 -12.32 -7.10 25.73
N TYR R 313 -12.93 -7.77 26.70
CA TYR R 313 -14.38 -7.85 26.73
C TYR R 313 -14.95 -6.49 27.11
N ARG R 314 -16.22 -6.28 26.76
CA ARG R 314 -16.91 -4.99 26.88
C ARG R 314 -16.15 -3.88 26.14
N GLN R 315 -16.08 -4.05 24.82
CA GLN R 315 -15.50 -3.04 23.97
C GLN R 315 -16.36 -1.78 23.96
N PRO R 316 -15.75 -0.60 23.76
CA PRO R 316 -16.56 0.60 23.50
C PRO R 316 -17.34 0.55 22.19
N LYS R 317 -16.94 -0.30 21.24
CA LYS R 317 -17.68 -0.41 19.98
C LYS R 317 -19.01 -1.13 20.18
N GLN R 318 -19.06 -2.10 21.09
CA GLN R 318 -20.29 -2.83 21.36
C GLN R 318 -21.10 -2.19 22.48
N LYS R 319 -20.69 -1.00 22.95
CA LYS R 319 -21.47 -0.10 23.81
C LYS R 319 -21.82 -0.75 25.16
N LEU R 320 -20.86 -1.48 25.73
CA LEU R 320 -21.05 -2.06 27.06
C LEU R 320 -19.85 -1.82 27.97
N ASP R 321 -19.01 -0.85 27.63
CA ASP R 321 -17.94 -0.44 28.54
C ASP R 321 -18.53 0.39 29.68
N PHE R 322 -17.69 0.64 30.69
CA PHE R 322 -18.15 1.35 31.88
C PHE R 322 -18.49 2.81 31.58
N TYR R 323 -17.74 3.44 30.69
CA TYR R 323 -17.91 4.88 30.47
C TYR R 323 -19.18 5.18 29.69
N THR R 324 -19.49 4.39 28.65
CA THR R 324 -20.73 4.59 27.90
C THR R 324 -21.96 4.30 28.76
N LEU R 325 -21.89 3.23 29.56
CA LEU R 325 -23.01 2.89 30.45
C LEU R 325 -23.22 3.95 31.52
N LEU R 326 -22.13 4.48 32.09
CA LEU R 326 -22.24 5.52 33.10
C LEU R 326 -22.75 6.84 32.51
N ASP R 327 -22.30 7.16 31.29
CA ASP R 327 -22.75 8.39 30.65
C ASP R 327 -24.21 8.30 30.22
N ASN R 328 -24.67 7.11 29.84
CA ASN R 328 -26.10 6.94 29.56
C ASN R 328 -26.91 6.98 30.85
N TRP R 329 -26.37 6.41 31.93
CA TRP R 329 -27.11 6.33 33.19
C TRP R 329 -27.24 7.70 33.85
N VAL R 330 -26.22 8.53 33.76
CA VAL R 330 -26.16 9.77 34.52
C VAL R 330 -26.58 10.98 33.69
N LEU R 331 -25.98 11.16 32.51
CA LEU R 331 -26.20 12.39 31.75
C LEU R 331 -27.59 12.43 31.13
N ARG R 332 -28.01 11.34 30.49
CA ARG R 332 -29.25 11.34 29.72
C ARG R 332 -30.29 10.37 30.27
N ASP R 333 -30.09 9.89 31.50
CA ASP R 333 -31.03 9.07 32.28
C ASP R 333 -31.39 7.75 31.60
N GLU R 334 -30.57 7.28 30.67
CA GLU R 334 -30.80 5.99 30.01
C GLU R 334 -30.20 4.90 30.92
N ALA R 335 -31.01 4.47 31.87
CA ALA R 335 -30.56 3.46 32.82
C ALA R 335 -30.44 2.11 32.13
N PRO R 336 -29.30 1.43 32.24
CA PRO R 336 -29.13 0.14 31.58
C PRO R 336 -29.81 -1.00 32.33
N ALA R 337 -29.56 -2.23 31.89
CA ALA R 337 -30.06 -3.40 32.60
C ALA R 337 -29.37 -3.52 33.95
N VAL R 338 -30.01 -4.27 34.85
CA VAL R 338 -29.55 -4.36 36.24
C VAL R 338 -28.19 -5.04 36.34
N GLU R 339 -27.85 -5.92 35.38
CA GLU R 339 -26.51 -6.48 35.32
C GLU R 339 -25.48 -5.43 34.96
N GLN R 340 -25.80 -4.55 34.01
CA GLN R 340 -24.89 -3.47 33.66
C GLN R 340 -24.83 -2.42 34.76
N GLN R 341 -25.94 -2.23 35.49
CA GLN R 341 -25.91 -1.37 36.67
C GLN R 341 -25.00 -1.94 37.74
N HIS R 342 -25.03 -3.27 37.92
CA HIS R 342 -24.11 -3.94 38.84
C HIS R 342 -22.67 -3.76 38.40
N TYR R 343 -22.41 -3.83 37.09
CA TYR R 343 -21.06 -3.63 36.56
C TYR R 343 -20.57 -2.21 36.80
N VAL R 344 -21.46 -1.22 36.61
CA VAL R 344 -21.08 0.18 36.81
C VAL R 344 -20.80 0.47 38.28
N ILE R 345 -21.65 -0.03 39.18
CA ILE R 345 -21.43 0.17 40.61
C ILE R 345 -20.22 -0.62 41.10
N ALA R 346 -19.93 -1.77 40.48
CA ALA R 346 -18.72 -2.52 40.81
C ALA R 346 -17.46 -1.78 40.36
N ASN R 347 -17.52 -1.06 39.24
CA ASN R 347 -16.41 -0.20 38.86
C ASN R 347 -16.26 0.99 39.80
N LEU R 348 -17.37 1.53 40.29
CA LEU R 348 -17.31 2.62 41.26
C LEU R 348 -16.73 2.15 42.59
N ILE R 349 -17.04 0.92 42.98
CA ILE R 349 -16.40 0.30 44.16
C ILE R 349 -14.92 0.09 43.89
N ARG R 350 -14.58 -0.36 42.67
CA ARG R 350 -13.19 -0.56 42.28
C ARG R 350 -12.42 0.75 42.25
N GLY R 351 -13.03 1.79 41.70
CA GLY R 351 -12.42 3.11 41.68
C GLY R 351 -11.41 3.28 40.56
N GLY R 352 -11.13 4.53 40.26
CA GLY R 352 -10.17 4.84 39.22
C GLY R 352 -10.20 6.31 38.88
N VAL R 353 -9.26 6.69 38.03
CA VAL R 353 -9.19 8.09 37.55
C VAL R 353 -10.06 8.14 36.31
N PHE R 354 -11.36 8.30 36.54
CA PHE R 354 -12.30 8.51 35.46
C PHE R 354 -12.35 9.98 35.09
N GLY R 355 -12.86 10.26 33.90
CA GLY R 355 -12.91 11.61 33.41
C GLY R 355 -11.71 11.94 32.52
N GLU R 356 -11.86 13.02 31.76
CA GLU R 356 -10.86 13.41 30.78
C GLU R 356 -9.66 14.06 31.48
N ALA R 357 -8.47 13.60 31.14
CA ALA R 357 -7.24 14.11 31.75
C ALA R 357 -6.91 15.51 31.26
N ILE S 23 -5.02 59.00 51.67
CA ILE S 23 -5.82 58.26 50.71
C ILE S 23 -5.76 56.77 51.05
N LEU S 24 -4.64 56.37 51.67
CA LEU S 24 -4.36 55.00 52.11
C LEU S 24 -4.44 54.01 50.94
N SER S 25 -3.49 54.15 50.03
CA SER S 25 -3.36 53.23 48.91
C SER S 25 -2.89 51.85 49.41
N THR S 26 -3.09 50.85 48.57
CA THR S 26 -2.75 49.48 48.93
C THR S 26 -1.24 49.28 48.94
N ALA S 27 -0.75 48.64 50.01
CA ALA S 27 0.68 48.37 50.15
C ALA S 27 1.12 47.34 49.12
N SER S 28 2.37 47.48 48.67
CA SER S 28 2.85 46.63 47.59
C SER S 28 3.15 45.22 48.07
N VAL S 29 4.01 45.08 49.07
CA VAL S 29 4.33 43.78 49.64
C VAL S 29 3.60 43.65 50.98
N LEU S 30 2.99 42.50 51.21
CA LEU S 30 2.23 42.23 52.42
C LEU S 30 2.49 40.81 52.90
N ALA S 31 3.76 40.43 52.96
CA ALA S 31 4.12 39.08 53.38
C ALA S 31 3.82 38.87 54.85
N PHE S 32 3.12 37.79 55.16
CA PHE S 32 2.72 37.46 56.51
C PHE S 32 3.34 36.12 56.90
N GLU S 33 3.91 36.05 58.09
CA GLU S 33 4.46 34.80 58.59
C GLU S 33 3.35 33.87 59.05
N ARG S 34 3.55 32.57 58.80
CA ARG S 34 2.55 31.58 59.15
C ARG S 34 2.53 31.38 60.66
N LYS S 35 1.34 31.41 61.24
CA LYS S 35 1.13 31.02 62.62
C LYS S 35 0.55 29.60 62.66
N LEU S 36 0.55 29.02 63.86
CA LEU S 36 0.26 27.61 64.11
C LEU S 36 1.16 26.71 63.25
N ASP S 37 2.47 26.79 63.52
CA ASP S 37 3.46 26.06 62.75
C ASP S 37 3.43 24.59 63.13
N PRO S 38 3.15 23.68 62.18
CA PRO S 38 3.23 22.25 62.52
C PRO S 38 4.58 21.65 62.13
N SER S 39 4.86 20.46 62.64
CA SER S 39 6.04 19.72 62.22
C SER S 39 5.63 18.65 61.21
N ASP S 40 6.64 18.02 60.61
CA ASP S 40 6.40 16.88 59.72
C ASP S 40 5.90 15.71 60.56
N ALA S 41 4.66 15.30 60.32
CA ALA S 41 3.99 14.33 61.18
C ALA S 41 4.48 12.94 60.85
N LEU S 42 5.36 12.41 61.70
CA LEU S 42 5.94 11.10 61.48
C LEU S 42 4.92 10.02 61.80
N MET S 43 4.94 8.93 61.03
CA MET S 43 4.07 7.80 61.33
C MET S 43 4.88 6.60 61.80
N SER S 44 4.26 5.82 62.67
CA SER S 44 4.79 4.56 63.17
C SER S 44 3.64 3.58 63.27
N ALA S 45 3.97 2.32 63.55
CA ALA S 45 2.98 1.26 63.61
C ALA S 45 2.93 0.66 65.00
N GLY S 46 1.77 0.17 65.39
CA GLY S 46 1.61 -0.43 66.69
C GLY S 46 0.25 -1.05 66.85
N ALA S 47 -0.14 -1.27 68.10
CA ALA S 47 -1.39 -1.92 68.42
C ALA S 47 -2.23 -1.02 69.32
N TRP S 48 -3.55 -1.14 69.17
CA TRP S 48 -4.48 -0.47 70.06
C TRP S 48 -4.36 -1.04 71.47
N ALA S 49 -4.67 -0.20 72.45
CA ALA S 49 -4.49 -0.34 73.90
C ALA S 49 -3.02 -0.40 74.33
N GLN S 50 -2.07 -0.26 73.39
CA GLN S 50 -0.67 -0.03 73.69
C GLN S 50 -0.27 1.40 73.35
N ARG S 51 -1.24 2.31 73.23
CA ARG S 51 -0.97 3.69 72.86
C ARG S 51 -0.30 4.47 73.96
N ASP S 52 -0.37 4.00 75.22
CA ASP S 52 0.36 4.66 76.29
C ASP S 52 1.86 4.42 76.15
N ALA S 53 2.26 3.18 75.88
CA ALA S 53 3.66 2.85 75.61
C ALA S 53 3.95 2.87 74.11
N SER S 54 3.62 3.98 73.47
CA SER S 54 3.80 4.15 72.03
C SER S 54 5.06 4.94 71.69
N GLN S 55 5.89 5.26 72.68
CA GLN S 55 7.11 5.99 72.41
C GLN S 55 8.18 5.11 71.76
N GLU S 56 8.09 3.79 71.94
CA GLU S 56 9.04 2.85 71.38
C GLU S 56 8.46 2.05 70.22
N TRP S 57 7.43 2.59 69.56
CA TRP S 57 6.83 1.88 68.44
C TRP S 57 7.74 1.95 67.22
N PRO S 58 7.86 0.85 66.47
CA PRO S 58 8.66 0.89 65.24
C PRO S 58 7.97 1.73 64.17
N ALA S 59 8.79 2.43 63.40
CA ALA S 59 8.28 3.37 62.41
C ALA S 59 7.75 2.63 61.19
N VAL S 60 6.88 3.30 60.45
CA VAL S 60 6.38 2.78 59.19
C VAL S 60 7.43 3.05 58.11
N THR S 61 7.89 1.99 57.47
CA THR S 61 8.89 2.12 56.42
C THR S 61 8.22 2.19 55.05
N VAL S 62 8.88 2.89 54.13
CA VAL S 62 8.36 3.09 52.78
C VAL S 62 9.05 2.04 51.90
N ARG S 63 8.33 0.96 51.58
CA ARG S 63 8.92 -0.09 50.76
C ARG S 63 8.55 0.17 49.29
N GLU S 64 9.08 -0.67 48.41
CA GLU S 64 8.78 -0.58 46.98
C GLU S 64 8.17 -1.88 46.50
N LYS S 65 7.12 -1.77 45.68
CA LYS S 65 6.49 -2.95 45.12
C LYS S 65 6.15 -2.69 43.65
N SER S 66 5.99 -3.76 42.90
CA SER S 66 5.75 -3.68 41.46
C SER S 66 4.26 -3.78 41.17
N VAL S 67 3.77 -2.90 40.29
CA VAL S 67 2.40 -2.93 39.82
C VAL S 67 2.40 -3.13 38.31
N ARG S 68 1.53 -4.02 37.85
CA ARG S 68 1.23 -4.20 36.43
C ARG S 68 -0.24 -3.90 36.22
N GLY S 69 -0.54 -3.03 35.26
CA GLY S 69 -1.90 -2.59 35.07
C GLY S 69 -2.26 -2.46 33.60
N THR S 70 -3.54 -2.58 33.33
CA THR S 70 -4.12 -2.27 32.03
C THR S 70 -4.67 -0.85 32.06
N ILE S 71 -5.02 -0.35 30.87
CA ILE S 71 -5.53 1.01 30.77
C ILE S 71 -6.98 1.05 31.25
N SER S 72 -7.27 1.91 32.22
CA SER S 72 -8.60 2.04 32.77
C SER S 72 -9.15 3.46 32.68
N ASN S 73 -8.36 4.41 32.20
CA ASN S 73 -8.84 5.78 32.04
C ASN S 73 -9.67 5.92 30.77
N ARG S 74 -10.22 7.11 30.59
CA ARG S 74 -11.01 7.39 29.40
C ARG S 74 -10.11 7.50 28.17
N LEU S 75 -10.59 6.96 27.06
CA LEU S 75 -9.85 7.03 25.81
C LEU S 75 -10.11 8.36 25.10
N LYS S 76 -9.20 8.74 24.22
CA LYS S 76 -9.26 10.00 23.51
C LYS S 76 -10.01 9.90 22.19
N THR S 77 -10.74 8.78 21.98
CA THR S 77 -11.58 8.40 20.83
C THR S 77 -10.72 8.04 19.61
N LYS S 78 -9.41 8.28 19.69
CA LYS S 78 -8.48 7.69 18.75
C LYS S 78 -8.09 6.29 19.19
N ASP S 79 -8.14 6.04 20.49
CA ASP S 79 -7.78 4.75 21.07
C ASP S 79 -9.00 3.89 21.38
N ARG S 80 -10.18 4.29 20.90
CA ARG S 80 -11.37 3.44 20.97
C ARG S 80 -11.37 2.34 19.90
N ASP S 81 -10.30 2.27 19.12
CA ASP S 81 -10.06 1.13 18.23
C ASP S 81 -9.79 -0.14 19.02
N PRO S 82 -10.57 -1.19 18.76
CA PRO S 82 -10.41 -2.44 19.54
C PRO S 82 -8.98 -2.97 19.56
N ALA S 83 -8.27 -2.89 18.43
CA ALA S 83 -6.93 -3.43 18.35
C ALA S 83 -5.94 -2.60 19.15
N LYS S 84 -6.17 -1.29 19.25
CA LYS S 84 -5.37 -0.44 20.13
C LYS S 84 -5.54 -0.85 21.58
N LEU S 85 -6.77 -1.18 21.98
CA LEU S 85 -7.05 -1.62 23.34
C LEU S 85 -6.40 -2.97 23.64
N ASP S 86 -6.49 -3.91 22.70
CA ASP S 86 -5.84 -5.21 22.89
C ASP S 86 -4.32 -5.08 22.88
N ALA S 87 -3.77 -4.16 22.07
CA ALA S 87 -2.34 -3.90 22.11
C ALA S 87 -1.91 -3.27 23.42
N SER S 88 -2.77 -2.44 24.02
CA SER S 88 -2.46 -1.87 25.32
C SER S 88 -2.52 -2.92 26.42
N ILE S 89 -3.43 -3.89 26.29
CA ILE S 89 -3.48 -4.99 27.27
C ILE S 89 -2.27 -5.90 27.12
N GLN S 90 -1.89 -6.23 25.87
CA GLN S 90 -0.76 -7.11 25.62
C GLN S 90 0.57 -6.49 25.99
N SER S 91 0.63 -5.16 26.09
CA SER S 91 1.80 -4.45 26.62
C SER S 91 1.32 -3.62 27.80
N PRO S 92 1.06 -4.24 28.95
CA PRO S 92 0.51 -3.51 30.08
C PRO S 92 1.58 -2.64 30.74
N ASN S 93 1.13 -1.60 31.45
CA ASN S 93 2.10 -0.69 32.04
C ASN S 93 2.65 -1.29 33.33
N LEU S 94 3.97 -1.20 33.46
CA LEU S 94 4.70 -1.71 34.61
C LEU S 94 5.30 -0.52 35.35
N GLN S 95 5.03 -0.44 36.66
CA GLN S 95 5.58 0.62 37.47
C GLN S 95 6.09 0.03 38.77
N THR S 96 7.00 0.77 39.41
CA THR S 96 7.37 0.55 40.79
C THR S 96 6.74 1.65 41.61
N VAL S 97 6.11 1.30 42.74
CA VAL S 97 5.44 2.27 43.58
C VAL S 97 6.00 2.14 44.99
N ASP S 98 6.29 3.29 45.59
CA ASP S 98 6.55 3.34 47.03
C ASP S 98 5.24 3.15 47.77
N VAL S 99 5.20 2.18 48.66
CA VAL S 99 4.00 1.86 49.41
C VAL S 99 4.36 1.86 50.90
N ALA S 100 3.45 2.40 51.70
CA ALA S 100 3.60 2.41 53.16
C ALA S 100 2.52 1.53 53.76
N ASN S 101 2.95 0.48 54.46
CA ASN S 101 2.03 -0.48 55.05
C ASN S 101 2.44 -0.73 56.50
N LEU S 102 1.45 -1.05 57.31
CA LEU S 102 1.73 -1.56 58.63
C LEU S 102 2.18 -3.02 58.53
N PRO S 103 2.89 -3.52 59.53
CA PRO S 103 3.12 -4.97 59.60
C PRO S 103 1.83 -5.72 59.91
N SER S 104 1.87 -7.03 59.65
CA SER S 104 0.68 -7.86 59.81
C SER S 104 0.27 -8.05 61.27
N ASP S 105 1.12 -7.71 62.22
CA ASP S 105 0.78 -7.76 63.64
C ASP S 105 0.41 -6.41 64.21
N ALA S 106 0.34 -5.36 63.39
CA ALA S 106 0.07 -4.01 63.84
C ALA S 106 -1.19 -3.49 63.14
N ASP S 107 -2.17 -3.05 63.93
CA ASP S 107 -3.39 -2.49 63.38
C ASP S 107 -3.54 -0.99 63.56
N THR S 108 -2.77 -0.39 64.46
CA THR S 108 -2.91 1.01 64.81
C THR S 108 -1.77 1.81 64.18
N LEU S 109 -2.12 2.91 63.52
CA LEU S 109 -1.17 3.84 62.94
C LEU S 109 -1.04 5.05 63.86
N LYS S 110 0.20 5.38 64.23
CA LYS S 110 0.48 6.49 65.13
C LYS S 110 1.10 7.63 64.33
N VAL S 111 0.47 8.79 64.37
CA VAL S 111 0.89 9.96 63.60
C VAL S 111 1.18 11.07 64.59
N ARG S 112 2.44 11.50 64.66
CA ARG S 112 2.87 12.43 65.68
C ARG S 112 3.43 13.70 65.05
N PHE S 113 3.03 14.85 65.60
CA PHE S 113 3.61 16.12 65.20
C PHE S 113 3.53 17.09 66.37
N THR S 114 4.16 18.25 66.19
CA THR S 114 4.14 19.30 67.20
C THR S 114 3.69 20.60 66.56
N LEU S 115 2.90 21.37 67.31
CA LEU S 115 2.30 22.61 66.84
C LEU S 115 2.80 23.77 67.69
N ARG S 116 3.23 24.84 67.03
CA ARG S 116 3.69 26.07 67.68
C ARG S 116 2.70 27.18 67.39
N VAL S 117 1.89 27.54 68.38
CA VAL S 117 0.94 28.64 68.22
C VAL S 117 1.65 29.93 68.62
N LEU S 118 1.69 30.89 67.71
CA LEU S 118 2.42 32.13 67.90
C LEU S 118 1.48 33.32 67.88
N GLY S 119 1.90 34.39 68.55
CA GLY S 119 1.16 35.63 68.56
C GLY S 119 1.61 36.59 67.47
N GLY S 120 1.04 37.79 67.50
CA GLY S 120 1.35 38.80 66.51
C GLY S 120 0.83 38.44 65.12
N ALA S 121 -0.44 38.07 65.05
CA ALA S 121 -1.03 37.63 63.78
C ALA S 121 -1.20 38.79 62.81
N GLY S 122 -1.55 39.97 63.31
CA GLY S 122 -1.76 41.11 62.44
C GLY S 122 -0.49 41.77 61.95
N THR S 123 0.65 41.50 62.58
CA THR S 123 1.90 42.14 62.19
C THR S 123 2.45 41.47 60.94
N PRO S 124 2.65 42.20 59.85
CA PRO S 124 3.25 41.60 58.66
C PRO S 124 4.76 41.48 58.78
N SER S 125 5.29 40.42 58.16
CA SER S 125 6.73 40.24 58.13
C SER S 125 7.39 41.29 57.24
N ALA S 126 6.74 41.64 56.13
CA ALA S 126 7.24 42.66 55.22
C ALA S 126 6.09 43.60 54.87
N CYS S 127 6.45 44.86 54.59
CA CYS S 127 5.47 45.85 54.20
C CYS S 127 6.17 46.92 53.38
N ASN S 128 5.37 47.74 52.68
CA ASN S 128 5.89 48.84 51.90
C ASN S 128 5.20 50.16 52.22
N ASP S 129 4.47 50.21 53.34
CA ASP S 129 3.76 51.42 53.73
C ASP S 129 3.57 51.39 55.24
N ALA S 130 4.09 52.41 55.93
CA ALA S 130 3.89 52.52 57.37
C ALA S 130 2.44 52.84 57.69
N ALA S 131 1.75 53.58 56.81
CA ALA S 131 0.34 53.89 57.02
C ALA S 131 -0.52 52.63 56.91
N TYR S 132 -0.24 51.78 55.91
CA TYR S 132 -0.96 50.51 55.77
C TYR S 132 -0.68 49.59 56.95
N ARG S 133 0.58 49.53 57.41
CA ARG S 133 0.91 48.69 58.55
C ARG S 133 0.23 49.17 59.82
N ASP S 134 0.20 50.48 60.02
CA ASP S 134 -0.47 51.05 61.19
C ASP S 134 -1.98 50.82 61.13
N LYS S 135 -2.59 50.99 59.95
CA LYS S 135 -4.03 50.78 59.82
C LYS S 135 -4.41 49.32 59.97
N LEU S 136 -3.57 48.41 59.45
CA LEU S 136 -3.85 46.98 59.60
C LEU S 136 -3.69 46.54 61.04
N LEU S 137 -2.65 47.05 61.73
CA LEU S 137 -2.46 46.74 63.14
C LEU S 137 -3.61 47.29 63.98
N GLN S 138 -4.09 48.50 63.65
CA GLN S 138 -5.23 49.08 64.36
C GLN S 138 -6.50 48.28 64.10
N THR S 139 -6.71 47.82 62.86
CA THR S 139 -7.90 47.05 62.53
C THR S 139 -7.91 45.70 63.23
N VAL S 140 -6.76 45.02 63.28
CA VAL S 140 -6.65 43.76 64.02
C VAL S 140 -6.81 44.02 65.52
N ALA S 141 -6.33 45.17 66.00
CA ALA S 141 -6.44 45.51 67.42
C ALA S 141 -7.89 45.72 67.84
N THR S 142 -8.65 46.51 67.06
CA THR S 142 -10.07 46.69 67.37
C THR S 142 -10.86 45.41 67.16
N TYR S 143 -10.43 44.54 66.23
CA TYR S 143 -11.04 43.22 66.11
C TYR S 143 -10.88 42.42 67.39
N VAL S 144 -9.65 42.35 67.92
CA VAL S 144 -9.36 41.60 69.13
C VAL S 144 -10.07 42.21 70.34
N ASN S 145 -10.20 43.53 70.37
CA ASN S 145 -10.94 44.18 71.46
C ASN S 145 -12.43 43.85 71.39
N ASP S 146 -13.03 43.82 70.20
CA ASP S 146 -14.46 43.50 70.19
C ASP S 146 -14.70 41.99 70.24
N GLN S 147 -13.88 41.20 69.54
CA GLN S 147 -14.04 39.74 69.54
C GLN S 147 -12.69 39.14 69.16
N GLY S 148 -11.97 38.65 70.16
CA GLY S 148 -10.62 38.15 69.95
C GLY S 148 -10.56 36.81 69.22
N PHE S 149 -9.43 36.11 69.33
CA PHE S 149 -9.26 34.82 68.68
C PHE S 149 -9.98 33.72 69.48
N ALA S 150 -11.30 33.82 69.53
CA ALA S 150 -12.11 32.87 70.27
C ALA S 150 -12.81 31.88 69.34
N GLU S 151 -13.49 32.37 68.30
CA GLU S 151 -14.11 31.49 67.34
C GLU S 151 -13.06 30.77 66.48
N LEU S 152 -12.02 31.51 66.07
CA LEU S 152 -10.96 30.92 65.25
C LEU S 152 -10.20 29.85 66.01
N ALA S 153 -9.87 30.12 67.28
CA ALA S 153 -9.16 29.12 68.07
C ALA S 153 -10.07 27.95 68.44
N ARG S 154 -11.38 28.19 68.57
CA ARG S 154 -12.33 27.10 68.77
C ARG S 154 -12.36 26.18 67.56
N ARG S 155 -12.36 26.75 66.36
CA ARG S 155 -12.37 25.93 65.16
C ARG S 155 -11.02 25.25 64.93
N TYR S 156 -9.91 25.90 65.28
CA TYR S 156 -8.60 25.27 65.20
C TYR S 156 -8.47 24.14 66.20
N ALA S 157 -9.03 24.31 67.40
CA ALA S 157 -9.07 23.23 68.38
C ALA S 157 -9.97 22.10 67.95
N HIS S 158 -11.04 22.41 67.22
CA HIS S 158 -11.88 21.38 66.63
C HIS S 158 -11.11 20.56 65.59
N ASN S 159 -10.39 21.25 64.70
CA ASN S 159 -9.62 20.57 63.67
C ASN S 159 -8.39 19.86 64.22
N LEU S 160 -7.94 20.25 65.41
CA LEU S 160 -6.96 19.44 66.13
C LEU S 160 -7.62 18.23 66.79
N ALA S 161 -8.87 18.40 67.25
CA ALA S 161 -9.55 17.33 67.98
C ALA S 161 -9.93 16.18 67.05
N ASN S 162 -10.63 16.47 65.96
CA ASN S 162 -10.80 15.47 64.92
C ASN S 162 -9.51 15.35 64.14
N ALA S 163 -9.15 14.14 63.75
CA ALA S 163 -7.88 13.91 63.08
C ALA S 163 -8.04 14.15 61.58
N ARG S 164 -8.25 15.43 61.24
CA ARG S 164 -8.32 15.81 59.84
C ARG S 164 -6.95 15.81 59.19
N PHE S 165 -5.87 15.85 59.99
CA PHE S 165 -4.54 15.64 59.46
C PHE S 165 -4.30 14.20 59.04
N LEU S 166 -5.17 13.28 59.46
CA LEU S 166 -5.22 11.93 58.92
C LEU S 166 -6.20 11.97 57.75
N TRP S 167 -5.68 12.39 56.58
CA TRP S 167 -6.52 12.62 55.42
C TRP S 167 -7.17 11.35 54.88
N ARG S 168 -6.38 10.41 54.39
CA ARG S 168 -6.92 9.10 54.02
C ARG S 168 -6.66 8.05 55.08
N ASN S 169 -6.07 8.43 56.21
CA ASN S 169 -5.92 7.55 57.36
C ASN S 169 -7.07 7.69 58.36
N ARG S 170 -8.20 8.22 57.90
CA ARG S 170 -9.41 8.31 58.71
C ARG S 170 -10.67 7.88 57.96
N VAL S 171 -10.61 7.76 56.63
CA VAL S 171 -11.80 7.42 55.84
C VAL S 171 -12.19 5.97 56.01
N GLY S 172 -11.30 5.11 56.49
CA GLY S 172 -11.63 3.74 56.75
C GLY S 172 -11.22 3.31 58.14
N ALA S 173 -10.85 4.28 58.98
CA ALA S 173 -10.36 3.99 60.31
C ALA S 173 -11.51 3.59 61.23
N GLU S 174 -11.33 2.50 61.97
CA GLU S 174 -12.37 2.02 62.86
C GLU S 174 -12.53 2.91 64.08
N ALA S 175 -11.43 3.32 64.69
CA ALA S 175 -11.48 4.18 65.87
C ALA S 175 -10.24 5.06 65.87
N VAL S 176 -10.45 6.37 66.01
CA VAL S 176 -9.38 7.36 66.00
C VAL S 176 -9.35 8.06 67.35
N GLU S 177 -8.17 8.20 67.92
CA GLU S 177 -7.95 8.93 69.17
C GLU S 177 -6.87 9.97 68.97
N VAL S 178 -7.07 11.17 69.50
CA VAL S 178 -6.11 12.26 69.36
C VAL S 178 -5.72 12.73 70.76
N ARG S 179 -4.42 12.73 71.04
CA ARG S 179 -3.87 13.18 72.32
C ARG S 179 -3.03 14.41 72.07
N ILE S 180 -3.39 15.51 72.74
CA ILE S 180 -2.70 16.79 72.58
C ILE S 180 -2.15 17.20 73.94
N ASN S 181 -0.82 17.30 74.03
CA ASN S 181 -0.14 17.65 75.27
C ASN S 181 0.44 19.04 75.16
N HIS S 182 0.22 19.86 76.19
CA HIS S 182 0.79 21.20 76.25
C HIS S 182 2.15 21.13 76.92
N ILE S 183 3.21 21.37 76.15
CA ILE S 183 4.57 21.21 76.63
C ILE S 183 5.05 22.54 77.19
N ARG S 184 5.22 22.61 78.51
CA ARG S 184 5.76 23.78 79.19
C ARG S 184 7.03 23.37 79.94
N GLN S 185 8.15 24.03 79.60
CA GLN S 185 9.48 23.77 80.16
C GLN S 185 9.90 22.30 79.99
N GLY S 186 9.56 21.73 78.84
CA GLY S 186 9.94 20.36 78.52
C GLY S 186 9.07 19.28 79.12
N GLU S 187 8.05 19.65 79.91
CA GLU S 187 7.15 18.67 80.50
C GLU S 187 5.71 19.05 80.17
N VAL S 188 4.81 18.11 80.40
CA VAL S 188 3.41 18.31 80.04
C VAL S 188 2.74 19.24 81.05
N ALA S 189 1.93 20.16 80.55
CA ALA S 189 1.14 21.06 81.38
C ALA S 189 -0.33 20.64 81.45
N ARG S 190 -0.90 20.25 80.31
CA ARG S 190 -2.27 19.77 80.26
C ARG S 190 -2.41 18.83 79.08
N ALA S 191 -3.07 17.69 79.30
CA ALA S 191 -3.29 16.70 78.27
C ALA S 191 -4.77 16.63 77.93
N TRP S 192 -5.08 16.72 76.64
CA TRP S 192 -6.43 16.60 76.13
C TRP S 192 -6.54 15.33 75.29
N ARG S 193 -7.51 14.48 75.61
CA ARG S 193 -7.78 13.27 74.84
C ARG S 193 -9.13 13.41 74.15
N PHE S 194 -9.15 13.18 72.85
CA PHE S 194 -10.33 13.40 72.03
C PHE S 194 -10.64 12.16 71.20
N ASP S 195 -11.92 11.79 71.19
CA ASP S 195 -12.42 10.79 70.26
C ASP S 195 -12.67 11.50 68.94
N ALA S 196 -11.76 11.27 67.97
CA ALA S 196 -11.79 12.03 66.72
C ALA S 196 -12.92 11.63 65.80
N LEU S 197 -13.61 10.51 66.07
CA LEU S 197 -14.75 10.14 65.25
C LEU S 197 -16.05 10.70 65.80
N ALA S 198 -16.16 10.89 67.12
CA ALA S 198 -17.32 11.55 67.68
C ALA S 198 -17.35 13.03 67.31
N ILE S 199 -16.19 13.69 67.35
CA ILE S 199 -16.05 15.06 66.88
C ILE S 199 -15.96 14.99 65.35
N GLY S 200 -17.07 15.32 64.68
CA GLY S 200 -17.13 15.15 63.25
C GLY S 200 -16.35 16.20 62.49
N LEU S 201 -16.27 15.99 61.18
CA LEU S 201 -15.62 16.92 60.27
C LEU S 201 -16.58 17.97 59.74
N ARG S 202 -17.80 18.04 60.27
CA ARG S 202 -18.85 18.91 59.74
C ARG S 202 -19.28 19.99 60.72
N ASP S 203 -19.67 19.62 61.92
CA ASP S 203 -20.25 20.56 62.88
C ASP S 203 -19.23 21.03 63.88
N PHE S 204 -19.25 22.34 64.18
CA PHE S 204 -18.38 22.94 65.17
C PHE S 204 -19.16 23.11 66.47
N LYS S 205 -19.18 22.03 67.26
CA LYS S 205 -19.91 22.01 68.52
C LYS S 205 -19.01 22.57 69.63
N ALA S 206 -19.46 22.45 70.87
CA ALA S 206 -18.73 22.97 72.02
C ALA S 206 -18.56 21.88 73.08
N ASP S 207 -17.36 21.79 73.63
CA ASP S 207 -17.06 20.88 74.71
C ASP S 207 -16.09 21.56 75.66
N ALA S 208 -16.06 21.08 76.92
CA ALA S 208 -15.24 21.72 77.95
C ALA S 208 -13.75 21.57 77.67
N GLU S 209 -13.32 20.37 77.25
CA GLU S 209 -11.92 20.17 76.86
C GLU S 209 -11.61 20.93 75.58
N LEU S 210 -12.56 20.96 74.65
CA LEU S 210 -12.41 21.76 73.44
C LEU S 210 -12.34 23.26 73.77
N ASP S 211 -13.13 23.70 74.75
CA ASP S 211 -13.07 25.11 75.16
C ASP S 211 -11.76 25.45 75.86
N ALA S 212 -11.21 24.50 76.64
CA ALA S 212 -9.91 24.73 77.27
C ALA S 212 -8.79 24.81 76.24
N LEU S 213 -8.81 23.91 75.25
CA LEU S 213 -7.84 23.98 74.17
C LEU S 213 -8.03 25.24 73.33
N ALA S 214 -9.28 25.68 73.16
CA ALA S 214 -9.56 26.93 72.46
C ALA S 214 -9.01 28.13 73.20
N GLU S 215 -9.13 28.14 74.53
CA GLU S 215 -8.56 29.21 75.33
C GLU S 215 -7.04 29.20 75.29
N LEU S 216 -6.44 28.01 75.24
CA LEU S 216 -4.98 27.92 75.12
C LEU S 216 -4.49 28.45 73.78
N ILE S 217 -5.16 28.07 72.69
CA ILE S 217 -4.79 28.57 71.36
C ILE S 217 -5.10 30.07 71.26
N ALA S 218 -6.14 30.54 71.97
CA ALA S 218 -6.42 31.97 72.03
C ALA S 218 -5.32 32.75 72.73
N SER S 219 -4.80 32.21 73.84
CA SER S 219 -3.70 32.85 74.53
C SER S 219 -2.42 32.80 73.70
N GLY S 220 -2.23 31.73 72.93
CA GLY S 220 -1.08 31.67 72.03
C GLY S 220 -1.18 32.67 70.89
N LEU S 221 -2.37 32.82 70.31
CA LEU S 221 -2.54 33.71 69.17
C LEU S 221 -2.56 35.18 69.60
N SER S 222 -2.99 35.45 70.82
CA SER S 222 -3.03 36.83 71.32
C SER S 222 -1.66 37.36 71.72
N GLY S 223 -0.65 36.50 71.78
CA GLY S 223 0.67 36.92 72.23
C GLY S 223 0.84 36.96 73.72
N SER S 224 -0.09 36.39 74.48
CA SER S 224 -0.04 36.41 75.94
C SER S 224 0.63 35.17 76.52
N GLY S 225 1.16 34.29 75.68
CA GLY S 225 1.83 33.10 76.18
C GLY S 225 2.44 32.32 75.04
N HIS S 226 3.24 31.33 75.42
CA HIS S 226 3.87 30.42 74.46
C HIS S 226 3.14 29.09 74.51
N VAL S 227 2.65 28.64 73.35
CA VAL S 227 1.88 27.41 73.25
C VAL S 227 2.61 26.47 72.30
N LEU S 228 3.10 25.37 72.84
CA LEU S 228 3.65 24.25 72.08
C LEU S 228 2.87 23.00 72.44
N LEU S 229 2.40 22.29 71.42
CA LEU S 229 1.56 21.11 71.61
C LEU S 229 2.18 19.91 70.91
N GLU S 230 2.12 18.76 71.56
CA GLU S 230 2.46 17.48 70.95
C GLU S 230 1.16 16.76 70.65
N VAL S 231 0.86 16.58 69.37
CA VAL S 231 -0.39 15.98 68.93
C VAL S 231 -0.07 14.62 68.33
N VAL S 232 -0.65 13.57 68.92
CA VAL S 232 -0.43 12.18 68.53
C VAL S 232 -1.80 11.59 68.19
N ALA S 233 -1.92 11.00 67.00
CA ALA S 233 -3.16 10.41 66.53
C ALA S 233 -2.98 8.92 66.36
N PHE S 234 -3.89 8.14 66.93
CA PHE S 234 -3.90 6.69 66.79
C PHE S 234 -5.13 6.30 65.99
N ALA S 235 -4.92 5.64 64.85
CA ALA S 235 -5.99 5.28 63.94
C ALA S 235 -6.02 3.78 63.71
N ARG S 236 -7.22 3.19 63.77
CA ARG S 236 -7.39 1.77 63.51
C ARG S 236 -7.59 1.55 62.02
N ILE S 237 -6.47 1.62 61.29
CA ILE S 237 -6.50 1.32 59.86
C ILE S 237 -6.75 -0.17 59.63
N GLY S 238 -6.20 -1.02 60.48
CA GLY S 238 -6.31 -2.45 60.33
C GLY S 238 -4.94 -3.11 60.23
N ASP S 239 -4.95 -4.43 60.39
CA ASP S 239 -3.72 -5.20 60.43
C ASP S 239 -3.09 -5.27 59.05
N GLY S 240 -1.88 -4.73 58.92
CA GLY S 240 -1.16 -4.80 57.68
C GLY S 240 -1.65 -3.89 56.57
N GLN S 241 -2.54 -2.96 56.89
CA GLN S 241 -3.21 -2.16 55.87
C GLN S 241 -2.28 -1.09 55.32
N GLU S 242 -2.70 -0.52 54.19
CA GLU S 242 -1.94 0.55 53.54
C GLU S 242 -2.22 1.87 54.22
N VAL S 243 -1.17 2.54 54.68
CA VAL S 243 -1.29 3.87 55.23
C VAL S 243 -0.80 4.86 54.19
N PHE S 244 -1.25 6.11 54.31
CA PHE S 244 -1.10 7.10 53.26
C PHE S 244 -0.33 8.31 53.77
N PRO S 245 0.98 8.35 53.57
CA PRO S 245 1.75 9.58 53.81
C PRO S 245 1.58 10.56 52.66
N SER S 246 2.30 11.67 52.78
CA SER S 246 2.37 12.63 51.70
C SER S 246 3.20 12.07 50.55
N GLN S 247 2.88 12.51 49.35
CA GLN S 247 3.50 12.00 48.14
C GLN S 247 4.34 13.07 47.49
N GLU S 248 5.53 12.68 47.03
CA GLU S 248 6.55 13.63 46.57
C GLU S 248 6.45 13.86 45.06
N LEU S 249 7.37 14.70 44.58
CA LEU S 249 7.51 14.95 43.16
C LEU S 249 8.00 13.69 42.44
N ILE S 250 7.66 13.61 41.16
CA ILE S 250 8.13 12.53 40.30
C ILE S 250 8.97 13.17 39.20
N LEU S 251 10.25 12.82 39.16
CA LEU S 251 11.15 13.46 38.19
C LEU S 251 10.98 12.88 36.79
N ASP S 252 10.72 11.58 36.69
CA ASP S 252 10.56 10.83 35.43
C ASP S 252 11.80 10.98 34.54
N LYS S 253 12.94 10.52 35.06
CA LYS S 253 14.21 10.60 34.36
C LYS S 253 14.73 9.22 33.95
N GLY S 254 13.89 8.19 34.01
CA GLY S 254 14.32 6.85 33.64
C GLY S 254 13.46 6.24 32.56
N ASP S 255 13.49 4.92 32.46
CA ASP S 255 12.69 4.21 31.47
C ASP S 255 11.24 4.11 31.94
N LYS S 256 10.37 3.65 31.04
CA LYS S 256 8.96 3.51 31.36
C LYS S 256 8.64 2.22 32.11
N LYS S 257 9.58 1.27 32.16
CA LYS S 257 9.36 0.07 32.96
C LYS S 257 9.68 0.34 34.43
N GLY S 258 10.93 0.68 34.74
CA GLY S 258 11.28 1.11 36.07
C GLY S 258 11.02 2.60 36.24
N GLN S 259 9.74 2.99 36.13
CA GLN S 259 9.41 4.40 36.07
C GLN S 259 9.46 5.07 37.44
N LYS S 260 9.23 4.30 38.51
CA LYS S 260 9.03 4.80 39.88
C LYS S 260 7.93 5.86 39.90
N SER S 261 6.71 5.38 39.63
CA SER S 261 5.58 6.28 39.42
C SER S 261 5.13 6.98 40.69
N LYS S 262 5.41 6.40 41.86
CA LYS S 262 5.01 7.00 43.13
C LYS S 262 6.12 6.87 44.15
N THR S 263 6.53 7.99 44.74
CA THR S 263 7.42 8.01 45.90
C THR S 263 6.73 8.75 47.03
N LEU S 264 6.82 8.20 48.23
CA LEU S 264 6.19 8.77 49.42
C LEU S 264 7.20 9.55 50.25
N TYR S 265 6.70 10.22 51.28
CA TYR S 265 7.51 11.11 52.10
C TYR S 265 8.01 10.37 53.33
N SER S 266 9.33 10.35 53.50
CA SER S 266 9.96 9.83 54.69
C SER S 266 11.16 10.71 55.02
N VAL S 267 11.54 10.75 56.30
CA VAL S 267 12.66 11.59 56.69
C VAL S 267 13.94 10.77 56.91
N ARG S 268 13.94 9.89 57.92
CA ARG S 268 15.05 8.95 58.16
C ARG S 268 14.42 7.58 58.34
N ASP S 269 14.11 6.93 57.21
CA ASP S 269 13.50 5.59 57.15
C ASP S 269 12.21 5.51 57.98
N ALA S 270 11.42 6.58 57.92
CA ALA S 270 10.20 6.67 58.74
C ALA S 270 9.19 7.50 57.95
N ALA S 271 8.09 6.86 57.54
CA ALA S 271 7.11 7.50 56.68
C ALA S 271 6.38 8.62 57.42
N ALA S 272 6.21 9.76 56.75
CA ALA S 272 5.74 10.96 57.40
C ALA S 272 4.84 11.74 56.46
N ILE S 273 4.03 12.61 57.04
CA ILE S 273 3.14 13.51 56.31
C ILE S 273 3.76 14.90 56.30
N HIS S 274 3.62 15.60 55.18
CA HIS S 274 4.14 16.96 55.05
C HIS S 274 3.46 17.90 56.02
N SER S 275 4.22 18.89 56.49
CA SER S 275 3.70 19.83 57.49
C SER S 275 2.65 20.76 56.88
N GLN S 276 2.75 21.07 55.59
CA GLN S 276 1.73 21.91 54.96
C GLN S 276 0.40 21.18 54.83
N LYS S 277 0.42 19.84 54.76
CA LYS S 277 -0.82 19.07 54.78
C LYS S 277 -1.49 19.15 56.14
N ILE S 278 -0.69 19.11 57.22
CA ILE S 278 -1.23 19.24 58.57
C ILE S 278 -1.77 20.65 58.79
N GLY S 279 -1.06 21.65 58.28
CA GLY S 279 -1.55 23.02 58.38
C GLY S 279 -2.81 23.26 57.58
N ASN S 280 -2.93 22.63 56.41
CA ASN S 280 -4.14 22.70 55.62
C ASN S 280 -5.31 22.04 56.34
N ALA S 281 -5.05 20.91 57.00
CA ALA S 281 -6.11 20.26 57.76
C ALA S 281 -6.54 21.08 58.95
N LEU S 282 -5.59 21.76 59.59
CA LEU S 282 -5.94 22.63 60.72
C LEU S 282 -6.70 23.87 60.24
N ARG S 283 -6.36 24.38 59.06
CA ARG S 283 -6.99 25.57 58.51
C ARG S 283 -8.39 25.32 57.97
N THR S 284 -8.91 24.10 57.98
CA THR S 284 -10.19 23.84 57.34
C THR S 284 -11.27 24.28 58.35
N ILE S 285 -11.51 25.58 58.41
CA ILE S 285 -12.47 26.17 59.33
C ILE S 285 -13.51 27.01 58.63
N ASP S 286 -13.34 27.28 57.34
CA ASP S 286 -14.18 28.23 56.60
C ASP S 286 -15.56 27.63 56.37
N THR S 287 -16.58 28.23 56.99
CA THR S 287 -17.97 27.83 56.80
C THR S 287 -18.84 29.01 56.40
N TRP S 288 -18.25 30.05 55.82
CA TRP S 288 -18.99 31.28 55.55
C TRP S 288 -18.80 31.73 54.09
N TYR S 289 -18.57 30.79 53.18
CA TYR S 289 -18.44 31.13 51.77
C TYR S 289 -19.84 31.43 51.21
N PRO S 290 -19.91 32.17 50.09
CA PRO S 290 -21.25 32.48 49.51
C PRO S 290 -22.03 31.27 49.02
N ASP S 291 -21.38 30.14 48.76
CA ASP S 291 -22.09 28.94 48.38
C ASP S 291 -22.66 28.25 49.62
N GLU S 292 -23.33 27.12 49.40
CA GLU S 292 -23.98 26.41 50.50
C GLU S 292 -22.95 25.74 51.40
N ASP S 293 -23.12 25.92 52.71
CA ASP S 293 -22.20 25.37 53.70
C ASP S 293 -22.59 23.97 54.15
N GLY S 294 -23.61 23.37 53.55
CA GLY S 294 -23.93 21.98 53.84
C GLY S 294 -22.98 20.99 53.21
N LEU S 295 -22.14 21.44 52.27
CA LEU S 295 -21.08 20.59 51.74
C LEU S 295 -20.05 20.27 52.81
N GLY S 296 -19.73 21.24 53.66
CA GLY S 296 -18.76 21.05 54.72
C GLY S 296 -17.76 22.18 54.76
N PRO S 297 -17.01 22.29 55.86
CA PRO S 297 -15.97 23.32 55.95
C PRO S 297 -14.84 23.10 54.97
N ILE S 298 -14.29 24.21 54.47
CA ILE S 298 -13.16 24.19 53.58
C ILE S 298 -12.02 24.97 54.23
N ALA S 299 -10.86 24.95 53.58
CA ALA S 299 -9.69 25.61 54.12
C ALA S 299 -9.80 27.12 53.99
N VAL S 300 -9.41 27.83 55.06
CA VAL S 300 -9.21 29.27 54.94
C VAL S 300 -7.96 29.50 54.11
N GLU S 301 -8.14 30.16 52.97
CA GLU S 301 -7.14 30.40 51.94
C GLU S 301 -7.80 31.40 50.99
N PRO S 302 -7.04 32.33 50.40
CA PRO S 302 -7.65 33.38 49.57
C PRO S 302 -8.29 32.80 48.30
N TYR S 303 -9.48 33.32 48.00
CA TYR S 303 -10.42 32.77 47.01
C TYR S 303 -10.79 31.31 47.30
N GLY S 304 -10.86 30.96 48.60
CA GLY S 304 -11.53 29.79 49.16
C GLY S 304 -11.52 28.48 48.42
N SER S 305 -10.36 28.05 47.95
CA SER S 305 -10.29 26.95 47.00
C SER S 305 -10.16 25.61 47.69
N VAL S 306 -10.78 24.60 47.09
CA VAL S 306 -10.45 23.21 47.32
C VAL S 306 -10.05 22.59 45.98
N THR S 307 -8.89 21.97 45.94
CA THR S 307 -8.34 21.50 44.67
C THR S 307 -8.94 20.18 44.22
N SER S 308 -9.57 19.43 45.13
CA SER S 308 -10.24 18.20 44.72
C SER S 308 -11.53 18.51 43.96
N GLN S 309 -12.33 19.45 44.47
CA GLN S 309 -13.56 19.82 43.78
C GLN S 309 -13.32 20.78 42.63
N GLY S 310 -12.14 21.39 42.54
CA GLY S 310 -11.76 22.16 41.37
C GLY S 310 -12.41 23.51 41.23
N LYS S 311 -13.30 23.90 42.15
CA LYS S 311 -13.98 25.18 42.10
C LYS S 311 -13.47 26.06 43.23
N ALA S 312 -13.63 27.37 43.05
CA ALA S 312 -13.21 28.36 44.04
C ALA S 312 -14.46 28.98 44.65
N TYR S 313 -14.75 28.59 45.88
CA TYR S 313 -15.69 29.36 46.69
C TYR S 313 -15.06 30.70 47.04
N ARG S 314 -15.91 31.69 47.32
CA ARG S 314 -15.53 33.10 47.50
C ARG S 314 -14.79 33.61 46.27
N GLN S 315 -15.52 33.69 45.16
CA GLN S 315 -14.97 34.20 43.91
C GLN S 315 -14.67 35.69 44.04
N PRO S 316 -13.68 36.19 43.29
CA PRO S 316 -13.38 37.63 43.35
C PRO S 316 -14.48 38.54 42.80
N LYS S 317 -15.34 38.03 41.91
CA LYS S 317 -16.47 38.83 41.45
C LYS S 317 -17.47 39.09 42.55
N GLN S 318 -17.76 38.08 43.36
CA GLN S 318 -18.51 38.30 44.59
C GLN S 318 -17.63 39.03 45.59
N LYS S 319 -18.27 39.78 46.49
CA LYS S 319 -17.52 40.59 47.45
C LYS S 319 -17.29 39.83 48.75
N LEU S 320 -16.77 38.61 48.67
CA LEU S 320 -16.57 37.79 49.85
C LEU S 320 -15.23 37.05 49.85
N ASP S 321 -14.33 37.32 48.91
CA ASP S 321 -12.98 36.79 48.98
C ASP S 321 -12.14 37.62 49.95
N PHE S 322 -10.95 37.12 50.25
CA PHE S 322 -10.12 37.70 51.32
C PHE S 322 -9.61 39.09 50.95
N TYR S 323 -9.20 39.28 49.69
CA TYR S 323 -8.54 40.53 49.32
C TYR S 323 -9.50 41.69 49.24
N THR S 324 -10.70 41.48 48.68
CA THR S 324 -11.69 42.55 48.61
C THR S 324 -12.24 42.88 50.00
N LEU S 325 -12.42 41.87 50.86
CA LEU S 325 -12.85 42.12 52.22
C LEU S 325 -11.78 42.85 53.03
N LEU S 326 -10.51 42.54 52.79
CA LEU S 326 -9.42 43.24 53.43
C LEU S 326 -9.32 44.69 52.95
N ASP S 327 -9.55 44.91 51.65
CA ASP S 327 -9.52 46.27 51.12
C ASP S 327 -10.71 47.10 51.62
N ASN S 328 -11.87 46.46 51.80
CA ASN S 328 -13.00 47.18 52.36
C ASN S 328 -12.81 47.44 53.85
N TRP S 329 -12.16 46.52 54.56
CA TRP S 329 -12.02 46.65 56.01
C TRP S 329 -10.96 47.67 56.38
N VAL S 330 -9.93 47.84 55.57
CA VAL S 330 -8.77 48.65 55.93
C VAL S 330 -8.78 50.00 55.21
N LEU S 331 -8.93 50.00 53.88
CA LEU S 331 -8.77 51.22 53.11
C LEU S 331 -9.93 52.19 53.32
N ARG S 332 -11.16 51.70 53.24
CA ARG S 332 -12.34 52.54 53.34
C ARG S 332 -13.18 52.24 54.58
N ASP S 333 -12.69 51.37 55.46
CA ASP S 333 -13.25 51.11 56.80
C ASP S 333 -14.68 50.57 56.73
N GLU S 334 -15.04 49.87 55.67
CA GLU S 334 -16.31 49.14 55.62
C GLU S 334 -16.06 47.78 56.27
N ALA S 335 -16.36 47.70 57.55
CA ALA S 335 -16.17 46.47 58.29
C ALA S 335 -17.19 45.43 57.85
N PRO S 336 -16.76 44.23 57.45
CA PRO S 336 -17.71 43.20 57.00
C PRO S 336 -18.46 42.56 58.16
N ALA S 337 -19.21 41.50 57.85
CA ALA S 337 -19.85 40.72 58.89
C ALA S 337 -18.80 40.01 59.75
N VAL S 338 -19.22 39.61 60.95
CA VAL S 338 -18.29 39.05 61.93
C VAL S 338 -17.70 37.72 61.46
N GLU S 339 -18.49 36.93 60.72
CA GLU S 339 -17.97 35.68 60.17
C GLU S 339 -16.94 35.94 59.08
N GLN S 340 -17.21 36.90 58.20
CA GLN S 340 -16.24 37.25 57.16
C GLN S 340 -14.99 37.89 57.74
N GLN S 341 -15.14 38.65 58.83
CA GLN S 341 -13.95 39.21 59.48
C GLN S 341 -13.17 38.12 60.23
N HIS S 342 -13.85 37.07 60.70
CA HIS S 342 -13.14 35.90 61.20
C HIS S 342 -12.35 35.22 60.09
N TYR S 343 -12.93 35.17 58.88
CA TYR S 343 -12.23 34.60 57.73
C TYR S 343 -10.99 35.42 57.37
N VAL S 344 -11.10 36.75 57.42
CA VAL S 344 -9.98 37.63 57.10
C VAL S 344 -8.87 37.47 58.14
N ILE S 345 -9.22 37.45 59.43
CA ILE S 345 -8.21 37.27 60.47
C ILE S 345 -7.61 35.86 60.40
N ALA S 346 -8.38 34.86 59.98
CA ALA S 346 -7.83 33.51 59.83
C ALA S 346 -6.86 33.43 58.65
N ASN S 347 -7.12 34.19 57.58
CA ASN S 347 -6.12 34.31 56.51
C ASN S 347 -4.86 35.01 57.00
N LEU S 348 -5.02 36.02 57.87
CA LEU S 348 -3.85 36.68 58.45
C LEU S 348 -3.07 35.75 59.38
N ILE S 349 -3.78 34.85 60.06
CA ILE S 349 -3.12 33.88 60.93
C ILE S 349 -2.35 32.85 60.09
N ARG S 350 -2.97 32.35 59.01
CA ARG S 350 -2.33 31.32 58.21
C ARG S 350 -1.15 31.84 57.39
N GLY S 351 -1.01 33.15 57.25
CA GLY S 351 0.10 33.71 56.52
C GLY S 351 -0.10 33.63 55.02
N GLY S 352 0.90 34.10 54.30
CA GLY S 352 0.87 34.08 52.85
C GLY S 352 1.58 35.29 52.29
N VAL S 353 1.90 35.21 51.01
CA VAL S 353 2.48 36.36 50.29
C VAL S 353 1.30 37.15 49.76
N PHE S 354 0.75 38.01 50.60
CA PHE S 354 -0.32 38.90 50.20
C PHE S 354 0.27 40.15 49.57
N GLY S 355 -0.60 40.99 49.06
CA GLY S 355 -0.10 42.18 48.37
C GLY S 355 0.16 41.92 46.90
N GLU S 356 0.08 42.99 46.12
CA GLU S 356 0.17 42.89 44.67
C GLU S 356 1.64 42.87 44.24
N ALA S 357 1.88 43.02 42.95
CA ALA S 357 3.23 43.01 42.42
C ALA S 357 3.38 44.06 41.32
N ILE T 23 41.10 72.48 50.48
CA ILE T 23 39.66 72.54 50.68
C ILE T 23 39.22 71.25 51.37
N LEU T 24 40.13 70.27 51.42
CA LEU T 24 39.97 68.97 52.07
C LEU T 24 38.77 68.22 51.49
N SER T 25 38.94 67.85 50.23
CA SER T 25 37.95 67.01 49.56
C SER T 25 38.05 65.58 50.07
N THR T 26 36.89 64.90 50.11
CA THR T 26 36.87 63.50 50.52
C THR T 26 37.50 62.62 49.45
N ALA T 27 38.06 61.50 49.89
CA ALA T 27 38.79 60.62 49.00
C ALA T 27 37.84 59.85 48.09
N SER T 28 38.34 59.50 46.90
CA SER T 28 37.55 58.71 45.96
C SER T 28 37.33 57.29 46.47
N VAL T 29 38.35 56.70 47.07
CA VAL T 29 38.23 55.38 47.71
C VAL T 29 38.44 55.56 49.21
N LEU T 30 37.49 55.06 49.99
CA LEU T 30 37.57 55.09 51.46
C LEU T 30 37.10 53.73 51.97
N ALA T 31 37.68 52.67 51.43
CA ALA T 31 37.28 51.32 51.79
C ALA T 31 37.69 51.00 53.23
N PHE T 32 36.75 50.48 54.00
CA PHE T 32 36.97 50.11 55.39
C PHE T 32 36.82 48.61 55.54
N GLU T 33 37.70 48.02 56.36
CA GLU T 33 37.56 46.61 56.68
C GLU T 33 36.40 46.39 57.63
N ARG T 34 35.98 45.13 57.75
CA ARG T 34 34.87 44.76 58.61
C ARG T 34 35.41 44.37 59.97
N LYS T 35 35.14 45.20 60.97
CA LYS T 35 35.36 44.81 62.34
C LYS T 35 34.15 44.02 62.83
N LEU T 36 34.34 43.31 63.94
CA LEU T 36 33.44 42.27 64.45
C LEU T 36 33.15 41.24 63.36
N ASP T 37 34.21 40.53 62.97
CA ASP T 37 34.11 39.54 61.90
C ASP T 37 33.39 38.30 62.39
N PRO T 38 32.25 37.94 61.82
CA PRO T 38 31.56 36.72 62.24
C PRO T 38 31.91 35.51 61.38
N SER T 39 31.45 34.34 61.79
CA SER T 39 31.60 33.13 61.01
C SER T 39 30.23 32.62 60.58
N ASP T 40 30.23 31.62 59.71
CA ASP T 40 29.00 30.96 59.30
C ASP T 40 28.46 30.16 60.48
N ALA T 41 27.31 30.58 61.01
CA ALA T 41 26.78 30.06 62.27
C ALA T 41 26.13 28.71 61.99
N LEU T 42 26.82 27.62 62.36
CA LEU T 42 26.29 26.29 62.12
C LEU T 42 25.22 25.97 63.15
N MET T 43 24.14 25.34 62.71
CA MET T 43 23.06 24.94 63.60
C MET T 43 23.01 23.43 63.71
N SER T 44 23.10 22.94 64.94
CA SER T 44 22.91 21.55 65.32
C SER T 44 21.64 21.44 66.16
N ALA T 45 21.33 20.22 66.56
CA ALA T 45 20.10 19.94 67.29
C ALA T 45 20.39 19.13 68.53
N GLY T 46 19.55 19.28 69.54
CA GLY T 46 19.73 18.55 70.77
C GLY T 46 18.55 18.76 71.70
N ALA T 47 18.79 18.47 72.98
CA ALA T 47 17.77 18.56 74.00
C ALA T 47 18.17 19.61 75.04
N TRP T 48 17.16 20.25 75.62
CA TRP T 48 17.37 21.12 76.77
C TRP T 48 17.80 20.29 77.97
N ALA T 49 18.59 20.93 78.84
CA ALA T 49 19.31 20.38 80.00
C ALA T 49 20.41 19.39 79.61
N GLN T 50 20.63 19.15 78.32
CA GLN T 50 21.82 18.48 77.81
C GLN T 50 22.66 19.42 76.97
N ARG T 51 22.39 20.72 77.05
CA ARG T 51 23.08 21.72 76.26
C ARG T 51 24.46 22.07 76.80
N ASP T 52 24.78 21.65 78.03
CA ASP T 52 26.13 21.84 78.55
C ASP T 52 27.13 20.97 77.79
N ALA T 53 26.76 19.73 77.48
CA ALA T 53 27.56 18.85 76.63
C ALA T 53 26.91 18.82 75.25
N SER T 54 27.25 19.83 74.44
CA SER T 54 26.62 20.01 73.15
C SER T 54 27.63 20.04 72.00
N GLN T 55 28.87 19.63 72.23
CA GLN T 55 29.86 19.61 71.17
C GLN T 55 29.73 18.38 70.27
N GLU T 56 28.99 17.37 70.71
CA GLU T 56 28.75 16.15 69.96
C GLU T 56 27.38 16.13 69.30
N TRP T 57 26.65 17.25 69.36
CA TRP T 57 25.28 17.31 68.86
C TRP T 57 25.25 17.18 67.34
N PRO T 58 24.35 16.37 66.79
CA PRO T 58 24.30 16.21 65.33
C PRO T 58 23.75 17.44 64.65
N ALA T 59 24.30 17.76 63.49
CA ALA T 59 23.92 18.96 62.77
C ALA T 59 22.55 18.80 62.12
N VAL T 60 21.86 19.92 61.97
CA VAL T 60 20.57 19.92 61.30
C VAL T 60 20.80 19.78 59.80
N THR T 61 20.16 18.77 59.19
CA THR T 61 20.33 18.50 57.78
C THR T 61 19.30 19.25 56.96
N VAL T 62 19.73 19.72 55.78
CA VAL T 62 18.86 20.44 54.87
C VAL T 62 18.27 19.40 53.92
N ARG T 63 17.09 18.89 54.26
CA ARG T 63 16.48 17.86 53.45
C ARG T 63 15.55 18.49 52.41
N GLU T 64 14.87 17.67 51.63
CA GLU T 64 13.99 18.14 50.58
C GLU T 64 12.57 17.64 50.83
N LYS T 65 11.59 18.45 50.43
CA LYS T 65 10.20 18.00 50.44
C LYS T 65 9.46 18.72 49.32
N SER T 66 8.24 18.28 49.07
CA SER T 66 7.42 18.81 47.98
C SER T 66 6.21 19.54 48.53
N VAL T 67 5.88 20.67 47.90
CA VAL T 67 4.71 21.47 48.25
C VAL T 67 3.82 21.61 47.03
N ARG T 68 2.51 21.62 47.25
CA ARG T 68 1.52 21.89 46.22
C ARG T 68 0.97 23.29 46.44
N GLY T 69 1.34 24.22 45.55
CA GLY T 69 0.96 25.60 45.74
C GLY T 69 -0.36 25.98 45.12
N THR T 70 -1.33 26.31 45.97
CA THR T 70 -2.61 26.80 45.51
C THR T 70 -2.52 28.30 45.17
N ILE T 71 -3.55 28.81 44.53
CA ILE T 71 -3.59 30.21 44.12
C ILE T 71 -4.01 31.04 45.33
N SER T 72 -3.10 31.86 45.85
CA SER T 72 -3.40 32.68 47.01
C SER T 72 -2.86 34.10 46.88
N ASN T 73 -2.56 34.55 45.67
CA ASN T 73 -2.03 35.88 45.44
C ASN T 73 -3.09 36.77 44.81
N ARG T 74 -2.80 38.08 44.78
CA ARG T 74 -3.72 39.04 44.19
C ARG T 74 -3.80 38.86 42.68
N LEU T 75 -5.01 38.92 42.14
CA LEU T 75 -5.19 38.76 40.71
C LEU T 75 -5.10 40.11 40.01
N LYS T 76 -4.80 40.07 38.71
CA LYS T 76 -4.50 41.28 37.94
C LYS T 76 -5.69 41.79 37.15
N THR T 77 -6.92 41.54 37.62
CA THR T 77 -8.20 42.01 37.08
C THR T 77 -8.41 41.51 35.65
N LYS T 78 -7.79 40.40 35.28
CA LYS T 78 -8.02 39.75 34.01
C LYS T 78 -8.37 38.28 34.15
N ASP T 79 -7.76 37.61 35.12
CA ASP T 79 -8.11 36.21 35.43
C ASP T 79 -9.19 36.08 36.50
N ARG T 80 -9.75 37.21 36.91
CA ARG T 80 -10.74 37.24 37.98
C ARG T 80 -12.06 36.60 37.58
N ASP T 81 -12.18 36.17 36.32
CA ASP T 81 -13.34 35.42 35.88
C ASP T 81 -13.33 34.05 36.55
N PRO T 82 -14.49 33.47 36.86
CA PRO T 82 -14.50 32.18 37.58
C PRO T 82 -14.01 31.02 36.74
N ALA T 83 -14.15 31.07 35.41
CA ALA T 83 -13.77 29.95 34.57
C ALA T 83 -12.27 29.74 34.54
N LYS T 84 -11.51 30.81 34.28
CA LYS T 84 -10.05 30.67 34.22
C LYS T 84 -9.44 30.47 35.60
N LEU T 85 -10.05 31.08 36.64
CA LEU T 85 -9.60 30.85 38.01
C LEU T 85 -9.80 29.39 38.41
N ASP T 86 -10.96 28.82 38.10
CA ASP T 86 -11.20 27.42 38.41
C ASP T 86 -10.36 26.49 37.54
N ALA T 87 -10.01 26.92 36.32
CA ALA T 87 -9.13 26.13 35.47
C ALA T 87 -7.70 26.11 36.03
N SER T 88 -7.23 27.24 36.57
CA SER T 88 -5.91 27.28 37.17
C SER T 88 -5.89 26.51 38.49
N ILE T 89 -6.98 26.58 39.26
CA ILE T 89 -7.07 25.89 40.54
C ILE T 89 -7.19 24.37 40.33
N GLN T 90 -7.84 23.97 39.22
CA GLN T 90 -7.95 22.55 38.87
C GLN T 90 -6.60 21.92 38.57
N SER T 91 -5.65 22.69 38.04
CA SER T 91 -4.33 22.21 37.69
C SER T 91 -3.30 23.08 38.40
N PRO T 92 -2.98 22.76 39.65
CA PRO T 92 -2.04 23.59 40.41
C PRO T 92 -0.59 23.28 40.08
N ASN T 93 0.33 23.91 40.80
CA ASN T 93 1.75 23.82 40.50
C ASN T 93 2.50 23.26 41.71
N LEU T 94 3.43 22.36 41.44
CA LEU T 94 4.21 21.68 42.47
C LEU T 94 5.62 22.22 42.52
N GLN T 95 6.19 22.25 43.73
CA GLN T 95 7.55 22.72 43.92
C GLN T 95 8.28 21.79 44.89
N THR T 96 9.61 21.82 44.82
CA THR T 96 10.46 21.16 45.79
C THR T 96 11.21 22.21 46.58
N VAL T 97 11.11 22.13 47.91
CA VAL T 97 11.72 23.09 48.81
C VAL T 97 12.76 22.38 49.66
N ASP T 98 13.91 23.03 49.83
CA ASP T 98 14.85 22.64 50.88
C ASP T 98 14.29 23.08 52.22
N VAL T 99 14.13 22.14 53.13
CA VAL T 99 13.58 22.42 54.45
C VAL T 99 14.56 21.91 55.49
N ALA T 100 14.75 22.70 56.55
CA ALA T 100 15.60 22.32 57.67
C ALA T 100 14.73 22.20 58.90
N ASN T 101 14.72 21.02 59.51
CA ASN T 101 13.91 20.75 60.69
C ASN T 101 14.79 20.13 61.76
N LEU T 102 14.35 20.26 63.00
CA LEU T 102 14.91 19.47 64.07
C LEU T 102 14.44 18.02 63.93
N PRO T 103 15.19 17.08 64.50
CA PRO T 103 14.65 15.72 64.65
C PRO T 103 13.47 15.68 65.60
N SER T 104 12.69 14.61 65.49
CA SER T 104 11.48 14.47 66.30
C SER T 104 11.76 14.21 67.78
N ASP T 105 13.01 13.94 68.16
CA ASP T 105 13.39 13.79 69.56
C ASP T 105 14.31 14.91 70.03
N ALA T 106 14.43 16.00 69.27
CA ALA T 106 15.28 17.13 69.62
C ALA T 106 14.46 18.40 69.58
N ASP T 107 14.35 19.09 70.73
CA ASP T 107 13.58 20.32 70.81
C ASP T 107 14.43 21.59 70.78
N THR T 108 15.74 21.47 71.04
CA THR T 108 16.61 22.63 71.18
C THR T 108 17.48 22.78 69.95
N LEU T 109 17.48 23.98 69.37
CA LEU T 109 18.36 24.33 68.27
C LEU T 109 19.59 25.04 68.82
N LYS T 110 20.77 24.56 68.44
CA LYS T 110 22.03 25.17 68.84
C LYS T 110 22.63 25.85 67.61
N VAL T 111 23.02 27.12 67.77
CA VAL T 111 23.62 27.89 66.69
C VAL T 111 24.96 28.41 67.21
N ARG T 112 26.03 28.07 66.50
CA ARG T 112 27.39 28.34 66.96
C ARG T 112 28.13 29.16 65.91
N PHE T 113 28.80 30.22 66.37
CA PHE T 113 29.65 31.01 65.50
C PHE T 113 30.72 31.69 66.34
N THR T 114 31.80 32.10 65.68
CA THR T 114 32.88 32.83 66.33
C THR T 114 32.94 34.25 65.80
N LEU T 115 32.93 35.21 66.70
CA LEU T 115 33.07 36.63 66.39
C LEU T 115 34.50 37.07 66.69
N ARG T 116 35.04 37.93 65.84
CA ARG T 116 36.42 38.40 65.97
C ARG T 116 36.40 39.93 66.02
N VAL T 117 36.56 40.49 67.21
CA VAL T 117 36.54 41.94 67.38
C VAL T 117 37.95 42.45 67.11
N LEU T 118 38.13 43.11 65.95
CA LEU T 118 39.48 43.41 65.49
C LEU T 118 40.04 44.68 66.12
N GLY T 119 39.41 45.82 65.87
CA GLY T 119 39.94 47.10 66.30
C GLY T 119 40.63 47.84 65.18
N GLY T 120 41.03 49.08 65.48
CA GLY T 120 41.53 49.97 64.45
C GLY T 120 40.45 50.39 63.48
N ALA T 121 39.27 50.74 63.98
CA ALA T 121 38.12 51.04 63.14
C ALA T 121 38.25 52.36 62.40
N GLY T 122 39.05 53.29 62.91
CA GLY T 122 39.18 54.57 62.23
C GLY T 122 40.04 54.49 60.98
N THR T 123 40.98 53.56 60.95
CA THR T 123 41.91 53.46 59.84
C THR T 123 41.25 52.73 58.67
N PRO T 124 41.17 53.34 57.48
CA PRO T 124 40.63 52.62 56.33
C PRO T 124 41.69 51.78 55.64
N SER T 125 41.22 50.74 54.95
CA SER T 125 42.13 49.86 54.24
C SER T 125 42.73 50.54 53.01
N ALA T 126 41.91 51.26 52.26
CA ALA T 126 42.36 51.98 51.08
C ALA T 126 41.92 53.43 51.17
N CYS T 127 42.80 54.34 50.76
CA CYS T 127 42.49 55.77 50.78
C CYS T 127 43.29 56.47 49.71
N ASN T 128 42.61 57.18 48.80
CA ASN T 128 43.30 57.92 47.76
C ASN T 128 43.95 59.19 48.29
N ASP T 129 43.35 59.82 49.30
CA ASP T 129 43.85 61.08 49.86
C ASP T 129 44.50 60.80 51.20
N ALA T 130 45.76 61.19 51.35
CA ALA T 130 46.46 61.02 52.61
C ALA T 130 46.00 62.02 53.66
N ALA T 131 45.76 63.27 53.24
CA ALA T 131 45.34 64.31 54.18
C ALA T 131 43.94 64.06 54.71
N TYR T 132 43.04 63.55 53.86
CA TYR T 132 41.72 63.18 54.31
C TYR T 132 41.76 61.98 55.26
N ARG T 133 42.68 61.05 55.01
CA ARG T 133 42.89 59.93 55.93
C ARG T 133 43.40 60.41 57.28
N ASP T 134 44.30 61.39 57.28
CA ASP T 134 44.81 61.97 58.52
C ASP T 134 43.70 62.70 59.27
N LYS T 135 42.84 63.43 58.56
CA LYS T 135 41.74 64.15 59.19
C LYS T 135 40.71 63.18 59.77
N LEU T 136 40.42 62.09 59.05
CA LEU T 136 39.49 61.08 59.57
C LEU T 136 40.09 60.37 60.78
N LEU T 137 41.40 60.11 60.78
CA LEU T 137 42.05 59.51 61.93
C LEU T 137 42.02 60.44 63.13
N GLN T 138 42.22 61.74 62.91
CA GLN T 138 42.12 62.73 63.98
C GLN T 138 40.69 62.82 64.51
N THR T 139 39.70 62.70 63.61
CA THR T 139 38.29 62.76 64.02
C THR T 139 37.92 61.56 64.89
N VAL T 140 38.32 60.36 64.48
CA VAL T 140 38.05 59.15 65.27
C VAL T 140 38.84 59.20 66.58
N ALA T 141 40.06 59.75 66.55
CA ALA T 141 40.86 59.86 67.77
C ALA T 141 40.25 60.83 68.77
N THR T 142 39.72 61.96 68.30
CA THR T 142 39.05 62.90 69.18
C THR T 142 37.74 62.32 69.70
N TYR T 143 37.06 61.51 68.89
CA TYR T 143 35.89 60.77 69.36
C TYR T 143 36.26 59.83 70.51
N VAL T 144 37.31 59.03 70.32
CA VAL T 144 37.71 58.02 71.29
C VAL T 144 38.21 58.69 72.58
N ASN T 145 38.91 59.83 72.44
CA ASN T 145 39.30 60.60 73.61
C ASN T 145 38.09 61.18 74.33
N ASP T 146 37.06 61.60 73.59
CA ASP T 146 35.86 62.12 74.24
C ASP T 146 34.97 60.98 74.72
N GLN T 147 34.44 60.17 73.80
CA GLN T 147 33.57 59.04 74.14
C GLN T 147 34.03 57.84 73.31
N GLY T 148 34.71 56.90 73.95
CA GLY T 148 35.26 55.76 73.25
C GLY T 148 34.18 54.76 72.84
N PHE T 149 34.65 53.55 72.53
CA PHE T 149 33.74 52.47 72.12
C PHE T 149 33.06 51.84 73.34
N ALA T 150 32.29 52.65 74.06
CA ALA T 150 31.62 52.23 75.28
C ALA T 150 30.13 52.00 75.06
N GLU T 151 29.44 52.96 74.46
CA GLU T 151 28.04 52.77 74.12
C GLU T 151 27.88 51.79 72.97
N LEU T 152 28.78 51.87 71.97
CA LEU T 152 28.71 50.99 70.81
C LEU T 152 28.94 49.54 71.20
N ALA T 153 29.96 49.29 72.03
CA ALA T 153 30.24 47.93 72.47
C ALA T 153 29.17 47.42 73.42
N ARG T 154 28.52 48.32 74.18
CA ARG T 154 27.39 47.93 75.00
C ARG T 154 26.23 47.46 74.15
N ARG T 155 25.96 48.16 73.05
CA ARG T 155 24.87 47.74 72.18
C ARG T 155 25.22 46.51 71.36
N TYR T 156 26.51 46.33 71.01
CA TYR T 156 26.94 45.10 70.35
C TYR T 156 26.85 43.90 71.29
N ALA T 157 27.20 44.09 72.57
CA ALA T 157 27.03 43.06 73.57
C ALA T 157 25.56 42.79 73.84
N HIS T 158 24.71 43.80 73.70
CA HIS T 158 23.26 43.59 73.78
C HIS T 158 22.78 42.71 72.63
N ASN T 159 23.17 43.06 71.40
CA ASN T 159 22.75 42.31 70.22
C ASN T 159 23.36 40.91 70.16
N LEU T 160 24.45 40.67 70.88
CA LEU T 160 24.93 39.31 71.08
C LEU T 160 24.17 38.61 72.21
N ALA T 161 23.78 39.38 73.24
CA ALA T 161 23.18 38.78 74.43
C ALA T 161 21.77 38.26 74.15
N ASN T 162 20.92 39.08 73.54
CA ASN T 162 19.71 38.55 72.95
C ASN T 162 20.07 37.94 71.59
N ALA T 163 19.46 36.80 71.28
CA ALA T 163 19.84 36.06 70.08
C ALA T 163 19.09 36.64 68.88
N ARG T 164 19.50 37.86 68.49
CA ARG T 164 18.94 38.47 67.30
C ARG T 164 19.46 37.82 66.03
N PHE T 165 20.60 37.13 66.12
CA PHE T 165 21.09 36.34 64.99
C PHE T 165 20.24 35.11 64.75
N LEU T 166 19.46 34.68 65.74
CA LEU T 166 18.31 33.81 65.51
C LEU T 166 17.20 34.72 65.00
N TRP T 167 17.01 34.74 63.69
CA TRP T 167 16.06 35.70 63.13
C TRP T 167 14.62 35.19 63.26
N ARG T 168 14.31 34.08 62.61
CA ARG T 168 13.02 33.43 62.79
C ARG T 168 13.11 32.21 63.69
N ASN T 169 14.27 31.96 64.28
CA ASN T 169 14.44 30.94 65.29
C ASN T 169 14.21 31.48 66.70
N ARG T 170 13.87 32.76 66.81
CA ARG T 170 13.62 33.42 68.08
C ARG T 170 12.17 33.87 68.24
N VAL T 171 11.39 33.89 67.16
CA VAL T 171 10.08 34.54 67.18
C VAL T 171 9.06 33.75 68.01
N GLY T 172 9.24 32.43 68.10
CA GLY T 172 8.34 31.64 68.90
C GLY T 172 9.07 30.70 69.84
N ALA T 173 10.32 31.04 70.16
CA ALA T 173 11.14 30.17 70.99
C ALA T 173 10.70 30.26 72.44
N GLU T 174 10.64 29.10 73.10
CA GLU T 174 10.20 29.05 74.49
C GLU T 174 11.25 29.63 75.44
N ALA T 175 12.51 29.32 75.21
CA ALA T 175 13.60 29.84 76.04
C ALA T 175 14.86 29.87 75.20
N VAL T 176 15.52 31.03 75.16
CA VAL T 176 16.77 31.21 74.45
C VAL T 176 17.87 31.54 75.44
N GLU T 177 19.00 30.85 75.33
CA GLU T 177 20.14 31.05 76.21
C GLU T 177 21.39 31.21 75.35
N VAL T 178 22.17 32.26 75.61
CA VAL T 178 23.33 32.60 74.80
C VAL T 178 24.57 32.45 75.67
N ARG T 179 25.51 31.61 75.24
CA ARG T 179 26.78 31.40 75.93
C ARG T 179 27.89 31.98 75.08
N ILE T 180 28.63 32.92 75.64
CA ILE T 180 29.72 33.60 74.93
C ILE T 180 31.01 33.33 75.69
N ASN T 181 31.96 32.67 75.04
CA ASN T 181 33.23 32.31 75.66
C ASN T 181 34.37 33.08 74.98
N HIS T 182 35.16 33.79 75.77
CA HIS T 182 36.30 34.51 75.25
C HIS T 182 37.46 33.53 75.07
N ILE T 183 37.81 33.25 73.82
CA ILE T 183 38.81 32.24 73.50
C ILE T 183 40.18 32.91 73.49
N ARG T 184 41.01 32.56 74.48
CA ARG T 184 42.37 33.06 74.58
C ARG T 184 43.32 31.89 74.59
N GLN T 185 44.23 31.85 73.59
CA GLN T 185 45.22 30.78 73.38
C GLN T 185 44.56 29.40 73.29
N GLY T 186 43.40 29.35 72.63
CA GLY T 186 42.65 28.12 72.51
C GLY T 186 41.89 27.72 73.76
N GLU T 187 41.86 28.55 74.78
CA GLU T 187 41.17 28.26 76.03
C GLU T 187 40.18 29.37 76.33
N VAL T 188 39.14 29.04 77.09
CA VAL T 188 38.10 30.00 77.43
C VAL T 188 38.65 30.91 78.54
N ALA T 189 38.85 32.19 78.20
CA ALA T 189 39.31 33.16 79.18
C ALA T 189 38.20 33.56 80.14
N ARG T 190 36.99 33.77 79.63
CA ARG T 190 35.88 34.24 80.45
C ARG T 190 34.58 33.82 79.78
N ALA T 191 33.65 33.30 80.59
CA ALA T 191 32.39 32.77 80.09
C ALA T 191 31.23 33.66 80.53
N TRP T 192 30.32 33.93 79.59
CA TRP T 192 29.09 34.67 79.83
C TRP T 192 27.91 33.79 79.47
N ARG T 193 26.88 33.82 80.31
CA ARG T 193 25.67 33.03 80.10
C ARG T 193 24.47 33.94 80.30
N PHE T 194 23.82 34.31 79.20
CA PHE T 194 22.72 35.27 79.21
C PHE T 194 21.40 34.58 78.86
N ASP T 195 20.34 34.97 79.56
CA ASP T 195 18.99 34.60 79.17
C ASP T 195 18.54 35.59 78.09
N ALA T 196 18.47 35.12 76.85
CA ALA T 196 18.25 36.01 75.71
C ALA T 196 16.82 36.52 75.62
N LEU T 197 15.87 35.91 76.34
CA LEU T 197 14.50 36.41 76.33
C LEU T 197 14.28 37.51 77.36
N ALA T 198 15.03 37.49 78.46
CA ALA T 198 14.95 38.58 79.44
C ALA T 198 15.53 39.86 78.89
N ILE T 199 16.64 39.76 78.17
CA ILE T 199 17.24 40.92 77.49
C ILE T 199 16.44 41.15 76.21
N GLY T 200 15.70 42.26 76.17
CA GLY T 200 14.81 42.51 75.06
C GLY T 200 15.55 42.89 73.79
N LEU T 201 14.79 42.89 72.69
CA LEU T 201 15.32 43.27 71.39
C LEU T 201 15.25 44.76 71.12
N ARG T 202 14.73 45.55 72.07
CA ARG T 202 14.54 46.98 71.86
C ARG T 202 15.05 47.86 72.99
N ASP T 203 15.24 47.32 74.20
CA ASP T 203 15.69 48.11 75.34
C ASP T 203 17.16 47.80 75.61
N PHE T 204 17.98 48.85 75.66
CA PHE T 204 19.41 48.72 75.93
C PHE T 204 19.66 49.12 77.38
N LYS T 205 19.44 48.17 78.28
CA LYS T 205 19.60 48.38 79.71
C LYS T 205 21.03 48.05 80.13
N ALA T 206 21.27 47.98 81.44
CA ALA T 206 22.60 47.75 81.98
C ALA T 206 22.60 46.52 82.87
N ASP T 207 23.67 45.73 82.74
CA ASP T 207 23.85 44.52 83.55
C ASP T 207 25.36 44.37 83.73
N ALA T 208 25.76 43.80 84.88
CA ALA T 208 27.17 43.72 85.24
C ALA T 208 27.95 42.79 84.31
N GLU T 209 27.39 41.61 84.00
CA GLU T 209 28.01 40.72 83.03
C GLU T 209 27.99 41.32 81.63
N LEU T 210 26.89 42.02 81.30
CA LEU T 210 26.81 42.71 80.03
C LEU T 210 27.78 43.88 79.97
N ASP T 211 28.03 44.54 81.10
CA ASP T 211 29.04 45.59 81.13
C ASP T 211 30.45 45.02 80.99
N ALA T 212 30.69 43.82 81.54
CA ALA T 212 31.98 43.16 81.36
C ALA T 212 32.20 42.77 79.90
N LEU T 213 31.15 42.26 79.24
CA LEU T 213 31.24 41.95 77.82
C LEU T 213 31.41 43.21 76.99
N ALA T 214 30.76 44.30 77.40
CA ALA T 214 30.94 45.59 76.74
C ALA T 214 32.37 46.10 76.88
N GLU T 215 32.97 45.91 78.06
CA GLU T 215 34.36 46.30 78.26
C GLU T 215 35.30 45.43 77.43
N LEU T 216 34.98 44.15 77.27
CA LEU T 216 35.82 43.27 76.44
C LEU T 216 35.75 43.67 74.96
N ILE T 217 34.54 43.94 74.45
CA ILE T 217 34.40 44.40 73.07
C ILE T 217 35.00 45.79 72.90
N ALA T 218 34.98 46.62 73.95
CA ALA T 218 35.65 47.91 73.93
C ALA T 218 37.16 47.77 73.82
N SER T 219 37.74 46.82 74.57
CA SER T 219 39.17 46.56 74.50
C SER T 219 39.55 45.97 73.14
N GLY T 220 38.65 45.15 72.57
CA GLY T 220 38.90 44.65 71.23
C GLY T 220 38.85 45.73 70.16
N LEU T 221 37.87 46.64 70.27
CA LEU T 221 37.70 47.69 69.27
C LEU T 221 38.74 48.79 69.41
N SER T 222 39.27 49.00 70.61
CA SER T 222 40.28 50.03 70.82
C SER T 222 41.67 49.59 70.39
N GLY T 223 41.86 48.31 70.09
CA GLY T 223 43.16 47.78 69.74
C GLY T 223 44.02 47.41 70.93
N SER T 224 43.49 47.48 72.15
CA SER T 224 44.27 47.14 73.34
C SER T 224 44.32 45.64 73.60
N GLY T 225 43.58 44.84 72.84
CA GLY T 225 43.62 43.40 73.01
C GLY T 225 43.00 42.70 71.82
N HIS T 226 43.27 41.41 71.71
CA HIS T 226 42.72 40.56 70.67
C HIS T 226 41.55 39.79 71.25
N VAL T 227 40.35 40.03 70.71
CA VAL T 227 39.13 39.45 71.25
C VAL T 227 38.52 38.51 70.21
N LEU T 228 38.42 37.24 70.58
CA LEU T 228 37.66 36.25 69.82
C LEU T 228 36.64 35.63 70.77
N LEU T 229 35.39 35.58 70.33
CA LEU T 229 34.29 35.05 71.12
C LEU T 229 33.66 33.87 70.40
N GLU T 230 33.35 32.82 71.15
CA GLU T 230 32.56 31.70 70.65
C GLU T 230 31.16 31.86 71.23
N VAL T 231 30.19 32.11 70.37
CA VAL T 231 28.81 32.37 70.77
C VAL T 231 27.98 31.17 70.34
N VAL T 232 27.34 30.54 71.32
CA VAL T 232 26.46 29.40 71.12
C VAL T 232 25.10 29.75 71.69
N ALA T 233 24.06 29.69 70.86
CA ALA T 233 22.71 30.03 71.26
C ALA T 233 21.85 28.77 71.22
N PHE T 234 21.18 28.50 72.33
CA PHE T 234 20.25 27.38 72.44
C PHE T 234 18.83 27.94 72.52
N ALA T 235 17.98 27.51 71.60
CA ALA T 235 16.60 27.98 71.52
C ALA T 235 15.65 26.80 71.57
N ARG T 236 14.64 26.90 72.44
CA ARG T 236 13.60 25.87 72.53
C ARG T 236 12.53 26.17 71.50
N ILE T 237 12.59 25.48 70.37
CA ILE T 237 11.58 25.61 69.33
C ILE T 237 10.55 24.49 69.42
N GLY T 238 11.01 23.24 69.57
CA GLY T 238 10.09 22.13 69.70
C GLY T 238 10.57 20.90 68.98
N ASP T 239 9.97 19.75 69.29
CA ASP T 239 10.38 18.48 68.69
C ASP T 239 9.96 18.44 67.23
N GLY T 240 10.94 18.42 66.33
CA GLY T 240 10.66 18.34 64.91
C GLY T 240 10.30 19.65 64.25
N GLN T 241 10.36 20.76 64.97
CA GLN T 241 9.92 22.05 64.44
C GLN T 241 10.87 22.55 63.37
N GLU T 242 10.32 23.32 62.43
CA GLU T 242 11.08 23.84 61.31
C GLU T 242 11.98 24.98 61.77
N VAL T 243 13.27 24.84 61.53
CA VAL T 243 14.21 25.91 61.81
C VAL T 243 14.49 26.66 60.51
N PHE T 244 15.05 27.86 60.65
CA PHE T 244 15.15 28.81 59.55
C PHE T 244 16.62 29.23 59.39
N PRO T 245 17.41 28.47 58.64
CA PRO T 245 18.78 28.92 58.33
C PRO T 245 18.78 29.93 57.20
N SER T 246 19.97 30.32 56.75
CA SER T 246 20.07 31.19 55.59
C SER T 246 19.60 30.48 54.34
N GLN T 247 19.02 31.26 53.43
CA GLN T 247 18.41 30.73 52.22
C GLN T 247 19.11 31.33 51.01
N GLU T 248 19.37 30.50 50.01
CA GLU T 248 20.12 30.91 48.84
C GLU T 248 19.21 31.39 47.72
N LEU T 249 19.78 32.22 46.85
CA LEU T 249 19.08 32.64 45.64
C LEU T 249 19.09 31.52 44.60
N ILE T 250 17.97 31.39 43.90
CA ILE T 250 17.81 30.39 42.85
C ILE T 250 17.50 31.13 41.56
N LEU T 251 18.45 31.14 40.63
CA LEU T 251 18.24 31.83 39.36
C LEU T 251 17.30 31.03 38.45
N ASP T 252 17.52 29.72 38.35
CA ASP T 252 16.76 28.87 37.44
C ASP T 252 16.09 27.74 38.21
N LYS T 253 14.80 27.56 37.97
CA LYS T 253 14.08 26.44 38.55
C LYS T 253 14.11 25.23 37.62
N GLY T 254 13.60 25.39 36.40
CA GLY T 254 13.69 24.37 35.37
C GLY T 254 12.89 23.12 35.66
N ASP T 255 13.24 22.05 34.94
CA ASP T 255 12.66 20.74 35.17
C ASP T 255 13.70 19.65 35.42
N LYS T 256 14.96 19.86 35.01
CA LYS T 256 16.03 18.95 35.41
C LYS T 256 16.25 19.01 36.91
N LYS T 257 16.31 20.22 37.47
CA LYS T 257 16.12 20.42 38.89
C LYS T 257 14.61 20.46 39.16
N GLY T 258 14.14 19.60 40.03
CA GLY T 258 12.71 19.34 40.13
C GLY T 258 11.89 20.45 40.76
N GLN T 259 11.80 21.58 40.05
CA GLN T 259 11.09 22.79 40.49
C GLN T 259 11.60 23.27 41.85
N LYS T 260 12.90 23.49 41.92
CA LYS T 260 13.57 23.92 43.15
C LYS T 260 13.23 25.38 43.42
N SER T 261 12.32 25.62 44.36
CA SER T 261 11.89 26.97 44.67
C SER T 261 12.59 27.57 45.87
N LYS T 262 13.02 26.74 46.83
CA LYS T 262 13.74 27.21 48.01
C LYS T 262 14.96 26.35 48.23
N THR T 263 16.10 26.99 48.42
CA THR T 263 17.36 26.30 48.74
C THR T 263 17.97 26.97 49.96
N LEU T 264 18.17 26.21 51.03
CA LEU T 264 18.78 26.73 52.23
C LEU T 264 20.30 26.52 52.19
N TYR T 265 21.00 27.27 53.04
CA TYR T 265 22.45 27.30 53.04
C TYR T 265 23.02 26.22 53.96
N SER T 266 24.04 25.53 53.48
CA SER T 266 24.73 24.50 54.23
C SER T 266 26.18 24.43 53.75
N VAL T 267 27.11 24.13 54.66
CA VAL T 267 28.52 24.10 54.28
C VAL T 267 29.02 22.68 54.02
N ARG T 268 28.76 21.73 54.94
CA ARG T 268 29.08 20.32 54.71
C ARG T 268 28.05 19.45 55.43
N ASP T 269 26.94 19.15 54.74
CA ASP T 269 25.81 18.37 55.26
C ASP T 269 25.31 18.91 56.60
N ALA T 270 25.27 20.23 56.71
CA ALA T 270 25.05 20.89 58.00
C ALA T 270 24.48 22.27 57.74
N ALA T 271 23.25 22.51 58.20
CA ALA T 271 22.59 23.79 57.98
C ALA T 271 23.32 24.91 58.69
N ALA T 272 23.26 26.10 58.12
CA ALA T 272 24.00 27.23 58.65
C ALA T 272 23.36 28.54 58.22
N ILE T 273 23.66 29.58 58.96
CA ILE T 273 23.26 30.95 58.63
C ILE T 273 24.49 31.65 58.06
N HIS T 274 24.26 32.57 57.12
CA HIS T 274 25.34 33.36 56.54
C HIS T 274 25.97 34.25 57.61
N SER T 275 27.26 34.56 57.42
CA SER T 275 27.96 35.43 58.35
C SER T 275 27.41 36.85 58.33
N GLN T 276 27.03 37.34 57.15
CA GLN T 276 26.54 38.70 57.05
C GLN T 276 25.14 38.86 57.66
N LYS T 277 24.38 37.77 57.80
CA LYS T 277 23.12 37.86 58.52
C LYS T 277 23.36 38.04 60.02
N ILE T 278 24.38 37.34 60.56
CA ILE T 278 24.79 37.55 61.94
C ILE T 278 25.33 38.95 62.13
N GLY T 279 26.04 39.47 61.13
CA GLY T 279 26.55 40.82 61.20
C GLY T 279 25.44 41.87 61.19
N ASN T 280 24.43 41.67 60.35
CA ASN T 280 23.30 42.59 60.30
C ASN T 280 22.49 42.55 61.59
N ALA T 281 22.36 41.36 62.18
CA ALA T 281 21.69 41.26 63.47
C ALA T 281 22.51 41.89 64.58
N LEU T 282 23.84 41.84 64.48
CA LEU T 282 24.68 42.47 65.48
C LEU T 282 24.72 43.99 65.32
N ARG T 283 24.56 44.48 64.10
CA ARG T 283 24.59 45.92 63.82
C ARG T 283 23.30 46.63 64.20
N THR T 284 22.27 45.91 64.65
CA THR T 284 20.98 46.50 64.97
C THR T 284 21.08 47.25 66.31
N ILE T 285 21.73 48.42 66.24
CA ILE T 285 22.00 49.22 67.44
C ILE T 285 21.45 50.63 67.23
N ASP T 286 21.06 50.95 66.00
CA ASP T 286 20.72 52.31 65.62
C ASP T 286 19.33 52.65 66.14
N THR T 287 19.27 53.34 67.28
CA THR T 287 18.03 53.79 67.88
C THR T 287 17.80 55.28 67.72
N TRP T 288 18.62 55.95 66.90
CA TRP T 288 18.62 57.40 66.85
C TRP T 288 18.26 57.93 65.45
N TYR T 289 17.51 57.15 64.68
CA TYR T 289 17.04 57.63 63.39
C TYR T 289 15.95 58.68 63.59
N PRO T 290 15.76 59.61 62.64
CA PRO T 290 14.80 60.71 62.85
C PRO T 290 13.35 60.27 63.01
N ASP T 291 12.98 59.07 62.58
CA ASP T 291 11.63 58.60 62.82
C ASP T 291 11.51 58.09 64.26
N GLU T 292 10.28 57.71 64.63
CA GLU T 292 10.00 57.27 65.99
C GLU T 292 10.64 55.92 66.26
N ASP T 293 11.11 55.73 67.49
CA ASP T 293 11.75 54.48 67.92
C ASP T 293 10.75 53.46 68.45
N GLY T 294 9.47 53.56 68.05
CA GLY T 294 8.50 52.55 68.41
C GLY T 294 8.78 51.21 67.76
N LEU T 295 9.37 51.22 66.56
CA LEU T 295 9.85 49.99 65.94
C LEU T 295 11.01 49.40 66.74
N GLY T 296 11.92 50.25 67.21
CA GLY T 296 13.09 49.79 67.92
C GLY T 296 14.35 50.08 67.15
N PRO T 297 15.44 49.39 67.47
CA PRO T 297 16.69 49.58 66.73
C PRO T 297 16.61 49.03 65.33
N ILE T 298 17.37 49.64 64.43
CA ILE T 298 17.52 49.17 63.06
C ILE T 298 18.99 48.89 62.83
N ALA T 299 19.26 48.12 61.77
CA ALA T 299 20.63 47.75 61.45
C ALA T 299 21.43 48.96 60.97
N VAL T 300 22.68 49.05 61.41
CA VAL T 300 23.53 50.18 61.03
C VAL T 300 23.94 50.01 59.58
N GLU T 301 23.59 50.99 58.77
CA GLU T 301 23.85 50.97 57.33
C GLU T 301 23.81 52.41 56.86
N PRO T 302 24.54 52.75 55.79
CA PRO T 302 24.29 54.03 55.11
C PRO T 302 22.86 54.10 54.59
N TYR T 303 22.24 55.27 54.80
CA TYR T 303 20.81 55.52 54.56
C TYR T 303 19.89 54.58 55.32
N GLY T 304 20.36 54.05 56.47
CA GLY T 304 19.61 53.30 57.47
C GLY T 304 18.53 52.34 57.02
N SER T 305 18.82 51.59 55.95
CA SER T 305 17.77 50.94 55.18
C SER T 305 17.36 49.61 55.81
N VAL T 306 16.05 49.38 55.87
CA VAL T 306 15.47 48.12 56.31
C VAL T 306 14.73 47.53 55.13
N THR T 307 15.08 46.29 54.75
CA THR T 307 14.45 45.66 53.60
C THR T 307 13.05 45.16 53.94
N SER T 308 12.83 44.72 55.17
CA SER T 308 11.50 44.27 55.57
C SER T 308 10.53 45.44 55.69
N GLN T 309 11.00 46.57 56.20
CA GLN T 309 10.16 47.76 56.24
C GLN T 309 10.04 48.40 54.86
N GLY T 310 11.04 48.22 54.00
CA GLY T 310 11.01 48.77 52.66
C GLY T 310 11.17 50.27 52.58
N LYS T 311 11.54 50.93 53.68
CA LYS T 311 11.62 52.38 53.76
C LYS T 311 12.92 52.75 54.45
N ALA T 312 13.63 53.72 53.89
CA ALA T 312 14.88 54.18 54.48
C ALA T 312 14.58 55.11 55.65
N TYR T 313 14.95 54.69 56.85
CA TYR T 313 15.21 55.66 57.89
C TYR T 313 16.56 56.31 57.61
N ARG T 314 16.72 57.56 58.06
CA ARG T 314 17.88 58.41 57.76
C ARG T 314 18.10 58.55 56.25
N GLN T 315 17.12 59.15 55.59
CA GLN T 315 17.23 59.45 54.17
C GLN T 315 18.25 60.56 53.95
N PRO T 316 18.83 60.67 52.75
CA PRO T 316 19.73 61.79 52.47
C PRO T 316 19.07 63.17 52.49
N LYS T 317 17.74 63.25 52.35
CA LYS T 317 17.06 64.55 52.40
C LYS T 317 17.09 65.14 53.80
N GLN T 318 16.70 64.36 54.80
CA GLN T 318 16.79 64.78 56.19
C GLN T 318 18.22 64.56 56.66
N LYS T 319 18.89 65.63 57.09
CA LYS T 319 20.34 65.60 57.27
C LYS T 319 20.78 64.75 58.46
N LEU T 320 20.58 63.43 58.38
CA LEU T 320 20.96 62.57 59.48
C LEU T 320 21.50 61.21 59.03
N ASP T 321 21.80 61.04 57.75
CA ASP T 321 22.37 59.81 57.24
C ASP T 321 23.88 59.79 57.46
N PHE T 322 24.51 58.65 57.14
CA PHE T 322 25.92 58.47 57.45
C PHE T 322 26.81 59.37 56.60
N TYR T 323 26.49 59.55 55.31
CA TYR T 323 27.40 60.24 54.41
C TYR T 323 27.44 61.74 54.68
N THR T 324 26.28 62.37 54.91
CA THR T 324 26.27 63.79 55.22
C THR T 324 26.84 64.06 56.61
N LEU T 325 26.61 63.16 57.56
CA LEU T 325 27.17 63.32 58.90
C LEU T 325 28.69 63.14 58.88
N LEU T 326 29.20 62.24 58.04
CA LEU T 326 30.64 62.07 57.92
C LEU T 326 31.27 63.26 57.19
N ASP T 327 30.59 63.78 56.17
CA ASP T 327 31.12 64.93 55.45
C ASP T 327 30.98 66.23 56.24
N ASN T 328 30.13 66.25 57.26
CA ASN T 328 30.12 67.39 58.17
C ASN T 328 31.13 67.24 59.31
N TRP T 329 31.25 66.02 59.85
CA TRP T 329 32.11 65.78 61.00
C TRP T 329 33.59 65.88 60.64
N VAL T 330 33.96 65.45 59.45
CA VAL T 330 35.36 65.33 59.06
C VAL T 330 35.79 66.46 58.14
N LEU T 331 35.03 66.72 57.07
CA LEU T 331 35.46 67.70 56.08
C LEU T 331 35.30 69.12 56.58
N ARG T 332 34.19 69.43 57.24
CA ARG T 332 33.87 70.79 57.65
C ARG T 332 33.89 70.99 59.16
N ASP T 333 34.37 69.98 59.90
CA ASP T 333 34.50 70.00 61.38
C ASP T 333 33.18 70.34 62.09
N GLU T 334 32.06 69.88 61.54
CA GLU T 334 30.75 70.09 62.16
C GLU T 334 30.40 68.81 62.91
N ALA T 335 30.75 68.78 64.19
CA ALA T 335 30.55 67.58 65.00
C ALA T 335 29.07 67.39 65.29
N PRO T 336 28.51 66.22 64.99
CA PRO T 336 27.09 65.98 65.29
C PRO T 336 26.85 65.67 66.76
N ALA T 337 25.62 65.26 67.09
CA ALA T 337 25.29 64.84 68.43
C ALA T 337 26.02 63.55 68.80
N VAL T 338 26.01 63.23 70.09
CA VAL T 338 26.77 62.11 70.62
C VAL T 338 26.23 60.79 70.09
N GLU T 339 24.90 60.67 70.02
CA GLU T 339 24.29 59.48 69.45
C GLU T 339 24.53 59.38 67.93
N GLN T 340 24.55 60.53 67.25
CA GLN T 340 24.78 60.49 65.80
C GLN T 340 26.23 60.16 65.47
N GLN T 341 27.17 60.64 66.29
CA GLN T 341 28.56 60.24 66.07
C GLN T 341 28.80 58.81 66.50
N HIS T 342 27.99 58.30 67.46
CA HIS T 342 27.97 56.87 67.72
C HIS T 342 27.54 56.08 66.48
N TYR T 343 26.52 56.58 65.78
CA TYR T 343 26.06 55.94 64.55
C TYR T 343 27.14 55.98 63.45
N VAL T 344 27.86 57.09 63.34
CA VAL T 344 28.92 57.22 62.34
C VAL T 344 30.08 56.26 62.64
N ILE T 345 30.49 56.17 63.91
CA ILE T 345 31.56 55.25 64.26
C ILE T 345 31.09 53.80 64.15
N ALA T 346 29.80 53.53 64.38
CA ALA T 346 29.27 52.19 64.16
C ALA T 346 29.29 51.82 62.67
N ASN T 347 29.06 52.80 61.79
CA ASN T 347 29.25 52.57 60.36
C ASN T 347 30.71 52.29 60.03
N LEU T 348 31.63 52.98 60.70
CA LEU T 348 33.05 52.75 60.46
C LEU T 348 33.48 51.37 60.96
N ILE T 349 32.86 50.89 62.04
CA ILE T 349 33.10 49.54 62.51
C ILE T 349 32.53 48.52 61.53
N ARG T 350 31.34 48.81 60.98
CA ARG T 350 30.70 47.93 60.01
C ARG T 350 31.53 47.79 58.73
N GLY T 351 32.07 48.89 58.23
CA GLY T 351 32.93 48.83 57.06
C GLY T 351 32.15 48.85 55.77
N GLY T 352 32.80 49.32 54.71
CA GLY T 352 32.12 49.43 53.44
C GLY T 352 33.02 49.96 52.34
N VAL T 353 32.38 50.37 51.26
CA VAL T 353 33.03 50.86 50.05
C VAL T 353 32.62 52.34 49.96
N PHE T 354 32.62 53.00 51.11
CA PHE T 354 32.35 54.43 51.18
C PHE T 354 33.34 55.20 50.31
N GLY T 355 32.85 56.26 49.67
CA GLY T 355 33.64 57.01 48.72
C GLY T 355 32.94 57.09 47.38
N GLU T 356 33.19 58.17 46.66
CA GLU T 356 32.50 58.45 45.41
C GLU T 356 33.18 57.72 44.25
N ALA T 357 32.80 58.06 43.03
CA ALA T 357 33.38 57.43 41.85
C ALA T 357 34.37 58.38 41.17
N ILE U 23 79.56 56.51 24.30
CA ILE U 23 78.68 57.46 24.97
C ILE U 23 77.82 56.76 26.00
N LEU U 24 77.82 55.42 25.93
CA LEU U 24 77.09 54.52 26.84
C LEU U 24 75.59 54.83 26.86
N SER U 25 74.97 54.60 25.70
CA SER U 25 73.53 54.68 25.61
C SER U 25 72.87 53.51 26.32
N THR U 26 71.66 53.74 26.82
CA THR U 26 70.90 52.69 27.50
C THR U 26 70.44 51.66 26.48
N ALA U 27 70.40 50.39 26.91
CA ALA U 27 69.93 49.31 26.06
C ALA U 27 68.44 49.47 25.81
N SER U 28 68.02 49.27 24.56
CA SER U 28 66.63 49.51 24.19
C SER U 28 65.71 48.40 24.66
N VAL U 29 66.23 47.19 24.86
CA VAL U 29 65.54 46.16 25.64
C VAL U 29 66.43 45.83 26.83
N LEU U 30 65.82 45.74 28.00
CA LEU U 30 66.52 45.45 29.25
C LEU U 30 65.54 44.78 30.19
N ALA U 31 65.66 43.47 30.32
CA ALA U 31 64.68 42.70 31.07
C ALA U 31 65.41 41.76 32.03
N PHE U 32 64.81 41.55 33.20
CA PHE U 32 65.42 40.77 34.26
C PHE U 32 64.46 39.67 34.69
N GLU U 33 65.02 38.51 35.04
CA GLU U 33 64.19 37.42 35.54
C GLU U 33 63.67 37.74 36.93
N ARG U 34 62.57 37.07 37.28
CA ARG U 34 62.02 37.16 38.63
C ARG U 34 62.88 36.31 39.55
N LYS U 35 63.82 36.94 40.24
CA LYS U 35 64.47 36.30 41.36
C LYS U 35 63.51 36.33 42.55
N LEU U 36 63.68 35.35 43.44
CA LEU U 36 62.73 35.03 44.52
C LEU U 36 61.32 34.83 43.95
N ASP U 37 61.18 33.80 43.12
CA ASP U 37 59.89 33.46 42.55
C ASP U 37 59.17 32.44 43.44
N PRO U 38 58.08 32.80 44.09
CA PRO U 38 57.41 31.86 44.99
C PRO U 38 56.35 31.02 44.28
N SER U 39 56.02 29.90 44.91
CA SER U 39 54.90 29.11 44.45
C SER U 39 53.59 29.71 44.97
N ASP U 40 52.48 29.13 44.53
CA ASP U 40 51.18 29.60 44.99
C ASP U 40 50.93 29.12 46.41
N ALA U 41 50.55 30.03 47.28
CA ALA U 41 50.50 29.79 48.72
C ALA U 41 49.30 28.92 49.05
N LEU U 42 49.56 27.62 49.17
CA LEU U 42 48.50 26.65 49.45
C LEU U 42 47.98 26.83 50.88
N MET U 43 46.66 26.91 51.01
CA MET U 43 46.01 27.21 52.27
C MET U 43 45.25 25.99 52.75
N SER U 44 45.54 25.56 53.98
CA SER U 44 44.89 24.43 54.62
C SER U 44 44.54 24.81 56.05
N ALA U 45 43.89 23.90 56.76
CA ALA U 45 43.35 24.21 58.08
C ALA U 45 43.73 23.14 59.08
N GLY U 46 43.80 23.55 60.34
CA GLY U 46 44.13 22.62 61.40
C GLY U 46 44.02 23.29 62.75
N ALA U 47 44.59 22.64 63.76
CA ALA U 47 44.57 23.14 65.13
C ALA U 47 45.96 23.57 65.55
N TRP U 48 46.03 24.61 66.37
CA TRP U 48 47.28 25.02 66.98
C TRP U 48 47.78 23.95 67.93
N ALA U 49 49.11 23.85 68.06
CA ALA U 49 49.92 22.81 68.70
C ALA U 49 49.83 21.47 67.99
N GLN U 50 49.15 21.38 66.84
CA GLN U 50 49.26 20.26 65.93
C GLN U 50 49.99 20.66 64.65
N ARG U 51 50.76 21.75 64.71
CA ARG U 51 51.44 22.27 63.53
C ARG U 51 52.63 21.42 63.12
N ASP U 52 53.14 20.57 64.01
CA ASP U 52 54.22 19.66 63.64
C ASP U 52 53.74 18.60 62.65
N ALA U 53 52.55 18.05 62.90
CA ALA U 53 51.94 17.09 61.97
C ALA U 53 50.92 17.80 61.08
N SER U 54 51.42 18.74 60.29
CA SER U 54 50.57 19.53 59.38
C SER U 54 50.65 19.04 57.94
N GLN U 55 51.29 17.89 57.70
CA GLN U 55 51.36 17.35 56.35
C GLN U 55 50.05 16.72 55.90
N GLU U 56 49.19 16.32 56.84
CA GLU U 56 47.91 15.71 56.53
C GLU U 56 46.75 16.65 56.83
N TRP U 57 47.01 17.94 56.91
CA TRP U 57 45.95 18.90 57.21
C TRP U 57 45.02 19.06 56.01
N PRO U 58 43.71 19.05 56.21
CA PRO U 58 42.79 19.21 55.07
C PRO U 58 42.83 20.63 54.53
N ALA U 59 42.72 20.73 53.21
CA ALA U 59 42.85 22.02 52.54
C ALA U 59 41.58 22.85 52.71
N VAL U 60 41.76 24.17 52.70
CA VAL U 60 40.64 25.10 52.75
C VAL U 60 39.99 25.12 51.37
N THR U 61 38.69 24.84 51.33
CA THR U 61 37.95 24.78 50.08
C THR U 61 37.12 26.05 49.90
N VAL U 62 37.09 26.56 48.69
CA VAL U 62 36.34 27.76 48.36
C VAL U 62 34.91 27.35 47.98
N ARG U 63 33.93 27.86 48.72
CA ARG U 63 32.53 27.57 48.48
C ARG U 63 31.84 28.81 47.93
N GLU U 64 30.59 28.64 47.51
CA GLU U 64 29.76 29.72 47.01
C GLU U 64 28.65 30.01 48.01
N LYS U 65 28.29 31.28 48.12
CA LYS U 65 27.14 31.64 48.95
C LYS U 65 26.48 32.87 48.35
N SER U 66 25.28 33.17 48.83
CA SER U 66 24.47 34.26 48.31
C SER U 66 24.37 35.37 49.34
N VAL U 67 24.41 36.61 48.89
CA VAL U 67 24.27 37.77 49.76
C VAL U 67 23.13 38.64 49.23
N ARG U 68 22.31 39.15 50.14
CA ARG U 68 21.29 40.16 49.81
C ARG U 68 21.62 41.40 50.63
N GLY U 69 22.35 42.33 50.02
CA GLY U 69 22.64 43.60 50.64
C GLY U 69 21.62 44.65 50.26
N THR U 70 21.88 45.87 50.70
CA THR U 70 21.07 47.02 50.37
C THR U 70 22.01 48.10 49.85
N ILE U 71 21.46 49.13 49.22
CA ILE U 71 22.28 50.19 48.65
C ILE U 71 22.93 51.00 49.77
N SER U 72 24.26 51.11 49.72
CA SER U 72 25.00 51.85 50.73
C SER U 72 26.10 52.70 50.12
N ASN U 73 26.14 52.83 48.80
CA ASN U 73 27.14 53.64 48.12
C ASN U 73 26.69 55.10 48.08
N ARG U 74 27.63 55.98 47.69
CA ARG U 74 27.34 57.40 47.62
C ARG U 74 26.37 57.70 46.48
N LEU U 75 25.45 58.62 46.74
CA LEU U 75 24.51 59.08 45.73
C LEU U 75 24.94 60.45 45.20
N LYS U 76 24.72 60.66 43.91
CA LYS U 76 25.26 61.82 43.21
C LYS U 76 24.23 62.94 43.03
N THR U 77 23.39 63.16 44.04
CA THR U 77 22.43 64.25 44.19
C THR U 77 21.36 64.29 43.10
N LYS U 78 21.16 63.20 42.36
CA LYS U 78 20.03 63.09 41.46
C LYS U 78 19.07 61.97 41.84
N ASP U 79 19.52 61.01 42.65
CA ASP U 79 18.68 59.92 43.13
C ASP U 79 18.57 59.94 44.64
N ARG U 80 18.63 61.12 45.24
CA ARG U 80 18.49 61.28 46.69
C ARG U 80 17.07 61.59 47.13
N ASP U 81 16.12 61.65 46.20
CA ASP U 81 14.72 61.82 46.57
C ASP U 81 14.23 60.55 47.27
N PRO U 82 13.32 60.69 48.25
CA PRO U 82 12.86 59.52 49.01
C PRO U 82 12.11 58.49 48.18
N ALA U 83 11.40 58.90 47.14
CA ALA U 83 10.62 57.96 46.33
C ALA U 83 11.53 57.04 45.53
N LYS U 84 12.52 57.60 44.84
CA LYS U 84 13.44 56.80 44.05
C LYS U 84 14.34 55.94 44.93
N LEU U 85 14.76 56.48 46.08
CA LEU U 85 15.57 55.73 47.01
C LEU U 85 14.79 54.56 47.61
N ASP U 86 13.53 54.78 47.98
CA ASP U 86 12.70 53.69 48.49
C ASP U 86 12.39 52.66 47.40
N ALA U 87 12.26 53.09 46.14
CA ALA U 87 12.09 52.16 45.04
C ALA U 87 13.36 51.34 44.81
N SER U 88 14.53 51.93 45.02
CA SER U 88 15.78 51.20 44.87
C SER U 88 15.97 50.19 46.00
N ILE U 89 15.56 50.54 47.22
CA ILE U 89 15.59 49.58 48.33
C ILE U 89 14.57 48.47 48.12
N GLN U 90 13.42 48.80 47.52
CA GLN U 90 12.36 47.81 47.33
C GLN U 90 12.76 46.75 46.31
N SER U 91 13.62 47.11 45.36
CA SER U 91 14.23 46.11 44.50
C SER U 91 15.40 45.46 45.22
N PRO U 92 15.37 44.15 45.46
CA PRO U 92 16.42 43.52 46.28
C PRO U 92 17.72 43.36 45.52
N ASN U 93 18.81 43.81 46.13
CA ASN U 93 20.15 43.71 45.56
C ASN U 93 20.76 42.39 46.01
N LEU U 94 21.12 41.55 45.04
CA LEU U 94 21.59 40.19 45.31
C LEU U 94 22.90 39.95 44.58
N GLN U 95 23.81 39.22 45.23
CA GLN U 95 25.04 38.79 44.60
C GLN U 95 25.35 37.38 45.04
N THR U 96 26.18 36.70 44.25
CA THR U 96 26.80 35.44 44.64
C THR U 96 28.29 35.71 44.86
N VAL U 97 28.80 35.24 45.99
CA VAL U 97 30.19 35.49 46.36
C VAL U 97 30.89 34.17 46.65
N ASP U 98 32.14 34.08 46.21
CA ASP U 98 32.99 32.97 46.58
C ASP U 98 33.61 33.28 47.94
N VAL U 99 33.42 32.39 48.90
CA VAL U 99 33.91 32.59 50.26
C VAL U 99 34.78 31.40 50.65
N ALA U 100 35.87 31.68 51.36
CA ALA U 100 36.73 30.67 51.95
C ALA U 100 36.68 30.85 53.46
N ASN U 101 36.31 29.78 54.16
CA ASN U 101 36.20 29.79 55.62
C ASN U 101 37.04 28.66 56.18
N LEU U 102 37.47 28.82 57.42
CA LEU U 102 38.00 27.69 58.14
C LEU U 102 36.87 26.76 58.56
N PRO U 103 37.14 25.47 58.71
CA PRO U 103 36.16 24.59 59.34
C PRO U 103 35.93 24.96 60.80
N SER U 104 34.74 24.63 61.29
CA SER U 104 34.31 24.97 62.65
C SER U 104 35.03 24.18 63.75
N ASP U 105 36.04 23.34 63.45
CA ASP U 105 36.87 22.69 64.45
C ASP U 105 38.34 22.91 64.19
N ALA U 106 38.69 23.94 63.41
CA ALA U 106 40.08 24.21 63.04
C ALA U 106 40.31 25.71 63.11
N ASP U 107 41.02 26.16 64.14
CA ASP U 107 41.25 27.57 64.38
C ASP U 107 42.55 28.10 63.77
N THR U 108 43.33 27.23 63.12
CA THR U 108 44.63 27.60 62.58
C THR U 108 44.62 27.46 61.07
N LEU U 109 45.05 28.51 60.38
CA LEU U 109 45.24 28.49 58.94
C LEU U 109 46.72 28.30 58.63
N LYS U 110 47.04 27.28 57.84
CA LYS U 110 48.40 27.00 57.42
C LYS U 110 48.56 27.40 55.96
N VAL U 111 49.58 28.21 55.70
CA VAL U 111 49.84 28.73 54.36
C VAL U 111 51.25 28.33 53.98
N ARG U 112 51.38 27.51 52.93
CA ARG U 112 52.65 26.89 52.57
C ARG U 112 53.00 27.23 51.13
N PHE U 113 54.24 27.70 50.91
CA PHE U 113 54.72 27.90 49.56
C PHE U 113 56.21 27.61 49.51
N THR U 114 56.72 27.53 48.28
CA THR U 114 58.12 27.23 48.01
C THR U 114 58.76 28.44 47.33
N LEU U 115 59.91 28.86 47.83
CA LEU U 115 60.63 30.01 47.30
C LEU U 115 61.96 29.56 46.72
N ARG U 116 62.25 29.99 45.50
CA ARG U 116 63.51 29.71 44.84
C ARG U 116 64.29 31.02 44.72
N VAL U 117 65.36 31.14 45.50
CA VAL U 117 66.29 32.25 45.36
C VAL U 117 67.24 31.92 44.23
N LEU U 118 67.09 32.61 43.09
CA LEU U 118 67.86 32.32 41.91
C LEU U 118 69.17 33.12 41.90
N GLY U 119 70.20 32.52 41.30
CA GLY U 119 71.46 33.20 41.17
C GLY U 119 71.52 34.12 39.97
N GLY U 120 72.57 34.93 39.93
CA GLY U 120 72.74 35.92 38.88
C GLY U 120 71.69 37.01 38.94
N ALA U 121 71.57 37.65 40.11
CA ALA U 121 70.51 38.63 40.33
C ALA U 121 70.73 39.88 39.48
N GLY U 122 71.97 40.29 39.29
CA GLY U 122 72.25 41.44 38.45
C GLY U 122 72.40 41.16 36.97
N THR U 123 72.20 39.91 36.55
CA THR U 123 72.37 39.55 35.14
C THR U 123 71.04 39.71 34.41
N PRO U 124 70.95 40.59 33.42
CA PRO U 124 69.71 40.76 32.68
C PRO U 124 69.45 39.61 31.72
N SER U 125 68.16 39.39 31.45
CA SER U 125 67.78 38.38 30.46
C SER U 125 68.11 38.85 29.04
N ALA U 126 67.84 40.12 28.75
CA ALA U 126 68.08 40.68 27.43
C ALA U 126 68.80 42.00 27.57
N CYS U 127 69.71 42.28 26.61
CA CYS U 127 70.45 43.53 26.57
C CYS U 127 70.94 43.75 25.15
N ASN U 128 70.71 44.94 24.62
CA ASN U 128 71.16 45.23 23.26
C ASN U 128 72.66 45.49 23.23
N ASP U 129 73.09 46.52 23.94
CA ASP U 129 74.48 46.95 23.91
C ASP U 129 75.34 46.03 24.77
N ALA U 130 76.45 45.56 24.20
CA ALA U 130 77.41 44.80 24.99
C ALA U 130 78.13 45.69 25.99
N ALA U 131 78.36 46.95 25.61
CA ALA U 131 79.01 47.90 26.52
C ALA U 131 78.12 48.22 27.71
N TYR U 132 76.82 48.39 27.49
CA TYR U 132 75.90 48.63 28.60
C TYR U 132 75.78 47.40 29.49
N ARG U 133 75.82 46.20 28.89
CA ARG U 133 75.79 44.98 29.69
C ARG U 133 77.05 44.84 30.56
N ASP U 134 78.22 45.19 29.98
CA ASP U 134 79.46 45.17 30.76
C ASP U 134 79.44 46.21 31.87
N LYS U 135 78.92 47.41 31.59
CA LYS U 135 78.85 48.45 32.60
C LYS U 135 77.87 48.09 33.71
N LEU U 136 76.74 47.49 33.35
CA LEU U 136 75.77 47.06 34.36
C LEU U 136 76.31 45.92 35.22
N LEU U 137 77.01 44.97 34.59
CA LEU U 137 77.62 43.87 35.34
C LEU U 137 78.73 44.39 36.26
N GLN U 138 79.49 45.39 35.80
CA GLN U 138 80.52 45.98 36.64
C GLN U 138 79.93 46.76 37.81
N THR U 139 78.82 47.46 37.57
CA THR U 139 78.12 48.18 38.64
C THR U 139 77.56 47.22 39.69
N VAL U 140 76.92 46.13 39.25
CA VAL U 140 76.40 45.14 40.19
C VAL U 140 77.55 44.43 40.91
N ALA U 141 78.66 44.16 40.22
CA ALA U 141 79.81 43.52 40.84
C ALA U 141 80.45 44.40 41.89
N THR U 142 80.53 45.70 41.65
CA THR U 142 81.00 46.63 42.67
C THR U 142 80.03 46.71 43.84
N TYR U 143 78.72 46.56 43.57
CA TYR U 143 77.76 46.54 44.66
C TYR U 143 77.94 45.31 45.55
N VAL U 144 78.19 44.14 44.95
CA VAL U 144 78.43 42.93 45.75
C VAL U 144 79.78 43.01 46.48
N ASN U 145 80.79 43.57 45.83
CA ASN U 145 82.09 43.73 46.49
C ASN U 145 82.05 44.74 47.63
N ASP U 146 81.19 45.76 47.53
CA ASP U 146 81.11 46.76 48.59
C ASP U 146 80.33 46.24 49.78
N GLN U 147 79.06 45.89 49.58
CA GLN U 147 78.21 45.44 50.69
C GLN U 147 77.46 44.16 50.42
N GLY U 148 77.39 43.67 49.18
CA GLY U 148 76.68 42.45 48.91
C GLY U 148 75.17 42.66 48.93
N PHE U 149 74.46 41.54 48.85
CA PHE U 149 73.02 41.52 49.02
C PHE U 149 72.60 41.40 50.49
N ALA U 150 73.49 41.79 51.42
CA ALA U 150 73.30 41.47 52.83
C ALA U 150 72.12 42.23 53.44
N GLU U 151 71.96 43.50 53.11
CA GLU U 151 70.82 44.25 53.63
C GLU U 151 69.53 43.86 52.94
N LEU U 152 69.59 43.66 51.61
CA LEU U 152 68.40 43.27 50.86
C LEU U 152 67.91 41.88 51.26
N ALA U 153 68.82 40.92 51.42
CA ALA U 153 68.41 39.60 51.88
C ALA U 153 67.97 39.63 53.35
N ARG U 154 68.49 40.58 54.13
CA ARG U 154 67.97 40.77 55.48
C ARG U 154 66.52 41.22 55.45
N ARG U 155 66.19 42.13 54.55
CA ARG U 155 64.81 42.60 54.46
C ARG U 155 63.89 41.55 53.85
N TYR U 156 64.40 40.77 52.90
CA TYR U 156 63.63 39.65 52.35
C TYR U 156 63.39 38.57 53.40
N ALA U 157 64.40 38.28 54.22
CA ALA U 157 64.24 37.34 55.31
C ALA U 157 63.31 37.87 56.39
N HIS U 158 63.29 39.20 56.58
CA HIS U 158 62.30 39.81 57.45
C HIS U 158 60.90 39.58 56.93
N ASN U 159 60.65 39.90 55.65
CA ASN U 159 59.34 39.74 55.05
C ASN U 159 58.91 38.27 54.93
N LEU U 160 59.87 37.35 54.94
CA LEU U 160 59.53 35.94 55.13
C LEU U 160 59.25 35.64 56.60
N ALA U 161 59.94 36.32 57.52
CA ALA U 161 59.89 35.97 58.93
C ALA U 161 58.58 36.39 59.57
N ASN U 162 58.10 37.59 59.23
CA ASN U 162 56.72 37.96 59.56
C ASN U 162 55.85 37.58 58.38
N ALA U 163 54.65 37.11 58.65
CA ALA U 163 53.84 36.57 57.56
C ALA U 163 53.06 37.68 56.86
N ARG U 164 53.78 38.57 56.16
CA ARG U 164 53.11 39.61 55.39
C ARG U 164 52.36 39.05 54.20
N PHE U 165 52.81 37.89 53.70
CA PHE U 165 52.14 37.18 52.62
C PHE U 165 50.80 36.60 53.04
N LEU U 166 50.51 36.56 54.34
CA LEU U 166 49.17 36.21 54.78
C LEU U 166 48.20 37.35 54.53
N TRP U 167 48.70 38.59 54.48
CA TRP U 167 47.96 39.82 54.25
C TRP U 167 46.81 39.99 55.24
N ARG U 168 45.56 39.87 54.75
CA ARG U 168 44.40 40.03 55.61
C ARG U 168 44.22 38.85 56.56
N ASN U 169 44.89 37.72 56.30
CA ASN U 169 44.95 36.65 57.28
C ASN U 169 45.85 36.97 58.45
N ARG U 170 46.71 37.99 58.32
CA ARG U 170 47.62 38.42 59.37
C ARG U 170 47.02 39.49 60.27
N VAL U 171 45.88 40.06 59.90
CA VAL U 171 45.40 41.28 60.55
C VAL U 171 44.86 41.00 61.94
N GLY U 172 43.96 40.03 62.07
CA GLY U 172 43.36 39.76 63.36
C GLY U 172 43.68 38.39 63.90
N ALA U 173 44.91 37.94 63.71
CA ALA U 173 45.32 36.61 64.16
C ALA U 173 45.89 36.68 65.57
N GLU U 174 45.57 35.68 66.38
CA GLU U 174 46.04 35.63 67.75
C GLU U 174 47.54 35.39 67.82
N ALA U 175 48.05 34.48 66.99
CA ALA U 175 49.47 34.15 66.97
C ALA U 175 49.84 33.62 65.59
N VAL U 176 50.88 34.19 64.99
CA VAL U 176 51.38 33.74 63.69
C VAL U 176 52.81 33.24 63.90
N GLU U 177 53.09 32.05 63.39
CA GLU U 177 54.40 31.42 63.51
C GLU U 177 54.85 30.91 62.15
N VAL U 178 56.07 31.24 61.75
CA VAL U 178 56.58 30.94 60.42
C VAL U 178 57.74 29.97 60.53
N ARG U 179 57.63 28.83 59.84
CA ARG U 179 58.67 27.82 59.77
C ARG U 179 59.22 27.77 58.35
N ILE U 180 60.53 27.96 58.22
CA ILE U 180 61.20 28.07 56.92
C ILE U 180 62.28 27.01 56.86
N ASN U 181 62.17 26.10 55.89
CA ASN U 181 63.05 24.95 55.79
C ASN U 181 63.89 25.05 54.52
N HIS U 182 65.21 24.99 54.66
CA HIS U 182 66.10 25.00 53.51
C HIS U 182 66.24 23.59 52.97
N ILE U 183 65.88 23.39 51.71
CA ILE U 183 65.90 22.09 51.06
C ILE U 183 67.09 22.07 50.12
N ARG U 184 68.16 21.35 50.50
CA ARG U 184 69.38 21.34 49.69
C ARG U 184 69.26 20.36 48.54
N GLN U 185 69.11 19.07 48.83
CA GLN U 185 68.90 18.06 47.80
C GLN U 185 67.53 17.43 47.90
N GLY U 186 67.21 16.81 49.03
CA GLY U 186 65.89 16.27 49.26
C GLY U 186 65.47 16.33 50.71
N GLU U 187 66.29 16.97 51.55
CA GLU U 187 66.09 16.98 52.98
C GLU U 187 66.17 18.41 53.51
N VAL U 188 65.66 18.59 54.72
CA VAL U 188 65.70 19.89 55.37
C VAL U 188 67.13 20.14 55.86
N ALA U 189 67.85 21.03 55.16
CA ALA U 189 69.22 21.34 55.55
C ALA U 189 69.28 22.22 56.78
N ARG U 190 68.32 23.13 56.95
CA ARG U 190 68.31 24.04 58.09
C ARG U 190 66.88 24.51 58.31
N ALA U 191 66.40 24.44 59.55
CA ALA U 191 65.05 24.82 59.90
C ALA U 191 65.07 26.10 60.73
N TRP U 192 64.39 27.13 60.26
CA TRP U 192 64.20 28.39 60.97
C TRP U 192 62.78 28.46 61.50
N ARG U 193 62.63 28.94 62.73
CA ARG U 193 61.32 29.15 63.33
C ARG U 193 61.25 30.58 63.84
N PHE U 194 60.20 31.30 63.46
CA PHE U 194 60.06 32.71 63.78
C PHE U 194 58.68 32.98 64.35
N ASP U 195 58.62 33.87 65.34
CA ASP U 195 57.35 34.41 65.82
C ASP U 195 57.02 35.62 64.95
N ALA U 196 56.00 35.47 64.09
CA ALA U 196 55.75 36.47 63.07
C ALA U 196 55.12 37.73 63.64
N LEU U 197 54.40 37.62 64.76
CA LEU U 197 53.81 38.81 65.37
C LEU U 197 54.83 39.65 66.13
N ALA U 198 55.87 39.01 66.69
CA ALA U 198 56.90 39.76 67.41
C ALA U 198 57.74 40.60 66.46
N ILE U 199 57.99 40.09 65.25
CA ILE U 199 58.72 40.83 64.24
C ILE U 199 57.73 41.75 63.52
N GLY U 200 57.97 43.06 63.60
CA GLY U 200 57.01 44.01 63.10
C GLY U 200 56.96 44.06 61.59
N LEU U 201 55.87 44.64 61.09
CA LEU U 201 55.70 44.84 59.66
C LEU U 201 56.45 46.05 59.13
N ARG U 202 57.05 46.85 60.02
CA ARG U 202 57.70 48.09 59.61
C ARG U 202 59.10 48.30 60.17
N ASP U 203 59.55 47.48 61.12
CA ASP U 203 60.90 47.59 61.66
C ASP U 203 61.74 46.43 61.15
N PHE U 204 62.93 46.74 60.66
CA PHE U 204 63.88 45.74 60.16
C PHE U 204 65.05 45.70 61.13
N LYS U 205 64.91 44.88 62.16
CA LYS U 205 65.90 44.80 63.22
C LYS U 205 66.92 43.69 62.90
N ALA U 206 67.76 43.36 63.88
CA ALA U 206 68.80 42.35 63.70
C ALA U 206 68.54 41.17 64.62
N ASP U 207 68.63 39.97 64.08
CA ASP U 207 68.50 38.74 64.84
C ASP U 207 69.44 37.71 64.27
N ALA U 208 69.84 36.74 65.10
CA ALA U 208 70.84 35.75 64.68
C ALA U 208 70.27 34.79 63.65
N GLU U 209 69.06 34.26 63.90
CA GLU U 209 68.41 33.39 62.92
C GLU U 209 68.05 34.16 61.66
N LEU U 210 67.64 35.42 61.82
CA LEU U 210 67.36 36.27 60.68
C LEU U 210 68.61 36.57 59.89
N ASP U 211 69.76 36.72 60.58
CA ASP U 211 71.02 36.93 59.86
C ASP U 211 71.47 35.68 59.14
N ALA U 212 71.21 34.50 59.72
CA ALA U 212 71.54 33.25 59.04
C ALA U 212 70.68 33.05 57.79
N LEU U 213 69.38 33.37 57.89
CA LEU U 213 68.51 33.32 56.73
C LEU U 213 68.91 34.35 55.68
N ALA U 214 69.35 35.53 56.12
CA ALA U 214 69.87 36.54 55.22
C ALA U 214 71.12 36.08 54.51
N GLU U 215 72.01 35.37 55.23
CA GLU U 215 73.22 34.84 54.62
C GLU U 215 72.89 33.78 53.58
N LEU U 216 71.89 32.94 53.86
CA LEU U 216 71.48 31.92 52.89
C LEU U 216 70.86 32.54 51.64
N ILE U 217 69.98 33.54 51.82
CA ILE U 217 69.33 34.17 50.69
C ILE U 217 70.34 34.99 49.87
N ALA U 218 71.30 35.65 50.54
CA ALA U 218 72.32 36.40 49.83
C ALA U 218 73.29 35.49 49.10
N SER U 219 73.58 34.30 49.66
CA SER U 219 74.39 33.33 48.94
C SER U 219 73.64 32.76 47.74
N GLY U 220 72.32 32.61 47.87
CA GLY U 220 71.53 32.20 46.72
C GLY U 220 71.48 33.25 45.63
N LEU U 221 71.42 34.53 46.01
CA LEU U 221 71.45 35.60 45.03
C LEU U 221 72.82 35.74 44.38
N SER U 222 73.88 35.56 45.15
CA SER U 222 75.24 35.66 44.63
C SER U 222 75.70 34.38 43.94
N GLY U 223 74.99 33.27 44.11
CA GLY U 223 75.42 32.00 43.58
C GLY U 223 75.14 31.84 42.09
N SER U 224 75.35 30.62 41.62
CA SER U 224 75.09 30.27 40.23
C SER U 224 73.87 29.41 40.04
N GLY U 225 73.47 28.63 41.04
CA GLY U 225 72.28 27.81 40.95
C GLY U 225 71.08 28.45 41.61
N HIS U 226 70.48 27.76 42.59
CA HIS U 226 69.33 28.31 43.29
C HIS U 226 69.29 27.73 44.70
N VAL U 227 68.63 28.47 45.59
CA VAL U 227 68.42 28.08 46.98
C VAL U 227 66.93 27.86 47.18
N LEU U 228 66.57 26.70 47.69
CA LEU U 228 65.17 26.31 47.82
C LEU U 228 64.72 26.38 49.28
N LEU U 229 63.62 27.07 49.52
CA LEU U 229 63.10 27.27 50.86
C LEU U 229 61.63 26.90 50.87
N GLU U 230 61.18 26.28 51.95
CA GLU U 230 59.77 25.99 52.18
C GLU U 230 59.29 26.90 53.31
N VAL U 231 58.36 27.79 52.99
CA VAL U 231 57.85 28.76 53.96
C VAL U 231 56.43 28.37 54.32
N VAL U 232 56.21 28.04 55.59
CA VAL U 232 54.90 27.68 56.12
C VAL U 232 54.57 28.66 57.23
N ALA U 233 53.36 29.20 57.20
CA ALA U 233 52.92 30.16 58.20
C ALA U 233 51.63 29.65 58.82
N PHE U 234 51.62 29.50 60.14
CA PHE U 234 50.41 29.12 60.88
C PHE U 234 49.87 30.36 61.57
N ALA U 235 48.61 30.68 61.29
CA ALA U 235 47.94 31.82 61.91
C ALA U 235 46.77 31.32 62.74
N ARG U 236 46.73 31.73 64.00
CA ARG U 236 45.61 31.41 64.89
C ARG U 236 44.54 32.47 64.71
N ILE U 237 43.81 32.37 63.59
CA ILE U 237 42.79 33.35 63.26
C ILE U 237 41.59 33.21 64.19
N GLY U 238 41.15 31.99 64.40
CA GLY U 238 39.94 31.71 65.16
C GLY U 238 39.19 30.55 64.54
N ASP U 239 38.34 29.93 65.33
CA ASP U 239 37.67 28.71 64.91
C ASP U 239 36.57 29.02 63.91
N GLY U 240 36.68 28.46 62.71
CA GLY U 240 35.66 28.65 61.70
C GLY U 240 35.67 30.01 61.03
N GLN U 241 36.72 30.80 61.23
CA GLN U 241 36.75 32.17 60.76
C GLN U 241 36.96 32.22 59.25
N GLU U 242 36.89 33.43 58.70
CA GLU U 242 36.99 33.65 57.27
C GLU U 242 38.44 33.91 56.90
N VAL U 243 39.00 33.00 56.10
CA VAL U 243 40.33 33.22 55.54
C VAL U 243 40.19 33.97 54.23
N PHE U 244 41.26 34.62 53.81
CA PHE U 244 41.24 35.53 52.66
C PHE U 244 42.29 35.11 51.65
N PRO U 245 41.95 34.21 50.72
CA PRO U 245 42.83 33.94 49.59
C PRO U 245 42.78 35.09 48.59
N SER U 246 43.60 34.96 47.55
CA SER U 246 43.66 35.99 46.52
C SER U 246 42.39 35.95 45.68
N GLN U 247 41.81 37.13 45.46
CA GLN U 247 40.61 37.24 44.64
C GLN U 247 41.01 37.31 43.17
N GLU U 248 40.34 36.54 42.33
CA GLU U 248 40.70 36.46 40.92
C GLU U 248 40.20 37.68 40.16
N LEU U 249 41.07 38.27 39.35
CA LEU U 249 40.73 39.43 38.53
C LEU U 249 40.06 38.92 37.26
N ILE U 250 38.73 38.96 37.24
CA ILE U 250 37.94 38.56 36.08
C ILE U 250 37.16 39.78 35.62
N LEU U 251 37.33 40.15 34.35
CA LEU U 251 36.63 41.29 33.80
C LEU U 251 35.22 40.88 33.37
N ASP U 252 34.22 41.69 33.76
CA ASP U 252 32.85 41.41 33.34
C ASP U 252 32.65 41.67 31.86
N LYS U 253 33.41 42.61 31.29
CA LYS U 253 33.45 42.93 29.86
C LYS U 253 32.09 43.38 29.30
N GLY U 254 31.27 43.97 30.17
CA GLY U 254 29.98 44.50 29.77
C GLY U 254 28.97 43.46 29.31
N ASP U 255 28.96 42.28 29.90
CA ASP U 255 28.02 41.24 29.52
C ASP U 255 26.64 41.54 30.09
N LYS U 256 25.62 41.02 29.42
CA LYS U 256 24.25 41.28 29.85
C LYS U 256 23.88 40.50 31.10
N LYS U 257 24.28 39.24 31.17
CA LYS U 257 23.93 38.39 32.31
C LYS U 257 24.76 38.79 33.52
N GLY U 258 24.10 38.91 34.67
CA GLY U 258 24.79 39.21 35.91
C GLY U 258 25.66 38.04 36.36
N GLN U 259 26.82 38.37 36.92
CA GLN U 259 27.79 37.37 37.33
C GLN U 259 27.96 37.40 38.84
N LYS U 260 28.80 36.48 39.33
CA LYS U 260 29.19 36.50 40.73
C LYS U 260 30.15 37.66 40.98
N SER U 261 29.90 38.42 42.05
CA SER U 261 30.68 39.62 42.29
C SER U 261 32.08 39.31 42.80
N LYS U 262 32.21 38.30 43.66
CA LYS U 262 33.48 37.93 44.25
C LYS U 262 33.83 36.50 43.86
N THR U 263 35.03 36.32 43.33
CA THR U 263 35.56 35.01 42.99
C THR U 263 36.92 34.85 43.67
N LEU U 264 37.25 33.62 44.03
CA LEU U 264 38.50 33.35 44.75
C LEU U 264 39.41 32.49 43.88
N TYR U 265 40.56 32.14 44.46
CA TYR U 265 41.60 31.40 43.75
C TYR U 265 41.83 30.07 44.44
N SER U 266 41.92 29.01 43.64
CA SER U 266 42.22 27.68 44.14
C SER U 266 42.97 26.91 43.05
N VAL U 267 43.73 25.91 43.48
CA VAL U 267 44.50 25.09 42.55
C VAL U 267 43.81 23.75 42.26
N ARG U 268 43.50 22.94 43.28
CA ARG U 268 42.72 21.73 43.09
C ARG U 268 41.94 21.48 44.37
N ASP U 269 40.73 22.05 44.42
CA ASP U 269 39.84 22.04 45.61
C ASP U 269 40.58 22.51 46.86
N ALA U 270 41.39 23.56 46.70
CA ALA U 270 42.34 23.95 47.73
C ALA U 270 42.66 25.42 47.53
N ALA U 271 42.21 26.27 48.45
CA ALA U 271 42.33 27.72 48.31
C ALA U 271 43.81 28.14 48.33
N ALA U 272 44.11 29.18 47.56
CA ALA U 272 45.49 29.57 47.37
C ALA U 272 45.58 31.07 47.12
N ILE U 273 46.77 31.60 47.37
CA ILE U 273 47.11 32.99 47.06
C ILE U 273 47.99 32.99 45.83
N HIS U 274 47.84 34.01 44.99
CA HIS U 274 48.64 34.14 43.79
C HIS U 274 50.11 34.38 44.14
N SER U 275 51.00 33.93 43.26
CA SER U 275 52.44 34.06 43.50
C SER U 275 52.88 35.52 43.48
N GLN U 276 52.23 36.34 42.66
CA GLN U 276 52.60 37.75 42.58
C GLN U 276 52.21 38.50 43.85
N LYS U 277 51.17 38.06 44.55
CA LYS U 277 50.83 38.68 45.84
C LYS U 277 51.86 38.33 46.91
N ILE U 278 52.33 37.08 46.91
CA ILE U 278 53.39 36.67 47.83
C ILE U 278 54.69 37.39 47.51
N GLY U 279 54.96 37.58 46.22
CA GLY U 279 56.14 38.34 45.81
C GLY U 279 56.04 39.80 46.19
N ASN U 280 54.85 40.39 46.07
CA ASN U 280 54.64 41.78 46.48
C ASN U 280 54.82 41.95 47.98
N ALA U 281 54.37 40.97 48.75
CA ALA U 281 54.59 41.02 50.21
C ALA U 281 56.05 40.81 50.55
N LEU U 282 56.76 39.97 49.78
CA LEU U 282 58.18 39.74 50.02
C LEU U 282 59.01 40.96 49.63
N ARG U 283 58.58 41.71 48.63
CA ARG U 283 59.29 42.89 48.16
C ARG U 283 58.94 44.15 48.92
N THR U 284 58.09 44.06 49.95
CA THR U 284 57.69 45.23 50.74
C THR U 284 58.82 45.58 51.71
N ILE U 285 59.90 46.13 51.14
CA ILE U 285 61.13 46.39 51.88
C ILE U 285 61.55 47.84 51.69
N ASP U 286 60.89 48.53 50.76
CA ASP U 286 61.29 49.88 50.37
C ASP U 286 60.87 50.86 51.46
N THR U 287 61.81 51.23 52.33
CA THR U 287 61.61 52.26 53.34
C THR U 287 62.45 53.50 53.04
N TRP U 288 62.74 53.75 51.76
CA TRP U 288 63.63 54.84 51.37
C TRP U 288 62.98 55.78 50.37
N TYR U 289 61.66 55.74 50.23
CA TYR U 289 60.98 56.64 49.30
C TYR U 289 60.94 58.05 49.89
N PRO U 290 60.96 59.09 49.04
CA PRO U 290 61.07 60.47 49.56
C PRO U 290 59.86 60.94 50.34
N ASP U 291 58.69 60.31 50.18
CA ASP U 291 57.56 60.64 51.02
C ASP U 291 57.77 60.07 52.42
N GLU U 292 56.98 60.58 53.37
CA GLU U 292 57.07 60.15 54.75
C GLU U 292 56.65 58.69 54.91
N ASP U 293 57.33 57.99 55.80
CA ASP U 293 57.07 56.56 56.01
C ASP U 293 56.04 56.33 57.10
N GLY U 294 54.89 56.98 56.97
CA GLY U 294 53.77 56.66 57.84
C GLY U 294 53.22 55.27 57.59
N LEU U 295 53.20 54.86 56.32
CA LEU U 295 52.84 53.48 55.98
C LEU U 295 53.91 52.51 56.43
N GLY U 296 55.17 52.89 56.29
CA GLY U 296 56.28 51.98 56.49
C GLY U 296 56.85 51.55 55.15
N PRO U 297 57.23 50.28 55.03
CA PRO U 297 57.75 49.78 53.77
C PRO U 297 56.66 49.66 52.72
N ILE U 298 57.05 49.88 51.46
CA ILE U 298 56.20 49.64 50.31
C ILE U 298 56.90 48.62 49.42
N ALA U 299 56.14 48.07 48.48
CA ALA U 299 56.70 47.09 47.56
C ALA U 299 57.65 47.76 46.58
N VAL U 300 58.71 47.04 46.22
CA VAL U 300 59.72 47.58 45.31
C VAL U 300 59.13 47.57 43.90
N GLU U 301 58.75 48.75 43.41
CA GLU U 301 58.21 48.92 42.07
C GLU U 301 58.96 50.04 41.38
N PRO U 302 59.07 49.97 40.05
CA PRO U 302 59.43 51.17 39.30
C PRO U 302 58.33 52.22 39.42
N TYR U 303 58.76 53.47 39.67
CA TYR U 303 57.90 54.59 40.04
C TYR U 303 57.05 54.30 41.28
N GLY U 304 57.59 53.49 42.20
CA GLY U 304 57.07 53.23 43.55
C GLY U 304 55.58 53.05 43.76
N SER U 305 54.92 52.32 42.87
CA SER U 305 53.46 52.28 42.84
C SER U 305 52.91 51.43 43.98
N VAL U 306 51.93 51.98 44.70
CA VAL U 306 51.20 51.28 45.74
C VAL U 306 49.74 51.22 45.32
N THR U 307 49.22 50.01 45.13
CA THR U 307 47.85 49.86 44.67
C THR U 307 46.83 50.12 45.78
N SER U 308 47.22 49.90 47.04
CA SER U 308 46.30 50.13 48.16
C SER U 308 46.09 51.61 48.45
N GLN U 309 46.93 52.49 47.91
CA GLN U 309 46.79 53.93 48.11
C GLN U 309 46.30 54.67 46.88
N GLY U 310 46.53 54.14 45.68
CA GLY U 310 46.23 54.88 44.48
C GLY U 310 47.20 56.00 44.19
N LYS U 311 48.34 56.04 44.87
CA LYS U 311 49.35 57.06 44.69
C LYS U 311 50.70 56.39 44.48
N ALA U 312 51.51 56.98 43.61
CA ALA U 312 52.82 56.45 43.27
C ALA U 312 53.89 57.35 43.87
N TYR U 313 54.60 56.83 44.88
CA TYR U 313 55.78 57.49 45.41
C TYR U 313 56.95 57.26 44.46
N ARG U 314 58.08 57.90 44.77
CA ARG U 314 59.32 57.86 43.96
C ARG U 314 59.05 58.29 42.53
N GLN U 315 58.49 59.49 42.38
CA GLN U 315 58.11 59.99 41.07
C GLN U 315 59.35 60.38 40.25
N PRO U 316 59.26 60.32 38.92
CA PRO U 316 60.41 60.73 38.10
C PRO U 316 60.69 62.23 38.12
N LYS U 317 59.77 63.06 38.60
CA LYS U 317 60.09 64.49 38.75
C LYS U 317 61.09 64.71 39.87
N GLN U 318 61.11 63.84 40.87
CA GLN U 318 62.23 63.74 41.78
C GLN U 318 63.26 62.77 41.19
N LYS U 319 64.48 62.87 41.68
CA LYS U 319 65.55 61.99 41.18
C LYS U 319 65.68 60.73 42.03
N LEU U 320 64.55 60.05 42.27
CA LEU U 320 64.54 58.86 43.10
C LEU U 320 63.74 57.71 42.52
N ASP U 321 63.24 57.84 41.30
CA ASP U 321 62.65 56.69 40.62
C ASP U 321 63.75 55.74 40.14
N PHE U 322 63.35 54.53 39.80
CA PHE U 322 64.31 53.46 39.52
C PHE U 322 65.08 53.71 38.24
N TYR U 323 64.42 54.26 37.21
CA TYR U 323 65.05 54.41 35.90
C TYR U 323 66.15 55.48 35.93
N THR U 324 65.85 56.65 36.51
CA THR U 324 66.85 57.71 36.58
C THR U 324 67.99 57.35 37.51
N LEU U 325 67.69 56.60 38.58
CA LEU U 325 68.74 56.12 39.48
C LEU U 325 69.66 55.12 38.76
N LEU U 326 69.09 54.25 37.92
CA LEU U 326 69.92 53.33 37.15
C LEU U 326 70.78 54.03 36.12
N ASP U 327 70.23 55.03 35.41
CA ASP U 327 71.05 55.74 34.42
C ASP U 327 72.09 56.63 35.10
N ASN U 328 71.83 57.09 36.32
CA ASN U 328 72.87 57.81 37.04
C ASN U 328 73.96 56.87 37.56
N TRP U 329 73.57 55.70 38.08
CA TRP U 329 74.54 54.77 38.64
C TRP U 329 75.40 54.13 37.57
N VAL U 330 74.81 53.84 36.41
CA VAL U 330 75.49 53.06 35.37
C VAL U 330 76.15 53.96 34.33
N LEU U 331 75.40 54.88 33.74
CA LEU U 331 75.92 55.64 32.61
C LEU U 331 76.80 56.80 33.06
N ARG U 332 76.25 57.71 33.86
CA ARG U 332 76.95 58.92 34.26
C ARG U 332 77.82 58.72 35.50
N ASP U 333 77.87 57.50 36.03
CA ASP U 333 78.66 57.10 37.20
C ASP U 333 78.29 57.88 38.47
N GLU U 334 77.09 58.46 38.51
CA GLU U 334 76.60 59.13 39.71
C GLU U 334 75.98 58.07 40.60
N ALA U 335 76.83 57.47 41.43
CA ALA U 335 76.37 56.44 42.35
C ALA U 335 75.53 57.09 43.44
N PRO U 336 74.28 56.67 43.63
CA PRO U 336 73.43 57.29 44.65
C PRO U 336 73.78 56.87 46.06
N ALA U 337 72.95 57.25 47.02
CA ALA U 337 73.12 56.81 48.40
C ALA U 337 72.89 55.30 48.50
N VAL U 338 73.35 54.74 49.62
CA VAL U 338 73.36 53.29 49.82
C VAL U 338 71.93 52.75 49.86
N GLU U 339 71.00 53.54 50.40
CA GLU U 339 69.60 53.16 50.41
C GLU U 339 69.02 53.09 48.99
N GLN U 340 69.38 54.04 48.14
CA GLN U 340 68.88 54.02 46.77
C GLN U 340 69.57 52.95 45.94
N GLN U 341 70.83 52.62 46.26
CA GLN U 341 71.48 51.48 45.65
C GLN U 341 70.80 50.17 46.04
N HIS U 342 70.38 50.07 47.31
CA HIS U 342 69.60 48.92 47.76
C HIS U 342 68.27 48.84 47.03
N TYR U 343 67.63 49.99 46.80
CA TYR U 343 66.35 50.02 46.06
C TYR U 343 66.54 49.59 44.61
N VAL U 344 67.64 50.03 43.98
CA VAL U 344 67.91 49.67 42.59
C VAL U 344 68.20 48.17 42.44
N ILE U 345 69.02 47.62 43.35
CA ILE U 345 69.31 46.19 43.29
C ILE U 345 68.08 45.38 43.69
N ALA U 346 67.22 45.91 44.55
CA ALA U 346 65.95 45.25 44.86
C ALA U 346 65.02 45.23 43.66
N ASN U 347 65.07 46.27 42.82
CA ASN U 347 64.34 46.23 41.55
C ASN U 347 64.93 45.20 40.60
N LEU U 348 66.27 45.08 40.58
CA LEU U 348 66.91 44.10 39.71
C LEU U 348 66.58 42.66 40.14
N ILE U 349 66.52 42.43 41.45
CA ILE U 349 66.06 41.14 41.97
C ILE U 349 64.58 40.94 41.66
N ARG U 350 63.79 42.01 41.77
CA ARG U 350 62.38 41.96 41.42
C ARG U 350 62.18 41.67 39.94
N GLY U 351 62.99 42.28 39.09
CA GLY U 351 62.87 42.12 37.66
C GLY U 351 62.04 43.23 37.05
N GLY U 352 61.57 42.96 35.84
CA GLY U 352 60.78 43.93 35.11
C GLY U 352 61.28 44.08 33.69
N VAL U 353 60.48 44.72 32.84
CA VAL U 353 60.83 44.94 31.45
C VAL U 353 61.06 46.43 31.27
N PHE U 354 62.29 46.80 30.95
CA PHE U 354 62.70 48.20 30.84
C PHE U 354 63.21 48.44 29.42
N GLY U 355 63.75 49.64 29.22
CA GLY U 355 64.34 49.98 27.93
C GLY U 355 63.52 50.96 27.12
N GLU U 356 64.13 52.10 26.77
CA GLU U 356 63.47 53.08 25.93
C GLU U 356 63.43 52.60 24.48
N ALA U 357 62.56 53.23 23.69
CA ALA U 357 62.38 52.84 22.29
C ALA U 357 63.57 53.27 21.43
#